data_9F9T
#
_entry.id   9F9T
#
_cell.length_a   1.00
_cell.length_b   1.00
_cell.length_c   1.00
_cell.angle_alpha   90.00
_cell.angle_beta   90.00
_cell.angle_gamma   90.00
#
_symmetry.space_group_name_H-M   'P 1'
#
loop_
_entity.id
_entity.type
_entity.pdbx_description
1 polymer 'Proteasome subunit alpha type'
2 polymer 'Proteasome 20S B subunit'
3 polymer 'Proteasome subunit alpha type'
4 polymer 'Proteasome subunit alpha type'
5 polymer 'Proteasome subunit alpha type'
6 polymer 'Proteasome subunit alpha type'
7 polymer 'Putative proteasome alpha 7 subunit'
8 polymer 'Proteasome subunit beta'
9 polymer 'Proteasome subunit beta'
10 polymer 'Putative proteasome beta 3 subunit'
11 polymer 'Proteasome subunit beta'
12 polymer 'Proteasome subunit beta'
13 polymer 'Proteasome subunit beta'
14 polymer 'Proteasome subunit beta'
15 water water
#
loop_
_entity_poly.entity_id
_entity_poly.type
_entity_poly.pdbx_seq_one_letter_code
_entity_poly.pdbx_strand_id
1 'polypeptide(L)'
;MSRTGFDKYITVFSPEGSLYQVEYAFKAVTYAGLLTVAIRCKDAVLVFTQHNVPDRLMRPDTITSLHNINKDIGTCITGR
APDGKSLVQKARQEASEYKYRYGSPIPVSVLAKRVADMAQVRTQHAGLRLMGVVMTFLGMEQNDADGSWVPQIYCVDPAG
WCGSYHACAIGKKQIEANAFLEKKQKNAPFHTLSQKDAAMIALAALQSALGASLKATDVEVGRCSVEDHCFRRVPDEDVE
EWLTALAEAD
;
A,O
2 'polypeptide(L)'
;MFSAGRIHYRLFLLLGGICLARKGYYKISKIEIYIHIHILCVCVVCFATIIFFFFCAMSESAYGLTTFSPSGRLVQIEYA
TTAASKGTTALGVKAMDGVVIAAEKKTTSPLAASLTVQKVFVLDDHVGCTYSGIGPDCRVLVDAARKACQKYRLTYHEPM
PVSQLVRHISSLYQEFTQSGGVRPFGCSLLVAGADSQGNHLYQVDPSGTFWAWKATSIGKGSTDAKTFLEKRYTNEMEIE
DAVHTALLTLKEGFDGTMTAENTQVGRVSEGKFELFTVDQLKDYLDQI
;
B,P
3 'polypeptide(L)'
;MSSRYDSRTTTFSPEGRLYQVEYAEEAISQAGTVIGILTTGGVVLGAEKGVQNSLFDSENMEDKNISGEKMYKIASHIGC
SVAGVTSDAYALLNYARLSANRHHYTYQEPMAAEDLCRLLCDEKQLYTQYGGVRPFGVSFLLAGWDRHHGYQLYHTDTSG
NYNAWRAYAIGQNDQVAQSLLKRDWKPELTLDEGIVLCLRVLGKTMDTVKLSAERLEVAVLHKVPAPATQKLLEPYGVLP
KTVPEFKILRETDLKPLIAEADRQREAEEAAEAEKEKKKEQKLTSS
;
C,Q
4 'polypeptide(L)'
;MSYDRAITVFSPDGHLFQVEYAQEAVRKGLCAVGVRGKDSIIFAVEKKSVQKLQDSRTIRKIYKLDEHIYLAFAGLSADA
RVLVNHAQLECQRFRLNYEDAVDVDLLVRYVAKVQQKSTQSSGSRPYGVSTIIGGFNENGQPHLWKTDPSGMSSAWRAVA
IGRNDKTVLEFMEKSYQENMTRDQCVHFAIKALLEAVESGSKNIELVVLENKKALYMGDDELRKFVVEVEKEREEEAARK
RRLAEEE
;
D,R
5 'polypeptide(L)'
;MFSSKTEYDRGVNTFSPEGRIFQIEYAIEAIKLGSTSLGIQTPDAVVIAAEKRVPSVLVDPSSMNKILEIDYHMGTVLSG
MVADARILVEHARVEAQNHRFTYDEPMRVESCALATCDLSVRFGESGGRKKLMSRPFGVSLLIAGVDENGPQLWQTDPSG
TYTRYDAQAIGAGAEAAQTVFNEIYHRNMTVEEAETLAVRILKQVMEEELTKSNIEIAIVPASTGKLEVYDQTKIQRIID
RLTEE
;
E,S
6 'polypeptide(L)'
;MFKNQYDTNTTTWSPTGRLFQVEYANEAVNNGSAAVGTKNKDFVVLTALKRSPVAQFSSYQEKVFKLDDHVGMAIAGLVA
DGRMLARFVRTECMNYRYMHDSDNPLPLIAEIVGEKYQRHIQFAGKRPFGVGLLIAGYDSTGPHLYHTVPSGDVFDFKAT
AMGLRSQAARTYLEKHFESFPDCGLDELIMHALKALAAATSGGAELNIKNTTIAIVGKGTPFMVLTEEAARKYLDGFKMR
PEDIPPAPEAEEEETLQERSLDVEE
;
F,T
7 'polypeptide(L)'
;MSGTEHDQSTDIFSADGRVFQVEYACKAVDNGSTAVAACCTDGVVVAVEKILTSRMLEEGSNDRIHAVDRQAGVCICGML
PDGRAVVSRARAEAENSRDVFATPIPGSVLASRIGEFMHVYTTHYAYRPFGCSVIIASYADDGPQLFVSDPSGTVAGYYG
IALGKGKTVAKTELEKLNFKSITCDEAVVKLTKILHDVHDKSKDKLYELEVAWVCNKSNCVFQHVPNDMIPKPPASQ
;
G,U
8 'polypeptide(L)'
;MIKRPEGALLHEPSCPMEIKHELTFNGPAQSAKKLFEPEAAVLDPQLNEAVSLGTTIMAVAFKGGVVLAADSRTSTGTYV
VNRASNKLTKLAEKIYCCRSGSAADTQALAEQTANYLESYEIDTSKPVNVTTAANIFKKLCYMNKWNISAGIIVAGYDPL
NGGSVYSIPSGGSCVKLDYALGGSGSIFLYSFFDANYKTGMSKEECVCFCQRAVAHAYSRDGSSGGLIRTIALHQGEPED
MTIPWTKTPYCMEKDPKYRDLAVQNPPFSSSAKITVNQSRSERI
;
H,V
9 'polypeptide(L)'
;MCVVSVEKNCNNSKFNLVLRAYSIVKKEEEKKGRPRIMPGFSFANVQRNLNLQRQGLQPPKTLKTGTTIVGVVYKEGVVL
GADTRATEGSIVADKRCKKIHYMAPNIMCCGAGTAADTEAVTNMVSANLALHRLDTGKQSRVHEALTMLKRHLYRYQGHV
SAALVLGGVDVEGPFLATVAPHGSTDRLPFVSMGSGSIAAMSALETGYKENMTLEEAKELVASAIRKGIFNDPYSGTQVD
LCVITKTKTELLIGYDKPNERKYPKQEIRFPPGTTPVLREEIRRLVTITDVE
;
I,W
10 'polypeptide(L)'
;MSILTYSGGSCLAMAGDGCFVIVSDNRLGEQLKTISMEVPKLHVINESIVLGLTGLRTDQQTFSEKVRFRNELYKLREER
EIGGKAFAALVSSMLYEARFGPWFVEPVIASIDKRTGEVYLCAMDLIGAPCEPEDYVCAGTCAESLHGMCEALWRPGLGP
EELFEVAAQAMLSACDRDSLSGYGAVAAIVTRDKMTTRLINGRKD
;
J,X
11 'polypeptide(L)'
;MSETTIAFRCNGFVLVAAAGLNAFYYIKIMDTEDKVTQLDSHKVVACAGENGPRVNFVEYIKCNMALKRMREHGRVIRTS
AAASFMRNALAGALRSRDGAYLVNCLLAGYDVAASSDDDIATGPHLYYMDYLGTMQEVPYGCHGYGASFVIAMLDRLWRP
DLTAQEAVDLMQKCCDEVKKRVVISNDKFICKAVTENGVEIVNTVS
;
K,Y
12 'polypeptide(L)'
;MIADFESVLRTDFSLDDCPRIGPFTWHNVPGLDGSDEGDEWDAPMLSSYGSIEIRPRRNDDFRVIPSTGEMLTEDPLSTS
NRLQTDMRMWKLMKTCPVPRSVPKLDMKKGTTTLGFHFDGGIILAVDSRASSGQYISSQTVMKVLEINEYLLGTMAGGAA
DCQYWERVLGMECRLWELRNNCRISVAAASKILANITYSYRNYGLSMGTMVAGWDQFGPSLYYVDDKGTRVKHELFSVGS
GSIYAYGVLDQGYRKNLTVEEACELARRSIFHATYRDGASGGIVTVYHVHQGGWTQISRDDQTKLYDRYVL
;
L,Z
13 'polypeptide(L)'
;MIEDHMEYGHHFPRKLADSTLSLPRQGVKEQQWSPYADNGGTIAAIAGKNYVILGGDTRLNGDFCIHTRDDRTKLFQLTE
HTFLASTGMQADRLQLQQMLKYRIQWYQYNNGGKLPSTKAIAKLTSTMLYQRRFFPYYTFNMVVGLDEKGAGVCYSYDPV
GSTEPFRYGTSGSASSFVEPLMDCLLTRQHMVQQAPAELSMTETLEMLKNAFTGAAERDIFTGDAVCFHIITADGIRSEL
FELRND
;
M,a
14 'polypeptide(L)'
;MASGGSVIGVKYNGGVLLACDTLLSYGSLAKWPNIPRMKLVGAYTVMCATGDYADFQEMTTMIENHVNRQQMYGGGALTP
NEVFCYLQRHVYHKRSQFEPCLCRFVVAGCHGGEPFLGGVDDVGTRWTDDCVAAGYGAYVALPLLRQALEKPGGLTREEA
IRVIKDCLRVLFYRECRAINKFQIADATSDMVSIGEPFEVETNWEYDGFCFEKTAIIR
;
N,b
#
# COMPACT_ATOMS: atom_id res chain seq x y z
N PHE A 6 29.47 59.06 37.58
CA PHE A 6 28.46 58.02 37.20
C PHE A 6 28.61 57.63 35.72
N ASP A 7 29.28 58.50 34.95
CA ASP A 7 29.61 58.30 33.54
C ASP A 7 31.02 57.75 33.42
N LYS A 8 31.76 57.74 34.54
CA LYS A 8 33.12 57.29 34.51
C LYS A 8 33.15 55.77 34.60
N TYR A 9 32.01 55.17 34.93
CA TYR A 9 31.94 53.75 35.22
C TYR A 9 31.11 52.99 34.17
N ILE A 10 30.36 53.62 33.26
CA ILE A 10 29.67 52.86 32.20
C ILE A 10 29.63 53.62 30.87
N THR A 11 29.01 52.98 29.86
CA THR A 11 28.84 53.52 28.51
C THR A 11 27.67 54.51 28.41
N VAL A 12 27.92 55.67 29.01
CA VAL A 12 27.02 56.79 28.87
C VAL A 12 27.92 57.96 28.49
N PHE A 13 27.27 58.96 27.87
CA PHE A 13 27.94 60.18 27.50
C PHE A 13 28.10 60.99 28.75
N SER A 14 29.29 61.56 28.91
CA SER A 14 29.53 62.72 29.74
C SER A 14 28.73 63.92 29.23
N PRO A 15 28.69 65.06 29.95
CA PRO A 15 28.10 66.29 29.41
C PRO A 15 28.79 67.01 28.25
N GLU A 16 30.03 66.62 27.89
CA GLU A 16 30.73 67.12 26.70
C GLU A 16 30.68 66.13 25.55
N GLY A 17 29.80 65.12 25.64
CA GLY A 17 29.56 64.18 24.55
C GLY A 17 30.71 63.18 24.37
N SER A 18 31.56 63.01 25.39
CA SER A 18 32.70 62.12 25.35
C SER A 18 32.38 60.81 26.09
N LEU A 19 33.01 59.69 25.71
CA LEU A 19 32.79 58.41 26.37
C LEU A 19 34.00 58.08 27.20
N TYR A 20 33.90 57.97 28.52
CA TYR A 20 35.11 57.91 29.36
C TYR A 20 35.82 56.55 29.31
N GLN A 21 35.05 55.46 29.17
CA GLN A 21 35.59 54.12 29.18
C GLN A 21 36.46 53.89 27.93
N VAL A 22 36.04 54.49 26.81
CA VAL A 22 36.80 54.56 25.60
C VAL A 22 38.09 55.32 25.86
N GLU A 23 38.06 56.49 26.45
CA GLU A 23 39.32 57.15 26.65
C GLU A 23 40.26 56.35 27.53
N TYR A 24 39.73 55.61 28.51
CA TYR A 24 40.61 54.90 29.45
C TYR A 24 41.19 53.62 28.87
N ALA A 25 40.39 52.94 28.05
CA ALA A 25 40.81 51.85 27.20
C ALA A 25 41.96 52.28 26.31
N PHE A 26 41.98 53.51 25.81
CA PHE A 26 43.14 54.02 25.09
C PHE A 26 44.33 54.14 26.00
N LYS A 27 44.16 54.41 27.29
CA LYS A 27 45.32 54.46 28.16
C LYS A 27 45.88 53.07 28.44
N ALA A 28 45.01 52.06 28.47
CA ALA A 28 45.44 50.68 28.64
C ALA A 28 46.51 50.33 27.61
N VAL A 29 46.36 50.91 26.40
CA VAL A 29 47.24 50.70 25.27
C VAL A 29 48.66 51.16 25.55
N THR A 30 48.86 52.35 26.05
CA THR A 30 50.21 52.73 26.41
C THR A 30 50.68 52.07 27.71
N TYR A 31 49.76 51.74 28.62
CA TYR A 31 50.14 51.22 29.93
C TYR A 31 51.05 49.99 29.77
N ALA A 32 50.87 49.25 28.68
CA ALA A 32 51.51 47.98 28.44
C ALA A 32 52.98 48.12 28.08
N GLY A 33 53.42 49.33 27.69
CA GLY A 33 54.84 49.64 27.68
C GLY A 33 55.58 49.30 26.37
N LEU A 34 54.85 48.82 25.34
CA LEU A 34 55.46 48.31 24.10
C LEU A 34 55.22 49.26 22.93
N LEU A 35 56.13 49.25 21.95
CA LEU A 35 55.95 50.02 20.73
C LEU A 35 55.92 49.11 19.50
N THR A 36 54.96 49.37 18.61
CA THR A 36 54.85 48.71 17.32
C THR A 36 54.93 49.72 16.15
N VAL A 37 55.64 49.39 15.04
CA VAL A 37 55.67 50.19 13.82
C VAL A 37 55.34 49.35 12.62
N ALA A 38 54.34 49.73 11.81
CA ALA A 38 54.11 49.10 10.52
C ALA A 38 54.38 50.06 9.37
N ILE A 39 54.75 49.51 8.21
CA ILE A 39 55.13 50.36 7.09
C ILE A 39 54.89 49.66 5.79
N ARG A 40 54.32 50.38 4.83
CA ARG A 40 53.94 49.80 3.55
C ARG A 40 54.85 50.34 2.48
N CYS A 41 55.62 49.45 1.85
CA CYS A 41 56.47 49.86 0.75
C CYS A 41 55.89 49.38 -0.58
N LYS A 42 56.70 49.47 -1.65
CA LYS A 42 56.26 49.29 -3.04
C LYS A 42 55.56 47.94 -3.24
N ASP A 43 56.20 46.87 -2.78
CA ASP A 43 55.81 45.51 -3.08
C ASP A 43 55.35 44.71 -1.83
N ALA A 44 55.42 45.31 -0.64
CA ALA A 44 55.28 44.60 0.62
C ALA A 44 54.64 45.46 1.71
N VAL A 45 54.31 44.80 2.82
CA VAL A 45 53.95 45.47 4.06
C VAL A 45 54.69 44.76 5.19
N LEU A 46 55.31 45.56 6.05
CA LEU A 46 56.13 45.07 7.12
C LEU A 46 55.58 45.50 8.48
N VAL A 47 55.70 44.66 9.52
CA VAL A 47 55.37 45.09 10.86
C VAL A 47 56.43 44.74 11.87
N PHE A 48 56.84 45.71 12.66
CA PHE A 48 57.98 45.63 13.57
C PHE A 48 57.56 45.90 15.01
N THR A 49 57.39 44.85 15.82
CA THR A 49 56.99 45.07 17.18
C THR A 49 58.10 44.71 18.17
N GLN A 50 58.00 45.25 19.40
CA GLN A 50 58.94 44.89 20.45
C GLN A 50 58.67 43.47 20.95
N HIS A 51 59.76 42.74 21.15
CA HIS A 51 59.73 41.42 21.73
C HIS A 51 60.43 41.62 23.05
N ASN A 52 59.64 41.86 24.11
CA ASN A 52 60.24 41.95 25.43
C ASN A 52 60.05 40.63 26.17
N VAL A 53 61.21 40.13 26.60
CA VAL A 53 61.35 38.98 27.46
C VAL A 53 62.15 39.47 28.68
N PRO A 54 61.48 40.11 29.67
CA PRO A 54 62.18 40.67 30.84
C PRO A 54 62.89 39.61 31.71
N ASP A 55 62.26 38.42 31.76
CA ASP A 55 62.60 37.28 32.59
C ASP A 55 63.56 36.32 31.87
N ARG A 56 64.69 36.03 32.50
CA ARG A 56 65.73 35.19 31.93
C ARG A 56 65.23 33.74 31.74
N LEU A 57 64.14 33.37 32.41
CA LEU A 57 63.61 32.01 32.43
C LEU A 57 62.44 31.77 31.49
N MET A 58 61.96 32.81 30.78
CA MET A 58 60.88 32.64 29.83
C MET A 58 61.40 32.05 28.51
N ARG A 59 60.57 31.23 27.89
CA ARG A 59 60.83 30.60 26.61
C ARG A 59 60.49 31.65 25.58
N PRO A 60 61.51 32.33 24.97
CA PRO A 60 61.22 33.55 24.19
C PRO A 60 60.41 33.26 22.92
N ASP A 61 60.47 32.06 22.35
CA ASP A 61 59.59 31.79 21.20
C ASP A 61 58.11 31.61 21.56
N THR A 62 57.67 31.96 22.76
CA THR A 62 56.29 31.79 23.13
C THR A 62 55.67 33.16 23.37
N ILE A 63 56.50 34.18 23.49
CA ILE A 63 56.04 35.53 23.66
C ILE A 63 55.91 36.13 22.27
N THR A 64 54.69 36.47 21.90
CA THR A 64 54.50 37.08 20.60
C THR A 64 53.31 38.01 20.61
N SER A 65 53.47 39.05 19.79
CA SER A 65 52.35 39.90 19.45
C SER A 65 51.83 39.59 18.04
N LEU A 66 52.55 38.81 17.21
CA LEU A 66 52.08 38.61 15.84
C LEU A 66 51.24 37.36 15.70
N HIS A 67 50.14 37.42 14.98
CA HIS A 67 49.34 36.24 14.85
C HIS A 67 48.78 36.16 13.45
N ASN A 68 48.54 34.95 12.97
CA ASN A 68 47.78 34.82 11.74
C ASN A 68 46.31 34.81 12.01
N ILE A 69 45.56 35.56 11.22
CA ILE A 69 44.14 35.43 11.26
C ILE A 69 43.71 34.35 10.30
N ASN A 70 44.43 34.26 9.20
CA ASN A 70 44.29 33.12 8.31
C ASN A 70 45.57 33.05 7.51
N LYS A 71 45.65 32.32 6.44
CA LYS A 71 46.94 32.19 5.76
C LYS A 71 47.52 33.56 5.39
N ASP A 72 46.63 34.45 4.93
CA ASP A 72 46.99 35.66 4.22
C ASP A 72 46.88 36.97 5.05
N ILE A 73 46.43 36.92 6.31
CA ILE A 73 46.26 38.11 7.10
C ILE A 73 46.97 37.90 8.42
N GLY A 74 47.74 38.89 8.85
CA GLY A 74 48.45 38.85 10.11
C GLY A 74 48.03 40.03 10.93
N THR A 75 48.20 39.93 12.26
CA THR A 75 47.89 41.00 13.19
C THR A 75 49.10 41.25 14.06
N CYS A 76 49.11 42.44 14.59
CA CYS A 76 49.97 42.82 15.68
C CYS A 76 49.06 43.48 16.71
N ILE A 77 49.07 42.90 17.90
CA ILE A 77 48.40 43.37 19.09
C ILE A 77 49.27 44.36 19.83
N THR A 78 48.74 45.54 20.12
CA THR A 78 49.36 46.50 21.01
C THR A 78 48.39 46.80 22.13
N GLY A 79 48.87 46.62 23.37
CA GLY A 79 48.10 46.88 24.57
C GLY A 79 47.94 45.68 25.50
N ARG A 80 46.78 45.60 26.13
CA ARG A 80 46.58 44.59 27.15
C ARG A 80 46.49 43.27 26.39
N ALA A 81 47.50 42.40 26.62
CA ALA A 81 47.79 41.27 25.77
C ALA A 81 46.66 40.27 25.71
N PRO A 82 46.18 39.75 26.84
CA PRO A 82 45.04 38.83 26.75
C PRO A 82 43.79 39.44 26.15
N ASP A 83 43.59 40.75 26.06
CA ASP A 83 42.42 41.29 25.36
C ASP A 83 42.64 41.18 23.86
N GLY A 84 43.89 41.40 23.47
CA GLY A 84 44.40 41.08 22.15
C GLY A 84 44.01 39.67 21.70
N LYS A 85 44.45 38.65 22.44
CA LYS A 85 44.17 37.28 22.01
C LYS A 85 42.69 37.02 21.94
N SER A 86 41.86 37.65 22.81
CA SER A 86 40.44 37.42 22.57
C SER A 86 40.02 37.90 21.17
N LEU A 87 40.42 39.10 20.74
CA LEU A 87 40.11 39.60 19.42
C LEU A 87 40.75 38.75 18.33
N VAL A 88 41.94 38.18 18.55
CA VAL A 88 42.48 37.27 17.54
C VAL A 88 41.54 36.10 17.29
N GLN A 89 40.98 35.52 18.36
CA GLN A 89 40.01 34.43 18.24
C GLN A 89 38.74 34.90 17.56
N LYS A 90 38.21 36.08 17.83
CA LYS A 90 36.98 36.47 17.12
C LYS A 90 37.22 36.80 15.64
N ALA A 91 38.28 37.52 15.36
CA ALA A 91 38.75 37.68 14.02
C ALA A 91 38.87 36.34 13.32
N ARG A 92 39.33 35.25 13.98
CA ARG A 92 39.58 33.97 13.27
C ARG A 92 38.25 33.34 12.92
N GLN A 93 37.29 33.60 13.83
CA GLN A 93 35.96 33.03 13.70
C GLN A 93 35.18 33.74 12.60
N GLU A 94 35.32 35.05 12.58
CA GLU A 94 34.81 35.92 11.53
C GLU A 94 35.40 35.52 10.18
N ALA A 95 36.70 35.24 10.14
CA ALA A 95 37.29 34.96 8.85
C ALA A 95 36.77 33.64 8.31
N SER A 96 36.59 32.69 9.21
CA SER A 96 36.17 31.35 8.87
C SER A 96 34.69 31.32 8.48
N GLU A 97 33.82 32.03 9.20
CA GLU A 97 32.44 32.20 8.77
C GLU A 97 32.31 32.89 7.41
N TYR A 98 33.11 33.91 7.17
CA TYR A 98 33.05 34.61 5.90
C TYR A 98 33.40 33.66 4.79
N LYS A 99 34.35 32.79 5.02
CA LYS A 99 34.77 31.96 3.94
C LYS A 99 33.77 30.87 3.65
N TYR A 100 33.08 30.41 4.67
CA TYR A 100 32.08 29.39 4.45
C TYR A 100 30.86 30.01 3.78
N ARG A 101 30.60 31.29 3.96
CA ARG A 101 29.37 31.89 3.46
C ARG A 101 29.55 32.39 2.04
N TYR A 102 30.73 32.82 1.70
CA TYR A 102 30.93 33.41 0.41
C TYR A 102 31.89 32.56 -0.43
N GLY A 103 32.59 31.63 0.22
CA GLY A 103 33.50 30.73 -0.48
C GLY A 103 34.84 31.29 -0.94
N SER A 104 35.25 32.44 -0.42
CA SER A 104 36.54 33.04 -0.77
C SER A 104 37.11 33.57 0.53
N PRO A 105 38.42 33.72 0.73
CA PRO A 105 38.91 34.31 1.99
C PRO A 105 38.60 35.79 2.21
N ILE A 106 38.24 36.15 3.43
CA ILE A 106 37.93 37.53 3.74
C ILE A 106 39.04 38.45 3.30
N PRO A 107 38.74 39.57 2.61
CA PRO A 107 39.75 40.63 2.36
C PRO A 107 40.13 41.32 3.65
N VAL A 108 41.37 41.80 3.73
CA VAL A 108 41.82 42.41 4.96
C VAL A 108 41.04 43.69 5.27
N SER A 109 40.69 44.49 4.28
CA SER A 109 39.84 45.65 4.56
C SER A 109 38.51 45.32 5.24
N VAL A 110 37.83 44.28 4.79
CA VAL A 110 36.57 43.86 5.33
C VAL A 110 36.73 43.18 6.70
N LEU A 111 37.78 42.38 6.88
CA LEU A 111 38.04 41.84 8.19
C LEU A 111 38.10 42.96 9.26
N ALA A 112 38.90 43.97 8.98
CA ALA A 112 39.16 45.04 9.91
C ALA A 112 37.88 45.80 10.32
N LYS A 113 37.03 46.03 9.35
CA LYS A 113 35.73 46.61 9.57
C LYS A 113 34.84 45.75 10.47
N ARG A 114 34.86 44.43 10.37
CA ARG A 114 34.10 43.57 11.25
C ARG A 114 34.63 43.58 12.68
N VAL A 115 35.91 43.70 12.87
CA VAL A 115 36.49 43.76 14.19
C VAL A 115 36.20 45.11 14.83
N ALA A 116 36.21 46.17 14.01
CA ALA A 116 35.80 47.47 14.46
C ALA A 116 34.35 47.49 14.97
N ASP A 117 33.44 46.86 14.21
CA ASP A 117 32.09 46.72 14.66
C ASP A 117 31.96 45.97 15.98
N MET A 118 32.75 44.91 16.20
CA MET A 118 32.79 44.26 17.50
C MET A 118 33.21 45.23 18.62
N ALA A 119 34.16 46.10 18.35
CA ALA A 119 34.52 47.05 19.39
C ALA A 119 33.38 48.03 19.64
N GLN A 120 32.79 48.59 18.57
CA GLN A 120 31.81 49.65 18.66
C GLN A 120 30.70 49.16 19.56
N VAL A 121 30.26 47.94 19.36
CA VAL A 121 29.16 47.37 20.13
C VAL A 121 29.44 47.39 21.60
N ARG A 122 30.63 47.17 22.05
CA ARG A 122 30.84 47.33 23.49
C ARG A 122 30.92 48.76 23.97
N THR A 123 31.11 49.73 23.08
CA THR A 123 31.00 51.14 23.45
C THR A 123 29.56 51.60 23.65
N GLN A 124 28.57 50.81 23.26
CA GLN A 124 27.20 51.26 23.19
C GLN A 124 26.30 50.40 24.10
N HIS A 125 26.68 49.17 24.41
CA HIS A 125 25.98 48.36 25.40
C HIS A 125 26.75 48.41 26.70
N ALA A 126 26.09 48.13 27.83
CA ALA A 126 26.79 48.23 29.11
C ALA A 126 27.03 46.81 29.65
N GLY A 127 28.04 46.69 30.49
CA GLY A 127 28.27 45.42 31.17
C GLY A 127 29.43 44.58 30.65
N LEU A 128 29.96 44.87 29.46
CA LEU A 128 31.13 44.14 28.97
C LEU A 128 32.27 45.13 28.90
N ARG A 129 33.43 44.78 29.43
CA ARG A 129 34.55 45.72 29.35
C ARG A 129 35.01 45.85 27.89
N LEU A 130 35.60 47.02 27.56
CA LEU A 130 36.20 47.20 26.25
C LEU A 130 37.56 46.52 26.24
N MET A 131 37.99 46.11 25.05
CA MET A 131 39.31 45.49 24.88
C MET A 131 40.32 46.61 24.75
N GLY A 132 41.31 46.61 25.60
CA GLY A 132 42.28 47.69 25.66
C GLY A 132 43.46 47.46 24.73
N VAL A 133 43.11 47.36 23.44
CA VAL A 133 44.10 47.12 22.40
C VAL A 133 43.88 47.96 21.17
N VAL A 134 44.97 48.06 20.41
CA VAL A 134 44.93 48.44 19.04
C VAL A 134 45.37 47.23 18.21
N MET A 135 44.47 46.76 17.33
CA MET A 135 44.78 45.70 16.41
C MET A 135 45.21 46.33 15.09
N THR A 136 46.49 46.13 14.70
CA THR A 136 46.98 46.40 13.38
C THR A 136 46.90 45.17 12.48
N PHE A 137 46.04 45.16 11.40
CA PHE A 137 45.93 44.08 10.41
C PHE A 137 46.78 44.40 9.18
N LEU A 138 47.38 43.38 8.61
CA LEU A 138 48.29 43.49 7.49
C LEU A 138 47.96 42.47 6.41
N GLY A 139 47.87 42.86 5.16
CA GLY A 139 47.70 41.86 4.14
C GLY A 139 47.62 42.45 2.75
N MET A 140 47.52 41.58 1.75
CA MET A 140 47.49 42.01 0.38
C MET A 140 46.06 41.95 -0.09
N GLU A 141 45.65 42.98 -0.84
CA GLU A 141 44.30 43.05 -1.39
C GLU A 141 44.38 43.19 -2.90
N GLN A 142 43.52 42.49 -3.59
CA GLN A 142 43.47 42.53 -5.05
C GLN A 142 42.58 43.70 -5.52
N ASN A 143 43.04 44.47 -6.52
CA ASN A 143 42.24 45.46 -7.23
C ASN A 143 41.37 44.81 -8.30
N ASP A 144 40.15 45.34 -8.52
CA ASP A 144 39.22 44.75 -9.48
C ASP A 144 39.67 44.95 -10.93
N ALA A 145 40.39 46.06 -11.19
CA ALA A 145 40.66 46.53 -12.54
C ALA A 145 41.60 45.56 -13.28
N ASP A 146 42.85 45.47 -12.82
CA ASP A 146 43.91 44.73 -13.52
C ASP A 146 44.27 43.44 -12.80
N GLY A 147 43.71 43.26 -11.58
CA GLY A 147 43.94 42.06 -10.79
C GLY A 147 45.27 42.04 -10.08
N SER A 148 45.93 43.22 -9.96
CA SER A 148 47.15 43.36 -9.16
C SER A 148 46.84 43.37 -7.65
N TRP A 149 47.85 43.00 -6.87
CA TRP A 149 47.74 42.84 -5.44
C TRP A 149 48.46 43.98 -4.75
N VAL A 150 47.77 44.64 -3.79
CA VAL A 150 48.33 45.81 -3.11
C VAL A 150 48.43 45.55 -1.61
N PRO A 151 49.56 45.90 -1.00
CA PRO A 151 49.70 45.78 0.45
C PRO A 151 48.86 46.77 1.23
N GLN A 152 48.23 46.29 2.31
CA GLN A 152 47.49 47.17 3.18
C GLN A 152 48.00 47.12 4.64
N ILE A 153 47.69 48.20 5.38
CA ILE A 153 47.72 48.25 6.82
C ILE A 153 46.44 48.87 7.36
N TYR A 154 45.69 48.12 8.19
CA TYR A 154 44.55 48.70 8.88
C TYR A 154 44.77 48.66 10.39
N CYS A 155 44.34 49.68 11.11
CA CYS A 155 44.29 49.68 12.54
C CYS A 155 42.86 49.89 12.99
N VAL A 156 42.48 49.13 13.99
CA VAL A 156 41.25 49.27 14.73
C VAL A 156 41.57 49.56 16.16
N ASP A 157 40.84 50.49 16.73
CA ASP A 157 41.10 50.88 18.11
C ASP A 157 39.88 50.65 18.96
N PRO A 158 39.99 50.92 20.27
CA PRO A 158 38.94 50.58 21.18
C PRO A 158 37.66 51.35 20.88
N ALA A 159 37.73 52.51 20.24
CA ALA A 159 36.51 53.23 19.92
C ALA A 159 35.71 52.57 18.80
N GLY A 160 36.29 51.58 18.14
CA GLY A 160 35.69 51.02 16.93
C GLY A 160 36.05 51.75 15.64
N TRP A 161 37.08 52.55 15.70
CA TRP A 161 37.56 53.23 14.54
C TRP A 161 38.50 52.32 13.74
N CYS A 162 38.34 52.37 12.42
CA CYS A 162 39.03 51.54 11.45
C CYS A 162 39.65 52.45 10.41
N GLY A 163 40.96 52.55 10.36
CA GLY A 163 41.54 53.32 9.27
C GLY A 163 42.76 52.71 8.58
N SER A 164 43.04 53.12 7.37
CA SER A 164 44.17 52.54 6.66
C SER A 164 45.37 53.47 6.74
N TYR A 165 46.58 52.95 6.64
CA TYR A 165 47.77 53.79 6.84
C TYR A 165 48.84 53.56 5.78
N HIS A 166 49.73 54.54 5.62
CA HIS A 166 50.99 54.32 4.88
C HIS A 166 52.05 53.80 5.86
N ALA A 167 51.97 54.26 7.10
CA ALA A 167 52.86 53.83 8.16
C ALA A 167 52.22 54.22 9.47
N CYS A 168 52.47 53.51 10.55
CA CYS A 168 52.00 54.01 11.82
C CYS A 168 52.64 53.31 12.99
N ALA A 169 52.97 54.11 14.01
CA ALA A 169 53.46 53.69 15.31
C ALA A 169 52.31 53.65 16.31
N ILE A 170 52.27 52.62 17.13
CA ILE A 170 51.27 52.51 18.16
C ILE A 170 51.92 52.03 19.42
N GLY A 171 51.50 52.55 20.57
CA GLY A 171 52.08 52.14 21.84
C GLY A 171 52.96 53.20 22.51
N LYS A 172 53.68 52.83 23.55
CA LYS A 172 54.47 53.77 24.33
C LYS A 172 55.47 54.56 23.47
N LYS A 173 55.31 55.87 23.45
CA LYS A 173 56.21 56.78 22.74
C LYS A 173 55.80 56.86 21.28
N GLN A 174 54.54 56.47 21.00
CA GLN A 174 54.03 56.49 19.64
C GLN A 174 54.15 57.91 19.07
N ILE A 175 53.97 58.94 19.93
CA ILE A 175 53.97 60.34 19.51
C ILE A 175 55.34 60.72 18.95
N GLU A 176 56.39 60.26 19.60
CA GLU A 176 57.75 60.56 19.20
C GLU A 176 58.14 59.78 17.94
N ALA A 177 57.56 58.59 17.74
CA ALA A 177 57.94 57.70 16.67
C ALA A 177 57.19 58.03 15.38
N ASN A 178 55.92 58.44 15.55
CA ASN A 178 55.08 58.89 14.45
C ASN A 178 55.63 60.17 13.84
N ALA A 179 56.22 61.06 14.66
CA ALA A 179 56.86 62.29 14.19
C ALA A 179 58.13 61.98 13.41
N PHE A 180 58.87 60.98 13.86
CA PHE A 180 60.06 60.58 13.13
C PHE A 180 59.70 60.04 11.73
N LEU A 181 58.57 59.31 11.62
CA LEU A 181 58.14 58.75 10.34
C LEU A 181 57.58 59.86 9.46
N GLU A 182 56.95 60.88 10.06
CA GLU A 182 56.46 62.04 9.33
C GLU A 182 57.61 62.76 8.63
N LYS A 183 58.73 62.96 9.35
CA LYS A 183 59.91 63.60 8.80
C LYS A 183 60.46 62.84 7.58
N LYS A 184 60.45 61.51 7.68
CA LYS A 184 61.14 60.68 6.71
C LYS A 184 60.18 60.36 5.56
N GLN A 185 58.93 60.77 5.70
CA GLN A 185 57.95 60.65 4.62
C GLN A 185 58.22 61.72 3.56
N LYS A 186 58.80 62.85 4.01
CA LYS A 186 58.93 64.06 3.21
C LYS A 186 60.01 63.89 2.14
N ASN A 187 60.97 63.00 2.41
CA ASN A 187 62.05 62.69 1.50
C ASN A 187 61.52 61.92 0.29
N ALA A 188 60.80 60.82 0.54
CA ALA A 188 60.20 60.04 -0.53
C ALA A 188 59.00 59.25 -0.02
N PRO A 189 57.88 59.23 -0.77
CA PRO A 189 56.72 58.44 -0.35
C PRO A 189 57.05 56.96 -0.10
N PHE A 190 56.42 56.42 0.93
CA PHE A 190 56.73 55.08 1.37
C PHE A 190 56.48 54.06 0.26
N HIS A 191 55.48 54.32 -0.59
CA HIS A 191 55.06 53.38 -1.62
C HIS A 191 56.05 53.33 -2.78
N THR A 192 57.17 54.08 -2.70
CA THR A 192 58.20 54.05 -3.74
C THR A 192 59.49 53.39 -3.26
N LEU A 193 59.46 52.85 -2.03
CA LEU A 193 60.65 52.37 -1.36
C LEU A 193 60.78 50.87 -1.58
N SER A 194 62.02 50.38 -1.46
CA SER A 194 62.32 48.96 -1.42
C SER A 194 62.01 48.39 -0.03
N GLN A 195 61.88 47.08 0.13
CA GLN A 195 61.74 46.53 1.48
C GLN A 195 62.86 46.99 2.40
N LYS A 196 64.11 46.89 1.93
CA LYS A 196 65.23 47.26 2.76
C LYS A 196 65.14 48.72 3.20
N ASP A 197 64.71 49.62 2.31
CA ASP A 197 64.77 51.05 2.60
C ASP A 197 63.70 51.46 3.60
N ALA A 198 62.54 50.79 3.51
CA ALA A 198 61.43 51.03 4.42
C ALA A 198 61.81 50.52 5.81
N ALA A 199 62.52 49.39 5.81
CA ALA A 199 62.91 48.74 7.04
C ALA A 199 63.84 49.63 7.84
N MET A 200 64.77 50.29 7.18
CA MET A 200 65.74 51.12 7.87
C MET A 200 65.02 52.27 8.54
N ILE A 201 63.90 52.72 7.96
CA ILE A 201 63.11 53.82 8.51
C ILE A 201 62.38 53.39 9.78
N ALA A 202 61.65 52.28 9.65
CA ALA A 202 60.91 51.67 10.74
C ALA A 202 61.82 51.34 11.90
N LEU A 203 62.92 50.61 11.65
CA LEU A 203 63.84 50.25 12.74
C LEU A 203 64.37 51.50 13.44
N ALA A 204 64.69 52.58 12.71
CA ALA A 204 65.23 53.79 13.31
C ALA A 204 64.12 54.60 13.99
N ALA A 205 62.88 54.47 13.54
CA ALA A 205 61.77 55.01 14.33
C ALA A 205 61.75 54.40 15.73
N LEU A 206 61.91 53.06 15.80
CA LEU A 206 61.97 52.40 17.10
C LEU A 206 63.17 52.92 17.88
N GLN A 207 64.36 52.97 17.28
CA GLN A 207 65.56 53.27 18.04
C GLN A 207 65.50 54.70 18.57
N SER A 208 65.00 55.62 17.76
CA SER A 208 64.78 57.01 18.16
C SER A 208 63.90 57.08 19.41
N ALA A 209 62.78 56.35 19.35
CA ALA A 209 61.72 56.52 20.33
C ALA A 209 62.05 55.80 21.64
N LEU A 210 62.48 54.54 21.56
CA LEU A 210 62.83 53.75 22.72
C LEU A 210 64.08 54.31 23.40
N GLY A 211 64.92 55.01 22.62
CA GLY A 211 66.20 55.52 23.09
C GLY A 211 67.15 54.37 23.44
N ALA A 212 67.57 53.63 22.41
CA ALA A 212 68.42 52.47 22.60
C ALA A 212 69.15 52.13 21.30
N SER A 213 69.81 50.97 21.28
CA SER A 213 70.17 50.27 20.05
C SER A 213 69.56 48.88 20.08
N LEU A 214 68.98 48.45 18.94
CA LEU A 214 68.25 47.20 18.87
C LEU A 214 69.13 46.08 18.34
N LYS A 215 68.96 44.90 18.93
CA LYS A 215 69.42 43.65 18.35
C LYS A 215 68.22 42.99 17.68
N ALA A 216 68.48 41.95 16.89
CA ALA A 216 67.44 41.19 16.20
C ALA A 216 66.51 40.47 17.18
N THR A 217 67.02 40.12 18.36
CA THR A 217 66.25 39.38 19.36
C THR A 217 65.17 40.26 20.02
N ASP A 218 65.36 41.58 19.97
CA ASP A 218 64.49 42.58 20.59
C ASP A 218 63.23 42.88 19.76
N VAL A 219 63.26 42.60 18.46
CA VAL A 219 62.12 42.86 17.62
C VAL A 219 61.62 41.52 17.06
N GLU A 220 60.34 41.46 16.79
CA GLU A 220 59.79 40.47 15.91
C GLU A 220 59.09 41.23 14.77
N VAL A 221 59.15 40.62 13.60
CA VAL A 221 58.89 41.27 12.35
C VAL A 221 58.03 40.33 11.53
N GLY A 222 56.95 40.84 10.94
CA GLY A 222 56.20 40.05 9.96
C GLY A 222 56.06 40.75 8.63
N ARG A 223 55.62 40.02 7.65
CA ARG A 223 55.74 40.49 6.30
C ARG A 223 54.78 39.77 5.36
N CYS A 224 54.06 40.57 4.57
CA CYS A 224 53.31 40.13 3.40
C CYS A 224 53.86 40.86 2.19
N SER A 225 54.01 40.18 1.05
CA SER A 225 54.60 40.75 -0.15
C SER A 225 53.92 40.22 -1.41
N VAL A 226 54.08 40.94 -2.53
CA VAL A 226 53.53 40.58 -3.83
C VAL A 226 54.02 39.19 -4.28
N GLU A 227 55.30 38.92 -3.99
CA GLU A 227 55.94 37.65 -4.29
C GLU A 227 55.29 36.49 -3.52
N ASP A 228 55.11 36.65 -2.20
CA ASP A 228 54.47 35.68 -1.33
C ASP A 228 53.36 36.35 -0.51
N HIS A 229 52.08 36.01 -0.77
CA HIS A 229 51.02 36.78 -0.17
C HIS A 229 50.83 36.41 1.28
N CYS A 230 51.46 35.31 1.70
CA CYS A 230 51.19 34.85 3.05
C CYS A 230 51.82 35.81 4.06
N PHE A 231 51.15 35.92 5.19
CA PHE A 231 51.75 36.64 6.28
C PHE A 231 52.73 35.70 6.95
N ARG A 232 53.99 36.12 7.12
CA ARG A 232 55.00 35.21 7.60
C ARG A 232 55.96 35.99 8.46
N ARG A 233 56.58 35.35 9.45
CA ARG A 233 57.60 36.02 10.24
C ARG A 233 58.85 36.13 9.40
N VAL A 234 59.61 37.18 9.61
CA VAL A 234 60.88 37.39 8.94
C VAL A 234 61.92 36.76 9.84
N PRO A 235 62.84 35.88 9.32
CA PRO A 235 63.81 35.18 10.16
C PRO A 235 64.85 36.16 10.70
N ASP A 236 65.55 35.80 11.76
CA ASP A 236 66.38 36.75 12.49
C ASP A 236 67.54 37.26 11.63
N GLU A 237 68.06 36.43 10.72
CA GLU A 237 69.18 36.79 9.85
C GLU A 237 68.83 37.96 8.93
N ASP A 238 67.65 37.91 8.29
CA ASP A 238 67.18 38.98 7.41
C ASP A 238 66.99 40.32 8.13
N VAL A 239 66.78 40.31 9.46
CA VAL A 239 66.65 41.51 10.29
C VAL A 239 68.03 42.02 10.75
N GLU A 240 68.99 41.11 11.05
CA GLU A 240 70.38 41.51 11.29
C GLU A 240 70.95 42.26 10.08
N GLU A 241 70.55 41.90 8.86
CA GLU A 241 71.11 42.55 7.67
C GLU A 241 70.51 43.95 7.51
N TRP A 242 69.31 44.20 8.06
CA TRP A 242 68.72 45.55 8.04
C TRP A 242 69.35 46.46 9.09
N LEU A 243 69.65 45.89 10.27
CA LEU A 243 70.17 46.61 11.43
C LEU A 243 71.64 46.97 11.23
N THR A 244 72.32 46.14 10.42
CA THR A 244 73.71 46.31 10.04
C THR A 244 73.79 47.45 9.02
N ALA A 245 72.89 47.43 8.03
CA ALA A 245 72.74 48.47 7.02
C ALA A 245 72.47 49.86 7.62
N LEU A 246 71.92 49.92 8.84
CA LEU A 246 71.49 51.17 9.45
C LEU A 246 72.60 51.74 10.34
N ALA A 247 73.30 50.86 11.08
CA ALA A 247 74.45 51.27 11.87
C ALA A 247 75.50 51.94 10.98
N GLU A 248 75.62 51.44 9.73
CA GLU A 248 76.55 52.00 8.75
C GLU A 248 76.05 53.37 8.29
N ALA A 249 74.97 53.40 7.50
CA ALA A 249 74.36 54.64 7.03
C ALA A 249 73.27 55.10 8.00
N SER B 61 23.02 43.56 31.43
CA SER B 61 22.40 44.73 32.11
C SER B 61 21.22 45.25 31.28
N ALA B 62 19.98 45.08 31.77
CA ALA B 62 18.78 45.32 30.99
C ALA B 62 17.95 46.48 31.57
N TYR B 63 18.61 47.43 32.24
CA TYR B 63 17.88 48.62 32.69
C TYR B 63 18.17 49.80 31.78
N GLY B 64 17.22 50.74 31.67
CA GLY B 64 17.43 51.91 30.84
C GLY B 64 18.50 52.86 31.36
N LEU B 65 19.28 53.43 30.45
CA LEU B 65 20.36 54.36 30.80
C LEU B 65 19.92 55.81 30.57
N THR B 66 18.84 55.95 29.79
CA THR B 66 18.26 57.22 29.38
C THR B 66 16.95 57.40 30.12
N THR B 67 16.83 58.48 30.93
CA THR B 67 15.68 58.71 31.82
C THR B 67 15.25 60.18 31.89
N PHE B 68 14.07 60.40 32.48
CA PHE B 68 13.60 61.76 32.67
C PHE B 68 14.21 62.34 33.95
N SER B 69 14.60 63.62 33.87
CA SER B 69 15.12 64.39 34.99
C SER B 69 14.03 65.37 35.45
N PRO B 70 14.07 65.98 36.64
CA PRO B 70 12.87 66.61 37.18
C PRO B 70 12.15 67.59 36.24
N SER B 71 12.85 68.33 35.38
CA SER B 71 12.25 69.35 34.52
C SER B 71 11.77 68.79 33.17
N GLY B 72 11.72 67.45 33.03
CA GLY B 72 11.20 66.83 31.81
C GLY B 72 12.28 66.55 30.74
N ARG B 73 13.51 67.06 30.93
CA ARG B 73 14.62 66.78 30.03
C ARG B 73 14.98 65.30 30.06
N LEU B 74 15.53 64.82 28.94
CA LEU B 74 16.21 63.53 28.80
C LEU B 74 17.70 63.78 28.54
N VAL B 75 18.55 63.91 29.57
CA VAL B 75 19.88 64.49 29.37
C VAL B 75 20.78 63.60 28.51
N GLN B 76 20.67 62.26 28.56
CA GLN B 76 21.59 61.48 27.76
C GLN B 76 21.39 61.79 26.27
N ILE B 77 20.15 62.12 25.89
CA ILE B 77 19.85 62.53 24.54
C ILE B 77 20.42 63.89 24.24
N GLU B 78 20.61 64.77 25.23
CA GLU B 78 21.24 66.05 24.95
C GLU B 78 22.76 65.93 24.92
N TYR B 79 23.34 65.02 25.69
CA TYR B 79 24.77 64.87 25.58
C TYR B 79 25.14 64.22 24.25
N ALA B 80 24.37 63.21 23.83
CA ALA B 80 24.58 62.62 22.54
C ALA B 80 24.50 63.69 21.44
N THR B 81 23.47 64.55 21.52
CA THR B 81 23.29 65.65 20.58
C THR B 81 24.50 66.53 20.63
N THR B 82 25.08 66.72 21.81
CA THR B 82 26.25 67.59 21.92
C THR B 82 27.39 67.01 21.10
N ALA B 83 27.50 65.69 21.07
CA ALA B 83 28.60 64.97 20.44
C ALA B 83 28.41 65.02 18.92
N ALA B 84 27.15 65.05 18.46
CA ALA B 84 26.88 65.16 17.04
C ALA B 84 27.17 66.58 16.54
N SER B 85 27.39 67.52 17.44
CA SER B 85 27.51 68.90 17.04
C SER B 85 28.98 69.28 17.05
N LYS B 86 29.79 68.43 17.68
CA LYS B 86 31.22 68.64 17.80
C LYS B 86 31.99 67.95 16.67
N GLY B 87 31.26 67.23 15.83
CA GLY B 87 31.81 66.52 14.70
C GLY B 87 32.20 67.46 13.56
N THR B 88 33.03 66.96 12.65
CA THR B 88 33.41 67.75 11.49
C THR B 88 32.18 68.10 10.67
N THR B 89 32.20 69.33 10.18
CA THR B 89 31.15 69.90 9.36
C THR B 89 30.76 69.05 8.16
N ALA B 90 29.43 68.94 7.98
CA ALA B 90 28.85 68.42 6.78
C ALA B 90 27.62 69.24 6.43
N LEU B 91 27.28 69.32 5.15
CA LEU B 91 26.17 70.14 4.71
C LEU B 91 25.54 69.53 3.48
N GLY B 92 24.36 70.04 3.15
CA GLY B 92 23.60 69.56 2.01
C GLY B 92 22.82 70.68 1.35
N VAL B 93 22.56 70.51 0.05
CA VAL B 93 21.84 71.49 -0.73
C VAL B 93 20.95 70.83 -1.75
N LYS B 94 19.67 71.21 -1.74
CA LYS B 94 18.68 70.67 -2.67
C LYS B 94 18.40 71.69 -3.75
N ALA B 95 18.69 71.30 -4.99
CA ALA B 95 18.45 72.07 -6.21
C ALA B 95 17.05 71.75 -6.74
N MET B 96 16.76 72.19 -7.98
CA MET B 96 15.47 71.88 -8.60
C MET B 96 15.49 70.51 -9.30
N ASP B 97 16.69 69.95 -9.52
CA ASP B 97 16.81 68.69 -10.25
C ASP B 97 17.75 67.67 -9.58
N GLY B 98 18.42 68.04 -8.48
CA GLY B 98 19.30 67.12 -7.76
C GLY B 98 19.54 67.53 -6.32
N VAL B 99 20.38 66.77 -5.62
CA VAL B 99 20.78 67.15 -4.27
C VAL B 99 22.28 66.95 -4.19
N VAL B 100 22.92 67.76 -3.37
CA VAL B 100 24.35 67.55 -3.17
C VAL B 100 24.65 67.59 -1.68
N ILE B 101 25.42 66.60 -1.20
CA ILE B 101 25.93 66.60 0.16
C ILE B 101 27.44 66.54 0.13
N ALA B 102 28.03 67.13 1.17
CA ALA B 102 29.47 67.26 1.22
C ALA B 102 30.01 67.32 2.66
N ALA B 103 31.27 66.92 2.82
CA ALA B 103 31.84 66.78 4.14
C ALA B 103 33.33 66.97 4.15
N GLU B 104 33.86 67.58 5.21
CA GLU B 104 35.29 67.57 5.43
C GLU B 104 35.77 66.16 5.81
N LYS B 105 36.86 65.68 5.21
CA LYS B 105 37.59 64.52 5.74
C LYS B 105 39.03 64.88 5.94
N LYS B 106 39.35 65.54 7.04
CA LYS B 106 40.75 65.74 7.36
C LYS B 106 41.21 64.56 8.21
N THR B 107 42.41 64.05 7.86
CA THR B 107 43.19 63.13 8.68
C THR B 107 44.05 63.89 9.72
N THR B 108 44.42 63.16 10.78
CA THR B 108 45.21 63.72 11.86
C THR B 108 46.68 63.85 11.44
N SER B 109 47.18 62.89 10.63
CA SER B 109 48.53 62.94 10.11
C SER B 109 48.54 62.57 8.62
N PRO B 110 49.60 62.98 7.89
CA PRO B 110 49.87 62.48 6.53
C PRO B 110 50.31 61.02 6.40
N LEU B 111 50.57 60.37 7.54
CA LEU B 111 50.76 58.93 7.61
C LEU B 111 49.47 58.12 7.35
N ALA B 112 48.33 58.67 7.73
CA ALA B 112 47.06 58.11 7.34
C ALA B 112 46.88 58.19 5.83
N ALA B 113 46.11 57.22 5.33
CA ALA B 113 45.71 57.15 3.93
C ALA B 113 44.37 57.85 3.78
N SER B 114 44.39 58.91 2.99
CA SER B 114 43.25 59.80 2.83
C SER B 114 42.13 59.10 2.07
N LEU B 115 42.50 58.35 1.05
CA LEU B 115 41.56 57.81 0.08
C LEU B 115 40.59 56.83 0.72
N THR B 116 40.95 56.23 1.86
CA THR B 116 40.10 55.21 2.45
C THR B 116 39.11 55.81 3.45
N VAL B 117 39.31 57.05 3.90
CA VAL B 117 38.36 57.67 4.81
C VAL B 117 37.05 57.97 4.07
N GLN B 118 35.93 57.39 4.50
CA GLN B 118 34.65 57.70 3.87
C GLN B 118 33.85 58.56 4.84
N LYS B 119 33.19 59.57 4.27
CA LYS B 119 32.26 60.43 4.98
C LYS B 119 30.91 60.45 4.32
N VAL B 120 30.89 60.23 3.02
CA VAL B 120 29.65 60.10 2.33
C VAL B 120 29.49 58.63 2.00
N PHE B 121 28.25 58.09 2.01
CA PHE B 121 27.99 56.67 1.81
C PHE B 121 26.83 56.44 0.86
N VAL B 122 26.96 55.47 0.00
CA VAL B 122 25.85 55.01 -0.79
C VAL B 122 25.03 54.09 0.08
N LEU B 123 23.72 54.28 0.09
CA LEU B 123 22.82 53.39 0.80
C LEU B 123 22.08 52.44 -0.16
N ASP B 124 21.77 52.93 -1.35
CA ASP B 124 21.23 52.15 -2.42
C ASP B 124 21.45 52.97 -3.67
N ASP B 125 21.08 52.45 -4.83
CA ASP B 125 21.37 53.18 -6.07
C ASP B 125 20.81 54.61 -6.07
N HIS B 126 19.70 54.88 -5.32
CA HIS B 126 19.00 56.14 -5.43
C HIS B 126 19.17 57.06 -4.23
N VAL B 127 20.03 56.69 -3.25
CA VAL B 127 20.08 57.42 -1.99
C VAL B 127 21.42 57.25 -1.22
N GLY B 128 21.86 58.34 -0.61
CA GLY B 128 23.09 58.33 0.13
C GLY B 128 23.07 59.18 1.39
N CYS B 129 24.15 59.21 2.14
CA CYS B 129 24.10 59.99 3.39
C CYS B 129 25.44 60.44 3.86
N THR B 130 25.44 61.32 4.82
CA THR B 130 26.67 61.67 5.47
C THR B 130 26.29 62.02 6.88
N TYR B 131 27.27 62.21 7.73
CA TYR B 131 27.02 62.28 9.14
C TYR B 131 28.02 63.25 9.73
N SER B 132 27.72 63.57 10.98
CA SER B 132 28.71 64.16 11.86
C SER B 132 28.55 63.55 13.24
N GLY B 133 29.67 63.54 13.94
CA GLY B 133 29.72 63.08 15.32
C GLY B 133 30.57 61.84 15.39
N ILE B 134 30.04 60.73 15.92
CA ILE B 134 30.84 59.55 16.16
C ILE B 134 30.78 58.58 14.99
N GLY B 135 31.89 58.51 14.27
CA GLY B 135 31.97 57.69 13.07
C GLY B 135 31.40 56.29 13.28
N PRO B 136 31.96 55.55 14.25
CA PRO B 136 31.61 54.16 14.46
C PRO B 136 30.11 53.97 14.69
N ASP B 137 29.46 54.92 15.40
CA ASP B 137 27.99 54.86 15.52
C ASP B 137 27.29 55.01 14.20
N CYS B 138 27.81 55.88 13.34
CA CYS B 138 27.28 56.02 11.99
C CYS B 138 27.30 54.71 11.17
N ARG B 139 28.38 53.88 11.30
CA ARG B 139 28.38 52.62 10.58
C ARG B 139 27.18 51.71 10.96
N VAL B 140 26.79 51.64 12.21
CA VAL B 140 25.62 50.87 12.57
C VAL B 140 24.40 51.32 11.76
N LEU B 141 24.19 52.63 11.61
CA LEU B 141 22.98 53.12 10.95
C LEU B 141 23.04 52.90 9.44
N VAL B 142 24.23 53.14 8.87
CA VAL B 142 24.46 52.87 7.47
C VAL B 142 24.17 51.40 7.16
N ASP B 143 24.71 50.48 7.98
CA ASP B 143 24.38 49.06 7.79
C ASP B 143 22.89 48.79 7.88
N ALA B 144 22.18 49.32 8.89
CA ALA B 144 20.74 49.10 8.99
C ALA B 144 19.99 49.68 7.81
N ALA B 145 20.38 50.87 7.39
CA ALA B 145 19.71 51.53 6.29
C ALA B 145 19.82 50.77 4.96
N ARG B 146 21.07 50.32 4.68
CA ARG B 146 21.38 49.53 3.51
C ARG B 146 20.56 48.25 3.51
N LYS B 147 20.46 47.55 4.63
CA LYS B 147 19.58 46.41 4.66
C LYS B 147 18.12 46.75 4.43
N ALA B 148 17.61 47.84 4.99
CA ALA B 148 16.19 48.08 4.87
C ALA B 148 15.84 48.34 3.42
N CYS B 149 16.72 49.03 2.71
CA CYS B 149 16.50 49.26 1.28
C CYS B 149 16.42 47.98 0.48
N GLN B 150 17.34 47.02 0.72
CA GLN B 150 17.26 45.78 -0.05
C GLN B 150 15.97 45.03 0.30
N LYS B 151 15.64 44.99 1.58
CA LYS B 151 14.41 44.41 2.03
C LYS B 151 13.18 44.99 1.34
N TYR B 152 13.16 46.29 1.08
CA TYR B 152 12.01 46.90 0.46
C TYR B 152 11.90 46.46 -1.00
N ARG B 153 13.06 46.39 -1.67
CA ARG B 153 13.17 45.87 -3.03
C ARG B 153 12.61 44.48 -3.11
N LEU B 154 13.06 43.58 -2.23
CA LEU B 154 12.60 42.19 -2.32
C LEU B 154 11.10 42.13 -2.24
N THR B 155 10.52 42.95 -1.39
CA THR B 155 9.10 42.96 -1.20
C THR B 155 8.41 43.66 -2.35
N TYR B 156 8.76 44.86 -2.78
CA TYR B 156 7.88 45.61 -3.69
C TYR B 156 8.47 45.78 -5.09
N HIS B 157 9.72 45.32 -5.30
CA HIS B 157 10.42 45.36 -6.59
C HIS B 157 10.50 46.80 -7.06
N GLU B 158 10.80 47.69 -6.12
CA GLU B 158 11.08 49.06 -6.48
C GLU B 158 11.87 49.67 -5.34
N PRO B 159 12.52 50.81 -5.61
CA PRO B 159 13.38 51.49 -4.65
C PRO B 159 12.61 52.09 -3.48
N MET B 160 13.11 51.90 -2.25
CA MET B 160 12.43 52.36 -1.08
C MET B 160 12.38 53.88 -1.15
N PRO B 161 11.22 54.55 -1.05
CA PRO B 161 11.19 56.00 -1.01
C PRO B 161 11.98 56.59 0.15
N VAL B 162 12.66 57.72 -0.09
CA VAL B 162 13.51 58.32 0.93
C VAL B 162 12.79 58.64 2.25
N SER B 163 11.49 58.97 2.19
CA SER B 163 10.71 59.33 3.37
C SER B 163 10.58 58.14 4.34
N GLN B 164 10.23 56.96 3.78
CA GLN B 164 10.23 55.67 4.48
C GLN B 164 11.59 55.28 5.04
N LEU B 165 12.67 55.59 4.34
CA LEU B 165 13.93 55.07 4.80
C LEU B 165 14.30 55.90 6.06
N VAL B 166 14.04 57.18 5.97
CA VAL B 166 14.31 58.09 7.06
C VAL B 166 13.43 57.81 8.30
N ARG B 167 12.21 57.34 8.14
CA ARG B 167 11.41 56.93 9.30
C ARG B 167 11.95 55.64 9.90
N HIS B 168 12.57 54.76 9.10
CA HIS B 168 13.26 53.58 9.61
C HIS B 168 14.51 53.95 10.38
N ILE B 169 15.31 54.89 9.91
CA ILE B 169 16.49 55.30 10.66
C ILE B 169 16.12 55.88 12.03
N SER B 170 15.14 56.78 12.01
CA SER B 170 14.53 57.42 13.16
C SER B 170 14.13 56.44 14.25
N SER B 171 13.39 55.41 13.85
CA SER B 171 12.88 54.50 14.82
C SER B 171 13.97 53.60 15.38
N LEU B 172 15.09 53.51 14.65
CA LEU B 172 16.22 52.81 15.17
C LEU B 172 16.89 53.73 16.17
N TYR B 173 17.02 55.00 15.87
CA TYR B 173 17.61 55.91 16.84
C TYR B 173 16.76 55.88 18.13
N GLN B 174 15.43 55.80 17.97
CA GLN B 174 14.50 56.00 19.05
C GLN B 174 14.54 54.79 19.99
N GLU B 175 14.71 53.59 19.39
CA GLU B 175 14.96 52.37 20.13
C GLU B 175 16.09 52.64 21.11
N PHE B 176 17.23 53.15 20.65
CA PHE B 176 18.39 53.30 21.53
C PHE B 176 18.25 54.41 22.56
N THR B 177 17.04 55.00 22.76
CA THR B 177 16.81 56.01 23.79
C THR B 177 15.81 55.50 24.85
N GLN B 178 15.36 54.25 24.72
CA GLN B 178 14.36 53.67 25.60
C GLN B 178 14.73 52.26 26.08
N SER B 179 15.19 51.41 25.17
CA SER B 179 15.85 50.12 25.44
C SER B 179 16.80 50.13 26.65
N GLY B 180 16.86 48.95 27.30
CA GLY B 180 17.68 48.75 28.46
C GLY B 180 19.15 48.39 28.15
N GLY B 181 20.06 49.02 28.91
CA GLY B 181 21.49 48.82 28.78
C GLY B 181 22.17 49.45 27.54
N VAL B 182 21.56 50.48 26.91
CA VAL B 182 22.18 51.09 25.75
C VAL B 182 22.27 52.59 25.89
N ARG B 183 23.33 53.18 25.34
CA ARG B 183 23.34 54.60 25.14
C ARG B 183 22.83 54.99 23.76
N PRO B 184 22.38 56.23 23.59
CA PRO B 184 22.06 56.79 22.27
C PRO B 184 23.23 56.91 21.29
N PHE B 185 22.88 56.82 20.00
CA PHE B 185 23.79 57.08 18.89
C PHE B 185 24.31 58.48 18.93
N GLY B 186 25.59 58.68 18.83
CA GLY B 186 26.03 60.06 18.99
C GLY B 186 26.37 60.72 17.67
N CYS B 187 25.45 60.64 16.72
CA CYS B 187 25.71 61.18 15.39
C CYS B 187 24.39 61.67 14.77
N SER B 188 24.46 62.71 13.94
CA SER B 188 23.31 63.07 13.13
C SER B 188 23.63 62.82 11.66
N LEU B 189 22.62 62.45 10.91
CA LEU B 189 22.71 62.13 9.50
C LEU B 189 22.09 63.21 8.63
N LEU B 190 22.72 63.47 7.49
CA LEU B 190 22.00 64.01 6.34
C LEU B 190 21.70 62.90 5.34
N VAL B 191 20.48 62.79 4.89
CA VAL B 191 20.13 61.77 3.94
C VAL B 191 19.64 62.48 2.67
N ALA B 192 20.11 62.03 1.48
CA ALA B 192 19.81 62.66 0.19
C ALA B 192 19.41 61.64 -0.86
N GLY B 193 18.24 61.77 -1.48
CA GLY B 193 17.82 60.73 -2.43
C GLY B 193 16.81 61.22 -3.43
N ALA B 194 16.35 60.32 -4.29
CA ALA B 194 15.33 60.63 -5.27
C ALA B 194 14.44 59.43 -5.47
N ASP B 195 13.15 59.70 -5.57
CA ASP B 195 12.09 58.70 -5.64
C ASP B 195 11.02 59.24 -6.58
N SER B 196 9.85 58.59 -6.66
CA SER B 196 8.74 59.08 -7.49
C SER B 196 8.20 60.45 -7.04
N GLN B 197 8.50 60.91 -5.83
CA GLN B 197 8.03 62.24 -5.43
C GLN B 197 9.11 63.32 -5.61
N GLY B 198 10.26 62.94 -6.19
CA GLY B 198 11.32 63.90 -6.48
C GLY B 198 12.59 63.72 -5.64
N ASN B 199 13.18 64.84 -5.23
CA ASN B 199 14.49 64.90 -4.61
C ASN B 199 14.37 65.40 -3.18
N HIS B 200 15.12 64.81 -2.26
CA HIS B 200 14.87 65.08 -0.87
C HIS B 200 16.17 65.23 -0.14
N LEU B 201 16.15 66.04 0.91
CA LEU B 201 17.23 66.18 1.85
C LEU B 201 16.61 66.21 3.26
N TYR B 202 17.06 65.27 4.09
CA TYR B 202 16.53 65.11 5.42
C TYR B 202 17.69 65.15 6.37
N GLN B 203 17.44 65.54 7.60
CA GLN B 203 18.39 65.48 8.69
C GLN B 203 17.74 64.69 9.82
N VAL B 204 18.52 63.85 10.48
CA VAL B 204 18.03 63.04 11.58
C VAL B 204 19.02 63.25 12.69
N ASP B 205 18.50 63.39 13.89
CA ASP B 205 19.28 63.70 15.06
C ASP B 205 19.23 62.57 16.05
N PRO B 206 20.18 62.48 17.01
CA PRO B 206 20.13 61.48 18.06
C PRO B 206 18.83 61.21 18.81
N SER B 207 17.94 62.20 18.87
CA SER B 207 16.62 62.00 19.44
C SER B 207 15.74 61.11 18.58
N GLY B 208 16.10 60.96 17.30
CA GLY B 208 15.22 60.32 16.34
C GLY B 208 14.30 61.34 15.66
N THR B 209 14.56 62.62 15.81
CA THR B 209 13.74 63.58 15.09
C THR B 209 14.37 63.86 13.72
N PHE B 210 13.52 63.88 12.69
CA PHE B 210 13.93 64.25 11.35
C PHE B 210 13.11 65.41 10.79
N TRP B 211 13.76 66.21 9.92
CA TRP B 211 13.21 67.35 9.20
C TRP B 211 13.67 67.29 7.75
N ALA B 212 12.79 67.67 6.84
CA ALA B 212 13.17 67.88 5.46
C ALA B 212 13.75 69.26 5.32
N TRP B 213 14.80 69.43 4.51
CA TRP B 213 15.40 70.74 4.35
C TRP B 213 15.63 71.05 2.89
N LYS B 214 15.74 72.34 2.56
CA LYS B 214 16.18 72.78 1.24
C LYS B 214 17.69 72.88 1.29
N ALA B 215 18.20 73.27 2.46
CA ALA B 215 19.65 73.32 2.61
C ALA B 215 20.04 73.38 4.08
N THR B 216 21.05 72.62 4.50
CA THR B 216 21.44 72.68 5.89
C THR B 216 22.84 72.13 6.12
N SER B 217 23.23 72.20 7.38
CA SER B 217 24.55 71.80 7.84
C SER B 217 24.51 71.33 9.28
N ILE B 218 25.39 70.38 9.57
CA ILE B 218 25.53 69.80 10.87
C ILE B 218 27.00 69.78 11.22
N GLY B 219 27.34 69.66 12.51
CA GLY B 219 28.73 69.72 12.94
C GLY B 219 29.18 71.12 13.38
N LYS B 220 30.50 71.28 13.65
CA LYS B 220 31.03 72.38 14.45
C LYS B 220 30.82 73.72 13.76
N GLY B 221 31.05 73.79 12.43
CA GLY B 221 30.84 75.05 11.73
C GLY B 221 29.45 75.18 11.10
N SER B 222 28.39 74.99 11.88
CA SER B 222 27.10 74.81 11.24
C SER B 222 26.21 76.05 11.39
N THR B 223 26.29 76.83 12.48
CA THR B 223 25.55 78.09 12.56
C THR B 223 25.99 79.05 11.45
N ASP B 224 27.27 79.02 11.10
CA ASP B 224 27.82 79.94 10.11
C ASP B 224 27.52 79.40 8.71
N ALA B 225 27.80 78.12 8.50
CA ALA B 225 27.40 77.47 7.25
C ALA B 225 25.95 77.74 6.93
N LYS B 226 25.03 77.70 7.92
CA LYS B 226 23.58 77.83 7.68
C LYS B 226 23.20 79.28 7.38
N THR B 227 23.79 80.21 8.13
CA THR B 227 23.73 81.63 7.83
C THR B 227 24.12 81.90 6.36
N PHE B 228 25.29 81.40 5.96
CA PHE B 228 25.82 81.60 4.62
C PHE B 228 24.89 80.97 3.54
N LEU B 229 24.15 79.92 3.86
CA LEU B 229 23.30 79.28 2.88
C LEU B 229 21.95 79.98 2.80
N GLU B 230 21.48 80.58 3.91
CA GLU B 230 20.27 81.41 3.90
C GLU B 230 20.36 82.41 2.74
N LYS B 231 21.52 83.10 2.67
CA LYS B 231 21.76 84.19 1.73
C LYS B 231 21.89 83.71 0.28
N ARG B 232 22.63 82.62 0.05
CA ARG B 232 22.98 82.26 -1.31
C ARG B 232 22.01 81.25 -1.94
N TYR B 233 21.00 80.76 -1.18
CA TYR B 233 20.16 79.68 -1.67
C TYR B 233 18.96 80.28 -2.41
N THR B 234 18.67 79.74 -3.61
CA THR B 234 17.48 80.13 -4.37
C THR B 234 16.71 78.88 -4.82
N ASN B 235 15.40 79.04 -5.05
CA ASN B 235 14.54 77.91 -5.40
C ASN B 235 14.77 77.44 -6.85
N GLU B 236 15.66 78.13 -7.58
CA GLU B 236 15.84 77.89 -9.00
C GLU B 236 17.33 77.70 -9.27
N MET B 237 18.03 77.09 -8.31
CA MET B 237 19.40 76.66 -8.52
C MET B 237 19.40 75.42 -9.40
N GLU B 238 20.32 75.37 -10.36
CA GLU B 238 20.61 74.15 -11.08
C GLU B 238 21.59 73.32 -10.25
N ILE B 239 21.70 72.04 -10.60
CA ILE B 239 22.51 71.08 -9.83
C ILE B 239 23.99 71.44 -9.87
N GLU B 240 24.48 72.07 -10.95
CA GLU B 240 25.90 72.36 -11.06
C GLU B 240 26.25 73.57 -10.18
N ASP B 241 25.25 74.43 -9.92
CA ASP B 241 25.48 75.66 -9.17
C ASP B 241 25.16 75.41 -7.69
N ALA B 242 24.46 74.30 -7.42
CA ALA B 242 24.30 73.78 -6.07
C ALA B 242 25.59 73.11 -5.62
N VAL B 243 26.26 72.35 -6.52
CA VAL B 243 27.59 71.81 -6.18
C VAL B 243 28.54 72.95 -5.86
N HIS B 244 28.44 74.05 -6.64
CA HIS B 244 29.33 75.18 -6.49
C HIS B 244 29.10 75.79 -5.13
N THR B 245 27.82 75.99 -4.78
CA THR B 245 27.45 76.61 -3.51
C THR B 245 27.86 75.75 -2.31
N ALA B 246 27.58 74.44 -2.39
CA ALA B 246 28.07 73.45 -1.45
C ALA B 246 29.55 73.67 -1.17
N LEU B 247 30.38 73.68 -2.22
CA LEU B 247 31.83 73.74 -2.07
C LEU B 247 32.27 75.06 -1.47
N LEU B 248 31.60 76.12 -1.95
CA LEU B 248 31.89 77.48 -1.54
C LEU B 248 31.60 77.67 -0.06
N THR B 249 30.58 76.95 0.46
CA THR B 249 30.19 77.02 1.86
C THR B 249 31.16 76.27 2.78
N LEU B 250 31.57 75.07 2.33
CA LEU B 250 32.65 74.33 2.98
C LEU B 250 33.91 75.18 3.09
N LYS B 251 34.25 75.93 2.02
CA LYS B 251 35.51 76.66 1.93
C LYS B 251 35.63 77.70 3.05
N GLU B 252 34.52 78.36 3.40
CA GLU B 252 34.52 79.43 4.37
C GLU B 252 34.92 78.97 5.78
N GLY B 253 34.36 77.86 6.26
CA GLY B 253 34.59 77.43 7.64
C GLY B 253 35.83 76.56 7.80
N PHE B 254 36.44 76.17 6.67
CA PHE B 254 37.47 75.14 6.58
C PHE B 254 38.81 75.66 7.08
N ASP B 255 39.42 74.95 8.05
CA ASP B 255 40.78 75.25 8.46
C ASP B 255 41.76 74.63 7.46
N GLY B 256 42.69 75.45 6.96
CA GLY B 256 43.68 75.02 5.99
C GLY B 256 43.14 75.05 4.57
N THR B 257 43.99 74.64 3.63
CA THR B 257 43.61 74.56 2.22
C THR B 257 42.75 73.32 1.97
N MET B 258 41.70 73.52 1.17
CA MET B 258 40.72 72.51 0.85
C MET B 258 41.02 71.88 -0.52
N THR B 259 41.16 70.56 -0.51
CA THR B 259 41.70 69.83 -1.64
C THR B 259 40.63 68.82 -2.09
N ALA B 260 40.88 68.06 -3.16
CA ALA B 260 40.02 66.93 -3.56
C ALA B 260 40.25 65.69 -2.69
N GLU B 261 41.25 65.74 -1.81
CA GLU B 261 41.63 64.62 -0.97
C GLU B 261 41.22 64.82 0.50
N ASN B 262 40.64 65.97 0.88
CA ASN B 262 40.17 66.12 2.26
C ASN B 262 38.73 66.64 2.30
N THR B 263 38.00 66.35 1.21
CA THR B 263 36.63 66.77 1.06
C THR B 263 35.96 65.63 0.32
N GLN B 264 34.71 65.34 0.62
CA GLN B 264 34.07 64.33 -0.20
C GLN B 264 32.67 64.82 -0.51
N VAL B 265 32.17 64.40 -1.66
CA VAL B 265 30.98 65.00 -2.22
C VAL B 265 30.19 63.89 -2.88
N GLY B 266 28.88 63.96 -2.66
CA GLY B 266 27.94 63.14 -3.36
C GLY B 266 26.88 64.04 -3.97
N ARG B 267 26.10 63.45 -4.86
CA ARG B 267 25.25 64.13 -5.79
C ARG B 267 24.16 63.14 -6.16
N VAL B 268 22.90 63.54 -6.00
CA VAL B 268 21.77 62.87 -6.61
C VAL B 268 21.46 63.65 -7.89
N SER B 269 21.19 62.96 -9.00
CA SER B 269 20.75 63.55 -10.25
C SER B 269 20.45 62.43 -11.25
N GLU B 270 19.34 62.60 -11.99
CA GLU B 270 18.79 61.60 -12.90
C GLU B 270 18.35 60.37 -12.11
N GLY B 271 17.89 60.59 -10.86
CA GLY B 271 17.36 59.53 -10.02
C GLY B 271 18.44 58.58 -9.47
N LYS B 272 19.71 59.00 -9.46
CA LYS B 272 20.83 58.12 -9.12
C LYS B 272 21.80 58.81 -8.15
N PHE B 273 22.19 58.17 -7.05
CA PHE B 273 23.16 58.80 -6.16
C PHE B 273 24.55 58.27 -6.51
N GLU B 274 25.55 59.16 -6.41
CA GLU B 274 26.91 58.80 -6.78
C GLU B 274 27.87 59.70 -6.04
N LEU B 275 28.90 59.08 -5.50
CA LEU B 275 30.05 59.79 -4.99
C LEU B 275 30.82 60.33 -6.17
N PHE B 276 31.35 61.54 -6.02
CA PHE B 276 32.41 62.01 -6.90
C PHE B 276 33.72 61.30 -6.56
N THR B 277 34.41 60.80 -7.60
CA THR B 277 35.80 60.40 -7.58
C THR B 277 36.66 61.62 -7.25
N VAL B 278 37.92 61.40 -6.87
CA VAL B 278 38.81 62.49 -6.54
C VAL B 278 38.97 63.40 -7.78
N ASP B 279 39.06 62.78 -8.97
CA ASP B 279 39.34 63.49 -10.21
C ASP B 279 38.16 64.37 -10.65
N GLN B 280 36.92 63.84 -10.58
CA GLN B 280 35.71 64.63 -10.85
C GLN B 280 35.68 65.86 -9.98
N LEU B 281 36.09 65.70 -8.71
CA LEU B 281 35.98 66.74 -7.70
C LEU B 281 37.11 67.75 -7.83
N LYS B 282 38.28 67.34 -8.36
CA LYS B 282 39.31 68.31 -8.69
C LYS B 282 38.84 69.26 -9.79
N ASP B 283 38.02 68.77 -10.74
CA ASP B 283 37.46 69.59 -11.80
C ASP B 283 36.64 70.74 -11.21
N TYR B 284 35.67 70.43 -10.35
CA TYR B 284 34.82 71.45 -9.73
C TYR B 284 35.56 72.39 -8.77
N LEU B 285 36.80 72.06 -8.33
CA LEU B 285 37.50 72.85 -7.32
C LEU B 285 38.43 73.89 -7.94
N ASP B 286 38.86 73.67 -9.19
CA ASP B 286 39.72 74.60 -9.89
C ASP B 286 38.87 75.74 -10.49
N GLN B 287 37.55 75.50 -10.60
CA GLN B 287 36.60 76.46 -11.14
C GLN B 287 36.17 77.49 -10.09
N ILE B 288 36.10 77.08 -8.81
CA ILE B 288 35.75 77.99 -7.73
C ILE B 288 37.02 78.73 -7.28
N SER C 2 26.84 46.44 38.18
CA SER C 2 25.98 47.25 37.26
C SER C 2 24.63 47.57 37.92
N SER C 3 24.13 46.72 38.85
CA SER C 3 22.85 46.98 39.51
C SER C 3 22.88 48.25 40.39
N ARG C 4 24.06 48.72 40.80
CA ARG C 4 24.20 49.98 41.54
C ARG C 4 23.98 51.21 40.66
N TYR C 5 24.02 51.06 39.33
CA TYR C 5 23.84 52.16 38.38
C TYR C 5 22.42 52.13 37.78
N ASP C 6 21.57 51.21 38.29
CA ASP C 6 20.16 51.09 37.92
C ASP C 6 19.44 52.30 38.53
N SER C 7 18.56 52.91 37.74
CA SER C 7 17.82 54.12 38.04
C SER C 7 16.49 53.82 38.75
N ARG C 8 15.91 52.65 38.44
CA ARG C 8 14.82 52.05 39.17
C ARG C 8 13.52 52.75 38.74
N THR C 9 13.29 52.70 37.42
CA THR C 9 12.29 53.51 36.73
C THR C 9 10.88 53.08 37.16
N THR C 10 10.73 51.82 37.57
CA THR C 10 9.41 51.24 37.83
C THR C 10 9.13 51.07 39.32
N THR C 11 9.97 51.65 40.19
CA THR C 11 9.93 51.51 41.65
C THR C 11 9.20 52.69 42.27
N PHE C 12 8.05 52.46 42.99
CA PHE C 12 7.41 53.48 43.83
C PHE C 12 8.46 54.16 44.70
N SER C 13 8.15 55.41 45.05
CA SER C 13 8.95 56.24 45.92
C SER C 13 8.11 56.62 47.14
N PRO C 14 8.74 57.12 48.24
CA PRO C 14 8.08 57.24 49.54
C PRO C 14 6.89 58.19 49.65
N GLU C 15 5.86 57.97 48.83
CA GLU C 15 4.63 58.72 48.95
C GLU C 15 3.59 58.21 47.94
N GLY C 16 3.91 57.09 47.28
CA GLY C 16 3.02 56.49 46.30
C GLY C 16 3.05 57.21 44.96
N ARG C 17 4.27 57.56 44.54
CA ARG C 17 4.49 58.47 43.44
C ARG C 17 5.55 57.85 42.54
N LEU C 18 5.28 57.89 41.23
CA LEU C 18 6.15 57.34 40.22
C LEU C 18 6.86 58.50 39.53
N TYR C 19 8.07 58.82 40.00
CA TYR C 19 8.68 60.08 39.64
C TYR C 19 8.80 60.17 38.12
N GLN C 20 9.28 59.09 37.48
CA GLN C 20 9.44 59.13 36.04
C GLN C 20 8.13 59.41 35.30
N VAL C 21 6.97 59.00 35.83
CA VAL C 21 5.65 59.34 35.26
C VAL C 21 5.39 60.84 35.37
N GLU C 22 5.84 61.42 36.46
CA GLU C 22 5.64 62.83 36.77
C GLU C 22 6.52 63.75 35.95
N TYR C 23 7.82 63.43 35.87
CA TYR C 23 8.79 64.19 35.07
C TYR C 23 8.44 64.11 33.58
N ALA C 24 7.94 62.96 33.12
CA ALA C 24 7.52 62.82 31.73
C ALA C 24 6.30 63.70 31.45
N GLU C 25 5.46 63.98 32.47
CA GLU C 25 4.32 64.87 32.28
C GLU C 25 4.81 66.32 32.20
N GLU C 26 5.89 66.66 32.92
CA GLU C 26 6.44 68.01 32.82
C GLU C 26 6.88 68.27 31.38
N ALA C 27 7.59 67.31 30.78
CA ALA C 27 8.03 67.36 29.38
C ALA C 27 6.89 67.72 28.42
N ILE C 28 5.67 67.27 28.68
CA ILE C 28 4.53 67.57 27.83
C ILE C 28 4.08 69.02 28.00
N SER C 29 4.19 69.55 29.21
CA SER C 29 3.82 70.92 29.46
C SER C 29 4.74 71.90 28.72
N GLN C 30 6.00 71.51 28.43
CA GLN C 30 6.96 72.32 27.69
C GLN C 30 6.72 72.35 26.17
N ALA C 31 5.86 71.45 25.68
CA ALA C 31 5.71 71.16 24.26
C ALA C 31 4.74 72.14 23.59
N GLY C 32 4.72 72.16 22.26
CA GLY C 32 3.82 73.07 21.55
C GLY C 32 2.37 72.85 21.97
N THR C 33 1.61 73.95 22.04
CA THR C 33 0.19 73.92 22.37
C THR C 33 -0.62 73.11 21.34
N VAL C 34 -1.57 72.36 21.85
CA VAL C 34 -2.44 71.55 21.03
C VAL C 34 -3.84 71.73 21.59
N ILE C 35 -4.82 72.00 20.74
CA ILE C 35 -6.16 72.15 21.26
C ILE C 35 -7.13 71.23 20.55
N GLY C 36 -8.08 70.69 21.29
CA GLY C 36 -9.19 69.94 20.74
C GLY C 36 -10.52 70.58 21.11
N ILE C 37 -11.43 70.68 20.13
CA ILE C 37 -12.80 71.08 20.38
C ILE C 37 -13.86 70.16 19.76
N LEU C 38 -14.83 69.75 20.56
CA LEU C 38 -15.98 68.98 20.10
C LEU C 38 -17.08 69.91 19.59
N THR C 39 -17.57 69.69 18.37
CA THR C 39 -18.68 70.47 17.87
C THR C 39 -19.79 69.52 17.44
N THR C 40 -20.87 70.07 16.89
CA THR C 40 -22.02 69.26 16.51
C THR C 40 -21.74 68.58 15.17
N GLY C 41 -20.86 69.19 14.40
CA GLY C 41 -20.60 68.72 13.05
C GLY C 41 -19.21 68.10 12.92
N GLY C 42 -18.56 67.78 14.04
CA GLY C 42 -17.24 67.16 13.98
C GLY C 42 -16.29 67.62 15.09
N VAL C 43 -15.10 67.05 15.09
CA VAL C 43 -14.11 67.42 16.07
C VAL C 43 -13.09 68.28 15.36
N VAL C 44 -12.52 69.27 16.06
CA VAL C 44 -11.45 70.11 15.52
C VAL C 44 -10.20 69.95 16.35
N LEU C 45 -9.06 69.71 15.71
CA LEU C 45 -7.78 69.70 16.38
C LEU C 45 -6.90 70.80 15.82
N GLY C 46 -6.32 71.64 16.67
CA GLY C 46 -5.45 72.73 16.21
C GLY C 46 -4.15 72.68 16.99
N ALA C 47 -3.04 73.04 16.36
CA ALA C 47 -1.73 72.97 16.97
C ALA C 47 -0.87 74.12 16.48
N GLU C 48 -0.13 74.74 17.40
CA GLU C 48 0.93 75.70 17.11
C GLU C 48 2.12 74.96 16.50
N LYS C 49 2.86 75.57 15.57
CA LYS C 49 4.12 74.98 15.11
C LYS C 49 5.32 75.85 15.51
N GLY C 50 6.52 75.24 15.44
CA GLY C 50 7.78 75.96 15.60
C GLY C 50 7.91 77.12 14.63
N VAL C 51 9.03 77.85 14.69
CA VAL C 51 9.17 79.06 13.88
C VAL C 51 9.76 78.69 12.52
N GLN C 52 9.19 79.31 11.46
CA GLN C 52 9.35 78.85 10.09
C GLN C 52 10.60 79.45 9.45
N ASN C 53 11.63 78.60 9.31
CA ASN C 53 12.88 78.87 8.65
C ASN C 53 12.64 78.88 7.13
N SER C 54 13.20 79.86 6.42
CA SER C 54 13.09 79.91 4.96
C SER C 54 13.51 78.57 4.33
N LEU C 55 14.48 77.91 4.96
CA LEU C 55 15.17 76.76 4.39
C LEU C 55 14.44 75.41 4.62
N PHE C 56 13.35 75.36 5.39
CA PHE C 56 12.54 74.16 5.45
C PHE C 56 12.03 73.75 4.07
N ASP C 57 11.57 72.50 3.99
CA ASP C 57 11.03 71.97 2.76
C ASP C 57 9.91 71.05 3.15
N SER C 58 9.11 70.71 2.15
CA SER C 58 8.05 69.73 2.26
C SER C 58 8.65 68.37 1.96
N GLU C 59 8.05 67.31 2.52
CA GLU C 59 8.26 65.93 2.08
C GLU C 59 7.65 65.69 0.69
N ASN C 60 6.68 66.49 0.31
CA ASN C 60 5.98 66.34 -0.96
C ASN C 60 5.32 64.94 -1.06
N MET C 61 4.44 64.62 -0.11
CA MET C 61 3.80 63.31 -0.08
C MET C 61 2.64 63.29 -1.08
N GLU C 62 2.42 62.14 -1.74
CA GLU C 62 1.30 62.04 -2.67
C GLU C 62 -0.06 62.35 -2.00
N ASP C 63 -0.28 62.01 -0.71
CA ASP C 63 -1.56 62.34 -0.05
C ASP C 63 -1.32 63.24 1.15
N LYS C 64 -2.08 64.35 1.20
CA LYS C 64 -1.83 65.44 2.12
C LYS C 64 -2.63 65.30 3.43
N ASN C 65 -3.64 64.42 3.47
CA ASN C 65 -4.50 64.25 4.64
C ASN C 65 -4.14 63.02 5.46
N ILE C 66 -2.86 62.75 5.64
CA ILE C 66 -2.47 61.60 6.45
C ILE C 66 -1.56 62.10 7.59
N SER C 67 -0.83 63.18 7.36
CA SER C 67 0.09 63.70 8.37
C SER C 67 0.51 65.11 8.03
N GLY C 68 0.30 66.00 8.99
CA GLY C 68 1.00 67.26 9.04
C GLY C 68 2.20 67.15 9.98
N GLU C 69 2.57 68.30 10.55
CA GLU C 69 3.61 68.37 11.54
C GLU C 69 3.09 67.80 12.86
N LYS C 70 1.78 67.87 13.11
CA LYS C 70 1.28 67.48 14.41
C LYS C 70 0.04 66.58 14.35
N MET C 71 -0.63 66.53 13.21
CA MET C 71 -1.88 65.80 13.11
C MET C 71 -1.60 64.50 12.41
N TYR C 72 -2.16 63.40 12.89
CA TYR C 72 -1.99 62.13 12.23
C TYR C 72 -3.31 61.41 12.10
N LYS C 73 -3.54 60.84 10.94
CA LYS C 73 -4.56 59.83 10.78
C LYS C 73 -4.13 58.54 11.48
N ILE C 74 -5.09 57.91 12.18
CA ILE C 74 -4.89 56.55 12.69
C ILE C 74 -5.72 55.56 11.86
N ALA C 75 -6.91 55.95 11.48
CA ALA C 75 -7.79 55.23 10.61
C ALA C 75 -8.85 56.21 10.12
N SER C 76 -9.76 55.81 9.28
CA SER C 76 -10.55 56.81 8.58
C SER C 76 -11.60 57.45 9.47
N HIS C 77 -11.82 56.90 10.67
CA HIS C 77 -12.72 57.50 11.65
C HIS C 77 -11.95 57.93 12.89
N ILE C 78 -10.61 58.05 12.85
CA ILE C 78 -9.86 58.49 14.03
C ILE C 78 -8.60 59.20 13.64
N GLY C 79 -8.36 60.34 14.26
CA GLY C 79 -7.13 61.07 14.06
C GLY C 79 -6.57 61.59 15.37
N CYS C 80 -5.39 62.18 15.36
CA CYS C 80 -4.91 62.73 16.61
C CYS C 80 -3.86 63.83 16.50
N SER C 81 -3.58 64.44 17.64
CA SER C 81 -2.47 65.36 17.76
C SER C 81 -1.69 64.99 19.01
N VAL C 82 -0.41 65.33 19.03
CA VAL C 82 0.49 64.87 20.07
C VAL C 82 1.13 66.09 20.65
N ALA C 83 1.57 65.95 21.92
CA ALA C 83 2.48 66.88 22.56
C ALA C 83 3.51 66.08 23.32
N GLY C 84 4.78 66.49 23.28
CA GLY C 84 5.83 65.74 23.94
C GLY C 84 6.85 65.16 22.99
N VAL C 85 7.60 64.13 23.44
CA VAL C 85 8.75 63.62 22.72
C VAL C 85 8.35 63.04 21.34
N THR C 86 8.72 63.75 20.26
CA THR C 86 8.22 63.43 18.92
C THR C 86 8.42 61.95 18.52
N SER C 87 9.65 61.44 18.69
CA SER C 87 9.95 60.05 18.32
C SER C 87 9.14 59.04 19.15
N ASP C 88 8.88 59.38 20.42
CA ASP C 88 8.00 58.57 21.26
C ASP C 88 6.61 58.56 20.66
N ALA C 89 6.12 59.72 20.18
CA ALA C 89 4.81 59.73 19.55
C ALA C 89 4.73 58.81 18.33
N TYR C 90 5.76 58.78 17.48
CA TYR C 90 5.76 57.94 16.29
C TYR C 90 5.74 56.47 16.69
N ALA C 91 6.47 56.04 17.72
CA ALA C 91 6.31 54.64 18.13
C ALA C 91 4.89 54.30 18.54
N LEU C 92 4.19 55.19 19.22
CA LEU C 92 2.87 54.84 19.68
C LEU C 92 1.85 54.96 18.56
N LEU C 93 2.04 55.92 17.69
CA LEU C 93 1.14 56.03 16.54
C LEU C 93 1.21 54.79 15.64
N ASN C 94 2.38 54.18 15.44
CA ASN C 94 2.45 52.90 14.77
C ASN C 94 1.67 51.85 15.56
N TYR C 95 1.76 51.86 16.87
CA TYR C 95 1.07 50.87 17.67
C TYR C 95 -0.44 50.97 17.44
N ALA C 96 -0.94 52.20 17.44
CA ALA C 96 -2.35 52.46 17.27
C ALA C 96 -2.87 52.16 15.86
N ARG C 97 -2.07 52.51 14.83
CA ARG C 97 -2.46 52.20 13.46
C ARG C 97 -2.61 50.68 13.28
N LEU C 98 -1.67 49.96 13.83
CA LEU C 98 -1.64 48.51 13.72
C LEU C 98 -2.79 47.90 14.52
N SER C 99 -3.16 48.44 15.68
CA SER C 99 -4.26 47.88 16.45
C SER C 99 -5.59 48.16 15.81
N ALA C 100 -5.73 49.33 15.19
CA ALA C 100 -7.00 49.70 14.57
C ALA C 100 -7.26 48.81 13.38
N ASN C 101 -6.20 48.47 12.66
CA ASN C 101 -6.30 47.65 11.46
C ASN C 101 -6.44 46.18 11.76
N ARG C 102 -5.80 45.68 12.83
CA ARG C 102 -6.12 44.36 13.33
C ARG C 102 -7.61 44.22 13.62
N HIS C 103 -8.26 45.26 14.18
CA HIS C 103 -9.64 45.10 14.58
C HIS C 103 -10.51 45.01 13.32
N HIS C 104 -10.22 45.86 12.34
CA HIS C 104 -10.86 45.72 11.05
C HIS C 104 -10.60 44.31 10.46
N TYR C 105 -9.39 43.79 10.64
CA TYR C 105 -9.14 42.49 10.10
C TYR C 105 -10.05 41.46 10.73
N THR C 106 -10.23 41.52 12.02
CA THR C 106 -10.96 40.51 12.71
C THR C 106 -12.48 40.69 12.58
N TYR C 107 -13.03 41.87 12.85
CA TYR C 107 -14.47 42.05 12.88
C TYR C 107 -15.04 42.69 11.63
N GLN C 108 -14.19 43.04 10.65
CA GLN C 108 -14.56 43.82 9.48
C GLN C 108 -15.50 44.99 9.81
N GLU C 109 -15.16 45.73 10.86
CA GLU C 109 -15.92 46.89 11.25
C GLU C 109 -14.92 47.85 11.91
N PRO C 110 -15.15 49.17 11.91
CA PRO C 110 -14.21 50.12 12.52
C PRO C 110 -14.13 50.06 14.04
N MET C 111 -12.92 50.11 14.58
CA MET C 111 -12.78 50.00 16.01
C MET C 111 -13.43 51.22 16.66
N ALA C 112 -14.12 51.03 17.78
CA ALA C 112 -14.65 52.16 18.53
C ALA C 112 -13.53 52.99 19.15
N ALA C 113 -13.71 54.31 19.18
CA ALA C 113 -12.61 55.21 19.54
C ALA C 113 -12.20 55.05 21.00
N GLU C 114 -13.13 54.64 21.87
CA GLU C 114 -12.76 54.40 23.25
C GLU C 114 -11.96 53.11 23.41
N ASP C 115 -12.35 52.06 22.71
CA ASP C 115 -11.61 50.81 22.63
C ASP C 115 -10.17 51.09 22.15
N LEU C 116 -9.99 51.97 21.15
CA LEU C 116 -8.65 52.26 20.60
C LEU C 116 -7.80 52.93 21.66
N CYS C 117 -8.46 53.84 22.35
CA CYS C 117 -7.83 54.65 23.36
C CYS C 117 -7.34 53.85 24.55
N ARG C 118 -8.17 52.90 25.00
CA ARG C 118 -7.78 51.93 26.00
C ARG C 118 -6.54 51.14 25.57
N LEU C 119 -6.48 50.63 24.33
CA LEU C 119 -5.29 49.86 23.95
C LEU C 119 -4.07 50.75 24.02
N LEU C 120 -4.22 52.00 23.66
CA LEU C 120 -3.09 52.90 23.61
C LEU C 120 -2.50 53.11 25.00
N CYS C 121 -3.41 53.36 25.95
CA CYS C 121 -3.11 53.69 27.33
C CYS C 121 -2.59 52.51 28.10
N ASP C 122 -3.08 51.29 27.78
CA ASP C 122 -2.53 50.06 28.32
C ASP C 122 -1.09 49.86 27.92
N GLU C 123 -0.74 50.14 26.66
CA GLU C 123 0.65 50.08 26.25
C GLU C 123 1.49 51.02 27.11
N LYS C 124 0.97 52.19 27.47
CA LYS C 124 1.77 53.16 28.20
C LYS C 124 2.01 52.66 29.64
N GLN C 125 0.94 52.15 30.26
CA GLN C 125 0.92 51.69 31.63
C GLN C 125 1.92 50.56 31.74
N LEU C 126 2.08 49.79 30.68
CA LEU C 126 3.00 48.66 30.74
C LEU C 126 4.44 49.10 31.03
N TYR C 127 4.93 50.18 30.43
CA TYR C 127 6.24 50.70 30.78
C TYR C 127 6.29 51.39 32.16
N THR C 128 5.16 51.56 32.88
CA THR C 128 5.23 52.10 34.23
C THR C 128 5.39 50.98 35.29
N GLN C 129 4.98 49.75 34.98
CA GLN C 129 5.03 48.68 35.98
C GLN C 129 6.20 47.71 35.74
N TYR C 130 6.33 47.19 34.50
CA TYR C 130 7.32 46.20 34.10
C TYR C 130 8.44 46.92 33.34
N GLY C 131 9.68 46.39 33.42
CA GLY C 131 10.66 46.42 32.32
C GLY C 131 11.88 47.35 32.49
N GLY C 132 12.08 48.01 33.65
CA GLY C 132 13.33 48.74 33.89
C GLY C 132 13.70 49.86 32.89
N VAL C 133 12.79 50.31 32.02
CA VAL C 133 13.09 51.40 31.09
C VAL C 133 12.14 52.59 31.32
N ARG C 134 12.51 53.77 30.80
CA ARG C 134 11.69 54.97 30.95
C ARG C 134 10.31 54.74 30.34
N PRO C 135 9.31 55.50 30.80
CA PRO C 135 8.02 55.58 30.10
C PRO C 135 8.01 56.46 28.85
N PHE C 136 6.99 56.27 28.00
CA PHE C 136 6.73 57.15 26.87
C PHE C 136 6.34 58.54 27.39
N GLY C 137 6.98 59.56 26.82
CA GLY C 137 6.77 60.95 27.22
C GLY C 137 5.82 61.69 26.29
N VAL C 138 4.62 61.14 26.09
CA VAL C 138 3.65 61.66 25.12
C VAL C 138 2.26 61.87 25.73
N SER C 139 1.57 62.89 25.27
CA SER C 139 0.15 62.98 25.54
C SER C 139 -0.59 63.11 24.21
N PHE C 140 -1.74 62.47 24.03
CA PHE C 140 -2.46 62.50 22.77
C PHE C 140 -3.81 63.16 22.91
N LEU C 141 -4.32 63.81 21.87
CA LEU C 141 -5.73 64.04 21.74
C LEU C 141 -6.35 63.25 20.60
N LEU C 142 -7.31 62.37 20.88
CA LEU C 142 -7.90 61.53 19.86
C LEU C 142 -9.23 62.13 19.48
N ALA C 143 -9.44 62.33 18.19
CA ALA C 143 -10.75 62.65 17.70
C ALA C 143 -11.34 61.44 17.00
N GLY C 144 -12.59 61.11 17.28
CA GLY C 144 -13.16 59.86 16.88
C GLY C 144 -14.62 59.99 16.45
N TRP C 145 -15.04 59.09 15.56
CA TRP C 145 -16.45 58.93 15.34
C TRP C 145 -16.76 57.45 15.33
N ASP C 146 -17.72 57.01 16.13
CA ASP C 146 -18.31 55.69 16.02
C ASP C 146 -19.81 55.75 16.25
N ARG C 147 -20.48 54.66 15.89
CA ARG C 147 -21.93 54.62 15.93
C ARG C 147 -22.44 54.43 17.37
N HIS C 148 -21.57 54.02 18.28
CA HIS C 148 -21.99 53.83 19.65
C HIS C 148 -22.21 55.20 20.29
N HIS C 149 -21.30 56.15 20.04
CA HIS C 149 -21.17 57.35 20.85
C HIS C 149 -21.05 58.67 20.08
N GLY C 150 -21.17 58.66 18.75
CA GLY C 150 -20.95 59.86 17.95
C GLY C 150 -19.52 60.44 18.05
N TYR C 151 -19.40 61.74 17.80
CA TYR C 151 -18.13 62.42 17.94
C TYR C 151 -17.65 62.39 19.40
N GLN C 152 -16.35 62.18 19.51
CA GLN C 152 -15.71 61.95 20.78
C GLN C 152 -14.33 62.53 20.68
N LEU C 153 -13.90 63.16 21.75
CA LEU C 153 -12.58 63.71 21.89
C LEU C 153 -11.99 63.20 23.17
N TYR C 154 -10.75 62.71 23.14
CA TYR C 154 -10.13 62.04 24.28
C TYR C 154 -8.78 62.67 24.53
N HIS C 155 -8.31 62.55 25.77
CA HIS C 155 -6.97 62.94 26.12
C HIS C 155 -6.31 61.83 26.89
N THR C 156 -5.04 61.64 26.63
CA THR C 156 -4.32 60.50 27.12
C THR C 156 -3.08 61.03 27.78
N ASP C 157 -2.77 60.58 28.99
CA ASP C 157 -1.73 61.26 29.73
C ASP C 157 -0.61 60.25 29.99
N THR C 158 0.54 60.69 30.49
CA THR C 158 1.65 59.78 30.53
C THR C 158 1.43 58.57 31.44
N SER C 159 0.41 58.59 32.32
CA SER C 159 0.20 57.56 33.33
C SER C 159 -0.46 56.36 32.70
N GLY C 160 -1.03 56.59 31.53
CA GLY C 160 -1.86 55.60 30.90
C GLY C 160 -3.31 55.82 31.30
N ASN C 161 -3.63 57.05 31.67
CA ASN C 161 -4.98 57.47 31.97
C ASN C 161 -5.61 58.21 30.80
N TYR C 162 -6.94 58.21 30.72
CA TYR C 162 -7.61 58.91 29.66
C TYR C 162 -8.99 59.33 30.07
N ASN C 163 -9.48 60.35 29.39
CA ASN C 163 -10.69 60.99 29.83
C ASN C 163 -11.28 61.71 28.62
N ALA C 164 -12.59 61.91 28.64
CA ALA C 164 -13.26 62.53 27.51
C ALA C 164 -13.53 63.98 27.85
N TRP C 165 -13.69 64.77 26.81
CA TRP C 165 -13.75 66.21 26.93
C TRP C 165 -14.59 66.76 25.81
N ARG C 166 -14.97 68.02 25.99
CA ARG C 166 -15.69 68.78 25.01
C ARG C 166 -14.74 69.84 24.43
N ALA C 167 -13.76 70.24 25.25
CA ALA C 167 -12.64 70.99 24.74
C ALA C 167 -11.45 70.85 25.68
N TYR C 168 -10.27 70.85 25.10
CA TYR C 168 -9.13 70.63 25.93
C TYR C 168 -7.90 71.21 25.25
N ALA C 169 -6.85 71.36 26.06
CA ALA C 169 -5.60 71.91 25.62
C ALA C 169 -4.43 71.27 26.37
N ILE C 170 -3.41 70.84 25.63
CA ILE C 170 -2.21 70.29 26.24
C ILE C 170 -1.06 71.14 25.73
N GLY C 171 0.11 70.99 26.34
CA GLY C 171 1.27 71.79 25.97
C GLY C 171 1.37 73.13 26.70
N GLN C 172 2.30 73.97 26.20
CA GLN C 172 2.79 75.19 26.83
C GLN C 172 1.76 75.91 27.70
N ASN C 173 0.81 76.63 27.07
CA ASN C 173 0.04 77.61 27.80
C ASN C 173 -1.37 77.07 27.99
N ASP C 174 -1.47 75.90 28.63
CA ASP C 174 -2.69 75.12 28.59
C ASP C 174 -3.70 75.61 29.64
N GLN C 175 -3.24 76.29 30.70
CA GLN C 175 -4.14 76.90 31.68
C GLN C 175 -4.79 78.12 31.07
N VAL C 176 -3.97 78.97 30.42
CA VAL C 176 -4.47 80.13 29.71
C VAL C 176 -5.49 79.70 28.64
N ALA C 177 -5.26 78.54 28.03
CA ALA C 177 -6.10 78.09 26.93
C ALA C 177 -7.42 77.51 27.45
N GLN C 178 -7.39 76.76 28.57
CA GLN C 178 -8.60 76.16 29.12
C GLN C 178 -9.53 77.25 29.63
N SER C 179 -8.93 78.33 30.19
CA SER C 179 -9.63 79.52 30.66
C SER C 179 -10.51 80.09 29.55
N LEU C 180 -9.98 80.12 28.32
CA LEU C 180 -10.67 80.74 27.21
C LEU C 180 -11.75 79.83 26.64
N LEU C 181 -11.48 78.53 26.55
CA LEU C 181 -12.42 77.60 25.96
C LEU C 181 -13.64 77.50 26.88
N LYS C 182 -13.34 77.40 28.19
CA LYS C 182 -14.32 77.38 29.27
C LYS C 182 -15.35 78.50 29.10
N ARG C 183 -14.85 79.72 28.85
CA ARG C 183 -15.70 80.87 28.61
C ARG C 183 -16.53 80.67 27.34
N ASP C 184 -15.89 80.33 26.21
CA ASP C 184 -16.50 80.56 24.90
C ASP C 184 -17.07 79.30 24.24
N TRP C 185 -16.89 78.11 24.81
CA TRP C 185 -17.46 76.89 24.25
C TRP C 185 -18.96 76.88 24.55
N LYS C 186 -19.72 76.20 23.70
CA LYS C 186 -21.15 76.07 23.89
C LYS C 186 -21.62 74.87 23.07
N PRO C 187 -22.71 74.18 23.48
CA PRO C 187 -23.08 72.90 22.88
C PRO C 187 -23.80 72.94 21.53
N GLU C 188 -23.68 74.05 20.79
CA GLU C 188 -24.49 74.23 19.59
C GLU C 188 -23.63 74.67 18.40
N LEU C 189 -22.30 74.50 18.53
CA LEU C 189 -21.33 75.02 17.57
C LEU C 189 -21.45 74.30 16.23
N THR C 190 -21.38 75.08 15.14
CA THR C 190 -21.06 74.54 13.83
C THR C 190 -19.58 74.18 13.80
N LEU C 191 -19.17 73.48 12.72
CA LEU C 191 -17.77 73.10 12.57
C LEU C 191 -16.94 74.30 12.12
N ASP C 192 -17.55 75.29 11.45
CA ASP C 192 -16.84 76.49 11.02
C ASP C 192 -16.57 77.44 12.19
N GLU C 193 -17.48 77.48 13.18
CA GLU C 193 -17.32 78.28 14.39
C GLU C 193 -16.28 77.66 15.31
N GLY C 194 -16.42 76.35 15.49
CA GLY C 194 -15.45 75.54 16.22
C GLY C 194 -14.03 75.77 15.71
N ILE C 195 -13.86 75.87 14.37
CA ILE C 195 -12.55 76.17 13.80
C ILE C 195 -12.09 77.58 14.21
N VAL C 196 -12.99 78.57 14.09
CA VAL C 196 -12.69 79.94 14.47
C VAL C 196 -12.19 79.96 15.91
N LEU C 197 -13.00 79.39 16.81
CA LEU C 197 -12.73 79.42 18.24
C LEU C 197 -11.34 78.83 18.52
N CYS C 198 -11.00 77.75 17.83
CA CYS C 198 -9.66 77.19 17.89
C CYS C 198 -8.57 78.20 17.50
N LEU C 199 -8.83 79.02 16.47
CA LEU C 199 -7.81 79.93 15.95
C LEU C 199 -7.59 81.10 16.92
N ARG C 200 -8.68 81.58 17.53
CA ARG C 200 -8.61 82.64 18.51
C ARG C 200 -7.76 82.20 19.70
N VAL C 201 -8.00 80.97 20.15
CA VAL C 201 -7.35 80.44 21.34
C VAL C 201 -5.86 80.25 21.07
N LEU C 202 -5.48 79.98 19.82
CA LEU C 202 -4.07 79.85 19.46
C LEU C 202 -3.46 81.23 19.30
N GLY C 203 -4.24 82.16 18.74
CA GLY C 203 -3.82 83.55 18.61
C GLY C 203 -3.50 84.22 19.95
N LYS C 204 -4.15 83.77 21.03
CA LYS C 204 -4.00 84.39 22.34
C LYS C 204 -2.96 83.66 23.19
N THR C 205 -2.44 82.53 22.70
CA THR C 205 -1.42 81.78 23.43
C THR C 205 -0.06 81.89 22.74
N MET C 206 -0.05 82.24 21.45
CA MET C 206 1.17 82.48 20.71
C MET C 206 1.63 83.91 20.99
N ASP C 207 0.65 84.82 21.14
CA ASP C 207 0.85 86.20 21.54
C ASP C 207 1.12 87.06 20.30
N THR C 208 0.17 87.04 19.36
CA THR C 208 0.22 87.84 18.15
C THR C 208 -1.18 88.39 17.84
N VAL C 209 -1.22 89.57 17.20
CA VAL C 209 -2.47 90.27 16.91
C VAL C 209 -3.08 89.69 15.62
N LYS C 210 -2.24 89.49 14.60
CA LYS C 210 -2.64 88.84 13.35
C LYS C 210 -2.24 87.37 13.39
N LEU C 211 -3.15 86.50 12.95
CA LEU C 211 -2.92 85.06 12.91
C LEU C 211 -2.09 84.70 11.69
N SER C 212 -0.81 84.36 11.93
CA SER C 212 0.06 83.88 10.88
C SER C 212 -0.41 82.48 10.48
N ALA C 213 -0.85 82.32 9.22
CA ALA C 213 -1.42 81.07 8.74
C ALA C 213 -0.35 79.99 8.59
N GLU C 214 0.93 80.40 8.65
CA GLU C 214 2.05 79.50 8.49
C GLU C 214 2.53 78.98 9.84
N ARG C 215 1.88 79.39 10.94
CA ARG C 215 2.25 78.95 12.29
C ARG C 215 1.16 78.07 12.91
N LEU C 216 0.18 77.68 12.09
CA LEU C 216 -1.03 77.03 12.52
C LEU C 216 -1.18 75.74 11.73
N GLU C 217 -1.70 74.71 12.40
CA GLU C 217 -2.16 73.51 11.74
C GLU C 217 -3.56 73.21 12.22
N VAL C 218 -4.46 72.88 11.32
CA VAL C 218 -5.77 72.50 11.80
C VAL C 218 -6.18 71.23 11.10
N ALA C 219 -6.85 70.35 11.83
CA ALA C 219 -7.41 69.15 11.24
C ALA C 219 -8.80 68.98 11.78
N VAL C 220 -9.69 68.37 10.96
CA VAL C 220 -11.07 68.12 11.34
C VAL C 220 -11.45 66.66 11.10
N LEU C 221 -12.11 66.07 12.07
CA LEU C 221 -12.73 64.78 11.93
C LEU C 221 -14.20 65.05 11.76
N HIS C 222 -14.71 64.86 10.54
CA HIS C 222 -16.10 65.09 10.25
C HIS C 222 -16.66 64.04 9.32
N LYS C 223 -17.90 64.23 8.91
CA LYS C 223 -18.56 63.32 8.01
C LYS C 223 -18.79 64.03 6.68
N VAL C 224 -18.83 63.23 5.61
CA VAL C 224 -18.98 63.69 4.25
C VAL C 224 -19.89 62.68 3.59
N PRO C 225 -20.54 63.00 2.44
CA PRO C 225 -21.45 62.04 1.81
C PRO C 225 -20.64 60.84 1.32
N ALA C 226 -21.24 59.66 1.47
CA ALA C 226 -20.59 58.40 1.19
C ALA C 226 -20.34 58.28 -0.31
N PRO C 227 -19.17 57.71 -0.72
CA PRO C 227 -18.87 57.55 -2.14
C PRO C 227 -19.73 56.47 -2.81
N ALA C 228 -19.37 56.16 -4.06
CA ALA C 228 -19.97 55.10 -4.86
C ALA C 228 -20.47 53.94 -4.00
N THR C 229 -21.64 53.41 -4.38
CA THR C 229 -22.13 52.14 -3.87
C THR C 229 -21.94 51.09 -4.97
N GLN C 230 -20.95 50.20 -4.78
CA GLN C 230 -20.61 49.18 -5.77
C GLN C 230 -21.48 47.94 -5.58
N LYS C 231 -22.76 48.03 -5.94
CA LYS C 231 -23.70 46.97 -5.67
C LYS C 231 -23.48 45.77 -6.59
N LEU C 232 -22.64 45.89 -7.62
CA LEU C 232 -22.41 44.78 -8.54
C LEU C 232 -21.27 43.93 -8.03
N LEU C 233 -20.20 44.56 -7.53
CA LEU C 233 -19.07 43.81 -6.94
C LEU C 233 -19.38 43.36 -5.51
N GLU C 234 -20.40 43.89 -4.85
CA GLU C 234 -20.76 43.50 -3.48
C GLU C 234 -22.26 43.59 -3.32
N PRO C 235 -23.05 42.55 -3.68
CA PRO C 235 -24.50 42.70 -3.62
C PRO C 235 -25.08 42.76 -2.21
N TYR C 236 -24.29 42.45 -1.21
CA TYR C 236 -24.77 42.56 0.16
C TYR C 236 -23.89 43.59 0.90
N GLY C 237 -23.27 44.49 0.16
CA GLY C 237 -22.70 45.69 0.75
C GLY C 237 -23.80 46.70 1.13
N VAL C 238 -23.65 47.35 2.29
CA VAL C 238 -24.52 48.45 2.64
C VAL C 238 -23.65 49.54 3.25
N LEU C 239 -23.71 50.73 2.65
CA LEU C 239 -23.02 51.88 3.18
C LEU C 239 -24.04 52.87 3.75
N PRO C 240 -23.66 53.60 4.80
CA PRO C 240 -24.54 54.65 5.32
C PRO C 240 -24.48 55.85 4.38
N LYS C 241 -25.40 56.81 4.53
CA LYS C 241 -25.42 58.02 3.71
C LYS C 241 -24.08 58.76 3.80
N THR C 242 -23.52 58.81 5.02
CA THR C 242 -22.35 59.60 5.36
C THR C 242 -21.26 58.69 5.94
N VAL C 243 -19.99 59.09 5.81
CA VAL C 243 -18.90 58.39 6.49
C VAL C 243 -17.90 59.38 7.07
N PRO C 244 -17.14 59.01 8.12
CA PRO C 244 -16.18 59.92 8.73
C PRO C 244 -15.00 60.11 7.79
N GLU C 245 -14.39 61.29 7.88
CA GLU C 245 -13.18 61.63 7.16
C GLU C 245 -12.28 62.39 8.13
N PHE C 246 -10.98 62.24 8.01
CA PHE C 246 -10.05 63.07 8.75
C PHE C 246 -9.33 63.93 7.73
N LYS C 247 -9.34 65.24 7.96
CA LYS C 247 -8.91 66.20 6.96
C LYS C 247 -7.95 67.20 7.57
N ILE C 248 -6.83 67.44 6.91
CA ILE C 248 -5.83 68.39 7.38
C ILE C 248 -5.89 69.67 6.56
N LEU C 249 -6.76 70.60 6.95
CA LEU C 249 -7.09 71.81 6.20
C LEU C 249 -5.85 72.53 5.70
N ARG C 250 -5.86 72.90 4.41
CA ARG C 250 -4.77 73.64 3.77
C ARG C 250 -5.02 75.15 3.90
N GLU C 251 -4.10 75.98 3.40
CA GLU C 251 -4.19 77.44 3.54
C GLU C 251 -5.40 78.02 2.79
N THR C 252 -5.79 77.38 1.70
CA THR C 252 -6.88 77.89 0.85
C THR C 252 -8.26 77.72 1.52
N ASP C 253 -8.36 76.88 2.56
CA ASP C 253 -9.57 76.67 3.34
C ASP C 253 -9.53 77.49 4.66
N LEU C 254 -8.33 77.90 5.09
CA LEU C 254 -8.13 78.72 6.28
C LEU C 254 -8.15 80.22 5.97
N LYS C 255 -8.43 80.63 4.71
CA LYS C 255 -8.40 82.04 4.36
C LYS C 255 -9.67 82.72 4.87
N PRO C 256 -10.91 82.23 4.58
CA PRO C 256 -12.12 82.84 5.12
C PRO C 256 -12.36 82.61 6.63
N LEU C 257 -11.43 81.90 7.29
CA LEU C 257 -11.56 81.50 8.68
C LEU C 257 -10.51 82.18 9.56
N ILE C 258 -9.36 82.57 8.98
CA ILE C 258 -8.40 83.46 9.63
C ILE C 258 -8.90 84.90 9.51
N ALA C 259 -9.77 85.15 8.52
CA ALA C 259 -10.41 86.44 8.35
C ALA C 259 -11.53 86.65 9.38
N GLU C 260 -12.30 85.60 9.71
CA GLU C 260 -13.40 85.70 10.65
C GLU C 260 -12.91 85.65 12.11
N ALA C 261 -11.61 85.34 12.33
CA ALA C 261 -11.02 85.33 13.66
C ALA C 261 -10.30 86.65 13.95
N ASP C 262 -10.06 87.46 12.91
CA ASP C 262 -9.45 88.78 13.03
C ASP C 262 -10.53 89.88 13.07
N ARG C 263 -11.77 89.57 12.64
CA ARG C 263 -12.91 90.48 12.81
C ARG C 263 -13.55 90.28 14.19
N GLN C 264 -13.23 89.15 14.84
CA GLN C 264 -13.68 88.88 16.20
C GLN C 264 -12.56 89.25 17.18
N ARG C 265 -11.40 89.71 16.66
CA ARG C 265 -10.24 90.12 17.46
C ARG C 265 -10.17 91.64 17.57
N GLU C 266 -10.72 92.34 16.56
CA GLU C 266 -10.76 93.79 16.49
C GLU C 266 -12.04 94.32 17.16
N ALA C 267 -13.17 93.59 16.96
CA ALA C 267 -14.42 93.89 17.65
C ALA C 267 -14.34 93.43 19.10
N GLU C 268 -13.12 93.19 19.59
CA GLU C 268 -12.84 92.97 21.00
C GLU C 268 -11.48 93.65 21.33
N SER D 2 15.57 41.44 29.18
CA SER D 2 14.59 41.15 30.26
C SER D 2 15.12 41.70 31.59
N TYR D 3 14.21 42.29 32.37
CA TYR D 3 14.59 42.92 33.62
C TYR D 3 13.99 42.11 34.77
N ASP D 4 14.86 41.82 35.75
CA ASP D 4 14.65 40.73 36.68
C ASP D 4 15.00 41.22 38.08
N ARG D 5 15.25 42.52 38.21
CA ARG D 5 15.71 43.05 39.48
C ARG D 5 14.66 42.68 40.52
N ALA D 6 15.13 42.52 41.75
CA ALA D 6 14.26 42.38 42.90
C ALA D 6 13.85 43.78 43.35
N ILE D 7 12.56 44.10 43.18
CA ILE D 7 12.03 45.40 43.56
C ILE D 7 11.43 45.34 44.96
N THR D 8 10.49 44.43 45.22
CA THR D 8 9.87 44.38 46.53
C THR D 8 10.68 43.47 47.48
N VAL D 9 11.40 44.08 48.45
CA VAL D 9 12.21 43.36 49.43
C VAL D 9 11.97 43.85 50.86
N PHE D 10 12.38 43.02 51.83
CA PHE D 10 12.23 43.31 53.24
C PHE D 10 13.31 44.30 53.57
N SER D 11 13.04 45.03 54.64
CA SER D 11 14.01 45.97 55.13
C SER D 11 13.97 45.89 56.66
N PRO D 12 14.94 46.49 57.38
CA PRO D 12 15.15 46.24 58.80
C PRO D 12 14.08 46.45 59.87
N ASP D 13 12.88 45.90 59.68
CA ASP D 13 11.95 45.59 60.76
C ASP D 13 10.70 44.89 60.21
N GLY D 14 10.83 44.21 59.05
CA GLY D 14 9.75 43.42 58.49
C GLY D 14 8.84 44.23 57.57
N HIS D 15 9.37 45.38 57.15
CA HIS D 15 8.69 46.30 56.28
C HIS D 15 8.97 45.93 54.81
N LEU D 16 7.90 45.78 54.02
CA LEU D 16 7.97 45.84 52.56
C LEU D 16 7.55 47.22 52.05
N PHE D 17 8.53 48.10 51.76
CA PHE D 17 8.24 49.50 51.47
C PHE D 17 7.46 49.63 50.17
N GLN D 18 7.81 48.84 49.15
CA GLN D 18 7.02 48.97 47.93
C GLN D 18 5.55 48.80 48.28
N VAL D 19 5.19 47.83 49.15
CA VAL D 19 3.77 47.60 49.47
C VAL D 19 3.17 48.77 50.23
N GLU D 20 3.91 49.32 51.20
CA GLU D 20 3.45 50.47 51.98
C GLU D 20 3.11 51.70 51.12
N TYR D 21 4.03 52.01 50.22
CA TYR D 21 3.93 53.17 49.35
C TYR D 21 2.83 52.94 48.33
N ALA D 22 2.63 51.69 47.89
CA ALA D 22 1.40 51.39 47.14
C ALA D 22 0.14 51.74 47.95
N GLN D 23 0.16 51.56 49.26
CA GLN D 23 -1.03 51.78 50.07
C GLN D 23 -1.14 53.28 50.33
N GLU D 24 -0.03 54.03 50.30
CA GLU D 24 -0.03 55.49 50.32
C GLU D 24 -0.75 56.06 49.11
N ALA D 25 -0.36 55.60 47.92
CA ALA D 25 -1.07 55.90 46.68
C ALA D 25 -2.57 55.62 46.76
N VAL D 26 -3.00 54.60 47.50
CA VAL D 26 -4.44 54.38 47.64
C VAL D 26 -5.04 55.48 48.52
N ARG D 27 -4.29 55.98 49.50
CA ARG D 27 -4.84 56.96 50.42
C ARG D 27 -5.07 58.31 49.74
N LYS D 28 -4.34 58.58 48.66
CA LYS D 28 -4.47 59.84 47.96
C LYS D 28 -5.60 59.77 46.93
N GLY D 29 -5.95 58.56 46.49
CA GLY D 29 -7.00 58.36 45.50
C GLY D 29 -8.39 58.75 46.02
N LEU D 30 -9.32 58.97 45.09
CA LEU D 30 -10.66 59.45 45.42
C LEU D 30 -11.39 58.42 46.25
N CYS D 31 -12.34 58.87 47.07
CA CYS D 31 -13.03 57.99 47.99
C CYS D 31 -14.07 57.11 47.30
N ALA D 32 -14.13 55.84 47.72
CA ALA D 32 -15.15 54.91 47.27
C ALA D 32 -15.76 54.17 48.46
N VAL D 33 -17.03 53.82 48.29
CA VAL D 33 -17.82 53.23 49.35
C VAL D 33 -18.69 52.10 48.80
N GLY D 34 -18.84 51.05 49.61
CA GLY D 34 -19.75 49.94 49.33
C GLY D 34 -20.62 49.69 50.56
N VAL D 35 -21.86 49.30 50.31
CA VAL D 35 -22.82 49.12 51.39
C VAL D 35 -23.75 47.99 50.99
N ARG D 36 -23.80 46.99 51.85
CA ARG D 36 -24.56 45.80 51.57
C ARG D 36 -25.90 45.89 52.30
N GLY D 37 -26.99 45.87 51.51
CA GLY D 37 -28.35 45.77 52.05
C GLY D 37 -28.81 44.32 52.16
N LYS D 38 -30.13 44.17 52.32
CA LYS D 38 -30.85 42.91 52.28
C LYS D 38 -30.58 42.19 50.96
N ASP D 39 -30.82 42.89 49.85
CA ASP D 39 -30.81 42.28 48.53
C ASP D 39 -30.32 43.27 47.48
N SER D 40 -29.42 44.18 47.87
CA SER D 40 -28.87 45.16 46.96
C SER D 40 -27.50 45.57 47.47
N ILE D 41 -26.61 45.87 46.53
CA ILE D 41 -25.30 46.36 46.92
C ILE D 41 -25.21 47.77 46.33
N ILE D 42 -24.63 48.71 47.06
CA ILE D 42 -24.52 50.05 46.53
C ILE D 42 -23.05 50.46 46.48
N PHE D 43 -22.55 50.74 45.28
CA PHE D 43 -21.21 51.25 45.11
C PHE D 43 -21.35 52.74 44.83
N ALA D 44 -20.57 53.58 45.53
CA ALA D 44 -20.60 55.02 45.35
C ALA D 44 -19.19 55.58 45.39
N VAL D 45 -18.89 56.37 44.37
CA VAL D 45 -17.57 56.93 44.23
C VAL D 45 -17.67 58.44 44.04
N GLU D 46 -16.58 59.10 44.44
CA GLU D 46 -16.34 60.51 44.25
C GLU D 46 -15.69 60.66 42.87
N LYS D 47 -16.17 61.64 42.06
CA LYS D 47 -15.52 62.04 40.82
C LYS D 47 -14.68 63.30 41.05
N LYS D 48 -13.66 63.50 40.19
CA LYS D 48 -12.64 64.51 40.37
C LYS D 48 -13.24 65.84 40.80
N SER D 49 -14.01 66.46 39.90
CA SER D 49 -14.52 67.81 40.09
C SER D 49 -15.34 68.21 38.87
N VAL D 50 -16.48 68.88 39.11
CA VAL D 50 -17.39 69.28 38.05
C VAL D 50 -16.72 70.32 37.17
N GLN D 51 -16.73 70.09 35.85
CA GLN D 51 -16.23 71.06 34.89
C GLN D 51 -17.26 71.24 33.79
N LYS D 52 -17.18 72.39 33.12
CA LYS D 52 -18.03 72.67 31.98
C LYS D 52 -17.59 71.79 30.82
N LEU D 53 -16.29 71.45 30.81
CA LEU D 53 -15.62 70.87 29.65
C LEU D 53 -15.61 69.34 29.66
N GLN D 54 -15.30 68.71 30.80
CA GLN D 54 -15.56 67.29 31.03
C GLN D 54 -16.80 66.85 30.28
N ASP D 55 -16.84 65.60 29.85
CA ASP D 55 -17.92 65.15 28.99
C ASP D 55 -19.06 64.67 29.87
N SER D 56 -20.27 65.19 29.61
CA SER D 56 -21.48 64.87 30.36
C SER D 56 -21.62 63.35 30.53
N ARG D 57 -21.66 62.60 29.42
CA ARG D 57 -21.43 61.16 29.47
C ARG D 57 -20.00 60.96 29.93
N THR D 58 -19.79 60.98 31.26
CA THR D 58 -18.46 60.78 31.81
C THR D 58 -18.07 59.32 31.66
N ILE D 59 -16.75 59.07 31.67
CA ILE D 59 -16.21 57.72 31.77
C ILE D 59 -16.62 57.17 33.13
N ARG D 60 -16.90 55.86 33.17
CA ARG D 60 -17.32 55.17 34.38
C ARG D 60 -16.09 54.67 35.16
N LYS D 61 -16.13 54.80 36.49
CA LYS D 61 -15.08 54.38 37.41
C LYS D 61 -15.53 53.21 38.32
N ILE D 62 -16.66 52.62 37.92
CA ILE D 62 -17.24 51.40 38.45
C ILE D 62 -17.40 50.45 37.26
N TYR D 63 -16.71 49.32 37.32
CA TYR D 63 -16.66 48.43 36.19
C TYR D 63 -17.47 47.20 36.49
N LYS D 64 -18.06 46.63 35.40
CA LYS D 64 -18.75 45.34 35.39
C LYS D 64 -17.70 44.26 35.19
N LEU D 65 -17.68 43.21 36.01
CA LEU D 65 -16.80 42.09 35.70
C LEU D 65 -17.56 40.96 35.02
N ASP D 66 -18.86 40.85 35.25
CA ASP D 66 -19.70 39.83 34.65
C ASP D 66 -21.13 40.22 34.97
N GLU D 67 -22.13 39.44 34.54
CA GLU D 67 -23.51 39.87 34.60
C GLU D 67 -23.98 40.19 36.03
N HIS D 68 -23.17 39.84 37.04
CA HIS D 68 -23.66 39.86 38.41
C HIS D 68 -22.55 40.28 39.40
N ILE D 69 -21.53 41.00 38.93
CA ILE D 69 -20.37 41.33 39.75
C ILE D 69 -19.80 42.66 39.28
N TYR D 70 -19.74 43.64 40.19
CA TYR D 70 -19.14 44.94 39.93
C TYR D 70 -17.92 45.14 40.81
N LEU D 71 -17.12 46.12 40.40
CA LEU D 71 -15.89 46.53 41.04
C LEU D 71 -15.82 48.04 41.04
N ALA D 72 -15.42 48.63 42.16
CA ALA D 72 -14.98 50.02 42.23
C ALA D 72 -13.65 49.99 42.89
N PHE D 73 -12.84 51.02 42.72
CA PHE D 73 -11.49 51.01 43.24
C PHE D 73 -11.14 52.39 43.75
N ALA D 74 -9.95 52.48 44.34
CA ALA D 74 -9.27 53.71 44.66
C ALA D 74 -7.79 53.51 44.45
N GLY D 75 -7.09 54.54 44.01
CA GLY D 75 -5.66 54.44 43.72
C GLY D 75 -5.35 54.78 42.26
N LEU D 76 -4.24 54.27 41.76
CA LEU D 76 -3.83 54.50 40.38
C LEU D 76 -4.85 53.93 39.40
N SER D 77 -5.53 54.82 38.68
CA SER D 77 -6.66 54.39 37.85
C SER D 77 -6.20 53.49 36.71
N ALA D 78 -4.99 53.70 36.20
CA ALA D 78 -4.49 52.89 35.10
C ALA D 78 -4.12 51.48 35.56
N ASP D 79 -3.50 51.35 36.72
CA ASP D 79 -3.25 50.05 37.29
C ASP D 79 -4.53 49.27 37.46
N ALA D 80 -5.63 49.96 37.76
CA ALA D 80 -6.87 49.32 38.12
C ALA D 80 -7.59 48.75 36.90
N ARG D 81 -7.49 49.51 35.81
CA ARG D 81 -7.97 49.11 34.51
C ARG D 81 -7.28 47.81 34.08
N VAL D 82 -5.99 47.66 34.37
CA VAL D 82 -5.31 46.41 34.08
C VAL D 82 -5.93 45.31 34.93
N LEU D 83 -6.02 45.59 36.23
CA LEU D 83 -6.61 44.63 37.14
C LEU D 83 -7.99 44.21 36.68
N VAL D 84 -8.88 45.15 36.30
CA VAL D 84 -10.24 44.84 35.81
C VAL D 84 -10.23 43.94 34.55
N ASN D 85 -9.38 44.24 33.57
CA ASN D 85 -9.10 43.32 32.48
C ASN D 85 -8.80 41.89 32.89
N HIS D 86 -7.79 41.66 33.72
CA HIS D 86 -7.53 40.31 34.19
C HIS D 86 -8.81 39.68 34.76
N ALA D 87 -9.64 40.47 35.45
CA ALA D 87 -10.76 39.85 36.14
C ALA D 87 -11.88 39.45 35.17
N GLN D 88 -12.09 40.29 34.16
CA GLN D 88 -13.02 39.97 33.07
C GLN D 88 -12.57 38.71 32.32
N LEU D 89 -11.30 38.65 31.91
CA LEU D 89 -10.79 37.39 31.40
C LEU D 89 -11.10 36.22 32.32
N GLU D 90 -10.75 36.33 33.59
CA GLU D 90 -10.93 35.22 34.52
C GLU D 90 -12.37 34.75 34.54
N CYS D 91 -13.37 35.64 34.59
CA CYS D 91 -14.74 35.16 34.66
C CYS D 91 -15.13 34.37 33.42
N GLN D 92 -14.64 34.77 32.27
CA GLN D 92 -15.04 34.13 31.03
C GLN D 92 -14.29 32.82 30.93
N ARG D 93 -12.99 32.81 31.24
CA ARG D 93 -12.26 31.55 31.37
C ARG D 93 -13.04 30.53 32.21
N PHE D 94 -13.60 30.96 33.32
CA PHE D 94 -14.29 30.05 34.20
C PHE D 94 -15.56 29.51 33.51
N ARG D 95 -16.34 30.37 32.86
CA ARG D 95 -17.51 29.84 32.16
C ARG D 95 -17.11 28.71 31.19
N LEU D 96 -16.03 28.93 30.48
CA LEU D 96 -15.51 28.01 29.48
C LEU D 96 -14.99 26.72 30.10
N ASN D 97 -14.32 26.77 31.26
CA ASN D 97 -13.86 25.57 31.93
C ASN D 97 -14.91 24.84 32.79
N TYR D 98 -16.06 25.42 33.09
CA TYR D 98 -16.88 24.83 34.16
C TYR D 98 -18.35 25.11 33.91
N GLU D 99 -18.65 25.85 32.85
CA GLU D 99 -19.99 26.07 32.34
C GLU D 99 -20.76 27.04 33.24
N ASP D 100 -20.78 26.81 34.56
CA ASP D 100 -21.40 27.70 35.53
C ASP D 100 -20.68 29.06 35.59
N ALA D 101 -21.37 30.06 36.19
CA ALA D 101 -20.86 31.41 36.36
C ALA D 101 -20.09 31.52 37.66
N VAL D 102 -18.95 32.22 37.58
CA VAL D 102 -18.05 32.30 38.71
C VAL D 102 -18.78 32.95 39.89
N ASP D 103 -18.50 32.42 41.07
CA ASP D 103 -18.87 33.02 42.34
C ASP D 103 -18.02 34.27 42.62
N VAL D 104 -18.66 35.28 43.14
CA VAL D 104 -17.95 36.43 43.68
C VAL D 104 -16.76 36.02 44.55
N ASP D 105 -16.93 35.10 45.51
CA ASP D 105 -15.87 34.87 46.50
C ASP D 105 -14.64 34.27 45.82
N LEU D 106 -14.89 33.48 44.79
CA LEU D 106 -13.84 32.90 43.96
C LEU D 106 -13.14 33.99 43.16
N LEU D 107 -13.91 34.90 42.56
CA LEU D 107 -13.31 35.91 41.74
C LEU D 107 -12.45 36.84 42.57
N VAL D 108 -12.84 37.03 43.83
CA VAL D 108 -12.08 37.88 44.73
C VAL D 108 -10.71 37.28 45.04
N ARG D 109 -10.62 35.96 45.23
CA ARG D 109 -9.34 35.31 45.53
C ARG D 109 -8.43 35.31 44.33
N TYR D 110 -8.99 35.25 43.12
CA TYR D 110 -8.22 35.36 41.90
C TYR D 110 -7.57 36.75 41.88
N VAL D 111 -8.36 37.79 42.08
CA VAL D 111 -7.84 39.15 42.02
C VAL D 111 -6.81 39.35 43.11
N ALA D 112 -7.16 38.99 44.33
CA ALA D 112 -6.25 39.18 45.43
C ALA D 112 -4.92 38.48 45.20
N LYS D 113 -4.91 37.36 44.47
CA LYS D 113 -3.67 36.62 44.26
C LYS D 113 -2.88 37.28 43.16
N VAL D 114 -3.55 37.87 42.18
CA VAL D 114 -2.86 38.74 41.24
C VAL D 114 -2.16 39.90 41.96
N GLN D 115 -2.77 40.49 42.98
CA GLN D 115 -2.09 41.55 43.70
C GLN D 115 -0.90 41.01 44.48
N GLN D 116 -1.06 39.86 45.13
CA GLN D 116 -0.02 39.27 45.98
C GLN D 116 1.21 38.93 45.13
N LYS D 117 1.00 38.47 43.92
CA LYS D 117 2.09 37.99 43.11
C LYS D 117 2.93 39.18 42.70
N SER D 118 2.29 40.31 42.48
CA SER D 118 3.00 41.51 42.08
C SER D 118 3.87 42.05 43.22
N THR D 119 3.72 41.53 44.46
CA THR D 119 4.58 41.90 45.58
C THR D 119 5.80 40.97 45.70
N GLN D 120 5.87 39.92 44.86
CA GLN D 120 6.95 38.94 44.98
C GLN D 120 7.67 38.68 43.64
N SER D 121 7.10 39.16 42.52
CA SER D 121 7.63 38.86 41.18
C SER D 121 8.68 39.91 40.79
N SER D 122 9.96 39.48 40.87
CA SER D 122 11.11 40.15 40.27
C SER D 122 10.73 40.79 38.93
N GLY D 123 11.26 42.00 38.70
CA GLY D 123 11.01 42.70 37.45
C GLY D 123 9.90 43.76 37.54
N SER D 124 9.05 43.68 38.58
CA SER D 124 7.78 44.36 38.61
C SER D 124 7.55 44.99 39.98
N ARG D 125 6.85 46.12 39.98
CA ARG D 125 6.37 46.76 41.19
C ARG D 125 4.96 46.28 41.46
N PRO D 126 4.45 46.40 42.70
CA PRO D 126 3.05 46.15 43.04
C PRO D 126 2.04 47.09 42.40
N TYR D 127 0.82 46.62 42.11
CA TYR D 127 -0.24 47.53 41.75
C TYR D 127 -0.50 48.52 42.87
N GLY D 128 -0.94 49.72 42.50
CA GLY D 128 -1.32 50.70 43.52
C GLY D 128 -2.82 50.93 43.58
N VAL D 129 -3.52 49.90 44.00
CA VAL D 129 -4.96 49.88 43.87
C VAL D 129 -5.55 49.13 45.05
N SER D 130 -6.71 49.59 45.55
CA SER D 130 -7.57 48.76 46.37
C SER D 130 -8.87 48.61 45.64
N THR D 131 -9.58 47.50 45.84
CA THR D 131 -10.84 47.27 45.16
C THR D 131 -11.95 46.99 46.17
N ILE D 132 -13.15 47.31 45.77
CA ILE D 132 -14.32 46.83 46.43
C ILE D 132 -15.15 46.02 45.43
N ILE D 133 -15.37 44.75 45.72
CA ILE D 133 -16.04 43.88 44.77
C ILE D 133 -17.27 43.29 45.44
N GLY D 134 -18.40 43.41 44.75
CA GLY D 134 -19.67 42.98 45.29
C GLY D 134 -20.41 42.18 44.25
N GLY D 135 -21.17 41.17 44.69
CA GLY D 135 -22.01 40.43 43.78
C GLY D 135 -22.82 39.39 44.50
N PHE D 136 -23.59 38.63 43.72
CA PHE D 136 -24.50 37.64 44.29
C PHE D 136 -24.02 36.23 43.97
N ASN D 137 -24.45 35.28 44.80
CA ASN D 137 -24.47 33.85 44.45
C ASN D 137 -25.62 33.59 43.47
N GLU D 138 -25.85 32.32 43.11
CA GLU D 138 -27.02 31.94 42.32
C GLU D 138 -28.17 31.55 43.27
N ASN D 139 -27.99 31.83 44.58
CA ASN D 139 -29.01 31.64 45.60
C ASN D 139 -29.43 32.99 46.21
N GLY D 140 -28.90 34.09 45.64
CA GLY D 140 -29.48 35.41 45.78
C GLY D 140 -29.02 36.19 47.00
N GLN D 141 -27.91 35.78 47.62
CA GLN D 141 -27.44 36.37 48.86
C GLN D 141 -26.21 37.27 48.60
N PRO D 142 -26.28 38.59 48.83
CA PRO D 142 -25.14 39.48 48.54
C PRO D 142 -23.83 39.35 49.32
N HIS D 143 -22.72 39.67 48.64
CA HIS D 143 -21.41 39.68 49.24
C HIS D 143 -20.60 40.92 48.85
N LEU D 144 -19.85 41.49 49.80
CA LEU D 144 -19.04 42.65 49.53
C LEU D 144 -17.62 42.42 50.03
N TRP D 145 -16.65 42.51 49.10
CA TRP D 145 -15.26 42.25 49.48
C TRP D 145 -14.37 43.46 49.22
N LYS D 146 -13.33 43.61 50.02
CA LYS D 146 -12.33 44.60 49.74
C LYS D 146 -10.96 43.91 49.56
N THR D 147 -10.12 44.40 48.63
CA THR D 147 -8.78 43.87 48.43
C THR D 147 -7.78 45.01 48.52
N ASP D 148 -6.60 44.74 49.07
CA ASP D 148 -5.64 45.81 49.24
C ASP D 148 -4.37 45.42 48.51
N PRO D 149 -3.37 46.32 48.36
CA PRO D 149 -2.15 46.04 47.56
C PRO D 149 -1.27 44.86 47.96
N SER D 150 -1.31 44.49 49.25
CA SER D 150 -0.57 43.34 49.77
C SER D 150 -1.12 42.05 49.19
N GLY D 151 -2.43 42.05 48.89
CA GLY D 151 -3.12 40.92 48.32
C GLY D 151 -4.14 40.32 49.29
N MET D 152 -4.29 40.94 50.43
CA MET D 152 -5.18 40.53 51.48
C MET D 152 -6.62 40.89 51.12
N SER D 153 -7.54 39.93 51.16
CA SER D 153 -8.96 40.19 50.92
C SER D 153 -9.76 39.92 52.19
N SER D 154 -11.02 40.39 52.24
CA SER D 154 -11.87 40.29 53.43
C SER D 154 -13.27 40.81 53.15
N ALA D 155 -14.27 40.29 53.84
CA ALA D 155 -15.64 40.60 53.48
C ALA D 155 -16.17 41.60 54.47
N TRP D 156 -17.11 42.47 54.02
CA TRP D 156 -17.62 43.55 54.85
C TRP D 156 -19.10 43.76 54.68
N ARG D 157 -19.70 44.41 55.68
CA ARG D 157 -21.07 44.87 55.60
C ARG D 157 -21.12 46.31 55.07
N ALA D 158 -20.07 47.06 55.31
CA ALA D 158 -19.86 48.25 54.52
C ALA D 158 -18.41 48.67 54.63
N VAL D 159 -17.92 49.49 53.68
CA VAL D 159 -16.49 49.71 53.62
C VAL D 159 -16.18 50.97 52.80
N ALA D 160 -15.11 51.65 53.20
CA ALA D 160 -14.64 52.81 52.49
C ALA D 160 -13.17 52.64 52.14
N ILE D 161 -12.76 53.17 51.01
CA ILE D 161 -11.32 53.18 50.72
C ILE D 161 -10.97 54.54 50.16
N GLY D 162 -9.66 54.75 50.05
CA GLY D 162 -9.12 55.96 49.47
C GLY D 162 -8.98 57.07 50.50
N ARG D 163 -9.22 58.31 50.06
CA ARG D 163 -8.93 59.46 50.89
C ARG D 163 -10.07 59.63 51.89
N ASN D 164 -9.66 59.85 53.16
CA ASN D 164 -10.55 60.02 54.28
C ASN D 164 -11.28 58.70 54.52
N ASP D 165 -10.51 57.61 54.38
CA ASP D 165 -11.00 56.24 54.54
C ASP D 165 -11.43 56.07 55.99
N LYS D 166 -10.55 56.48 56.92
CA LYS D 166 -10.70 56.22 58.34
C LYS D 166 -11.90 57.00 58.91
N THR D 167 -12.10 58.24 58.45
CA THR D 167 -13.21 59.09 58.87
C THR D 167 -14.57 58.55 58.43
N VAL D 168 -14.67 58.13 57.17
CA VAL D 168 -15.92 57.62 56.62
C VAL D 168 -16.25 56.32 57.34
N LEU D 169 -15.21 55.52 57.55
CA LEU D 169 -15.32 54.20 58.15
C LEU D 169 -15.85 54.31 59.58
N GLU D 170 -15.38 55.34 60.33
CA GLU D 170 -15.86 55.66 61.67
C GLU D 170 -17.33 56.08 61.66
N PHE D 171 -17.69 56.99 60.76
CA PHE D 171 -19.09 57.35 60.63
C PHE D 171 -19.95 56.11 60.40
N MET D 172 -19.42 55.14 59.62
CA MET D 172 -20.23 54.02 59.16
C MET D 172 -20.35 52.95 60.24
N GLU D 173 -19.39 52.93 61.20
CA GLU D 173 -19.40 51.97 62.31
C GLU D 173 -20.58 52.25 63.26
N LYS D 174 -20.94 53.53 63.42
CA LYS D 174 -22.06 53.94 64.25
C LYS D 174 -23.38 53.64 63.57
N SER D 175 -23.46 54.05 62.30
CA SER D 175 -24.74 54.35 61.69
C SER D 175 -25.28 53.17 60.88
N TYR D 176 -24.48 52.08 60.76
CA TYR D 176 -24.81 50.98 59.87
C TYR D 176 -25.97 50.17 60.47
N GLN D 177 -26.81 49.58 59.62
CA GLN D 177 -27.98 48.88 60.09
C GLN D 177 -28.23 47.66 59.20
N GLU D 178 -28.57 46.54 59.83
CA GLU D 178 -28.81 45.30 59.13
C GLU D 178 -30.12 45.44 58.34
N ASN D 179 -30.15 44.84 57.14
CA ASN D 179 -31.36 44.65 56.35
C ASN D 179 -31.97 46.00 55.95
N MET D 180 -31.11 46.91 55.48
CA MET D 180 -31.52 48.17 54.88
C MET D 180 -32.16 47.87 53.51
N THR D 181 -33.15 48.68 53.13
CA THR D 181 -33.78 48.60 51.83
C THR D 181 -32.82 49.18 50.78
N ARG D 182 -33.24 49.06 49.51
CA ARG D 182 -32.57 49.66 48.36
C ARG D 182 -32.40 51.17 48.55
N ASP D 183 -33.45 51.88 48.98
CA ASP D 183 -33.46 53.34 49.06
C ASP D 183 -32.67 53.81 50.27
N GLN D 184 -32.80 53.08 51.37
CA GLN D 184 -32.05 53.31 52.59
C GLN D 184 -30.55 53.17 52.32
N CYS D 185 -30.20 52.17 51.51
CA CYS D 185 -28.79 51.86 51.23
C CYS D 185 -28.16 52.99 50.45
N VAL D 186 -28.89 53.54 49.47
CA VAL D 186 -28.42 54.69 48.69
C VAL D 186 -28.26 55.89 49.61
N HIS D 187 -29.29 56.15 50.42
CA HIS D 187 -29.28 57.26 51.35
C HIS D 187 -27.99 57.21 52.17
N PHE D 188 -27.76 56.03 52.75
CA PHE D 188 -26.71 55.83 53.75
C PHE D 188 -25.34 55.95 53.09
N ALA D 189 -25.24 55.48 51.84
CA ALA D 189 -24.01 55.54 51.08
C ALA D 189 -23.64 56.97 50.72
N ILE D 190 -24.63 57.78 50.29
CA ILE D 190 -24.38 59.16 49.91
C ILE D 190 -23.90 59.88 51.15
N LYS D 191 -24.69 59.72 52.23
CA LYS D 191 -24.39 60.35 53.50
C LYS D 191 -22.92 60.10 53.84
N ALA D 192 -22.55 58.82 53.88
CA ALA D 192 -21.20 58.39 54.21
C ALA D 192 -20.14 59.12 53.40
N LEU D 193 -20.43 59.39 52.12
CA LEU D 193 -19.45 59.99 51.22
C LEU D 193 -19.18 61.45 51.55
N LEU D 194 -20.24 62.20 51.89
CA LEU D 194 -20.16 63.65 52.09
C LEU D 194 -19.49 64.00 53.42
N GLU D 195 -18.87 63.03 54.09
CA GLU D 195 -18.00 63.28 55.24
C GLU D 195 -16.59 63.60 54.76
N ALA D 196 -16.26 63.16 53.53
CA ALA D 196 -14.97 63.41 52.91
C ALA D 196 -15.07 64.48 51.81
N VAL D 197 -16.21 64.53 51.12
CA VAL D 197 -16.34 65.28 49.87
C VAL D 197 -17.04 66.62 50.13
N GLU D 198 -16.76 67.58 49.24
CA GLU D 198 -17.18 68.97 49.39
C GLU D 198 -18.69 69.11 49.12
N SER D 199 -19.09 68.98 47.84
CA SER D 199 -20.49 69.09 47.44
C SER D 199 -20.97 67.75 46.89
N GLY D 200 -22.25 67.65 46.54
CA GLY D 200 -22.83 66.40 46.09
C GLY D 200 -23.63 66.54 44.79
N SER D 201 -23.26 67.53 43.96
CA SER D 201 -24.00 67.82 42.74
C SER D 201 -23.73 66.73 41.69
N LYS D 202 -22.56 66.82 41.02
CA LYS D 202 -22.15 65.85 40.02
C LYS D 202 -20.72 65.41 40.29
N ASN D 203 -20.40 65.08 41.55
CA ASN D 203 -19.11 64.47 41.85
C ASN D 203 -19.34 63.16 42.61
N ILE D 204 -20.40 62.44 42.20
CA ILE D 204 -20.74 61.14 42.74
C ILE D 204 -21.35 60.30 41.64
N GLU D 205 -20.76 59.12 41.40
CA GLU D 205 -21.45 58.11 40.60
C GLU D 205 -21.83 56.94 41.50
N LEU D 206 -22.83 56.20 41.08
CA LEU D 206 -23.54 55.31 41.97
C LEU D 206 -24.17 54.14 41.23
N VAL D 207 -23.84 52.92 41.67
CA VAL D 207 -24.44 51.73 41.08
C VAL D 207 -25.30 51.06 42.12
N VAL D 208 -26.48 50.65 41.68
CA VAL D 208 -27.32 49.83 42.50
C VAL D 208 -27.36 48.45 41.88
N LEU D 209 -26.70 47.50 42.55
CA LEU D 209 -26.56 46.16 42.03
C LEU D 209 -27.53 45.28 42.77
N GLU D 210 -28.58 44.88 42.05
CA GLU D 210 -29.62 44.02 42.61
C GLU D 210 -29.39 42.63 42.03
N ASN D 211 -30.11 41.63 42.52
CA ASN D 211 -30.11 40.32 41.90
C ASN D 211 -30.91 40.42 40.61
N LYS D 212 -30.22 40.29 39.47
CA LYS D 212 -30.86 40.18 38.16
C LYS D 212 -31.06 41.57 37.53
N LYS D 213 -30.34 42.58 38.04
CA LYS D 213 -30.38 43.94 37.50
C LYS D 213 -29.16 44.71 37.96
N ALA D 214 -28.86 45.79 37.25
CA ALA D 214 -27.88 46.77 37.66
C ALA D 214 -28.26 48.12 37.04
N LEU D 215 -27.86 49.20 37.70
CA LEU D 215 -28.25 50.53 37.28
C LEU D 215 -27.07 51.46 37.53
N TYR D 216 -26.59 52.15 36.51
CA TYR D 216 -25.77 53.33 36.72
C TYR D 216 -26.69 54.53 36.83
N MET D 217 -27.01 54.92 38.07
CA MET D 217 -28.04 55.90 38.32
C MET D 217 -27.81 57.14 37.46
N GLY D 218 -28.92 57.75 37.01
CA GLY D 218 -28.87 59.00 36.25
C GLY D 218 -28.59 60.20 37.15
N ASP D 219 -28.72 61.40 36.57
CA ASP D 219 -28.45 62.64 37.30
C ASP D 219 -29.76 63.21 37.86
N ASP D 220 -30.92 62.74 37.37
CA ASP D 220 -32.21 63.17 37.93
C ASP D 220 -32.44 62.46 39.27
N GLU D 221 -32.21 61.14 39.30
CA GLU D 221 -32.47 60.36 40.51
C GLU D 221 -31.38 60.60 41.57
N LEU D 222 -30.17 61.02 41.18
CA LEU D 222 -29.05 61.22 42.11
C LEU D 222 -29.10 62.60 42.76
N ARG D 223 -29.68 63.59 42.07
CA ARG D 223 -29.92 64.91 42.62
C ARG D 223 -31.01 64.84 43.70
N LYS D 224 -32.04 64.02 43.43
CA LYS D 224 -33.17 63.82 44.33
C LYS D 224 -32.68 63.36 45.71
N PHE D 225 -31.71 62.44 45.72
CA PHE D 225 -31.19 61.82 46.93
C PHE D 225 -30.19 62.71 47.67
N VAL D 226 -29.40 63.52 46.94
CA VAL D 226 -28.42 64.41 47.55
C VAL D 226 -29.10 65.56 48.29
N VAL D 227 -30.31 65.95 47.85
CA VAL D 227 -31.08 67.02 48.46
C VAL D 227 -31.90 66.48 49.64
N GLU D 228 -32.28 65.20 49.59
CA GLU D 228 -32.90 64.53 50.73
C GLU D 228 -31.88 64.40 51.87
N VAL D 229 -30.58 64.38 51.51
CA VAL D 229 -29.48 64.13 52.43
C VAL D 229 -28.78 65.44 52.84
N GLU D 230 -28.83 66.48 52.01
CA GLU D 230 -28.30 67.79 52.38
C GLU D 230 -29.26 68.48 53.34
N LYS D 231 -30.53 68.04 53.33
CA LYS D 231 -31.59 68.55 54.19
C LYS D 231 -31.48 67.93 55.58
N GLU D 232 -30.92 66.71 55.66
CA GLU D 232 -30.79 65.96 56.90
C GLU D 232 -29.50 66.32 57.63
N ARG D 233 -28.52 66.91 56.93
CA ARG D 233 -27.23 67.24 57.50
C ARG D 233 -27.25 68.60 58.22
N GLU D 234 -28.41 69.25 58.24
CA GLU D 234 -28.57 70.55 58.88
C GLU D 234 -29.34 70.42 60.20
N GLU D 235 -29.32 69.21 60.78
CA GLU D 235 -30.18 68.89 61.92
C GLU D 235 -29.32 68.36 63.06
N GLU E 7 18.49 49.80 51.56
CA GLU E 7 17.43 48.84 51.17
C GLU E 7 17.82 48.16 49.85
N TYR E 8 18.29 48.96 48.89
CA TYR E 8 18.82 48.45 47.64
C TYR E 8 20.35 48.49 47.66
N ASP E 9 20.94 49.04 48.74
CA ASP E 9 22.38 49.15 48.93
C ASP E 9 23.03 47.76 48.94
N ARG E 10 22.32 46.77 49.51
CA ARG E 10 22.77 45.38 49.56
C ARG E 10 21.65 44.46 49.04
N GLY E 11 22.08 43.38 48.39
CA GLY E 11 21.21 42.54 47.60
C GLY E 11 20.46 41.52 48.43
N VAL E 12 19.64 40.77 47.69
CA VAL E 12 18.68 39.83 48.24
C VAL E 12 19.37 38.60 48.84
N ASN E 13 20.59 38.34 48.35
CA ASN E 13 21.43 37.20 48.70
C ASN E 13 22.44 37.53 49.81
N THR E 14 22.90 38.76 49.93
CA THR E 14 23.89 39.11 50.93
C THR E 14 23.75 38.43 52.30
N PHE E 15 24.91 37.97 52.80
CA PHE E 15 25.15 37.45 54.13
C PHE E 15 25.64 38.58 55.01
N SER E 16 25.23 38.54 56.30
CA SER E 16 25.72 39.41 57.38
C SER E 16 27.08 38.95 57.81
N PRO E 17 27.86 39.75 58.53
CA PRO E 17 29.08 39.25 59.15
C PRO E 17 29.04 38.14 60.19
N GLU E 18 27.86 37.65 60.55
CA GLU E 18 27.73 36.50 61.44
C GLU E 18 26.82 35.48 60.77
N GLY E 19 26.81 35.55 59.45
CA GLY E 19 26.41 34.40 58.66
C GLY E 19 24.90 34.27 58.56
N ARG E 20 24.17 35.34 58.94
CA ARG E 20 22.76 35.36 58.59
C ARG E 20 22.51 36.07 57.26
N ILE E 21 21.50 35.61 56.56
CA ILE E 21 21.01 36.26 55.36
C ILE E 21 20.00 37.34 55.75
N PHE E 22 20.26 38.59 55.34
CA PHE E 22 19.48 39.72 55.82
C PHE E 22 18.01 39.54 55.47
N GLN E 23 17.71 39.21 54.21
CA GLN E 23 16.33 39.07 53.83
C GLN E 23 15.58 38.18 54.82
N ILE E 24 16.23 37.09 55.33
CA ILE E 24 15.55 36.13 56.20
C ILE E 24 15.39 36.65 57.62
N GLU E 25 16.40 37.34 58.15
CA GLU E 25 16.21 37.96 59.44
C GLU E 25 15.00 38.89 59.42
N TYR E 26 14.95 39.77 58.41
CA TYR E 26 13.90 40.79 58.39
C TYR E 26 12.56 40.12 58.23
N ALA E 27 12.47 39.01 57.47
CA ALA E 27 11.18 38.34 57.28
C ALA E 27 10.64 37.76 58.59
N ILE E 28 11.53 37.22 59.44
CA ILE E 28 11.20 36.70 60.76
C ILE E 28 10.70 37.82 61.66
N GLU E 29 11.29 39.04 61.57
CA GLU E 29 10.79 40.19 62.32
C GLU E 29 9.33 40.47 61.93
N ALA E 30 9.03 40.31 60.66
CA ALA E 30 7.70 40.54 60.14
C ALA E 30 6.68 39.64 60.82
N ILE E 31 7.05 38.39 61.08
CA ILE E 31 6.13 37.42 61.70
C ILE E 31 5.76 37.80 63.13
N LYS E 32 6.73 38.38 63.86
CA LYS E 32 6.52 38.93 65.19
C LYS E 32 5.40 39.99 65.26
N LEU E 33 5.26 40.86 64.26
CA LEU E 33 4.17 41.84 64.24
C LEU E 33 2.87 41.18 63.83
N GLY E 34 2.78 39.86 63.90
CA GLY E 34 1.55 39.20 63.49
C GLY E 34 0.56 39.03 64.65
N SER E 35 -0.64 38.59 64.31
CA SER E 35 -1.54 38.02 65.30
C SER E 35 -0.78 36.95 66.08
N THR E 36 -1.37 36.48 67.20
CA THR E 36 -0.80 35.35 67.92
C THR E 36 -1.55 34.07 67.54
N SER E 37 -0.80 32.97 67.44
CA SER E 37 -1.37 31.67 67.15
C SER E 37 -0.51 30.60 67.80
N LEU E 38 -1.16 29.48 68.09
CA LEU E 38 -0.51 28.43 68.84
C LEU E 38 -1.17 27.08 68.62
N GLY E 39 -0.38 26.05 68.95
CA GLY E 39 -0.80 24.67 68.95
C GLY E 39 -0.21 23.95 70.16
N ILE E 40 -1.00 23.01 70.68
CA ILE E 40 -0.64 22.18 71.83
C ILE E 40 -0.93 20.71 71.49
N GLN E 41 0.08 19.87 71.78
CA GLN E 41 -0.04 18.42 71.62
C GLN E 41 -0.22 17.73 72.97
N THR E 42 -1.40 17.12 73.14
CA THR E 42 -1.64 16.09 74.14
C THR E 42 -1.17 14.75 73.57
N PRO E 43 -1.39 13.60 74.27
CA PRO E 43 -1.39 12.27 73.63
C PRO E 43 -2.62 11.88 72.82
N ASP E 44 -3.81 12.32 73.26
CA ASP E 44 -5.04 12.03 72.56
C ASP E 44 -5.16 12.86 71.28
N ALA E 45 -4.80 14.14 71.36
CA ALA E 45 -5.15 15.10 70.33
C ALA E 45 -4.10 16.20 70.20
N VAL E 46 -4.29 17.02 69.17
CA VAL E 46 -3.46 18.18 68.93
C VAL E 46 -4.42 19.32 68.66
N VAL E 47 -4.12 20.46 69.30
CA VAL E 47 -5.08 21.57 69.36
C VAL E 47 -4.39 22.80 68.78
N ILE E 48 -5.14 23.54 67.94
CA ILE E 48 -4.61 24.80 67.45
C ILE E 48 -5.62 25.92 67.68
N ALA E 49 -5.08 27.14 67.87
CA ALA E 49 -5.92 28.32 68.08
C ALA E 49 -5.27 29.64 67.64
N ALA E 50 -6.12 30.60 67.29
CA ALA E 50 -5.64 31.94 67.01
C ALA E 50 -6.60 33.04 67.47
N GLU E 51 -5.97 34.16 67.83
CA GLU E 51 -6.50 35.52 67.77
C GLU E 51 -6.92 35.86 66.34
N LYS E 52 -8.12 36.45 66.19
CA LYS E 52 -8.57 36.86 64.87
C LYS E 52 -8.04 38.26 64.53
N ARG E 53 -8.45 39.25 65.31
CA ARG E 53 -8.00 40.63 65.11
C ARG E 53 -8.57 41.19 63.81
N VAL E 54 -9.89 41.45 63.84
CA VAL E 54 -10.59 42.23 62.81
C VAL E 54 -10.23 43.72 62.98
N PRO E 55 -10.13 44.48 61.86
CA PRO E 55 -10.04 45.95 61.92
C PRO E 55 -11.34 46.76 61.96
N SER E 56 -12.48 46.13 62.25
CA SER E 56 -13.69 46.82 62.67
C SER E 56 -14.87 45.85 62.77
N VAL E 57 -16.02 46.38 63.19
CA VAL E 57 -17.22 45.59 63.45
C VAL E 57 -18.12 45.55 62.21
N LEU E 58 -17.61 46.12 61.09
CA LEU E 58 -18.25 46.03 59.78
C LEU E 58 -17.69 44.84 58.98
N VAL E 59 -16.52 44.31 59.37
CA VAL E 59 -16.01 43.07 58.79
C VAL E 59 -16.86 41.87 59.20
N ASP E 60 -17.25 41.02 58.23
CA ASP E 60 -17.81 39.69 58.50
C ASP E 60 -16.68 38.78 58.98
N PRO E 61 -16.72 38.19 60.21
CA PRO E 61 -15.51 37.62 60.79
C PRO E 61 -15.11 36.26 60.18
N SER E 62 -16.11 35.49 59.69
CA SER E 62 -15.91 34.28 58.88
C SER E 62 -14.69 34.39 57.96
N SER E 63 -14.60 35.50 57.22
CA SER E 63 -13.75 35.65 56.05
C SER E 63 -12.27 35.83 56.39
N MET E 64 -11.97 36.01 57.68
CA MET E 64 -10.64 36.34 58.16
C MET E 64 -10.01 35.16 58.94
N ASN E 65 -10.16 33.94 58.41
CA ASN E 65 -9.72 32.74 59.10
C ASN E 65 -8.20 32.66 59.10
N LYS E 66 -7.65 32.29 60.25
CA LYS E 66 -6.23 31.97 60.34
C LYS E 66 -6.01 30.45 60.46
N ILE E 67 -7.10 29.66 60.58
CA ILE E 67 -7.10 28.22 60.51
C ILE E 67 -7.65 27.71 59.17
N LEU E 68 -6.81 26.96 58.44
CA LEU E 68 -7.20 26.39 57.13
C LEU E 68 -6.97 24.89 57.10
N GLU E 69 -7.96 24.13 56.58
CA GLU E 69 -7.81 22.72 56.29
C GLU E 69 -6.90 22.54 55.06
N ILE E 70 -5.78 21.83 55.28
CA ILE E 70 -4.95 21.23 54.24
C ILE E 70 -5.54 19.95 53.70
N ASP E 71 -5.98 19.06 54.58
CA ASP E 71 -6.67 17.86 54.14
C ASP E 71 -7.45 17.36 55.34
N TYR E 72 -8.25 16.31 55.18
CA TYR E 72 -9.14 15.86 56.23
C TYR E 72 -8.49 15.64 57.56
N HIS E 73 -7.21 15.23 57.59
CA HIS E 73 -6.47 14.92 58.81
C HIS E 73 -5.45 15.97 59.18
N MET E 74 -5.43 17.13 58.51
CA MET E 74 -4.49 18.17 58.97
C MET E 74 -4.92 19.58 58.61
N GLY E 75 -4.57 20.47 59.51
CA GLY E 75 -4.94 21.86 59.45
C GLY E 75 -3.80 22.76 59.89
N THR E 76 -3.88 24.00 59.44
CA THR E 76 -2.84 24.96 59.71
C THR E 76 -3.44 26.19 60.35
N VAL E 77 -2.53 26.78 61.11
CA VAL E 77 -2.70 28.11 61.57
C VAL E 77 -1.48 28.95 61.23
N LEU E 78 -1.77 30.10 60.65
CA LEU E 78 -0.70 30.89 60.05
C LEU E 78 -0.46 32.12 60.89
N SER E 79 0.71 32.71 60.76
CA SER E 79 0.96 34.00 61.38
C SER E 79 1.96 34.78 60.55
N GLY E 80 1.75 36.11 60.49
CA GLY E 80 2.50 36.96 59.59
C GLY E 80 1.63 37.38 58.42
N MET E 81 2.23 37.49 57.26
CA MET E 81 1.50 38.07 56.15
C MET E 81 0.49 37.07 55.59
N VAL E 82 -0.79 37.34 55.83
CA VAL E 82 -1.84 36.42 55.44
C VAL E 82 -1.81 36.09 53.95
N ALA E 83 -1.60 37.07 53.09
CA ALA E 83 -1.68 36.82 51.66
C ALA E 83 -0.58 35.89 51.17
N ASP E 84 0.61 35.97 51.77
CA ASP E 84 1.73 35.07 51.49
C ASP E 84 1.39 33.64 51.95
N ALA E 85 0.71 33.52 53.09
CA ALA E 85 0.30 32.23 53.63
C ALA E 85 -0.67 31.53 52.70
N ARG E 86 -1.59 32.27 52.11
CA ARG E 86 -2.45 31.73 51.07
C ARG E 86 -1.64 30.99 50.02
N ILE E 87 -0.49 31.47 49.63
CA ILE E 87 0.28 30.78 48.59
C ILE E 87 0.85 29.44 49.10
N LEU E 88 1.46 29.42 50.30
CA LEU E 88 1.94 28.18 50.92
C LEU E 88 0.82 27.16 51.13
N VAL E 89 -0.35 27.63 51.58
CA VAL E 89 -1.40 26.72 51.99
C VAL E 89 -1.98 26.09 50.72
N GLU E 90 -1.91 26.80 49.59
CA GLU E 90 -2.27 26.25 48.31
C GLU E 90 -1.21 25.24 47.84
N HIS E 91 0.09 25.44 48.02
CA HIS E 91 1.01 24.44 47.53
C HIS E 91 0.76 23.20 48.35
N ALA E 92 0.47 23.35 49.66
CA ALA E 92 0.32 22.21 50.53
C ALA E 92 -0.95 21.38 50.24
N ARG E 93 -2.07 22.00 50.02
CA ARG E 93 -3.22 21.35 49.50
C ARG E 93 -2.91 20.57 48.23
N VAL E 94 -2.09 21.12 47.33
CA VAL E 94 -1.84 20.41 46.07
C VAL E 94 -0.93 19.21 46.32
N GLU E 95 0.12 19.38 47.11
CA GLU E 95 0.97 18.24 47.43
C GLU E 95 0.21 17.11 48.16
N ALA E 96 -0.80 17.47 48.94
CA ALA E 96 -1.37 16.47 49.78
C ALA E 96 -2.26 15.59 48.91
N GLN E 97 -2.76 16.21 47.85
CA GLN E 97 -3.64 15.54 46.94
C GLN E 97 -2.80 14.84 45.89
N ASN E 98 -1.60 15.30 45.57
CA ASN E 98 -0.77 14.51 44.65
C ASN E 98 -0.35 13.20 45.31
N HIS E 99 0.09 13.27 46.54
CA HIS E 99 0.32 12.06 47.27
C HIS E 99 -0.83 11.08 47.18
N ARG E 100 -2.06 11.49 47.50
CA ARG E 100 -3.14 10.54 47.49
C ARG E 100 -3.40 9.99 46.10
N PHE E 101 -3.23 10.86 45.11
CA PHE E 101 -3.34 10.41 43.74
C PHE E 101 -2.32 9.32 43.53
N THR E 102 -1.04 9.55 43.79
CA THR E 102 0.03 8.64 43.38
C THR E 102 0.04 7.40 44.24
N TYR E 103 -0.16 7.46 45.54
CA TYR E 103 -0.01 6.27 46.34
C TYR E 103 -1.19 5.93 47.23
N ASP E 104 -2.34 6.54 46.99
CA ASP E 104 -3.63 6.12 47.53
C ASP E 104 -3.71 6.10 49.04
N GLU E 105 -3.00 7.03 49.68
CA GLU E 105 -3.04 7.11 51.13
C GLU E 105 -2.74 8.54 51.56
N PRO E 106 -3.00 8.92 52.83
CA PRO E 106 -2.76 10.28 53.28
C PRO E 106 -1.28 10.61 53.41
N MET E 107 -0.97 11.84 53.08
CA MET E 107 0.35 12.38 53.27
C MET E 107 0.61 12.41 54.77
N ARG E 108 1.83 12.03 55.15
CA ARG E 108 2.29 12.25 56.51
C ARG E 108 2.39 13.76 56.70
N VAL E 109 2.23 14.16 57.95
CA VAL E 109 2.33 15.53 58.39
C VAL E 109 3.73 16.06 58.24
N GLU E 110 4.72 15.27 58.59
CA GLU E 110 6.09 15.71 58.39
C GLU E 110 6.35 15.93 56.91
N SER E 111 5.86 15.10 56.03
CA SER E 111 6.23 15.28 54.63
C SER E 111 5.68 16.60 54.09
N CYS E 112 4.49 16.96 54.60
CA CYS E 112 3.77 18.16 54.25
C CYS E 112 4.54 19.39 54.72
N ALA E 113 5.04 19.37 55.95
CA ALA E 113 5.90 20.44 56.42
C ALA E 113 7.19 20.53 55.62
N LEU E 114 7.76 19.38 55.26
CA LEU E 114 8.94 19.37 54.42
C LEU E 114 8.66 20.02 53.07
N ALA E 115 7.49 19.72 52.49
CA ALA E 115 7.19 20.15 51.13
C ALA E 115 6.98 21.68 51.12
N THR E 116 6.45 22.22 52.21
CA THR E 116 6.08 23.62 52.30
C THR E 116 7.33 24.46 52.51
N CYS E 117 8.35 23.85 53.10
CA CYS E 117 9.63 24.48 53.33
C CYS E 117 10.53 24.50 52.12
N ASP E 118 10.37 23.55 51.22
CA ASP E 118 11.20 23.56 50.04
C ASP E 118 10.93 24.91 49.36
N LEU E 119 9.64 25.21 49.16
CA LEU E 119 9.14 26.37 48.41
C LEU E 119 9.46 27.71 49.09
N SER E 120 9.63 27.72 50.43
CA SER E 120 9.99 28.92 51.17
C SER E 120 11.28 29.56 50.66
N VAL E 121 12.24 28.76 50.21
CA VAL E 121 13.60 29.25 50.04
C VAL E 121 13.94 29.42 48.57
N ARG E 122 12.94 29.26 47.70
CA ARG E 122 13.09 29.57 46.30
C ARG E 122 13.06 31.08 46.04
N PHE E 123 14.12 31.82 46.41
CA PHE E 123 14.16 33.25 46.13
C PHE E 123 15.59 33.68 45.77
N GLY E 124 15.74 34.75 44.96
CA GLY E 124 17.02 35.28 44.52
C GLY E 124 16.86 36.46 43.56
N LEU E 132 11.94 32.92 39.51
CA LEU E 132 12.35 33.05 40.94
C LEU E 132 11.61 34.24 41.58
N MET E 133 11.56 34.25 42.93
CA MET E 133 10.81 35.25 43.70
C MET E 133 11.77 36.26 44.33
N SER E 134 11.33 37.50 44.46
CA SER E 134 12.21 38.59 44.90
C SER E 134 12.63 38.52 46.37
N ARG E 135 11.90 37.72 47.17
CA ARG E 135 12.01 37.82 48.61
C ARG E 135 11.45 36.55 49.23
N PRO E 136 11.80 36.29 50.48
CA PRO E 136 11.19 35.21 51.24
C PRO E 136 9.70 35.35 51.44
N PHE E 137 9.06 34.31 51.96
CA PHE E 137 7.73 34.50 52.50
C PHE E 137 7.84 35.00 53.96
N GLY E 138 7.08 36.05 54.28
CA GLY E 138 7.01 36.56 55.63
C GLY E 138 5.94 35.87 56.47
N VAL E 139 6.10 34.57 56.68
CA VAL E 139 5.02 33.73 57.13
C VAL E 139 5.57 32.60 57.96
N SER E 140 4.90 32.26 59.06
CA SER E 140 5.19 30.94 59.61
C SER E 140 3.90 30.16 59.84
N LEU E 141 4.04 28.86 59.77
CA LEU E 141 2.92 27.97 59.78
C LEU E 141 3.14 27.00 60.92
N LEU E 142 2.08 26.75 61.67
CA LEU E 142 1.94 25.54 62.45
C LEU E 142 1.03 24.59 61.70
N ILE E 143 1.56 23.41 61.35
CA ILE E 143 0.75 22.34 60.80
C ILE E 143 0.52 21.32 61.89
N ALA E 144 -0.70 20.85 61.93
CA ALA E 144 -1.19 19.96 62.97
C ALA E 144 -1.94 18.82 62.30
N GLY E 145 -1.58 17.57 62.62
CA GLY E 145 -2.48 16.50 62.24
C GLY E 145 -2.07 15.17 62.85
N VAL E 146 -2.93 14.19 62.53
CA VAL E 146 -2.75 12.80 62.90
C VAL E 146 -2.40 12.00 61.66
N ASP E 147 -1.29 11.27 61.71
CA ASP E 147 -1.07 10.12 60.83
C ASP E 147 -0.89 8.86 61.70
N GLU E 148 0.10 8.01 61.39
CA GLU E 148 0.35 6.78 62.14
C GLU E 148 1.16 7.05 63.43
N ASN E 149 1.90 8.17 63.48
CA ASN E 149 2.73 8.54 64.62
C ASN E 149 1.95 9.37 65.64
N GLY E 150 0.62 9.35 65.54
CA GLY E 150 -0.23 10.03 66.49
C GLY E 150 -0.32 11.53 66.19
N PRO E 151 -0.79 12.35 67.16
CA PRO E 151 -1.01 13.75 66.91
C PRO E 151 0.34 14.44 66.81
N GLN E 152 0.47 15.35 65.85
CA GLN E 152 1.75 15.94 65.63
C GLN E 152 1.57 17.45 65.47
N LEU E 153 2.61 18.20 65.80
CA LEU E 153 2.51 19.59 65.50
C LEU E 153 3.84 20.10 65.02
N TRP E 154 3.86 20.58 63.76
CA TRP E 154 5.07 21.10 63.18
C TRP E 154 4.99 22.56 62.86
N GLN E 155 6.15 23.19 62.83
CA GLN E 155 6.28 24.62 62.59
C GLN E 155 7.37 24.85 61.56
N THR E 156 7.00 25.65 60.56
CA THR E 156 7.89 26.08 59.51
C THR E 156 8.08 27.57 59.66
N ASP E 157 9.23 28.08 59.20
CA ASP E 157 9.55 29.50 59.27
C ASP E 157 10.24 29.98 57.98
N PRO E 158 10.42 31.29 57.74
CA PRO E 158 10.99 31.76 56.46
C PRO E 158 12.37 31.23 56.08
N SER E 159 13.19 30.81 57.06
CA SER E 159 14.49 30.19 56.76
C SER E 159 14.30 28.89 56.01
N GLY E 160 13.12 28.30 56.09
CA GLY E 160 12.88 26.97 55.54
C GLY E 160 13.26 25.91 56.56
N THR E 161 13.69 26.27 57.78
CA THR E 161 13.69 25.24 58.80
C THR E 161 12.27 24.86 59.14
N TYR E 162 12.08 23.56 59.40
CA TYR E 162 10.85 23.07 59.98
C TYR E 162 11.20 22.20 61.16
N THR E 163 10.26 22.07 62.10
CA THR E 163 10.58 21.55 63.41
C THR E 163 9.33 21.09 64.14
N ARG E 164 9.46 20.00 64.90
CA ARG E 164 8.34 19.43 65.64
C ARG E 164 8.40 19.93 67.06
N TYR E 165 7.20 20.20 67.60
CA TYR E 165 6.99 20.90 68.84
C TYR E 165 5.88 20.18 69.59
N ASP E 166 5.98 20.15 70.93
CA ASP E 166 4.98 19.60 71.83
C ASP E 166 3.93 20.66 72.09
N ALA E 167 4.39 21.92 72.03
CA ALA E 167 3.51 23.08 72.05
C ALA E 167 4.31 24.34 71.70
N GLN E 168 3.77 25.17 70.80
CA GLN E 168 4.44 26.41 70.41
C GLN E 168 3.44 27.54 70.24
N ALA E 169 3.96 28.77 70.24
CA ALA E 169 3.22 29.90 69.73
C ALA E 169 4.07 30.76 68.80
N ILE E 170 3.38 31.48 67.93
CA ILE E 170 4.03 32.39 67.01
C ILE E 170 3.29 33.72 67.05
N GLY E 171 4.00 34.81 66.81
CA GLY E 171 3.36 36.12 66.71
C GLY E 171 3.82 37.14 67.76
N ALA E 172 2.92 38.11 68.04
CA ALA E 172 3.25 39.22 68.91
C ALA E 172 3.31 38.74 70.36
N GLY E 173 2.34 37.88 70.75
CA GLY E 173 2.30 37.27 72.07
C GLY E 173 3.16 36.01 72.23
N ALA E 174 4.20 35.81 71.41
CA ALA E 174 4.98 34.58 71.43
C ALA E 174 5.74 34.44 72.75
N GLU E 175 6.59 35.43 73.05
CA GLU E 175 7.57 35.35 74.11
C GLU E 175 6.90 35.27 75.49
N ALA E 176 5.69 35.82 75.61
CA ALA E 176 4.88 35.74 76.82
C ALA E 176 4.18 34.37 76.93
N ALA E 177 3.77 33.78 75.80
CA ALA E 177 3.17 32.46 75.79
C ALA E 177 4.20 31.36 76.07
N GLN E 178 5.50 31.63 75.82
CA GLN E 178 6.57 30.70 76.16
C GLN E 178 7.11 30.95 77.57
N THR E 179 6.30 31.57 78.46
CA THR E 179 6.54 31.50 79.89
C THR E 179 5.29 31.03 80.61
N VAL E 180 4.15 30.96 79.91
CA VAL E 180 3.02 30.15 80.38
C VAL E 180 3.22 28.70 79.95
N PHE E 181 4.23 28.42 79.12
CA PHE E 181 4.47 27.05 78.69
C PHE E 181 5.48 26.39 79.64
N ASN E 182 6.61 27.07 79.89
CA ASN E 182 7.66 26.53 80.75
C ASN E 182 7.17 26.42 82.19
N GLU E 183 5.94 26.88 82.46
CA GLU E 183 5.26 26.63 83.72
C GLU E 183 4.24 25.50 83.58
N ILE E 184 3.07 25.78 82.95
CA ILE E 184 1.89 24.93 83.05
C ILE E 184 1.98 23.72 82.10
N TYR E 185 2.83 23.77 81.09
CA TYR E 185 2.84 22.71 80.08
C TYR E 185 3.62 21.52 80.64
N HIS E 186 2.90 20.40 80.85
CA HIS E 186 3.47 19.07 81.00
C HIS E 186 2.97 18.20 79.84
N ARG E 187 3.69 17.09 79.57
CA ARG E 187 3.51 16.30 78.35
C ARG E 187 2.21 15.50 78.38
N ASN E 188 1.56 15.46 79.55
CA ASN E 188 0.73 14.33 79.90
C ASN E 188 -0.70 14.80 80.16
N MET E 189 -1.08 15.92 79.54
CA MET E 189 -2.33 16.60 79.85
C MET E 189 -3.49 15.96 79.07
N THR E 190 -4.72 16.41 79.35
CA THR E 190 -5.90 15.90 78.69
C THR E 190 -6.32 16.86 77.58
N VAL E 191 -7.32 16.48 76.77
CA VAL E 191 -7.93 17.39 75.81
C VAL E 191 -8.23 18.68 76.58
N GLU E 192 -9.09 18.55 77.60
CA GLU E 192 -9.68 19.66 78.35
C GLU E 192 -8.63 20.66 78.80
N GLU E 193 -7.53 20.20 79.40
CA GLU E 193 -6.56 21.09 80.01
C GLU E 193 -5.81 21.91 78.95
N ALA E 194 -5.71 21.39 77.71
CA ALA E 194 -5.06 22.10 76.62
C ALA E 194 -6.02 23.10 75.99
N GLU E 195 -7.29 22.70 75.82
CA GLU E 195 -8.32 23.60 75.29
C GLU E 195 -8.50 24.82 76.18
N THR E 196 -8.17 24.67 77.48
CA THR E 196 -8.31 25.73 78.48
C THR E 196 -7.01 26.54 78.57
N LEU E 197 -5.86 25.84 78.53
CA LEU E 197 -4.54 26.47 78.53
C LEU E 197 -4.38 27.37 77.31
N ALA E 198 -5.06 26.96 76.22
CA ALA E 198 -5.07 27.70 74.96
C ALA E 198 -5.67 29.09 75.20
N VAL E 199 -6.89 29.06 75.72
CA VAL E 199 -7.65 30.28 75.93
C VAL E 199 -7.03 31.10 77.06
N ARG E 200 -6.36 30.46 78.02
CA ARG E 200 -5.68 31.21 79.06
C ARG E 200 -4.64 32.15 78.44
N ILE E 201 -3.92 31.66 77.42
CA ILE E 201 -2.81 32.40 76.85
C ILE E 201 -3.34 33.47 75.90
N LEU E 202 -4.47 33.18 75.25
CA LEU E 202 -5.07 34.15 74.34
C LEU E 202 -5.56 35.36 75.13
N LYS E 203 -6.23 35.11 76.27
CA LYS E 203 -6.67 36.17 77.16
C LYS E 203 -5.46 37.03 77.58
N GLN E 204 -4.39 36.37 78.04
CA GLN E 204 -3.23 37.10 78.51
C GLN E 204 -2.77 38.13 77.46
N VAL E 205 -2.28 37.65 76.30
CA VAL E 205 -1.45 38.45 75.41
C VAL E 205 -2.28 39.22 74.37
N MET E 206 -3.60 38.99 74.34
CA MET E 206 -4.47 39.84 73.55
C MET E 206 -4.49 41.26 74.12
N GLU E 207 -4.92 42.20 73.26
CA GLU E 207 -5.11 43.60 73.63
C GLU E 207 -6.60 43.82 73.95
N GLU E 208 -7.48 43.13 73.21
CA GLU E 208 -8.92 43.26 73.36
C GLU E 208 -9.39 42.46 74.57
N GLU E 209 -10.68 42.63 74.91
CA GLU E 209 -11.40 41.67 75.71
C GLU E 209 -11.71 40.46 74.83
N LEU E 210 -11.76 39.28 75.45
CA LEU E 210 -11.83 38.02 74.73
C LEU E 210 -13.27 37.55 74.64
N THR E 211 -13.66 37.12 73.44
CA THR E 211 -15.03 36.77 73.12
C THR E 211 -15.02 35.58 72.16
N LYS E 212 -16.18 34.94 72.01
CA LYS E 212 -16.33 33.72 71.23
C LYS E 212 -16.14 34.00 69.74
N SER E 213 -16.36 35.24 69.29
CA SER E 213 -16.22 35.62 67.90
C SER E 213 -14.77 35.96 67.56
N ASN E 214 -13.99 36.25 68.61
CA ASN E 214 -12.70 36.91 68.52
C ASN E 214 -11.54 35.89 68.45
N ILE E 215 -11.84 34.59 68.60
CA ILE E 215 -10.84 33.54 68.52
C ILE E 215 -11.42 32.32 67.80
N GLU E 216 -10.48 31.48 67.35
CA GLU E 216 -10.70 30.30 66.53
C GLU E 216 -10.02 29.11 67.22
N ILE E 217 -10.69 27.95 67.26
CA ILE E 217 -10.03 26.77 67.82
C ILE E 217 -10.31 25.52 66.97
N ALA E 218 -9.25 24.71 66.77
CA ALA E 218 -9.42 23.45 66.07
C ALA E 218 -8.64 22.33 66.75
N ILE E 219 -9.21 21.12 66.61
CA ILE E 219 -8.58 19.92 67.13
C ILE E 219 -8.42 18.83 66.04
N VAL E 220 -7.33 18.07 66.15
CA VAL E 220 -7.27 16.77 65.50
C VAL E 220 -7.00 15.71 66.56
N PRO E 221 -8.07 14.98 66.94
CA PRO E 221 -7.95 13.92 67.93
C PRO E 221 -7.46 12.63 67.29
N ALA E 222 -6.57 11.90 67.98
CA ALA E 222 -6.16 10.54 67.62
C ALA E 222 -7.33 9.55 67.57
N SER E 223 -8.45 9.85 68.25
CA SER E 223 -9.60 8.96 68.22
C SER E 223 -10.10 8.72 66.79
N THR E 224 -10.30 9.79 65.99
CA THR E 224 -10.94 9.67 64.68
C THR E 224 -10.04 10.12 63.52
N GLY E 225 -8.98 10.90 63.80
CA GLY E 225 -8.04 11.39 62.80
C GLY E 225 -8.60 12.47 61.87
N LYS E 226 -9.66 13.19 62.32
CA LYS E 226 -10.24 14.26 61.53
C LYS E 226 -10.05 15.58 62.28
N LEU E 227 -9.60 16.61 61.55
CA LEU E 227 -9.71 17.98 61.98
C LEU E 227 -11.20 18.34 62.11
N GLU E 228 -11.51 19.01 63.23
CA GLU E 228 -12.81 19.61 63.48
C GLU E 228 -12.57 21.08 63.84
N VAL E 229 -13.44 21.96 63.32
CA VAL E 229 -13.39 23.38 63.63
C VAL E 229 -14.55 23.71 64.56
N TYR E 230 -14.22 24.33 65.70
CA TYR E 230 -15.14 24.56 66.80
C TYR E 230 -16.12 25.68 66.47
N ASP E 231 -17.41 25.47 66.80
CA ASP E 231 -18.45 26.48 66.64
C ASP E 231 -18.19 27.60 67.66
N GLN E 232 -18.99 28.66 67.62
CA GLN E 232 -18.95 29.69 68.66
C GLN E 232 -19.70 29.20 69.91
N THR E 233 -20.64 28.26 69.71
CA THR E 233 -21.37 27.62 70.79
C THR E 233 -20.40 26.87 71.71
N LYS E 234 -19.41 26.21 71.11
CA LYS E 234 -18.47 25.35 71.82
C LYS E 234 -17.26 26.13 72.36
N ILE E 235 -17.04 27.37 71.90
CA ILE E 235 -16.00 28.23 72.45
C ILE E 235 -16.56 28.98 73.66
N GLN E 236 -17.89 29.15 73.73
CA GLN E 236 -18.50 29.71 74.94
C GLN E 236 -18.14 28.81 76.13
N ARG E 237 -18.28 27.49 75.94
CA ARG E 237 -18.08 26.48 76.99
C ARG E 237 -16.67 26.52 77.59
N ILE E 238 -15.70 27.17 76.94
CA ILE E 238 -14.31 27.13 77.38
C ILE E 238 -13.97 28.41 78.15
N ILE E 239 -14.51 29.55 77.70
CA ILE E 239 -14.39 30.81 78.44
C ILE E 239 -15.14 30.67 79.78
N ASP E 240 -16.25 29.91 79.75
CA ASP E 240 -17.04 29.58 80.92
C ASP E 240 -16.17 28.86 81.95
N ARG E 241 -15.37 27.90 81.50
CA ARG E 241 -14.57 27.05 82.36
C ARG E 241 -13.30 27.79 82.81
N LEU E 242 -13.45 29.03 83.31
CA LEU E 242 -12.32 29.89 83.59
C LEU E 242 -12.73 30.99 84.59
N ASN F 4 32.70 49.26 55.01
CA ASN F 4 33.52 48.39 54.13
C ASN F 4 32.87 48.29 52.74
N GLN F 5 33.59 48.75 51.70
CA GLN F 5 33.07 48.86 50.34
C GLN F 5 33.04 47.49 49.67
N TYR F 6 33.83 46.55 50.21
CA TYR F 6 34.20 45.35 49.49
C TYR F 6 33.50 44.08 49.98
N ASP F 7 32.35 44.19 50.66
CA ASP F 7 31.83 43.02 51.35
C ASP F 7 30.34 42.80 51.12
N THR F 8 29.82 43.30 50.00
CA THR F 8 28.41 43.10 49.71
C THR F 8 28.17 41.85 48.86
N ASN F 9 28.85 41.77 47.70
CA ASN F 9 28.73 40.71 46.72
C ASN F 9 29.90 39.73 46.79
N THR F 10 29.65 38.57 46.17
CA THR F 10 30.64 37.54 46.01
C THR F 10 31.61 37.84 44.87
N THR F 11 31.19 38.71 43.96
CA THR F 11 31.98 38.98 42.78
C THR F 11 32.86 40.21 43.01
N THR F 12 33.24 40.50 44.25
CA THR F 12 34.15 41.61 44.40
C THR F 12 35.35 41.18 45.22
N TRP F 13 36.53 41.11 44.65
CA TRP F 13 37.74 40.97 45.42
C TRP F 13 37.93 42.21 46.26
N SER F 14 38.74 42.12 47.30
CA SER F 14 39.12 43.25 48.12
C SER F 14 40.58 43.55 47.86
N PRO F 15 41.09 44.74 48.15
CA PRO F 15 42.47 45.06 47.77
C PRO F 15 43.61 44.22 48.36
N THR F 16 43.30 43.30 49.26
CA THR F 16 44.29 42.42 49.88
C THR F 16 43.96 40.98 49.46
N GLY F 17 43.06 40.86 48.51
CA GLY F 17 42.88 39.60 47.83
C GLY F 17 42.05 38.66 48.67
N ARG F 18 41.02 39.25 49.29
CA ARG F 18 40.11 38.49 50.11
C ARG F 18 38.72 38.52 49.50
N LEU F 19 37.99 37.43 49.66
CA LEU F 19 36.58 37.44 49.39
C LEU F 19 35.72 37.43 50.67
N PHE F 20 35.20 38.60 51.01
CA PHE F 20 34.55 38.88 52.29
C PHE F 20 33.21 38.19 52.42
N GLN F 21 32.36 38.26 51.40
CA GLN F 21 31.08 37.62 51.50
C GLN F 21 31.26 36.13 51.69
N VAL F 22 32.42 35.60 51.32
CA VAL F 22 32.63 34.16 51.38
C VAL F 22 33.01 33.75 52.79
N GLU F 23 33.74 34.61 53.49
CA GLU F 23 34.10 34.39 54.86
C GLU F 23 32.86 34.46 55.76
N TYR F 24 31.94 35.38 55.44
CA TYR F 24 30.70 35.49 56.18
C TYR F 24 29.82 34.27 56.01
N ALA F 25 29.69 33.75 54.78
CA ALA F 25 28.96 32.49 54.63
C ALA F 25 29.60 31.43 55.51
N ASN F 26 30.93 31.48 55.65
CA ASN F 26 31.69 30.56 56.47
C ASN F 26 31.36 30.70 57.94
N GLU F 27 31.13 31.91 58.45
CA GLU F 27 30.52 32.04 59.79
C GLU F 27 29.19 31.29 59.96
N ALA F 28 28.36 31.14 58.93
CA ALA F 28 27.11 30.44 59.18
C ALA F 28 27.38 29.04 59.75
N VAL F 29 28.50 28.45 59.35
CA VAL F 29 28.93 27.15 59.80
C VAL F 29 29.49 27.20 61.23
N ASN F 30 30.20 28.25 61.58
CA ASN F 30 30.86 28.26 62.85
C ASN F 30 29.86 28.44 63.96
N ASN F 31 28.58 28.61 63.62
CA ASN F 31 27.53 29.04 64.53
C ASN F 31 26.35 28.06 64.51
N GLY F 32 26.47 26.98 63.73
CA GLY F 32 25.59 25.84 63.85
C GLY F 32 26.06 24.92 64.98
N SER F 33 25.21 23.94 65.33
CA SER F 33 25.51 22.94 66.35
C SER F 33 26.66 22.01 65.93
N ALA F 34 27.42 21.58 66.91
CA ALA F 34 28.68 20.91 66.65
C ALA F 34 28.35 19.56 66.04
N ALA F 35 29.24 19.13 65.15
CA ALA F 35 29.23 17.76 64.76
C ALA F 35 30.66 17.30 64.67
N VAL F 36 30.82 15.98 64.79
CA VAL F 36 32.12 15.35 64.89
C VAL F 36 32.10 14.14 63.95
N GLY F 37 33.28 13.84 63.42
CA GLY F 37 33.46 12.62 62.66
C GLY F 37 34.79 12.03 63.04
N THR F 38 34.93 10.71 62.89
CA THR F 38 36.19 10.00 63.10
C THR F 38 36.19 8.70 62.31
N LYS F 39 37.40 8.13 62.10
CA LYS F 39 37.45 6.89 61.34
C LYS F 39 38.60 6.02 61.76
N ASN F 40 38.33 4.71 61.75
CA ASN F 40 39.37 3.70 61.97
C ASN F 40 39.69 3.01 60.61
N LYS F 41 40.12 1.75 60.61
CA LYS F 41 40.46 1.08 59.36
C LYS F 41 39.22 0.75 58.52
N ASP F 42 38.06 0.49 59.12
CA ASP F 42 36.93 0.01 58.34
C ASP F 42 35.59 0.67 58.67
N PHE F 43 35.55 1.69 59.52
CA PHE F 43 34.30 2.42 59.71
C PHE F 43 34.53 3.91 59.83
N VAL F 44 33.46 4.66 59.59
CA VAL F 44 33.43 6.08 59.93
C VAL F 44 32.29 6.29 60.89
N VAL F 45 32.49 7.10 61.94
CA VAL F 45 31.39 7.50 62.83
C VAL F 45 31.12 9.01 62.80
N LEU F 46 29.87 9.41 62.51
CA LEU F 46 29.42 10.79 62.73
C LEU F 46 28.67 10.90 64.05
N THR F 47 29.01 11.88 64.90
CA THR F 47 28.04 12.30 65.91
C THR F 47 27.67 13.76 65.86
N ALA F 48 26.46 14.05 66.25
CA ALA F 48 25.96 15.41 66.17
C ALA F 48 25.04 15.70 67.33
N LEU F 49 25.27 16.90 67.87
CA LEU F 49 24.53 17.49 68.97
C LEU F 49 23.34 18.26 68.43
N LYS F 50 22.19 17.61 68.36
CA LYS F 50 20.95 18.25 67.97
C LYS F 50 20.58 19.41 68.92
N ARG F 51 20.32 20.60 68.36
CA ARG F 51 20.00 21.80 69.13
C ARG F 51 18.54 22.23 68.84
N TYR F 60 13.67 18.41 68.06
CA TYR F 60 14.07 17.43 67.00
C TYR F 60 14.42 18.15 65.68
N GLN F 61 15.73 18.30 65.40
CA GLN F 61 16.24 18.86 64.14
C GLN F 61 17.09 17.83 63.37
N GLU F 62 16.60 17.43 62.20
CA GLU F 62 17.40 16.72 61.20
C GLU F 62 18.76 17.39 61.03
N LYS F 63 19.81 16.68 61.39
CA LYS F 63 21.17 17.14 61.19
C LYS F 63 22.05 16.08 60.49
N VAL F 64 21.53 14.87 60.25
CA VAL F 64 22.26 13.77 59.66
C VAL F 64 21.37 13.19 58.55
N PHE F 65 21.90 13.07 57.32
CA PHE F 65 21.13 12.56 56.20
C PHE F 65 21.90 11.40 55.54
N LYS F 66 21.13 10.45 55.01
CA LYS F 66 21.70 9.35 54.30
C LYS F 66 21.66 9.74 52.81
N LEU F 67 22.76 9.46 52.08
CA LEU F 67 22.78 9.90 50.71
C LEU F 67 22.67 8.74 49.75
N ASP F 68 23.17 7.55 50.13
CA ASP F 68 22.93 6.31 49.41
C ASP F 68 23.25 5.19 50.39
N ASP F 69 23.27 3.94 49.91
CA ASP F 69 23.49 2.79 50.76
C ASP F 69 24.80 2.95 51.52
N HIS F 70 25.80 3.62 50.91
CA HIS F 70 27.14 3.62 51.43
C HIS F 70 27.69 4.99 51.84
N VAL F 71 26.82 5.98 52.08
CA VAL F 71 27.34 7.31 52.35
C VAL F 71 26.19 8.17 52.90
N GLY F 72 26.58 8.98 53.91
CA GLY F 72 25.74 10.00 54.49
C GLY F 72 26.55 11.16 55.06
N MET F 73 25.85 12.20 55.55
CA MET F 73 26.53 13.39 56.01
C MET F 73 25.84 14.01 57.23
N ALA F 74 26.62 14.70 58.06
CA ALA F 74 26.16 15.68 59.02
C ALA F 74 26.30 17.09 58.45
N ILE F 75 25.33 17.98 58.76
CA ILE F 75 25.42 19.39 58.43
C ILE F 75 25.66 20.29 59.66
N ALA F 76 26.17 21.48 59.36
CA ALA F 76 26.19 22.64 60.23
C ALA F 76 25.91 23.93 59.43
N GLY F 77 24.92 24.72 59.93
CA GLY F 77 24.55 26.02 59.41
C GLY F 77 23.15 25.98 58.86
N LEU F 78 22.94 26.58 57.69
CA LEU F 78 21.60 26.78 57.15
C LEU F 78 21.12 25.46 56.58
N VAL F 79 20.03 25.01 57.16
CA VAL F 79 19.51 23.70 56.91
C VAL F 79 18.90 23.67 55.52
N ALA F 80 18.36 24.77 55.04
CA ALA F 80 17.69 24.71 53.74
C ALA F 80 18.75 24.50 52.69
N ASP F 81 19.96 24.98 52.98
CA ASP F 81 21.10 24.67 52.13
C ASP F 81 21.52 23.21 52.21
N GLY F 82 21.66 22.66 53.42
CA GLY F 82 21.87 21.24 53.60
C GLY F 82 20.88 20.41 52.78
N ARG F 83 19.61 20.78 52.75
CA ARG F 83 18.66 19.90 52.11
C ARG F 83 18.85 19.93 50.61
N MET F 84 19.42 21.00 50.10
CA MET F 84 19.57 21.15 48.66
C MET F 84 20.73 20.26 48.20
N LEU F 85 21.84 20.41 48.91
CA LEU F 85 23.03 19.62 48.72
C LEU F 85 22.74 18.13 48.86
N ALA F 86 21.83 17.74 49.76
CA ALA F 86 21.34 16.38 49.81
C ALA F 86 20.52 15.96 48.59
N ARG F 87 19.59 16.76 48.13
CA ARG F 87 18.85 16.31 46.93
C ARG F 87 19.87 16.10 45.83
N PHE F 88 20.91 16.94 45.86
CA PHE F 88 21.86 16.88 44.78
C PHE F 88 22.73 15.62 44.83
N VAL F 89 23.30 15.27 45.98
CA VAL F 89 24.15 14.12 46.03
C VAL F 89 23.34 12.82 45.82
N ARG F 90 22.08 12.81 46.23
CA ARG F 90 21.29 11.61 46.24
C ARG F 90 21.01 11.26 44.81
N THR F 91 20.83 12.31 44.04
CA THR F 91 20.47 12.17 42.64
C THR F 91 21.71 11.81 41.86
N GLU F 92 22.88 12.23 42.33
CA GLU F 92 24.12 11.79 41.70
C GLU F 92 24.42 10.32 41.97
N CYS F 93 24.18 9.83 43.18
CA CYS F 93 24.50 8.47 43.50
C CYS F 93 23.55 7.50 42.83
N MET F 94 22.30 7.86 42.77
CA MET F 94 21.35 7.03 42.11
C MET F 94 21.73 6.93 40.65
N ASN F 95 22.03 8.06 40.03
CA ASN F 95 22.37 8.03 38.64
C ASN F 95 23.52 7.06 38.46
N TYR F 96 24.54 7.25 39.28
CA TYR F 96 25.69 6.42 39.13
C TYR F 96 25.31 4.94 39.21
N ARG F 97 24.41 4.58 40.14
CA ARG F 97 24.20 3.15 40.38
C ARG F 97 23.31 2.62 39.27
N TYR F 98 22.52 3.48 38.68
CA TYR F 98 21.75 3.08 37.52
C TYR F 98 22.75 2.81 36.38
N MET F 99 23.81 3.61 36.25
CA MET F 99 24.60 3.42 35.06
C MET F 99 25.53 2.23 35.27
N HIS F 100 25.95 1.96 36.50
CA HIS F 100 27.12 1.12 36.73
C HIS F 100 26.75 -0.12 37.54
N ASP F 101 25.68 -0.08 38.31
CA ASP F 101 25.33 -1.16 39.23
C ASP F 101 26.37 -1.27 40.35
N SER F 102 27.00 -0.17 40.73
CA SER F 102 27.90 -0.24 41.85
C SER F 102 27.82 1.10 42.54
N ASP F 103 28.64 1.35 43.56
CA ASP F 103 28.50 2.52 44.38
C ASP F 103 29.24 3.70 43.78
N ASN F 104 28.60 4.87 43.75
CA ASN F 104 29.34 6.11 43.50
C ASN F 104 30.58 6.18 44.38
N PRO F 105 31.79 6.13 43.79
CA PRO F 105 33.03 6.27 44.56
C PRO F 105 33.09 7.57 45.35
N LEU F 106 33.71 7.55 46.52
CA LEU F 106 33.56 8.70 47.39
C LEU F 106 34.40 9.88 46.90
N PRO F 107 35.67 9.75 46.50
CA PRO F 107 36.37 10.89 45.94
C PRO F 107 35.53 11.65 44.90
N LEU F 108 34.78 10.96 44.02
CA LEU F 108 33.98 11.64 43.02
C LEU F 108 32.78 12.40 43.64
N ILE F 109 32.23 11.94 44.75
CA ILE F 109 31.19 12.69 45.42
C ILE F 109 31.78 14.01 45.92
N ALA F 110 32.87 13.97 46.65
CA ALA F 110 33.57 15.16 47.10
C ALA F 110 33.91 16.15 45.96
N GLU F 111 34.60 15.75 44.92
CA GLU F 111 34.79 16.64 43.79
C GLU F 111 33.50 17.38 43.42
N ILE F 112 32.38 16.69 43.19
CA ILE F 112 31.27 17.39 42.56
C ILE F 112 30.55 18.31 43.52
N VAL F 113 30.61 18.00 44.80
CA VAL F 113 30.07 18.89 45.82
C VAL F 113 30.92 20.16 45.87
N GLY F 114 32.24 19.99 45.95
CA GLY F 114 33.19 21.10 45.89
C GLY F 114 32.89 22.05 44.73
N GLU F 115 32.58 21.54 43.56
CA GLU F 115 32.46 22.34 42.36
C GLU F 115 31.13 23.07 42.38
N LYS F 116 30.06 22.43 42.83
CA LYS F 116 28.78 23.07 43.05
C LYS F 116 28.90 24.24 44.02
N TYR F 117 29.58 24.02 45.15
CA TYR F 117 29.82 25.14 46.01
C TYR F 117 30.56 26.26 45.28
N GLN F 118 31.63 25.94 44.57
CA GLN F 118 32.49 26.98 43.99
C GLN F 118 31.67 27.87 43.03
N ARG F 119 30.74 27.30 42.29
CA ARG F 119 30.03 28.08 41.29
C ARG F 119 29.17 29.13 41.99
N HIS F 120 28.76 28.87 43.23
CA HIS F 120 27.92 29.79 43.97
C HIS F 120 28.80 30.84 44.62
N ILE F 121 30.09 30.87 44.35
CA ILE F 121 30.88 31.95 44.95
C ILE F 121 31.51 32.76 43.86
N GLN F 122 31.10 32.58 42.60
CA GLN F 122 31.73 33.33 41.54
C GLN F 122 30.78 34.08 40.61
N PHE F 123 29.47 33.97 40.73
CA PHE F 123 28.54 34.65 39.85
C PHE F 123 27.63 35.50 40.69
N ALA F 124 26.99 36.55 40.09
CA ALA F 124 26.10 37.45 40.82
C ALA F 124 24.70 36.84 41.00
N GLY F 125 24.33 35.89 40.15
CA GLY F 125 23.00 35.31 40.28
C GLY F 125 22.91 34.07 41.17
N LYS F 126 23.97 33.84 41.96
CA LYS F 126 24.09 32.71 42.87
C LYS F 126 24.57 33.23 44.22
N ARG F 127 24.01 32.65 45.28
CA ARG F 127 24.36 32.99 46.66
C ARG F 127 25.33 31.89 47.15
N PRO F 128 26.27 32.16 48.06
CA PRO F 128 27.00 31.09 48.69
C PRO F 128 26.06 30.13 49.39
N PHE F 129 26.55 28.94 49.67
CA PHE F 129 25.90 27.97 50.55
C PHE F 129 26.43 28.19 51.95
N GLY F 130 25.53 28.36 52.93
CA GLY F 130 25.99 28.70 54.26
C GLY F 130 26.01 27.48 55.18
N VAL F 131 26.48 26.36 54.68
CA VAL F 131 26.35 25.07 55.34
C VAL F 131 27.62 24.26 55.10
N GLY F 132 28.11 23.67 56.15
CA GLY F 132 29.26 22.80 56.09
C GLY F 132 28.78 21.35 56.11
N LEU F 133 29.55 20.44 55.52
CA LEU F 133 29.19 19.04 55.58
C LEU F 133 30.36 18.26 56.09
N LEU F 134 30.06 17.22 56.84
CA LEU F 134 30.92 16.06 57.08
C LEU F 134 30.31 14.89 56.33
N ILE F 135 31.01 14.43 55.29
CA ILE F 135 30.54 13.37 54.44
C ILE F 135 31.29 12.15 54.91
N ALA F 136 30.56 11.08 55.17
CA ALA F 136 31.20 9.86 55.64
C ALA F 136 30.71 8.73 54.77
N GLY F 137 31.68 8.00 54.22
CA GLY F 137 31.29 6.83 53.47
C GLY F 137 32.35 5.75 53.42
N TYR F 138 32.03 4.76 52.58
CA TYR F 138 32.70 3.49 52.54
C TYR F 138 32.55 2.91 51.14
N ASP F 139 33.66 2.64 50.44
CA ASP F 139 33.60 2.08 49.09
C ASP F 139 34.77 1.10 48.94
N SER F 140 35.16 0.81 47.69
CA SER F 140 36.15 -0.23 47.39
C SER F 140 37.55 0.15 47.87
N THR F 141 37.78 1.42 48.21
CA THR F 141 39.07 1.87 48.74
C THR F 141 39.00 2.24 50.23
N GLY F 142 37.97 1.76 50.94
CA GLY F 142 37.96 1.87 52.40
C GLY F 142 37.02 2.96 52.88
N PRO F 143 37.15 3.39 54.13
CA PRO F 143 36.37 4.51 54.64
C PRO F 143 37.01 5.90 54.41
N HIS F 144 36.14 6.90 54.41
CA HIS F 144 36.43 8.22 53.93
C HIS F 144 35.53 9.21 54.69
N LEU F 145 36.16 10.29 55.11
CA LEU F 145 35.54 11.36 55.85
C LEU F 145 36.00 12.70 55.26
N TYR F 146 35.09 13.37 54.58
CA TYR F 146 35.34 14.62 53.93
C TYR F 146 34.60 15.74 54.66
N HIS F 147 35.28 16.88 54.70
CA HIS F 147 34.69 18.10 55.19
C HIS F 147 34.49 19.06 54.02
N THR F 148 33.27 19.51 53.74
CA THR F 148 33.07 20.60 52.80
C THR F 148 32.59 21.89 53.46
N VAL F 149 33.29 23.02 53.18
CA VAL F 149 32.97 24.38 53.58
C VAL F 149 32.56 25.30 52.43
N PRO F 150 31.83 26.41 52.69
CA PRO F 150 31.26 27.28 51.67
C PRO F 150 32.14 27.96 50.62
N SER F 151 33.43 28.10 50.94
CA SER F 151 34.45 28.46 49.96
C SER F 151 34.71 27.41 48.88
N GLY F 152 34.20 26.18 49.01
CA GLY F 152 34.32 25.14 47.99
C GLY F 152 35.50 24.21 48.34
N ASP F 153 36.14 24.47 49.50
CA ASP F 153 37.27 23.63 49.93
C ASP F 153 36.73 22.28 50.40
N VAL F 154 37.52 21.23 50.21
CA VAL F 154 37.14 19.87 50.52
C VAL F 154 38.35 19.19 51.12
N PHE F 155 38.31 19.03 52.41
CA PHE F 155 39.35 18.31 53.14
C PHE F 155 38.98 16.84 53.34
N ASP F 156 40.02 16.01 53.31
CA ASP F 156 39.96 14.58 53.62
C ASP F 156 40.63 14.44 54.97
N PHE F 157 39.87 14.02 55.99
CA PHE F 157 40.35 13.96 57.36
C PHE F 157 40.39 12.54 57.90
N LYS F 158 41.21 12.31 58.92
CA LYS F 158 41.12 11.17 59.80
C LYS F 158 40.25 11.48 61.02
N ALA F 159 39.89 12.75 61.24
CA ALA F 159 39.00 13.11 62.34
C ALA F 159 38.72 14.60 62.33
N THR F 160 37.51 15.08 62.55
CA THR F 160 37.43 16.51 62.78
C THR F 160 36.07 16.88 63.33
N ALA F 161 35.85 18.18 63.45
CA ALA F 161 34.68 18.73 64.10
C ALA F 161 34.29 20.03 63.44
N MET F 162 33.00 20.31 63.42
CA MET F 162 32.64 21.59 62.89
C MET F 162 31.50 22.13 63.72
N GLY F 163 31.34 23.46 63.63
CA GLY F 163 30.22 24.12 64.30
C GLY F 163 30.68 24.74 65.61
N LEU F 164 29.73 25.00 66.52
CA LEU F 164 29.92 25.94 67.62
C LEU F 164 30.73 25.29 68.73
N ARG F 165 31.76 25.99 69.20
CA ARG F 165 32.62 25.51 70.28
C ARG F 165 33.41 24.29 69.81
N SER F 166 33.28 23.99 68.52
CA SER F 166 33.83 22.79 67.93
C SER F 166 35.35 22.81 67.96
N GLN F 167 35.96 23.93 68.34
CA GLN F 167 37.40 23.94 68.56
C GLN F 167 37.77 22.91 69.65
N ALA F 168 36.90 22.77 70.65
CA ALA F 168 37.23 21.97 71.83
C ALA F 168 37.24 20.49 71.46
N ALA F 169 36.17 20.08 70.77
CA ALA F 169 36.12 18.81 70.08
C ALA F 169 37.39 18.56 69.28
N ARG F 170 37.89 19.61 68.62
CA ARG F 170 39.05 19.50 67.76
C ARG F 170 40.27 19.24 68.60
N THR F 171 40.38 19.91 69.76
CA THR F 171 41.53 19.75 70.65
C THR F 171 41.62 18.33 71.22
N TYR F 172 40.47 17.80 71.65
CA TYR F 172 40.43 16.48 72.23
C TYR F 172 40.93 15.47 71.20
N LEU F 173 40.24 15.43 70.04
CA LEU F 173 40.60 14.59 68.91
C LEU F 173 42.09 14.64 68.64
N GLU F 174 42.72 15.83 68.73
CA GLU F 174 44.13 15.98 68.39
C GLU F 174 45.05 15.12 69.26
N LYS F 175 44.63 14.80 70.49
CA LYS F 175 45.38 13.98 71.43
C LYS F 175 45.21 12.49 71.20
N HIS F 176 44.15 12.07 70.50
CA HIS F 176 43.72 10.69 70.49
C HIS F 176 43.74 10.04 69.09
N PHE F 177 43.57 10.80 68.01
CA PHE F 177 43.35 10.27 66.66
C PHE F 177 44.44 9.29 66.27
N GLU F 178 45.67 9.45 66.75
CA GLU F 178 46.72 8.54 66.30
C GLU F 178 46.39 7.09 66.69
N SER F 179 45.60 6.92 67.75
CA SER F 179 45.23 5.60 68.22
C SER F 179 44.04 5.04 67.43
N PHE F 180 43.30 5.86 66.68
CA PHE F 180 42.05 5.45 66.04
C PHE F 180 42.23 4.38 64.97
N PRO F 181 43.39 4.25 64.26
CA PRO F 181 43.55 3.16 63.29
C PRO F 181 43.30 1.78 63.89
N ASP F 182 43.67 1.59 65.16
CA ASP F 182 43.69 0.29 65.81
C ASP F 182 42.38 0.01 66.56
N CYS F 183 41.62 1.05 66.92
CA CYS F 183 40.42 0.92 67.73
C CYS F 183 39.41 -0.01 67.06
N GLY F 184 38.50 -0.54 67.88
CA GLY F 184 37.32 -1.21 67.38
C GLY F 184 36.15 -0.25 67.26
N LEU F 185 35.04 -0.72 66.69
CA LEU F 185 33.93 0.15 66.41
C LEU F 185 33.31 0.71 67.69
N ASP F 186 33.61 0.15 68.85
CA ASP F 186 32.95 0.63 70.05
C ASP F 186 33.79 1.74 70.66
N GLU F 187 35.11 1.58 70.72
CA GLU F 187 35.90 2.66 71.28
C GLU F 187 35.82 3.89 70.36
N LEU F 188 35.70 3.64 69.05
CA LEU F 188 35.72 4.72 68.07
C LEU F 188 34.50 5.60 68.27
N ILE F 189 33.33 4.96 68.39
CA ILE F 189 32.09 5.63 68.79
C ILE F 189 32.24 6.40 70.11
N MET F 190 33.04 5.92 71.06
CA MET F 190 33.10 6.60 72.34
C MET F 190 33.96 7.84 72.20
N HIS F 191 34.99 7.74 71.37
CA HIS F 191 35.90 8.83 71.13
C HIS F 191 35.14 9.94 70.44
N ALA F 192 34.21 9.53 69.62
CA ALA F 192 33.44 10.50 68.88
C ALA F 192 32.48 11.21 69.82
N LEU F 193 32.23 10.63 71.01
CA LEU F 193 31.26 11.18 71.94
C LEU F 193 31.98 12.05 72.96
N LYS F 194 33.14 11.60 73.43
CA LYS F 194 33.91 12.41 74.36
C LYS F 194 34.29 13.74 73.68
N ALA F 195 34.56 13.68 72.37
CA ALA F 195 34.83 14.84 71.52
C ALA F 195 33.62 15.79 71.45
N LEU F 196 32.44 15.21 71.15
CA LEU F 196 31.24 16.00 70.98
C LEU F 196 30.77 16.54 72.30
N ALA F 197 31.23 15.90 73.37
CA ALA F 197 30.88 16.28 74.72
C ALA F 197 31.70 17.52 75.02
N ALA F 198 32.98 17.45 74.65
CA ALA F 198 33.92 18.54 74.84
C ALA F 198 33.42 19.86 74.21
N ALA F 199 32.31 19.80 73.44
CA ALA F 199 31.77 20.95 72.73
C ALA F 199 30.46 21.39 73.39
N THR F 200 30.42 21.38 74.73
CA THR F 200 29.19 21.58 75.47
C THR F 200 29.48 22.01 76.91
N ALA F 204 24.21 21.09 79.81
CA ALA F 204 23.46 19.90 79.35
C ALA F 204 24.44 18.84 78.84
N GLU F 205 24.06 17.55 78.96
CA GLU F 205 24.92 16.43 78.61
C GLU F 205 24.22 15.56 77.58
N LEU F 206 24.97 14.59 77.03
CA LEU F 206 24.50 13.81 75.89
C LEU F 206 23.54 12.70 76.35
N ASN F 207 22.54 12.40 75.52
CA ASN F 207 21.64 11.29 75.77
C ASN F 207 20.84 11.00 74.49
N ILE F 208 19.90 10.07 74.56
CA ILE F 208 19.25 9.52 73.37
C ILE F 208 18.16 10.43 72.81
N LYS F 209 18.04 11.68 73.31
CA LYS F 209 17.00 12.57 72.78
C LYS F 209 17.63 13.84 72.22
N ASN F 210 18.96 13.93 72.23
CA ASN F 210 19.59 15.16 71.75
C ASN F 210 20.96 14.90 71.08
N THR F 211 21.34 13.63 70.91
CA THR F 211 22.62 13.27 70.31
C THR F 211 22.37 12.19 69.28
N THR F 212 22.99 12.36 68.10
CA THR F 212 22.80 11.40 67.04
C THR F 212 24.14 10.69 66.89
N ILE F 213 24.05 9.43 66.45
CA ILE F 213 25.20 8.62 66.09
C ILE F 213 24.87 7.95 64.76
N ALA F 214 25.80 8.04 63.81
CA ALA F 214 25.65 7.29 62.58
C ALA F 214 26.99 6.65 62.23
N ILE F 215 26.87 5.54 61.49
CA ILE F 215 28.01 4.67 61.21
C ILE F 215 27.93 4.19 59.78
N VAL F 216 29.10 3.92 59.21
CA VAL F 216 29.13 3.31 57.91
C VAL F 216 30.43 2.61 57.86
N GLY F 217 30.47 1.45 57.20
CA GLY F 217 31.75 0.82 56.89
C GLY F 217 31.55 -0.57 56.30
N LYS F 218 32.61 -1.35 56.40
CA LYS F 218 32.67 -2.70 55.85
C LYS F 218 31.57 -3.53 56.46
N GLY F 219 30.69 -4.02 55.58
CA GLY F 219 29.58 -4.87 55.98
C GLY F 219 28.35 -4.04 56.34
N THR F 220 28.54 -2.71 56.44
CA THR F 220 27.66 -1.83 57.19
C THR F 220 27.18 -0.67 56.33
N PRO F 221 26.04 -0.85 55.63
CA PRO F 221 25.34 0.27 55.02
C PRO F 221 25.06 1.38 56.01
N PHE F 222 25.06 2.64 55.55
CA PHE F 222 25.07 3.82 56.40
C PHE F 222 23.80 3.86 57.20
N MET F 223 23.92 4.21 58.47
CA MET F 223 22.79 4.02 59.36
C MET F 223 22.94 4.92 60.57
N VAL F 224 21.82 5.53 60.92
CA VAL F 224 21.66 6.21 62.19
C VAL F 224 21.23 5.15 63.20
N LEU F 225 21.97 5.04 64.33
CA LEU F 225 21.55 4.22 65.46
C LEU F 225 20.21 4.75 66.02
N THR F 226 19.27 3.83 66.24
CA THR F 226 18.02 4.07 66.98
C THR F 226 18.35 4.34 68.44
N GLU F 227 17.34 4.81 69.19
CA GLU F 227 17.51 5.17 70.60
C GLU F 227 17.86 3.92 71.42
N GLU F 228 17.34 2.75 71.02
CA GLU F 228 17.69 1.48 71.64
C GLU F 228 19.19 1.17 71.54
N ALA F 229 19.71 1.08 70.31
CA ALA F 229 21.11 0.71 70.10
C ALA F 229 22.04 1.77 70.69
N ALA F 230 21.57 3.02 70.73
CA ALA F 230 22.37 4.14 71.19
C ALA F 230 22.45 4.20 72.72
N ARG F 231 21.55 3.44 73.38
CA ARG F 231 21.46 3.42 74.83
C ARG F 231 22.75 2.86 75.39
N LYS F 232 23.20 1.78 74.74
CA LYS F 232 24.45 1.11 75.06
C LYS F 232 25.58 2.13 75.20
N TYR F 233 25.72 3.05 74.23
CA TYR F 233 26.86 3.97 74.17
C TYR F 233 26.64 5.18 75.08
N LEU F 234 25.37 5.58 75.26
CA LEU F 234 25.03 6.81 75.97
C LEU F 234 24.55 6.50 77.41
N THR G 4 36.91 56.58 44.05
CA THR G 4 37.42 55.18 44.17
C THR G 4 36.27 54.18 44.06
N GLU G 5 35.30 54.47 43.17
CA GLU G 5 34.25 53.53 42.79
C GLU G 5 34.72 52.64 41.64
N HIS G 6 35.95 52.88 41.18
CA HIS G 6 36.43 52.30 39.93
C HIS G 6 36.98 50.89 40.15
N ASP G 7 36.78 50.31 41.36
CA ASP G 7 37.49 49.09 41.66
C ASP G 7 36.58 48.01 42.19
N GLN G 8 35.35 48.01 41.74
CA GLN G 8 34.31 47.20 42.34
C GLN G 8 33.81 46.14 41.37
N SER G 9 34.02 46.37 40.07
CA SER G 9 33.62 45.45 39.03
C SER G 9 34.82 45.30 38.12
N THR G 10 34.94 44.20 37.44
CA THR G 10 36.07 44.05 36.54
C THR G 10 35.63 44.46 35.14
N ASP G 11 34.42 44.98 34.97
CA ASP G 11 33.99 45.43 33.65
C ASP G 11 34.40 46.86 33.36
N ILE G 12 35.37 47.45 34.08
CA ILE G 12 35.58 48.89 34.15
C ILE G 12 37.06 49.23 34.06
N PHE G 13 37.52 50.07 33.13
CA PHE G 13 38.87 50.53 33.35
C PHE G 13 38.85 51.62 34.40
N SER G 14 39.98 51.70 35.08
CA SER G 14 40.35 52.85 35.86
C SER G 14 40.86 53.94 34.92
N ALA G 15 41.17 55.13 35.45
CA ALA G 15 41.53 56.22 34.53
C ALA G 15 42.94 56.06 33.96
N ASP G 16 43.71 55.12 34.49
CA ASP G 16 45.10 54.95 34.10
C ASP G 16 45.23 53.78 33.13
N GLY G 17 44.10 53.14 32.85
CA GLY G 17 44.02 51.98 32.01
C GLY G 17 44.27 50.66 32.73
N ARG G 18 44.03 50.60 34.03
CA ARG G 18 44.24 49.40 34.81
C ARG G 18 42.92 48.73 35.06
N VAL G 19 42.92 47.44 35.39
CA VAL G 19 41.70 46.76 35.78
C VAL G 19 41.93 46.22 37.18
N PHE G 20 41.48 46.91 38.22
CA PHE G 20 41.91 46.64 39.58
C PHE G 20 41.34 45.32 40.13
N GLN G 21 40.10 44.97 39.77
CA GLN G 21 39.63 43.67 40.17
C GLN G 21 40.61 42.56 39.78
N VAL G 22 41.24 42.67 38.63
CA VAL G 22 42.25 41.70 38.23
C VAL G 22 43.52 41.87 39.04
N GLU G 23 43.98 43.07 39.33
CA GLU G 23 45.11 43.15 40.24
C GLU G 23 44.87 42.48 41.59
N TYR G 24 43.69 42.58 42.15
CA TYR G 24 43.46 42.11 43.51
C TYR G 24 43.48 40.58 43.53
N ALA G 25 42.86 39.98 42.50
CA ALA G 25 42.85 38.56 42.37
C ALA G 25 44.30 38.02 42.24
N CYS G 26 45.17 38.79 41.59
CA CYS G 26 46.56 38.40 41.49
C CYS G 26 47.20 38.45 42.86
N LYS G 27 46.59 39.19 43.79
CA LYS G 27 47.21 39.31 45.10
C LYS G 27 46.93 38.05 45.90
N ALA G 28 45.76 37.41 45.67
CA ALA G 28 45.50 36.10 46.26
C ALA G 28 46.65 35.17 45.97
N VAL G 29 46.92 34.94 44.68
CA VAL G 29 48.03 34.11 44.20
C VAL G 29 49.33 34.46 44.92
N ASP G 30 49.69 35.72 44.97
CA ASP G 30 50.98 36.12 45.53
C ASP G 30 51.08 35.87 47.05
N ASN G 31 49.96 35.59 47.74
CA ASN G 31 50.02 35.31 49.17
C ASN G 31 49.72 33.83 49.45
N GLY G 32 49.42 33.05 48.41
CA GLY G 32 49.28 31.61 48.53
C GLY G 32 50.64 30.92 48.65
N SER G 33 50.63 29.59 48.58
CA SER G 33 51.81 28.79 48.87
C SER G 33 52.72 28.78 47.63
N THR G 34 54.01 28.50 47.82
CA THR G 34 55.01 28.54 46.75
C THR G 34 55.10 27.24 45.95
N ALA G 35 54.99 27.33 44.59
CA ALA G 35 55.22 26.23 43.65
C ALA G 35 56.38 26.53 42.69
N VAL G 36 57.24 25.52 42.42
CA VAL G 36 58.26 25.63 41.39
C VAL G 36 58.15 24.56 40.31
N ALA G 37 58.57 24.90 39.09
CA ALA G 37 58.60 23.96 37.97
C ALA G 37 59.79 24.18 37.05
N ALA G 38 60.13 23.13 36.29
CA ALA G 38 61.32 23.07 35.45
C ALA G 38 61.05 22.26 34.21
N CYS G 39 61.37 22.81 33.03
CA CYS G 39 61.21 22.11 31.76
C CYS G 39 62.56 21.56 31.33
N CYS G 40 62.65 20.23 31.24
CA CYS G 40 63.92 19.54 31.17
C CYS G 40 64.05 18.93 29.78
N THR G 41 65.06 18.10 29.60
CA THR G 41 65.39 17.53 28.30
C THR G 41 64.40 16.42 27.99
N ASP G 42 63.99 15.71 29.03
CA ASP G 42 63.21 14.49 28.95
C ASP G 42 61.79 14.68 29.52
N GLY G 43 61.42 15.88 29.94
CA GLY G 43 60.08 16.05 30.48
C GLY G 43 59.93 17.31 31.30
N VAL G 44 58.86 17.39 32.06
CA VAL G 44 58.61 18.51 32.94
C VAL G 44 58.39 17.99 34.35
N VAL G 45 58.92 18.74 35.33
CA VAL G 45 58.66 18.49 36.74
C VAL G 45 57.99 19.66 37.46
N VAL G 46 56.96 19.42 38.27
CA VAL G 46 56.38 20.46 39.12
C VAL G 46 56.47 20.08 40.57
N ALA G 47 56.67 21.05 41.46
CA ALA G 47 56.65 20.79 42.89
C ALA G 47 55.87 21.89 43.59
N VAL G 48 54.96 21.49 44.46
CA VAL G 48 54.29 22.49 45.23
C VAL G 48 54.41 22.15 46.72
N GLU G 49 54.22 23.19 47.51
CA GLU G 49 54.25 23.11 48.96
C GLU G 49 52.82 23.26 49.44
N LYS G 50 52.28 22.22 50.06
CA LYS G 50 50.96 22.29 50.69
C LYS G 50 51.13 22.74 52.14
N ILE G 51 50.59 23.91 52.49
CA ILE G 51 50.43 24.31 53.88
C ILE G 51 49.23 23.54 54.42
N LEU G 52 49.51 22.74 55.47
CA LEU G 52 48.53 21.92 56.17
C LEU G 52 47.86 22.73 57.26
N THR G 53 46.52 22.67 57.26
CA THR G 53 45.70 23.41 58.20
C THR G 53 45.38 22.59 59.47
N SER G 54 46.03 21.43 59.70
CA SER G 54 45.57 20.40 60.63
C SER G 54 46.41 19.14 60.53
N ARG G 55 46.86 18.59 61.67
CA ARG G 55 47.65 17.37 61.65
C ARG G 55 46.80 16.13 61.39
N MET G 56 45.49 16.29 61.27
CA MET G 56 44.61 15.14 61.17
C MET G 56 44.03 14.97 59.76
N LEU G 57 44.71 15.54 58.75
CA LEU G 57 44.33 15.34 57.37
C LEU G 57 44.92 14.04 56.89
N GLU G 58 44.13 13.29 56.11
CA GLU G 58 44.61 12.14 55.38
C GLU G 58 45.59 12.66 54.33
N GLU G 59 46.54 11.83 53.88
CA GLU G 59 47.49 12.26 52.85
C GLU G 59 46.81 12.15 51.50
N GLY G 60 46.99 13.20 50.69
CA GLY G 60 46.28 13.36 49.43
C GLY G 60 45.16 14.38 49.54
N SER G 61 45.08 15.06 50.69
CA SER G 61 44.06 16.08 50.88
C SER G 61 44.57 17.37 50.25
N ASN G 62 43.62 18.09 49.61
CA ASN G 62 43.85 19.42 49.07
C ASN G 62 45.06 19.36 48.13
N ASP G 63 45.08 18.34 47.26
CA ASP G 63 46.06 18.20 46.20
C ASP G 63 45.96 19.39 45.22
N ARG G 64 47.10 20.00 44.96
CA ARG G 64 47.15 21.08 44.00
C ARG G 64 47.50 20.60 42.58
N ILE G 65 47.95 19.38 42.38
CA ILE G 65 48.32 18.92 41.07
C ILE G 65 47.30 17.95 40.54
N HIS G 66 46.75 18.21 39.37
CA HIS G 66 45.78 17.31 38.82
C HIS G 66 46.14 16.94 37.38
N ALA G 67 45.82 15.73 36.98
CA ALA G 67 45.99 15.30 35.60
C ALA G 67 44.89 15.86 34.75
N VAL G 68 45.21 16.35 33.54
CA VAL G 68 44.13 16.81 32.70
C VAL G 68 43.90 15.90 31.53
N ASP G 69 44.92 15.09 31.23
CA ASP G 69 44.92 14.18 30.09
C ASP G 69 46.05 13.19 30.36
N ARG G 70 46.14 12.18 29.53
CA ARG G 70 47.14 11.15 29.80
C ARG G 70 48.49 11.79 29.93
N GLN G 71 48.74 12.85 29.14
CA GLN G 71 50.05 13.44 28.96
C GLN G 71 50.18 14.85 29.52
N ALA G 72 49.21 15.33 30.30
CA ALA G 72 49.24 16.73 30.72
C ALA G 72 48.68 16.94 32.11
N GLY G 73 49.19 17.89 32.83
CA GLY G 73 48.69 18.15 34.17
C GLY G 73 48.80 19.63 34.56
N VAL G 74 48.11 20.02 35.62
CA VAL G 74 48.16 21.39 36.11
C VAL G 74 48.44 21.43 37.59
N CYS G 75 49.20 22.42 38.00
CA CYS G 75 49.40 22.75 39.38
C CYS G 75 48.78 24.12 39.66
N ILE G 76 47.73 24.10 40.49
CA ILE G 76 46.99 25.26 40.96
C ILE G 76 47.69 25.94 42.12
N CYS G 77 47.96 27.22 41.98
CA CYS G 77 48.60 28.09 42.93
C CYS G 77 47.64 29.24 43.16
N GLY G 78 47.36 29.57 44.42
CA GLY G 78 46.29 30.50 44.71
C GLY G 78 45.14 29.80 45.40
N MET G 79 43.96 30.37 45.28
CA MET G 79 42.81 29.72 45.82
C MET G 79 42.51 28.36 45.19
N LEU G 80 42.50 27.28 45.98
CA LEU G 80 42.25 25.97 45.45
C LEU G 80 40.89 25.71 44.77
N PRO G 81 39.71 26.05 45.28
CA PRO G 81 38.50 25.73 44.51
C PRO G 81 38.29 26.46 43.19
N ASP G 82 38.91 27.64 43.08
CA ASP G 82 38.87 28.40 41.82
C ASP G 82 39.67 27.62 40.82
N GLY G 83 40.77 27.07 41.32
CA GLY G 83 41.72 26.38 40.51
C GLY G 83 41.08 25.15 39.91
N ARG G 84 40.11 24.64 40.64
CA ARG G 84 39.51 23.35 40.37
C ARG G 84 38.57 23.49 39.19
N ALA G 85 37.93 24.67 39.07
CA ALA G 85 37.01 24.94 37.98
C ALA G 85 37.78 25.07 36.66
N VAL G 86 39.00 25.51 36.79
CA VAL G 86 39.95 25.60 35.72
C VAL G 86 40.41 24.22 35.27
N VAL G 87 40.69 23.29 36.21
CA VAL G 87 40.91 21.88 35.92
C VAL G 87 39.75 21.23 35.18
N SER G 88 38.51 21.52 35.47
CA SER G 88 37.49 20.80 34.74
C SER G 88 37.39 21.28 33.28
N ARG G 89 37.69 22.54 33.07
CA ARG G 89 37.64 23.08 31.72
C ARG G 89 38.81 22.51 30.92
N ALA G 90 39.98 22.51 31.53
CA ALA G 90 41.12 21.93 30.90
C ALA G 90 40.90 20.47 30.48
N ARG G 91 40.14 19.69 31.26
CA ARG G 91 39.89 18.32 30.89
C ARG G 91 38.91 18.27 29.72
N ALA G 92 37.90 19.12 29.73
CA ALA G 92 36.95 19.15 28.62
C ALA G 92 37.67 19.50 27.32
N GLU G 93 38.62 20.41 27.38
CA GLU G 93 39.38 20.79 26.23
C GLU G 93 40.19 19.58 25.78
N ALA G 94 40.88 18.95 26.72
CA ALA G 94 41.72 17.82 26.35
C ALA G 94 40.87 16.72 25.73
N GLU G 95 39.63 16.57 26.18
CA GLU G 95 38.76 15.49 25.74
C GLU G 95 38.23 15.78 24.35
N ASN G 96 37.80 17.04 24.20
CA ASN G 96 37.45 17.65 22.94
C ASN G 96 38.50 17.34 21.88
N SER G 97 39.74 17.64 22.15
CA SER G 97 40.74 17.39 21.12
C SER G 97 40.80 15.95 20.75
N ARG G 98 40.67 14.98 21.66
CA ARG G 98 40.67 13.56 21.26
C ARG G 98 39.37 13.20 20.55
N ASP G 99 38.25 13.70 21.04
CA ASP G 99 36.98 13.35 20.43
C ASP G 99 36.86 13.93 19.02
N VAL G 100 37.11 15.22 18.88
CA VAL G 100 36.77 15.88 17.65
C VAL G 100 37.91 15.80 16.65
N PHE G 101 39.16 15.97 17.11
CA PHE G 101 40.29 16.03 16.21
C PHE G 101 41.24 14.83 16.28
N ALA G 102 40.93 13.81 17.08
CA ALA G 102 41.77 12.61 17.11
C ALA G 102 43.23 12.87 17.51
N THR G 103 43.51 13.83 18.34
CA THR G 103 44.90 14.09 18.63
C THR G 103 44.97 14.35 20.12
N PRO G 104 46.02 13.96 20.85
CA PRO G 104 46.23 14.52 22.17
C PRO G 104 46.40 16.02 21.97
N ILE G 105 45.81 16.82 22.86
CA ILE G 105 45.99 18.26 22.75
C ILE G 105 47.45 18.62 22.85
N PRO G 106 47.97 19.42 21.92
CA PRO G 106 49.26 20.10 22.13
C PRO G 106 49.35 21.01 23.37
N GLY G 107 50.51 21.11 23.96
CA GLY G 107 50.63 21.80 25.21
C GLY G 107 50.37 23.29 25.00
N SER G 108 50.80 23.85 23.86
CA SER G 108 50.66 25.27 23.61
C SER G 108 49.18 25.61 23.43
N VAL G 109 48.44 24.67 22.87
CA VAL G 109 47.05 24.89 22.57
C VAL G 109 46.23 24.79 23.83
N LEU G 110 46.46 23.75 24.64
CA LEU G 110 45.83 23.65 25.96
C LEU G 110 46.07 24.91 26.81
N ALA G 111 47.30 25.44 26.86
CA ALA G 111 47.52 26.66 27.60
C ALA G 111 46.77 27.86 27.02
N SER G 112 46.68 27.95 25.69
CA SER G 112 45.93 29.00 25.04
C SER G 112 44.48 28.97 25.48
N ARG G 113 43.90 27.80 25.62
CA ARG G 113 42.49 27.66 25.84
C ARG G 113 42.11 27.95 27.29
N ILE G 114 43.05 27.68 28.18
CA ILE G 114 42.96 27.97 29.59
C ILE G 114 43.04 29.46 29.80
N GLY G 115 44.08 30.12 29.32
CA GLY G 115 44.08 31.58 29.21
C GLY G 115 42.74 32.15 28.68
N GLU G 116 42.23 31.64 27.56
CA GLU G 116 41.07 32.30 27.01
C GLU G 116 39.97 32.28 28.06
N PHE G 117 39.93 31.18 28.82
CA PHE G 117 38.89 30.87 29.76
C PHE G 117 39.02 31.78 30.99
N MET G 118 40.17 31.91 31.52
CA MET G 118 40.42 32.84 32.58
C MET G 118 40.21 34.28 32.14
N HIS G 119 40.29 34.57 30.84
CA HIS G 119 40.25 35.95 30.41
C HIS G 119 38.82 36.41 30.48
N VAL G 120 37.91 35.50 30.21
CA VAL G 120 36.54 35.90 30.01
C VAL G 120 35.88 36.35 31.32
N TYR G 121 36.27 35.75 32.43
CA TYR G 121 35.86 36.22 33.74
C TYR G 121 36.57 37.51 34.08
N THR G 122 37.26 38.16 33.12
CA THR G 122 37.79 39.49 33.39
C THR G 122 37.01 40.56 32.66
N THR G 123 35.89 40.23 32.05
CA THR G 123 35.25 41.21 31.21
C THR G 123 33.75 41.43 31.47
N HIS G 124 33.11 40.69 32.38
CA HIS G 124 31.68 40.76 32.51
C HIS G 124 31.38 41.23 33.93
N TYR G 125 30.42 42.16 34.07
CA TYR G 125 30.15 42.76 35.35
C TYR G 125 29.75 41.67 36.36
N ALA G 126 29.01 40.64 35.87
CA ALA G 126 28.43 39.58 36.71
C ALA G 126 29.42 38.53 37.29
N TYR G 127 30.70 38.49 36.89
CA TYR G 127 31.60 37.45 37.36
C TYR G 127 32.81 38.13 37.93
N ARG G 128 33.67 37.36 38.60
CA ARG G 128 34.91 37.92 39.04
C ARG G 128 36.07 37.10 38.50
N PRO G 129 37.24 37.71 38.40
CA PRO G 129 38.42 36.96 38.01
C PRO G 129 38.65 35.78 38.97
N PHE G 130 39.38 34.78 38.47
CA PHE G 130 39.81 33.62 39.23
C PHE G 130 40.92 34.09 40.13
N GLY G 131 41.11 33.37 41.21
CA GLY G 131 42.09 33.77 42.20
C GLY G 131 43.19 32.75 42.31
N CYS G 132 43.54 32.18 41.15
CA CYS G 132 44.61 31.22 41.06
C CYS G 132 45.41 31.53 39.82
N SER G 133 46.68 31.10 39.81
CA SER G 133 47.42 30.86 38.57
C SER G 133 47.50 29.35 38.34
N VAL G 134 47.55 28.96 37.08
CA VAL G 134 47.66 27.58 36.70
C VAL G 134 48.93 27.29 35.90
N ILE G 135 49.87 26.53 36.49
CA ILE G 135 51.01 25.92 35.79
C ILE G 135 50.54 24.76 34.92
N ILE G 136 50.90 24.74 33.64
CA ILE G 136 50.52 23.69 32.73
C ILE G 136 51.81 22.98 32.32
N ALA G 137 51.82 21.67 32.48
CA ALA G 137 52.96 20.84 32.17
C ALA G 137 52.51 19.79 31.19
N SER G 138 53.17 19.70 30.04
CA SER G 138 52.65 18.80 29.03
C SER G 138 53.80 18.06 28.36
N TYR G 139 53.49 16.99 27.68
CA TYR G 139 54.51 16.36 26.86
C TYR G 139 53.87 15.56 25.76
N ALA G 140 53.26 16.25 24.80
CA ALA G 140 52.52 15.68 23.69
C ALA G 140 53.43 15.67 22.46
N ASP G 141 52.89 15.66 21.25
CA ASP G 141 53.75 15.62 20.04
C ASP G 141 54.63 16.86 19.84
N ASP G 142 54.32 17.95 20.53
CA ASP G 142 55.18 19.15 20.52
C ASP G 142 56.33 19.10 21.55
N GLY G 143 56.56 17.97 22.25
CA GLY G 143 57.69 17.94 23.19
C GLY G 143 57.34 18.50 24.60
N PRO G 144 58.30 18.54 25.54
CA PRO G 144 58.10 19.13 26.88
C PRO G 144 57.70 20.59 26.87
N GLN G 145 56.59 20.93 27.51
CA GLN G 145 56.23 22.32 27.58
C GLN G 145 55.76 22.67 28.98
N LEU G 146 56.10 23.86 29.43
CA LEU G 146 55.67 24.42 30.69
C LEU G 146 55.12 25.82 30.46
N PHE G 147 53.81 26.01 30.71
CA PHE G 147 53.17 27.31 30.59
C PHE G 147 52.60 27.74 31.94
N VAL G 148 52.48 29.05 32.20
CA VAL G 148 51.66 29.59 33.29
C VAL G 148 50.50 30.41 32.73
N SER G 149 49.26 30.19 33.15
CA SER G 149 48.20 31.16 32.94
C SER G 149 47.96 31.91 34.24
N ASP G 150 47.57 33.17 34.21
CA ASP G 150 47.30 33.88 35.47
C ASP G 150 45.89 34.48 35.45
N PRO G 151 45.43 35.13 36.51
CA PRO G 151 44.03 35.58 36.58
C PRO G 151 43.63 36.55 35.47
N SER G 152 44.59 37.29 34.91
CA SER G 152 44.36 38.15 33.76
C SER G 152 44.08 37.32 32.52
N GLY G 153 44.67 36.13 32.41
CA GLY G 153 44.46 35.31 31.22
C GLY G 153 45.68 35.35 30.28
N THR G 154 46.72 35.97 30.80
CA THR G 154 47.98 35.99 30.13
C THR G 154 48.63 34.62 30.25
N VAL G 155 49.25 34.16 29.18
CA VAL G 155 49.81 32.84 29.09
C VAL G 155 51.21 33.00 28.60
N ALA G 156 52.17 32.38 29.23
CA ALA G 156 53.55 32.51 28.80
C ALA G 156 54.26 31.20 29.05
N GLY G 157 55.17 30.85 28.14
CA GLY G 157 55.97 29.64 28.28
C GLY G 157 57.29 29.93 28.97
N TYR G 158 57.77 28.91 29.64
CA TYR G 158 58.88 29.04 30.53
C TYR G 158 59.84 27.88 30.47
N TYR G 159 61.09 28.10 30.80
CA TYR G 159 61.99 27.00 31.10
C TYR G 159 61.86 26.56 32.54
N GLY G 160 61.73 27.51 33.44
CA GLY G 160 61.58 27.25 34.85
C GLY G 160 60.73 28.36 35.45
N ILE G 161 60.07 28.13 36.59
CA ILE G 161 59.24 29.18 37.15
C ILE G 161 58.98 28.95 38.63
N ALA G 162 58.48 29.97 39.30
CA ALA G 162 58.10 29.91 40.72
C ALA G 162 56.95 30.86 40.95
N LEU G 163 55.88 30.40 41.60
CA LEU G 163 54.80 31.28 42.04
C LEU G 163 54.68 31.28 43.54
N GLY G 164 53.89 32.24 44.05
CA GLY G 164 53.48 32.36 45.44
C GLY G 164 54.46 33.16 46.30
N LYS G 165 54.33 33.04 47.63
CA LYS G 165 55.00 33.92 48.55
C LYS G 165 56.50 33.75 48.49
N GLY G 166 57.00 32.53 48.31
CA GLY G 166 58.44 32.37 48.27
C GLY G 166 59.08 32.82 46.94
N LYS G 167 58.27 33.32 45.99
CA LYS G 167 58.67 33.26 44.58
C LYS G 167 59.88 34.11 44.26
N THR G 168 60.25 35.14 45.03
CA THR G 168 61.38 35.95 44.62
C THR G 168 62.70 35.26 44.96
N VAL G 169 62.79 34.59 46.10
CA VAL G 169 63.98 33.79 46.33
C VAL G 169 64.00 32.58 45.39
N ALA G 170 62.92 31.78 45.32
CA ALA G 170 62.94 30.57 44.50
C ALA G 170 63.45 30.87 43.09
N LYS G 171 63.06 32.03 42.52
CA LYS G 171 63.46 32.50 41.20
C LYS G 171 64.97 32.69 41.13
N THR G 172 65.58 33.23 42.18
CA THR G 172 67.02 33.37 42.26
C THR G 172 67.75 32.02 42.22
N GLU G 173 67.14 30.93 42.75
CA GLU G 173 67.82 29.64 42.79
C GLU G 173 67.60 28.87 41.48
N LEU G 174 66.39 28.96 40.93
CA LEU G 174 66.07 28.46 39.60
C LEU G 174 66.95 29.10 38.53
N GLU G 175 67.61 30.24 38.82
CA GLU G 175 68.45 30.88 37.81
C GLU G 175 69.82 30.19 37.74
N LYS G 176 70.25 29.55 38.83
CA LYS G 176 71.51 28.84 38.89
C LYS G 176 71.47 27.45 38.22
N LEU G 177 70.28 26.90 37.90
CA LEU G 177 70.21 25.65 37.14
C LEU G 177 70.72 25.82 35.70
N ASN G 178 70.81 24.70 34.99
CA ASN G 178 71.18 24.69 33.58
C ASN G 178 70.18 23.87 32.79
N PHE G 179 69.43 24.55 31.91
CA PHE G 179 68.17 24.02 31.40
C PHE G 179 68.38 23.23 30.11
N LYS G 180 69.63 23.24 29.60
CA LYS G 180 69.97 22.46 28.42
C LYS G 180 70.38 21.03 28.78
N SER G 181 70.86 20.82 30.03
CA SER G 181 71.38 19.53 30.45
C SER G 181 70.38 18.77 31.34
N ILE G 182 69.77 19.50 32.27
CA ILE G 182 69.15 18.95 33.47
C ILE G 182 68.06 17.96 33.09
N THR G 183 68.04 16.83 33.81
CA THR G 183 67.03 15.82 33.59
C THR G 183 65.91 15.90 34.62
N CYS G 184 64.92 15.02 34.45
CA CYS G 184 63.77 14.94 35.33
C CYS G 184 64.18 14.40 36.69
N ASP G 185 65.15 13.47 36.70
CA ASP G 185 65.66 12.88 37.93
C ASP G 185 66.41 13.91 38.76
N GLU G 186 67.25 14.76 38.14
CA GLU G 186 68.04 15.73 38.88
C GLU G 186 67.13 16.82 39.44
N ALA G 187 66.15 17.23 38.62
CA ALA G 187 65.23 18.33 38.93
C ALA G 187 64.39 18.01 40.15
N VAL G 188 63.89 16.77 40.26
CA VAL G 188 63.09 16.37 41.41
C VAL G 188 63.86 16.62 42.69
N VAL G 189 65.17 16.41 42.64
CA VAL G 189 66.02 16.70 43.79
C VAL G 189 66.14 18.21 44.01
N LYS G 190 66.42 18.99 42.95
CA LYS G 190 66.82 20.37 43.14
C LYS G 190 65.63 21.27 43.51
N LEU G 191 64.48 20.99 42.91
CA LEU G 191 63.28 21.75 43.18
C LEU G 191 62.81 21.48 44.60
N THR G 192 63.05 20.27 45.10
CA THR G 192 62.59 19.93 46.44
C THR G 192 63.48 20.67 47.43
N LYS G 193 64.76 20.83 47.10
CA LYS G 193 65.66 21.57 47.96
C LYS G 193 65.27 23.05 48.02
N ILE G 194 64.73 23.61 46.94
CA ILE G 194 64.41 25.02 46.88
C ILE G 194 63.13 25.29 47.68
N LEU G 195 62.15 24.39 47.60
CA LEU G 195 60.97 24.55 48.41
C LEU G 195 61.28 24.40 49.89
N HIS G 196 62.29 23.60 50.28
CA HIS G 196 62.60 23.41 51.69
C HIS G 196 63.34 24.63 52.27
N ASP G 197 63.97 25.45 51.42
CA ASP G 197 64.79 26.57 51.84
C ASP G 197 63.97 27.86 51.90
N VAL G 198 63.00 28.02 50.99
CA VAL G 198 62.19 29.22 50.96
C VAL G 198 61.03 29.09 51.94
N HIS G 199 60.95 27.94 52.62
CA HIS G 199 59.85 27.68 53.55
C HIS G 199 60.05 28.53 54.80
N ASP G 200 58.96 29.17 55.26
CA ASP G 200 58.96 30.01 56.45
C ASP G 200 58.41 29.20 57.62
N LYS G 201 59.20 29.10 58.70
CA LYS G 201 59.00 28.12 59.76
C LYS G 201 58.24 28.74 60.93
N SER G 202 58.30 30.07 61.01
CA SER G 202 57.59 30.87 62.00
C SER G 202 56.08 30.82 61.78
N LYS G 203 55.67 30.81 60.50
CA LYS G 203 54.30 31.13 60.10
C LYS G 203 53.52 29.87 59.74
N ASP G 204 54.15 28.91 59.04
CA ASP G 204 53.48 27.70 58.53
C ASP G 204 54.21 26.44 59.03
N LYS G 205 53.77 25.88 60.16
CA LYS G 205 54.54 24.87 60.86
C LYS G 205 54.36 23.50 60.21
N LEU G 206 53.15 23.27 59.69
CA LEU G 206 52.77 22.02 59.06
C LEU G 206 52.71 22.18 57.54
N TYR G 207 53.58 21.45 56.83
CA TYR G 207 53.49 21.39 55.38
C TYR G 207 53.95 20.02 54.88
N GLU G 208 53.48 19.65 53.68
CA GLU G 208 54.14 18.62 52.89
C GLU G 208 54.35 19.11 51.47
N LEU G 209 55.26 18.41 50.77
CA LEU G 209 55.53 18.70 49.37
C LEU G 209 54.77 17.72 48.46
N GLU G 210 54.23 18.28 47.40
CA GLU G 210 53.63 17.47 46.36
C GLU G 210 54.57 17.59 45.15
N VAL G 211 54.76 16.55 44.33
CA VAL G 211 55.66 16.66 43.20
C VAL G 211 55.18 15.74 42.07
N ALA G 212 55.05 16.24 40.85
CA ALA G 212 54.62 15.40 39.75
C ALA G 212 55.51 15.57 38.57
N TRP G 213 55.24 14.78 37.53
CA TRP G 213 56.09 14.80 36.35
C TRP G 213 55.46 14.10 35.15
N VAL G 214 55.96 14.51 33.99
CA VAL G 214 55.68 13.86 32.75
C VAL G 214 56.99 13.84 32.03
N CYS G 215 57.55 12.64 31.89
CA CYS G 215 58.89 12.37 31.40
C CYS G 215 58.89 11.13 30.50
N ASN G 216 60.06 10.75 29.95
CA ASN G 216 60.18 9.55 29.09
C ASN G 216 60.22 8.27 29.93
N LYS G 217 60.75 8.37 31.16
CA LYS G 217 60.60 7.36 32.19
C LYS G 217 59.15 6.91 32.37
N SER G 218 58.24 7.86 32.67
CA SER G 218 56.85 7.55 32.98
C SER G 218 56.07 7.21 31.73
N ASN G 219 56.76 7.03 30.59
CA ASN G 219 56.13 6.65 29.33
C ASN G 219 55.17 7.78 28.92
N CYS G 220 55.64 9.02 29.15
CA CYS G 220 54.96 10.28 28.87
C CYS G 220 53.60 10.38 29.53
N VAL G 221 53.40 9.75 30.69
CA VAL G 221 52.16 9.87 31.43
C VAL G 221 52.30 10.86 32.59
N PHE G 222 51.40 11.83 32.70
CA PHE G 222 51.52 12.74 33.83
C PHE G 222 51.13 12.00 35.10
N GLN G 223 51.91 12.15 36.16
CA GLN G 223 51.65 11.38 37.36
C GLN G 223 52.47 11.91 38.53
N HIS G 224 51.93 11.73 39.74
CA HIS G 224 52.64 12.09 40.98
C HIS G 224 53.89 11.24 41.00
N VAL G 225 55.02 11.77 41.45
CA VAL G 225 56.24 10.97 41.47
C VAL G 225 56.08 9.97 42.61
N PRO G 226 56.59 8.72 42.48
CA PRO G 226 56.61 7.76 43.59
C PRO G 226 57.29 8.28 44.86
N ASN G 227 56.62 8.13 46.01
CA ASN G 227 56.91 8.86 47.24
C ASN G 227 58.28 8.55 47.84
N ASP G 228 59.08 7.69 47.20
CA ASP G 228 60.34 7.22 47.74
C ASP G 228 61.52 7.95 47.10
N MET G 229 61.34 9.25 46.76
CA MET G 229 62.31 9.97 45.94
C MET G 229 62.41 11.43 46.36
N ILE G 230 62.42 11.68 47.68
CA ILE G 230 62.39 13.04 48.22
C ILE G 230 63.45 13.17 49.33
N THR H 55 30.55 5.92 -10.51
CA THR H 55 31.85 6.49 -10.09
C THR H 55 32.81 5.32 -9.84
N THR H 56 34.09 5.57 -10.05
CA THR H 56 35.12 4.69 -9.59
C THR H 56 36.18 5.55 -8.94
N ILE H 57 36.40 5.41 -7.63
CA ILE H 57 37.42 6.10 -6.86
C ILE H 57 38.29 5.09 -6.17
N MET H 58 39.50 5.52 -5.85
CA MET H 58 40.41 4.64 -5.16
C MET H 58 41.60 5.43 -4.61
N ALA H 59 42.25 4.91 -3.59
CA ALA H 59 43.49 5.46 -3.11
C ALA H 59 44.43 4.36 -2.73
N VAL H 60 45.70 4.60 -2.92
CA VAL H 60 46.68 3.56 -2.70
C VAL H 60 47.86 4.17 -1.95
N ALA H 61 48.34 3.43 -0.97
CA ALA H 61 49.53 3.86 -0.27
C ALA H 61 50.79 3.34 -0.99
N PHE H 62 51.82 4.18 -0.98
CA PHE H 62 53.15 3.77 -1.38
C PHE H 62 54.11 4.32 -0.33
N LYS H 63 55.39 4.00 -0.47
CA LYS H 63 56.28 4.35 0.61
C LYS H 63 56.59 5.83 0.50
N GLY H 64 56.07 6.58 1.45
CA GLY H 64 56.29 8.00 1.41
C GLY H 64 55.02 8.81 1.08
N GLY H 65 53.94 8.17 0.63
CA GLY H 65 52.83 8.94 0.12
C GLY H 65 51.62 8.12 -0.28
N VAL H 66 50.69 8.78 -0.92
CA VAL H 66 49.52 8.12 -1.46
C VAL H 66 49.33 8.56 -2.88
N VAL H 67 48.55 7.78 -3.62
CA VAL H 67 47.94 8.23 -4.85
C VAL H 67 46.43 8.14 -4.75
N LEU H 68 45.74 9.19 -5.19
CA LEU H 68 44.31 9.13 -5.37
C LEU H 68 43.97 9.17 -6.85
N ALA H 69 42.95 8.39 -7.27
CA ALA H 69 42.50 8.27 -8.65
C ALA H 69 40.99 8.28 -8.76
N ALA H 70 40.49 8.82 -9.88
CA ALA H 70 39.06 8.80 -10.11
C ALA H 70 38.71 8.93 -11.58
N ASP H 71 37.52 8.48 -11.95
CA ASP H 71 36.96 8.68 -13.29
C ASP H 71 36.35 10.10 -13.25
N SER H 72 35.71 10.52 -14.31
CA SER H 72 35.26 11.89 -14.40
C SER H 72 33.78 11.98 -14.75
N ARG H 73 32.95 11.03 -14.40
CA ARG H 73 31.61 11.11 -14.90
C ARG H 73 30.57 11.38 -13.82
N THR H 74 29.63 12.24 -14.14
CA THR H 74 28.51 12.42 -13.27
C THR H 74 27.30 12.10 -14.07
N SER H 75 26.42 11.29 -13.50
CA SER H 75 25.32 10.79 -14.27
C SER H 75 24.00 10.81 -13.49
N THR H 76 22.88 10.91 -14.24
CA THR H 76 21.53 10.77 -13.70
C THR H 76 21.00 9.34 -13.74
N GLY H 77 21.87 8.38 -14.02
CA GLY H 77 21.41 7.02 -14.20
C GLY H 77 21.72 6.56 -15.62
N THR H 78 21.17 7.28 -16.59
CA THR H 78 21.27 6.83 -17.96
C THR H 78 21.97 7.88 -18.82
N TYR H 79 21.94 9.11 -18.36
CA TYR H 79 22.41 10.19 -19.17
C TYR H 79 23.48 10.91 -18.42
N VAL H 80 24.56 11.27 -19.11
CA VAL H 80 25.69 11.90 -18.45
C VAL H 80 25.49 13.41 -18.31
N VAL H 81 25.35 13.97 -17.12
CA VAL H 81 25.17 15.41 -17.05
C VAL H 81 26.49 16.13 -17.01
N ASN H 82 27.54 15.53 -16.49
CA ASN H 82 28.86 16.14 -16.60
C ASN H 82 29.89 15.09 -16.95
N ARG H 83 30.66 15.34 -17.97
CA ARG H 83 31.62 14.35 -18.37
C ARG H 83 33.02 14.68 -17.91
N ALA H 84 33.18 15.70 -17.09
CA ALA H 84 34.50 16.13 -16.69
C ALA H 84 34.53 16.59 -15.25
N SER H 85 33.80 15.89 -14.36
CA SER H 85 33.83 16.23 -12.95
C SER H 85 35.20 16.01 -12.38
N ASN H 86 35.32 16.64 -11.21
CA ASN H 86 36.51 16.51 -10.40
C ASN H 86 36.18 16.04 -8.98
N LYS H 87 36.39 14.72 -8.82
CA LYS H 87 36.01 13.92 -7.67
C LYS H 87 37.17 13.85 -6.67
N LEU H 88 38.33 14.37 -7.04
CA LEU H 88 39.40 14.53 -6.12
C LEU H 88 39.40 15.93 -5.52
N THR H 89 38.92 16.05 -4.28
CA THR H 89 38.67 17.33 -3.68
C THR H 89 39.75 17.59 -2.65
N LYS H 90 40.25 18.80 -2.62
CA LYS H 90 41.28 19.20 -1.67
C LYS H 90 40.68 19.55 -0.30
N LEU H 91 41.27 19.03 0.81
CA LEU H 91 40.84 19.31 2.18
C LEU H 91 41.91 20.10 2.94
N ALA H 92 43.17 19.91 2.61
CA ALA H 92 44.29 20.71 3.10
C ALA H 92 45.48 20.50 2.14
N GLU H 93 46.56 21.20 2.37
CA GLU H 93 47.62 21.19 1.38
C GLU H 93 47.89 19.75 0.95
N LYS H 94 47.96 18.76 1.89
CA LYS H 94 48.34 17.41 1.49
C LYS H 94 47.34 16.32 1.84
N ILE H 95 46.12 16.75 2.06
CA ILE H 95 45.04 15.86 2.31
C ILE H 95 43.96 16.14 1.29
N TYR H 96 43.54 15.05 0.61
CA TYR H 96 42.43 15.08 -0.35
C TYR H 96 41.39 14.04 -0.05
N CYS H 97 40.21 14.21 -0.59
CA CYS H 97 39.31 13.11 -0.54
C CYS H 97 38.78 12.72 -1.92
N CYS H 98 38.35 11.49 -2.09
CA CYS H 98 37.69 11.06 -3.28
C CYS H 98 36.23 10.86 -2.94
N ARG H 99 35.35 11.54 -3.65
CA ARG H 99 33.93 11.61 -3.44
C ARG H 99 33.19 10.62 -4.29
N SER H 100 32.26 9.86 -3.70
CA SER H 100 31.32 9.07 -4.45
C SER H 100 29.96 9.24 -3.80
N GLY H 101 28.93 9.00 -4.60
CA GLY H 101 27.56 9.11 -4.17
C GLY H 101 26.98 10.44 -4.64
N SER H 102 25.93 10.90 -3.98
CA SER H 102 25.35 12.18 -4.26
C SER H 102 26.42 13.22 -4.36
N ALA H 103 26.46 13.99 -5.45
CA ALA H 103 27.44 15.04 -5.53
C ALA H 103 27.09 16.20 -4.59
N ALA H 104 25.82 16.55 -4.48
CA ALA H 104 25.37 17.59 -3.56
C ALA H 104 25.83 17.36 -2.13
N ASP H 105 25.57 16.16 -1.57
CA ASP H 105 26.06 15.77 -0.25
C ASP H 105 27.59 15.81 -0.12
N THR H 106 28.33 15.19 -1.02
CA THR H 106 29.77 15.09 -0.78
C THR H 106 30.53 16.37 -1.02
N GLN H 107 29.98 17.27 -1.86
CA GLN H 107 30.50 18.63 -1.98
C GLN H 107 30.27 19.39 -0.68
N ALA H 108 29.09 19.29 -0.07
CA ALA H 108 28.79 20.00 1.17
C ALA H 108 29.63 19.45 2.33
N LEU H 109 29.79 18.13 2.45
CA LEU H 109 30.61 17.60 3.55
C LEU H 109 32.09 17.87 3.31
N ALA H 110 32.57 17.98 2.07
CA ALA H 110 34.00 18.19 1.92
C ALA H 110 34.35 19.62 2.27
N GLU H 111 33.40 20.51 1.91
CA GLU H 111 33.59 21.93 2.06
C GLU H 111 33.65 22.20 3.57
N GLN H 112 32.71 21.59 4.27
CA GLN H 112 32.66 21.66 5.71
C GLN H 112 33.86 21.06 6.40
N THR H 113 34.30 19.91 5.98
CA THR H 113 35.51 19.38 6.54
C THR H 113 36.71 20.27 6.31
N ALA H 114 36.75 20.99 5.21
CA ALA H 114 37.93 21.80 4.85
C ALA H 114 37.98 23.08 5.64
N ASN H 115 36.79 23.59 5.93
CA ASN H 115 36.60 24.78 6.72
C ASN H 115 37.13 24.52 8.13
N TYR H 116 36.76 23.37 8.74
CA TYR H 116 37.24 23.00 10.05
C TYR H 116 38.74 22.79 10.12
N LEU H 117 39.34 22.19 9.10
CA LEU H 117 40.74 21.88 9.17
C LEU H 117 41.57 23.13 9.02
N GLU H 118 41.10 24.12 8.27
CA GLU H 118 41.88 25.35 8.07
C GLU H 118 41.95 26.17 9.37
N SER H 119 40.82 26.28 10.07
CA SER H 119 40.71 26.79 11.43
C SER H 119 41.64 26.08 12.40
N TYR H 120 41.62 24.77 12.41
CA TYR H 120 42.49 24.01 13.30
C TYR H 120 43.94 24.24 12.99
N GLU H 121 44.34 24.27 11.73
CA GLU H 121 45.73 24.57 11.41
C GLU H 121 46.19 25.98 11.81
N ILE H 122 45.30 26.99 11.84
CA ILE H 122 45.72 28.30 12.27
C ILE H 122 45.97 28.35 13.77
N ASP H 123 45.07 27.74 14.53
CA ASP H 123 45.19 27.60 15.97
C ASP H 123 46.49 26.89 16.30
N THR H 124 46.55 25.62 15.98
CA THR H 124 47.76 24.85 16.24
C THR H 124 49.04 25.43 15.62
N SER H 125 48.94 26.15 14.49
CA SER H 125 50.08 26.63 13.72
C SER H 125 50.87 25.49 13.09
N LYS H 126 50.25 24.32 12.86
CA LYS H 126 50.97 23.15 12.36
C LYS H 126 50.20 22.54 11.19
N PRO H 127 50.87 21.81 10.29
CA PRO H 127 50.13 21.05 9.28
C PRO H 127 49.33 19.94 9.93
N VAL H 128 48.23 19.56 9.30
CA VAL H 128 47.31 18.71 9.99
C VAL H 128 47.53 17.30 9.53
N ASN H 129 47.29 16.36 10.45
CA ASN H 129 47.52 14.97 10.18
C ASN H 129 46.30 14.38 9.52
N VAL H 130 46.52 13.28 8.82
CA VAL H 130 45.49 12.72 8.02
C VAL H 130 44.35 12.23 8.92
N THR H 131 44.73 11.69 10.07
CA THR H 131 43.76 11.05 10.97
C THR H 131 42.73 12.05 11.45
N THR H 132 43.15 13.29 11.61
CA THR H 132 42.26 14.39 11.98
C THR H 132 41.24 14.65 10.89
N ALA H 133 41.69 14.69 9.62
CA ALA H 133 40.79 14.91 8.50
C ALA H 133 39.77 13.81 8.48
N ALA H 134 40.29 12.60 8.64
CA ALA H 134 39.47 11.43 8.53
C ALA H 134 38.43 11.43 9.62
N ASN H 135 38.81 11.71 10.86
CA ASN H 135 37.84 11.77 11.97
C ASN H 135 36.79 12.86 11.87
N ILE H 136 37.19 14.04 11.42
CA ILE H 136 36.20 15.08 11.28
C ILE H 136 35.14 14.64 10.28
N PHE H 137 35.56 14.13 9.12
CA PHE H 137 34.71 13.76 8.02
C PHE H 137 33.79 12.67 8.53
N LYS H 138 34.40 11.55 8.99
CA LYS H 138 33.70 10.40 9.56
C LYS H 138 32.53 10.78 10.43
N LYS H 139 32.72 11.75 11.31
CA LYS H 139 31.70 12.19 12.24
C LYS H 139 30.56 12.84 11.51
N LEU H 140 30.87 13.72 10.56
CA LEU H 140 29.85 14.27 9.68
C LEU H 140 29.09 13.21 8.90
N CYS H 141 29.76 12.16 8.48
CA CYS H 141 29.16 11.10 7.70
C CYS H 141 28.29 10.18 8.58
N TYR H 142 28.67 10.05 9.84
CA TYR H 142 27.93 9.28 10.84
C TYR H 142 26.72 10.02 11.38
N MET H 143 26.88 11.28 11.76
CA MET H 143 25.73 12.06 12.21
C MET H 143 24.66 12.20 11.13
N ASN H 144 25.00 12.26 9.88
CA ASN H 144 23.98 12.45 8.88
C ASN H 144 23.65 11.16 8.11
N LYS H 145 23.91 9.99 8.67
CA LYS H 145 23.92 8.81 7.80
C LYS H 145 22.58 8.59 7.14
N TRP H 146 21.45 8.95 7.78
CA TRP H 146 20.14 8.62 7.22
C TRP H 146 19.71 9.60 6.14
N ASN H 147 20.35 10.78 6.10
CA ASN H 147 19.96 11.87 5.21
C ASN H 147 20.83 11.97 3.97
N ILE H 148 21.92 11.19 3.84
CA ILE H 148 22.83 11.36 2.70
C ILE H 148 23.06 10.02 1.97
N SER H 149 23.62 10.13 0.77
CA SER H 149 24.26 9.02 0.09
C SER H 149 25.72 9.40 -0.21
N ALA H 150 26.65 8.89 0.60
CA ALA H 150 28.06 9.26 0.48
C ALA H 150 28.97 8.08 0.76
N GLY H 151 29.97 7.86 -0.10
CA GLY H 151 31.10 7.01 0.20
C GLY H 151 32.42 7.76 -0.05
N ILE H 152 33.27 7.88 0.96
CA ILE H 152 34.38 8.81 0.94
C ILE H 152 35.68 8.04 1.16
N ILE H 153 36.76 8.54 0.59
CA ILE H 153 38.09 8.10 0.88
C ILE H 153 38.89 9.32 1.21
N VAL H 154 39.51 9.35 2.37
CA VAL H 154 40.39 10.44 2.76
C VAL H 154 41.77 9.90 2.70
N ALA H 155 42.68 10.60 2.03
CA ALA H 155 44.06 10.19 2.02
C ALA H 155 44.93 11.40 1.92
N GLY H 156 46.15 11.16 2.30
CA GLY H 156 46.97 12.30 2.59
C GLY H 156 48.37 11.91 2.96
N TYR H 157 49.20 12.91 3.12
CA TYR H 157 50.55 12.75 3.62
C TYR H 157 50.69 13.70 4.79
N ASP H 158 51.32 13.22 5.83
CA ASP H 158 51.73 14.05 6.94
C ASP H 158 53.01 13.45 7.50
N PRO H 159 53.89 14.30 8.07
CA PRO H 159 55.22 13.88 8.54
C PRO H 159 55.28 12.86 9.68
N LEU H 160 54.21 12.76 10.47
CA LEU H 160 54.19 11.90 11.65
C LEU H 160 53.90 10.46 11.25
N ASN H 161 52.90 10.25 10.40
CA ASN H 161 52.51 8.92 9.97
C ASN H 161 52.67 8.63 8.49
N GLY H 162 53.35 9.49 7.71
CA GLY H 162 53.55 9.23 6.29
C GLY H 162 52.25 9.29 5.47
N GLY H 163 52.09 8.39 4.50
CA GLY H 163 50.91 8.35 3.67
C GLY H 163 49.80 7.52 4.32
N SER H 164 48.55 7.98 4.38
CA SER H 164 47.54 7.12 4.94
C SER H 164 46.25 7.23 4.20
N VAL H 165 45.49 6.20 4.32
CA VAL H 165 44.28 6.03 3.55
C VAL H 165 43.21 5.61 4.53
N TYR H 166 42.10 6.30 4.55
CA TYR H 166 40.94 5.88 5.27
C TYR H 166 39.77 5.71 4.32
N SER H 167 39.07 4.59 4.41
CA SER H 167 37.77 4.41 3.80
C SER H 167 36.66 4.86 4.77
N ILE H 168 35.72 5.61 4.26
CA ILE H 168 34.57 5.93 5.07
C ILE H 168 33.36 5.63 4.22
N PRO H 169 32.89 4.40 4.20
CA PRO H 169 31.68 4.05 3.48
C PRO H 169 30.36 4.49 4.09
N SER H 170 29.30 4.17 3.36
CA SER H 170 27.93 4.52 3.77
C SER H 170 27.68 3.94 5.14
N GLY H 171 27.00 4.69 5.99
CA GLY H 171 26.85 4.28 7.37
C GLY H 171 27.89 4.92 8.31
N GLY H 172 29.02 5.41 7.77
CA GLY H 172 29.89 6.25 8.58
C GLY H 172 30.92 5.50 9.40
N SER H 173 31.29 4.30 9.02
CA SER H 173 32.41 3.66 9.68
C SER H 173 33.72 4.31 9.21
N CYS H 174 34.86 3.97 9.81
CA CYS H 174 36.11 4.50 9.31
C CYS H 174 37.24 3.53 9.53
N VAL H 175 37.80 3.10 8.42
CA VAL H 175 38.77 2.02 8.36
C VAL H 175 40.06 2.46 7.71
N LYS H 176 41.16 2.09 8.32
CA LYS H 176 42.48 2.55 7.94
C LYS H 176 43.19 1.44 7.21
N LEU H 177 43.52 1.69 5.95
CA LEU H 177 43.93 0.64 5.04
C LEU H 177 45.18 1.02 4.26
N ASP H 178 45.62 0.07 3.47
CA ASP H 178 46.72 0.21 2.52
C ASP H 178 46.15 0.56 1.13
N TYR H 179 44.91 0.19 0.82
CA TYR H 179 44.24 0.75 -0.31
C TYR H 179 42.73 0.72 -0.10
N ALA H 180 42.03 1.55 -0.84
CA ALA H 180 40.62 1.63 -0.66
C ALA H 180 40.01 1.78 -2.03
N LEU H 181 38.87 1.16 -2.24
CA LEU H 181 38.09 1.30 -3.43
C LEU H 181 36.71 1.82 -3.11
N GLY H 182 36.07 2.50 -4.02
CA GLY H 182 34.76 3.05 -3.72
C GLY H 182 34.02 3.34 -4.99
N GLY H 183 32.73 3.70 -4.83
CA GLY H 183 31.84 3.95 -5.95
C GLY H 183 31.40 2.62 -6.56
N SER H 184 30.37 2.77 -7.41
CA SER H 184 29.76 1.72 -8.20
C SER H 184 30.82 0.93 -8.94
N GLY H 185 31.87 1.59 -9.42
CA GLY H 185 32.81 0.85 -10.23
C GLY H 185 33.76 0.02 -9.38
N SER H 186 33.70 0.15 -8.06
CA SER H 186 34.63 -0.55 -7.18
C SER H 186 34.52 -2.06 -7.25
N ILE H 187 33.32 -2.57 -7.41
CA ILE H 187 33.01 -4.01 -7.38
C ILE H 187 33.68 -4.75 -8.54
N PHE H 188 34.14 -4.04 -9.59
CA PHE H 188 34.95 -4.64 -10.63
C PHE H 188 36.43 -4.68 -10.32
N LEU H 189 36.92 -4.05 -9.25
CA LEU H 189 38.36 -3.95 -9.02
C LEU H 189 38.92 -4.79 -7.88
N TYR H 190 38.08 -5.37 -7.00
CA TYR H 190 38.50 -6.21 -5.88
C TYR H 190 39.45 -7.28 -6.36
N SER H 191 39.00 -8.07 -7.32
CA SER H 191 39.72 -9.15 -7.97
C SER H 191 40.94 -8.66 -8.74
N PHE H 192 40.84 -7.49 -9.33
CA PHE H 192 41.95 -6.87 -10.02
C PHE H 192 43.08 -6.71 -9.03
N PHE H 193 42.80 -6.02 -7.95
CA PHE H 193 43.76 -5.75 -6.89
C PHE H 193 44.26 -7.00 -6.20
N ASP H 194 43.39 -7.93 -5.88
CA ASP H 194 43.79 -9.22 -5.34
C ASP H 194 44.82 -9.97 -6.22
N ALA H 195 44.62 -9.90 -7.51
CA ALA H 195 45.40 -10.57 -8.54
C ALA H 195 46.67 -9.82 -8.95
N ASN H 196 46.68 -8.49 -8.91
CA ASN H 196 47.66 -7.69 -9.65
C ASN H 196 48.35 -6.66 -8.77
N TYR H 197 47.78 -6.30 -7.63
CA TYR H 197 48.36 -5.28 -6.77
C TYR H 197 49.42 -5.89 -5.87
N LYS H 198 50.40 -5.07 -5.55
CA LYS H 198 51.52 -5.50 -4.73
C LYS H 198 51.84 -4.38 -3.76
N THR H 199 52.44 -4.74 -2.63
CA THR H 199 52.98 -3.72 -1.75
C THR H 199 54.37 -3.40 -2.29
N GLY H 200 54.92 -2.25 -1.85
CA GLY H 200 56.28 -1.85 -2.16
C GLY H 200 56.41 -0.97 -3.41
N MET H 201 55.27 -0.64 -4.05
CA MET H 201 55.30 0.07 -5.32
C MET H 201 55.82 1.48 -5.06
N SER H 202 56.59 2.01 -6.02
CA SER H 202 57.04 3.41 -6.02
C SER H 202 55.89 4.33 -6.40
N LYS H 203 56.12 5.62 -6.27
CA LYS H 203 55.15 6.58 -6.74
C LYS H 203 54.75 6.30 -8.20
N GLU H 204 55.72 6.11 -9.08
CA GLU H 204 55.43 6.01 -10.50
C GLU H 204 54.70 4.72 -10.80
N GLU H 205 55.06 3.63 -10.12
CA GLU H 205 54.33 2.39 -10.32
C GLU H 205 52.87 2.55 -9.86
N CYS H 206 52.67 3.26 -8.78
CA CYS H 206 51.38 3.39 -8.18
C CYS H 206 50.47 4.30 -9.00
N VAL H 207 50.98 5.39 -9.57
CA VAL H 207 50.16 6.23 -10.46
C VAL H 207 49.68 5.38 -11.64
N CYS H 208 50.64 4.74 -12.28
CA CYS H 208 50.33 3.94 -13.42
C CYS H 208 49.33 2.83 -13.11
N PHE H 209 49.55 2.11 -12.02
CA PHE H 209 48.61 1.08 -11.59
C PHE H 209 47.19 1.66 -11.35
N CYS H 210 47.08 2.75 -10.62
CA CYS H 210 45.78 3.39 -10.45
C CYS H 210 45.11 3.76 -11.78
N GLN H 211 45.88 4.25 -12.76
CA GLN H 211 45.28 4.67 -14.01
C GLN H 211 44.71 3.47 -14.70
N ARG H 212 45.41 2.36 -14.60
CA ARG H 212 44.99 1.14 -15.26
C ARG H 212 43.80 0.44 -14.57
N ALA H 213 43.72 0.53 -13.25
CA ALA H 213 42.56 0.09 -12.49
C ALA H 213 41.35 0.93 -12.84
N VAL H 214 41.44 2.25 -12.80
CA VAL H 214 40.28 3.04 -13.12
C VAL H 214 39.73 2.67 -14.50
N ALA H 215 40.64 2.41 -15.45
CA ALA H 215 40.24 2.23 -16.82
C ALA H 215 39.53 0.89 -16.99
N HIS H 216 40.00 -0.12 -16.25
CA HIS H 216 39.33 -1.40 -16.21
C HIS H 216 37.94 -1.27 -15.62
N ALA H 217 37.81 -0.58 -14.53
CA ALA H 217 36.50 -0.32 -13.95
C ALA H 217 35.59 0.40 -14.92
N TYR H 218 36.04 1.53 -15.45
CA TYR H 218 35.08 2.31 -16.21
C TYR H 218 34.77 1.67 -17.56
N SER H 219 35.54 0.73 -18.07
CA SER H 219 35.14 0.06 -19.30
C SER H 219 33.96 -0.88 -19.12
N ARG H 220 33.65 -1.29 -17.90
CA ARG H 220 32.58 -2.24 -17.71
C ARG H 220 31.43 -1.60 -16.94
N ASP H 221 31.71 -0.50 -16.23
CA ASP H 221 30.68 0.15 -15.44
C ASP H 221 30.06 1.23 -16.30
N GLY H 222 28.75 1.08 -16.64
CA GLY H 222 27.96 2.10 -17.31
C GLY H 222 27.98 3.45 -16.58
N SER H 223 28.09 3.42 -15.27
CA SER H 223 28.05 4.65 -14.48
C SER H 223 29.40 5.29 -14.25
N SER H 224 30.46 4.87 -14.95
CA SER H 224 31.78 5.55 -14.81
C SER H 224 32.29 5.81 -16.21
N GLY H 225 33.25 6.68 -16.36
CA GLY H 225 33.74 6.94 -17.70
C GLY H 225 34.42 8.29 -17.80
N GLY H 226 34.92 8.63 -18.98
CA GLY H 226 35.48 9.95 -19.21
C GLY H 226 36.98 10.03 -18.98
N LEU H 227 37.40 11.05 -18.23
CA LEU H 227 38.81 11.25 -17.97
C LEU H 227 39.24 10.32 -16.86
N ILE H 228 40.53 10.10 -16.73
CA ILE H 228 41.08 9.58 -15.48
C ILE H 228 41.93 10.61 -14.77
N ARG H 229 41.49 11.15 -13.63
CA ARG H 229 42.34 12.10 -12.86
C ARG H 229 43.08 11.40 -11.76
N THR H 230 44.33 11.72 -11.56
CA THR H 230 45.05 11.28 -10.38
C THR H 230 45.75 12.42 -9.63
N ILE H 231 46.06 12.17 -8.35
CA ILE H 231 46.94 13.05 -7.64
C ILE H 231 47.79 12.26 -6.64
N ALA H 232 49.07 12.63 -6.57
CA ALA H 232 50.09 12.02 -5.76
C ALA H 232 50.59 12.99 -4.71
N LEU H 233 50.52 12.54 -3.46
CA LEU H 233 50.74 13.35 -2.29
C LEU H 233 51.85 12.72 -1.47
N HIS H 234 52.88 13.50 -1.10
CA HIS H 234 54.09 12.95 -0.49
C HIS H 234 54.81 14.15 0.10
N GLN H 235 56.09 14.05 0.50
CA GLN H 235 56.68 15.17 1.22
C GLN H 235 56.90 16.39 0.30
N GLY H 236 57.12 16.11 -1.00
CA GLY H 236 57.23 17.13 -2.05
C GLY H 236 55.89 17.74 -2.48
N GLU H 237 55.87 18.41 -3.65
CA GLU H 237 54.73 19.16 -4.14
C GLU H 237 53.66 18.23 -4.71
N PRO H 238 52.36 18.53 -4.52
CA PRO H 238 51.29 17.72 -5.13
C PRO H 238 51.38 17.63 -6.64
N GLU H 239 51.24 16.41 -7.16
CA GLU H 239 51.28 16.15 -8.58
C GLU H 239 49.95 15.61 -9.08
N ASP H 240 49.30 16.36 -9.97
CA ASP H 240 48.03 15.98 -10.55
C ASP H 240 48.24 15.65 -12.01
N MET H 241 47.38 14.77 -12.50
CA MET H 241 47.46 14.27 -13.84
C MET H 241 46.03 13.99 -14.30
N THR H 242 45.75 14.25 -15.58
CA THR H 242 44.49 13.96 -16.17
C THR H 242 44.77 13.25 -17.48
N ILE H 243 44.20 12.06 -17.69
CA ILE H 243 44.38 11.26 -18.89
C ILE H 243 43.07 11.30 -19.68
N PRO H 244 43.07 11.70 -20.97
CA PRO H 244 41.85 11.76 -21.77
C PRO H 244 41.48 10.36 -22.23
N TRP H 245 40.20 10.17 -22.54
CA TRP H 245 39.68 8.85 -22.86
C TRP H 245 40.42 8.29 -24.07
N THR H 246 40.87 9.14 -24.99
CA THR H 246 41.61 8.72 -26.18
C THR H 246 43.03 8.22 -25.91
N LYS H 247 43.56 8.38 -24.69
CA LYS H 247 44.81 7.78 -24.30
C LYS H 247 44.64 6.80 -23.13
N THR H 248 43.42 6.36 -22.84
CA THR H 248 43.20 5.41 -21.77
C THR H 248 44.01 4.15 -21.97
N PRO H 249 44.63 3.62 -20.90
CA PRO H 249 45.42 2.42 -21.01
C PRO H 249 44.61 1.15 -21.23
N TYR H 250 43.29 1.20 -21.08
CA TYR H 250 42.52 0.00 -21.40
C TYR H 250 41.16 0.48 -21.85
N CYS H 251 40.68 -0.04 -22.96
CA CYS H 251 39.25 -0.15 -23.21
C CYS H 251 38.91 -1.35 -24.06
N MET H 252 37.68 -1.81 -23.92
CA MET H 252 37.21 -2.95 -24.67
C MET H 252 37.16 -2.67 -26.18
N GLU H 253 36.97 -1.40 -26.57
CA GLU H 253 36.95 -0.98 -27.97
C GLU H 253 38.28 -1.26 -28.65
N LYS H 254 39.39 -1.25 -27.91
CA LYS H 254 40.70 -1.39 -28.52
C LYS H 254 41.37 -2.71 -28.18
N ASP H 255 40.72 -3.50 -27.33
CA ASP H 255 41.24 -4.80 -26.90
C ASP H 255 41.00 -5.81 -27.99
N PRO H 256 42.06 -6.42 -28.54
CA PRO H 256 41.92 -7.36 -29.68
C PRO H 256 41.06 -8.61 -29.51
N LYS H 257 40.89 -9.10 -28.29
CA LYS H 257 39.94 -10.20 -28.11
C LYS H 257 38.49 -9.78 -28.24
N TYR H 258 38.16 -8.50 -28.38
CA TYR H 258 36.77 -8.17 -28.67
C TYR H 258 36.60 -7.57 -30.06
N ARG H 259 37.58 -7.74 -30.94
CA ARG H 259 37.49 -7.10 -32.25
C ARG H 259 36.46 -7.84 -33.12
N ASP H 260 36.58 -9.17 -33.25
CA ASP H 260 35.71 -9.95 -34.11
C ASP H 260 34.35 -10.16 -33.44
N LEU H 261 33.28 -10.04 -34.24
CA LEU H 261 31.95 -9.95 -33.67
C LEU H 261 31.39 -11.34 -33.45
N ALA H 262 30.54 -11.49 -32.44
CA ALA H 262 29.86 -12.73 -32.16
C ALA H 262 28.98 -13.08 -33.32
N VAL H 263 28.85 -14.38 -33.58
CA VAL H 263 28.09 -14.84 -34.69
C VAL H 263 26.65 -15.10 -34.27
N GLN H 264 25.92 -13.99 -34.14
CA GLN H 264 24.51 -13.97 -33.80
C GLN H 264 23.61 -14.00 -35.02
N ASN H 265 24.15 -13.70 -36.23
CA ASN H 265 23.30 -13.43 -37.37
C ASN H 265 23.79 -14.21 -38.57
N PRO H 266 23.90 -15.54 -38.48
CA PRO H 266 24.34 -16.33 -39.62
C PRO H 266 23.30 -16.35 -40.73
N PRO H 267 23.73 -16.48 -41.99
CA PRO H 267 22.82 -16.55 -43.12
C PRO H 267 22.03 -17.84 -43.14
N PHE H 268 20.85 -17.74 -43.71
CA PHE H 268 20.02 -18.88 -44.04
C PHE H 268 20.81 -19.84 -44.92
N SER H 269 21.02 -21.07 -44.41
CA SER H 269 21.94 -22.02 -45.02
C SER H 269 21.39 -23.42 -45.00
N SER H 270 22.02 -24.23 -45.82
CA SER H 270 21.68 -25.63 -45.95
C SER H 270 22.55 -26.53 -45.04
N SER H 271 23.23 -25.94 -44.03
CA SER H 271 24.14 -26.66 -43.13
C SER H 271 23.97 -26.08 -41.73
N ALA H 272 24.19 -26.91 -40.71
CA ALA H 272 24.13 -26.38 -39.35
C ALA H 272 25.46 -25.71 -38.98
N LYS H 273 26.47 -25.83 -39.83
CA LYS H 273 27.73 -25.15 -39.61
C LYS H 273 27.60 -23.63 -39.54
N ILE H 274 28.25 -23.06 -38.52
CA ILE H 274 28.26 -21.63 -38.24
C ILE H 274 29.64 -21.08 -38.55
N THR H 275 29.67 -19.93 -39.22
CA THR H 275 30.88 -19.42 -39.82
C THR H 275 31.03 -17.92 -39.55
N VAL H 276 30.17 -17.13 -40.22
CA VAL H 276 30.24 -15.68 -40.20
C VAL H 276 28.83 -15.10 -40.10
N ASN H 277 28.76 -13.85 -39.63
CA ASN H 277 27.57 -13.05 -39.68
C ASN H 277 27.27 -12.71 -41.15
N GLN H 278 25.99 -12.76 -41.52
CA GLN H 278 25.54 -12.24 -42.80
C GLN H 278 25.74 -10.72 -42.85
N SER H 279 26.44 -10.23 -43.88
CA SER H 279 26.79 -8.82 -44.03
C SER H 279 26.01 -8.12 -45.17
N ARG H 280 25.47 -8.86 -46.15
CA ARG H 280 24.77 -8.30 -47.28
C ARG H 280 23.52 -9.11 -47.59
N SER H 281 22.47 -8.44 -47.99
CA SER H 281 21.26 -9.10 -48.46
C SER H 281 21.57 -10.16 -49.50
N GLU H 282 20.75 -11.20 -49.51
CA GLU H 282 20.72 -12.19 -50.58
C GLU H 282 19.83 -11.70 -51.72
N THR I 67 11.54 24.20 -20.91
CA THR I 67 12.61 25.22 -20.87
C THR I 67 13.90 24.64 -21.46
N THR I 68 14.61 25.52 -22.12
CA THR I 68 15.92 25.25 -22.63
C THR I 68 16.77 26.48 -22.26
N ILE I 69 17.70 26.35 -21.31
CA ILE I 69 18.72 27.35 -21.08
C ILE I 69 20.09 26.79 -21.35
N VAL I 70 20.95 27.62 -21.92
CA VAL I 70 22.27 27.25 -22.37
C VAL I 70 23.29 28.29 -21.95
N GLY I 71 24.55 27.90 -21.72
CA GLY I 71 25.61 28.89 -21.59
C GLY I 71 26.88 28.43 -22.27
N VAL I 72 27.70 29.34 -22.81
CA VAL I 72 29.05 29.03 -23.20
C VAL I 72 30.04 30.13 -22.81
N VAL I 73 31.27 29.71 -22.59
CA VAL I 73 32.42 30.58 -22.42
C VAL I 73 33.07 30.77 -23.78
N TYR I 74 33.48 31.99 -24.06
CA TYR I 74 34.25 32.30 -25.25
C TYR I 74 35.43 33.16 -24.85
N LYS I 75 36.26 33.52 -25.81
CA LYS I 75 37.58 34.09 -25.54
C LYS I 75 37.45 35.24 -24.55
N GLU I 76 36.47 36.12 -24.70
CA GLU I 76 36.45 37.29 -23.82
C GLU I 76 35.21 37.38 -22.90
N GLY I 77 34.55 36.26 -22.61
CA GLY I 77 33.33 36.37 -21.84
C GLY I 77 32.37 35.21 -21.92
N VAL I 78 31.13 35.46 -21.52
CA VAL I 78 30.11 34.42 -21.51
C VAL I 78 28.87 34.75 -22.36
N VAL I 79 28.35 33.76 -23.05
CA VAL I 79 27.01 33.93 -23.66
C VAL I 79 26.01 33.01 -23.01
N LEU I 80 24.93 33.55 -22.47
CA LEU I 80 23.80 32.78 -22.01
C LEU I 80 22.70 32.84 -23.05
N GLY I 81 21.86 31.81 -23.12
CA GLY I 81 20.73 31.76 -24.08
C GLY I 81 19.49 31.14 -23.44
N ALA I 82 18.29 31.46 -23.95
CA ALA I 82 17.06 30.90 -23.43
C ALA I 82 15.98 31.03 -24.47
N ASP I 83 15.05 30.13 -24.30
CA ASP I 83 13.83 30.19 -25.05
C ASP I 83 12.82 30.96 -24.21
N THR I 84 11.62 31.22 -24.75
CA THR I 84 10.70 32.11 -24.09
C THR I 84 9.34 31.60 -23.78
N ARG I 85 9.04 30.33 -23.87
CA ARG I 85 7.69 29.91 -23.59
C ARG I 85 7.59 29.49 -22.13
N ALA I 86 6.62 30.03 -21.40
CA ALA I 86 6.14 29.49 -20.14
C ALA I 86 4.80 28.79 -20.30
N THR I 87 4.65 27.65 -19.66
CA THR I 87 3.46 26.83 -19.81
C THR I 87 2.80 26.57 -18.48
N GLU I 88 1.46 26.47 -18.45
CA GLU I 88 0.73 25.79 -17.37
C GLU I 88 0.04 24.53 -17.87
N GLY I 89 0.53 23.39 -17.42
CA GLY I 89 0.05 22.14 -17.96
C GLY I 89 0.61 21.90 -19.36
N SER I 90 -0.28 22.01 -20.34
CA SER I 90 0.03 21.67 -21.71
C SER I 90 -0.43 22.83 -22.57
N ILE I 91 -0.63 23.99 -21.89
CA ILE I 91 -1.07 25.21 -22.53
C ILE I 91 0.00 26.28 -22.35
N VAL I 92 0.24 27.02 -23.41
CA VAL I 92 1.09 28.18 -23.34
C VAL I 92 0.39 29.37 -22.66
N ALA I 93 0.90 29.74 -21.51
CA ALA I 93 0.41 30.85 -20.72
C ALA I 93 1.01 32.16 -21.18
N ASP I 94 2.28 32.09 -21.55
CA ASP I 94 3.01 33.27 -22.01
C ASP I 94 4.06 32.83 -23.01
N LYS I 95 3.98 33.42 -24.17
CA LYS I 95 4.83 33.11 -25.28
C LYS I 95 6.18 33.82 -25.16
N ARG I 96 6.21 34.98 -24.50
CA ARG I 96 7.37 35.86 -24.51
C ARG I 96 7.84 36.14 -23.11
N CYS I 97 7.91 35.09 -22.33
CA CYS I 97 8.41 35.25 -20.98
C CYS I 97 9.93 35.37 -20.96
N LYS I 98 10.48 36.05 -19.95
CA LYS I 98 11.92 36.38 -19.88
C LYS I 98 12.62 35.45 -18.89
N LYS I 99 13.56 34.62 -19.37
CA LYS I 99 14.12 33.63 -18.49
C LYS I 99 15.57 33.97 -18.13
N ILE I 100 16.06 35.11 -18.60
CA ILE I 100 17.38 35.49 -18.22
C ILE I 100 17.32 36.61 -17.19
N HIS I 101 17.75 36.36 -15.95
CA HIS I 101 17.61 37.24 -14.78
C HIS I 101 18.93 37.85 -14.36
N TYR I 102 18.83 39.13 -14.03
CA TYR I 102 19.85 39.91 -13.37
C TYR I 102 20.27 39.33 -12.02
N MET I 103 21.61 39.15 -11.82
CA MET I 103 22.16 38.95 -10.49
C MET I 103 22.98 40.16 -10.00
N ALA I 104 23.89 40.65 -10.84
CA ALA I 104 24.73 41.79 -10.56
C ALA I 104 25.20 42.46 -11.84
N PRO I 105 25.85 43.63 -11.77
CA PRO I 105 26.32 44.28 -12.99
C PRO I 105 27.06 43.36 -13.95
N ASN I 106 27.79 42.39 -13.39
CA ASN I 106 28.60 41.47 -14.17
C ASN I 106 28.21 39.98 -14.00
N ILE I 107 26.99 39.64 -13.63
CA ILE I 107 26.58 38.26 -13.42
C ILE I 107 25.10 38.16 -13.72
N MET I 108 24.70 37.23 -14.59
CA MET I 108 23.32 36.95 -14.90
C MET I 108 23.09 35.48 -14.64
N CYS I 109 21.85 35.05 -14.70
CA CYS I 109 21.42 33.71 -14.34
C CYS I 109 20.30 33.28 -15.28
N CYS I 110 20.28 32.09 -15.87
CA CYS I 110 19.08 31.66 -16.51
C CYS I 110 18.48 30.58 -15.63
N GLY I 111 17.16 30.42 -15.65
CA GLY I 111 16.49 29.62 -14.65
C GLY I 111 15.59 28.59 -15.27
N ALA I 112 15.57 27.40 -14.70
CA ALA I 112 14.63 26.37 -15.10
C ALA I 112 14.11 25.76 -13.81
N GLY I 113 13.37 24.70 -13.82
CA GLY I 113 12.83 24.21 -12.57
C GLY I 113 11.50 24.90 -12.29
N THR I 114 11.10 24.97 -11.01
CA THR I 114 9.85 25.60 -10.59
C THR I 114 10.06 27.10 -10.64
N ALA I 115 9.26 27.82 -11.40
CA ALA I 115 9.51 29.24 -11.58
C ALA I 115 9.52 29.97 -10.25
N ALA I 116 8.61 29.66 -9.32
CA ALA I 116 8.56 30.47 -8.10
C ALA I 116 9.86 30.34 -7.34
N ASP I 117 10.34 29.12 -7.20
CA ASP I 117 11.58 28.84 -6.52
C ASP I 117 12.79 29.46 -7.21
N THR I 118 12.84 29.39 -8.53
CA THR I 118 13.95 29.96 -9.26
C THR I 118 13.98 31.48 -9.07
N GLU I 119 12.83 32.13 -9.15
CA GLU I 119 12.67 33.56 -8.86
C GLU I 119 13.03 33.91 -7.42
N ALA I 120 12.52 33.18 -6.44
CA ALA I 120 12.83 33.58 -5.08
C ALA I 120 14.34 33.51 -4.79
N VAL I 121 15.00 32.41 -5.14
CA VAL I 121 16.40 32.28 -4.81
C VAL I 121 17.27 33.27 -5.58
N THR I 122 17.04 33.47 -6.86
CA THR I 122 17.83 34.45 -7.56
C THR I 122 17.70 35.83 -6.96
N ASN I 123 16.45 36.26 -6.67
CA ASN I 123 16.22 37.55 -6.05
C ASN I 123 16.96 37.67 -4.74
N MET I 124 16.83 36.69 -3.92
CA MET I 124 17.47 36.72 -2.64
C MET I 124 18.99 36.83 -2.76
N VAL I 125 19.58 36.03 -3.60
CA VAL I 125 21.00 36.15 -3.74
C VAL I 125 21.38 37.42 -4.46
N SER I 126 20.58 37.93 -5.33
CA SER I 126 20.93 39.21 -5.92
C SER I 126 20.87 40.35 -4.87
N ALA I 127 19.89 40.33 -3.95
CA ALA I 127 19.86 41.30 -2.91
C ALA I 127 21.06 41.16 -2.00
N ASN I 128 21.46 39.92 -1.67
CA ASN I 128 22.58 39.76 -0.76
C ASN I 128 23.91 40.10 -1.40
N LEU I 129 23.99 39.96 -2.71
CA LEU I 129 25.21 40.37 -3.38
C LEU I 129 25.35 41.86 -3.39
N ALA I 130 24.21 42.58 -3.54
CA ALA I 130 24.19 44.06 -3.52
C ALA I 130 24.64 44.64 -2.18
N LEU I 131 24.21 44.11 -1.03
CA LEU I 131 24.75 44.56 0.25
C LEU I 131 26.22 44.30 0.33
N HIS I 132 26.63 43.11 -0.05
CA HIS I 132 28.04 42.80 -0.09
C HIS I 132 28.87 43.76 -0.94
N ARG I 133 28.41 44.20 -2.12
CA ARG I 133 29.16 45.21 -2.82
C ARG I 133 29.14 46.57 -2.09
N LEU I 134 28.02 46.99 -1.49
CA LEU I 134 28.09 48.26 -0.76
C LEU I 134 29.08 48.18 0.39
N ASP I 135 29.10 47.06 1.07
CA ASP I 135 29.94 46.83 2.23
C ASP I 135 31.41 46.80 1.86
N THR I 136 31.80 45.85 1.02
CA THR I 136 33.18 45.75 0.59
C THR I 136 33.63 46.93 -0.29
N GLY I 137 32.73 47.58 -1.03
CA GLY I 137 33.13 48.36 -2.19
C GLY I 137 33.91 47.59 -3.25
N LYS I 138 33.60 46.31 -3.50
CA LYS I 138 34.24 45.58 -4.60
C LYS I 138 33.24 44.95 -5.54
N GLN I 139 33.71 44.52 -6.70
CA GLN I 139 32.84 43.86 -7.67
C GLN I 139 32.49 42.44 -7.24
N SER I 140 31.27 42.03 -7.48
CA SER I 140 30.85 40.71 -7.05
C SER I 140 31.66 39.67 -7.79
N ARG I 141 32.05 38.60 -7.11
CA ARG I 141 32.70 37.48 -7.78
C ARG I 141 31.68 36.40 -8.13
N VAL I 142 31.80 35.82 -9.30
CA VAL I 142 30.88 34.77 -9.73
C VAL I 142 30.86 33.60 -8.75
N HIS I 143 32.03 33.24 -8.22
CA HIS I 143 32.13 32.20 -7.22
C HIS I 143 31.31 32.45 -5.94
N GLU I 144 31.17 33.71 -5.53
CA GLU I 144 30.42 34.15 -4.36
C GLU I 144 28.93 33.88 -4.59
N ALA I 145 28.45 34.23 -5.78
CA ALA I 145 27.08 33.92 -6.15
C ALA I 145 26.84 32.43 -6.14
N LEU I 146 27.71 31.68 -6.80
CA LEU I 146 27.57 30.25 -6.93
C LEU I 146 27.42 29.63 -5.54
N THR I 147 28.28 30.08 -4.65
CA THR I 147 28.34 29.59 -3.29
C THR I 147 27.11 29.99 -2.45
N MET I 148 26.63 31.21 -2.52
CA MET I 148 25.41 31.54 -1.79
C MET I 148 24.22 30.75 -2.33
N LEU I 149 24.24 30.53 -3.66
CA LEU I 149 23.18 29.76 -4.26
C LEU I 149 23.19 28.34 -3.70
N LYS I 150 24.33 27.66 -3.78
CA LYS I 150 24.41 26.27 -3.35
C LYS I 150 24.12 26.10 -1.86
N ARG I 151 24.61 26.98 -0.98
CA ARG I 151 24.28 26.82 0.42
C ARG I 151 22.75 26.79 0.62
N HIS I 152 22.05 27.72 -0.03
CA HIS I 152 20.62 27.85 0.13
C HIS I 152 19.92 26.62 -0.40
N LEU I 153 20.28 26.15 -1.59
CA LEU I 153 19.58 24.97 -2.09
C LEU I 153 19.90 23.71 -1.27
N TYR I 154 21.14 23.61 -0.70
CA TYR I 154 21.54 22.45 0.10
C TYR I 154 20.63 22.35 1.33
N ARG I 155 20.50 23.43 2.08
CA ARG I 155 19.65 23.52 3.26
C ARG I 155 18.25 22.98 3.02
N TYR I 156 17.69 23.13 1.83
CA TYR I 156 16.29 22.83 1.68
C TYR I 156 16.07 21.47 1.02
N GLN I 157 17.17 20.77 0.70
CA GLN I 157 17.14 19.36 0.36
C GLN I 157 16.34 19.17 -0.90
N GLY I 158 16.50 20.12 -1.82
CA GLY I 158 15.80 20.03 -3.09
C GLY I 158 14.29 20.30 -3.01
N HIS I 159 13.78 20.77 -1.88
CA HIS I 159 12.38 21.14 -1.81
C HIS I 159 12.22 22.43 -2.62
N VAL I 160 13.22 23.32 -2.50
CA VAL I 160 13.32 24.54 -3.30
C VAL I 160 13.93 24.10 -4.62
N SER I 161 13.10 23.93 -5.63
CA SER I 161 13.58 23.17 -6.79
C SER I 161 13.88 24.13 -7.92
N ALA I 162 14.95 24.88 -7.71
CA ALA I 162 15.58 25.78 -8.67
C ALA I 162 16.73 25.09 -9.39
N ALA I 163 16.84 25.31 -10.69
CA ALA I 163 17.97 24.83 -11.45
C ALA I 163 18.50 25.97 -12.29
N LEU I 164 19.81 26.23 -12.27
CA LEU I 164 20.26 27.51 -12.78
C LEU I 164 21.52 27.40 -13.62
N VAL I 165 21.59 28.19 -14.65
CA VAL I 165 22.84 28.40 -15.28
C VAL I 165 23.33 29.74 -14.81
N LEU I 166 24.54 29.85 -14.31
CA LEU I 166 25.01 31.14 -13.85
C LEU I 166 26.24 31.53 -14.63
N GLY I 167 26.28 32.75 -15.08
CA GLY I 167 27.40 33.15 -15.86
C GLY I 167 27.81 34.54 -15.50
N GLY I 168 29.09 34.81 -15.49
CA GLY I 168 29.54 36.16 -15.27
C GLY I 168 30.99 36.35 -15.66
N VAL I 169 31.53 37.55 -15.38
CA VAL I 169 32.93 37.83 -15.60
C VAL I 169 33.41 38.71 -14.47
N ASP I 170 34.51 38.35 -13.84
CA ASP I 170 35.06 39.11 -12.75
C ASP I 170 36.58 39.13 -12.94
N VAL I 171 37.34 39.62 -11.96
CA VAL I 171 38.77 39.82 -12.14
C VAL I 171 39.49 38.52 -12.53
N GLU I 172 38.95 37.34 -12.21
CA GLU I 172 39.61 36.10 -12.57
C GLU I 172 39.19 35.57 -13.95
N GLY I 173 38.45 36.36 -14.70
CA GLY I 173 38.02 35.98 -16.03
C GLY I 173 36.58 35.49 -16.07
N PRO I 174 36.18 34.88 -17.20
CA PRO I 174 34.83 34.30 -17.36
C PRO I 174 34.53 33.15 -16.43
N PHE I 175 33.28 33.00 -16.02
CA PHE I 175 32.90 31.90 -15.18
C PHE I 175 31.51 31.48 -15.48
N LEU I 176 31.35 30.19 -15.67
CA LEU I 176 30.06 29.63 -16.03
C LEU I 176 29.80 28.35 -15.27
N ALA I 177 28.67 28.29 -14.59
CA ALA I 177 28.40 27.10 -13.83
C ALA I 177 26.94 26.72 -13.82
N THR I 178 26.64 25.41 -13.61
CA THR I 178 25.29 24.99 -13.30
C THR I 178 25.08 24.75 -11.82
N VAL I 179 23.88 25.03 -11.32
CA VAL I 179 23.46 24.67 -9.99
C VAL I 179 22.15 23.90 -10.05
N ALA I 180 22.21 22.62 -9.69
CA ALA I 180 21.06 21.74 -9.57
C ALA I 180 20.27 21.98 -8.27
N PRO I 181 19.01 21.52 -8.17
CA PRO I 181 18.19 21.78 -7.02
C PRO I 181 18.57 21.19 -5.68
N HIS I 182 19.29 20.05 -5.69
CA HIS I 182 19.80 19.51 -4.44
C HIS I 182 21.01 20.25 -3.92
N GLY I 183 21.59 21.15 -4.70
CA GLY I 183 22.68 22.01 -4.22
C GLY I 183 24.05 21.64 -4.77
N SER I 184 24.10 20.92 -5.87
CA SER I 184 25.39 20.59 -6.42
C SER I 184 25.73 21.55 -7.55
N THR I 185 27.01 21.90 -7.61
CA THR I 185 27.50 22.81 -8.61
C THR I 185 28.53 22.15 -9.49
N ASP I 186 28.68 22.70 -10.70
CA ASP I 186 29.63 22.23 -11.72
C ASP I 186 30.05 23.39 -12.62
N ARG I 187 31.29 23.77 -12.55
CA ARG I 187 31.82 24.75 -13.42
C ARG I 187 32.33 24.08 -14.68
N LEU I 188 31.90 24.55 -15.84
CA LEU I 188 32.17 23.88 -17.11
C LEU I 188 32.22 24.89 -18.24
N PRO I 189 32.89 24.64 -19.36
CA PRO I 189 32.93 25.61 -20.48
C PRO I 189 31.65 25.75 -21.31
N PHE I 190 30.77 24.77 -21.26
CA PHE I 190 29.47 24.85 -21.89
C PHE I 190 28.48 24.02 -21.09
N VAL I 191 27.26 24.55 -20.91
CA VAL I 191 26.21 23.86 -20.20
C VAL I 191 24.86 24.10 -20.82
N SER I 192 23.96 23.17 -20.53
CA SER I 192 22.54 23.27 -20.75
C SER I 192 21.75 22.79 -19.56
N MET I 193 20.53 23.23 -19.40
CA MET I 193 19.62 22.69 -18.43
C MET I 193 18.21 22.88 -18.92
N GLY I 194 17.28 22.18 -18.26
CA GLY I 194 15.84 22.30 -18.48
C GLY I 194 15.40 21.11 -19.32
N SER I 195 14.13 21.03 -19.69
CA SER I 195 13.58 19.89 -20.39
C SER I 195 14.18 19.73 -21.78
N GLY I 196 14.56 20.82 -22.45
CA GLY I 196 15.26 20.68 -23.71
C GLY I 196 16.77 20.64 -23.58
N SER I 197 17.28 20.23 -22.42
CA SER I 197 18.70 20.23 -22.20
C SER I 197 19.40 19.23 -23.11
N ILE I 198 18.81 18.05 -23.32
CA ILE I 198 19.43 17.05 -24.17
C ILE I 198 19.61 17.43 -25.62
N ALA I 199 18.56 17.86 -26.23
CA ALA I 199 18.63 18.35 -27.59
C ALA I 199 19.66 19.43 -27.73
N ALA I 200 19.58 20.45 -26.85
CA ALA I 200 20.49 21.57 -26.88
C ALA I 200 21.94 21.11 -26.80
N MET I 201 22.19 20.17 -25.91
CA MET I 201 23.53 19.68 -25.57
C MET I 201 24.17 18.93 -26.73
N SER I 202 23.32 18.50 -27.67
CA SER I 202 23.85 17.84 -28.84
C SER I 202 24.34 18.85 -29.87
N ALA I 203 23.82 20.05 -29.87
CA ALA I 203 24.39 21.09 -30.70
C ALA I 203 25.71 21.56 -30.11
N LEU I 204 25.74 21.76 -28.79
CA LEU I 204 26.97 22.17 -28.13
C LEU I 204 28.13 21.18 -28.29
N GLU I 205 27.96 19.88 -28.16
CA GLU I 205 29.10 19.00 -28.33
C GLU I 205 29.55 18.90 -29.78
N THR I 206 28.70 19.19 -30.75
CA THR I 206 29.21 19.11 -32.11
C THR I 206 29.85 20.43 -32.52
N GLY I 207 29.58 21.51 -31.80
CA GLY I 207 29.93 22.82 -32.30
C GLY I 207 30.85 23.65 -31.39
N TYR I 208 31.05 23.28 -30.13
CA TYR I 208 31.94 24.05 -29.28
C TYR I 208 33.36 23.80 -29.72
N LYS I 209 34.14 24.84 -29.63
CA LYS I 209 35.58 24.75 -29.68
C LYS I 209 36.12 25.82 -28.74
N GLU I 210 37.44 25.75 -28.58
CA GLU I 210 38.15 26.67 -27.72
C GLU I 210 38.37 28.00 -28.43
N ASN I 211 38.30 29.07 -27.61
CA ASN I 211 38.61 30.44 -28.00
C ASN I 211 37.83 30.87 -29.25
N MET I 212 36.58 30.39 -29.32
CA MET I 212 35.50 30.96 -30.09
C MET I 212 35.51 32.48 -29.96
N THR I 213 35.19 33.16 -31.04
CA THR I 213 34.91 34.59 -31.07
C THR I 213 33.48 34.87 -30.59
N LEU I 214 33.16 36.14 -30.38
CA LEU I 214 31.82 36.47 -29.92
C LEU I 214 30.79 35.95 -30.90
N GLU I 215 31.00 36.11 -32.20
CA GLU I 215 30.02 35.78 -33.23
C GLU I 215 29.74 34.28 -33.28
N GLU I 216 30.80 33.48 -33.34
CA GLU I 216 30.68 32.04 -33.24
C GLU I 216 29.94 31.56 -31.98
N ALA I 217 30.21 32.19 -30.82
CA ALA I 217 29.54 31.84 -29.58
C ALA I 217 28.04 32.13 -29.67
N LYS I 218 27.71 33.35 -30.16
CA LYS I 218 26.31 33.66 -30.34
C LYS I 218 25.67 32.71 -31.32
N GLU I 219 26.34 32.35 -32.41
CA GLU I 219 25.67 31.46 -33.35
C GLU I 219 25.46 30.08 -32.73
N LEU I 220 26.33 29.64 -31.81
CA LEU I 220 26.26 28.32 -31.21
C LEU I 220 25.19 28.28 -30.15
N VAL I 221 25.06 29.32 -29.39
CA VAL I 221 24.04 29.34 -28.38
C VAL I 221 22.67 29.37 -29.04
N ALA I 222 22.50 30.17 -30.10
CA ALA I 222 21.21 30.31 -30.73
C ALA I 222 20.82 28.99 -31.37
N SER I 223 21.78 28.32 -31.94
CA SER I 223 21.45 27.07 -32.61
C SER I 223 21.08 26.03 -31.57
N ALA I 224 21.75 26.08 -30.40
CA ALA I 224 21.44 25.14 -29.35
C ALA I 224 20.03 25.37 -28.79
N ILE I 225 19.62 26.61 -28.56
CA ILE I 225 18.27 26.93 -28.14
C ILE I 225 17.28 26.49 -29.22
N ARG I 226 17.54 26.75 -30.48
CA ARG I 226 16.59 26.35 -31.53
C ARG I 226 16.36 24.83 -31.57
N LYS I 227 17.33 24.05 -31.09
CA LYS I 227 17.09 22.62 -31.01
C LYS I 227 16.04 22.30 -29.98
N GLY I 228 16.16 22.91 -28.85
CA GLY I 228 15.06 22.83 -27.90
C GLY I 228 13.69 23.25 -28.44
N ILE I 229 13.61 24.46 -29.00
CA ILE I 229 12.39 25.08 -29.49
C ILE I 229 11.67 24.08 -30.42
N PHE I 230 12.36 23.46 -31.35
CA PHE I 230 11.69 22.63 -32.35
C PHE I 230 11.56 21.17 -31.98
N ASN I 231 12.09 20.70 -30.85
CA ASN I 231 12.08 19.28 -30.64
C ASN I 231 11.52 18.92 -29.27
N ASP I 232 11.67 19.82 -28.28
CA ASP I 232 11.03 19.74 -26.98
C ASP I 232 9.72 20.53 -26.96
N PRO I 233 8.62 19.91 -26.53
CA PRO I 233 7.32 20.57 -26.49
C PRO I 233 7.15 21.59 -25.40
N TYR I 234 7.92 21.47 -24.34
CA TYR I 234 7.88 22.47 -23.30
C TYR I 234 8.79 23.64 -23.59
N SER I 235 9.34 23.82 -24.77
CA SER I 235 10.15 24.98 -25.02
C SER I 235 9.68 25.57 -26.32
N GLY I 236 9.75 26.87 -26.48
CA GLY I 236 9.25 27.40 -27.73
C GLY I 236 9.50 28.89 -27.89
N THR I 237 9.10 29.36 -29.07
CA THR I 237 8.87 30.75 -29.45
C THR I 237 10.10 31.43 -30.03
N GLN I 238 11.03 31.92 -29.22
CA GLN I 238 12.22 32.60 -29.75
C GLN I 238 13.42 32.41 -28.83
N VAL I 239 14.60 32.84 -29.30
CA VAL I 239 15.85 32.89 -28.57
C VAL I 239 16.05 34.28 -27.96
N ASP I 240 16.31 34.32 -26.67
CA ASP I 240 16.97 35.44 -26.01
C ASP I 240 18.43 35.06 -25.69
N LEU I 241 19.38 35.96 -26.00
CA LEU I 241 20.74 35.82 -25.57
C LEU I 241 21.05 36.89 -24.54
N CYS I 242 22.05 36.65 -23.69
CA CYS I 242 22.72 37.66 -22.91
C CYS I 242 24.21 37.48 -23.09
N VAL I 243 24.94 38.59 -23.30
CA VAL I 243 26.39 38.58 -23.47
C VAL I 243 27.08 39.28 -22.34
N ILE I 244 28.07 38.68 -21.71
CA ILE I 244 28.70 39.30 -20.55
C ILE I 244 30.18 39.35 -20.82
N THR I 245 30.78 40.52 -20.61
CA THR I 245 32.18 40.76 -20.90
C THR I 245 32.81 41.49 -19.73
N LYS I 246 34.12 41.69 -19.72
CA LYS I 246 34.72 42.37 -18.59
C LYS I 246 33.93 43.65 -18.29
N THR I 247 33.49 44.36 -19.33
CA THR I 247 33.06 45.74 -19.15
C THR I 247 31.54 45.92 -19.23
N LYS I 248 30.84 45.14 -20.06
CA LYS I 248 29.41 45.27 -20.06
C LYS I 248 28.66 43.94 -20.17
N THR I 249 27.38 44.05 -19.83
CA THR I 249 26.37 43.03 -19.96
C THR I 249 25.35 43.55 -20.97
N GLU I 250 25.02 42.73 -21.97
CA GLU I 250 24.14 43.12 -23.07
C GLU I 250 23.08 42.06 -23.26
N LEU I 251 21.84 42.38 -22.89
CA LEU I 251 20.69 41.53 -23.16
C LEU I 251 20.27 41.70 -24.63
N LEU I 252 19.76 40.65 -25.22
CA LEU I 252 19.40 40.60 -26.63
C LEU I 252 18.12 39.78 -26.71
N ILE I 253 16.99 40.40 -26.36
CA ILE I 253 15.69 39.78 -26.45
C ILE I 253 15.32 39.63 -27.93
N GLY I 254 14.71 38.48 -28.27
CA GLY I 254 14.44 38.16 -29.66
C GLY I 254 15.69 38.34 -30.50
N TYR I 255 16.81 37.71 -30.13
CA TYR I 255 17.88 37.56 -31.11
C TYR I 255 17.46 36.72 -32.32
N ASP I 256 16.72 35.64 -32.13
CA ASP I 256 16.29 34.84 -33.25
C ASP I 256 14.80 34.56 -33.09
N LYS I 257 14.02 34.88 -34.14
CA LYS I 257 12.58 34.65 -34.19
C LYS I 257 12.24 33.71 -35.34
N PRO I 258 12.49 32.41 -35.15
CA PRO I 258 12.23 31.42 -36.20
C PRO I 258 10.77 31.02 -36.38
N ASN I 259 9.85 31.57 -35.58
CA ASN I 259 8.43 31.26 -35.69
C ASN I 259 7.58 32.54 -35.78
N GLU I 260 7.62 33.21 -36.94
CA GLU I 260 6.69 34.31 -37.21
C GLU I 260 5.42 33.77 -37.89
N ARG I 261 4.42 34.64 -37.99
CA ARG I 261 3.10 34.30 -38.52
C ARG I 261 3.17 34.08 -40.04
N LYS I 262 2.18 33.32 -40.55
CA LYS I 262 2.11 32.89 -41.95
C LYS I 262 0.75 33.31 -42.52
N TYR I 263 -0.33 32.71 -41.99
CA TYR I 263 -1.71 33.12 -42.25
C TYR I 263 -2.01 34.29 -41.32
N PRO I 264 -2.13 35.55 -41.81
CA PRO I 264 -2.40 36.68 -40.90
C PRO I 264 -3.78 36.45 -40.30
N LYS I 265 -3.90 36.69 -39.00
CA LYS I 265 -5.08 36.33 -38.23
C LYS I 265 -6.34 36.87 -38.92
N GLN I 266 -7.41 36.06 -38.95
CA GLN I 266 -8.72 36.57 -39.30
C GLN I 266 -9.17 37.46 -38.14
N GLU I 267 -9.59 38.67 -38.48
CA GLU I 267 -10.11 39.59 -37.48
C GLU I 267 -11.59 39.28 -37.33
N ILE I 268 -11.99 38.96 -36.11
CA ILE I 268 -13.38 38.71 -35.74
C ILE I 268 -13.84 39.89 -34.91
N ARG I 269 -14.98 40.48 -35.30
CA ARG I 269 -15.46 41.72 -34.72
C ARG I 269 -16.76 41.48 -33.97
N PHE I 270 -16.88 42.14 -32.81
CA PHE I 270 -18.16 42.30 -32.16
C PHE I 270 -18.49 43.78 -32.14
N PRO I 271 -19.53 44.23 -32.90
CA PRO I 271 -20.11 45.57 -32.71
C PRO I 271 -20.57 45.82 -31.28
N PRO I 272 -20.03 46.83 -30.55
CA PRO I 272 -20.51 47.20 -29.21
C PRO I 272 -22.03 47.21 -28.99
N GLY I 273 -22.49 46.47 -27.96
CA GLY I 273 -23.91 46.14 -27.81
C GLY I 273 -24.27 44.73 -28.31
N THR I 274 -23.27 43.84 -28.42
CA THR I 274 -23.40 42.45 -28.83
C THR I 274 -23.81 41.60 -27.62
N THR I 275 -23.27 41.95 -26.44
CA THR I 275 -23.50 41.25 -25.18
C THR I 275 -24.63 41.93 -24.39
N PRO I 276 -25.74 41.23 -24.03
CA PRO I 276 -26.78 41.74 -23.13
C PRO I 276 -26.38 42.02 -21.68
N VAL I 277 -26.44 43.30 -21.30
CA VAL I 277 -26.12 43.73 -19.95
C VAL I 277 -27.44 43.93 -19.18
N LEU I 278 -27.46 43.42 -17.94
CA LEU I 278 -28.61 43.60 -17.08
C LEU I 278 -28.49 44.94 -16.40
N ARG I 279 -27.26 45.34 -16.05
CA ARG I 279 -27.05 46.43 -15.10
C ARG I 279 -25.66 47.03 -15.26
N GLU I 280 -25.58 48.34 -15.07
CA GLU I 280 -24.36 49.11 -15.34
C GLU I 280 -24.18 50.12 -14.21
N GLU I 281 -22.95 50.34 -13.77
CA GLU I 281 -22.63 51.50 -12.95
C GLU I 281 -21.35 52.16 -13.45
N ILE I 282 -21.23 53.48 -13.20
CA ILE I 282 -20.08 54.27 -13.65
C ILE I 282 -19.50 55.02 -12.46
N ARG I 283 -18.20 55.35 -12.57
CA ARG I 283 -17.47 55.95 -11.48
C ARG I 283 -16.38 56.81 -12.14
N ARG I 284 -16.43 58.13 -11.92
CA ARG I 284 -15.47 59.08 -12.50
C ARG I 284 -14.20 59.15 -11.62
N LEU I 285 -13.03 59.03 -12.27
CA LEU I 285 -11.75 59.04 -11.59
C LEU I 285 -11.00 60.37 -11.84
N SER J 2 -10.05 17.66 -6.58
CA SER J 2 -9.07 18.76 -6.33
C SER J 2 -9.68 19.87 -5.48
N ILE J 3 -8.80 20.65 -4.88
CA ILE J 3 -9.15 21.54 -3.82
C ILE J 3 -9.35 22.96 -4.39
N LEU J 4 -8.49 23.31 -5.35
CA LEU J 4 -8.62 24.51 -6.17
C LEU J 4 -9.89 24.55 -7.02
N THR J 5 -10.55 23.42 -7.24
CA THR J 5 -11.83 23.38 -7.93
C THR J 5 -13.05 23.15 -7.05
N TYR J 6 -12.89 22.94 -5.73
CA TYR J 6 -13.98 22.75 -4.77
C TYR J 6 -15.04 23.82 -4.83
N SER J 7 -14.65 25.07 -4.94
CA SER J 7 -15.58 26.17 -4.71
C SER J 7 -16.13 26.71 -6.02
N GLY J 8 -15.49 26.40 -7.12
CA GLY J 8 -15.94 26.90 -8.41
C GLY J 8 -15.34 28.28 -8.69
N GLY J 9 -15.49 28.73 -9.94
CA GLY J 9 -15.27 30.14 -10.27
C GLY J 9 -14.14 30.29 -11.31
N SER J 10 -14.13 31.41 -12.03
CA SER J 10 -13.18 31.72 -13.07
C SER J 10 -12.97 33.20 -13.18
N CYS J 11 -11.78 33.63 -13.56
CA CYS J 11 -11.57 35.04 -13.73
C CYS J 11 -10.72 35.31 -14.95
N LEU J 12 -10.96 36.43 -15.60
CA LEU J 12 -10.24 36.76 -16.81
C LEU J 12 -9.98 38.23 -16.88
N ALA J 13 -8.76 38.60 -17.30
CA ALA J 13 -8.40 40.00 -17.54
C ALA J 13 -7.68 40.18 -18.86
N MET J 14 -8.07 41.20 -19.62
CA MET J 14 -7.51 41.53 -20.94
C MET J 14 -7.09 43.01 -20.93
N ALA J 15 -6.06 43.34 -21.74
CA ALA J 15 -5.60 44.72 -21.93
C ALA J 15 -6.01 45.29 -23.28
N GLY J 16 -6.24 46.56 -23.31
CA GLY J 16 -6.38 47.30 -24.53
C GLY J 16 -5.44 48.52 -24.52
N ASP J 17 -5.95 49.65 -24.97
CA ASP J 17 -5.14 50.84 -25.18
C ASP J 17 -5.57 51.86 -24.13
N GLY J 18 -4.75 52.01 -23.08
CA GLY J 18 -5.17 52.76 -21.89
C GLY J 18 -6.52 52.32 -21.30
N CYS J 19 -6.74 50.99 -21.29
CA CYS J 19 -7.87 50.38 -20.61
C CYS J 19 -7.58 48.91 -20.30
N PHE J 20 -8.28 48.40 -19.29
CA PHE J 20 -8.53 46.99 -19.22
C PHE J 20 -9.95 46.70 -18.79
N VAL J 21 -10.23 45.41 -18.90
CA VAL J 21 -11.45 44.77 -18.47
C VAL J 21 -11.07 43.57 -17.63
N ILE J 22 -11.76 43.40 -16.54
CA ILE J 22 -11.63 42.14 -15.84
C ILE J 22 -13.02 41.60 -15.54
N VAL J 23 -13.16 40.29 -15.69
CA VAL J 23 -14.45 39.66 -15.55
C VAL J 23 -14.36 38.52 -14.58
N SER J 24 -15.42 38.27 -13.83
CA SER J 24 -15.53 37.01 -13.14
C SER J 24 -16.94 36.48 -13.25
N ASP J 25 -17.09 35.17 -13.06
CA ASP J 25 -18.38 34.48 -13.00
C ASP J 25 -19.01 34.76 -11.65
N ASN J 26 -20.15 34.22 -11.29
CA ASN J 26 -20.84 34.60 -10.03
C ASN J 26 -21.17 33.40 -9.14
N ARG J 27 -20.78 32.22 -9.57
CA ARG J 27 -21.11 31.02 -8.85
C ARG J 27 -20.28 30.71 -7.61
N LEU J 28 -20.89 30.38 -6.49
CA LEU J 28 -20.22 29.64 -5.42
C LEU J 28 -20.83 28.30 -5.11
N GLY J 29 -19.93 27.33 -4.96
CA GLY J 29 -20.35 25.95 -4.89
C GLY J 29 -19.58 25.15 -3.86
N GLU J 30 -20.11 23.92 -3.64
CA GLU J 30 -19.41 22.83 -2.99
C GLU J 30 -19.40 21.63 -3.94
N GLN J 31 -18.31 21.48 -4.66
CA GLN J 31 -18.30 20.59 -5.81
C GLN J 31 -19.52 20.84 -6.68
N LEU J 32 -20.45 19.90 -6.88
CA LEU J 32 -21.58 20.15 -7.77
C LEU J 32 -22.79 20.83 -7.13
N LYS J 33 -22.81 21.03 -5.82
CA LYS J 33 -23.98 21.62 -5.21
C LYS J 33 -23.80 23.11 -5.22
N THR J 34 -24.78 23.86 -5.71
CA THR J 34 -24.62 25.28 -5.82
C THR J 34 -25.20 26.01 -4.61
N ILE J 35 -24.35 26.71 -3.80
CA ILE J 35 -24.74 27.51 -2.65
C ILE J 35 -25.27 28.91 -2.98
N SER J 36 -24.60 29.68 -3.84
CA SER J 36 -25.05 31.02 -4.18
C SER J 36 -24.81 31.31 -5.65
N MET J 37 -25.59 32.22 -6.22
CA MET J 37 -25.36 32.60 -7.61
C MET J 37 -25.01 34.08 -7.73
N GLU J 38 -24.48 34.70 -6.66
CA GLU J 38 -24.28 36.14 -6.52
C GLU J 38 -22.97 36.46 -5.80
N VAL J 39 -21.95 35.69 -6.08
CA VAL J 39 -20.65 35.83 -5.50
C VAL J 39 -19.68 36.10 -6.64
N PRO J 40 -19.51 37.37 -7.03
CA PRO J 40 -18.40 37.76 -7.88
C PRO J 40 -17.08 37.82 -7.11
N LYS J 41 -16.00 37.57 -7.87
CA LYS J 41 -14.73 37.30 -7.27
C LYS J 41 -13.77 38.48 -7.45
N LEU J 42 -14.27 39.70 -7.68
CA LEU J 42 -13.41 40.82 -7.99
C LEU J 42 -13.32 41.72 -6.75
N HIS J 43 -12.17 42.30 -6.49
CA HIS J 43 -11.95 43.21 -5.36
C HIS J 43 -11.21 44.45 -5.82
N VAL J 44 -11.79 45.60 -5.59
CA VAL J 44 -11.16 46.84 -6.01
C VAL J 44 -10.19 47.35 -4.92
N ILE J 45 -8.92 47.45 -5.28
CA ILE J 45 -7.87 47.84 -4.36
C ILE J 45 -7.76 49.35 -4.25
N ASN J 46 -7.69 50.03 -5.39
CA ASN J 46 -7.77 51.47 -5.48
C ASN J 46 -8.23 51.87 -6.88
N GLU J 47 -8.07 53.11 -7.27
CA GLU J 47 -8.70 53.55 -8.50
C GLU J 47 -8.13 52.86 -9.72
N SER J 48 -6.91 52.33 -9.55
CA SER J 48 -6.05 51.83 -10.62
C SER J 48 -5.94 50.31 -10.62
N ILE J 49 -6.24 49.64 -9.49
CA ILE J 49 -5.91 48.21 -9.41
C ILE J 49 -7.17 47.37 -9.13
N VAL J 50 -7.42 46.34 -9.94
CA VAL J 50 -8.42 45.37 -9.58
C VAL J 50 -7.77 44.01 -9.27
N LEU J 51 -8.25 43.30 -8.24
CA LEU J 51 -7.76 41.96 -7.89
C LEU J 51 -8.84 40.89 -8.22
N GLY J 52 -8.52 39.82 -8.92
CA GLY J 52 -9.45 38.70 -9.04
C GLY J 52 -8.91 37.54 -8.21
N LEU J 53 -9.74 36.82 -7.48
CA LEU J 53 -9.21 35.65 -6.82
C LEU J 53 -10.09 34.47 -7.09
N THR J 54 -9.48 33.36 -7.40
CA THR J 54 -10.18 32.09 -7.51
C THR J 54 -9.49 31.05 -6.68
N GLY J 55 -9.92 29.80 -6.74
CA GLY J 55 -9.43 28.80 -5.81
C GLY J 55 -10.44 28.57 -4.71
N LEU J 56 -9.99 28.00 -3.59
CA LEU J 56 -10.88 27.70 -2.47
C LEU J 56 -11.42 28.94 -1.76
N ARG J 57 -12.72 29.04 -1.54
CA ARG J 57 -13.29 30.26 -1.09
C ARG J 57 -12.83 30.61 0.32
N THR J 58 -12.66 29.68 1.26
CA THR J 58 -12.14 30.14 2.53
C THR J 58 -10.81 30.87 2.36
N ASP J 59 -9.95 30.39 1.44
CA ASP J 59 -8.63 31.03 1.27
C ASP J 59 -8.72 32.30 0.43
N GLN J 60 -9.61 32.36 -0.54
CA GLN J 60 -9.90 33.68 -1.11
C GLN J 60 -10.35 34.75 -0.11
N GLN J 61 -11.26 34.37 0.79
CA GLN J 61 -11.71 35.27 1.81
C GLN J 61 -10.57 35.65 2.74
N THR J 62 -9.79 34.71 3.20
CA THR J 62 -8.71 35.03 4.13
C THR J 62 -7.58 35.78 3.45
N PHE J 63 -7.22 35.46 2.21
CA PHE J 63 -6.09 36.10 1.59
C PHE J 63 -6.43 37.50 1.11
N SER J 64 -7.64 37.73 0.71
CA SER J 64 -7.98 39.10 0.41
C SER J 64 -8.06 40.00 1.65
N GLU J 65 -8.38 39.46 2.81
CA GLU J 65 -8.36 40.26 4.03
C GLU J 65 -6.92 40.60 4.41
N LYS J 66 -5.97 39.70 4.18
CA LYS J 66 -4.57 40.05 4.42
C LYS J 66 -4.05 41.11 3.47
N VAL J 67 -4.46 41.07 2.23
CA VAL J 67 -4.10 42.06 1.24
C VAL J 67 -4.66 43.40 1.66
N ARG J 68 -5.92 43.45 2.07
CA ARG J 68 -6.56 44.68 2.51
C ARG J 68 -5.85 45.23 3.74
N PHE J 69 -5.57 44.41 4.72
CA PHE J 69 -4.85 44.87 5.88
C PHE J 69 -3.51 45.50 5.50
N ARG J 70 -2.66 44.81 4.71
CA ARG J 70 -1.36 45.35 4.36
C ARG J 70 -1.44 46.63 3.52
N ASN J 71 -2.49 46.75 2.76
CA ASN J 71 -2.63 47.90 1.91
C ASN J 71 -2.95 49.14 2.74
N GLU J 72 -3.92 49.03 3.67
CA GLU J 72 -4.20 50.06 4.64
C GLU J 72 -2.96 50.52 5.40
N LEU J 73 -2.14 49.61 5.91
CA LEU J 73 -0.94 50.06 6.57
C LEU J 73 0.01 50.72 5.61
N TYR J 74 0.05 50.28 4.35
CA TYR J 74 0.98 50.86 3.37
C TYR J 74 0.62 52.33 3.14
N LYS J 75 -0.68 52.56 2.93
CA LYS J 75 -1.23 53.89 2.68
C LYS J 75 -0.98 54.88 3.82
N LEU J 76 -0.85 54.42 5.07
CA LEU J 76 -0.62 55.33 6.18
C LEU J 76 0.87 55.61 6.33
N ARG J 77 1.73 54.58 6.37
CA ARG J 77 3.15 54.78 6.26
C ARG J 77 3.58 55.62 5.07
N GLU J 78 3.11 55.28 3.87
CA GLU J 78 3.69 55.81 2.63
C GLU J 78 2.96 57.05 2.13
N GLU J 79 1.73 57.25 2.61
CA GLU J 79 0.92 58.38 2.22
C GLU J 79 0.78 58.40 0.70
N ARG J 80 0.46 57.24 0.10
CA ARG J 80 0.16 57.16 -1.31
C ARG J 80 -0.42 55.80 -1.60
N GLU J 81 -0.94 55.68 -2.84
CA GLU J 81 -1.55 54.46 -3.31
C GLU J 81 -0.46 53.61 -3.93
N ILE J 82 -0.64 52.32 -3.77
CA ILE J 82 0.36 51.43 -4.26
C ILE J 82 0.13 51.32 -5.77
N GLY J 83 1.23 51.20 -6.56
CA GLY J 83 1.10 50.94 -8.00
C GLY J 83 0.98 49.45 -8.29
N GLY J 84 0.44 49.11 -9.50
CA GLY J 84 0.04 47.80 -9.93
C GLY J 84 1.19 46.84 -9.78
N LYS J 85 2.40 47.30 -10.11
CA LYS J 85 3.56 46.43 -10.08
C LYS J 85 4.05 46.18 -8.68
N ALA J 86 3.99 47.13 -7.80
CA ALA J 86 4.43 46.83 -6.47
C ALA J 86 3.45 45.95 -5.76
N PHE J 87 2.15 46.12 -6.09
CA PHE J 87 1.11 45.36 -5.44
C PHE J 87 1.23 43.91 -5.82
N ALA J 88 1.59 43.67 -7.07
CA ALA J 88 1.83 42.32 -7.51
C ALA J 88 3.07 41.70 -6.91
N ALA J 89 4.15 42.45 -6.84
CA ALA J 89 5.31 41.91 -6.18
C ALA J 89 4.96 41.60 -4.73
N LEU J 90 4.06 42.40 -4.12
CA LEU J 90 3.76 42.17 -2.71
C LEU J 90 2.98 40.89 -2.55
N VAL J 91 1.92 40.74 -3.38
CA VAL J 91 1.09 39.55 -3.43
C VAL J 91 1.91 38.29 -3.57
N SER J 92 2.85 38.30 -4.51
CA SER J 92 3.83 37.23 -4.74
C SER J 92 4.62 36.85 -3.52
N SER J 93 5.14 37.86 -2.81
CA SER J 93 5.86 37.65 -1.58
C SER J 93 5.02 36.93 -0.57
N MET J 94 3.77 37.36 -0.36
CA MET J 94 2.87 36.70 0.58
C MET J 94 2.57 35.25 0.13
N LEU J 95 2.25 35.00 -1.13
CA LEU J 95 2.06 33.61 -1.49
C LEU J 95 3.29 32.79 -1.16
N TYR J 96 4.50 33.32 -1.39
CA TYR J 96 5.66 32.43 -1.28
C TYR J 96 6.04 32.35 0.20
N GLU J 97 5.60 33.29 1.05
CA GLU J 97 5.81 33.09 2.48
C GLU J 97 5.24 31.75 2.89
N ALA J 98 4.24 31.28 2.13
CA ALA J 98 3.48 30.12 2.55
C ALA J 98 3.79 28.96 1.64
N ARG J 99 5.03 28.87 1.17
CA ARG J 99 5.50 27.95 0.14
C ARG J 99 5.34 26.46 0.46
N PHE J 100 5.53 26.07 1.72
CA PHE J 100 5.37 24.67 2.09
C PHE J 100 4.01 24.36 2.68
N GLY J 101 3.05 25.31 2.63
CA GLY J 101 1.69 25.13 3.14
C GLY J 101 0.80 26.24 2.61
N PRO J 102 0.43 26.12 1.32
CA PRO J 102 -0.05 27.24 0.53
C PRO J 102 -1.49 27.66 0.75
N TRP J 103 -1.71 28.92 0.44
CA TRP J 103 -3.00 29.45 0.18
C TRP J 103 -3.42 28.83 -1.15
N PHE J 104 -4.59 28.21 -1.18
CA PHE J 104 -5.10 27.69 -2.42
C PHE J 104 -5.87 28.79 -3.14
N VAL J 105 -5.17 29.82 -3.60
CA VAL J 105 -5.80 30.83 -4.41
C VAL J 105 -5.02 30.98 -5.67
N GLU J 106 -5.64 31.42 -6.77
CA GLU J 106 -4.81 31.87 -7.88
C GLU J 106 -5.23 33.27 -8.29
N PRO J 107 -4.45 34.29 -7.98
CA PRO J 107 -4.87 35.63 -8.31
C PRO J 107 -4.66 36.07 -9.74
N VAL J 108 -5.54 36.97 -10.20
CA VAL J 108 -5.43 37.69 -11.42
C VAL J 108 -5.42 39.15 -11.07
N ILE J 109 -4.30 39.85 -11.22
CA ILE J 109 -4.20 41.28 -11.00
C ILE J 109 -4.20 42.04 -12.30
N ALA J 110 -5.05 43.09 -12.39
CA ALA J 110 -5.04 43.96 -13.55
C ALA J 110 -4.90 45.40 -13.10
N SER J 111 -4.02 46.19 -13.74
CA SER J 111 -3.75 47.56 -13.31
C SER J 111 -3.42 48.48 -14.47
N ILE J 112 -3.43 49.78 -14.16
CA ILE J 112 -3.05 50.84 -15.09
C ILE J 112 -2.30 51.94 -14.33
N ASP J 113 -1.08 52.24 -14.83
CA ASP J 113 -0.27 53.36 -14.38
C ASP J 113 -1.03 54.66 -14.69
N LYS J 114 -1.45 55.41 -13.66
CA LYS J 114 -2.29 56.60 -13.86
C LYS J 114 -1.64 57.67 -14.78
N ARG J 115 -0.30 57.82 -14.65
CA ARG J 115 0.48 58.76 -15.46
C ARG J 115 0.60 58.28 -16.92
N THR J 116 1.34 57.19 -17.14
CA THR J 116 1.78 56.78 -18.47
C THR J 116 0.68 56.03 -19.21
N GLY J 117 -0.38 55.59 -18.51
CA GLY J 117 -1.50 54.88 -19.14
C GLY J 117 -1.16 53.46 -19.59
N GLU J 118 -0.04 52.95 -19.10
CA GLU J 118 0.43 51.60 -19.36
C GLU J 118 -0.21 50.62 -18.39
N VAL J 119 -0.58 49.48 -18.98
CA VAL J 119 -1.45 48.48 -18.41
C VAL J 119 -0.61 47.33 -17.89
N TYR J 120 -0.79 46.96 -16.62
CA TYR J 120 -0.04 45.83 -16.18
C TYR J 120 -0.97 44.71 -15.77
N LEU J 121 -0.75 43.53 -16.34
CA LEU J 121 -1.47 42.32 -15.99
C LEU J 121 -0.54 41.34 -15.33
N CYS J 122 -1.02 40.63 -14.33
CA CYS J 122 -0.29 39.51 -13.77
C CYS J 122 -1.23 38.35 -13.41
N ALA J 123 -0.87 37.11 -13.64
CA ALA J 123 -1.54 36.05 -12.92
C ALA J 123 -0.55 35.27 -12.08
N MET J 124 -0.97 34.66 -10.97
CA MET J 124 -0.03 33.91 -10.17
C MET J 124 -0.50 32.48 -9.95
N ASP J 125 0.46 31.56 -9.87
CA ASP J 125 0.18 30.25 -9.34
C ASP J 125 0.03 30.41 -7.84
N LEU J 126 -0.20 29.32 -7.17
CA LEU J 126 -0.56 29.37 -5.80
C LEU J 126 0.68 29.55 -4.91
N ILE J 127 1.90 29.47 -5.46
CA ILE J 127 3.06 29.92 -4.69
C ILE J 127 3.73 31.11 -5.34
N GLY J 128 3.01 31.84 -6.17
CA GLY J 128 3.34 33.22 -6.44
C GLY J 128 4.24 33.46 -7.65
N ALA J 129 4.35 32.49 -8.55
CA ALA J 129 5.14 32.64 -9.76
C ALA J 129 4.36 33.50 -10.70
N PRO J 130 4.88 34.64 -11.18
CA PRO J 130 4.09 35.56 -11.98
C PRO J 130 4.18 35.17 -13.44
N CYS J 131 3.14 35.49 -14.17
CA CYS J 131 3.05 35.28 -15.60
C CYS J 131 2.53 36.56 -16.20
N GLU J 132 3.41 37.46 -16.71
CA GLU J 132 2.97 38.83 -17.00
C GLU J 132 3.04 39.09 -18.50
N PRO J 133 2.09 38.56 -19.29
CA PRO J 133 2.02 38.84 -20.72
C PRO J 133 1.33 40.17 -20.96
N GLU J 134 1.16 40.51 -22.26
CA GLU J 134 0.61 41.78 -22.70
C GLU J 134 -0.82 41.65 -23.22
N ASP J 135 -1.32 40.43 -23.42
CA ASP J 135 -2.66 40.29 -23.98
C ASP J 135 -3.71 40.05 -22.87
N TYR J 136 -3.64 38.87 -22.25
CA TYR J 136 -4.58 38.52 -21.23
C TYR J 136 -4.08 37.48 -20.25
N VAL J 137 -4.85 37.31 -19.20
CA VAL J 137 -4.55 36.32 -18.18
C VAL J 137 -5.87 35.76 -17.74
N CYS J 138 -5.83 34.52 -17.25
CA CYS J 138 -7.05 33.98 -16.68
C CYS J 138 -6.78 32.88 -15.69
N ALA J 139 -7.77 32.57 -14.88
CA ALA J 139 -7.60 31.53 -13.89
C ALA J 139 -8.93 30.94 -13.49
N GLY J 140 -8.85 29.75 -12.90
CA GLY J 140 -9.99 29.08 -12.30
C GLY J 140 -10.42 27.90 -13.15
N THR J 141 -11.62 27.44 -12.94
CA THR J 141 -11.97 26.10 -13.36
C THR J 141 -12.16 26.02 -14.86
N CYS J 142 -12.44 27.14 -15.53
CA CYS J 142 -12.46 27.06 -16.99
C CYS J 142 -11.35 27.90 -17.59
N ALA J 143 -10.15 27.82 -17.03
CA ALA J 143 -9.03 28.49 -17.67
C ALA J 143 -8.65 27.82 -18.99
N GLU J 144 -8.67 26.47 -19.15
CA GLU J 144 -8.30 25.89 -20.45
C GLU J 144 -9.12 26.48 -21.60
N SER J 145 -10.45 26.63 -21.39
CA SER J 145 -11.39 27.03 -22.40
C SER J 145 -11.38 28.53 -22.63
N LEU J 146 -10.50 29.24 -21.94
CA LEU J 146 -10.48 30.70 -21.93
C LEU J 146 -9.33 31.23 -22.79
N HIS J 147 -8.13 30.73 -22.52
CA HIS J 147 -7.03 30.62 -23.47
C HIS J 147 -7.52 30.69 -24.92
N GLY J 148 -8.09 29.64 -25.49
CA GLY J 148 -8.46 29.66 -26.90
C GLY J 148 -9.55 30.67 -27.28
N MET J 149 -10.41 31.08 -26.36
CA MET J 149 -11.38 32.11 -26.74
C MET J 149 -10.67 33.44 -26.99
N CYS J 150 -9.81 33.79 -26.05
CA CYS J 150 -9.01 34.99 -26.10
C CYS J 150 -7.97 35.01 -27.22
N GLU J 151 -7.31 33.88 -27.51
CA GLU J 151 -6.35 33.83 -28.62
C GLU J 151 -7.06 34.18 -29.93
N ALA J 152 -8.33 33.75 -30.06
CA ALA J 152 -9.07 34.02 -31.29
C ALA J 152 -9.88 35.30 -31.31
N LEU J 153 -10.13 35.95 -30.19
CA LEU J 153 -10.93 37.17 -30.22
C LEU J 153 -10.08 38.40 -29.92
N TRP J 154 -9.00 38.22 -29.17
CA TRP J 154 -8.29 39.38 -28.69
C TRP J 154 -7.41 39.93 -29.79
N ARG J 155 -7.28 41.24 -29.86
CA ARG J 155 -6.30 41.77 -30.79
C ARG J 155 -5.75 43.02 -30.14
N PRO J 156 -4.52 43.44 -30.50
CA PRO J 156 -3.93 44.64 -29.91
C PRO J 156 -4.78 45.83 -30.27
N GLY J 157 -4.73 46.84 -29.41
CA GLY J 157 -5.20 48.15 -29.80
C GLY J 157 -6.57 48.53 -29.29
N LEU J 158 -7.36 47.56 -28.82
CA LEU J 158 -8.81 47.76 -28.70
C LEU J 158 -9.11 48.82 -27.66
N GLY J 159 -10.23 49.52 -27.84
CA GLY J 159 -10.68 50.49 -26.85
C GLY J 159 -11.72 49.88 -25.94
N PRO J 160 -12.11 50.57 -24.86
CA PRO J 160 -12.99 50.02 -23.82
C PRO J 160 -14.24 49.23 -24.25
N GLU J 161 -14.99 49.72 -25.23
CA GLU J 161 -16.23 49.06 -25.60
C GLU J 161 -16.02 47.77 -26.43
N GLU J 162 -14.98 47.70 -27.24
CA GLU J 162 -14.74 46.50 -28.02
C GLU J 162 -13.99 45.49 -27.15
N LEU J 163 -13.23 45.98 -26.17
CA LEU J 163 -12.54 45.07 -25.27
C LEU J 163 -13.54 44.42 -24.31
N PHE J 164 -14.59 45.18 -23.96
CA PHE J 164 -15.61 44.62 -23.13
C PHE J 164 -16.36 43.48 -23.83
N GLU J 165 -16.65 43.57 -25.14
CA GLU J 165 -17.40 42.48 -25.80
C GLU J 165 -16.51 41.27 -25.90
N VAL J 166 -15.28 41.45 -26.39
CA VAL J 166 -14.38 40.33 -26.46
C VAL J 166 -14.46 39.57 -25.13
N ALA J 167 -14.30 40.32 -24.01
CA ALA J 167 -14.06 39.73 -22.70
C ALA J 167 -15.33 39.14 -22.09
N ALA J 168 -16.51 39.63 -22.48
CA ALA J 168 -17.77 39.02 -22.06
C ALA J 168 -18.14 37.79 -22.91
N GLN J 169 -17.94 37.84 -24.23
CA GLN J 169 -18.16 36.64 -25.01
C GLN J 169 -17.24 35.54 -24.55
N ALA J 170 -16.01 35.87 -24.18
CA ALA J 170 -15.08 34.84 -23.73
C ALA J 170 -15.61 34.15 -22.49
N MET J 171 -15.88 34.94 -21.47
CA MET J 171 -16.28 34.40 -20.19
C MET J 171 -17.55 33.59 -20.38
N LEU J 172 -18.56 34.11 -21.09
CA LEU J 172 -19.77 33.30 -21.26
C LEU J 172 -19.56 31.96 -22.00
N SER J 173 -19.01 31.98 -23.19
CA SER J 173 -18.76 30.75 -23.91
C SER J 173 -17.89 29.82 -23.08
N ALA J 174 -16.98 30.32 -22.27
CA ALA J 174 -16.18 29.35 -21.52
C ALA J 174 -16.95 28.82 -20.30
N CYS J 175 -17.68 29.69 -19.63
CA CYS J 175 -18.41 29.17 -18.50
C CYS J 175 -19.43 28.15 -18.95
N ASP J 176 -19.93 28.22 -20.18
CA ASP J 176 -20.99 27.31 -20.62
C ASP J 176 -20.52 25.91 -20.91
N ARG J 177 -19.22 25.66 -21.00
CA ARG J 177 -18.73 24.31 -21.10
C ARG J 177 -18.12 23.87 -19.77
N ASP J 178 -18.35 24.66 -18.70
CA ASP J 178 -17.82 24.37 -17.38
C ASP J 178 -18.93 24.20 -16.34
N SER J 179 -18.94 23.08 -15.65
CA SER J 179 -19.99 22.89 -14.68
C SER J 179 -19.77 23.65 -13.41
N LEU J 180 -18.64 24.24 -13.14
CA LEU J 180 -18.40 24.81 -11.82
C LEU J 180 -18.20 26.32 -11.93
N SER J 181 -18.56 26.93 -13.05
CA SER J 181 -18.47 28.38 -13.13
C SER J 181 -19.62 28.85 -14.02
N GLY J 182 -20.18 29.98 -13.73
CA GLY J 182 -21.39 30.31 -14.44
C GLY J 182 -22.23 31.28 -13.68
N TYR J 183 -23.53 31.31 -14.01
CA TYR J 183 -24.51 32.24 -13.49
C TYR J 183 -24.16 33.69 -13.84
N GLY J 184 -23.69 33.88 -15.08
CA GLY J 184 -23.45 35.20 -15.63
C GLY J 184 -22.22 35.83 -15.02
N ALA J 185 -22.02 37.14 -15.14
CA ALA J 185 -20.72 37.68 -14.81
C ALA J 185 -20.77 39.14 -14.45
N VAL J 186 -19.72 39.55 -13.81
CA VAL J 186 -19.49 40.93 -13.47
C VAL J 186 -18.15 41.36 -14.12
N ALA J 187 -18.13 42.57 -14.64
CA ALA J 187 -16.98 43.08 -15.36
C ALA J 187 -16.70 44.47 -14.88
N ALA J 188 -15.43 44.75 -14.68
CA ALA J 188 -14.98 46.09 -14.41
C ALA J 188 -14.24 46.53 -15.64
N ILE J 189 -14.50 47.75 -16.12
CA ILE J 189 -13.74 48.33 -17.24
C ILE J 189 -13.06 49.58 -16.75
N VAL J 190 -11.74 49.65 -16.93
CA VAL J 190 -10.98 50.70 -16.27
C VAL J 190 -10.18 51.40 -17.35
N THR J 191 -10.24 52.74 -17.26
CA THR J 191 -9.39 53.67 -18.00
C THR J 191 -8.73 54.58 -16.97
N ARG J 192 -7.93 55.54 -17.44
CA ARG J 192 -7.26 56.46 -16.52
C ARG J 192 -8.32 57.34 -15.89
N ASP J 193 -9.45 57.50 -16.60
CA ASP J 193 -10.46 58.50 -16.27
C ASP J 193 -11.69 57.89 -15.63
N LYS J 194 -12.12 56.66 -15.99
CA LYS J 194 -13.33 56.13 -15.36
C LYS J 194 -13.27 54.62 -15.15
N MET J 195 -14.16 54.14 -14.28
CA MET J 195 -14.31 52.74 -13.92
C MET J 195 -15.78 52.38 -14.00
N THR J 196 -16.09 51.55 -14.97
CA THR J 196 -17.45 51.13 -15.27
C THR J 196 -17.57 49.66 -14.87
N THR J 197 -18.76 49.31 -14.34
CA THR J 197 -19.00 47.94 -13.91
C THR J 197 -20.22 47.43 -14.60
N ARG J 198 -20.26 46.18 -14.97
CA ARG J 198 -21.44 45.73 -15.65
C ARG J 198 -21.78 44.31 -15.23
N LEU J 199 -23.03 44.08 -14.98
CA LEU J 199 -23.46 42.72 -14.70
C LEU J 199 -24.02 42.16 -16.00
N ILE J 200 -23.44 41.07 -16.48
CA ILE J 200 -23.78 40.46 -17.77
C ILE J 200 -24.72 39.29 -17.55
N ASN J 201 -25.74 39.14 -18.36
CA ASN J 201 -26.62 37.98 -18.22
C ASN J 201 -25.95 36.69 -18.68
N GLY J 202 -26.27 35.56 -18.05
CA GLY J 202 -25.91 34.26 -18.60
C GLY J 202 -26.90 33.15 -18.29
N ARG J 203 -26.48 31.94 -18.58
CA ARG J 203 -27.32 30.80 -18.36
C ARG J 203 -27.57 30.58 -16.87
N LYS J 204 -28.67 29.89 -16.57
CA LYS J 204 -29.15 29.63 -15.22
C LYS J 204 -28.93 28.19 -14.81
N ASP J 205 -27.89 27.60 -15.39
CA ASP J 205 -27.37 26.29 -15.04
C ASP J 205 -25.82 26.45 -15.02
N MET K 1 -23.56 14.74 8.03
CA MET K 1 -24.78 15.35 7.44
C MET K 1 -26.03 14.66 7.99
N SER K 2 -25.88 14.08 9.19
CA SER K 2 -26.91 13.30 9.87
C SER K 2 -27.93 14.22 10.58
N GLU K 3 -27.50 15.47 10.75
CA GLU K 3 -28.28 16.51 11.38
C GLU K 3 -28.56 17.60 10.35
N THR K 4 -29.82 17.75 9.93
CA THR K 4 -30.22 18.80 9.00
C THR K 4 -30.43 20.07 9.77
N THR K 5 -29.91 21.20 9.26
CA THR K 5 -30.37 22.50 9.72
C THR K 5 -30.94 23.35 8.62
N ILE K 6 -31.84 24.25 8.98
CA ILE K 6 -32.51 25.08 8.00
C ILE K 6 -32.64 26.51 8.50
N ALA K 7 -32.57 27.46 7.58
CA ALA K 7 -32.84 28.85 7.91
C ALA K 7 -33.21 29.65 6.68
N PHE K 8 -34.12 30.59 6.86
CA PHE K 8 -34.37 31.63 5.89
C PHE K 8 -34.82 32.92 6.49
N ARG K 9 -34.51 33.99 5.77
CA ARG K 9 -34.74 35.34 6.20
C ARG K 9 -35.91 35.85 5.40
N CYS K 10 -36.85 36.53 6.07
CA CYS K 10 -37.99 37.21 5.45
C CYS K 10 -37.89 38.67 5.84
N ASN K 11 -38.81 39.53 5.39
CA ASN K 11 -38.65 40.98 5.60
C ASN K 11 -38.35 41.33 7.06
N GLY K 12 -39.08 40.75 8.02
CA GLY K 12 -38.86 41.19 9.39
C GLY K 12 -38.54 40.07 10.39
N PHE K 13 -37.82 39.04 9.92
CA PHE K 13 -37.40 37.96 10.81
C PHE K 13 -36.49 36.97 10.09
N VAL K 14 -35.88 36.10 10.88
CA VAL K 14 -35.25 34.89 10.44
C VAL K 14 -35.86 33.71 11.20
N LEU K 15 -36.21 32.64 10.53
CA LEU K 15 -36.53 31.39 11.15
C LEU K 15 -35.34 30.47 11.08
N VAL K 16 -35.05 29.74 12.14
CA VAL K 16 -33.93 28.80 12.09
C VAL K 16 -34.46 27.48 12.62
N ALA K 17 -33.99 26.34 12.10
CA ALA K 17 -34.44 25.10 12.71
C ALA K 17 -33.39 24.03 12.62
N ALA K 18 -33.36 23.16 13.59
CA ALA K 18 -32.37 22.10 13.57
C ALA K 18 -32.92 20.86 14.19
N ALA K 19 -32.43 19.75 13.70
CA ALA K 19 -32.97 18.45 14.06
C ALA K 19 -32.39 18.08 15.42
N GLY K 20 -33.22 17.51 16.27
CA GLY K 20 -32.90 17.17 17.64
C GLY K 20 -31.90 16.01 17.82
N LEU K 21 -31.74 15.15 16.83
CA LEU K 21 -31.07 13.87 16.95
C LEU K 21 -29.62 13.90 17.46
N ASN K 22 -29.33 13.05 18.43
CA ASN K 22 -27.97 12.69 18.81
C ASN K 22 -27.84 11.15 18.80
N ALA K 23 -26.83 10.68 18.11
CA ALA K 23 -26.73 9.29 17.72
C ALA K 23 -25.35 8.77 18.10
N PHE K 24 -25.26 7.47 18.40
CA PHE K 24 -23.98 6.79 18.54
C PHE K 24 -24.02 5.65 17.52
N TYR K 25 -23.29 5.85 16.42
CA TYR K 25 -23.37 4.95 15.29
C TYR K 25 -24.85 4.84 14.89
N TYR K 26 -25.38 3.62 14.85
CA TYR K 26 -26.76 3.51 14.42
C TYR K 26 -27.73 3.73 15.59
N ILE K 27 -27.26 3.88 16.80
CA ILE K 27 -28.20 3.93 17.90
C ILE K 27 -28.64 5.38 18.11
N LYS K 28 -29.93 5.64 18.28
CA LYS K 28 -30.38 6.94 18.75
C LYS K 28 -30.22 7.13 20.25
N ILE K 29 -29.30 8.02 20.66
CA ILE K 29 -29.17 8.29 22.07
C ILE K 29 -30.33 9.18 22.50
N MET K 30 -30.53 10.31 21.83
CA MET K 30 -31.72 11.09 22.13
C MET K 30 -32.10 11.87 20.89
N ASP K 31 -33.35 12.35 20.84
CA ASP K 31 -33.83 13.14 19.69
C ASP K 31 -34.33 14.53 20.11
N THR K 32 -33.75 15.15 21.15
CA THR K 32 -34.26 16.43 21.62
C THR K 32 -33.13 17.38 21.98
N GLU K 33 -31.93 17.14 21.46
CA GLU K 33 -30.86 18.07 21.66
C GLU K 33 -31.20 19.36 20.90
N ASP K 34 -31.22 20.48 21.64
CA ASP K 34 -31.34 21.81 21.06
C ASP K 34 -29.96 22.20 20.52
N LYS K 35 -29.93 22.45 19.23
CA LYS K 35 -28.72 22.79 18.54
C LYS K 35 -28.76 24.23 18.03
N VAL K 36 -29.80 24.96 18.40
CA VAL K 36 -29.97 26.31 17.93
C VAL K 36 -29.58 27.21 19.08
N THR K 37 -28.33 27.59 19.12
CA THR K 37 -27.77 28.19 20.32
C THR K 37 -27.87 29.70 20.24
N GLN K 38 -28.40 30.31 21.28
CA GLN K 38 -28.50 31.74 21.30
C GLN K 38 -27.17 32.38 21.69
N LEU K 39 -26.69 33.35 20.90
CA LEU K 39 -25.38 33.91 21.16
C LEU K 39 -25.49 35.23 21.92
N ASP K 40 -26.65 35.92 21.74
CA ASP K 40 -26.89 37.20 22.34
C ASP K 40 -28.37 37.46 22.22
N SER K 41 -28.83 38.67 22.51
CA SER K 41 -30.28 38.85 22.59
C SER K 41 -30.95 38.81 21.22
N HIS K 42 -30.21 39.05 20.15
CA HIS K 42 -30.82 39.07 18.83
C HIS K 42 -30.02 38.20 17.87
N LYS K 43 -29.28 37.21 18.40
CA LYS K 43 -28.55 36.27 17.56
C LYS K 43 -28.77 34.83 17.93
N VAL K 44 -28.80 33.94 16.92
CA VAL K 44 -28.70 32.51 17.17
C VAL K 44 -27.74 31.93 16.17
N VAL K 45 -27.22 30.76 16.50
CA VAL K 45 -26.47 29.97 15.55
C VAL K 45 -26.97 28.52 15.58
N ALA K 46 -27.31 27.94 14.44
CA ALA K 46 -27.60 26.52 14.34
C ALA K 46 -26.35 25.84 13.88
N CYS K 47 -25.75 24.98 14.69
CA CYS K 47 -24.60 24.21 14.27
C CYS K 47 -24.96 22.74 14.03
N ALA K 48 -24.26 22.16 13.09
CA ALA K 48 -24.39 20.77 12.66
C ALA K 48 -23.04 20.15 12.92
N GLY K 49 -23.03 18.92 13.45
CA GLY K 49 -21.83 18.14 13.56
C GLY K 49 -21.75 17.60 14.98
N GLU K 50 -20.61 17.01 15.30
CA GLU K 50 -20.50 16.27 16.52
C GLU K 50 -20.67 17.17 17.73
N ASN K 51 -21.18 16.59 18.79
CA ASN K 51 -21.27 17.28 20.04
C ASN K 51 -20.01 18.02 20.47
N GLY K 52 -18.87 17.43 20.35
CA GLY K 52 -17.73 17.98 20.95
C GLY K 52 -17.25 19.17 20.19
N PRO K 53 -17.06 19.11 18.88
CA PRO K 53 -16.55 20.29 18.16
C PRO K 53 -17.62 21.36 18.29
N ARG K 54 -18.87 20.95 18.24
CA ARG K 54 -19.97 21.88 18.19
C ARG K 54 -20.10 22.69 19.45
N VAL K 55 -20.13 22.02 20.61
CA VAL K 55 -20.09 22.72 21.87
C VAL K 55 -18.83 23.54 22.10
N ASN K 56 -17.69 23.00 21.82
CA ASN K 56 -16.52 23.80 22.15
C ASN K 56 -16.52 25.06 21.33
N PHE K 57 -16.89 24.92 20.06
CA PHE K 57 -16.91 26.05 19.15
C PHE K 57 -17.88 27.11 19.61
N VAL K 58 -19.13 26.79 19.84
CA VAL K 58 -20.06 27.85 20.14
C VAL K 58 -19.82 28.44 21.53
N GLU K 59 -19.19 27.72 22.44
CA GLU K 59 -18.85 28.28 23.74
C GLU K 59 -17.74 29.32 23.62
N TYR K 60 -16.73 29.01 22.84
CA TYR K 60 -15.74 29.99 22.46
C TYR K 60 -16.31 31.22 21.75
N ILE K 61 -17.19 31.13 20.80
CA ILE K 61 -17.86 32.32 20.32
C ILE K 61 -18.55 33.05 21.45
N LYS K 62 -19.36 32.38 22.27
CA LYS K 62 -20.15 33.10 23.24
C LYS K 62 -19.28 33.91 24.20
N CYS K 63 -18.20 33.33 24.67
CA CYS K 63 -17.41 33.94 25.69
C CYS K 63 -16.68 35.14 25.10
N ASN K 64 -16.05 35.03 23.93
CA ASN K 64 -15.43 36.17 23.27
C ASN K 64 -16.41 37.29 22.92
N MET K 65 -17.67 37.01 22.65
CA MET K 65 -18.60 38.08 22.40
C MET K 65 -18.96 38.76 23.71
N ALA K 66 -19.08 37.96 24.76
CA ALA K 66 -19.45 38.47 26.05
C ALA K 66 -18.34 39.39 26.57
N LEU K 67 -17.12 39.04 26.25
CA LEU K 67 -15.98 39.82 26.67
C LEU K 67 -15.91 41.08 25.84
N LYS K 68 -16.43 41.08 24.62
CA LYS K 68 -16.42 42.28 23.80
C LYS K 68 -17.52 43.24 24.26
N ARG K 69 -18.49 42.77 24.99
CA ARG K 69 -19.62 43.61 25.31
C ARG K 69 -19.35 44.35 26.61
N MET K 70 -18.57 43.78 27.55
CA MET K 70 -18.19 44.55 28.73
C MET K 70 -17.03 45.49 28.41
N ARG K 71 -16.12 45.10 27.55
CA ARG K 71 -15.12 46.04 27.12
C ARG K 71 -15.74 46.98 26.08
N GLU K 72 -16.95 47.49 26.38
CA GLU K 72 -17.68 48.32 25.42
C GLU K 72 -19.09 48.66 25.93
N HIS K 73 -19.29 48.59 27.27
CA HIS K 73 -20.47 49.08 27.96
C HIS K 73 -21.76 48.44 27.44
N GLY K 74 -21.66 47.16 27.05
CA GLY K 74 -22.85 46.38 26.73
C GLY K 74 -23.41 46.69 25.34
N ARG K 75 -22.58 47.29 24.49
CA ARG K 75 -23.02 47.63 23.17
C ARG K 75 -23.09 46.36 22.33
N VAL K 76 -24.23 46.15 21.68
CA VAL K 76 -24.48 44.97 20.86
C VAL K 76 -23.66 45.05 19.57
N ILE K 77 -23.04 43.93 19.26
CA ILE K 77 -22.25 43.80 18.07
C ILE K 77 -23.14 43.46 16.89
N ARG K 78 -22.77 43.98 15.73
CA ARG K 78 -23.55 43.71 14.52
C ARG K 78 -23.42 42.27 14.10
N THR K 79 -24.46 41.82 13.43
CA THR K 79 -24.44 40.46 12.91
C THR K 79 -23.28 40.22 11.97
N SER K 80 -22.93 41.23 11.15
CA SER K 80 -21.86 40.98 10.19
C SER K 80 -20.49 40.91 10.85
N ALA K 81 -20.36 41.45 12.05
CA ALA K 81 -19.12 41.34 12.78
C ALA K 81 -19.03 40.02 13.52
N ALA K 82 -20.14 39.53 14.02
CA ALA K 82 -20.15 38.23 14.67
C ALA K 82 -19.80 37.18 13.65
N ALA K 83 -20.28 37.34 12.43
CA ALA K 83 -19.99 36.37 11.36
C ALA K 83 -18.54 36.44 10.95
N SER K 84 -18.00 37.64 10.90
CA SER K 84 -16.63 37.81 10.52
C SER K 84 -15.73 37.21 11.56
N PHE K 85 -16.10 37.33 12.83
CA PHE K 85 -15.36 36.73 13.93
C PHE K 85 -15.43 35.21 13.86
N MET K 86 -16.59 34.64 13.54
CA MET K 86 -16.75 33.20 13.47
C MET K 86 -15.94 32.63 12.34
N ARG K 87 -15.93 33.35 11.26
CA ARG K 87 -15.22 32.94 10.08
C ARG K 87 -13.74 32.94 10.33
N ASN K 88 -13.19 33.94 10.99
CA ASN K 88 -11.77 33.95 11.22
C ASN K 88 -11.35 32.80 12.10
N ALA K 89 -12.19 32.36 13.02
CA ALA K 89 -11.82 31.26 13.88
C ALA K 89 -11.93 29.90 13.20
N LEU K 90 -12.94 29.70 12.34
CA LEU K 90 -13.00 28.47 11.57
C LEU K 90 -11.77 28.34 10.66
N ALA K 91 -11.39 29.44 10.03
CA ALA K 91 -10.29 29.49 9.11
C ALA K 91 -8.96 29.28 9.76
N GLY K 92 -8.80 29.90 10.93
CA GLY K 92 -7.61 29.75 11.76
C GLY K 92 -7.40 28.32 12.22
N ALA K 93 -8.44 27.74 12.79
CA ALA K 93 -8.37 26.36 13.23
C ALA K 93 -8.00 25.47 12.08
N LEU K 94 -8.45 25.76 10.87
CA LEU K 94 -8.19 24.88 9.73
C LEU K 94 -6.70 24.77 9.40
N ARG K 95 -5.89 25.78 9.72
CA ARG K 95 -4.45 25.70 9.47
C ARG K 95 -3.66 25.46 10.77
N SER K 96 -4.35 25.20 11.89
CA SER K 96 -3.72 24.96 13.19
C SER K 96 -3.30 23.49 13.36
N ARG K 97 -2.54 23.23 14.44
CA ARG K 97 -2.09 21.89 14.79
C ARG K 97 -3.26 20.94 15.05
N ASP K 98 -4.17 21.36 15.94
CA ASP K 98 -5.30 20.56 16.38
C ASP K 98 -6.32 20.37 15.25
N GLY K 99 -6.22 21.18 14.17
CA GLY K 99 -7.01 21.01 12.96
C GLY K 99 -8.37 21.69 13.07
N ALA K 100 -9.22 21.47 12.06
CA ALA K 100 -10.46 22.22 11.91
C ALA K 100 -11.54 21.85 12.94
N TYR K 101 -12.42 22.78 13.28
CA TYR K 101 -13.71 22.44 13.86
C TYR K 101 -14.58 21.83 12.78
N LEU K 102 -15.03 20.58 12.92
CA LEU K 102 -15.95 19.98 11.95
C LEU K 102 -17.36 20.34 12.34
N VAL K 103 -17.69 21.62 12.20
CA VAL K 103 -19.03 22.11 12.42
C VAL K 103 -19.42 22.92 11.18
N ASN K 104 -20.69 22.86 10.82
CA ASN K 104 -21.27 23.70 9.80
C ASN K 104 -22.35 24.58 10.46
N CYS K 105 -22.35 25.89 10.17
CA CYS K 105 -23.12 26.83 10.93
C CYS K 105 -24.06 27.64 10.06
N LEU K 106 -25.11 28.19 10.64
CA LEU K 106 -25.96 29.20 10.04
C LEU K 106 -26.07 30.27 11.12
N LEU K 107 -25.62 31.46 10.85
CA LEU K 107 -25.75 32.50 11.81
C LEU K 107 -26.85 33.47 11.41
N ALA K 108 -27.78 33.73 12.32
CA ALA K 108 -28.93 34.62 12.10
C ALA K 108 -28.99 35.70 13.15
N GLY K 109 -29.14 36.92 12.69
CA GLY K 109 -29.15 38.07 13.60
C GLY K 109 -30.19 39.06 13.11
N TYR K 110 -30.62 39.93 13.97
CA TYR K 110 -31.41 41.08 13.60
C TYR K 110 -30.69 42.26 14.21
N ASP K 111 -30.31 43.22 13.39
CA ASP K 111 -29.47 44.33 13.84
C ASP K 111 -30.36 45.50 14.20
N VAL K 112 -30.03 46.12 15.32
CA VAL K 112 -30.92 47.12 15.90
C VAL K 112 -30.05 48.30 16.37
N ALA K 113 -30.48 49.55 16.11
CA ALA K 113 -29.64 50.74 16.34
C ALA K 113 -29.14 50.86 17.79
N ALA K 114 -27.80 50.91 17.95
CA ALA K 114 -27.15 51.11 19.24
C ALA K 114 -27.67 52.39 19.92
N SER K 115 -27.42 53.54 19.28
CA SER K 115 -27.79 54.86 19.80
C SER K 115 -28.58 55.62 18.73
N SER K 116 -28.68 56.95 18.90
CA SER K 116 -29.31 57.83 17.91
C SER K 116 -28.31 58.22 16.82
N ASP K 117 -27.02 58.33 17.20
CA ASP K 117 -25.91 58.62 16.29
C ASP K 117 -25.79 57.54 15.21
N ASP K 118 -26.25 56.33 15.54
CA ASP K 118 -26.14 55.12 14.74
C ASP K 118 -27.03 55.15 13.49
N ASP K 119 -26.37 54.98 12.33
CA ASP K 119 -26.93 55.11 11.00
C ASP K 119 -27.24 53.74 10.38
N ILE K 120 -26.96 52.67 11.15
CA ILE K 120 -27.00 51.29 10.70
C ILE K 120 -28.35 50.98 10.05
N ALA K 121 -28.31 50.31 8.89
CA ALA K 121 -29.49 49.64 8.38
C ALA K 121 -29.89 48.55 9.37
N THR K 122 -31.13 48.71 9.85
CA THR K 122 -31.76 47.86 10.85
C THR K 122 -32.58 46.76 10.15
N GLY K 123 -32.17 45.49 10.34
CA GLY K 123 -32.99 44.35 9.92
C GLY K 123 -32.29 42.99 10.06
N PRO K 124 -32.95 41.95 9.53
CA PRO K 124 -32.44 40.58 9.63
C PRO K 124 -31.33 40.19 8.66
N HIS K 125 -30.34 39.46 9.14
CA HIS K 125 -29.33 38.98 8.26
C HIS K 125 -29.03 37.53 8.54
N LEU K 126 -28.90 36.73 7.47
CA LEU K 126 -28.50 35.34 7.61
C LEU K 126 -27.15 35.08 6.97
N TYR K 127 -26.28 34.33 7.62
CA TYR K 127 -25.03 33.95 7.04
C TYR K 127 -24.82 32.44 7.03
N TYR K 128 -24.55 31.89 5.87
CA TYR K 128 -24.08 30.53 5.75
C TYR K 128 -22.59 30.38 6.07
N MET K 129 -22.15 29.38 6.82
CA MET K 129 -20.73 29.16 6.98
C MET K 129 -20.40 27.71 6.83
N ASP K 130 -19.13 27.40 6.54
CA ASP K 130 -18.77 26.01 6.57
C ASP K 130 -17.57 25.75 7.45
N TYR K 131 -17.28 24.51 7.67
CA TYR K 131 -16.24 24.20 8.60
C TYR K 131 -14.89 24.69 8.09
N LEU K 132 -14.75 24.97 6.80
CA LEU K 132 -13.50 25.52 6.27
C LEU K 132 -13.33 27.03 6.51
N GLY K 133 -14.44 27.73 6.74
CA GLY K 133 -14.40 29.16 6.87
C GLY K 133 -15.00 29.86 5.69
N THR K 134 -15.65 29.15 4.82
CA THR K 134 -16.45 29.81 3.80
C THR K 134 -17.56 30.55 4.53
N MET K 135 -17.94 31.70 4.05
CA MET K 135 -18.99 32.48 4.65
C MET K 135 -19.65 33.32 3.57
N GLN K 136 -20.97 33.42 3.60
CA GLN K 136 -21.72 34.06 2.56
C GLN K 136 -23.08 34.45 3.11
N GLU K 137 -23.46 35.69 2.95
CA GLU K 137 -24.81 36.11 3.20
C GLU K 137 -25.80 35.48 2.21
N VAL K 138 -26.99 35.15 2.71
CA VAL K 138 -27.90 34.39 1.88
C VAL K 138 -29.32 34.70 2.35
N PRO K 139 -30.34 34.52 1.51
CA PRO K 139 -31.74 34.67 1.92
C PRO K 139 -32.32 33.40 2.51
N TYR K 140 -31.68 32.26 2.21
CA TYR K 140 -31.91 31.02 2.92
C TYR K 140 -30.77 30.05 2.71
N GLY K 141 -30.67 29.07 3.58
CA GLY K 141 -29.52 28.18 3.51
C GLY K 141 -29.73 26.98 4.42
N CYS K 142 -28.97 25.89 4.21
CA CYS K 142 -29.12 24.65 4.95
C CYS K 142 -27.86 23.82 5.05
N HIS K 143 -27.82 22.92 6.00
CA HIS K 143 -26.72 21.98 6.00
C HIS K 143 -27.26 20.59 6.30
N GLY K 144 -26.47 19.57 6.03
CA GLY K 144 -26.82 18.19 6.29
C GLY K 144 -27.49 17.54 5.09
N TYR K 145 -27.79 16.24 5.18
CA TYR K 145 -28.31 15.45 4.07
C TYR K 145 -29.69 15.95 3.67
N GLY K 146 -30.44 16.54 4.57
CA GLY K 146 -31.72 17.06 4.16
C GLY K 146 -31.61 18.36 3.38
N ALA K 147 -30.40 18.91 3.22
CA ALA K 147 -30.23 20.26 2.66
C ALA K 147 -30.75 20.45 1.22
N SER K 148 -30.44 19.50 0.36
CA SER K 148 -30.79 19.64 -1.06
C SER K 148 -32.29 19.70 -1.25
N PHE K 149 -33.04 18.79 -0.62
CA PHE K 149 -34.51 18.79 -0.73
C PHE K 149 -35.14 20.09 -0.33
N VAL K 150 -34.67 20.61 0.78
CA VAL K 150 -35.22 21.84 1.34
C VAL K 150 -34.84 23.06 0.50
N ILE K 151 -33.61 23.08 -0.02
CA ILE K 151 -33.12 24.21 -0.80
C ILE K 151 -33.98 24.37 -2.05
N ALA K 152 -34.32 23.22 -2.62
CA ALA K 152 -35.14 23.29 -3.82
C ALA K 152 -36.56 23.70 -3.39
N MET K 153 -37.13 23.18 -2.29
CA MET K 153 -38.46 23.65 -2.00
C MET K 153 -38.40 25.16 -1.83
N LEU K 154 -37.37 25.66 -1.14
CA LEU K 154 -37.39 27.07 -0.83
C LEU K 154 -37.18 27.91 -2.10
N ASP K 155 -36.31 27.48 -3.02
CA ASP K 155 -36.23 28.11 -4.36
C ASP K 155 -37.60 28.20 -5.00
N ARG K 156 -38.44 27.20 -4.74
CA ARG K 156 -39.77 27.14 -5.31
C ARG K 156 -40.79 27.98 -4.59
N LEU K 157 -40.72 28.08 -3.25
CA LEU K 157 -41.82 28.65 -2.45
C LEU K 157 -41.42 29.89 -1.65
N TRP K 158 -40.15 30.10 -1.38
CA TRP K 158 -39.78 31.21 -0.51
C TRP K 158 -40.03 32.53 -1.21
N ARG K 159 -40.67 33.49 -0.54
CA ARG K 159 -40.64 34.88 -0.98
C ARG K 159 -40.16 35.75 0.19
N PRO K 160 -39.63 36.96 -0.06
CA PRO K 160 -39.34 37.92 1.02
C PRO K 160 -40.48 38.45 1.89
N ASP K 161 -41.67 38.54 1.35
CA ASP K 161 -42.78 39.15 2.08
C ASP K 161 -43.71 38.13 2.74
N LEU K 162 -43.23 36.93 3.10
CA LEU K 162 -44.06 35.99 3.84
C LEU K 162 -44.38 36.60 5.21
N THR K 163 -45.62 36.42 5.65
CA THR K 163 -46.00 36.78 7.01
C THR K 163 -45.46 35.73 7.99
N ALA K 164 -45.46 36.04 9.29
CA ALA K 164 -44.85 35.18 10.27
C ALA K 164 -45.53 33.81 10.25
N GLN K 165 -46.83 33.81 9.96
CA GLN K 165 -47.64 32.62 9.93
C GLN K 165 -47.35 31.77 8.68
N GLU K 166 -47.19 32.41 7.54
CA GLU K 166 -46.86 31.68 6.35
C GLU K 166 -45.46 31.08 6.44
N ALA K 167 -44.53 31.81 7.05
CA ALA K 167 -43.18 31.32 7.19
C ALA K 167 -43.06 30.19 8.21
N VAL K 168 -43.98 30.09 9.15
CA VAL K 168 -43.97 28.91 9.98
C VAL K 168 -44.51 27.70 9.21
N ASP K 169 -45.55 27.89 8.41
CA ASP K 169 -46.04 26.83 7.57
C ASP K 169 -44.93 26.32 6.66
N LEU K 170 -44.29 27.24 5.92
CA LEU K 170 -43.17 26.83 5.11
C LEU K 170 -42.06 26.14 5.91
N MET K 171 -41.70 26.60 7.12
CA MET K 171 -40.68 25.89 7.87
C MET K 171 -41.12 24.47 8.22
N GLN K 172 -42.39 24.30 8.58
CA GLN K 172 -42.99 23.01 8.90
C GLN K 172 -42.91 22.04 7.72
N LYS K 173 -43.40 22.42 6.55
CA LYS K 173 -43.24 21.63 5.32
C LYS K 173 -41.79 21.26 5.00
N CYS K 174 -40.81 22.13 5.27
CA CYS K 174 -39.43 21.75 4.97
C CYS K 174 -38.96 20.64 5.91
N CYS K 175 -39.45 20.65 7.15
CA CYS K 175 -39.09 19.65 8.13
C CYS K 175 -39.77 18.34 7.75
N ASP K 176 -41.02 18.39 7.31
CA ASP K 176 -41.69 17.17 6.86
C ASP K 176 -40.98 16.51 5.67
N GLU K 177 -40.38 17.31 4.79
CA GLU K 177 -39.80 16.76 3.59
C GLU K 177 -38.52 16.02 3.96
N VAL K 178 -37.79 16.58 4.89
CA VAL K 178 -36.62 15.93 5.44
C VAL K 178 -36.94 14.57 6.06
N LYS K 179 -38.03 14.51 6.83
CA LYS K 179 -38.47 13.26 7.46
C LYS K 179 -38.88 12.24 6.40
N LYS K 180 -39.57 12.70 5.38
CA LYS K 180 -40.08 11.80 4.37
C LYS K 180 -38.94 11.21 3.53
N ARG K 181 -37.87 11.91 3.28
CA ARG K 181 -36.96 11.44 2.26
C ARG K 181 -35.55 11.13 2.74
N VAL K 182 -35.19 11.50 3.96
CA VAL K 182 -33.87 11.19 4.46
C VAL K 182 -33.97 9.96 5.35
N VAL K 183 -33.04 9.05 5.11
CA VAL K 183 -33.04 7.73 5.71
C VAL K 183 -32.60 7.83 7.17
N ILE K 184 -31.52 8.52 7.46
CA ILE K 184 -31.26 8.99 8.81
C ILE K 184 -32.52 9.65 9.30
N SER K 185 -32.91 9.36 10.54
CA SER K 185 -34.16 9.88 11.10
C SER K 185 -33.87 11.21 11.78
N ASN K 186 -34.46 12.28 11.22
CA ASN K 186 -34.46 13.56 11.87
C ASN K 186 -35.86 13.80 12.39
N ASP K 187 -36.30 13.09 13.42
CA ASP K 187 -37.74 13.04 13.73
C ASP K 187 -38.30 14.30 14.41
N LYS K 188 -37.49 15.08 15.13
CA LYS K 188 -38.04 16.20 15.88
C LYS K 188 -37.22 17.43 15.61
N PHE K 189 -37.85 18.58 15.29
CA PHE K 189 -37.07 19.79 15.01
C PHE K 189 -37.32 20.81 16.10
N ILE K 190 -36.27 21.49 16.52
CA ILE K 190 -36.53 22.70 17.30
C ILE K 190 -36.30 23.90 16.40
N CYS K 191 -37.25 24.83 16.43
CA CYS K 191 -37.27 26.00 15.59
C CYS K 191 -37.40 27.29 16.39
N LYS K 192 -36.44 28.24 16.19
CA LYS K 192 -36.47 29.55 16.82
C LYS K 192 -36.53 30.69 15.81
N ALA K 193 -37.08 31.82 16.22
CA ALA K 193 -37.28 32.97 15.35
C ALA K 193 -36.50 34.16 15.91
N VAL K 194 -35.88 34.94 15.06
CA VAL K 194 -35.11 36.11 15.47
C VAL K 194 -35.82 37.33 14.88
N THR K 195 -36.24 38.27 15.75
CA THR K 195 -37.09 39.42 15.38
C THR K 195 -36.49 40.68 15.99
N GLU K 196 -37.14 41.84 15.78
CA GLU K 196 -36.70 43.09 16.40
C GLU K 196 -36.73 42.98 17.94
N ASN K 197 -37.68 42.18 18.49
CA ASN K 197 -37.86 42.02 19.93
C ASN K 197 -37.06 40.86 20.50
N GLY K 198 -36.36 40.07 19.68
CA GLY K 198 -35.37 39.10 20.15
C GLY K 198 -35.62 37.66 19.69
N VAL K 199 -34.98 36.74 20.41
CA VAL K 199 -35.07 35.34 20.08
C VAL K 199 -36.25 34.70 20.79
N GLU K 200 -37.01 33.90 20.08
CA GLU K 200 -38.18 33.25 20.66
C GLU K 200 -38.41 31.89 20.01
N ILE K 201 -38.77 30.91 20.81
CA ILE K 201 -38.98 29.57 20.31
C ILE K 201 -40.33 29.47 19.60
N VAL K 202 -40.37 28.63 18.58
CA VAL K 202 -41.59 28.43 17.82
C VAL K 202 -42.09 27.02 18.13
N ASN K 203 -43.24 26.94 18.79
CA ASN K 203 -43.65 25.69 19.42
C ASN K 203 -44.41 24.82 18.45
N THR K 204 -45.11 25.42 17.50
CA THR K 204 -45.96 24.66 16.59
C THR K 204 -45.12 23.93 15.52
N VAL K 205 -43.79 24.11 15.54
CA VAL K 205 -42.93 23.51 14.53
C VAL K 205 -42.08 22.43 15.16
N SER K 206 -42.37 21.20 14.74
CA SER K 206 -41.87 20.01 15.41
C SER K 206 -41.29 19.06 14.34
N THR L 111 -18.67 -5.04 27.67
CA THR L 111 -19.11 -4.17 28.81
C THR L 111 -20.56 -3.77 28.63
N THR L 112 -21.28 -3.69 29.73
CA THR L 112 -22.55 -2.99 29.71
C THR L 112 -22.61 -2.09 30.93
N THR L 113 -23.10 -0.88 30.76
CA THR L 113 -23.46 0.01 31.83
C THR L 113 -24.74 0.72 31.46
N LEU L 114 -25.65 0.89 32.40
CA LEU L 114 -26.73 1.84 32.19
C LEU L 114 -26.97 2.72 33.40
N GLY L 115 -27.65 3.83 33.09
CA GLY L 115 -28.12 4.77 34.09
C GLY L 115 -29.45 5.36 33.68
N PHE L 116 -30.27 5.65 34.64
CA PHE L 116 -31.35 6.55 34.37
C PHE L 116 -31.88 7.23 35.60
N HIS L 117 -32.55 8.33 35.31
CA HIS L 117 -33.11 9.25 36.26
C HIS L 117 -34.56 8.96 36.38
N PHE L 118 -35.04 8.93 37.60
CA PHE L 118 -36.44 8.77 37.92
C PHE L 118 -36.73 9.64 39.15
N ASP L 119 -37.96 9.54 39.67
CA ASP L 119 -38.48 10.41 40.72
C ASP L 119 -37.67 10.32 42.02
N GLY L 120 -37.20 9.12 42.38
CA GLY L 120 -36.39 8.93 43.57
C GLY L 120 -34.88 9.10 43.38
N GLY L 121 -34.43 9.53 42.19
CA GLY L 121 -33.01 9.71 42.01
C GLY L 121 -32.46 9.12 40.72
N ILE L 122 -31.36 8.42 40.85
CA ILE L 122 -30.69 7.81 39.71
C ILE L 122 -30.29 6.36 40.01
N ILE L 123 -30.41 5.48 39.03
CA ILE L 123 -29.82 4.13 39.16
C ILE L 123 -28.63 3.98 38.24
N LEU L 124 -27.54 3.47 38.71
CA LEU L 124 -26.51 2.99 37.81
C LEU L 124 -26.38 1.48 37.94
N ALA L 125 -26.13 0.80 36.85
CA ALA L 125 -25.88 -0.62 36.95
C ALA L 125 -24.81 -0.97 35.95
N VAL L 126 -24.02 -1.95 36.28
CA VAL L 126 -22.93 -2.42 35.43
C VAL L 126 -22.84 -3.95 35.47
N ASP L 127 -21.96 -4.49 34.67
CA ASP L 127 -21.47 -5.87 34.73
C ASP L 127 -20.01 -5.81 35.23
N SER L 128 -19.25 -6.90 35.22
CA SER L 128 -17.85 -6.89 35.70
C SER L 128 -16.87 -7.68 34.82
N ARG L 129 -17.18 -7.88 33.57
CA ARG L 129 -16.26 -8.57 32.73
C ARG L 129 -15.36 -7.65 31.93
N ALA L 130 -14.12 -8.10 31.74
CA ALA L 130 -13.06 -7.44 30.97
C ALA L 130 -12.56 -8.44 29.94
N SER L 131 -12.84 -8.19 28.66
CA SER L 131 -12.59 -9.17 27.61
C SER L 131 -11.80 -8.51 26.49
N SER L 132 -10.53 -8.94 26.33
CA SER L 132 -9.72 -8.59 25.16
C SER L 132 -10.58 -8.62 23.89
N GLY L 133 -11.38 -9.69 23.74
CA GLY L 133 -12.22 -9.93 22.58
C GLY L 133 -12.47 -11.44 22.42
N GLN L 134 -11.54 -12.22 22.98
CA GLN L 134 -11.71 -13.65 23.06
C GLN L 134 -11.47 -14.14 24.50
N TYR L 135 -10.28 -13.84 25.02
CA TYR L 135 -9.95 -14.34 26.32
C TYR L 135 -10.51 -13.39 27.36
N ILE L 136 -10.98 -13.94 28.48
CA ILE L 136 -11.60 -13.14 29.51
C ILE L 136 -10.58 -13.00 30.61
N SER L 137 -10.10 -11.79 30.78
CA SER L 137 -9.09 -11.49 31.77
C SER L 137 -9.64 -11.40 33.19
N SER L 138 -10.85 -10.85 33.42
CA SER L 138 -11.44 -10.72 34.76
C SER L 138 -12.96 -10.88 34.76
N GLN L 139 -13.59 -11.17 35.92
CA GLN L 139 -15.03 -11.17 36.08
C GLN L 139 -15.35 -10.33 37.31
N THR L 140 -14.42 -9.48 37.72
CA THR L 140 -14.53 -8.84 39.02
C THR L 140 -14.10 -7.36 38.96
N VAL L 141 -14.02 -6.80 37.76
CA VAL L 141 -13.86 -5.35 37.63
C VAL L 141 -15.00 -4.57 38.31
N MET L 142 -14.59 -3.52 39.00
CA MET L 142 -15.51 -2.54 39.56
C MET L 142 -15.61 -1.35 38.59
N LYS L 143 -16.68 -1.42 37.81
CA LYS L 143 -16.93 -0.53 36.70
C LYS L 143 -17.70 0.73 37.14
N VAL L 144 -18.11 0.82 38.41
CA VAL L 144 -18.60 2.07 38.96
C VAL L 144 -17.50 2.63 39.82
N LEU L 145 -17.21 3.92 39.64
CA LEU L 145 -16.10 4.55 40.33
C LEU L 145 -16.63 5.60 41.28
N GLU L 146 -16.44 5.28 42.55
CA GLU L 146 -16.82 6.12 43.64
C GLU L 146 -15.83 7.29 43.64
N ILE L 147 -16.22 8.40 43.01
CA ILE L 147 -15.28 9.47 42.73
C ILE L 147 -15.02 10.13 44.08
N ASN L 148 -16.16 10.41 44.71
CA ASN L 148 -16.24 10.77 46.12
C ASN L 148 -17.63 10.31 46.60
N GLU L 149 -18.23 11.00 47.57
CA GLU L 149 -19.41 10.47 48.25
C GLU L 149 -20.67 11.21 47.85
N TYR L 150 -20.64 11.92 46.71
CA TYR L 150 -21.88 12.46 46.12
C TYR L 150 -21.93 12.31 44.59
N LEU L 151 -20.82 11.90 43.98
CA LEU L 151 -20.67 11.69 42.55
C LEU L 151 -20.18 10.28 42.21
N LEU L 152 -20.77 9.71 41.19
CA LEU L 152 -20.35 8.43 40.66
C LEU L 152 -19.91 8.58 39.21
N GLY L 153 -18.83 7.91 38.80
CA GLY L 153 -18.65 7.62 37.38
C GLY L 153 -19.00 6.17 37.02
N THR L 154 -19.14 5.88 35.73
CA THR L 154 -19.09 4.49 35.28
C THR L 154 -18.00 4.35 34.24
N MET L 155 -17.61 3.15 33.89
CA MET L 155 -16.46 3.00 33.04
C MET L 155 -16.80 2.02 31.94
N ALA L 156 -16.60 2.44 30.70
CA ALA L 156 -16.78 1.57 29.55
C ALA L 156 -15.75 1.97 28.49
N GLY L 157 -15.41 1.04 27.64
CA GLY L 157 -14.23 1.24 26.82
C GLY L 157 -12.96 0.86 27.56
N GLY L 158 -11.92 1.67 27.40
CA GLY L 158 -10.60 1.33 27.90
C GLY L 158 -10.55 1.45 29.43
N ALA L 159 -10.21 0.36 30.11
CA ALA L 159 -10.15 0.40 31.57
C ALA L 159 -9.10 1.36 32.09
N ALA L 160 -7.86 1.35 31.62
CA ALA L 160 -6.84 2.22 32.18
C ALA L 160 -7.23 3.70 32.00
N ASP L 161 -7.81 4.02 30.86
CA ASP L 161 -8.14 5.38 30.55
C ASP L 161 -9.18 5.85 31.53
N CYS L 162 -10.26 5.11 31.70
CA CYS L 162 -11.36 5.53 32.56
C CYS L 162 -10.88 5.66 34.00
N GLN L 163 -10.05 4.76 34.48
CA GLN L 163 -9.63 4.88 35.86
C GLN L 163 -8.61 6.00 36.09
N TYR L 164 -7.72 6.22 35.18
CA TYR L 164 -6.84 7.30 35.43
C TYR L 164 -7.59 8.64 35.41
N TRP L 165 -8.47 8.86 34.42
CA TRP L 165 -9.06 10.17 34.26
C TRP L 165 -10.18 10.40 35.28
N GLU L 166 -10.78 9.39 35.85
CA GLU L 166 -11.79 9.64 36.86
C GLU L 166 -11.08 9.81 38.19
N ARG L 167 -9.93 9.24 38.37
CA ARG L 167 -9.17 9.54 39.55
C ARG L 167 -8.69 11.01 39.49
N VAL L 168 -8.23 11.48 38.35
CA VAL L 168 -7.91 12.87 38.17
C VAL L 168 -9.12 13.75 38.41
N LEU L 169 -10.23 13.44 37.79
CA LEU L 169 -11.46 14.15 38.10
C LEU L 169 -11.67 14.22 39.60
N GLY L 170 -11.38 13.16 40.34
CA GLY L 170 -11.76 13.15 41.74
C GLY L 170 -10.80 14.01 42.54
N MET L 171 -9.59 14.12 42.07
CA MET L 171 -8.62 15.02 42.66
C MET L 171 -9.00 16.49 42.45
N GLU L 172 -9.56 16.88 41.30
CA GLU L 172 -10.09 18.22 41.07
C GLU L 172 -11.40 18.46 41.87
N CYS L 173 -12.28 17.52 41.99
CA CYS L 173 -13.45 17.77 42.82
C CYS L 173 -13.09 18.04 44.27
N ARG L 174 -11.92 17.60 44.72
CA ARG L 174 -11.56 17.71 46.11
C ARG L 174 -10.86 19.06 46.34
N LEU L 175 -9.95 19.42 45.44
CA LEU L 175 -9.33 20.73 45.48
C LEU L 175 -10.45 21.77 45.39
N TRP L 176 -11.40 21.63 44.46
CA TRP L 176 -12.44 22.64 44.38
C TRP L 176 -13.05 22.92 45.76
N GLU L 177 -13.24 21.87 46.53
CA GLU L 177 -13.99 21.88 47.77
C GLU L 177 -13.12 22.36 48.93
N LEU L 178 -11.80 22.23 48.81
CA LEU L 178 -10.88 22.87 49.74
C LEU L 178 -10.82 24.39 49.52
N ARG L 179 -10.73 24.81 48.24
CA ARG L 179 -10.58 26.19 47.85
C ARG L 179 -11.83 27.00 48.13
N ASN L 180 -13.00 26.42 47.90
CA ASN L 180 -14.26 27.15 47.85
C ASN L 180 -15.14 26.83 49.05
N ASN L 181 -14.71 25.96 49.93
CA ASN L 181 -15.60 25.49 50.98
C ASN L 181 -16.98 25.09 50.48
N CYS L 182 -17.09 24.39 49.36
CA CYS L 182 -18.39 23.82 49.01
C CYS L 182 -18.23 22.78 47.91
N ARG L 183 -19.25 21.92 47.74
CA ARG L 183 -19.20 20.84 46.76
C ARG L 183 -19.50 21.31 45.36
N ILE L 184 -18.67 20.85 44.46
CA ILE L 184 -18.85 21.08 43.03
C ILE L 184 -20.10 20.43 42.56
N SER L 185 -20.72 21.11 41.59
CA SER L 185 -21.93 20.64 40.90
C SER L 185 -21.64 19.49 39.92
N VAL L 186 -22.71 18.82 39.54
CA VAL L 186 -22.61 17.77 38.54
C VAL L 186 -22.38 18.37 37.16
N ALA L 187 -23.00 19.52 36.85
CA ALA L 187 -22.59 20.19 35.64
C ALA L 187 -21.11 20.42 35.52
N ALA L 188 -20.47 20.96 36.56
CA ALA L 188 -19.08 21.31 36.42
C ALA L 188 -18.20 20.07 36.44
N ALA L 189 -18.61 19.05 37.21
CA ALA L 189 -17.79 17.84 37.25
C ALA L 189 -17.72 17.26 35.86
N SER L 190 -18.87 17.15 35.21
CA SER L 190 -18.88 16.57 33.86
C SER L 190 -18.09 17.41 32.88
N LYS L 191 -18.12 18.73 33.12
CA LYS L 191 -17.33 19.62 32.28
C LYS L 191 -15.83 19.45 32.42
N ILE L 192 -15.33 19.27 33.63
CA ILE L 192 -13.90 19.08 33.82
C ILE L 192 -13.45 17.86 33.06
N LEU L 193 -14.31 16.86 33.11
CA LEU L 193 -14.01 15.62 32.41
C LEU L 193 -14.25 15.74 30.92
N ALA L 194 -15.31 16.39 30.46
CA ALA L 194 -15.43 16.62 29.03
C ALA L 194 -14.28 17.47 28.48
N ASN L 195 -13.66 18.37 29.26
CA ASN L 195 -12.65 19.19 28.67
C ASN L 195 -11.32 18.45 28.56
N ILE L 196 -11.15 17.40 29.35
CA ILE L 196 -9.91 16.65 29.33
C ILE L 196 -10.00 15.76 28.10
N THR L 197 -11.12 15.04 27.98
CA THR L 197 -11.35 14.24 26.79
C THR L 197 -11.29 15.09 25.54
N TYR L 198 -11.97 16.27 25.50
CA TYR L 198 -11.85 17.08 24.32
C TYR L 198 -10.37 17.37 23.97
N SER L 199 -9.56 17.79 24.95
CA SER L 199 -8.16 18.14 24.65
C SER L 199 -7.35 16.95 24.18
N TYR L 200 -7.76 15.74 24.58
CA TYR L 200 -7.06 14.54 24.15
C TYR L 200 -7.76 13.95 22.92
N ARG L 201 -8.58 14.71 22.20
CA ARG L 201 -9.39 14.10 21.17
C ARG L 201 -8.50 13.36 20.16
N ASN L 202 -7.31 13.88 19.85
CA ASN L 202 -6.55 13.31 18.76
C ASN L 202 -5.57 12.21 19.19
N TYR L 203 -5.63 11.81 20.48
CA TYR L 203 -4.60 11.00 21.11
C TYR L 203 -5.07 9.57 21.40
N GLY L 204 -6.20 9.14 20.82
CA GLY L 204 -6.58 7.73 20.83
C GLY L 204 -7.17 7.18 22.15
N LEU L 205 -7.57 8.01 23.14
CA LEU L 205 -8.32 7.55 24.31
C LEU L 205 -9.56 6.76 23.88
N SER L 206 -10.05 5.90 24.77
CA SER L 206 -11.25 5.14 24.59
C SER L 206 -12.07 5.19 25.88
N MET L 207 -13.20 5.91 25.88
CA MET L 207 -13.97 6.15 27.10
C MET L 207 -15.41 6.38 26.74
N GLY L 208 -16.25 5.91 27.62
CA GLY L 208 -17.67 6.12 27.54
C GLY L 208 -18.15 6.05 28.98
N THR L 209 -18.34 7.21 29.57
CA THR L 209 -18.50 7.38 30.98
C THR L 209 -19.93 7.87 31.19
N MET L 210 -20.52 7.60 32.35
CA MET L 210 -21.61 8.38 32.85
C MET L 210 -21.11 9.11 34.08
N VAL L 211 -21.64 10.30 34.36
CA VAL L 211 -21.37 10.96 35.61
C VAL L 211 -22.72 11.26 36.21
N ALA L 212 -22.89 10.97 37.49
CA ALA L 212 -24.17 11.12 38.14
C ALA L 212 -23.99 11.66 39.55
N GLY L 213 -24.91 12.53 39.91
CA GLY L 213 -24.84 13.23 41.15
C GLY L 213 -26.19 13.82 41.48
N TRP L 214 -26.26 14.30 42.69
CA TRP L 214 -27.44 14.99 43.14
C TRP L 214 -26.91 16.23 43.84
N ASP L 215 -26.87 17.37 43.14
CA ASP L 215 -26.47 18.68 43.67
C ASP L 215 -27.75 19.53 43.94
N GLN L 216 -27.61 20.87 43.96
CA GLN L 216 -28.69 21.74 44.42
C GLN L 216 -29.86 21.80 43.45
N PHE L 217 -29.61 21.60 42.16
CA PHE L 217 -30.65 21.59 41.15
C PHE L 217 -31.20 20.16 40.95
N GLY L 218 -30.86 19.23 41.85
CA GLY L 218 -31.43 17.88 41.77
C GLY L 218 -30.56 16.82 41.07
N PRO L 219 -31.17 15.71 40.65
CA PRO L 219 -30.42 14.63 40.02
C PRO L 219 -29.95 15.05 38.64
N SER L 220 -28.74 14.71 38.28
CA SER L 220 -28.25 15.01 36.98
C SER L 220 -27.48 13.79 36.52
N LEU L 221 -27.71 13.39 35.26
CA LEU L 221 -26.93 12.32 34.68
C LEU L 221 -26.24 12.76 33.39
N TYR L 222 -24.94 12.66 33.32
CA TYR L 222 -24.33 12.97 32.05
C TYR L 222 -23.63 11.76 31.45
N TYR L 223 -23.60 11.70 30.11
CA TYR L 223 -22.68 10.89 29.32
C TYR L 223 -21.53 11.76 28.81
N VAL L 224 -20.31 11.28 28.82
CA VAL L 224 -19.16 11.99 28.35
C VAL L 224 -18.27 10.96 27.70
N ASP L 225 -17.60 11.26 26.58
CA ASP L 225 -16.95 10.23 25.76
C ASP L 225 -15.53 10.67 25.40
N ASP L 226 -14.83 9.87 24.61
CA ASP L 226 -13.40 10.08 24.41
C ASP L 226 -13.09 11.27 23.50
N LYS L 227 -14.08 11.78 22.77
CA LYS L 227 -13.94 12.91 21.87
C LYS L 227 -14.33 14.25 22.52
N GLY L 228 -15.08 14.24 23.60
CA GLY L 228 -15.44 15.48 24.27
C GLY L 228 -16.94 15.73 24.26
N THR L 229 -17.66 14.77 23.72
CA THR L 229 -19.09 14.82 23.89
C THR L 229 -19.39 14.92 25.37
N ARG L 230 -20.54 15.54 25.64
CA ARG L 230 -21.09 15.73 26.94
C ARG L 230 -22.53 16.05 26.77
N VAL L 231 -23.34 15.14 27.19
CA VAL L 231 -24.75 15.22 26.97
C VAL L 231 -25.46 14.88 28.27
N LYS L 232 -26.49 15.63 28.53
CA LYS L 232 -27.27 15.46 29.70
C LYS L 232 -28.56 14.87 29.24
N HIS L 233 -29.06 13.87 29.94
CA HIS L 233 -30.31 13.21 29.55
C HIS L 233 -30.75 12.26 30.64
N GLU L 234 -31.93 11.71 30.54
CA GLU L 234 -32.55 10.95 31.62
C GLU L 234 -32.32 9.43 31.59
N LEU L 235 -31.69 8.88 30.54
CA LEU L 235 -31.55 7.44 30.37
C LEU L 235 -30.43 7.17 29.40
N PHE L 236 -29.44 6.37 29.77
CA PHE L 236 -28.32 6.08 28.93
C PHE L 236 -27.89 4.64 29.13
N SER L 237 -27.31 4.04 28.09
CA SER L 237 -26.61 2.79 28.24
C SER L 237 -25.36 2.77 27.37
N VAL L 238 -24.26 2.25 27.87
CA VAL L 238 -22.99 2.40 27.18
C VAL L 238 -22.35 1.04 27.17
N GLY L 239 -21.65 0.75 26.06
CA GLY L 239 -20.82 -0.42 25.92
C GLY L 239 -21.41 -1.36 24.89
N SER L 240 -20.60 -2.35 24.58
CA SER L 240 -20.95 -3.44 23.70
C SER L 240 -22.33 -4.01 23.97
N GLY L 241 -22.78 -4.26 25.19
CA GLY L 241 -24.10 -4.78 25.40
C GLY L 241 -25.20 -3.72 25.50
N SER L 242 -24.87 -2.46 25.29
CA SER L 242 -25.90 -1.43 25.32
C SER L 242 -27.05 -1.73 24.38
N ILE L 243 -26.74 -2.17 23.18
CA ILE L 243 -27.72 -2.57 22.16
C ILE L 243 -28.68 -3.67 22.60
N TYR L 244 -28.49 -4.40 23.72
CA TYR L 244 -29.51 -5.27 24.30
C TYR L 244 -30.13 -4.64 25.53
N ALA L 245 -29.37 -3.84 26.28
CA ALA L 245 -29.94 -3.26 27.48
C ALA L 245 -31.07 -2.31 27.13
N TYR L 246 -30.92 -1.55 26.07
CA TYR L 246 -31.94 -0.56 25.78
C TYR L 246 -33.24 -1.25 25.45
N GLY L 247 -33.14 -2.46 24.89
CA GLY L 247 -34.36 -3.15 24.56
C GLY L 247 -35.18 -3.33 25.81
N VAL L 248 -34.59 -3.80 26.89
CA VAL L 248 -35.38 -4.12 28.07
C VAL L 248 -35.73 -2.85 28.81
N LEU L 249 -34.75 -1.95 28.88
CA LEU L 249 -34.92 -0.69 29.58
C LEU L 249 -36.00 0.21 28.97
N ASP L 250 -36.17 0.25 27.64
CA ASP L 250 -37.24 1.06 27.05
C ASP L 250 -38.65 0.49 27.30
N GLN L 251 -38.79 -0.82 27.48
CA GLN L 251 -40.09 -1.34 27.82
C GLN L 251 -40.53 -0.95 29.22
N GLY L 252 -39.61 -0.93 30.18
CA GLY L 252 -40.03 -0.89 31.57
C GLY L 252 -39.93 0.49 32.19
N TYR L 253 -39.13 1.36 31.60
CA TYR L 253 -38.82 2.64 32.21
C TYR L 253 -40.00 3.60 32.23
N ARG L 254 -40.18 4.28 33.36
CA ARG L 254 -41.01 5.46 33.54
C ARG L 254 -40.56 6.26 34.74
N LYS L 255 -41.11 7.47 34.90
CA LYS L 255 -40.56 8.45 35.82
C LYS L 255 -40.90 8.08 37.26
N ASN L 256 -42.08 7.49 37.47
CA ASN L 256 -42.67 7.26 38.78
C ASN L 256 -42.38 5.84 39.32
N LEU L 257 -41.32 5.20 38.85
CA LEU L 257 -40.94 3.91 39.40
C LEU L 257 -40.63 4.14 40.86
N THR L 258 -40.91 3.16 41.70
CA THR L 258 -40.36 3.14 43.03
C THR L 258 -38.88 2.80 42.94
N VAL L 259 -38.18 2.88 44.06
CA VAL L 259 -36.77 2.57 44.10
C VAL L 259 -36.56 1.07 43.91
N GLU L 260 -37.46 0.25 44.47
CA GLU L 260 -37.35 -1.19 44.38
C GLU L 260 -37.68 -1.63 42.95
N GLU L 261 -38.64 -0.96 42.32
CA GLU L 261 -39.02 -1.35 40.98
C GLU L 261 -37.95 -0.96 39.98
N ALA L 262 -37.14 0.02 40.34
CA ALA L 262 -36.24 0.65 39.42
C ALA L 262 -34.92 -0.06 39.49
N CYS L 263 -34.60 -0.52 40.67
CA CYS L 263 -33.48 -1.42 40.82
C CYS L 263 -33.79 -2.75 40.17
N GLU L 264 -35.02 -3.20 40.19
CA GLU L 264 -35.28 -4.44 39.48
C GLU L 264 -35.17 -4.23 37.98
N LEU L 265 -35.68 -3.11 37.48
CA LEU L 265 -35.60 -2.88 36.06
C LEU L 265 -34.15 -2.81 35.59
N ALA L 266 -33.29 -2.17 36.36
CA ALA L 266 -31.93 -2.06 35.92
C ALA L 266 -31.23 -3.39 36.02
N ARG L 267 -31.57 -4.17 37.02
CA ARG L 267 -30.88 -5.42 37.18
C ARG L 267 -31.28 -6.31 36.02
N ARG L 268 -32.57 -6.33 35.70
CA ARG L 268 -33.04 -7.22 34.65
C ARG L 268 -32.46 -6.81 33.29
N SER L 269 -32.19 -5.55 33.12
CA SER L 269 -31.67 -5.04 31.88
C SER L 269 -30.23 -5.45 31.70
N ILE L 270 -29.41 -5.31 32.74
CA ILE L 270 -28.02 -5.73 32.59
C ILE L 270 -28.03 -7.23 32.44
N PHE L 271 -28.88 -7.87 33.19
CA PHE L 271 -28.86 -9.30 33.08
C PHE L 271 -29.09 -9.74 31.62
N HIS L 272 -30.08 -9.21 30.93
CA HIS L 272 -30.41 -9.61 29.57
C HIS L 272 -29.31 -9.28 28.60
N ALA L 273 -28.46 -8.31 28.91
CA ALA L 273 -27.32 -8.05 28.08
C ALA L 273 -26.25 -9.07 28.28
N THR L 274 -25.95 -9.41 29.53
CA THR L 274 -25.00 -10.47 29.80
C THR L 274 -25.45 -11.77 29.17
N TYR L 275 -26.69 -12.06 29.21
CA TYR L 275 -27.09 -13.30 28.58
C TYR L 275 -26.79 -13.36 27.07
N ARG L 276 -26.77 -12.29 26.31
CA ARG L 276 -26.70 -12.35 24.87
C ARG L 276 -25.40 -11.75 24.31
N ASP L 277 -24.66 -10.94 25.09
CA ASP L 277 -23.47 -10.29 24.56
C ASP L 277 -22.25 -11.08 25.02
N GLY L 278 -21.37 -11.37 24.09
CA GLY L 278 -20.18 -12.12 24.42
C GLY L 278 -19.25 -11.44 25.41
N ALA L 279 -19.11 -10.12 25.34
CA ALA L 279 -18.18 -9.42 26.21
C ALA L 279 -18.82 -8.79 27.45
N SER L 280 -20.04 -9.17 27.78
CA SER L 280 -20.64 -8.75 29.04
C SER L 280 -20.91 -9.98 29.88
N GLY L 281 -20.78 -9.85 31.17
CA GLY L 281 -20.98 -11.02 32.00
C GLY L 281 -20.64 -10.68 33.43
N GLY L 282 -20.65 -11.71 34.26
CA GLY L 282 -20.06 -11.61 35.59
C GLY L 282 -21.16 -11.27 36.57
N ILE L 283 -20.83 -10.35 37.47
CA ILE L 283 -21.68 -9.85 38.51
C ILE L 283 -22.31 -8.55 38.08
N VAL L 284 -23.55 -8.40 38.47
CA VAL L 284 -24.34 -7.23 38.16
C VAL L 284 -24.42 -6.40 39.42
N THR L 285 -24.03 -5.15 39.34
CA THR L 285 -24.04 -4.29 40.51
C THR L 285 -24.96 -3.11 40.26
N VAL L 286 -25.82 -2.80 41.22
CA VAL L 286 -26.69 -1.66 41.15
C VAL L 286 -26.42 -0.63 42.25
N TYR L 287 -26.19 0.66 41.88
CA TYR L 287 -26.08 1.81 42.80
C TYR L 287 -27.24 2.79 42.68
N HIS L 288 -27.64 3.41 43.78
CA HIS L 288 -28.71 4.39 43.80
C HIS L 288 -28.11 5.72 44.23
N VAL L 289 -28.26 6.79 43.43
CA VAL L 289 -27.86 8.14 43.82
C VAL L 289 -29.11 8.84 44.33
N HIS L 290 -29.08 9.26 45.60
CA HIS L 290 -30.20 9.86 46.32
C HIS L 290 -29.70 11.22 46.82
N GLN L 291 -30.51 11.97 47.57
CA GLN L 291 -30.12 13.30 48.02
C GLN L 291 -28.91 13.24 48.95
N GLY L 292 -28.91 12.26 49.84
CA GLY L 292 -27.86 12.07 50.83
C GLY L 292 -26.51 11.61 50.28
N GLY L 293 -26.37 11.39 48.96
CA GLY L 293 -25.14 10.80 48.39
C GLY L 293 -25.40 9.57 47.52
N TRP L 294 -24.74 8.46 47.79
CA TRP L 294 -25.12 7.25 47.09
C TRP L 294 -24.91 6.00 47.91
N THR L 295 -25.51 4.93 47.43
CA THR L 295 -25.67 3.69 48.14
C THR L 295 -25.58 2.52 47.17
N GLN L 296 -24.63 1.62 47.40
CA GLN L 296 -24.55 0.38 46.65
C GLN L 296 -25.68 -0.48 47.14
N ILE L 297 -26.54 -0.90 46.21
CA ILE L 297 -27.80 -1.57 46.51
C ILE L 297 -27.62 -3.08 46.45
N SER L 298 -26.88 -3.61 45.48
CA SER L 298 -26.82 -5.04 45.32
C SER L 298 -25.65 -5.43 44.46
N ARG L 299 -25.15 -6.67 44.67
CA ARG L 299 -24.35 -7.40 43.71
C ARG L 299 -24.85 -8.82 43.54
N ASP L 300 -25.17 -9.23 42.32
CA ASP L 300 -25.68 -10.57 42.08
C ASP L 300 -25.01 -11.13 40.85
N ASP L 301 -24.44 -12.32 40.98
CA ASP L 301 -23.86 -13.05 39.86
C ASP L 301 -24.93 -13.31 38.79
N GLN L 302 -24.60 -13.16 37.51
CA GLN L 302 -25.67 -13.17 36.52
C GLN L 302 -26.23 -14.58 36.33
N THR L 303 -25.47 -15.59 36.70
CA THR L 303 -25.90 -16.98 36.57
C THR L 303 -26.94 -17.29 37.64
N LYS L 304 -26.72 -16.79 38.85
CA LYS L 304 -27.75 -16.93 39.88
C LYS L 304 -29.06 -16.17 39.50
N LEU L 305 -28.95 -15.01 38.85
CA LEU L 305 -30.10 -14.26 38.33
C LEU L 305 -30.81 -15.07 37.25
N TYR L 306 -30.10 -15.74 36.37
CA TYR L 306 -30.77 -16.61 35.42
C TYR L 306 -31.84 -17.49 36.08
N ASP L 307 -31.57 -18.13 37.20
CA ASP L 307 -32.51 -19.03 37.85
C ASP L 307 -33.69 -18.26 38.49
N ARG L 308 -33.49 -17.00 38.88
CA ARG L 308 -34.55 -16.16 39.43
C ARG L 308 -35.60 -15.78 38.38
N TYR L 309 -35.15 -15.61 37.14
CA TYR L 309 -35.95 -15.02 36.07
C TYR L 309 -36.49 -16.03 35.06
N VAL L 310 -36.27 -17.33 35.29
CA VAL L 310 -36.70 -18.34 34.33
C VAL L 310 -38.03 -18.98 34.75
N TRP M 33 13.34 -3.80 12.03
CA TRP M 33 13.71 -3.54 13.45
C TRP M 33 12.50 -2.98 14.18
N SER M 34 11.99 -3.75 15.15
CA SER M 34 10.99 -3.27 16.09
C SER M 34 11.66 -2.88 17.39
N PRO M 35 11.09 -1.95 18.15
CA PRO M 35 11.60 -1.70 19.49
C PRO M 35 11.16 -2.74 20.51
N TYR M 36 10.51 -3.80 20.04
CA TYR M 36 9.79 -4.71 20.91
C TYR M 36 10.29 -6.12 20.69
N ALA M 37 10.58 -6.84 21.76
CA ALA M 37 10.89 -8.26 21.70
C ALA M 37 10.09 -8.94 22.81
N ASP M 38 9.61 -10.15 22.60
CA ASP M 38 8.97 -10.89 23.65
C ASP M 38 9.89 -12.03 24.04
N ASN M 39 10.44 -12.00 25.23
CA ASN M 39 11.39 -12.98 25.65
C ASN M 39 10.75 -14.21 26.29
N GLY M 40 9.41 -14.19 26.44
CA GLY M 40 8.68 -15.41 26.85
C GLY M 40 8.65 -15.68 28.37
N GLY M 41 8.05 -16.85 28.67
CA GLY M 41 8.01 -17.42 29.99
C GLY M 41 6.81 -16.98 30.82
N THR M 42 6.81 -17.31 32.11
CA THR M 42 5.55 -17.35 32.85
C THR M 42 5.79 -16.95 34.30
N ILE M 43 4.85 -16.24 34.90
CA ILE M 43 4.83 -16.09 36.34
C ILE M 43 3.44 -16.38 36.88
N ALA M 44 3.36 -16.63 38.18
CA ALA M 44 2.16 -17.06 38.85
C ALA M 44 2.29 -16.81 40.34
N ALA M 45 1.18 -16.39 40.95
CA ALA M 45 1.23 -16.15 42.37
C ALA M 45 -0.06 -16.60 42.99
N ILE M 46 -0.01 -17.02 44.26
CA ILE M 46 -1.16 -17.36 45.05
C ILE M 46 -1.01 -16.80 46.46
N ALA M 47 -2.11 -16.23 46.96
CA ALA M 47 -2.13 -15.66 48.30
C ALA M 47 -2.95 -16.56 49.20
N GLY M 48 -2.67 -16.46 50.50
CA GLY M 48 -3.50 -16.98 51.57
C GLY M 48 -3.41 -16.10 52.80
N LYS M 49 -4.03 -16.51 53.90
CA LYS M 49 -4.35 -15.60 55.00
C LYS M 49 -3.14 -14.86 55.60
N ASN M 50 -1.92 -15.37 55.49
CA ASN M 50 -0.77 -14.63 55.97
C ASN M 50 0.49 -14.91 55.12
N TYR M 51 0.35 -15.21 53.85
CA TYR M 51 1.52 -15.49 53.03
C TYR M 51 1.15 -15.27 51.57
N VAL M 52 2.13 -14.97 50.77
CA VAL M 52 1.90 -15.09 49.36
C VAL M 52 3.02 -15.87 48.75
N ILE M 53 2.71 -16.66 47.73
CA ILE M 53 3.71 -17.42 47.02
C ILE M 53 3.80 -16.99 45.58
N LEU M 54 5.04 -16.78 45.10
CA LEU M 54 5.33 -16.17 43.81
C LEU M 54 6.36 -17.02 43.07
N GLY M 55 6.03 -17.33 41.82
CA GLY M 55 6.85 -18.13 40.94
C GLY M 55 7.09 -17.52 39.56
N GLY M 56 8.33 -17.64 39.08
CA GLY M 56 8.65 -17.29 37.71
C GLY M 56 9.66 -18.23 37.08
N ASP M 57 9.43 -18.64 35.81
CA ASP M 57 10.42 -19.46 35.13
C ASP M 57 11.71 -18.69 34.71
N THR M 58 12.79 -19.43 34.48
CA THR M 58 14.13 -18.88 34.28
C THR M 58 14.67 -18.99 32.84
N ARG M 59 13.84 -19.25 31.89
CA ARG M 59 14.32 -19.25 30.53
C ARG M 59 14.26 -17.84 29.97
N LEU M 60 15.27 -17.45 29.22
CA LEU M 60 15.18 -16.23 28.43
C LEU M 60 15.30 -16.56 26.98
N ASN M 61 14.25 -16.30 26.24
CA ASN M 61 14.15 -16.74 24.88
C ASN M 61 14.54 -15.59 23.96
N GLY M 62 15.19 -15.96 22.85
CA GLY M 62 15.36 -15.10 21.68
C GLY M 62 14.43 -15.50 20.53
N ASP M 63 14.84 -15.19 19.29
CA ASP M 63 14.15 -15.62 18.09
C ASP M 63 14.60 -17.01 17.70
N PHE M 64 13.73 -18.00 17.90
CA PHE M 64 14.06 -19.36 17.54
C PHE M 64 15.35 -19.77 18.23
N CYS M 65 15.50 -19.42 19.50
CA CYS M 65 16.71 -19.78 20.20
C CYS M 65 16.51 -19.48 21.66
N ILE M 66 17.51 -19.78 22.46
CA ILE M 66 17.46 -19.54 23.87
C ILE M 66 18.75 -18.85 24.29
N HIS M 67 18.62 -17.69 24.86
CA HIS M 67 19.77 -16.98 25.30
C HIS M 67 20.27 -17.71 26.50
N THR M 68 19.40 -17.93 27.48
CA THR M 68 19.88 -18.64 28.66
C THR M 68 18.76 -19.33 29.40
N ARG M 69 19.15 -20.34 30.17
CA ARG M 69 18.26 -21.08 31.03
C ARG M 69 18.31 -20.64 32.50
N ASP M 70 18.88 -19.49 32.81
CA ASP M 70 19.07 -19.11 34.19
C ASP M 70 18.90 -17.60 34.43
N ASP M 71 17.99 -16.93 33.72
CA ASP M 71 17.65 -15.55 33.98
C ASP M 71 16.75 -15.46 35.23
N ARG M 72 17.06 -14.53 36.13
CA ARG M 72 16.29 -14.30 37.34
C ARG M 72 15.76 -12.88 37.40
N THR M 73 15.43 -12.29 36.25
CA THR M 73 15.04 -10.89 36.21
C THR M 73 13.54 -10.81 36.32
N LYS M 74 12.84 -11.91 36.18
CA LYS M 74 11.40 -11.80 36.12
C LYS M 74 10.84 -11.34 37.47
N LEU M 75 11.48 -11.77 38.56
CA LEU M 75 11.03 -11.41 39.89
C LEU M 75 12.02 -10.42 40.47
N PHE M 76 11.51 -9.34 41.04
CA PHE M 76 12.34 -8.33 41.64
C PHE M 76 11.72 -7.83 42.93
N GLN M 77 12.50 -7.97 44.00
CA GLN M 77 12.10 -7.49 45.33
C GLN M 77 12.21 -5.98 45.45
N LEU M 78 11.19 -5.30 46.01
CA LEU M 78 11.10 -3.85 46.22
C LEU M 78 11.16 -3.40 47.71
N THR M 79 10.52 -4.12 48.58
CA THR M 79 10.71 -4.00 50.01
C THR M 79 10.73 -5.40 50.58
N GLU M 80 10.64 -5.58 51.88
CA GLU M 80 10.71 -6.94 52.40
C GLU M 80 9.34 -7.63 52.34
N HIS M 81 8.30 -6.89 52.01
CA HIS M 81 7.00 -7.46 51.81
C HIS M 81 6.49 -7.29 50.38
N THR M 82 7.25 -6.76 49.45
CA THR M 82 6.61 -6.46 48.19
C THR M 82 7.48 -6.90 47.02
N PHE M 83 6.92 -7.66 46.06
CA PHE M 83 7.69 -8.02 44.87
C PHE M 83 7.08 -7.49 43.63
N LEU M 84 7.88 -7.25 42.60
CA LEU M 84 7.36 -7.06 41.26
C LEU M 84 7.67 -8.30 40.44
N ALA M 85 6.78 -8.71 39.56
CA ALA M 85 6.97 -9.92 38.76
C ALA M 85 6.57 -9.59 37.35
N SER M 86 7.35 -9.92 36.35
CA SER M 86 7.01 -9.37 35.05
C SER M 86 7.24 -10.35 33.93
N THR M 87 6.48 -10.30 32.86
CA THR M 87 6.85 -11.01 31.64
C THR M 87 6.71 -10.12 30.43
N GLY M 88 7.00 -10.63 29.26
CA GLY M 88 7.13 -9.77 28.11
C GLY M 88 8.59 -9.53 27.71
N MET M 89 8.87 -8.29 27.45
CA MET M 89 10.17 -7.92 26.97
C MET M 89 11.07 -7.68 28.16
N GLN M 90 12.20 -8.32 28.19
CA GLN M 90 13.02 -8.27 29.35
C GLN M 90 13.67 -6.90 29.50
N ALA M 91 14.00 -6.22 28.42
CA ALA M 91 14.72 -4.98 28.63
C ALA M 91 13.80 -3.94 29.29
N ASP M 92 12.51 -4.06 28.99
CA ASP M 92 11.51 -3.20 29.56
C ASP M 92 11.31 -3.52 31.02
N ARG M 93 11.12 -4.76 31.40
CA ARG M 93 11.03 -5.05 32.81
C ARG M 93 12.27 -4.57 33.55
N LEU M 94 13.49 -4.63 33.02
CA LEU M 94 14.60 -4.06 33.73
C LEU M 94 14.51 -2.53 33.86
N GLN M 95 14.07 -1.81 32.86
CA GLN M 95 13.86 -0.41 33.09
C GLN M 95 12.79 -0.21 34.19
N LEU M 96 11.60 -0.78 34.08
CA LEU M 96 10.54 -0.50 35.05
C LEU M 96 11.01 -0.82 36.48
N GLN M 97 11.72 -1.91 36.67
CA GLN M 97 12.22 -2.24 37.95
C GLN M 97 13.13 -1.14 38.46
N GLN M 98 13.95 -0.54 37.64
CA GLN M 98 14.76 0.56 38.16
C GLN M 98 13.95 1.83 38.44
N MET M 99 13.07 2.25 37.59
CA MET M 99 12.25 3.39 37.91
C MET M 99 11.47 3.21 39.19
N LEU M 100 10.93 2.03 39.44
CA LEU M 100 10.30 1.74 40.73
C LEU M 100 11.29 1.77 41.90
N LYS M 101 12.41 1.15 41.76
CA LYS M 101 13.39 1.19 42.80
C LYS M 101 13.84 2.60 43.23
N TYR M 102 13.77 3.60 42.37
CA TYR M 102 14.18 4.96 42.74
C TYR M 102 12.99 5.82 43.19
N ARG M 103 11.81 5.65 42.63
CA ARG M 103 10.66 6.24 43.25
C ARG M 103 10.51 5.77 44.68
N ILE M 104 10.91 4.53 44.96
CA ILE M 104 10.72 4.00 46.29
C ILE M 104 11.79 4.53 47.20
N GLN M 105 12.98 4.73 46.68
CA GLN M 105 14.01 5.37 47.50
C GLN M 105 13.65 6.84 47.81
N TRP M 106 13.03 7.50 46.84
CA TRP M 106 12.62 8.86 47.07
C TRP M 106 11.50 8.92 48.09
N TYR M 107 10.55 8.02 48.05
CA TYR M 107 9.51 8.05 49.05
C TYR M 107 10.13 8.01 50.46
N GLN M 108 11.17 7.17 50.65
CA GLN M 108 11.70 6.95 51.95
C GLN M 108 12.35 8.23 52.47
N TYR M 109 13.08 8.89 51.57
CA TYR M 109 13.77 10.10 51.92
C TYR M 109 12.76 11.17 52.25
N ASN M 110 11.60 11.21 51.58
CA ASN M 110 10.60 12.25 51.81
C ASN M 110 9.59 11.89 52.91
N ASN M 111 9.74 10.70 53.51
CA ASN M 111 8.75 10.14 54.41
C ASN M 111 9.41 9.61 55.66
N GLY M 112 10.51 10.19 56.07
CA GLY M 112 10.98 9.85 57.38
C GLY M 112 11.55 8.45 57.46
N GLY M 113 11.97 7.88 56.32
CA GLY M 113 12.67 6.62 56.35
C GLY M 113 11.73 5.43 56.20
N LYS M 114 10.43 5.67 56.09
CA LYS M 114 9.47 4.59 56.00
C LYS M 114 9.38 4.07 54.57
N LEU M 115 8.94 2.83 54.43
CA LEU M 115 8.68 2.22 53.14
C LEU M 115 7.23 2.27 52.80
N PRO M 116 6.86 2.44 51.55
CA PRO M 116 5.47 2.40 51.17
C PRO M 116 5.03 0.94 51.29
N SER M 117 3.79 0.76 51.71
CA SER M 117 3.06 -0.50 51.76
C SER M 117 2.82 -1.05 50.37
N THR M 118 2.31 -2.27 50.33
CA THR M 118 2.08 -2.95 49.07
C THR M 118 1.00 -2.28 48.25
N LYS M 119 -0.12 -1.94 48.91
CA LYS M 119 -1.16 -1.13 48.32
C LYS M 119 -0.66 0.18 47.70
N ALA M 120 0.21 0.92 48.36
CA ALA M 120 0.78 2.11 47.76
C ALA M 120 1.67 1.84 46.56
N ILE M 121 2.56 0.87 46.61
CA ILE M 121 3.41 0.55 45.45
C ILE M 121 2.57 0.13 44.27
N ALA M 122 1.47 -0.54 44.53
CA ALA M 122 0.62 -1.01 43.44
C ALA M 122 -0.04 0.18 42.77
N LYS M 123 -0.36 1.18 43.59
CA LYS M 123 -0.98 2.36 43.02
C LYS M 123 0.05 3.21 42.30
N LEU M 124 1.24 3.25 42.85
CA LEU M 124 2.36 3.91 42.19
C LEU M 124 2.66 3.35 40.82
N THR M 125 2.57 2.05 40.68
CA THR M 125 2.98 1.32 39.47
C THR M 125 2.00 1.51 38.31
N SER M 126 0.72 1.41 38.61
CA SER M 126 -0.37 1.76 37.73
C SER M 126 -0.21 3.18 37.18
N THR M 127 0.03 4.13 38.09
CA THR M 127 0.26 5.52 37.75
C THR M 127 1.39 5.65 36.75
N MET M 128 2.52 5.01 37.03
CA MET M 128 3.65 5.05 36.14
C MET M 128 3.44 4.37 34.83
N LEU M 129 2.76 3.23 34.79
CA LEU M 129 2.55 2.59 33.50
C LEU M 129 1.67 3.46 32.63
N TYR M 130 0.59 4.03 33.18
CA TYR M 130 -0.31 4.86 32.42
C TYR M 130 0.45 5.97 31.72
N GLN M 131 1.32 6.63 32.45
CA GLN M 131 2.16 7.71 31.97
C GLN M 131 2.98 7.41 30.72
N ARG M 132 3.16 6.17 30.33
CA ARG M 132 3.74 5.84 29.03
C ARG M 132 2.68 5.28 28.09
N ARG M 133 1.43 5.55 28.42
CA ARG M 133 0.33 5.46 27.47
C ARG M 133 0.88 5.47 26.03
N PHE M 134 1.81 6.38 25.68
CA PHE M 134 1.98 6.78 24.29
C PHE M 134 3.13 6.04 23.60
N PHE M 135 4.05 5.52 24.40
CA PHE M 135 5.02 4.53 24.00
C PHE M 135 5.19 3.52 25.13
N PRO M 136 4.35 2.49 25.25
CA PRO M 136 4.27 1.70 26.47
C PRO M 136 5.33 0.63 26.76
N TYR M 137 5.55 0.36 28.05
CA TYR M 137 6.33 -0.78 28.46
C TYR M 137 5.69 -2.05 27.92
N TYR M 138 6.45 -2.93 27.28
CA TYR M 138 5.89 -4.18 26.83
C TYR M 138 6.05 -5.20 27.94
N THR M 139 5.16 -5.10 28.93
CA THR M 139 5.31 -5.85 30.15
C THR M 139 3.95 -6.24 30.67
N PHE M 140 3.85 -7.44 31.22
CA PHE M 140 2.66 -7.86 31.92
C PHE M 140 3.14 -8.05 33.32
N ASN M 141 2.68 -7.23 34.22
CA ASN M 141 3.27 -7.20 35.53
C ASN M 141 2.29 -7.58 36.64
N MET M 142 2.88 -7.96 37.77
CA MET M 142 2.19 -8.23 39.00
C MET M 142 2.93 -7.55 40.13
N VAL M 143 2.22 -6.91 41.04
CA VAL M 143 2.80 -6.53 42.31
C VAL M 143 2.18 -7.45 43.33
N VAL M 144 3.01 -8.03 44.13
CA VAL M 144 2.59 -9.12 44.98
C VAL M 144 3.19 -8.88 46.33
N GLY M 145 2.41 -9.07 47.39
CA GLY M 145 2.94 -8.70 48.69
C GLY M 145 1.97 -8.96 49.81
N LEU M 146 2.35 -8.63 51.03
CA LEU M 146 1.40 -8.66 52.12
C LEU M 146 0.63 -7.33 52.22
N ASP M 147 -0.65 -7.37 52.60
CA ASP M 147 -1.38 -6.14 52.89
C ASP M 147 -1.06 -5.67 54.32
N GLU M 148 -1.82 -4.69 54.83
CA GLU M 148 -1.53 -4.08 56.12
C GLU M 148 -2.05 -4.94 57.28
N LYS M 149 -3.07 -5.78 56.99
CA LYS M 149 -3.59 -6.76 57.94
C LYS M 149 -2.76 -8.06 58.01
N GLY M 150 -1.69 -8.18 57.19
CA GLY M 150 -0.81 -9.35 57.21
C GLY M 150 -1.14 -10.39 56.13
N ALA M 151 -2.19 -10.16 55.33
CA ALA M 151 -2.63 -11.11 54.35
C ALA M 151 -2.05 -10.87 52.95
N GLY M 152 -1.95 -11.96 52.21
CA GLY M 152 -1.47 -11.81 50.85
C GLY M 152 -2.40 -11.04 49.94
N VAL M 153 -1.79 -10.48 48.91
CA VAL M 153 -2.54 -9.97 47.78
C VAL M 153 -1.71 -9.98 46.50
N CYS M 154 -2.36 -9.97 45.36
CA CYS M 154 -1.73 -9.90 44.07
C CYS M 154 -2.48 -8.88 43.21
N TYR M 155 -1.74 -7.91 42.64
CA TYR M 155 -2.24 -6.99 41.63
C TYR M 155 -1.71 -7.37 40.24
N SER M 156 -2.55 -7.80 39.32
CA SER M 156 -2.19 -8.06 37.94
C SER M 156 -2.41 -6.78 37.18
N TYR M 157 -1.48 -6.37 36.32
CA TYR M 157 -1.70 -5.20 35.50
C TYR M 157 -1.79 -5.51 34.02
N ASP M 158 -2.50 -4.65 33.27
CA ASP M 158 -2.31 -4.59 31.82
C ASP M 158 -1.17 -3.67 31.49
N PRO M 159 -0.76 -3.53 30.24
CA PRO M 159 0.45 -2.76 29.96
C PRO M 159 0.39 -1.26 30.25
N VAL M 160 -0.84 -0.72 30.30
CA VAL M 160 -1.03 0.67 30.69
C VAL M 160 -1.65 0.86 32.08
N GLY M 161 -1.84 -0.20 32.85
CA GLY M 161 -1.87 -0.04 34.28
C GLY M 161 -3.23 -0.30 34.94
N SER M 162 -4.24 -0.83 34.21
CA SER M 162 -5.46 -1.20 34.94
C SER M 162 -5.29 -2.56 35.59
N THR M 163 -5.70 -2.62 36.87
CA THR M 163 -5.46 -3.69 37.82
C THR M 163 -6.62 -3.85 38.80
N GLU M 164 -6.58 -4.94 39.60
CA GLU M 164 -7.37 -5.05 40.82
C GLU M 164 -6.61 -5.95 41.79
N PRO M 165 -6.96 -5.97 43.07
CA PRO M 165 -6.34 -6.89 44.02
C PRO M 165 -7.04 -8.22 43.99
N PHE M 166 -6.30 -9.34 43.91
CA PHE M 166 -6.95 -10.63 43.70
C PHE M 166 -6.25 -11.67 44.53
N ARG M 167 -6.85 -12.85 44.67
CA ARG M 167 -6.19 -13.85 45.49
C ARG M 167 -5.12 -14.61 44.72
N TYR M 168 -5.22 -14.73 43.39
CA TYR M 168 -4.22 -15.35 42.55
C TYR M 168 -4.04 -14.60 41.25
N GLY M 169 -2.96 -14.88 40.48
CA GLY M 169 -2.69 -14.20 39.22
C GLY M 169 -1.64 -14.92 38.39
N THR M 170 -1.65 -14.76 37.07
CA THR M 170 -0.59 -15.32 36.24
C THR M 170 -0.42 -14.54 34.96
N SER M 171 0.74 -14.56 34.38
CA SER M 171 0.85 -13.87 33.12
C SER M 171 1.97 -14.49 32.34
N GLY M 172 1.92 -14.28 31.04
CA GLY M 172 2.99 -14.67 30.15
C GLY M 172 2.54 -15.82 29.27
N SER M 173 3.53 -16.58 28.75
CA SER M 173 3.32 -17.45 27.60
C SER M 173 2.32 -18.56 27.92
N ALA M 174 2.33 -19.06 29.15
CA ALA M 174 1.55 -20.23 29.50
C ALA M 174 0.35 -19.86 30.32
N SER M 175 -0.05 -18.60 30.31
CA SER M 175 -0.94 -18.11 31.35
C SER M 175 -2.37 -18.45 31.03
N SER M 176 -2.65 -18.63 29.74
CA SER M 176 -3.98 -18.98 29.27
C SER M 176 -4.27 -20.45 29.51
N PHE M 177 -3.32 -21.26 29.95
CA PHE M 177 -3.74 -22.51 30.53
C PHE M 177 -3.51 -22.62 32.03
N VAL M 178 -2.55 -21.93 32.60
CA VAL M 178 -2.39 -22.00 34.04
C VAL M 178 -3.61 -21.38 34.73
N GLU M 179 -4.28 -20.39 34.11
CA GLU M 179 -5.26 -19.59 34.84
C GLU M 179 -6.59 -20.30 35.03
N PRO M 180 -7.19 -20.98 34.02
CA PRO M 180 -8.36 -21.82 34.30
C PRO M 180 -8.11 -22.92 35.29
N LEU M 181 -6.84 -23.34 35.44
CA LEU M 181 -6.59 -24.45 36.33
C LEU M 181 -6.66 -23.91 37.73
N MET M 182 -6.19 -22.69 37.92
CA MET M 182 -6.23 -22.13 39.26
C MET M 182 -7.66 -21.71 39.57
N ASP M 183 -8.38 -21.21 38.56
CA ASP M 183 -9.78 -20.90 38.76
C ASP M 183 -10.44 -22.16 39.30
N CYS M 184 -10.34 -23.26 38.57
CA CYS M 184 -10.84 -24.57 38.99
C CYS M 184 -10.44 -24.95 40.43
N LEU M 185 -9.18 -25.04 40.76
CA LEU M 185 -8.81 -25.72 42.01
C LEU M 185 -9.07 -24.83 43.22
N LEU M 186 -8.96 -23.49 43.08
CA LEU M 186 -9.16 -22.56 44.19
C LEU M 186 -10.60 -22.10 44.32
N THR M 187 -11.36 -21.90 43.26
CA THR M 187 -12.71 -21.36 43.50
C THR M 187 -13.79 -22.44 43.46
N ARG M 188 -13.59 -23.51 42.65
CA ARG M 188 -14.44 -24.70 42.55
C ARG M 188 -15.90 -24.35 42.23
N GLN M 189 -16.14 -23.60 41.15
CA GLN M 189 -17.44 -23.02 40.93
C GLN M 189 -18.35 -24.08 40.30
N HIS M 190 -17.79 -25.07 39.61
CA HIS M 190 -18.58 -26.11 38.96
C HIS M 190 -18.49 -27.44 39.72
N MET M 191 -18.47 -27.35 41.06
CA MET M 191 -18.44 -28.52 41.95
C MET M 191 -19.53 -28.41 43.01
N VAL M 192 -19.68 -29.48 43.82
CA VAL M 192 -20.73 -29.56 44.83
C VAL M 192 -20.13 -29.40 46.24
N GLU M 198 -9.49 -23.14 52.71
CA GLU M 198 -8.17 -22.70 53.26
C GLU M 198 -7.11 -23.76 52.95
N LEU M 199 -5.93 -23.30 52.46
CA LEU M 199 -4.78 -24.15 52.16
C LEU M 199 -3.60 -23.76 53.01
N SER M 200 -2.70 -24.72 53.25
CA SER M 200 -1.44 -24.40 53.88
C SER M 200 -0.45 -23.78 52.87
N MET M 201 0.62 -23.22 53.42
CA MET M 201 1.75 -22.82 52.60
C MET M 201 2.15 -24.01 51.76
N THR M 202 2.19 -25.19 52.36
CA THR M 202 2.75 -26.35 51.69
C THR M 202 1.83 -26.80 50.55
N GLU M 203 0.52 -26.88 50.78
CA GLU M 203 -0.38 -27.34 49.76
C GLU M 203 -0.39 -26.39 48.57
N THR M 204 -0.19 -25.10 48.85
CA THR M 204 -0.24 -24.04 47.88
C THR M 204 1.02 -24.06 47.02
N LEU M 205 2.17 -24.26 47.65
CA LEU M 205 3.42 -24.42 46.95
C LEU M 205 3.38 -25.68 46.07
N GLU M 206 2.67 -26.73 46.46
CA GLU M 206 2.58 -27.91 45.63
C GLU M 206 1.69 -27.68 44.41
N MET M 207 0.58 -26.95 44.59
CA MET M 207 -0.31 -26.61 43.48
C MET M 207 0.44 -25.78 42.44
N LEU M 208 1.24 -24.85 42.87
CA LEU M 208 1.96 -24.03 41.92
C LEU M 208 3.03 -24.86 41.22
N LYS M 209 3.70 -25.73 41.96
CA LYS M 209 4.70 -26.58 41.37
C LYS M 209 4.09 -27.46 40.32
N ASN M 210 2.88 -27.87 40.56
CA ASN M 210 2.24 -28.72 39.60
C ASN M 210 1.84 -27.93 38.36
N ALA M 211 1.45 -26.68 38.55
CA ALA M 211 0.96 -25.83 37.49
C ALA M 211 2.11 -25.41 36.56
N PHE M 212 3.30 -25.14 37.09
CA PHE M 212 4.47 -24.87 36.27
C PHE M 212 4.97 -26.11 35.57
N THR M 213 4.97 -27.25 36.23
CA THR M 213 5.35 -28.48 35.57
C THR M 213 4.50 -28.73 34.32
N GLY M 214 3.16 -28.60 34.40
CA GLY M 214 2.27 -28.74 33.24
C GLY M 214 2.49 -27.67 32.20
N ALA M 215 2.76 -26.42 32.61
CA ALA M 215 3.08 -25.34 31.67
C ALA M 215 4.32 -25.65 30.86
N ALA M 216 5.31 -26.28 31.48
CA ALA M 216 6.55 -26.52 30.79
C ALA M 216 6.33 -27.65 29.80
N GLU M 217 5.61 -28.69 30.15
CA GLU M 217 5.29 -29.76 29.20
C GLU M 217 4.66 -29.25 27.88
N ARG M 218 3.78 -28.29 27.94
CA ARG M 218 3.00 -27.88 26.79
C ARG M 218 3.40 -26.53 26.21
N ASP M 219 3.94 -25.58 26.99
CA ASP M 219 4.24 -24.30 26.38
C ASP M 219 5.73 -24.31 25.97
N ILE M 220 6.01 -24.16 24.67
CA ILE M 220 7.38 -24.35 24.27
C ILE M 220 8.30 -23.21 24.75
N PHE M 221 7.77 -22.10 25.23
CA PHE M 221 8.59 -20.98 25.64
C PHE M 221 8.79 -20.93 27.11
N THR M 222 8.38 -21.93 27.85
CA THR M 222 8.42 -21.90 29.30
C THR M 222 9.15 -23.15 29.73
N GLY M 223 10.11 -23.02 30.63
CA GLY M 223 10.91 -24.18 30.98
C GLY M 223 12.07 -23.88 31.92
N ASP M 224 12.88 -24.93 32.18
CA ASP M 224 14.20 -24.89 32.84
C ASP M 224 14.12 -24.96 34.37
N ALA M 225 13.72 -23.86 35.01
CA ALA M 225 13.50 -23.96 36.44
C ALA M 225 12.39 -22.99 36.83
N VAL M 226 11.99 -23.04 38.09
CA VAL M 226 11.20 -21.97 38.62
C VAL M 226 11.82 -21.46 39.90
N CYS M 227 11.91 -20.15 40.02
CA CYS M 227 12.28 -19.55 41.28
C CYS M 227 11.00 -19.19 42.05
N PHE M 228 10.87 -19.69 43.29
CA PHE M 228 9.70 -19.46 44.12
C PHE M 228 10.12 -18.67 45.32
N HIS M 229 9.37 -17.60 45.63
CA HIS M 229 9.56 -16.87 46.86
C HIS M 229 8.25 -16.98 47.65
N ILE M 230 8.36 -17.35 48.93
CA ILE M 230 7.24 -17.39 49.85
C ILE M 230 7.34 -16.17 50.77
N ILE M 231 6.32 -15.33 50.79
CA ILE M 231 6.40 -14.12 51.60
C ILE M 231 5.48 -14.25 52.80
N THR M 232 6.13 -14.13 53.97
CA THR M 232 5.52 -14.08 55.28
C THR M 232 6.06 -12.84 55.97
N ALA M 233 5.56 -12.55 57.18
CA ALA M 233 5.95 -11.38 57.94
C ALA M 233 7.38 -11.57 58.46
N ASP M 234 7.68 -12.80 58.91
CA ASP M 234 9.02 -13.24 59.30
C ASP M 234 10.04 -12.79 58.25
N GLY M 235 9.81 -13.22 57.00
CA GLY M 235 10.68 -12.86 55.89
C GLY M 235 10.34 -13.64 54.63
N ILE M 236 11.40 -14.01 53.91
CA ILE M 236 11.29 -14.54 52.58
C ILE M 236 12.15 -15.77 52.42
N ARG M 237 11.49 -16.84 52.06
CA ARG M 237 12.14 -18.09 51.86
C ARG M 237 12.19 -18.24 50.34
N SER M 238 13.26 -18.82 49.80
CA SER M 238 13.33 -19.03 48.37
C SER M 238 13.72 -20.45 48.06
N GLU M 239 13.28 -20.90 46.89
CA GLU M 239 13.44 -22.29 46.53
C GLU M 239 13.39 -22.40 45.02
N LEU M 240 14.51 -22.84 44.43
CA LEU M 240 14.53 -23.28 43.04
C LEU M 240 13.84 -24.64 42.88
N PHE M 241 13.42 -24.96 41.66
CA PHE M 241 12.60 -26.12 41.37
C PHE M 241 12.76 -26.44 39.89
N GLU M 242 13.28 -27.62 39.56
CA GLU M 242 13.57 -27.96 38.18
C GLU M 242 12.33 -28.24 37.32
N LEU M 243 12.48 -28.00 36.00
CA LEU M 243 11.43 -28.23 35.04
C LEU M 243 12.08 -28.80 33.79
N ARG M 244 11.27 -29.35 32.89
CA ARG M 244 11.79 -29.79 31.62
C ARG M 244 12.79 -28.80 30.97
N ASN M 245 13.88 -29.38 30.46
CA ASN M 245 14.95 -28.69 29.74
C ASN M 245 14.74 -28.57 28.22
N ASP M 246 13.79 -29.28 27.60
CA ASP M 246 13.68 -29.28 26.14
C ASP M 246 12.80 -28.11 25.64
N MET N 1 27.89 0.16 4.86
CA MET N 1 27.33 -0.72 5.94
C MET N 1 28.17 -1.97 6.01
N ALA N 2 29.51 -1.77 6.04
CA ALA N 2 30.45 -2.62 6.75
C ALA N 2 29.85 -3.26 7.99
N SER N 3 29.79 -4.60 7.96
CA SER N 3 29.14 -5.36 9.00
C SER N 3 29.92 -6.62 9.37
N GLY N 4 30.01 -6.90 10.69
CA GLY N 4 30.71 -8.08 11.23
C GLY N 4 29.84 -9.33 11.40
N GLY N 5 30.35 -10.52 11.15
CA GLY N 5 29.58 -11.74 11.41
C GLY N 5 29.66 -12.26 12.86
N SER N 6 29.71 -13.58 13.01
CA SER N 6 29.51 -14.25 14.31
C SER N 6 30.61 -13.94 15.29
N VAL N 7 30.28 -13.96 16.60
CA VAL N 7 31.25 -13.84 17.73
C VAL N 7 30.89 -14.98 18.67
N ILE N 8 31.87 -15.54 19.34
CA ILE N 8 31.49 -16.56 20.30
C ILE N 8 32.37 -16.45 21.51
N GLY N 9 31.87 -16.97 22.62
CA GLY N 9 32.64 -16.96 23.85
C GLY N 9 32.31 -18.09 24.80
N VAL N 10 33.29 -18.50 25.60
CA VAL N 10 33.04 -19.58 26.55
C VAL N 10 33.88 -19.39 27.78
N LYS N 11 33.30 -19.71 28.93
CA LYS N 11 34.02 -19.71 30.21
C LYS N 11 34.68 -21.03 30.46
N TYR N 12 35.90 -21.00 30.96
CA TYR N 12 36.53 -22.23 31.42
C TYR N 12 37.09 -22.00 32.83
N ASN N 13 37.67 -23.02 33.44
CA ASN N 13 38.23 -22.89 34.79
C ASN N 13 39.42 -21.96 34.80
N GLY N 14 39.20 -20.72 35.28
CA GLY N 14 40.27 -19.75 35.39
C GLY N 14 40.12 -18.55 34.45
N GLY N 15 39.09 -18.56 33.57
CA GLY N 15 38.98 -17.44 32.64
C GLY N 15 38.00 -17.65 31.52
N VAL N 16 38.11 -16.85 30.46
CA VAL N 16 37.08 -16.93 29.43
C VAL N 16 37.74 -16.62 28.11
N LEU N 17 37.22 -17.25 27.07
CA LEU N 17 37.68 -17.06 25.72
C LEU N 17 36.64 -16.32 24.92
N LEU N 18 37.05 -15.38 24.09
CA LEU N 18 36.16 -14.79 23.10
C LEU N 18 36.79 -15.02 21.72
N ALA N 19 36.01 -15.31 20.73
CA ALA N 19 36.60 -15.51 19.42
C ALA N 19 35.73 -14.84 18.37
N CYS N 20 36.37 -14.28 17.34
CA CYS N 20 35.77 -14.03 16.02
C CYS N 20 36.72 -14.01 14.82
N ASP N 21 36.12 -13.81 13.66
CA ASP N 21 36.90 -13.69 12.44
C ASP N 21 37.20 -12.23 12.20
N THR N 22 38.05 -12.00 11.19
CA THR N 22 38.62 -10.69 10.94
C THR N 22 38.02 -10.06 9.71
N LEU N 23 36.75 -10.26 9.46
CA LEU N 23 36.15 -9.84 8.23
C LEU N 23 35.05 -8.85 8.46
N LEU N 24 35.05 -7.79 7.67
CA LEU N 24 33.88 -6.95 7.50
C LEU N 24 33.34 -7.14 6.11
N SER N 25 32.04 -7.29 6.06
CA SER N 25 31.34 -7.49 4.82
C SER N 25 30.55 -6.23 4.47
N TYR N 26 30.11 -6.18 3.22
CA TYR N 26 29.06 -5.26 2.79
C TYR N 26 28.08 -6.01 1.92
N GLY N 27 26.91 -6.25 2.46
CA GLY N 27 26.03 -7.29 1.98
C GLY N 27 26.85 -8.57 1.83
N SER N 28 26.83 -9.14 0.63
CA SER N 28 27.50 -10.37 0.28
C SER N 28 28.97 -10.18 -0.04
N LEU N 29 29.43 -8.95 -0.29
CA LEU N 29 30.84 -8.69 -0.58
C LEU N 29 31.72 -8.83 0.65
N ALA N 30 32.76 -9.63 0.54
CA ALA N 30 33.78 -9.69 1.57
C ALA N 30 34.75 -8.61 1.33
N LYS N 31 34.64 -7.53 2.07
CA LYS N 31 35.32 -6.30 1.71
C LYS N 31 36.64 -6.16 2.40
N TRP N 32 36.69 -6.37 3.73
CA TRP N 32 37.98 -6.28 4.38
C TRP N 32 38.31 -7.52 5.14
N PRO N 33 39.29 -8.33 4.70
CA PRO N 33 39.55 -9.60 5.40
C PRO N 33 40.54 -9.49 6.52
N ASN N 34 41.02 -8.29 6.83
CA ASN N 34 42.04 -8.12 7.84
C ASN N 34 41.73 -7.05 8.89
N ILE N 35 40.53 -7.07 9.46
CA ILE N 35 40.09 -6.14 10.48
C ILE N 35 40.08 -6.80 11.84
N PRO N 36 40.74 -6.26 12.85
CA PRO N 36 40.62 -6.80 14.23
C PRO N 36 39.37 -6.28 14.93
N ARG N 37 38.41 -7.15 15.20
CA ARG N 37 37.09 -6.75 15.56
C ARG N 37 36.92 -6.61 17.08
N MET N 38 37.84 -7.17 17.85
CA MET N 38 37.78 -7.20 19.29
C MET N 38 38.39 -5.93 19.82
N LYS N 39 37.87 -5.32 20.87
CA LYS N 39 38.38 -4.08 21.45
C LYS N 39 38.57 -4.20 22.95
N LEU N 40 39.76 -3.87 23.45
CA LEU N 40 40.05 -3.87 24.86
C LEU N 40 39.49 -2.62 25.51
N VAL N 41 38.81 -2.78 26.62
CA VAL N 41 38.11 -1.68 27.22
C VAL N 41 38.56 -1.73 28.62
N GLY N 42 39.55 -0.90 28.96
CA GLY N 42 39.97 -0.79 30.34
C GLY N 42 40.97 -1.87 30.68
N ALA N 43 41.10 -2.19 31.95
CA ALA N 43 42.12 -3.16 32.32
C ALA N 43 41.67 -4.62 32.18
N TYR N 44 40.37 -4.87 32.33
CA TYR N 44 39.94 -6.24 32.53
C TYR N 44 39.01 -6.74 31.46
N THR N 45 38.69 -5.94 30.46
CA THR N 45 37.47 -6.22 29.73
C THR N 45 37.73 -6.14 28.23
N VAL N 46 36.99 -6.92 27.49
CA VAL N 46 37.13 -6.99 26.04
C VAL N 46 35.74 -7.11 25.39
N MET N 47 35.49 -6.37 24.31
CA MET N 47 34.20 -6.49 23.67
C MET N 47 34.26 -6.77 22.17
N CYS N 48 33.18 -7.37 21.68
CA CYS N 48 33.02 -7.57 20.26
C CYS N 48 31.55 -7.52 19.84
N ALA N 49 31.22 -7.34 18.58
CA ALA N 49 29.81 -7.36 18.21
C ALA N 49 29.53 -7.85 16.81
N THR N 50 28.35 -8.38 16.65
CA THR N 50 27.87 -8.72 15.34
C THR N 50 27.03 -7.56 14.87
N GLY N 51 26.98 -7.29 13.57
CA GLY N 51 26.13 -6.21 13.09
C GLY N 51 26.90 -5.07 12.47
N ASP N 52 26.39 -3.86 12.64
CA ASP N 52 26.86 -2.66 11.99
C ASP N 52 28.13 -2.12 12.63
N TYR N 53 29.22 -2.19 11.88
CA TYR N 53 30.49 -1.86 12.39
C TYR N 53 30.59 -0.42 12.79
N ALA N 54 29.88 0.48 12.12
CA ALA N 54 29.93 1.89 12.49
C ALA N 54 29.33 2.05 13.86
N ASP N 55 28.20 1.41 14.16
CA ASP N 55 27.55 1.48 15.47
C ASP N 55 28.40 0.86 16.58
N PHE N 56 29.15 -0.21 16.28
CA PHE N 56 30.13 -0.71 17.24
C PHE N 56 31.26 0.25 17.53
N GLN N 57 31.78 0.96 16.51
CA GLN N 57 32.89 1.88 16.71
C GLN N 57 32.52 3.03 17.61
N GLU N 58 31.33 3.57 17.36
CA GLU N 58 30.77 4.68 18.09
C GLU N 58 30.50 4.34 19.55
N MET N 59 29.97 3.17 19.80
CA MET N 59 29.63 2.73 21.13
C MET N 59 30.86 2.32 21.90
N THR N 60 31.83 1.71 21.28
CA THR N 60 33.01 1.42 22.05
C THR N 60 33.86 2.65 22.28
N THR N 61 33.72 3.64 21.45
CA THR N 61 34.51 4.82 21.68
C THR N 61 34.03 5.53 22.93
N MET N 62 32.74 5.81 22.94
CA MET N 62 32.04 6.36 24.06
C MET N 62 32.35 5.60 25.35
N ILE N 63 32.31 4.28 25.34
CA ILE N 63 32.63 3.51 26.51
C ILE N 63 34.09 3.59 26.90
N GLU N 64 35.01 3.40 25.96
CA GLU N 64 36.43 3.42 26.30
C GLU N 64 36.76 4.78 26.87
N ASN N 65 36.14 5.83 26.36
CA ASN N 65 36.44 7.12 26.93
C ASN N 65 35.95 7.31 28.38
N HIS N 66 34.74 6.94 28.72
CA HIS N 66 34.25 6.92 30.10
C HIS N 66 35.20 6.13 30.96
N VAL N 67 35.52 4.92 30.58
CA VAL N 67 36.43 4.10 31.36
C VAL N 67 37.81 4.72 31.54
N ASN N 68 38.46 5.24 30.51
CA ASN N 68 39.77 5.85 30.69
C ASN N 68 39.71 7.16 31.47
N ARG N 69 38.63 7.94 31.30
CA ARG N 69 38.58 9.21 31.97
C ARG N 69 38.34 9.02 33.46
N GLN N 70 37.43 8.10 33.78
CA GLN N 70 37.12 7.80 35.15
C GLN N 70 38.35 7.39 35.92
N GLN N 71 39.21 6.61 35.33
CA GLN N 71 40.43 6.11 35.93
C GLN N 71 41.48 7.23 36.16
N MET N 72 41.55 8.18 35.25
CA MET N 72 42.57 9.23 35.17
C MET N 72 42.22 10.37 36.14
N TYR N 73 40.90 10.57 36.36
CA TYR N 73 40.39 11.58 37.28
C TYR N 73 39.99 11.02 38.65
N GLY N 74 40.65 9.94 39.12
CA GLY N 74 40.55 9.54 40.52
C GLY N 74 39.41 8.58 40.88
N GLY N 75 38.59 8.16 39.94
CA GLY N 75 37.47 7.27 40.21
C GLY N 75 37.73 5.78 39.94
N GLY N 76 39.00 5.35 39.87
CA GLY N 76 39.33 3.93 39.82
C GLY N 76 39.02 3.28 38.48
N ALA N 77 39.25 1.98 38.36
CA ALA N 77 39.22 1.24 37.11
C ALA N 77 37.95 0.45 37.07
N LEU N 78 37.07 0.77 36.13
CA LEU N 78 35.86 0.04 36.03
C LEU N 78 36.09 -1.43 35.67
N THR N 79 35.23 -2.28 36.26
CA THR N 79 35.20 -3.70 36.13
C THR N 79 34.31 -4.18 35.00
N PRO N 80 34.41 -5.45 34.59
CA PRO N 80 33.58 -5.96 33.52
C PRO N 80 32.14 -5.75 33.82
N ASN N 81 31.74 -5.98 35.03
CA ASN N 81 30.33 -5.94 35.39
C ASN N 81 29.79 -4.52 35.23
N GLU N 82 30.61 -3.54 35.59
CA GLU N 82 30.23 -2.15 35.51
C GLU N 82 30.17 -1.70 34.06
N VAL N 83 31.14 -2.10 33.26
CA VAL N 83 31.21 -1.78 31.84
C VAL N 83 30.00 -2.32 31.15
N PHE N 84 29.66 -3.53 31.51
CA PHE N 84 28.53 -4.20 30.93
C PHE N 84 27.22 -3.50 31.23
N CYS N 85 26.99 -3.22 32.48
CA CYS N 85 25.88 -2.39 32.88
C CYS N 85 25.79 -1.06 32.11
N TYR N 86 26.85 -0.32 31.96
CA TYR N 86 26.81 0.93 31.25
C TYR N 86 26.48 0.78 29.77
N LEU N 87 27.08 -0.21 29.13
CA LEU N 87 26.72 -0.57 27.78
C LEU N 87 25.24 -0.80 27.62
N GLN N 88 24.64 -1.63 28.46
CA GLN N 88 23.23 -2.00 28.30
C GLN N 88 22.30 -0.81 28.48
N ARG N 89 22.63 0.09 29.38
CA ARG N 89 21.88 1.32 29.51
C ARG N 89 21.91 2.18 28.27
N HIS N 90 23.03 2.24 27.57
CA HIS N 90 23.11 3.07 26.37
C HIS N 90 22.46 2.44 25.16
N VAL N 91 22.62 1.13 25.00
CA VAL N 91 21.85 0.41 24.03
C VAL N 91 20.38 0.64 24.24
N TYR N 92 19.92 0.62 25.48
CA TYR N 92 18.50 0.70 25.76
C TYR N 92 17.95 2.09 25.46
N HIS N 93 18.69 3.08 25.87
CA HIS N 93 18.36 4.44 25.65
C HIS N 93 18.16 4.74 24.19
N LYS N 94 19.06 4.29 23.37
CA LYS N 94 18.98 4.55 21.95
C LYS N 94 17.82 3.87 21.30
N ARG N 95 17.53 2.64 21.73
CA ARG N 95 16.33 1.95 21.31
C ARG N 95 15.08 2.75 21.67
N SER N 96 15.13 3.41 22.79
CA SER N 96 14.00 4.14 23.31
C SER N 96 13.79 5.46 22.56
N GLN N 97 14.83 5.95 21.88
CA GLN N 97 14.67 7.06 20.96
C GLN N 97 14.38 6.60 19.53
N PHE N 98 14.31 5.31 19.23
CA PHE N 98 14.16 4.84 17.85
C PHE N 98 15.35 5.24 17.00
N GLU N 99 16.54 5.14 17.55
CA GLU N 99 17.79 5.32 16.85
C GLU N 99 18.72 4.23 17.31
N PRO N 100 18.37 2.97 17.08
CA PRO N 100 19.11 1.89 17.72
C PRO N 100 20.56 1.70 17.30
N CYS N 101 21.31 1.12 18.20
CA CYS N 101 22.60 0.53 17.92
C CYS N 101 22.37 -0.81 17.24
N LEU N 102 22.48 -0.93 15.92
CA LEU N 102 22.12 -2.17 15.26
C LEU N 102 23.26 -3.19 15.39
N CYS N 103 23.59 -3.55 16.64
CA CYS N 103 24.61 -4.56 16.93
C CYS N 103 24.16 -5.46 18.03
N ARG N 104 24.87 -6.54 18.19
CA ARG N 104 24.64 -7.45 19.27
C ARG N 104 25.98 -7.71 19.93
N PHE N 105 26.15 -7.36 21.19
CA PHE N 105 27.47 -7.36 21.77
C PHE N 105 27.73 -8.60 22.60
N VAL N 106 28.99 -8.97 22.65
CA VAL N 106 29.46 -9.96 23.60
C VAL N 106 30.58 -9.32 24.34
N VAL N 107 30.58 -9.46 25.65
CA VAL N 107 31.55 -8.78 26.53
C VAL N 107 32.15 -9.85 27.43
N ALA N 108 33.45 -9.72 27.74
CA ALA N 108 34.19 -10.72 28.45
C ALA N 108 35.22 -10.07 29.30
N GLY N 109 35.62 -10.73 30.34
CA GLY N 109 36.64 -10.11 31.12
C GLY N 109 36.91 -10.96 32.33
N CYS N 110 37.79 -10.45 33.18
CA CYS N 110 38.28 -11.16 34.35
C CYS N 110 38.72 -10.16 35.39
N HIS N 111 38.08 -10.19 36.55
CA HIS N 111 38.47 -9.36 37.69
C HIS N 111 38.18 -10.14 38.99
N GLY N 112 39.12 -10.08 39.93
CA GLY N 112 39.06 -10.88 41.14
C GLY N 112 38.99 -12.39 40.89
N GLY N 113 39.74 -12.87 39.89
CA GLY N 113 39.76 -14.26 39.49
C GLY N 113 38.39 -14.80 39.08
N GLU N 114 37.40 -13.89 38.98
CA GLU N 114 36.07 -14.23 38.50
C GLU N 114 35.91 -13.76 37.06
N PRO N 115 35.88 -14.68 36.08
CA PRO N 115 35.50 -14.36 34.71
C PRO N 115 34.03 -14.09 34.41
N PHE N 116 33.87 -13.01 33.64
CA PHE N 116 32.62 -12.49 33.14
C PHE N 116 32.41 -12.86 31.68
N LEU N 117 31.17 -13.10 31.32
CA LEU N 117 30.79 -13.18 29.94
C LEU N 117 29.30 -12.89 29.87
N GLY N 118 28.86 -11.98 28.98
CA GLY N 118 27.46 -11.61 28.82
C GLY N 118 27.17 -11.03 27.44
N GLY N 119 25.87 -10.88 27.18
CA GLY N 119 25.45 -10.45 25.87
C GLY N 119 24.44 -9.36 26.02
N VAL N 120 24.41 -8.48 25.02
CA VAL N 120 23.44 -7.43 24.97
C VAL N 120 22.93 -7.34 23.57
N ASP N 121 21.60 -7.45 23.35
CA ASP N 121 21.11 -7.26 22.03
C ASP N 121 20.56 -5.87 21.72
N ASP N 122 20.11 -5.61 20.49
CA ASP N 122 19.92 -4.24 20.04
C ASP N 122 18.64 -3.61 20.60
N VAL N 123 17.81 -4.37 21.28
CA VAL N 123 16.79 -3.65 21.99
C VAL N 123 17.14 -3.56 23.47
N GLY N 124 18.35 -3.96 23.91
CA GLY N 124 18.70 -3.83 25.32
C GLY N 124 18.59 -5.11 26.17
N THR N 125 18.10 -6.25 25.65
CA THR N 125 18.15 -7.53 26.34
C THR N 125 19.56 -7.93 26.79
N ARG N 126 19.74 -8.28 28.07
CA ARG N 126 21.04 -8.69 28.57
C ARG N 126 20.98 -9.97 29.37
N TRP N 127 22.05 -10.73 29.28
CA TRP N 127 22.16 -11.97 30.00
C TRP N 127 23.63 -12.36 30.13
N THR N 128 23.95 -13.05 31.19
CA THR N 128 25.28 -13.59 31.41
C THR N 128 25.16 -15.10 31.31
N ASP N 129 26.26 -15.82 31.15
CA ASP N 129 26.11 -17.25 31.09
C ASP N 129 27.47 -17.86 30.78
N ASP N 130 27.52 -19.18 30.61
CA ASP N 130 28.79 -19.86 30.52
C ASP N 130 29.26 -19.87 29.09
N CYS N 131 28.28 -19.66 28.19
CA CYS N 131 28.56 -19.52 26.80
C CYS N 131 27.58 -18.57 26.14
N VAL N 132 28.11 -17.61 25.37
CA VAL N 132 27.30 -16.58 24.72
C VAL N 132 27.76 -16.51 23.28
N ALA N 133 26.97 -15.93 22.40
CA ALA N 133 27.36 -15.89 21.01
C ALA N 133 26.61 -14.81 20.34
N ALA N 134 27.07 -14.31 19.21
CA ALA N 134 26.15 -13.51 18.43
C ALA N 134 26.17 -13.89 16.96
N GLY N 135 25.12 -13.60 16.20
CA GLY N 135 25.13 -13.90 14.79
C GLY N 135 24.72 -15.34 14.56
N TYR N 136 25.21 -15.96 13.48
CA TYR N 136 25.09 -17.40 13.32
C TYR N 136 25.83 -18.19 14.41
N GLY N 137 26.61 -17.53 15.25
CA GLY N 137 27.11 -18.24 16.42
C GLY N 137 25.97 -18.75 17.30
N ALA N 138 24.94 -17.96 17.44
CA ALA N 138 23.89 -18.39 18.35
C ALA N 138 23.20 -19.68 17.89
N TYR N 139 23.20 -19.97 16.58
CA TYR N 139 22.47 -21.12 16.09
C TYR N 139 23.42 -22.27 15.92
N VAL N 140 24.68 -22.00 15.60
CA VAL N 140 25.66 -22.99 15.15
C VAL N 140 26.61 -23.38 16.30
N ALA N 141 27.05 -22.42 17.08
CA ALA N 141 28.04 -22.64 18.11
C ALA N 141 27.45 -23.09 19.44
N LEU N 142 26.45 -22.38 19.90
CA LEU N 142 25.93 -22.63 21.23
C LEU N 142 25.54 -24.08 21.47
N PRO N 143 24.90 -24.80 20.53
CA PRO N 143 24.68 -26.23 20.72
C PRO N 143 25.92 -27.04 21.02
N LEU N 144 27.07 -26.67 20.46
CA LEU N 144 28.30 -27.35 20.81
C LEU N 144 28.92 -26.94 22.11
N LEU N 145 28.99 -25.66 22.44
CA LEU N 145 29.61 -25.22 23.70
C LEU N 145 28.74 -25.74 24.82
N ARG N 146 27.41 -25.69 24.62
CA ARG N 146 26.52 -26.15 25.67
C ARG N 146 26.69 -27.63 25.90
N GLN N 147 26.85 -28.42 24.86
CA GLN N 147 27.10 -29.84 25.06
C GLN N 147 28.40 -30.04 25.82
N ALA N 148 29.41 -29.22 25.53
CA ALA N 148 30.75 -29.38 26.06
C ALA N 148 30.75 -29.12 27.55
N LEU N 149 29.99 -28.11 27.99
CA LEU N 149 29.92 -27.66 29.36
C LEU N 149 29.06 -28.56 30.24
N GLU N 150 28.31 -29.48 29.64
CA GLU N 150 27.54 -30.48 30.37
C GLU N 150 28.46 -31.29 31.28
N LYS N 151 29.72 -31.53 30.89
CA LYS N 151 30.63 -32.30 31.73
C LYS N 151 30.74 -31.63 33.10
N PRO N 152 30.86 -32.42 34.20
CA PRO N 152 30.84 -31.85 35.55
C PRO N 152 32.24 -31.39 35.96
N GLY N 153 32.29 -30.21 36.60
CA GLY N 153 33.54 -29.61 37.05
C GLY N 153 34.13 -28.61 36.04
N GLY N 154 33.54 -28.54 34.83
CA GLY N 154 33.86 -27.49 33.89
C GLY N 154 34.99 -27.87 32.92
N LEU N 155 35.48 -26.86 32.21
CA LEU N 155 36.40 -27.07 31.11
C LEU N 155 37.79 -26.60 31.48
N THR N 156 38.82 -27.33 31.10
CA THR N 156 40.19 -26.80 31.12
C THR N 156 40.41 -25.81 29.97
N ARG N 157 41.43 -24.95 30.07
CA ARG N 157 41.77 -24.07 28.95
C ARG N 157 41.88 -24.82 27.62
N GLU N 158 42.53 -25.99 27.60
CA GLU N 158 42.76 -26.69 26.36
C GLU N 158 41.47 -27.27 25.77
N GLU N 159 40.57 -27.75 26.61
CA GLU N 159 39.32 -28.31 26.11
C GLU N 159 38.39 -27.19 25.64
N ALA N 160 38.61 -26.00 26.20
CA ALA N 160 37.85 -24.83 25.77
C ALA N 160 38.35 -24.35 24.40
N ILE N 161 39.65 -24.41 24.17
CA ILE N 161 40.16 -24.14 22.84
C ILE N 161 39.70 -25.16 21.82
N ARG N 162 39.69 -26.43 22.16
CA ARG N 162 39.35 -27.39 21.14
C ARG N 162 37.92 -27.16 20.66
N VAL N 163 37.01 -26.85 21.59
CA VAL N 163 35.61 -26.78 21.23
C VAL N 163 35.34 -25.44 20.55
N ILE N 164 36.06 -24.38 20.94
CA ILE N 164 36.01 -23.11 20.22
C ILE N 164 36.39 -23.32 18.74
N LYS N 165 37.42 -24.13 18.47
CA LYS N 165 37.83 -24.33 17.10
C LYS N 165 36.84 -25.15 16.27
N ASP N 166 36.21 -26.18 16.84
CA ASP N 166 35.18 -26.93 16.15
C ASP N 166 34.01 -26.04 15.74
N CYS N 167 33.65 -25.08 16.63
CA CYS N 167 32.58 -24.13 16.28
C CYS N 167 33.05 -23.23 15.12
N LEU N 168 34.28 -22.72 15.22
CA LEU N 168 34.83 -21.90 14.14
C LEU N 168 34.75 -22.65 12.82
N ARG N 169 35.02 -23.95 12.84
CA ARG N 169 35.07 -24.73 11.63
C ARG N 169 33.69 -24.89 11.00
N VAL N 170 32.70 -25.09 11.84
CA VAL N 170 31.35 -25.12 11.37
C VAL N 170 30.90 -23.76 10.88
N LEU N 171 31.25 -22.64 11.51
CA LEU N 171 30.87 -21.35 10.96
C LEU N 171 31.46 -21.17 9.56
N PHE N 172 32.76 -21.45 9.46
CA PHE N 172 33.42 -21.37 8.20
C PHE N 172 32.71 -22.28 7.20
N TYR N 173 32.22 -23.45 7.57
CA TYR N 173 31.55 -24.27 6.59
C TYR N 173 30.15 -23.79 6.24
N ARG N 174 29.39 -23.20 7.16
CA ARG N 174 27.96 -23.04 6.94
C ARG N 174 27.48 -21.59 6.96
N GLU N 175 28.36 -20.69 7.33
CA GLU N 175 28.02 -19.29 7.33
C GLU N 175 28.57 -18.68 6.04
N CYS N 176 27.69 -18.17 5.19
CA CYS N 176 28.15 -17.57 3.95
C CYS N 176 29.22 -16.52 4.09
N ARG N 177 29.00 -15.52 4.92
CA ARG N 177 29.81 -14.32 4.98
C ARG N 177 30.87 -14.42 6.07
N ALA N 178 31.85 -15.23 5.80
CA ALA N 178 32.87 -15.60 6.75
C ALA N 178 34.17 -15.87 6.00
N ILE N 179 35.21 -16.08 6.77
CA ILE N 179 36.48 -16.48 6.22
C ILE N 179 37.21 -17.31 7.26
N ASN N 180 38.22 -18.02 6.77
CA ASN N 180 38.97 -18.91 7.61
C ASN N 180 40.10 -18.18 8.25
N LYS N 181 39.78 -17.26 9.17
CA LYS N 181 40.81 -16.44 9.78
C LYS N 181 40.28 -15.76 11.02
N PHE N 182 40.83 -16.10 12.18
CA PHE N 182 40.14 -15.90 13.43
C PHE N 182 41.13 -15.46 14.47
N GLN N 183 40.64 -14.80 15.47
CA GLN N 183 41.42 -14.44 16.64
C GLN N 183 40.65 -14.91 17.85
N ILE N 184 41.40 -15.08 18.95
CA ILE N 184 40.86 -15.52 20.21
C ILE N 184 41.41 -14.59 21.24
N ALA N 185 40.53 -14.04 22.06
CA ALA N 185 41.02 -13.38 23.23
C ALA N 185 40.77 -14.22 24.47
N ASP N 186 41.63 -14.05 25.44
CA ASP N 186 41.64 -14.89 26.62
C ASP N 186 41.70 -13.91 27.78
N ALA N 187 40.62 -13.86 28.57
CA ALA N 187 40.64 -13.13 29.84
C ALA N 187 41.01 -14.10 30.95
N THR N 188 42.07 -13.80 31.72
CA THR N 188 42.52 -14.69 32.77
C THR N 188 43.61 -13.97 33.54
N SER N 189 43.65 -14.19 34.87
CA SER N 189 44.57 -13.53 35.78
C SER N 189 44.45 -12.02 35.68
N ASP N 190 43.20 -11.56 35.56
CA ASP N 190 42.87 -10.15 35.74
C ASP N 190 43.47 -9.32 34.59
N MET N 191 43.43 -9.88 33.40
CA MET N 191 43.92 -9.17 32.24
C MET N 191 43.51 -9.90 30.98
N VAL N 192 43.39 -9.16 29.88
CA VAL N 192 43.01 -9.77 28.64
C VAL N 192 44.18 -9.73 27.66
N SER N 193 44.26 -10.72 26.79
CA SER N 193 45.29 -10.76 25.77
C SER N 193 44.67 -11.26 24.48
N ILE N 194 45.03 -10.63 23.35
CA ILE N 194 44.48 -11.02 22.07
C ILE N 194 45.55 -11.71 21.24
N GLY N 195 45.19 -12.92 20.76
CA GLY N 195 46.13 -13.75 20.00
C GLY N 195 46.32 -13.29 18.55
N GLU N 196 47.31 -13.85 17.86
CA GLU N 196 47.46 -13.56 16.43
C GLU N 196 46.46 -14.39 15.66
N PRO N 197 46.06 -13.99 14.45
CA PRO N 197 45.09 -14.77 13.70
C PRO N 197 45.57 -16.17 13.36
N PHE N 198 44.63 -17.04 13.15
CA PHE N 198 44.95 -18.40 12.91
C PHE N 198 43.88 -18.90 11.96
N GLU N 199 44.08 -20.10 11.48
CA GLU N 199 43.14 -20.79 10.61
C GLU N 199 42.82 -22.18 11.17
N VAL N 200 41.65 -22.73 10.84
CA VAL N 200 41.27 -24.05 11.31
C VAL N 200 41.39 -25.00 10.15
N GLU N 201 41.59 -26.31 10.40
CA GLU N 201 41.67 -27.34 9.36
C GLU N 201 40.27 -27.78 8.99
N THR N 202 40.02 -27.89 7.71
CA THR N 202 38.69 -28.21 7.25
C THR N 202 38.74 -29.48 6.44
N ASN N 203 37.59 -30.08 6.17
CA ASN N 203 37.52 -31.27 5.32
C ASN N 203 36.65 -31.12 4.10
N TRP N 204 37.22 -31.50 2.97
CA TRP N 204 36.56 -31.35 1.70
C TRP N 204 36.63 -32.59 0.86
N GLU N 205 37.03 -33.75 1.37
CA GLU N 205 37.43 -34.80 0.44
C GLU N 205 36.60 -36.06 0.57
N TYR N 206 35.48 -35.99 1.24
CA TYR N 206 34.62 -37.14 1.34
C TYR N 206 34.28 -37.71 -0.03
N ASP N 207 34.17 -39.03 -0.12
CA ASP N 207 33.65 -39.64 -1.32
C ASP N 207 32.24 -39.13 -1.68
N GLY N 208 31.35 -38.87 -0.74
CA GLY N 208 30.02 -38.37 -1.12
C GLY N 208 30.03 -36.95 -1.75
N PHE N 209 31.18 -36.25 -1.69
CA PHE N 209 31.35 -34.97 -2.33
C PHE N 209 31.95 -35.06 -3.73
N CYS N 210 32.20 -36.23 -4.21
CA CYS N 210 32.79 -36.34 -5.52
C CYS N 210 31.79 -36.02 -6.63
N PHE N 211 32.34 -35.74 -7.83
CA PHE N 211 31.62 -35.26 -8.98
C PHE N 211 30.52 -36.23 -9.42
N GLU N 212 30.82 -37.52 -9.53
CA GLU N 212 29.83 -38.46 -10.00
C GLU N 212 28.64 -38.58 -9.03
N LYS N 213 28.87 -38.66 -7.72
CA LYS N 213 27.75 -38.82 -6.82
C LYS N 213 26.89 -37.55 -6.71
N THR N 214 27.45 -36.37 -6.92
CA THR N 214 26.66 -35.17 -6.76
C THR N 214 26.03 -34.66 -8.07
N ALA N 215 26.28 -35.39 -9.16
CA ALA N 215 25.76 -35.08 -10.46
C ALA N 215 24.25 -35.22 -10.46
N ILE N 216 23.55 -34.20 -10.96
CA ILE N 216 22.10 -34.20 -11.00
C ILE N 216 21.55 -35.17 -12.06
N ILE N 217 22.30 -35.38 -13.17
CA ILE N 217 21.89 -36.20 -14.30
C ILE N 217 23.01 -37.17 -14.63
N ARG N 218 22.71 -38.48 -14.66
CA ARG N 218 23.65 -39.54 -15.02
C ARG N 218 23.57 -39.81 -16.54
N PHE O 6 -19.20 -61.22 -40.65
CA PHE O 6 -19.39 -59.93 -39.91
C PHE O 6 -18.35 -59.79 -38.78
N ASP O 7 -17.75 -60.93 -38.39
CA ASP O 7 -16.68 -61.02 -37.40
C ASP O 7 -15.34 -61.05 -38.10
N LYS O 8 -15.36 -61.20 -39.43
CA LYS O 8 -14.13 -61.29 -40.18
C LYS O 8 -13.60 -59.89 -40.44
N TYR O 9 -14.42 -58.87 -40.18
CA TYR O 9 -14.09 -57.51 -40.54
C TYR O 9 -13.90 -56.61 -39.31
N ILE O 10 -14.22 -57.02 -38.06
CA ILE O 10 -13.92 -56.17 -36.90
C ILE O 10 -13.52 -57.00 -35.66
N THR O 11 -13.24 -56.30 -34.56
CA THR O 11 -12.84 -56.88 -33.27
C THR O 11 -14.05 -57.38 -32.47
N VAL O 12 -14.61 -58.48 -32.97
CA VAL O 12 -15.64 -59.19 -32.26
C VAL O 12 -15.20 -60.64 -32.29
N PHE O 13 -15.73 -61.38 -31.31
CA PHE O 13 -15.48 -62.80 -31.22
C PHE O 13 -16.32 -63.47 -32.27
N SER O 14 -15.70 -64.42 -32.96
CA SER O 14 -16.39 -65.49 -33.66
C SER O 14 -17.17 -66.35 -32.68
N PRO O 15 -18.00 -67.31 -33.13
CA PRO O 15 -18.63 -68.28 -32.24
C PRO O 15 -17.76 -69.34 -31.54
N GLU O 16 -16.48 -69.47 -31.94
CA GLU O 16 -15.51 -70.33 -31.24
C GLU O 16 -14.56 -69.52 -30.35
N GLY O 17 -14.92 -68.25 -30.08
CA GLY O 17 -14.18 -67.43 -29.14
C GLY O 17 -12.83 -66.95 -29.70
N SER O 18 -12.65 -66.99 -31.02
CA SER O 18 -11.43 -66.60 -31.69
C SER O 18 -11.58 -65.19 -32.29
N LEU O 19 -10.48 -64.44 -32.43
CA LEU O 19 -10.52 -63.10 -33.01
C LEU O 19 -9.89 -63.16 -34.39
N TYR O 20 -10.64 -62.87 -35.46
CA TYR O 20 -10.14 -63.17 -36.81
C TYR O 20 -9.05 -62.19 -37.29
N GLN O 21 -9.16 -60.92 -36.89
CA GLN O 21 -8.26 -59.88 -37.34
C GLN O 21 -6.85 -60.13 -36.76
N VAL O 22 -6.82 -60.64 -35.53
CA VAL O 22 -5.61 -61.13 -34.90
C VAL O 22 -5.04 -62.28 -35.72
N GLU O 23 -5.82 -63.28 -36.07
CA GLU O 23 -5.20 -64.34 -36.83
C GLU O 23 -4.65 -63.85 -38.15
N TYR O 24 -5.29 -62.86 -38.78
CA TYR O 24 -4.86 -62.44 -40.11
C TYR O 24 -3.63 -61.53 -40.07
N ALA O 25 -3.56 -60.69 -39.04
CA ALA O 25 -2.39 -59.94 -38.66
C ALA O 25 -1.19 -60.87 -38.47
N PHE O 26 -1.38 -62.07 -37.92
CA PHE O 26 -0.30 -63.04 -37.86
C PHE O 26 0.09 -63.50 -39.25
N LYS O 27 -0.82 -63.54 -40.21
CA LYS O 27 -0.42 -63.92 -41.56
C LYS O 27 0.38 -62.81 -42.24
N ALA O 28 0.08 -61.56 -41.92
CA ALA O 28 0.83 -60.43 -42.43
C ALA O 28 2.32 -60.62 -42.17
N VAL O 29 2.63 -61.23 -41.02
CA VAL O 29 3.98 -61.49 -40.54
C VAL O 29 4.75 -62.41 -41.48
N THR O 30 4.19 -63.52 -41.88
CA THR O 30 4.89 -64.34 -42.84
C THR O 30 4.81 -63.77 -44.27
N TYR O 31 3.76 -63.00 -44.58
CA TYR O 31 3.55 -62.53 -45.94
C TYR O 31 4.78 -61.76 -46.43
N ALA O 32 5.49 -61.13 -45.49
CA ALA O 32 6.59 -60.22 -45.77
C ALA O 32 7.85 -60.94 -46.23
N GLY O 33 7.94 -62.26 -46.00
CA GLY O 33 8.92 -63.07 -46.70
C GLY O 33 10.29 -63.18 -46.02
N LEU O 34 10.46 -62.57 -44.82
CA LEU O 34 11.76 -62.47 -44.16
C LEU O 34 11.85 -63.39 -42.94
N LEU O 35 13.06 -63.84 -42.59
CA LEU O 35 13.28 -64.61 -41.38
C LEU O 35 14.24 -63.89 -40.43
N THR O 36 13.88 -63.87 -39.14
CA THR O 36 14.72 -63.36 -38.07
C THR O 36 15.02 -64.45 -37.01
N VAL O 37 16.27 -64.54 -36.49
CA VAL O 37 16.64 -65.42 -35.39
C VAL O 37 17.33 -64.65 -34.29
N ALA O 38 16.85 -64.72 -33.05
CA ALA O 38 17.59 -64.20 -31.91
C ALA O 38 18.04 -65.31 -30.98
N ILE O 39 19.14 -65.07 -30.25
CA ILE O 39 19.70 -66.12 -29.41
C ILE O 39 20.47 -65.53 -28.26
N ARG O 40 20.27 -66.09 -27.08
CA ARG O 40 20.87 -65.56 -25.87
C ARG O 40 21.93 -66.51 -25.38
N CYS O 41 23.17 -66.05 -25.36
CA CYS O 41 24.26 -66.87 -24.83
C CYS O 41 24.69 -66.36 -23.44
N LYS O 42 25.83 -66.86 -22.97
CA LYS O 42 26.29 -66.68 -21.59
C LYS O 42 26.37 -65.21 -21.19
N ASP O 43 27.01 -64.40 -22.04
CA ASP O 43 27.39 -63.03 -21.74
C ASP O 43 26.68 -62.00 -22.63
N ALA O 44 25.87 -62.44 -23.61
CA ALA O 44 25.37 -61.59 -24.68
C ALA O 44 23.98 -62.02 -25.16
N VAL O 45 23.39 -61.16 -26.00
CA VAL O 45 22.22 -61.51 -26.77
C VAL O 45 22.45 -61.01 -28.20
N LEU O 46 22.17 -61.88 -29.16
CA LEU O 46 22.42 -61.62 -30.55
C LEU O 46 21.13 -61.66 -31.36
N VAL O 47 20.98 -60.82 -32.40
CA VAL O 47 19.86 -60.94 -33.30
C VAL O 47 20.27 -60.90 -34.75
N PHE O 48 19.81 -61.86 -35.53
CA PHE O 48 20.23 -62.10 -36.90
C PHE O 48 19.05 -62.03 -37.86
N THR O 49 18.89 -60.92 -38.57
CA THR O 49 17.78 -60.82 -39.48
C THR O 49 18.25 -60.80 -40.94
N GLN O 50 17.32 -61.11 -41.86
CA GLN O 50 17.62 -61.02 -43.29
C GLN O 50 17.68 -59.55 -43.72
N HIS O 51 18.68 -59.26 -44.54
CA HIS O 51 18.84 -57.97 -45.17
C HIS O 51 18.61 -58.27 -46.63
N ASN O 52 17.35 -58.08 -47.07
CA ASN O 52 17.09 -58.24 -48.49
C ASN O 52 17.04 -56.87 -49.17
N VAL O 53 17.89 -56.79 -50.20
CA VAL O 53 17.97 -55.70 -51.13
C VAL O 53 17.75 -56.30 -52.51
N PRO O 54 16.48 -56.54 -52.93
CA PRO O 54 16.20 -57.18 -54.22
C PRO O 54 16.67 -56.37 -55.44
N ASP O 55 16.61 -55.03 -55.29
CA ASP O 55 16.85 -54.01 -56.29
C ASP O 55 18.33 -53.57 -56.30
N ARG O 56 18.97 -53.65 -57.46
CA ARG O 56 20.37 -53.32 -57.61
C ARG O 56 20.63 -51.82 -57.35
N LEU O 57 19.57 -51.00 -57.39
CA LEU O 57 19.67 -49.55 -57.28
C LEU O 57 19.36 -49.00 -55.88
N MET O 58 18.98 -49.86 -54.93
CA MET O 58 18.72 -49.40 -53.58
C MET O 58 20.03 -49.19 -52.81
N ARG O 59 20.03 -48.20 -51.93
CA ARG O 59 21.13 -47.87 -51.06
C ARG O 59 21.03 -48.82 -49.89
N PRO O 60 21.87 -49.90 -49.84
CA PRO O 60 21.61 -51.00 -48.90
C PRO O 60 21.77 -50.57 -47.43
N ASP O 61 22.55 -49.55 -47.11
CA ASP O 61 22.59 -49.10 -45.72
C ASP O 61 21.34 -48.33 -45.25
N THR O 62 20.24 -48.37 -46.00
CA THR O 62 19.05 -47.67 -45.60
C THR O 62 17.94 -48.66 -45.33
N ILE O 63 18.15 -49.90 -45.75
CA ILE O 63 17.19 -50.96 -45.50
C ILE O 63 17.61 -51.62 -44.21
N THR O 64 16.74 -51.52 -43.20
CA THR O 64 17.05 -52.15 -41.94
C THR O 64 15.79 -52.57 -41.22
N SER O 65 15.95 -53.67 -40.50
CA SER O 65 14.96 -54.09 -39.54
C SER O 65 15.42 -53.77 -38.11
N LEU O 66 16.70 -53.40 -37.87
CA LEU O 66 17.13 -53.19 -36.49
C LEU O 66 17.03 -51.75 -36.05
N HIS O 67 16.55 -51.47 -34.88
CA HIS O 67 16.44 -50.09 -34.47
C HIS O 67 16.78 -49.97 -33.01
N ASN O 68 17.29 -48.82 -32.61
CA ASN O 68 17.41 -48.55 -31.19
C ASN O 68 16.15 -47.97 -30.64
N ILE O 69 15.72 -48.47 -29.51
CA ILE O 69 14.66 -47.81 -28.80
C ILE O 69 15.24 -46.77 -27.88
N ASN O 70 16.40 -47.07 -27.34
CA ASN O 70 17.18 -46.07 -26.64
C ASN O 70 18.61 -46.57 -26.65
N LYS O 71 19.50 -46.05 -25.87
CA LYS O 71 20.90 -46.48 -26.00
C LYS O 71 21.03 -48.00 -25.84
N ASP O 72 20.26 -48.53 -24.88
CA ASP O 72 20.45 -49.87 -24.34
C ASP O 72 19.45 -50.95 -24.83
N ILE O 73 18.46 -50.59 -25.66
CA ILE O 73 17.47 -51.53 -26.11
C ILE O 73 17.40 -51.46 -27.62
N GLY O 74 17.39 -52.61 -28.27
CA GLY O 74 17.29 -52.70 -29.71
C GLY O 74 16.09 -53.54 -30.06
N THR O 75 15.56 -53.36 -31.28
CA THR O 75 14.44 -54.14 -31.78
C THR O 75 14.82 -54.71 -33.12
N CYS O 76 14.09 -55.75 -33.45
CA CYS O 76 14.04 -56.30 -34.77
C CYS O 76 12.56 -56.46 -35.09
N ILE O 77 12.16 -55.80 -36.15
CA ILE O 77 10.84 -55.84 -36.77
C ILE O 77 10.75 -57.01 -37.73
N THR O 78 9.75 -57.86 -37.57
CA THR O 78 9.39 -58.88 -38.53
C THR O 78 7.96 -58.67 -38.93
N GLY O 79 7.74 -58.54 -40.26
CA GLY O 79 6.41 -58.36 -40.83
C GLY O 79 6.26 -57.10 -41.67
N ARG O 80 5.07 -56.52 -41.59
CA ARG O 80 4.75 -55.40 -42.46
C ARG O 80 5.57 -54.23 -41.93
N ALA O 81 6.55 -53.79 -42.75
CA ALA O 81 7.63 -52.94 -42.31
C ALA O 81 7.18 -51.61 -41.77
N PRO O 82 6.41 -50.82 -42.53
CA PRO O 82 5.93 -49.57 -41.95
C PRO O 82 5.06 -49.72 -40.71
N ASP O 83 4.47 -50.88 -40.39
CA ASP O 83 3.74 -51.01 -39.12
C ASP O 83 4.74 -51.16 -38.00
N GLY O 84 5.82 -51.88 -38.30
CA GLY O 84 7.02 -51.91 -37.49
C GLY O 84 7.48 -50.52 -37.06
N LYS O 85 7.82 -49.66 -38.03
CA LYS O 85 8.34 -48.34 -37.67
C LYS O 85 7.34 -47.56 -36.87
N SER O 86 6.01 -47.73 -37.08
CA SER O 86 5.14 -47.02 -36.16
C SER O 86 5.37 -47.46 -34.71
N LEU O 87 5.46 -48.76 -34.43
CA LEU O 87 5.74 -49.25 -33.09
C LEU O 87 7.11 -48.83 -32.60
N VAL O 88 8.11 -48.73 -33.48
CA VAL O 88 9.39 -48.19 -33.02
C VAL O 88 9.25 -46.79 -32.44
N GLN O 89 8.47 -45.94 -33.10
CA GLN O 89 8.20 -44.59 -32.62
C GLN O 89 7.41 -44.62 -31.32
N LYS O 90 6.41 -45.48 -31.14
CA LYS O 90 5.71 -45.46 -29.85
C LYS O 90 6.55 -46.02 -28.70
N ALA O 91 7.24 -47.11 -28.94
CA ALA O 91 8.25 -47.58 -28.05
C ALA O 91 9.20 -46.46 -27.66
N ARG O 92 9.61 -45.55 -28.58
CA ARG O 92 10.65 -44.55 -28.26
C ARG O 92 10.05 -43.51 -27.34
N GLN O 93 8.74 -43.29 -27.56
CA GLN O 93 8.01 -42.29 -26.81
C GLN O 93 7.73 -42.78 -25.40
N GLU O 94 7.36 -44.04 -25.31
CA GLU O 94 7.20 -44.77 -24.06
C GLU O 94 8.51 -44.77 -23.27
N ALA O 95 9.63 -45.00 -23.95
CA ALA O 95 10.86 -45.10 -23.22
C ALA O 95 11.24 -43.75 -22.63
N SER O 96 10.98 -42.71 -23.40
CA SER O 96 11.34 -41.36 -23.05
C SER O 96 10.42 -40.82 -21.93
N GLU O 97 9.11 -41.08 -22.00
CA GLU O 97 8.22 -40.76 -20.90
C GLU O 97 8.59 -41.50 -19.61
N TYR O 98 8.94 -42.77 -19.71
CA TYR O 98 9.30 -43.53 -18.53
C TYR O 98 10.51 -42.90 -17.88
N LYS O 99 11.44 -42.43 -18.68
CA LYS O 99 12.63 -41.95 -18.08
C LYS O 99 12.43 -40.61 -17.43
N TYR O 100 11.54 -39.81 -17.98
CA TYR O 100 11.26 -38.52 -17.38
C TYR O 100 10.45 -38.71 -16.10
N ARG O 101 9.68 -39.78 -15.98
CA ARG O 101 8.79 -39.93 -14.84
C ARG O 101 9.49 -40.61 -13.68
N TYR O 102 10.40 -41.49 -13.97
CA TYR O 102 11.02 -42.25 -12.92
C TYR O 102 12.50 -41.92 -12.82
N GLY O 103 13.05 -41.24 -13.83
CA GLY O 103 14.44 -40.83 -13.83
C GLY O 103 15.51 -41.89 -14.07
N SER O 104 15.11 -43.04 -14.60
CA SER O 104 16.07 -44.12 -14.92
C SER O 104 15.61 -44.68 -16.25
N PRO O 105 16.46 -45.28 -17.10
CA PRO O 105 15.95 -45.87 -18.35
C PRO O 105 15.05 -47.09 -18.21
N ILE O 106 14.00 -47.15 -19.02
CA ILE O 106 13.08 -48.27 -18.96
C ILE O 106 13.82 -49.58 -19.07
N PRO O 107 13.54 -50.58 -18.21
CA PRO O 107 14.05 -51.97 -18.42
C PRO O 107 13.41 -52.60 -19.62
N VAL O 108 14.13 -53.49 -20.29
CA VAL O 108 13.60 -54.08 -21.49
C VAL O 108 12.37 -54.94 -21.20
N SER O 109 12.33 -55.65 -20.10
CA SER O 109 11.10 -56.38 -19.75
C SER O 109 9.84 -55.52 -19.66
N VAL O 110 9.94 -54.35 -19.04
CA VAL O 110 8.85 -53.44 -18.89
C VAL O 110 8.51 -52.71 -20.19
N LEU O 111 9.52 -52.34 -20.99
CA LEU O 111 9.22 -51.81 -22.30
C LEU O 111 8.29 -52.73 -23.08
N ALA O 112 8.67 -53.99 -23.17
CA ALA O 112 7.98 -54.97 -23.97
C ALA O 112 6.51 -55.15 -23.56
N LYS O 113 6.29 -55.16 -22.27
CA LYS O 113 4.96 -55.18 -21.70
C LYS O 113 4.12 -53.96 -22.09
N ARG O 114 4.68 -52.76 -22.17
CA ARG O 114 3.96 -51.59 -22.61
C ARG O 114 3.60 -51.64 -24.08
N VAL O 115 4.45 -52.20 -24.90
CA VAL O 115 4.17 -52.32 -26.32
C VAL O 115 3.11 -53.39 -26.55
N ALA O 116 3.15 -54.46 -25.76
CA ALA O 116 2.12 -55.46 -25.77
C ALA O 116 0.74 -54.88 -25.43
N ASP O 117 0.68 -54.06 -24.38
CA ASP O 117 -0.55 -53.36 -24.07
C ASP O 117 -1.06 -52.48 -25.20
N MET O 118 -0.18 -51.77 -25.92
CA MET O 118 -0.59 -51.05 -27.10
C MET O 118 -1.22 -51.97 -28.16
N ALA O 119 -0.68 -53.15 -28.35
CA ALA O 119 -1.30 -54.05 -29.30
C ALA O 119 -2.66 -54.51 -28.80
N GLN O 120 -2.76 -54.91 -27.52
CA GLN O 120 -3.95 -55.52 -26.97
C GLN O 120 -5.09 -54.55 -27.19
N VAL O 121 -4.87 -53.28 -26.93
CA VAL O 121 -5.90 -52.27 -27.06
C VAL O 121 -6.49 -52.22 -28.45
N ARG O 122 -5.72 -52.42 -29.48
CA ARG O 122 -6.38 -52.48 -30.79
C ARG O 122 -7.10 -53.78 -31.06
N THR O 123 -6.84 -54.85 -30.31
CA THR O 123 -7.65 -56.06 -30.42
C THR O 123 -9.03 -55.93 -29.78
N GLN O 124 -9.28 -54.87 -29.02
CA GLN O 124 -10.46 -54.78 -28.18
C GLN O 124 -11.31 -53.56 -28.57
N HIS O 125 -10.73 -52.53 -29.17
CA HIS O 125 -11.48 -51.41 -29.73
C HIS O 125 -11.59 -51.60 -31.23
N ALA O 126 -12.59 -50.98 -31.86
CA ALA O 126 -12.77 -51.18 -33.29
C ALA O 126 -12.35 -49.90 -34.03
N GLY O 127 -11.95 -50.08 -35.29
CA GLY O 127 -11.68 -48.91 -36.12
C GLY O 127 -10.20 -48.63 -36.39
N LEU O 128 -9.27 -49.23 -35.63
CA LEU O 128 -7.85 -49.04 -35.92
C LEU O 128 -7.31 -50.39 -36.34
N ARG O 129 -6.58 -50.44 -37.44
CA ARG O 129 -6.03 -51.73 -37.85
C ARG O 129 -4.95 -52.18 -36.85
N LEU O 130 -4.77 -53.52 -36.75
CA LEU O 130 -3.68 -54.05 -35.95
C LEU O 130 -2.39 -53.93 -36.73
N MET O 131 -1.27 -53.85 -35.99
CA MET O 131 0.05 -53.78 -36.62
C MET O 131 0.48 -55.20 -36.92
N GLY O 132 0.79 -55.49 -38.16
CA GLY O 132 1.10 -56.83 -38.60
C GLY O 132 2.57 -57.15 -38.46
N VAL O 133 3.03 -57.08 -37.20
CA VAL O 133 4.41 -57.34 -36.87
C VAL O 133 4.59 -58.17 -35.63
N VAL O 134 5.78 -58.75 -35.55
CA VAL O 134 6.33 -59.25 -34.32
C VAL O 134 7.55 -58.38 -34.00
N MET O 135 7.50 -57.71 -32.83
CA MET O 135 8.61 -56.94 -32.34
C MET O 135 9.41 -57.83 -31.38
N THR O 136 10.66 -58.17 -31.75
CA THR O 136 11.64 -58.75 -30.86
C THR O 136 12.50 -57.68 -30.20
N PHE O 137 12.42 -57.47 -28.84
CA PHE O 137 13.25 -56.55 -28.06
C PHE O 137 14.43 -57.29 -27.44
N LEU O 138 15.57 -56.64 -27.39
CA LEU O 138 16.82 -57.21 -26.91
C LEU O 138 17.51 -56.26 -25.94
N GLY O 139 17.95 -56.74 -24.81
CA GLY O 139 18.73 -55.85 -23.95
C GLY O 139 19.19 -56.53 -22.67
N MET O 140 19.96 -55.78 -21.89
CA MET O 140 20.50 -56.33 -20.66
C MET O 140 19.68 -55.80 -19.52
N GLU O 141 19.37 -56.68 -18.56
CA GLU O 141 18.60 -56.30 -17.38
C GLU O 141 19.40 -56.63 -16.13
N GLN O 142 19.39 -55.74 -15.17
CA GLN O 142 20.09 -55.92 -13.91
C GLN O 142 19.23 -56.72 -12.91
N ASN O 143 19.82 -57.71 -12.23
CA ASN O 143 19.21 -58.41 -11.10
C ASN O 143 19.35 -57.60 -9.81
N ASP O 144 18.33 -57.66 -8.93
CA ASP O 144 18.35 -56.87 -7.70
C ASP O 144 19.38 -57.40 -6.69
N ALA O 145 19.65 -58.71 -6.72
CA ALA O 145 20.40 -59.39 -5.67
C ALA O 145 21.86 -58.93 -5.65
N ASP O 146 22.62 -59.26 -6.71
CA ASP O 146 24.06 -59.05 -6.76
C ASP O 146 24.44 -57.91 -7.70
N GLY O 147 23.44 -57.41 -8.44
CA GLY O 147 23.64 -56.30 -9.37
C GLY O 147 24.30 -56.70 -10.67
N SER O 148 24.30 -58.01 -10.99
CA SER O 148 24.77 -58.50 -12.28
C SER O 148 23.72 -58.24 -13.40
N TRP O 149 24.22 -58.18 -14.62
CA TRP O 149 23.45 -57.84 -15.79
C TRP O 149 23.21 -59.08 -16.63
N VAL O 150 21.93 -59.32 -17.00
CA VAL O 150 21.57 -60.52 -17.73
C VAL O 150 20.95 -60.16 -19.09
N PRO O 151 21.36 -60.84 -20.16
CA PRO O 151 20.75 -60.62 -21.46
C PRO O 151 19.33 -61.13 -21.57
N GLN O 152 18.46 -60.34 -22.20
CA GLN O 152 17.10 -60.78 -22.45
C GLN O 152 16.75 -60.77 -23.94
N ILE O 153 15.71 -61.56 -24.29
CA ILE O 153 14.97 -61.46 -25.52
C ILE O 153 13.47 -61.49 -25.23
N TYR O 154 12.74 -60.43 -25.62
CA TYR O 154 11.29 -60.46 -25.54
C TYR O 154 10.67 -60.34 -26.93
N CYS O 155 9.59 -61.04 -27.19
CA CYS O 155 8.80 -60.86 -28.38
C CYS O 155 7.40 -60.47 -27.98
N VAL O 156 6.86 -59.52 -28.71
CA VAL O 156 5.47 -59.10 -28.67
C VAL O 156 4.86 -59.33 -30.01
N ASP O 157 3.65 -59.87 -30.01
CA ASP O 157 2.99 -60.16 -31.26
C ASP O 157 1.69 -59.40 -31.36
N PRO O 158 0.99 -59.55 -32.49
CA PRO O 158 -0.18 -58.75 -32.75
C PRO O 158 -1.29 -59.01 -31.74
N ALA O 159 -1.32 -60.18 -31.09
CA ALA O 159 -2.36 -60.42 -30.11
C ALA O 159 -2.13 -59.64 -28.82
N GLY O 160 -0.97 -59.02 -28.67
CA GLY O 160 -0.59 -58.42 -27.40
C GLY O 160 0.10 -59.36 -26.42
N TRP O 161 0.55 -60.48 -26.93
CA TRP O 161 1.28 -61.41 -26.13
C TRP O 161 2.76 -61.01 -26.04
N CYS O 162 3.31 -61.14 -24.85
CA CYS O 162 4.65 -60.74 -24.48
C CYS O 162 5.34 -61.93 -23.84
N GLY O 163 6.33 -62.51 -24.47
CA GLY O 163 7.06 -63.55 -23.76
C GLY O 163 8.59 -63.53 -23.89
N SER O 164 9.29 -64.13 -22.97
CA SER O 164 10.75 -64.11 -23.03
C SER O 164 11.27 -65.40 -23.63
N TYR O 165 12.45 -65.38 -24.25
CA TYR O 165 12.93 -66.58 -24.94
C TYR O 165 14.40 -66.88 -24.64
N HIS O 166 14.80 -68.14 -24.87
CA HIS O 166 16.23 -68.48 -24.93
C HIS O 166 16.72 -68.29 -26.37
N ALA O 167 15.83 -68.55 -27.32
CA ALA O 167 16.12 -68.36 -28.73
C ALA O 167 14.79 -68.34 -29.46
N CYS O 168 14.68 -67.65 -30.57
CA CYS O 168 13.47 -67.80 -31.35
C CYS O 168 13.61 -67.25 -32.74
N ALA O 169 13.01 -68.01 -33.69
CA ALA O 169 12.86 -67.66 -35.09
C ALA O 169 11.47 -67.09 -35.35
N ILE O 170 11.40 -66.03 -36.13
CA ILE O 170 10.13 -65.44 -36.47
C ILE O 170 10.14 -65.10 -37.93
N GLY O 171 9.02 -65.30 -38.62
CA GLY O 171 8.95 -64.99 -40.04
C GLY O 171 8.87 -66.22 -40.96
N LYS O 172 9.01 -66.04 -42.25
CA LYS O 172 8.86 -67.11 -43.22
C LYS O 172 9.78 -68.30 -42.92
N LYS O 173 9.18 -69.46 -42.69
CA LYS O 173 9.91 -70.70 -42.46
C LYS O 173 10.33 -70.79 -41.00
N GLN O 174 9.66 -70.00 -40.14
CA GLN O 174 9.98 -69.98 -38.73
C GLN O 174 9.84 -71.39 -38.16
N ILE O 175 8.87 -72.17 -38.67
CA ILE O 175 8.57 -73.52 -38.16
C ILE O 175 9.77 -74.44 -38.37
N GLU O 176 10.41 -74.33 -39.53
CA GLU O 176 11.54 -75.16 -39.86
C GLU O 176 12.80 -74.72 -39.10
N ALA O 177 12.89 -73.43 -38.76
CA ALA O 177 14.09 -72.87 -38.15
C ALA O 177 14.07 -73.04 -36.64
N ASN O 178 12.86 -72.93 -36.06
CA ASN O 178 12.63 -73.15 -34.64
C ASN O 178 12.88 -74.61 -34.28
N ALA O 179 12.58 -75.56 -35.18
CA ALA O 179 12.85 -76.98 -34.99
C ALA O 179 14.35 -77.24 -35.03
N PHE O 180 15.05 -76.55 -35.91
CA PHE O 180 16.50 -76.70 -35.97
C PHE O 180 17.15 -76.23 -34.67
N LEU O 181 16.63 -75.15 -34.05
CA LEU O 181 17.18 -74.62 -32.81
C LEU O 181 16.80 -75.53 -31.64
N GLU O 182 15.62 -76.17 -31.71
CA GLU O 182 15.20 -77.13 -30.70
C GLU O 182 16.18 -78.31 -30.65
N LYS O 183 16.59 -78.83 -31.81
CA LYS O 183 17.54 -79.92 -31.90
C LYS O 183 18.88 -79.56 -31.26
N LYS O 184 19.32 -78.32 -31.48
CA LYS O 184 20.66 -77.91 -31.11
C LYS O 184 20.66 -77.39 -29.67
N GLN O 185 19.47 -77.29 -29.08
CA GLN O 185 19.34 -76.93 -27.67
C GLN O 185 19.71 -78.14 -26.80
N LYS O 186 19.49 -79.34 -27.36
CA LYS O 186 19.56 -80.59 -26.62
C LYS O 186 21.02 -80.96 -26.31
N ASN O 187 21.94 -80.47 -27.14
CA ASN O 187 23.36 -80.68 -26.97
C ASN O 187 23.87 -79.90 -25.76
N ALA O 188 23.61 -78.59 -25.71
CA ALA O 188 24.00 -77.77 -24.58
C ALA O 188 23.10 -76.55 -24.47
N PRO O 189 22.65 -76.18 -23.24
CA PRO O 189 21.83 -74.98 -23.08
C PRO O 189 22.51 -73.72 -23.63
N PHE O 190 21.68 -72.87 -24.23
CA PHE O 190 22.19 -71.70 -24.91
C PHE O 190 22.95 -70.80 -23.95
N HIS O 191 22.55 -70.74 -22.68
CA HIS O 191 23.12 -69.84 -21.69
C HIS O 191 24.50 -70.30 -21.25
N THR O 192 25.04 -71.40 -21.82
CA THR O 192 26.38 -71.87 -21.49
C THR O 192 27.36 -71.69 -22.65
N LEU O 193 26.90 -71.03 -23.72
CA LEU O 193 27.63 -70.96 -24.97
C LEU O 193 28.40 -69.66 -25.02
N SER O 194 29.47 -69.66 -25.83
CA SER O 194 30.20 -68.45 -26.19
C SER O 194 29.45 -67.65 -27.26
N GLN O 195 29.75 -66.38 -27.46
CA GLN O 195 29.13 -65.67 -28.58
C GLN O 195 29.34 -66.41 -29.90
N LYS O 196 30.57 -66.83 -30.17
CA LYS O 196 30.86 -67.51 -31.43
C LYS O 196 30.01 -68.78 -31.59
N ASP O 197 29.82 -69.53 -30.51
CA ASP O 197 29.19 -70.84 -30.62
C ASP O 197 27.68 -70.70 -30.86
N ALA O 198 27.09 -69.67 -30.25
CA ALA O 198 25.68 -69.38 -30.40
C ALA O 198 25.43 -68.90 -31.83
N ALA O 199 26.39 -68.12 -32.33
CA ALA O 199 26.29 -67.53 -33.65
C ALA O 199 26.24 -68.60 -34.71
N MET O 200 27.06 -69.63 -34.57
CA MET O 200 27.13 -70.68 -35.57
C MET O 200 25.79 -71.40 -35.63
N ILE O 201 25.08 -71.47 -34.49
CA ILE O 201 23.78 -72.13 -34.43
C ILE O 201 22.71 -71.31 -35.16
N ALA O 202 22.63 -70.04 -34.79
CA ALA O 202 21.72 -69.07 -35.38
C ALA O 202 21.93 -68.98 -36.89
N LEU O 203 23.17 -68.74 -37.33
CA LEU O 203 23.43 -68.64 -38.77
C LEU O 203 23.01 -69.91 -39.50
N ALA O 204 23.23 -71.10 -38.93
CA ALA O 204 22.88 -72.35 -39.59
C ALA O 204 21.38 -72.61 -39.49
N ALA O 205 20.71 -72.08 -38.48
CA ALA O 205 19.24 -72.07 -38.50
C ALA O 205 18.72 -71.35 -39.73
N LEU O 206 19.30 -70.17 -40.02
CA LEU O 206 18.91 -69.44 -41.22
C LEU O 206 19.23 -70.27 -42.45
N GLN O 207 20.43 -70.83 -42.57
CA GLN O 207 20.84 -71.47 -43.82
C GLN O 207 19.98 -72.70 -44.08
N SER O 208 19.68 -73.46 -43.02
CA SER O 208 18.79 -74.61 -43.09
C SER O 208 17.43 -74.22 -43.67
N ALA O 209 16.88 -73.13 -43.11
CA ALA O 209 15.48 -72.78 -43.36
C ALA O 209 15.31 -72.10 -44.72
N LEU O 210 16.16 -71.10 -45.02
CA LEU O 210 16.11 -70.37 -46.28
C LEU O 210 16.50 -71.28 -47.44
N GLY O 211 17.29 -72.33 -47.14
CA GLY O 211 17.83 -73.22 -48.16
C GLY O 211 18.80 -72.48 -49.08
N ALA O 212 19.94 -72.07 -48.51
CA ALA O 212 20.93 -71.29 -49.25
C ALA O 212 22.29 -71.39 -48.57
N SER O 213 23.24 -70.57 -49.04
CA SER O 213 24.42 -70.21 -48.27
C SER O 213 24.46 -68.68 -48.12
N LEU O 214 24.77 -68.20 -46.90
CA LEU O 214 24.71 -66.79 -46.59
C LEU O 214 26.08 -66.14 -46.74
N LYS O 215 26.08 -64.92 -47.28
CA LYS O 215 27.20 -64.00 -47.17
C LYS O 215 26.88 -63.02 -46.05
N ALA O 216 27.88 -62.24 -45.63
CA ALA O 216 27.73 -61.24 -44.59
C ALA O 216 26.77 -60.11 -45.00
N THR O 217 26.67 -59.85 -46.31
CA THR O 217 25.83 -58.78 -46.83
C THR O 217 24.34 -59.11 -46.72
N ASP O 218 24.01 -60.41 -46.62
CA ASP O 218 22.65 -60.93 -46.58
C ASP O 218 22.01 -60.83 -45.18
N VAL O 219 22.82 -60.73 -44.13
CA VAL O 219 22.30 -60.63 -42.79
C VAL O 219 22.71 -59.28 -42.22
N GLU O 220 21.89 -58.78 -41.32
CA GLU O 220 22.31 -57.77 -40.39
C GLU O 220 22.09 -58.33 -38.99
N VAL O 221 22.97 -57.92 -38.09
CA VAL O 221 23.19 -58.56 -36.84
C VAL O 221 23.32 -57.47 -35.79
N GLY O 222 22.61 -57.61 -34.66
CA GLY O 222 22.84 -56.70 -33.54
C GLY O 222 23.18 -57.45 -32.26
N ARG O 223 23.63 -56.71 -31.29
CA ARG O 223 24.26 -57.35 -30.16
C ARG O 223 24.28 -56.42 -28.94
N CYS O 224 23.85 -56.98 -27.81
CA CYS O 224 24.06 -56.42 -26.48
C CYS O 224 24.84 -57.43 -25.67
N SER O 225 25.81 -56.99 -24.86
CA SER O 225 26.69 -57.87 -24.10
C SER O 225 27.03 -57.26 -22.74
N VAL O 226 27.47 -58.12 -21.81
CA VAL O 226 27.87 -57.72 -20.45
C VAL O 226 29.00 -56.68 -20.48
N GLU O 227 29.92 -56.87 -21.43
CA GLU O 227 31.04 -55.98 -21.66
C GLU O 227 30.57 -54.57 -22.09
N ASP O 228 29.68 -54.51 -23.09
CA ASP O 228 29.09 -53.27 -23.60
C ASP O 228 27.56 -53.39 -23.63
N HIS O 229 26.84 -52.64 -22.77
CA HIS O 229 25.42 -52.88 -22.63
C HIS O 229 24.66 -52.31 -23.79
N CYS O 230 25.33 -51.49 -24.61
CA CYS O 230 24.58 -50.81 -25.65
C CYS O 230 24.18 -51.82 -26.72
N PHE O 231 23.03 -51.55 -27.31
CA PHE O 231 22.65 -52.31 -28.47
C PHE O 231 23.39 -51.73 -29.67
N ARG O 232 24.11 -52.56 -30.42
CA ARG O 232 24.97 -52.05 -31.46
C ARG O 232 24.96 -53.04 -32.60
N ARG O 233 25.16 -52.57 -33.83
CA ARG O 233 25.27 -53.48 -34.96
C ARG O 233 26.63 -54.13 -34.90
N VAL O 234 26.70 -55.36 -35.36
CA VAL O 234 27.95 -56.10 -35.43
C VAL O 234 28.51 -55.81 -36.81
N PRO O 235 29.80 -55.40 -36.96
CA PRO O 235 30.37 -55.02 -38.25
C PRO O 235 30.51 -56.25 -39.14
N ASP O 236 30.63 -56.06 -40.46
CA ASP O 236 30.52 -57.16 -41.39
C ASP O 236 31.68 -58.16 -41.22
N GLU O 237 32.86 -57.69 -40.83
CA GLU O 237 34.04 -58.53 -40.64
C GLU O 237 33.82 -59.58 -39.55
N ASP O 238 33.28 -59.17 -38.39
CA ASP O 238 32.98 -60.09 -37.29
C ASP O 238 31.96 -61.17 -37.65
N VAL O 239 31.10 -60.93 -38.66
CA VAL O 239 30.12 -61.90 -39.16
C VAL O 239 30.75 -62.82 -40.22
N GLU O 240 31.65 -62.31 -41.07
CA GLU O 240 32.44 -63.16 -41.96
C GLU O 240 33.24 -64.21 -41.16
N GLU O 241 33.71 -63.86 -39.96
CA GLU O 241 34.53 -64.79 -39.19
C GLU O 241 33.63 -65.89 -38.57
N TRP O 242 32.33 -65.61 -38.38
CA TRP O 242 31.39 -66.64 -37.90
C TRP O 242 30.97 -67.59 -39.02
N LEU O 243 30.80 -67.05 -40.23
CA LEU O 243 30.32 -67.78 -41.40
C LEU O 243 31.41 -68.67 -41.96
N THR O 244 32.66 -68.24 -41.74
CA THR O 244 33.87 -68.97 -42.13
C THR O 244 34.04 -70.17 -41.18
N ALA O 245 33.88 -69.92 -39.87
CA ALA O 245 33.91 -70.94 -38.83
C ALA O 245 32.88 -72.05 -39.04
N LEU O 246 31.79 -71.77 -39.77
CA LEU O 246 30.67 -72.69 -39.92
C LEU O 246 30.84 -73.53 -41.20
N ALA O 247 31.32 -72.89 -42.28
CA ALA O 247 31.62 -73.62 -43.51
C ALA O 247 32.65 -74.72 -43.25
N GLU O 248 33.58 -74.45 -42.31
CA GLU O 248 34.60 -75.41 -41.90
C GLU O 248 33.95 -76.54 -41.10
N ALA O 249 33.53 -76.25 -39.86
CA ALA O 249 32.85 -77.23 -39.01
C ALA O 249 31.34 -77.12 -39.21
N SER P 61 -15.13 -45.23 -33.78
CA SER P 61 -16.41 -46.00 -33.91
C SER P 61 -17.05 -46.13 -32.52
N ALA P 62 -18.20 -45.46 -32.30
CA ALA P 62 -18.79 -45.31 -30.99
C ALA P 62 -20.17 -46.01 -30.91
N TYR P 63 -20.37 -47.06 -31.72
CA TYR P 63 -21.59 -47.83 -31.58
C TYR P 63 -21.35 -49.14 -30.83
N GLY P 64 -22.37 -49.65 -30.14
CA GLY P 64 -22.20 -50.90 -29.42
C GLY P 64 -22.01 -52.11 -30.31
N LEU P 65 -21.14 -53.04 -29.90
CA LEU P 65 -20.85 -54.26 -30.65
C LEU P 65 -21.61 -55.46 -30.06
N THR P 66 -22.07 -55.27 -28.82
CA THR P 66 -22.77 -56.27 -28.04
C THR P 66 -24.23 -55.87 -27.95
N THR P 67 -25.14 -56.73 -28.45
CA THR P 67 -26.58 -56.41 -28.57
C THR P 67 -27.51 -57.60 -28.24
N PHE P 68 -28.79 -57.30 -28.09
CA PHE P 68 -29.75 -58.35 -27.85
C PHE P 68 -30.17 -58.98 -29.19
N SER P 69 -30.31 -60.31 -29.18
CA SER P 69 -30.79 -61.09 -30.31
C SER P 69 -32.23 -61.53 -30.02
N PRO P 70 -33.05 -61.99 -30.98
CA PRO P 70 -34.49 -62.06 -30.73
C PRO P 70 -34.91 -62.80 -29.45
N SER P 71 -34.19 -63.84 -29.02
CA SER P 71 -34.58 -64.64 -27.86
C SER P 71 -34.03 -64.10 -26.53
N GLY P 72 -33.49 -62.86 -26.53
CA GLY P 72 -33.03 -62.24 -25.30
C GLY P 72 -31.53 -62.49 -25.00
N ARG P 73 -30.88 -63.40 -25.75
CA ARG P 73 -29.46 -63.66 -25.60
C ARG P 73 -28.64 -62.42 -25.99
N LEU P 74 -27.45 -62.30 -25.39
CA LEU P 74 -26.37 -61.39 -25.76
C LEU P 74 -25.19 -62.20 -26.30
N VAL P 75 -25.14 -62.52 -27.61
CA VAL P 75 -24.23 -63.57 -28.07
C VAL P 75 -22.75 -63.18 -27.92
N GLN P 76 -22.37 -61.90 -28.05
CA GLN P 76 -20.95 -61.61 -27.96
C GLN P 76 -20.43 -61.99 -26.55
N ILE P 77 -21.31 -61.87 -25.54
CA ILE P 77 -20.98 -62.29 -24.20
C ILE P 77 -20.89 -63.79 -24.10
N GLU P 78 -21.60 -64.56 -24.93
CA GLU P 78 -21.44 -66.01 -24.89
C GLU P 78 -20.22 -66.46 -25.68
N TYR P 79 -19.84 -65.76 -26.73
CA TYR P 79 -18.63 -66.16 -27.41
C TYR P 79 -17.41 -65.84 -26.56
N ALA P 80 -17.40 -64.68 -25.91
CA ALA P 80 -16.34 -64.35 -24.98
C ALA P 80 -16.23 -65.43 -23.91
N THR P 81 -17.38 -65.83 -23.34
CA THR P 81 -17.43 -66.88 -22.33
C THR P 81 -16.86 -68.15 -22.91
N THR P 82 -17.10 -68.40 -24.19
CA THR P 82 -16.59 -69.63 -24.80
C THR P 82 -15.07 -69.61 -24.78
N ALA P 83 -14.48 -68.43 -24.95
CA ALA P 83 -13.04 -68.25 -25.08
C ALA P 83 -12.40 -68.39 -23.70
N ALA P 84 -13.13 -68.00 -22.64
CA ALA P 84 -12.64 -68.16 -21.29
C ALA P 84 -12.68 -69.63 -20.86
N SER P 85 -13.33 -70.48 -21.63
CA SER P 85 -13.55 -71.84 -21.20
C SER P 85 -12.57 -72.74 -21.95
N LYS P 86 -11.96 -72.18 -22.99
CA LYS P 86 -11.01 -72.89 -23.83
C LYS P 86 -9.57 -72.68 -23.36
N GLY P 87 -9.42 -71.83 -22.34
CA GLY P 87 -8.14 -71.51 -21.76
C GLY P 87 -7.59 -72.64 -20.90
N THR P 88 -6.30 -72.60 -20.63
CA THR P 88 -5.68 -73.59 -19.76
C THR P 88 -6.33 -73.55 -18.38
N THR P 89 -6.50 -74.74 -17.84
CA THR P 89 -7.09 -74.98 -16.54
C THR P 89 -6.44 -74.17 -15.41
N ALA P 90 -7.31 -73.61 -14.58
CA ALA P 90 -6.94 -73.04 -13.31
C ALA P 90 -8.00 -73.38 -12.28
N LEU P 91 -7.61 -73.46 -11.01
CA LEU P 91 -8.54 -73.86 -9.96
C LEU P 91 -8.14 -73.19 -8.67
N GLY P 92 -9.06 -73.26 -7.71
CA GLY P 92 -8.87 -72.66 -6.40
C GLY P 92 -9.53 -73.48 -5.31
N VAL P 93 -8.99 -73.38 -4.11
CA VAL P 93 -9.49 -74.09 -2.95
C VAL P 93 -9.39 -73.26 -1.69
N LYS P 94 -10.51 -73.13 -0.99
CA LYS P 94 -10.58 -72.38 0.25
C LYS P 94 -10.60 -73.34 1.43
N ALA P 95 -9.58 -73.22 2.27
CA ALA P 95 -9.41 -73.97 3.51
C ALA P 95 -10.08 -73.22 4.66
N MET P 96 -9.82 -73.65 5.91
CA MET P 96 -10.36 -72.95 7.07
C MET P 96 -9.47 -71.78 7.50
N ASP P 97 -8.23 -71.73 7.00
CA ASP P 97 -7.28 -70.69 7.41
C ASP P 97 -6.54 -70.03 6.24
N GLY P 98 -6.74 -70.50 5.00
CA GLY P 98 -6.11 -69.90 3.83
C GLY P 98 -6.84 -70.20 2.53
N VAL P 99 -6.28 -69.74 1.41
CA VAL P 99 -6.82 -70.09 0.11
C VAL P 99 -5.65 -70.45 -0.77
N VAL P 100 -5.88 -71.35 -1.71
CA VAL P 100 -4.82 -71.66 -2.66
C VAL P 100 -5.39 -71.65 -4.06
N ILE P 101 -4.68 -70.97 -4.98
CA ILE P 101 -5.01 -71.00 -6.40
C ILE P 101 -3.82 -71.52 -7.18
N ALA P 102 -4.13 -72.17 -8.29
CA ALA P 102 -3.11 -72.81 -9.08
C ALA P 102 -3.48 -72.91 -10.57
N ALA P 103 -2.45 -72.99 -11.41
CA ALA P 103 -2.66 -72.93 -12.84
C ALA P 103 -1.60 -73.66 -13.62
N GLU P 104 -1.97 -74.29 -14.72
CA GLU P 104 -0.99 -74.80 -15.67
C GLU P 104 -0.30 -73.63 -16.40
N LYS P 105 1.03 -73.66 -16.51
CA LYS P 105 1.74 -72.80 -17.46
C LYS P 105 2.60 -73.65 -18.36
N LYS P 106 2.02 -74.25 -19.38
CA LYS P 106 2.85 -74.92 -20.37
C LYS P 106 3.20 -73.91 -21.45
N THR P 107 4.48 -73.93 -21.85
CA THR P 107 4.98 -73.29 -23.05
C THR P 107 4.82 -74.18 -24.30
N THR P 108 4.82 -73.53 -25.46
CA THR P 108 4.65 -74.22 -26.73
C THR P 108 5.94 -74.94 -27.13
N SER P 109 7.10 -74.32 -26.83
CA SER P 109 8.39 -74.94 -27.09
C SER P 109 9.32 -74.76 -25.88
N PRO P 110 10.37 -75.61 -25.77
CA PRO P 110 11.46 -75.39 -24.83
C PRO P 110 12.42 -74.24 -25.12
N LEU P 111 12.26 -73.60 -26.28
CA LEU P 111 12.91 -72.34 -26.60
C LEU P 111 12.37 -71.15 -25.79
N ALA P 112 11.08 -71.18 -25.45
CA ALA P 112 10.52 -70.24 -24.51
C ALA P 112 11.15 -70.41 -23.14
N ALA P 113 11.19 -69.29 -22.42
CA ALA P 113 11.65 -69.24 -21.04
C ALA P 113 10.44 -69.40 -20.12
N SER P 114 10.47 -70.47 -19.34
CA SER P 114 9.36 -70.88 -18.53
C SER P 114 9.16 -69.91 -17.37
N LEU P 115 10.26 -69.46 -16.78
CA LEU P 115 10.25 -68.73 -15.54
C LEU P 115 9.54 -67.39 -15.67
N THR P 116 9.44 -66.84 -16.89
CA THR P 116 8.86 -65.52 -17.05
C THR P 116 7.35 -65.59 -17.30
N VAL P 117 6.80 -66.76 -17.65
CA VAL P 117 5.36 -66.88 -17.85
C VAL P 117 4.64 -66.75 -16.50
N GLN P 118 3.77 -65.75 -16.34
CA GLN P 118 3.01 -65.63 -15.11
C GLN P 118 1.57 -66.02 -15.40
N LYS P 119 0.99 -66.76 -14.47
CA LYS P 119 -0.42 -67.14 -14.49
C LYS P 119 -1.11 -66.73 -13.21
N VAL P 120 -0.36 -66.67 -12.13
CA VAL P 120 -0.89 -66.15 -10.90
C VAL P 120 -0.29 -64.77 -10.71
N PHE P 121 -1.05 -63.82 -10.13
CA PHE P 121 -0.62 -62.44 -9.98
C PHE P 121 -0.92 -61.89 -8.59
N VAL P 122 0.00 -61.15 -8.04
CA VAL P 122 -0.26 -60.40 -6.84
C VAL P 122 -0.99 -59.15 -7.25
N LEU P 123 -2.09 -58.84 -6.54
CA LEU P 123 -2.81 -57.60 -6.77
C LEU P 123 -2.52 -56.56 -5.68
N ASP P 124 -2.32 -57.02 -4.45
CA ASP P 124 -1.88 -56.22 -3.35
C ASP P 124 -1.36 -57.19 -2.32
N ASP P 125 -0.83 -56.72 -1.21
CA ASP P 125 -0.23 -57.63 -0.24
C ASP P 125 -1.19 -58.74 0.22
N HIS P 126 -2.53 -58.49 0.20
CA HIS P 126 -3.48 -59.41 0.80
C HIS P 126 -4.33 -60.18 -0.20
N VAL P 127 -4.04 -60.06 -1.52
CA VAL P 127 -4.94 -60.60 -2.53
C VAL P 127 -4.26 -60.87 -3.89
N GLY P 128 -4.65 -61.96 -4.53
CA GLY P 128 -4.09 -62.34 -5.79
C GLY P 128 -5.10 -62.97 -6.76
N CYS P 129 -4.67 -63.32 -7.95
CA CYS P 129 -5.65 -63.87 -8.90
C CYS P 129 -5.04 -64.74 -9.94
N THR P 130 -5.88 -65.44 -10.65
CA THR P 130 -5.41 -66.15 -11.82
C THR P 130 -6.58 -66.17 -12.77
N TYR P 131 -6.34 -66.62 -13.97
CA TYR P 131 -7.30 -66.43 -15.03
C TYR P 131 -7.20 -67.63 -15.94
N SER P 132 -8.21 -67.68 -16.79
CA SER P 132 -8.14 -68.49 -17.99
C SER P 132 -8.76 -67.72 -19.14
N GLY P 133 -8.27 -68.04 -20.33
CA GLY P 133 -8.79 -67.49 -21.56
C GLY P 133 -7.71 -66.65 -22.21
N ILE P 134 -7.98 -65.38 -22.50
CA ILE P 134 -7.06 -64.56 -23.26
C ILE P 134 -6.13 -63.77 -22.34
N GLY P 135 -4.87 -64.20 -22.32
CA GLY P 135 -3.88 -63.61 -21.45
C GLY P 135 -3.89 -62.07 -21.47
N PRO P 136 -3.71 -61.50 -22.68
CA PRO P 136 -3.58 -60.06 -22.83
C PRO P 136 -4.77 -59.31 -22.25
N ASP P 137 -5.99 -59.86 -22.40
CA ASP P 137 -7.16 -59.25 -21.74
C ASP P 137 -7.06 -59.27 -20.24
N CYS P 138 -6.53 -60.37 -19.69
CA CYS P 138 -6.27 -60.44 -18.25
C CYS P 138 -5.34 -59.34 -17.72
N ARG P 139 -4.28 -58.96 -18.49
CA ARG P 139 -3.43 -57.87 -18.03
C ARG P 139 -4.20 -56.56 -17.80
N VAL P 140 -5.13 -56.20 -18.67
CA VAL P 140 -5.93 -55.01 -18.45
C VAL P 140 -6.61 -55.07 -17.07
N LEU P 141 -7.17 -56.22 -16.68
CA LEU P 141 -7.93 -56.29 -15.44
C LEU P 141 -7.01 -56.28 -14.22
N VAL P 142 -5.89 -57.01 -14.34
CA VAL P 142 -4.88 -56.99 -13.31
C VAL P 142 -4.39 -55.57 -13.06
N ASP P 143 -4.07 -54.83 -14.14
CA ASP P 143 -3.70 -53.42 -13.96
C ASP P 143 -4.78 -52.61 -13.28
N ALA P 144 -6.05 -52.73 -13.69
CA ALA P 144 -7.12 -51.97 -13.06
C ALA P 144 -7.29 -52.36 -11.60
N ALA P 145 -7.21 -53.64 -11.32
CA ALA P 145 -7.39 -54.13 -9.97
C ALA P 145 -6.33 -53.61 -8.99
N ARG P 146 -5.06 -53.69 -9.46
CA ARG P 146 -3.91 -53.21 -8.73
C ARG P 146 -4.06 -51.73 -8.43
N LYS P 147 -4.47 -50.92 -9.40
CA LYS P 147 -4.73 -49.53 -9.09
C LYS P 147 -5.85 -49.33 -8.09
N ALA P 148 -6.94 -50.09 -8.17
CA ALA P 148 -8.05 -49.80 -7.29
C ALA P 148 -7.66 -50.06 -5.87
N CYS P 149 -6.87 -51.11 -5.64
CA CYS P 149 -6.37 -51.40 -4.30
C CYS P 149 -5.53 -50.27 -3.73
N GLN P 150 -4.60 -49.70 -4.52
CA GLN P 150 -3.79 -48.61 -3.97
C GLN P 150 -4.68 -47.41 -3.67
N LYS P 151 -5.60 -47.12 -4.58
CA LYS P 151 -6.56 -46.06 -4.37
C LYS P 151 -7.35 -46.22 -3.07
N TYR P 152 -7.71 -47.44 -2.71
CA TYR P 152 -8.49 -47.64 -1.51
C TYR P 152 -7.64 -47.35 -0.27
N ARG P 153 -6.37 -47.80 -0.33
CA ARG P 153 -5.39 -47.52 0.70
C ARG P 153 -5.25 -46.03 0.91
N LEU P 154 -5.05 -45.26 -0.16
CA LEU P 154 -4.82 -43.83 0.00
C LEU P 154 -5.99 -43.20 0.72
N THR P 155 -7.19 -43.66 0.39
CA THR P 155 -8.38 -43.11 0.99
C THR P 155 -8.56 -43.63 2.39
N TYR P 156 -8.51 -44.92 2.70
CA TYR P 156 -8.99 -45.38 4.01
C TYR P 156 -7.86 -45.91 4.91
N HIS P 157 -6.62 -45.97 4.38
CA HIS P 157 -5.42 -46.41 5.09
C HIS P 157 -5.65 -47.82 5.61
N GLU P 158 -6.25 -48.65 4.76
CA GLU P 158 -6.35 -50.06 5.07
C GLU P 158 -6.57 -50.79 3.76
N PRO P 159 -6.36 -52.11 3.77
CA PRO P 159 -6.46 -52.95 2.59
C PRO P 159 -7.89 -53.08 2.07
N MET P 160 -8.08 -52.96 0.75
CA MET P 160 -9.39 -53.01 0.17
C MET P 160 -9.96 -54.39 0.42
N PRO P 161 -11.14 -54.57 1.03
CA PRO P 161 -11.73 -55.89 1.17
C PRO P 161 -11.96 -56.60 -0.16
N VAL P 162 -11.71 -57.92 -0.19
CA VAL P 162 -11.84 -58.67 -1.43
C VAL P 162 -13.20 -58.55 -2.12
N SER P 163 -14.29 -58.38 -1.35
CA SER P 163 -15.63 -58.28 -1.90
C SER P 163 -15.80 -57.04 -2.78
N GLN P 164 -15.34 -55.88 -2.26
CA GLN P 164 -15.23 -54.62 -2.99
C GLN P 164 -14.33 -54.70 -4.21
N LEU P 165 -13.25 -55.47 -4.16
CA LEU P 165 -12.35 -55.40 -5.27
C LEU P 165 -13.03 -56.16 -6.44
N VAL P 166 -13.66 -57.26 -6.08
CA VAL P 166 -14.37 -58.08 -7.04
C VAL P 166 -15.59 -57.36 -7.65
N ARG P 167 -16.26 -56.49 -6.93
CA ARG P 167 -17.33 -55.68 -7.53
C ARG P 167 -16.76 -54.62 -8.48
N HIS P 168 -15.53 -54.14 -8.21
CA HIS P 168 -14.84 -53.25 -9.14
C HIS P 168 -14.42 -53.97 -10.41
N ILE P 169 -13.91 -55.19 -10.32
CA ILE P 169 -13.56 -55.91 -11.53
C ILE P 169 -14.78 -56.16 -12.43
N SER P 170 -15.85 -56.63 -11.80
CA SER P 170 -17.16 -56.87 -12.38
C SER P 170 -17.68 -55.69 -13.19
N SER P 171 -17.65 -54.52 -12.57
CA SER P 171 -18.21 -53.37 -13.23
C SER P 171 -17.33 -52.89 -14.37
N LEU P 172 -16.06 -53.30 -14.35
CA LEU P 172 -15.21 -53.03 -15.47
C LEU P 172 -15.57 -54.00 -16.56
N TYR P 173 -15.78 -55.26 -16.24
CA TYR P 173 -16.18 -56.21 -17.27
C TYR P 173 -17.49 -55.72 -17.91
N GLN P 174 -18.40 -55.17 -17.08
CA GLN P 174 -19.76 -54.90 -17.49
C GLN P 174 -19.77 -53.69 -18.43
N GLU P 175 -18.88 -52.72 -18.15
CA GLU P 175 -18.63 -51.61 -19.05
C GLU P 175 -18.38 -52.16 -20.43
N PHE P 176 -17.45 -53.11 -20.58
CA PHE P 176 -17.08 -53.57 -21.92
C PHE P 176 -18.15 -54.43 -22.59
N THR P 177 -19.39 -54.51 -22.05
CA THR P 177 -20.49 -55.23 -22.70
C THR P 177 -21.62 -54.28 -23.12
N GLN P 178 -21.43 -52.97 -22.91
CA GLN P 178 -22.45 -51.97 -23.19
C GLN P 178 -21.89 -50.76 -23.95
N SER P 179 -20.75 -50.24 -23.51
CA SER P 179 -19.90 -49.27 -24.23
C SER P 179 -19.82 -49.49 -25.74
N GLY P 180 -19.67 -48.35 -26.45
CA GLY P 180 -19.58 -48.33 -27.90
C GLY P 180 -18.15 -48.59 -28.44
N GLY P 181 -18.10 -49.43 -29.49
CA GLY P 181 -16.86 -49.79 -30.16
C GLY P 181 -15.93 -50.76 -29.40
N VAL P 182 -16.45 -51.55 -28.44
CA VAL P 182 -15.58 -52.48 -27.72
C VAL P 182 -16.14 -53.88 -27.72
N ARG P 183 -15.27 -54.88 -27.75
CA ARG P 183 -15.68 -56.21 -27.42
C ARG P 183 -15.49 -56.53 -25.95
N PRO P 184 -16.21 -57.54 -25.44
CA PRO P 184 -15.96 -58.07 -24.09
C PRO P 184 -14.59 -58.73 -23.87
N PHE P 185 -14.15 -58.66 -22.60
CA PHE P 185 -12.97 -59.36 -22.11
C PHE P 185 -13.11 -60.84 -22.27
N GLY P 186 -12.16 -61.51 -22.84
CA GLY P 186 -12.41 -62.92 -23.05
C GLY P 186 -11.71 -63.82 -22.04
N CYS P 187 -11.88 -63.50 -20.76
CA CYS P 187 -11.18 -64.24 -19.72
C CYS P 187 -12.05 -64.27 -18.45
N SER P 188 -11.95 -65.35 -17.67
CA SER P 188 -12.53 -65.34 -16.35
C SER P 188 -11.42 -65.39 -15.31
N LEU P 189 -11.66 -64.75 -14.17
CA LEU P 189 -10.73 -64.66 -13.07
C LEU P 189 -11.14 -65.51 -11.89
N LEU P 190 -10.16 -66.11 -11.23
CA LEU P 190 -10.31 -66.47 -9.82
C LEU P 190 -9.60 -65.45 -8.95
N VAL P 191 -10.26 -64.94 -7.94
CA VAL P 191 -9.64 -63.98 -7.07
C VAL P 191 -9.61 -64.59 -5.66
N ALA P 192 -8.46 -64.48 -4.96
CA ALA P 192 -8.24 -65.09 -3.64
C ALA P 192 -7.61 -64.12 -2.66
N GLY P 193 -8.23 -63.88 -1.50
CA GLY P 193 -7.67 -62.87 -0.60
C GLY P 193 -8.09 -63.05 0.83
N ALA P 194 -7.67 -62.15 1.70
CA ALA P 194 -8.04 -62.17 3.10
C ALA P 194 -8.17 -60.74 3.59
N ASP P 195 -9.20 -60.53 4.40
CA ASP P 195 -9.61 -59.22 4.90
C ASP P 195 -10.14 -59.43 6.32
N SER P 196 -10.74 -58.40 6.93
CA SER P 196 -11.33 -58.53 8.26
C SER P 196 -12.50 -59.54 8.32
N GLN P 197 -13.07 -59.95 7.20
CA GLN P 197 -14.13 -60.95 7.25
C GLN P 197 -13.62 -62.37 6.95
N GLY P 198 -12.29 -62.52 6.80
CA GLY P 198 -11.69 -63.83 6.59
C GLY P 198 -11.09 -64.04 5.20
N ASN P 199 -11.28 -65.24 4.66
CA ASN P 199 -10.62 -65.72 3.45
C ASN P 199 -11.64 -65.97 2.37
N HIS P 200 -11.33 -65.61 1.13
CA HIS P 200 -12.37 -65.61 0.12
C HIS P 200 -11.81 -66.15 -1.16
N LEU P 201 -12.68 -66.77 -1.95
CA LEU P 201 -12.40 -67.19 -3.29
C LEU P 201 -13.62 -66.84 -4.15
N TYR P 202 -13.37 -66.05 -5.19
CA TYR P 202 -14.41 -65.56 -6.05
C TYR P 202 -14.04 -65.92 -7.46
N GLN P 203 -15.03 -66.05 -8.32
CA GLN P 203 -14.85 -66.22 -9.74
C GLN P 203 -15.65 -65.13 -10.44
N VAL P 204 -15.09 -64.57 -11.50
CA VAL P 204 -15.74 -63.53 -12.26
C VAL P 204 -15.65 -63.96 -13.69
N ASP P 205 -16.73 -63.76 -14.42
CA ASP P 205 -16.86 -64.21 -15.78
C ASP P 205 -17.00 -63.04 -16.71
N PRO P 206 -16.74 -63.21 -18.03
CA PRO P 206 -16.97 -62.14 -19.00
C PRO P 206 -18.26 -61.33 -18.98
N SER P 207 -19.33 -61.91 -18.46
CA SER P 207 -20.57 -61.17 -18.26
C SER P 207 -20.46 -60.11 -17.18
N GLY P 208 -19.46 -60.25 -16.30
CA GLY P 208 -19.39 -59.44 -15.10
C GLY P 208 -20.11 -60.11 -13.93
N THR P 209 -20.46 -61.38 -14.05
CA THR P 209 -21.07 -62.04 -12.91
C THR P 209 -19.97 -62.68 -12.05
N PHE P 210 -20.09 -62.50 -10.73
CA PHE P 210 -19.21 -63.14 -9.78
C PHE P 210 -19.97 -63.97 -8.75
N TRP P 211 -19.32 -65.04 -8.27
CA TRP P 211 -19.78 -65.97 -7.24
C TRP P 211 -18.64 -66.24 -6.27
N ALA P 212 -18.97 -66.36 -4.99
CA ALA P 212 -18.03 -66.85 -4.01
C ALA P 212 -18.03 -68.36 -4.04
N TRP P 213 -16.86 -68.99 -3.89
CA TRP P 213 -16.81 -70.44 -3.93
C TRP P 213 -15.98 -70.97 -2.78
N LYS P 214 -16.21 -72.24 -2.43
CA LYS P 214 -15.33 -72.96 -1.50
C LYS P 214 -14.25 -73.60 -2.32
N ALA P 215 -14.61 -74.03 -3.53
CA ALA P 215 -13.60 -74.60 -4.41
C ALA P 215 -14.10 -74.63 -5.85
N THR P 216 -13.27 -74.26 -6.83
CA THR P 216 -13.72 -74.30 -8.19
C THR P 216 -12.56 -74.30 -9.18
N SER P 217 -12.96 -74.37 -10.45
CA SER P 217 -12.04 -74.44 -11.57
C SER P 217 -12.66 -73.83 -12.82
N ILE P 218 -11.78 -73.24 -13.62
CA ILE P 218 -12.15 -72.62 -14.86
C ILE P 218 -11.20 -73.11 -15.93
N GLY P 219 -11.57 -72.98 -17.21
CA GLY P 219 -10.76 -73.51 -18.30
C GLY P 219 -11.17 -74.92 -18.76
N LYS P 220 -10.37 -75.52 -19.66
CA LYS P 220 -10.78 -76.65 -20.49
C LYS P 220 -11.08 -77.88 -19.65
N GLY P 221 -10.23 -78.19 -18.64
CA GLY P 221 -10.49 -79.34 -17.80
C GLY P 221 -11.27 -79.01 -16.53
N SER P 222 -12.42 -78.35 -16.64
CA SER P 222 -13.01 -77.78 -15.45
C SER P 222 -14.22 -78.57 -14.97
N THR P 223 -15.02 -79.21 -15.84
CA THR P 223 -16.10 -80.08 -15.38
C THR P 223 -15.54 -81.25 -14.56
N ASP P 224 -14.36 -81.74 -14.95
CA ASP P 224 -13.76 -82.90 -14.30
C ASP P 224 -13.06 -82.44 -13.02
N ALA P 225 -12.26 -81.39 -13.13
CA ALA P 225 -11.66 -80.79 -11.96
C ALA P 225 -12.70 -80.53 -10.89
N LYS P 226 -13.91 -80.04 -11.24
CA LYS P 226 -14.94 -79.65 -10.26
C LYS P 226 -15.61 -80.88 -9.64
N THR P 227 -15.90 -81.87 -10.48
CA THR P 227 -16.31 -83.19 -10.04
C THR P 227 -15.35 -83.74 -8.98
N PHE P 228 -14.05 -83.76 -9.31
CA PHE P 228 -13.02 -84.29 -8.44
C PHE P 228 -12.93 -83.49 -7.11
N LEU P 229 -13.27 -82.21 -7.11
CA LEU P 229 -13.17 -81.41 -5.90
C LEU P 229 -14.42 -81.57 -5.05
N GLU P 230 -15.59 -81.82 -5.66
CA GLU P 230 -16.81 -82.14 -4.93
C GLU P 230 -16.51 -83.22 -3.89
N LYS P 231 -15.84 -84.30 -4.36
CA LYS P 231 -15.57 -85.49 -3.57
C LYS P 231 -14.52 -85.26 -2.48
N ARG P 232 -13.44 -84.56 -2.79
CA ARG P 232 -12.31 -84.51 -1.87
C ARG P 232 -12.35 -83.28 -0.95
N TYR P 233 -13.34 -82.38 -1.11
CA TYR P 233 -13.32 -81.12 -0.37
C TYR P 233 -14.06 -81.31 0.95
N THR P 234 -13.45 -80.84 2.06
CA THR P 234 -14.12 -80.84 3.37
C THR P 234 -14.01 -79.45 4.01
N ASN P 235 -14.95 -79.13 4.92
CA ASN P 235 -15.00 -77.81 5.54
C ASN P 235 -13.89 -77.63 6.58
N GLU P 236 -13.08 -78.67 6.81
CA GLU P 236 -12.10 -78.68 7.89
C GLU P 236 -10.75 -79.09 7.31
N MET P 237 -10.49 -78.68 6.06
CA MET P 237 -9.18 -78.81 5.47
C MET P 237 -8.25 -77.76 6.07
N GLU P 238 -7.03 -78.18 6.38
CA GLU P 238 -5.96 -77.24 6.71
C GLU P 238 -5.34 -76.74 5.41
N ILE P 239 -4.60 -75.64 5.50
CA ILE P 239 -4.04 -74.98 4.33
C ILE P 239 -3.02 -75.86 3.61
N GLU P 240 -2.31 -76.74 4.33
CA GLU P 240 -1.27 -77.55 3.71
C GLU P 240 -1.92 -78.69 2.92
N ASP P 241 -3.13 -79.08 3.33
CA ASP P 241 -3.81 -80.22 2.71
C ASP P 241 -4.74 -79.71 1.60
N ALA P 242 -5.01 -78.40 1.62
CA ALA P 242 -5.64 -77.71 0.51
C ALA P 242 -4.64 -77.52 -0.62
N VAL P 243 -3.38 -77.17 -0.31
CA VAL P 243 -2.34 -77.13 -1.35
C VAL P 243 -2.20 -78.50 -1.99
N HIS P 244 -2.28 -79.55 -1.16
CA HIS P 244 -2.10 -80.92 -1.63
C HIS P 244 -3.23 -81.25 -2.60
N THR P 245 -4.45 -80.91 -2.19
CA THR P 245 -5.64 -81.20 -2.99
C THR P 245 -5.64 -80.43 -4.32
N ALA P 246 -5.31 -79.12 -4.24
CA ALA P 246 -5.07 -78.29 -5.41
C ALA P 246 -4.17 -79.02 -6.40
N LEU P 247 -2.99 -79.45 -5.95
CA LEU P 247 -1.98 -80.02 -6.84
C LEU P 247 -2.45 -81.34 -7.42
N LEU P 248 -3.10 -82.12 -6.55
CA LEU P 248 -3.60 -83.44 -6.90
C LEU P 248 -4.68 -83.34 -7.97
N THR P 249 -5.46 -82.24 -7.95
CA THR P 249 -6.52 -82.01 -8.92
C THR P 249 -5.99 -81.58 -10.28
N LEU P 250 -4.99 -80.67 -10.26
CA LEU P 250 -4.23 -80.31 -11.46
C LEU P 250 -3.64 -81.55 -12.11
N LYS P 251 -3.10 -82.49 -11.31
CA LYS P 251 -2.37 -83.65 -11.82
C LYS P 251 -3.24 -84.53 -12.71
N GLU P 252 -4.53 -84.68 -12.34
CA GLU P 252 -5.43 -85.56 -13.05
C GLU P 252 -5.69 -85.13 -14.50
N GLY P 253 -5.96 -83.84 -14.73
CA GLY P 253 -6.35 -83.38 -16.06
C GLY P 253 -5.17 -83.02 -16.95
N PHE P 254 -3.96 -83.02 -16.36
CA PHE P 254 -2.75 -82.45 -16.94
C PHE P 254 -2.18 -83.37 -18.02
N ASP P 255 -1.95 -82.84 -19.22
CA ASP P 255 -1.24 -83.58 -20.25
C ASP P 255 0.27 -83.48 -20.00
N GLY P 256 0.93 -84.64 -19.97
CA GLY P 256 2.37 -84.72 -19.73
C GLY P 256 2.68 -84.70 -18.24
N THR P 257 3.98 -84.73 -17.94
CA THR P 257 4.46 -84.67 -16.57
C THR P 257 4.39 -83.24 -16.04
N MET P 258 3.94 -83.13 -14.78
CA MET P 258 3.73 -81.87 -14.11
C MET P 258 4.92 -81.56 -13.18
N THR P 259 5.51 -80.39 -13.41
CA THR P 259 6.79 -80.04 -12.82
C THR P 259 6.57 -78.77 -11.99
N ALA P 260 7.63 -78.27 -11.31
CA ALA P 260 7.60 -76.97 -10.64
C ALA P 260 7.77 -75.81 -11.63
N GLU P 261 8.06 -76.14 -12.89
CA GLU P 261 8.33 -75.14 -13.93
C GLU P 261 7.16 -75.01 -14.93
N ASN P 262 6.09 -75.81 -14.82
CA ASN P 262 4.95 -75.62 -15.72
C ASN P 262 3.63 -75.57 -14.94
N THR P 263 3.76 -75.15 -13.67
CA THR P 263 2.63 -75.04 -12.77
C THR P 263 2.93 -73.82 -11.92
N GLN P 264 1.93 -73.06 -11.55
CA GLN P 264 2.25 -71.97 -10.63
C GLN P 264 1.15 -71.95 -9.58
N VAL P 265 1.53 -71.50 -8.40
CA VAL P 265 0.70 -71.67 -7.23
C VAL P 265 0.86 -70.43 -6.39
N GLY P 266 -0.29 -69.98 -5.87
CA GLY P 266 -0.34 -68.96 -4.87
C GLY P 266 -1.16 -69.45 -3.70
N ARG P 267 -1.07 -68.72 -2.61
CA ARG P 267 -1.48 -69.13 -1.29
C ARG P 267 -1.75 -67.86 -0.52
N VAL P 268 -2.95 -67.73 0.04
CA VAL P 268 -3.24 -66.77 1.09
C VAL P 268 -3.09 -67.52 2.41
N SER P 269 -2.46 -66.90 3.41
CA SER P 269 -2.36 -67.42 4.76
C SER P 269 -1.65 -66.39 5.64
N GLU P 270 -2.17 -66.21 6.86
CA GLU P 270 -1.74 -65.19 7.81
C GLU P 270 -2.04 -63.80 7.24
N GLY P 271 -3.13 -63.69 6.47
CA GLY P 271 -3.58 -62.43 5.91
C GLY P 271 -2.70 -61.90 4.78
N LYS P 272 -1.88 -62.76 4.14
CA LYS P 272 -0.88 -62.33 3.16
C LYS P 272 -0.90 -63.22 1.92
N PHE P 273 -0.94 -62.65 0.71
CA PHE P 273 -0.90 -63.49 -0.48
C PHE P 273 0.53 -63.55 -0.97
N GLU P 274 0.93 -64.73 -1.48
CA GLU P 274 2.29 -64.95 -1.93
C GLU P 274 2.30 -66.06 -2.96
N LEU P 275 3.03 -65.81 -4.03
CA LEU P 275 3.38 -66.83 -4.98
C LEU P 275 4.39 -67.75 -4.33
N PHE P 276 4.27 -69.05 -4.61
CA PHE P 276 5.37 -69.97 -4.37
C PHE P 276 6.45 -69.76 -5.43
N THR P 277 7.71 -69.67 -4.96
CA THR P 277 8.91 -69.82 -5.76
C THR P 277 8.94 -71.23 -6.36
N VAL P 278 9.79 -71.45 -7.36
CA VAL P 278 9.89 -72.75 -7.98
C VAL P 278 10.33 -73.78 -6.93
N ASP P 279 11.25 -73.38 -6.03
CA ASP P 279 11.86 -74.27 -5.06
C ASP P 279 10.86 -74.69 -3.97
N GLN P 280 10.07 -73.74 -3.43
CA GLN P 280 9.00 -74.04 -2.49
C GLN P 280 8.05 -75.08 -3.07
N LEU P 281 7.76 -74.93 -4.37
CA LEU P 281 6.76 -75.74 -5.05
C LEU P 281 7.32 -77.11 -5.42
N LYS P 282 8.63 -77.23 -5.64
CA LYS P 282 9.25 -78.54 -5.79
C LYS P 282 9.11 -79.36 -4.51
N ASP P 283 9.16 -78.70 -3.34
CA ASP P 283 8.98 -79.38 -2.05
C ASP P 283 7.62 -80.08 -2.00
N TYR P 284 6.54 -79.33 -2.24
CA TYR P 284 5.19 -79.88 -2.20
C TYR P 284 4.91 -80.91 -3.30
N LEU P 285 5.74 -81.02 -4.35
CA LEU P 285 5.45 -81.90 -5.49
C LEU P 285 6.10 -83.28 -5.34
N ASP P 286 7.17 -83.36 -4.54
CA ASP P 286 7.84 -84.63 -4.31
C ASP P 286 7.09 -85.41 -3.23
N GLN P 287 6.23 -84.72 -2.46
CA GLN P 287 5.42 -85.31 -1.39
C GLN P 287 4.16 -85.99 -1.94
N ILE P 288 3.60 -85.44 -3.03
CA ILE P 288 2.41 -86.03 -3.65
C ILE P 288 2.87 -87.13 -4.62
N SER Q 2 -16.84 -48.56 -41.17
CA SER Q 2 -17.30 -49.07 -39.85
C SER Q 2 -18.81 -48.80 -39.66
N SER Q 3 -19.36 -47.72 -40.27
CA SER Q 3 -20.79 -47.42 -40.13
C SER Q 3 -21.70 -48.50 -40.74
N ARG Q 4 -21.19 -49.33 -41.66
CA ARG Q 4 -21.95 -50.45 -42.21
C ARG Q 4 -22.11 -51.61 -41.22
N TYR Q 5 -21.31 -51.64 -40.13
CA TYR Q 5 -21.36 -52.68 -39.12
C TYR Q 5 -22.12 -52.20 -37.87
N ASP Q 6 -22.69 -50.97 -37.95
CA ASP Q 6 -23.54 -50.38 -36.91
C ASP Q 6 -24.84 -51.16 -36.92
N SER Q 7 -25.34 -51.48 -35.72
CA SER Q 7 -26.52 -52.28 -35.45
C SER Q 7 -27.80 -51.44 -35.38
N ARG Q 8 -27.63 -50.18 -34.94
CA ARG Q 8 -28.63 -49.14 -35.05
C ARG Q 8 -29.66 -49.35 -33.93
N THR Q 9 -29.12 -49.36 -32.70
CA THR Q 9 -29.83 -49.81 -31.50
C THR Q 9 -30.97 -48.85 -31.17
N THR Q 10 -30.83 -47.58 -31.56
CA THR Q 10 -31.76 -46.53 -31.16
C THR Q 10 -32.70 -46.11 -32.29
N THR Q 11 -32.74 -46.86 -33.40
CA THR Q 11 -33.47 -46.55 -34.63
C THR Q 11 -34.80 -47.30 -34.63
N PHE Q 12 -35.97 -46.58 -34.66
CA PHE Q 12 -37.28 -47.19 -34.92
C PHE Q 12 -37.20 -48.11 -36.13
N SER Q 13 -38.08 -49.11 -36.12
CA SER Q 13 -38.23 -50.07 -37.18
C SER Q 13 -39.66 -49.97 -37.74
N PRO Q 14 -39.94 -50.54 -38.93
CA PRO Q 14 -41.18 -50.27 -39.67
C PRO Q 14 -42.49 -50.69 -39.03
N GLU Q 15 -42.77 -50.19 -37.82
CA GLU Q 15 -44.06 -50.42 -37.19
C GLU Q 15 -44.12 -49.67 -35.85
N GLY Q 16 -43.11 -48.83 -35.59
CA GLY Q 16 -43.06 -48.05 -34.36
C GLY Q 16 -42.61 -48.88 -33.16
N ARG Q 17 -41.58 -49.71 -33.41
CA ARG Q 17 -41.16 -50.74 -32.50
C ARG Q 17 -39.65 -50.67 -32.37
N LEU Q 18 -39.19 -50.74 -31.12
CA LEU Q 18 -37.78 -50.67 -30.78
C LEU Q 18 -37.31 -52.09 -30.45
N TYR Q 19 -36.75 -52.78 -31.44
CA TYR Q 19 -36.56 -54.21 -31.33
C TYR Q 19 -35.70 -54.51 -30.10
N GLN Q 20 -34.60 -53.76 -29.93
CA GLN Q 20 -33.73 -54.02 -28.79
C GLN Q 20 -34.45 -53.87 -27.44
N VAL Q 21 -35.46 -52.99 -27.33
CA VAL Q 21 -36.29 -52.89 -26.12
C VAL Q 21 -37.12 -54.16 -25.90
N GLU Q 22 -37.56 -54.75 -27.01
CA GLU Q 22 -38.40 -55.93 -27.01
C GLU Q 22 -37.63 -57.19 -26.67
N TYR Q 23 -36.47 -57.39 -27.32
CA TYR Q 23 -35.60 -58.53 -27.08
C TYR Q 23 -35.06 -58.50 -25.64
N ALA Q 24 -34.77 -57.31 -25.12
CA ALA Q 24 -34.31 -57.19 -23.75
C ALA Q 24 -35.42 -57.56 -22.76
N GLU Q 25 -36.70 -57.40 -23.15
CA GLU Q 25 -37.80 -57.82 -22.29
C GLU Q 25 -37.93 -59.35 -22.32
N GLU Q 26 -37.60 -59.98 -23.46
CA GLU Q 26 -37.63 -61.44 -23.52
C GLU Q 26 -36.63 -62.00 -22.50
N ALA Q 27 -35.42 -61.45 -22.48
CA ALA Q 27 -34.37 -61.81 -21.53
C ALA Q 27 -34.86 -61.83 -20.07
N ILE Q 28 -35.76 -60.92 -19.70
CA ILE Q 28 -36.30 -60.88 -18.35
C ILE Q 28 -37.27 -62.03 -18.09
N SER Q 29 -38.02 -62.42 -19.12
CA SER Q 29 -38.95 -63.52 -18.98
C SER Q 29 -38.22 -64.85 -18.74
N GLN Q 30 -36.96 -64.99 -19.20
CA GLN Q 30 -36.13 -66.17 -18.99
C GLN Q 30 -35.53 -66.28 -17.58
N ALA Q 31 -35.60 -65.18 -16.81
CA ALA Q 31 -34.85 -65.02 -15.57
C ALA Q 31 -35.61 -65.63 -14.39
N GLY Q 32 -34.93 -65.80 -13.25
CA GLY Q 32 -35.59 -66.37 -12.08
C GLY Q 32 -36.84 -65.59 -11.69
N THR Q 33 -37.86 -66.31 -11.22
CA THR Q 33 -39.11 -65.72 -10.76
C THR Q 33 -38.88 -64.79 -9.56
N VAL Q 34 -39.60 -63.69 -9.57
CA VAL Q 34 -39.53 -62.71 -8.51
C VAL Q 34 -40.96 -62.29 -8.23
N ILE Q 35 -41.36 -62.27 -6.96
CA ILE Q 35 -42.72 -61.85 -6.68
C ILE Q 35 -42.75 -60.72 -5.67
N GLY Q 36 -43.66 -59.79 -5.86
CA GLY Q 36 -43.94 -58.75 -4.89
C GLY Q 36 -45.39 -58.81 -4.44
N ILE Q 37 -45.60 -58.66 -3.11
CA ILE Q 37 -46.94 -58.50 -2.56
C ILE Q 37 -47.08 -57.32 -1.58
N LEU Q 38 -48.09 -56.49 -1.79
CA LEU Q 38 -48.43 -55.41 -0.89
C LEU Q 38 -49.36 -55.92 0.23
N THR Q 39 -49.01 -55.67 1.49
CA THR Q 39 -49.89 -56.03 2.58
C THR Q 39 -50.16 -54.78 3.41
N THR Q 40 -50.89 -54.95 4.52
CA THR Q 40 -51.27 -53.82 5.35
C THR Q 40 -50.11 -53.44 6.26
N GLY Q 41 -49.25 -54.42 6.52
CA GLY Q 41 -48.16 -54.24 7.46
C GLY Q 41 -46.80 -54.20 6.77
N GLY Q 42 -46.78 -54.01 5.44
CA GLY Q 42 -45.51 -53.94 4.73
C GLY Q 42 -45.53 -54.60 3.35
N VAL Q 43 -44.41 -54.51 2.66
CA VAL Q 43 -44.31 -55.12 1.36
C VAL Q 43 -43.48 -56.37 1.51
N VAL Q 44 -43.78 -57.41 0.73
CA VAL Q 44 -42.99 -58.65 0.72
C VAL Q 44 -42.41 -58.87 -0.67
N LEU Q 45 -41.12 -59.14 -0.75
CA LEU Q 45 -40.48 -59.54 -1.99
C LEU Q 45 -39.92 -60.94 -1.85
N GLY Q 46 -40.23 -61.84 -2.78
CA GLY Q 46 -39.73 -63.21 -2.73
C GLY Q 46 -39.13 -63.56 -4.08
N ALA Q 47 -38.09 -64.38 -4.09
CA ALA Q 47 -37.38 -64.73 -5.31
C ALA Q 47 -36.89 -66.17 -5.22
N GLU Q 48 -37.04 -66.90 -6.32
CA GLU Q 48 -36.44 -68.22 -6.52
C GLU Q 48 -34.92 -68.05 -6.71
N LYS Q 49 -34.10 -68.99 -6.25
CA LYS Q 49 -32.67 -68.97 -6.59
C LYS Q 49 -32.29 -70.16 -7.46
N GLY Q 50 -31.11 -70.06 -8.11
CA GLY Q 50 -30.50 -71.17 -8.84
C GLY Q 50 -30.32 -72.40 -7.94
N VAL Q 51 -29.78 -73.49 -8.51
CA VAL Q 51 -29.69 -74.74 -7.75
C VAL Q 51 -28.38 -74.77 -6.96
N GLN Q 52 -28.49 -75.25 -5.71
CA GLN Q 52 -27.48 -75.04 -4.69
C GLN Q 52 -26.40 -76.12 -4.73
N ASN Q 53 -25.24 -75.72 -5.26
CA ASN Q 53 -24.02 -76.53 -5.32
C ASN Q 53 -23.41 -76.61 -3.92
N SER Q 54 -22.97 -77.80 -3.51
CA SER Q 54 -22.30 -77.97 -2.21
C SER Q 54 -21.15 -76.96 -2.05
N LEU Q 55 -20.50 -76.65 -3.17
CA LEU Q 55 -19.24 -75.90 -3.17
C LEU Q 55 -19.42 -74.36 -3.13
N PHE Q 56 -20.64 -73.83 -3.22
CA PHE Q 56 -20.84 -72.41 -2.97
C PHE Q 56 -20.35 -72.00 -1.59
N ASP Q 57 -20.21 -70.68 -1.42
CA ASP Q 57 -19.77 -70.13 -0.15
C ASP Q 57 -20.49 -68.83 0.00
N SER Q 58 -20.46 -68.32 1.24
CA SER Q 58 -20.95 -67.01 1.59
C SER Q 58 -19.83 -66.02 1.37
N GLU Q 59 -20.19 -64.75 1.10
CA GLU Q 59 -19.29 -63.60 1.20
C GLU Q 59 -18.94 -63.31 2.67
N ASN Q 60 -19.77 -63.74 3.59
CA ASN Q 60 -19.58 -63.47 5.02
C ASN Q 60 -19.52 -61.96 5.30
N MET Q 61 -20.57 -61.22 4.92
CA MET Q 61 -20.59 -59.77 5.09
C MET Q 61 -20.94 -59.43 6.54
N GLU Q 62 -20.34 -58.36 7.08
CA GLU Q 62 -20.66 -57.96 8.45
C GLU Q 62 -22.17 -57.66 8.62
N ASP Q 63 -22.89 -57.13 7.63
CA ASP Q 63 -24.33 -56.88 7.78
C ASP Q 63 -25.13 -57.67 6.74
N LYS Q 64 -26.14 -58.40 7.22
CA LYS Q 64 -26.84 -59.40 6.43
C LYS Q 64 -28.08 -58.82 5.74
N ASN Q 65 -28.55 -57.63 6.15
CA ASN Q 65 -29.77 -57.04 5.58
C ASN Q 65 -29.47 -55.94 4.56
N ILE Q 66 -28.48 -56.14 3.70
CA ILE Q 66 -28.19 -55.15 2.70
C ILE Q 66 -28.27 -55.81 1.31
N SER Q 67 -27.99 -57.12 1.24
CA SER Q 67 -28.02 -57.81 -0.04
C SER Q 67 -28.03 -59.31 0.18
N GLY Q 68 -29.04 -59.95 -0.42
CA GLY Q 68 -28.99 -61.36 -0.69
C GLY Q 68 -28.54 -61.60 -2.13
N GLU Q 69 -28.97 -62.74 -2.67
CA GLU Q 69 -28.73 -63.08 -4.05
C GLU Q 69 -29.61 -62.21 -4.95
N LYS Q 70 -30.77 -61.76 -4.46
CA LYS Q 70 -31.69 -61.07 -5.34
C LYS Q 70 -32.27 -59.79 -4.74
N MET Q 71 -32.17 -59.62 -3.43
CA MET Q 71 -32.80 -58.50 -2.76
C MET Q 71 -31.73 -57.48 -2.47
N TYR Q 72 -32.01 -56.21 -2.70
CA TYR Q 72 -31.05 -55.17 -2.37
C TYR Q 72 -31.74 -54.03 -1.65
N LYS Q 73 -31.08 -53.55 -0.62
CA LYS Q 73 -31.40 -52.26 -0.06
C LYS Q 73 -30.96 -51.15 -1.02
N ILE Q 74 -31.83 -50.13 -1.17
CA ILE Q 74 -31.44 -48.91 -1.86
C ILE Q 74 -31.27 -47.77 -0.82
N ALA Q 75 -32.13 -47.73 0.16
CA ALA Q 75 -32.07 -46.83 1.28
C ALA Q 75 -32.99 -47.40 2.36
N SER Q 76 -33.09 -46.79 3.51
CA SER Q 76 -33.71 -47.50 4.63
C SER Q 76 -35.21 -47.59 4.50
N HIS Q 77 -35.81 -46.88 3.52
CA HIS Q 77 -37.23 -46.98 3.25
C HIS Q 77 -37.46 -47.52 1.84
N ILE Q 78 -36.46 -48.15 1.20
CA ILE Q 78 -36.67 -48.69 -0.15
C ILE Q 78 -35.76 -49.85 -0.41
N GLY Q 79 -36.33 -50.92 -0.93
CA GLY Q 79 -35.55 -52.08 -1.33
C GLY Q 79 -36.01 -52.62 -2.66
N CYS Q 80 -35.32 -53.60 -3.22
CA CYS Q 80 -35.81 -54.15 -4.46
C CYS Q 80 -35.36 -55.56 -4.80
N SER Q 81 -35.98 -56.11 -5.84
CA SER Q 81 -35.53 -57.36 -6.42
C SER Q 81 -35.46 -57.16 -7.92
N VAL Q 82 -34.61 -57.95 -8.58
CA VAL Q 82 -34.30 -57.75 -9.98
C VAL Q 82 -34.57 -59.04 -10.68
N ALA Q 83 -34.85 -58.94 -11.99
CA ALA Q 83 -34.83 -60.06 -12.91
C ALA Q 83 -34.15 -59.62 -14.19
N GLY Q 84 -33.31 -60.48 -14.76
CA GLY Q 84 -32.59 -60.10 -15.96
C GLY Q 84 -31.08 -60.05 -15.76
N VAL Q 85 -30.37 -59.34 -16.65
CA VAL Q 85 -28.91 -59.37 -16.70
C VAL Q 85 -28.29 -58.85 -15.41
N THR Q 86 -27.69 -59.75 -14.60
CA THR Q 86 -27.25 -59.42 -13.24
C THR Q 86 -26.34 -58.18 -13.18
N SER Q 87 -25.30 -58.14 -14.02
CA SER Q 87 -24.36 -57.01 -14.02
C SER Q 87 -25.02 -55.69 -14.40
N ASP Q 88 -26.03 -55.76 -15.31
CA ASP Q 88 -26.85 -54.60 -15.64
C ASP Q 88 -27.59 -54.14 -14.40
N ALA Q 89 -28.14 -55.08 -13.62
CA ALA Q 89 -28.82 -54.68 -12.39
C ALA Q 89 -27.89 -53.93 -11.42
N TYR Q 90 -26.65 -54.38 -11.25
CA TYR Q 90 -25.71 -53.74 -10.34
C TYR Q 90 -25.39 -52.34 -10.82
N ALA Q 91 -25.21 -52.09 -12.13
CA ALA Q 91 -25.02 -50.70 -12.54
C ALA Q 91 -26.21 -49.81 -12.18
N LEU Q 92 -27.44 -50.30 -12.29
CA LEU Q 92 -28.56 -49.43 -12.02
C LEU Q 92 -28.79 -49.29 -10.53
N LEU Q 93 -28.54 -50.34 -9.78
CA LEU Q 93 -28.66 -50.24 -8.34
C LEU Q 93 -27.67 -49.21 -7.74
N ASN Q 94 -26.45 -49.12 -8.26
CA ASN Q 94 -25.57 -48.03 -7.88
C ASN Q 94 -26.19 -46.68 -8.23
N TYR Q 95 -26.82 -46.58 -9.40
CA TYR Q 95 -27.39 -45.33 -9.82
C TYR Q 95 -28.46 -44.89 -8.82
N ALA Q 96 -29.30 -45.83 -8.42
CA ALA Q 96 -30.39 -45.56 -7.51
C ALA Q 96 -29.93 -45.25 -6.08
N ARG Q 97 -28.91 -45.99 -5.59
CA ARG Q 97 -28.37 -45.71 -4.27
C ARG Q 97 -27.82 -44.27 -4.20
N LEU Q 98 -27.13 -43.89 -5.24
CA LEU Q 98 -26.52 -42.58 -5.33
C LEU Q 98 -27.58 -41.50 -5.46
N SER Q 99 -28.68 -41.74 -6.18
CA SER Q 99 -29.72 -40.73 -6.31
C SER Q 99 -30.50 -40.56 -5.04
N ALA Q 100 -30.72 -41.66 -4.32
CA ALA Q 100 -31.49 -41.59 -3.08
C ALA Q 100 -30.74 -40.81 -2.05
N ASN Q 101 -29.42 -40.96 -2.04
CA ASN Q 101 -28.56 -40.31 -1.06
C ASN Q 101 -28.28 -38.87 -1.40
N ARG Q 102 -28.17 -38.53 -2.70
CA ARG Q 102 -28.18 -37.13 -3.10
C ARG Q 102 -29.42 -36.41 -2.58
N HIS Q 103 -30.61 -37.08 -2.58
CA HIS Q 103 -31.81 -36.38 -2.22
C HIS Q 103 -31.78 -36.11 -0.71
N HIS Q 104 -31.36 -37.10 0.06
CA HIS Q 104 -31.11 -36.88 1.46
C HIS Q 104 -30.09 -35.73 1.67
N TYR Q 105 -29.06 -35.69 0.83
CA TYR Q 105 -28.10 -34.65 1.00
C TYR Q 105 -28.74 -33.29 0.85
N THR Q 106 -29.58 -33.14 -0.14
CA THR Q 106 -30.13 -31.85 -0.45
C THR Q 106 -31.29 -31.47 0.48
N TYR Q 107 -32.29 -32.33 0.67
CA TYR Q 107 -33.47 -31.95 1.42
C TYR Q 107 -33.50 -32.47 2.84
N GLN Q 108 -32.46 -33.22 3.25
CA GLN Q 108 -32.42 -33.92 4.53
C GLN Q 108 -33.74 -34.61 4.86
N GLU Q 109 -34.30 -35.30 3.90
CA GLU Q 109 -35.53 -36.06 4.10
C GLU Q 109 -35.46 -37.23 3.12
N PRO Q 110 -36.13 -38.36 3.39
CA PRO Q 110 -36.09 -39.53 2.48
C PRO Q 110 -36.80 -39.34 1.15
N MET Q 111 -36.18 -39.77 0.07
CA MET Q 111 -36.79 -39.56 -1.22
C MET Q 111 -38.08 -40.36 -1.29
N ALA Q 112 -39.12 -39.81 -1.90
CA ALA Q 112 -40.34 -40.57 -2.13
C ALA Q 112 -40.12 -41.69 -3.14
N ALA Q 113 -40.77 -42.84 -2.93
CA ALA Q 113 -40.45 -44.04 -3.71
C ALA Q 113 -40.85 -43.88 -5.17
N GLU Q 114 -41.86 -43.05 -5.47
CA GLU Q 114 -42.22 -42.82 -6.85
C GLU Q 114 -41.21 -41.91 -7.56
N ASP Q 115 -40.74 -40.87 -6.87
CA ASP Q 115 -39.68 -40.01 -7.33
C ASP Q 115 -38.43 -40.86 -7.65
N LEU Q 116 -38.09 -41.84 -6.81
CA LEU Q 116 -36.89 -42.67 -7.02
C LEU Q 116 -37.04 -43.48 -8.28
N CYS Q 117 -38.25 -44.01 -8.42
CA CYS Q 117 -38.59 -44.88 -9.50
C CYS Q 117 -38.55 -44.18 -10.86
N ARG Q 118 -39.07 -42.95 -10.90
CA ARG Q 118 -38.94 -42.09 -12.06
C ARG Q 118 -37.47 -41.87 -12.44
N LEU Q 119 -36.58 -41.56 -11.49
CA LEU Q 119 -35.19 -41.34 -11.88
C LEU Q 119 -34.61 -42.60 -12.48
N LEU Q 120 -35.01 -43.74 -11.96
CA LEU Q 120 -34.45 -44.99 -12.41
C LEU Q 120 -34.81 -45.25 -13.87
N CYS Q 121 -36.10 -45.04 -14.16
CA CYS Q 121 -36.72 -45.31 -15.45
C CYS Q 121 -36.29 -44.31 -16.50
N ASP Q 122 -36.05 -43.05 -16.12
CA ASP Q 122 -35.45 -42.06 -16.99
C ASP Q 122 -34.06 -42.45 -17.44
N GLU Q 123 -33.24 -42.98 -16.52
CA GLU Q 123 -31.94 -43.49 -16.92
C GLU Q 123 -32.10 -44.58 -17.99
N LYS Q 124 -33.13 -45.42 -17.88
CA LYS Q 124 -33.25 -46.53 -18.81
C LYS Q 124 -33.64 -46.00 -20.21
N GLN Q 125 -34.60 -45.07 -20.22
CA GLN Q 125 -35.16 -44.48 -21.42
C GLN Q 125 -34.03 -43.80 -22.16
N LEU Q 126 -33.06 -43.26 -21.44
CA LEU Q 126 -31.97 -42.56 -22.10
C LEU Q 126 -31.19 -43.46 -23.05
N TYR Q 127 -30.91 -44.71 -22.68
CA TYR Q 127 -30.27 -45.64 -23.61
C TYR Q 127 -31.22 -46.14 -24.73
N THR Q 128 -32.53 -45.79 -24.72
CA THR Q 128 -33.39 -46.17 -25.84
C THR Q 128 -33.40 -45.08 -26.93
N GLN Q 129 -33.10 -43.82 -26.60
CA GLN Q 129 -33.19 -42.74 -27.58
C GLN Q 129 -31.79 -42.32 -28.10
N TYR Q 130 -30.86 -42.02 -27.18
CA TYR Q 130 -29.53 -41.52 -27.48
C TYR Q 130 -28.54 -42.68 -27.35
N GLY Q 131 -27.43 -42.65 -28.13
CA GLY Q 131 -26.12 -43.17 -27.71
C GLY Q 131 -25.62 -44.46 -28.39
N GLY Q 132 -26.32 -45.01 -29.40
CA GLY Q 132 -25.76 -46.12 -30.17
C GLY Q 132 -25.37 -47.40 -29.41
N VAL Q 133 -25.77 -47.58 -28.15
CA VAL Q 133 -25.46 -48.79 -27.40
C VAL Q 133 -26.75 -49.51 -26.96
N ARG Q 134 -26.63 -50.80 -26.58
CA ARG Q 134 -27.79 -51.58 -26.14
C ARG Q 134 -28.43 -50.92 -24.93
N PRO Q 135 -29.73 -51.20 -24.71
CA PRO Q 135 -30.37 -50.87 -23.43
C PRO Q 135 -30.05 -51.82 -22.27
N PHE Q 136 -30.30 -51.35 -21.04
CA PHE Q 136 -30.24 -52.20 -19.85
C PHE Q 136 -31.33 -53.27 -19.94
N GLY Q 137 -30.91 -54.52 -19.69
CA GLY Q 137 -31.80 -55.68 -19.75
C GLY Q 137 -32.32 -56.11 -18.39
N VAL Q 138 -32.93 -55.17 -17.64
CA VAL Q 138 -33.36 -55.41 -16.27
C VAL Q 138 -34.82 -55.02 -16.02
N SER Q 139 -35.48 -55.75 -15.16
CA SER Q 139 -36.74 -55.28 -14.61
C SER Q 139 -36.65 -55.27 -13.10
N PHE Q 140 -37.20 -54.26 -12.42
CA PHE Q 140 -37.10 -54.16 -10.98
C PHE Q 140 -38.46 -54.26 -10.30
N LEU Q 141 -38.53 -54.79 -9.09
CA LEU Q 141 -39.63 -54.48 -8.21
C LEU Q 141 -39.21 -53.65 -7.01
N LEU Q 142 -39.77 -52.46 -6.84
CA LEU Q 142 -39.37 -51.58 -5.76
C LEU Q 142 -40.40 -51.67 -4.67
N ALA Q 143 -39.97 -51.92 -3.45
CA ALA Q 143 -40.82 -51.79 -2.32
C ALA Q 143 -40.46 -50.53 -1.56
N GLY Q 144 -41.44 -49.73 -1.17
CA GLY Q 144 -41.20 -48.40 -0.67
C GLY Q 144 -42.13 -48.03 0.48
N TRP Q 145 -41.66 -47.15 1.35
CA TRP Q 145 -42.56 -46.50 2.26
C TRP Q 145 -42.23 -45.02 2.27
N ASP Q 146 -43.24 -44.17 2.05
CA ASP Q 146 -43.14 -42.75 2.31
C ASP Q 146 -44.43 -42.23 2.90
N ARG Q 147 -44.35 -41.01 3.44
CA ARG Q 147 -45.46 -40.43 4.17
C ARG Q 147 -46.53 -39.90 3.20
N HIS Q 148 -46.20 -39.74 1.93
CA HIS Q 148 -47.16 -39.26 0.98
C HIS Q 148 -48.18 -40.37 0.70
N HIS Q 149 -47.70 -41.61 0.55
CA HIS Q 149 -48.48 -42.68 -0.07
C HIS Q 149 -48.47 -44.02 0.66
N GLY Q 150 -47.86 -44.11 1.85
CA GLY Q 150 -47.72 -45.40 2.53
C GLY Q 150 -46.89 -46.45 1.76
N TYR Q 151 -47.16 -47.72 2.05
CA TYR Q 151 -46.51 -48.80 1.34
C TYR Q 151 -46.90 -48.80 -0.14
N GLN Q 152 -45.88 -49.07 -0.95
CA GLN Q 152 -45.98 -48.95 -2.38
C GLN Q 152 -45.09 -50.01 -2.95
N LEU Q 153 -45.56 -50.64 -4.02
CA LEU Q 153 -44.83 -51.62 -4.77
C LEU Q 153 -44.86 -51.23 -6.22
N TYR Q 154 -43.71 -51.23 -6.91
CA TYR Q 154 -43.58 -50.72 -8.26
C TYR Q 154 -42.92 -51.78 -9.11
N HIS Q 155 -43.17 -51.71 -10.41
CA HIS Q 155 -42.47 -52.53 -11.37
C HIS Q 155 -41.97 -51.66 -12.49
N THR Q 156 -40.78 -51.99 -12.97
CA THR Q 156 -40.07 -51.15 -13.88
C THR Q 156 -39.66 -52.02 -15.04
N ASP Q 157 -39.89 -51.59 -16.26
CA ASP Q 157 -39.75 -52.52 -17.36
C ASP Q 157 -38.65 -51.98 -18.28
N THR Q 158 -38.20 -52.76 -19.26
CA THR Q 158 -37.03 -52.33 -19.98
C THR Q 158 -37.22 -51.02 -20.77
N SER Q 159 -38.47 -50.58 -20.96
CA SER Q 159 -38.79 -49.43 -21.82
C SER Q 159 -38.52 -48.15 -21.07
N GLY Q 160 -38.42 -48.28 -19.76
CA GLY Q 160 -38.36 -47.12 -18.91
C GLY Q 160 -39.75 -46.75 -18.46
N ASN Q 161 -40.65 -47.71 -18.46
CA ASN Q 161 -42.00 -47.58 -17.96
C ASN Q 161 -42.13 -48.15 -16.56
N TYR Q 162 -43.10 -47.66 -15.80
CA TYR Q 162 -43.31 -48.18 -14.47
C TYR Q 162 -44.76 -48.01 -14.04
N ASN Q 163 -45.15 -48.85 -13.10
CA ASN Q 163 -46.55 -48.94 -12.75
C ASN Q 163 -46.62 -49.51 -11.35
N ALA Q 164 -47.71 -49.21 -10.65
CA ALA Q 164 -47.87 -49.64 -9.29
C ALA Q 164 -48.79 -50.85 -9.26
N TRP Q 165 -48.66 -51.64 -8.21
CA TRP Q 165 -49.30 -52.94 -8.12
C TRP Q 165 -49.56 -53.24 -6.68
N ARG Q 166 -50.41 -54.24 -6.49
CA ARG Q 166 -50.72 -54.79 -5.20
C ARG Q 166 -50.09 -56.18 -5.10
N ALA Q 167 -49.93 -56.83 -6.26
CA ALA Q 167 -49.08 -57.99 -6.33
C ALA Q 167 -48.61 -58.20 -7.77
N TYR Q 168 -47.40 -58.70 -7.90
CA TYR Q 168 -46.89 -58.83 -9.22
C TYR Q 168 -45.81 -59.89 -9.23
N ALA Q 169 -45.48 -60.33 -10.45
CA ALA Q 169 -44.50 -61.35 -10.68
C ALA Q 169 -43.76 -61.12 -11.99
N ILE Q 170 -42.43 -61.19 -11.96
CA ILE Q 170 -41.63 -61.06 -13.16
C ILE Q 170 -40.80 -62.33 -13.24
N GLY Q 171 -40.17 -62.56 -14.39
CA GLY Q 171 -39.39 -63.76 -14.61
C GLY Q 171 -40.19 -64.95 -15.12
N GLN Q 172 -39.53 -66.13 -15.09
CA GLN Q 172 -39.93 -67.37 -15.75
C GLN Q 172 -41.45 -67.55 -15.85
N ASN Q 173 -42.11 -67.93 -14.75
CA ASN Q 173 -43.45 -68.46 -14.85
C ASN Q 173 -44.43 -67.42 -14.33
N ASP Q 174 -44.40 -66.23 -14.94
CA ASP Q 174 -45.03 -65.07 -14.36
C ASP Q 174 -46.53 -65.03 -14.65
N GLN Q 175 -47.00 -65.71 -15.72
CA GLN Q 175 -48.42 -65.82 -16.00
C GLN Q 175 -49.05 -66.79 -15.01
N VAL Q 176 -48.40 -67.93 -14.79
CA VAL Q 176 -48.84 -68.90 -13.80
C VAL Q 176 -48.90 -68.24 -12.41
N ALA Q 177 -47.98 -67.33 -12.15
CA ALA Q 177 -47.87 -66.71 -10.84
C ALA Q 177 -48.94 -65.64 -10.64
N GLN Q 178 -49.22 -64.85 -11.69
CA GLN Q 178 -50.21 -63.77 -11.57
C GLN Q 178 -51.60 -64.38 -11.40
N SER Q 179 -51.84 -65.53 -12.06
CA SER Q 179 -53.06 -66.32 -11.96
C SER Q 179 -53.36 -66.64 -10.50
N LEU Q 180 -52.32 -66.99 -9.74
CA LEU Q 180 -52.49 -67.44 -8.37
C LEU Q 180 -52.68 -66.26 -7.42
N LEU Q 181 -51.94 -65.17 -7.63
CA LEU Q 181 -52.01 -64.02 -6.74
C LEU Q 181 -53.39 -63.38 -6.89
N LYS Q 182 -53.82 -63.26 -8.16
CA LYS Q 182 -55.12 -62.75 -8.56
C LYS Q 182 -56.23 -63.42 -7.75
N ARG Q 183 -56.18 -64.76 -7.67
CA ARG Q 183 -57.13 -65.53 -6.89
C ARG Q 183 -57.02 -65.18 -5.41
N ASP Q 184 -55.80 -65.23 -4.82
CA ASP Q 184 -55.67 -65.36 -3.37
C ASP Q 184 -55.29 -64.06 -2.65
N TRP Q 185 -55.01 -62.97 -3.37
CA TRP Q 185 -54.70 -61.70 -2.73
C TRP Q 185 -55.99 -61.10 -2.20
N LYS Q 186 -55.88 -60.29 -1.15
CA LYS Q 186 -57.02 -59.60 -0.57
C LYS Q 186 -56.51 -58.41 0.23
N PRO Q 187 -57.30 -57.33 0.38
CA PRO Q 187 -56.79 -56.08 0.95
C PRO Q 187 -56.64 -56.00 2.46
N GLU Q 188 -56.58 -57.15 3.15
CA GLU Q 188 -56.63 -57.14 4.61
C GLU Q 188 -55.51 -58.00 5.20
N LEU Q 189 -54.50 -58.32 4.38
CA LEU Q 189 -53.44 -59.27 4.73
C LEU Q 189 -52.56 -58.71 5.85
N THR Q 190 -52.23 -59.58 6.82
CA THR Q 190 -51.09 -59.34 7.70
C THR Q 190 -49.81 -59.55 6.91
N LEU Q 191 -48.67 -59.19 7.51
CA LEU Q 191 -47.38 -59.38 6.87
C LEU Q 191 -46.95 -60.84 6.94
N ASP Q 192 -47.43 -61.61 7.93
CA ASP Q 192 -47.11 -63.02 8.06
C ASP Q 192 -47.87 -63.86 7.03
N GLU Q 193 -49.10 -63.46 6.67
CA GLU Q 193 -49.92 -64.12 5.66
C GLU Q 193 -49.38 -63.83 4.27
N GLY Q 194 -49.09 -62.55 4.05
CA GLY Q 194 -48.43 -62.09 2.83
C GLY Q 194 -47.16 -62.88 2.54
N ILE Q 195 -46.37 -63.18 3.59
CA ILE Q 195 -45.18 -64.01 3.42
C ILE Q 195 -45.56 -65.43 2.98
N VAL Q 196 -46.56 -66.02 3.67
CA VAL Q 196 -47.03 -67.36 3.35
C VAL Q 196 -47.43 -67.40 1.87
N LEU Q 197 -48.30 -66.48 1.47
CA LEU Q 197 -48.85 -66.45 0.13
C LEU Q 197 -47.72 -66.39 -0.90
N CYS Q 198 -46.69 -65.59 -0.62
CA CYS Q 198 -45.50 -65.57 -1.44
C CYS Q 198 -44.83 -66.94 -1.56
N LEU Q 199 -44.79 -67.72 -0.48
CA LEU Q 199 -44.08 -69.00 -0.47
C LEU Q 199 -44.86 -70.05 -1.28
N ARG Q 200 -46.19 -70.02 -1.16
CA ARG Q 200 -47.05 -70.92 -1.91
C ARG Q 200 -46.86 -70.71 -3.42
N VAL Q 201 -46.82 -69.42 -3.80
CA VAL Q 201 -46.75 -69.04 -5.20
C VAL Q 201 -45.40 -69.45 -5.78
N LEU Q 202 -44.36 -69.49 -4.95
CA LEU Q 202 -43.04 -69.92 -5.41
C LEU Q 202 -43.00 -71.45 -5.44
N GLY Q 203 -43.65 -72.08 -4.45
CA GLY Q 203 -43.77 -73.52 -4.42
C GLY Q 203 -44.48 -74.11 -5.64
N LYS Q 204 -45.39 -73.34 -6.26
CA LYS Q 204 -46.18 -73.82 -7.37
C LYS Q 204 -45.57 -73.44 -8.71
N THR Q 205 -44.49 -72.65 -8.70
CA THR Q 205 -43.82 -72.25 -9.94
C THR Q 205 -42.45 -72.93 -10.06
N MET Q 206 -41.90 -73.40 -8.93
CA MET Q 206 -40.66 -74.16 -8.93
C MET Q 206 -40.99 -75.62 -9.26
N ASP Q 207 -42.15 -76.08 -8.75
CA ASP Q 207 -42.73 -77.38 -9.05
C ASP Q 207 -42.19 -78.41 -8.05
N THR Q 208 -42.42 -78.14 -6.76
CA THR Q 208 -42.04 -79.05 -5.67
C THR Q 208 -43.15 -79.06 -4.62
N VAL Q 209 -43.29 -80.19 -3.92
CA VAL Q 209 -44.34 -80.40 -2.94
C VAL Q 209 -43.92 -79.79 -1.60
N LYS Q 210 -42.66 -80.03 -1.21
CA LYS Q 210 -42.07 -79.44 -0.02
C LYS Q 210 -41.23 -78.22 -0.42
N LEU Q 211 -41.37 -77.13 0.34
CA LEU Q 211 -40.65 -75.89 0.08
C LEU Q 211 -39.24 -76.00 0.64
N SER Q 212 -38.26 -76.13 -0.27
CA SER Q 212 -36.86 -76.13 0.10
C SER Q 212 -36.49 -74.70 0.53
N ALA Q 213 -36.10 -74.54 1.80
CA ALA Q 213 -35.83 -73.23 2.37
C ALA Q 213 -34.52 -72.65 1.81
N GLU Q 214 -33.72 -73.49 1.15
CA GLU Q 214 -32.45 -73.09 0.58
C GLU Q 214 -32.60 -72.64 -0.87
N ARG Q 215 -33.83 -72.66 -1.41
CA ARG Q 215 -34.09 -72.24 -2.79
C ARG Q 215 -34.93 -70.96 -2.84
N LEU Q 216 -35.10 -70.32 -1.67
CA LEU Q 216 -36.01 -69.22 -1.47
C LEU Q 216 -35.24 -68.07 -0.86
N GLU Q 217 -35.59 -66.86 -1.27
CA GLU Q 217 -35.15 -65.65 -0.61
C GLU Q 217 -36.36 -64.80 -0.32
N VAL Q 218 -36.46 -64.26 0.89
CA VAL Q 218 -37.57 -63.37 1.13
C VAL Q 218 -37.04 -62.12 1.80
N ALA Q 219 -37.62 -60.98 1.43
CA ALA Q 219 -37.28 -59.73 2.09
C ALA Q 219 -38.57 -59.00 2.35
N VAL Q 220 -38.59 -58.20 3.44
CA VAL Q 220 -39.76 -57.41 3.82
C VAL Q 220 -39.38 -55.96 4.06
N LEU Q 221 -40.17 -55.06 3.53
CA LEU Q 221 -40.10 -53.66 3.83
C LEU Q 221 -41.23 -53.37 4.77
N HIS Q 222 -40.90 -53.14 6.05
CA HIS Q 222 -41.91 -52.87 7.05
C HIS Q 222 -41.45 -51.80 8.01
N LYS Q 223 -42.26 -51.55 9.03
CA LYS Q 223 -41.95 -50.57 10.04
C LYS Q 223 -41.68 -51.28 11.36
N VAL Q 224 -40.86 -50.66 12.19
CA VAL Q 224 -40.43 -51.18 13.47
C VAL Q 224 -40.40 -49.99 14.40
N PRO Q 225 -40.41 -50.17 15.74
CA PRO Q 225 -40.41 -49.01 16.65
C PRO Q 225 -39.09 -48.26 16.49
N ALA Q 226 -39.20 -46.94 16.55
CA ALA Q 226 -38.08 -46.04 16.31
C ALA Q 226 -37.05 -46.19 17.43
N PRO Q 227 -35.74 -46.15 17.10
CA PRO Q 227 -34.69 -46.27 18.11
C PRO Q 227 -34.60 -45.03 19.01
N ALA Q 228 -33.55 -45.01 19.85
CA ALA Q 228 -33.19 -43.90 20.72
C ALA Q 228 -33.61 -42.55 20.13
N THR Q 229 -34.10 -41.66 21.00
CA THR Q 229 -34.26 -40.25 20.70
C THR Q 229 -33.16 -39.48 21.40
N GLN Q 230 -32.16 -39.02 20.63
CA GLN Q 230 -31.00 -38.31 21.16
C GLN Q 230 -31.31 -36.82 21.33
N LYS Q 231 -32.14 -36.48 22.31
CA LYS Q 231 -32.60 -35.11 22.47
C LYS Q 231 -31.49 -34.18 22.98
N LEU Q 232 -30.36 -34.73 23.43
CA LEU Q 232 -29.29 -33.89 23.96
C LEU Q 232 -28.36 -33.47 22.83
N LEU Q 233 -28.05 -34.40 21.92
CA LEU Q 233 -27.22 -34.06 20.75
C LEU Q 233 -28.04 -33.37 19.65
N GLU Q 234 -29.36 -33.41 19.69
CA GLU Q 234 -30.21 -32.77 18.69
C GLU Q 234 -31.48 -32.27 19.35
N PRO Q 235 -31.51 -31.06 19.95
CA PRO Q 235 -32.70 -30.65 20.68
C PRO Q 235 -33.91 -30.33 19.81
N TYR Q 236 -33.71 -30.23 18.51
CA TYR Q 236 -34.84 -30.00 17.62
C TYR Q 236 -34.95 -31.19 16.65
N GLY Q 237 -34.42 -32.33 17.05
CA GLY Q 237 -34.75 -33.59 16.39
C GLY Q 237 -36.16 -34.07 16.76
N VAL Q 238 -36.88 -34.60 15.77
CA VAL Q 238 -38.15 -35.25 16.05
C VAL Q 238 -38.22 -36.51 15.19
N LEU Q 239 -38.38 -37.65 15.87
CA LEU Q 239 -38.56 -38.91 15.19
C LEU Q 239 -40.00 -39.37 15.35
N PRO Q 240 -40.55 -40.07 14.35
CA PRO Q 240 -41.88 -40.66 14.49
C PRO Q 240 -41.78 -41.89 15.39
N LYS Q 241 -42.93 -42.42 15.85
CA LYS Q 241 -42.96 -43.62 16.68
C LYS Q 241 -42.26 -44.79 15.99
N THR Q 242 -42.49 -44.90 14.67
CA THR Q 242 -42.07 -46.03 13.85
C THR Q 242 -41.20 -45.53 12.69
N VAL Q 243 -40.31 -46.38 12.17
CA VAL Q 243 -39.57 -46.07 10.95
C VAL Q 243 -39.48 -47.29 10.05
N PRO Q 244 -39.31 -47.11 8.72
CA PRO Q 244 -39.24 -48.25 7.80
C PRO Q 244 -37.92 -48.96 8.00
N GLU Q 245 -37.93 -50.27 7.72
CA GLU Q 245 -36.75 -51.11 7.74
C GLU Q 245 -36.86 -52.04 6.53
N PHE Q 246 -35.74 -52.40 5.93
CA PHE Q 246 -35.73 -53.42 4.90
C PHE Q 246 -34.98 -54.60 5.48
N LYS Q 247 -35.58 -55.78 5.44
CA LYS Q 247 -35.08 -56.93 6.17
C LYS Q 247 -35.05 -58.15 5.25
N ILE Q 248 -33.92 -58.86 5.25
CA ILE Q 248 -33.77 -60.04 4.43
C ILE Q 248 -33.85 -61.30 5.30
N LEU Q 249 -35.07 -61.78 5.53
CA LEU Q 249 -35.38 -62.86 6.47
C LEU Q 249 -34.42 -64.04 6.31
N ARG Q 250 -33.89 -64.53 7.45
CA ARG Q 250 -33.01 -65.68 7.50
C ARG Q 250 -33.83 -66.96 7.69
N GLU Q 251 -33.17 -68.13 7.72
CA GLU Q 251 -33.85 -69.43 7.81
C GLU Q 251 -34.59 -69.59 9.13
N THR Q 252 -34.09 -68.98 10.20
CA THR Q 252 -34.66 -69.14 11.53
C THR Q 252 -36.00 -68.40 11.68
N ASP Q 253 -36.31 -67.46 10.77
CA ASP Q 253 -37.59 -66.75 10.72
C ASP Q 253 -38.54 -67.36 9.68
N LEU Q 254 -38.00 -68.14 8.73
CA LEU Q 254 -38.78 -68.84 7.71
C LEU Q 254 -39.19 -70.24 8.16
N LYS Q 255 -38.89 -70.66 9.40
CA LYS Q 255 -39.22 -72.01 9.84
C LYS Q 255 -40.71 -72.11 10.15
N PRO Q 256 -41.32 -71.23 11.00
CA PRO Q 256 -42.76 -71.28 11.24
C PRO Q 256 -43.65 -70.82 10.08
N LEU Q 257 -43.02 -70.43 8.95
CA LEU Q 257 -43.71 -69.86 7.80
C LEU Q 257 -43.62 -70.78 6.58
N ILE Q 258 -42.58 -71.63 6.51
CA ILE Q 258 -42.51 -72.74 5.56
C ILE Q 258 -43.38 -73.89 6.08
N ALA Q 259 -43.61 -73.91 7.41
CA ALA Q 259 -44.49 -74.88 8.02
C ALA Q 259 -45.96 -74.54 7.76
N GLU Q 260 -46.33 -73.25 7.78
CA GLU Q 260 -47.71 -72.83 7.57
C GLU Q 260 -48.09 -72.80 6.08
N ALA Q 261 -47.09 -72.98 5.19
CA ALA Q 261 -47.33 -73.04 3.75
C ALA Q 261 -47.43 -74.49 3.27
N ASP Q 262 -46.99 -75.44 4.11
CA ASP Q 262 -47.09 -76.87 3.83
C ASP Q 262 -48.34 -77.47 4.49
N ARG Q 263 -48.95 -76.78 5.47
CA ARG Q 263 -50.25 -77.17 6.02
C ARG Q 263 -51.39 -76.60 5.19
N GLN Q 264 -51.07 -75.61 4.34
CA GLN Q 264 -52.02 -75.04 3.40
C GLN Q 264 -51.82 -75.69 2.02
N ARG Q 265 -50.84 -76.59 1.90
CA ARG Q 265 -50.52 -77.32 0.66
C ARG Q 265 -51.09 -78.74 0.70
N GLU Q 266 -51.24 -79.28 1.92
CA GLU Q 266 -51.78 -80.62 2.16
C GLU Q 266 -53.30 -80.55 2.32
N ALA Q 267 -53.79 -79.49 3.01
CA ALA Q 267 -55.22 -79.22 3.13
C ALA Q 267 -55.75 -78.66 1.80
N GLU Q 268 -54.98 -78.84 0.72
CA GLU Q 268 -55.44 -78.60 -0.65
C GLU Q 268 -54.81 -79.69 -1.54
N SER R 2 -18.85 -40.76 -28.20
CA SER R 2 -20.07 -40.01 -28.62
C SER R 2 -20.56 -40.56 -29.95
N TYR R 3 -21.89 -40.67 -30.07
CA TYR R 3 -22.50 -41.25 -31.26
C TYR R 3 -23.25 -40.15 -32.01
N ASP R 4 -23.00 -40.10 -33.32
CA ASP R 4 -23.25 -38.92 -34.12
C ASP R 4 -23.90 -39.34 -35.42
N ARG R 5 -24.26 -40.61 -35.53
CA ARG R 5 -24.77 -41.14 -36.78
C ARG R 5 -25.99 -40.30 -37.14
N ALA R 6 -26.21 -40.18 -38.45
CA ALA R 6 -27.43 -39.60 -38.97
C ALA R 6 -28.50 -40.70 -38.98
N ILE R 7 -29.52 -40.53 -38.12
CA ILE R 7 -30.61 -41.49 -38.02
C ILE R 7 -31.78 -41.05 -38.89
N THR R 8 -32.30 -39.83 -38.71
CA THR R 8 -33.44 -39.41 -39.50
C THR R 8 -32.98 -38.78 -40.83
N VAL R 9 -33.17 -39.49 -41.95
CA VAL R 9 -32.80 -39.02 -43.29
C VAL R 9 -33.92 -39.23 -44.32
N PHE R 10 -33.81 -38.50 -45.44
CA PHE R 10 -34.77 -38.56 -46.52
C PHE R 10 -34.48 -39.84 -47.26
N SER R 11 -35.52 -40.29 -47.94
CA SER R 11 -35.39 -41.47 -48.76
C SER R 11 -36.20 -41.21 -50.03
N PRO R 12 -36.06 -42.05 -51.08
CA PRO R 12 -36.55 -41.73 -52.42
C PRO R 12 -38.01 -41.41 -52.73
N ASP R 13 -38.62 -40.47 -52.00
CA ASP R 13 -39.79 -39.72 -52.46
C ASP R 13 -40.20 -38.68 -51.41
N GLY R 14 -39.24 -38.23 -50.58
CA GLY R 14 -39.47 -37.16 -49.63
C GLY R 14 -39.99 -37.67 -48.28
N HIS R 15 -39.78 -38.98 -48.07
CA HIS R 15 -40.19 -39.67 -46.88
C HIS R 15 -39.07 -39.59 -45.84
N LEU R 16 -39.41 -39.15 -44.61
CA LEU R 16 -38.60 -39.39 -43.42
C LEU R 16 -39.17 -40.56 -42.62
N PHE R 17 -38.60 -41.77 -42.79
CA PHE R 17 -39.19 -42.98 -42.25
C PHE R 17 -39.15 -42.95 -40.72
N GLN R 18 -38.05 -42.47 -40.13
CA GLN R 18 -38.07 -42.44 -38.68
C GLN R 18 -39.31 -41.68 -38.21
N VAL R 19 -39.68 -40.57 -38.87
CA VAL R 19 -40.85 -39.79 -38.41
C VAL R 19 -42.15 -40.56 -38.60
N GLU R 20 -42.29 -41.24 -39.75
CA GLU R 20 -43.48 -42.04 -40.04
C GLU R 20 -43.75 -43.14 -39.00
N TYR R 21 -42.69 -43.87 -38.68
CA TYR R 21 -42.74 -45.00 -37.78
C TYR R 21 -42.96 -44.49 -36.36
N ALA R 22 -42.41 -43.31 -36.02
CA ALA R 22 -42.85 -42.67 -34.78
C ALA R 22 -44.36 -42.43 -34.75
N GLN R 23 -44.97 -42.13 -35.89
CA GLN R 23 -46.39 -41.79 -35.92
C GLN R 23 -47.17 -43.11 -35.92
N GLU R 24 -46.58 -44.21 -36.40
CA GLU R 24 -47.14 -45.55 -36.25
C GLU R 24 -47.26 -45.95 -34.78
N ALA R 25 -46.17 -45.80 -34.04
CA ALA R 25 -46.16 -45.95 -32.59
C ALA R 25 -47.25 -45.12 -31.89
N VAL R 26 -47.59 -43.95 -32.41
CA VAL R 26 -48.69 -43.19 -31.80
C VAL R 26 -50.02 -43.89 -32.10
N ARG R 27 -50.15 -44.51 -33.26
CA ARG R 27 -51.42 -45.11 -33.64
C ARG R 27 -51.74 -46.35 -32.80
N LYS R 28 -50.71 -46.99 -32.24
CA LYS R 28 -50.91 -48.18 -31.43
C LYS R 28 -51.21 -47.80 -29.99
N GLY R 29 -50.79 -46.61 -29.57
CA GLY R 29 -51.00 -46.15 -28.20
C GLY R 29 -52.48 -45.93 -27.86
N LEU R 30 -52.78 -45.88 -26.56
CA LEU R 30 -54.16 -45.80 -26.08
C LEU R 30 -54.77 -44.48 -26.52
N CYS R 31 -56.10 -44.45 -26.66
CA CYS R 31 -56.78 -43.27 -27.17
C CYS R 31 -56.88 -42.16 -26.13
N ALA R 32 -56.68 -40.92 -26.60
CA ALA R 32 -56.88 -39.73 -25.79
C ALA R 32 -57.70 -38.70 -26.55
N VAL R 33 -58.45 -37.92 -25.78
CA VAL R 33 -59.39 -36.97 -26.32
C VAL R 33 -59.35 -35.66 -25.52
N GLY R 34 -59.50 -34.55 -26.24
CA GLY R 34 -59.64 -33.21 -25.66
C GLY R 34 -60.85 -32.52 -26.26
N VAL R 35 -61.53 -31.73 -25.44
CA VAL R 35 -62.75 -31.09 -25.86
C VAL R 35 -62.84 -29.75 -25.17
N ARG R 36 -62.96 -28.72 -25.97
CA ARG R 36 -62.95 -27.36 -25.47
C ARG R 36 -64.39 -26.87 -25.36
N GLY R 37 -64.80 -26.53 -24.14
CA GLY R 37 -66.09 -25.87 -23.88
C GLY R 37 -65.96 -24.35 -23.89
N LYS R 38 -67.00 -23.71 -23.35
CA LYS R 38 -67.06 -22.28 -23.07
C LYS R 38 -65.89 -21.87 -22.18
N ASP R 39 -65.74 -22.55 -21.04
CA ASP R 39 -64.82 -22.14 -20.01
C ASP R 39 -64.27 -23.35 -19.26
N SER R 40 -64.12 -24.48 -19.97
CA SER R 40 -63.59 -25.69 -19.38
C SER R 40 -62.95 -26.52 -20.48
N ILE R 41 -61.89 -27.22 -20.13
CA ILE R 41 -61.28 -28.13 -21.09
C ILE R 41 -61.41 -29.52 -20.49
N ILE R 42 -61.71 -30.52 -21.31
CA ILE R 42 -61.84 -31.86 -20.77
C ILE R 42 -60.85 -32.78 -21.45
N PHE R 43 -59.94 -33.36 -20.67
CA PHE R 43 -59.01 -34.35 -21.18
C PHE R 43 -59.53 -35.70 -20.71
N ALA R 44 -59.61 -36.69 -21.61
CA ALA R 44 -60.07 -38.03 -21.29
C ALA R 44 -59.23 -39.06 -22.00
N VAL R 45 -58.76 -40.02 -21.21
CA VAL R 45 -57.88 -41.04 -21.73
C VAL R 45 -58.42 -42.42 -21.34
N GLU R 46 -58.04 -43.38 -22.18
CA GLU R 46 -58.28 -44.79 -21.99
C GLU R 46 -57.11 -45.33 -21.16
N LYS R 47 -57.42 -46.14 -20.11
CA LYS R 47 -56.41 -46.89 -19.36
C LYS R 47 -56.37 -48.33 -19.86
N LYS R 48 -55.22 -48.99 -19.65
CA LYS R 48 -54.90 -50.28 -20.23
C LYS R 48 -56.08 -51.24 -20.12
N SER R 49 -56.42 -51.62 -18.89
CA SER R 49 -57.41 -52.66 -18.63
C SER R 49 -57.55 -52.86 -17.13
N VAL R 50 -58.79 -53.01 -16.66
CA VAL R 50 -59.08 -53.16 -15.24
C VAL R 50 -58.49 -54.48 -14.73
N GLN R 51 -57.72 -54.40 -13.64
CA GLN R 51 -57.19 -55.60 -12.99
C GLN R 51 -57.47 -55.50 -11.50
N LYS R 52 -57.48 -56.66 -10.85
CA LYS R 52 -57.64 -56.73 -9.41
C LYS R 52 -56.36 -56.21 -8.76
N LEU R 53 -55.23 -56.38 -9.48
CA LEU R 53 -53.89 -56.23 -8.92
C LEU R 53 -53.32 -54.81 -9.09
N GLN R 54 -53.46 -54.23 -10.29
CA GLN R 54 -53.24 -52.80 -10.51
C GLN R 54 -53.63 -52.02 -9.27
N ASP R 55 -52.97 -50.90 -9.02
CA ASP R 55 -53.18 -50.18 -7.78
C ASP R 55 -54.34 -49.20 -7.99
N SER R 56 -55.32 -49.27 -7.06
CA SER R 56 -56.52 -48.44 -7.10
C SER R 56 -56.15 -46.96 -7.33
N ARG R 57 -55.32 -46.38 -6.45
CA ARG R 57 -54.64 -45.14 -6.78
C ARG R 57 -53.70 -45.43 -7.95
N THR R 58 -54.25 -45.39 -9.17
CA THR R 58 -53.45 -45.64 -10.36
C THR R 58 -52.53 -44.44 -10.59
N ILE R 59 -51.44 -44.71 -11.33
CA ILE R 59 -50.58 -43.65 -11.84
C ILE R 59 -51.40 -42.84 -12.84
N ARG R 60 -51.14 -41.53 -12.87
CA ARG R 60 -51.85 -40.60 -13.75
C ARG R 60 -51.13 -40.51 -15.11
N LYS R 61 -51.91 -40.46 -16.20
CA LYS R 61 -51.44 -40.37 -17.57
C LYS R 61 -51.82 -39.03 -18.23
N ILE R 62 -52.26 -38.11 -17.36
CA ILE R 62 -52.53 -36.70 -17.63
C ILE R 62 -51.68 -35.90 -16.66
N TYR R 63 -50.75 -35.11 -17.20
CA TYR R 63 -49.79 -34.44 -16.38
C TYR R 63 -50.11 -32.96 -16.33
N LYS R 64 -49.78 -32.34 -15.17
CA LYS R 64 -49.82 -30.90 -14.94
C LYS R 64 -48.51 -30.32 -15.44
N LEU R 65 -48.54 -29.26 -16.26
CA LEU R 65 -47.27 -28.59 -16.59
C LEU R 65 -47.09 -27.34 -15.74
N ASP R 66 -48.16 -26.73 -15.25
CA ASP R 66 -48.10 -25.55 -14.42
C ASP R 66 -49.52 -25.34 -13.90
N GLU R 67 -49.77 -24.30 -13.09
CA GLU R 67 -51.01 -24.17 -12.37
C GLU R 67 -52.24 -24.14 -13.30
N HIS R 68 -52.03 -24.00 -14.61
CA HIS R 68 -53.12 -23.68 -15.50
C HIS R 68 -52.96 -24.38 -16.88
N ILE R 69 -52.19 -25.47 -16.94
CA ILE R 69 -51.86 -26.11 -18.20
C ILE R 69 -51.67 -27.60 -17.96
N TYR R 70 -52.47 -28.43 -18.65
CA TYR R 70 -52.36 -29.88 -18.60
C TYR R 70 -51.96 -30.42 -19.96
N LEU R 71 -51.51 -31.67 -19.94
CA LEU R 71 -51.05 -32.43 -21.08
C LEU R 71 -51.56 -33.85 -20.94
N ALA R 72 -52.05 -34.42 -22.04
CA ALA R 72 -52.28 -35.86 -22.17
C ALA R 72 -51.60 -36.24 -23.43
N PHE R 73 -51.27 -37.52 -23.60
CA PHE R 73 -50.51 -37.95 -24.75
C PHE R 73 -51.02 -39.30 -25.21
N ALA R 74 -50.44 -39.75 -26.32
CA ALA R 74 -50.56 -41.10 -26.81
C ALA R 74 -49.24 -41.50 -27.43
N GLY R 75 -48.86 -42.76 -27.32
CA GLY R 75 -47.58 -43.22 -27.84
C GLY R 75 -46.70 -43.81 -26.73
N LEU R 76 -45.40 -43.82 -26.96
CA LEU R 76 -44.45 -44.33 -25.98
C LEU R 76 -44.50 -43.54 -24.68
N SER R 77 -44.97 -44.19 -23.61
CA SER R 77 -45.23 -43.46 -22.37
C SER R 77 -43.94 -42.92 -21.75
N ALA R 78 -42.84 -43.62 -21.94
CA ALA R 78 -41.56 -43.19 -21.37
C ALA R 78 -41.00 -41.97 -22.10
N ASP R 79 -41.10 -41.96 -23.42
CA ASP R 79 -40.71 -40.79 -24.18
C ASP R 79 -41.50 -39.58 -23.73
N ALA R 80 -42.75 -39.77 -23.33
CA ALA R 80 -43.65 -38.69 -23.04
C ALA R 80 -43.34 -38.02 -21.71
N ARG R 81 -42.97 -38.87 -20.76
CA ARG R 81 -42.51 -38.48 -19.45
C ARG R 81 -41.28 -37.58 -19.60
N VAL R 82 -40.39 -37.89 -20.53
CA VAL R 82 -39.25 -37.02 -20.79
C VAL R 82 -39.76 -35.69 -21.31
N LEU R 83 -40.62 -35.76 -22.32
CA LEU R 83 -41.19 -34.56 -22.88
C LEU R 83 -41.85 -33.71 -21.81
N VAL R 84 -42.68 -34.29 -20.92
CA VAL R 84 -43.35 -33.55 -19.83
C VAL R 84 -42.35 -32.86 -18.87
N ASN R 85 -41.29 -33.56 -18.46
CA ASN R 85 -40.16 -32.94 -17.78
C ASN R 85 -39.61 -31.69 -18.45
N HIS R 86 -39.19 -31.76 -19.71
CA HIS R 86 -38.74 -30.56 -20.38
C HIS R 86 -39.79 -29.44 -20.26
N ALA R 87 -41.08 -29.78 -20.32
CA ALA R 87 -42.07 -28.72 -20.39
C ALA R 87 -42.26 -28.04 -19.02
N GLN R 88 -42.20 -28.85 -17.96
CA GLN R 88 -42.23 -28.33 -16.59
C GLN R 88 -41.01 -27.43 -16.34
N LEU R 89 -39.80 -27.88 -16.67
CA LEU R 89 -38.67 -26.97 -16.64
C LEU R 89 -38.97 -25.67 -17.39
N GLU R 90 -39.41 -25.76 -18.63
CA GLU R 90 -39.63 -24.57 -19.43
C GLU R 90 -40.55 -23.60 -18.75
N CYS R 91 -41.68 -24.05 -18.16
CA CYS R 91 -42.59 -23.09 -17.56
C CYS R 91 -41.94 -22.35 -16.40
N GLN R 92 -41.10 -23.03 -15.64
CA GLN R 92 -40.53 -22.43 -14.46
C GLN R 92 -39.40 -21.51 -14.91
N ARG R 93 -38.58 -21.95 -15.86
CA ARG R 93 -37.62 -21.05 -16.50
C ARG R 93 -38.27 -19.72 -16.91
N PHE R 94 -39.46 -19.79 -17.49
CA PHE R 94 -40.10 -18.60 -17.98
C PHE R 94 -40.51 -17.71 -16.79
N ARG R 95 -41.07 -18.27 -15.73
CA ARG R 95 -41.41 -17.43 -14.59
C ARG R 95 -40.17 -16.66 -14.10
N LEU R 96 -39.05 -17.33 -14.05
CA LEU R 96 -37.79 -16.79 -13.59
C LEU R 96 -37.24 -15.72 -14.53
N ASN R 97 -37.36 -15.88 -15.84
CA ASN R 97 -36.90 -14.87 -16.79
C ASN R 97 -37.89 -13.72 -17.03
N TYR R 98 -39.15 -13.79 -16.63
CA TYR R 98 -40.12 -12.82 -17.16
C TYR R 98 -41.21 -12.56 -16.15
N GLU R 99 -41.16 -13.25 -15.01
CA GLU R 99 -42.00 -13.01 -13.85
C GLU R 99 -43.43 -13.53 -14.10
N ASP R 100 -44.05 -13.16 -15.22
CA ASP R 100 -45.37 -13.64 -15.63
C ASP R 100 -45.35 -15.16 -15.89
N ALA R 101 -46.56 -15.75 -15.92
CA ALA R 101 -46.77 -17.17 -16.18
C ALA R 101 -46.91 -17.41 -17.68
N VAL R 102 -46.25 -18.47 -18.14
CA VAL R 102 -46.18 -18.77 -19.55
C VAL R 102 -47.60 -18.97 -20.07
N ASP R 103 -47.82 -18.45 -21.29
CA ASP R 103 -48.99 -18.72 -22.10
C ASP R 103 -48.95 -20.16 -22.64
N VAL R 104 -50.09 -20.79 -22.63
CA VAL R 104 -50.26 -22.06 -23.34
C VAL R 104 -49.65 -22.03 -24.75
N ASP R 105 -49.95 -21.00 -25.57
CA ASP R 105 -49.58 -21.09 -26.98
C ASP R 105 -48.05 -21.07 -27.12
N LEU R 106 -47.41 -20.35 -26.21
CA LEU R 106 -45.95 -20.31 -26.12
C LEU R 106 -45.40 -21.66 -25.70
N LEU R 107 -46.01 -22.28 -24.69
CA LEU R 107 -45.49 -23.53 -24.20
C LEU R 107 -45.62 -24.61 -25.25
N VAL R 108 -46.65 -24.50 -26.08
CA VAL R 108 -46.86 -25.47 -27.15
C VAL R 108 -45.76 -25.39 -28.20
N ARG R 109 -45.29 -24.19 -28.55
CA ARG R 109 -44.23 -24.03 -29.54
C ARG R 109 -42.91 -24.49 -29.01
N TYR R 110 -42.67 -24.37 -27.70
CA TYR R 110 -41.49 -24.89 -27.07
C TYR R 110 -41.50 -26.42 -27.24
N VAL R 111 -42.59 -27.06 -26.88
CA VAL R 111 -42.66 -28.51 -26.95
C VAL R 111 -42.53 -28.96 -28.40
N ALA R 112 -43.30 -28.35 -29.27
CA ALA R 112 -43.26 -28.75 -30.67
C ALA R 112 -41.86 -28.62 -31.25
N LYS R 113 -41.06 -27.68 -30.76
CA LYS R 113 -39.72 -27.48 -31.32
C LYS R 113 -38.77 -28.50 -30.74
N VAL R 114 -39.00 -28.91 -29.49
CA VAL R 114 -38.30 -30.07 -28.96
C VAL R 114 -38.57 -31.31 -29.82
N GLN R 115 -39.80 -31.52 -30.29
CA GLN R 115 -40.05 -32.68 -31.13
C GLN R 115 -39.34 -32.53 -32.47
N GLN R 116 -39.38 -31.34 -33.07
CA GLN R 116 -38.81 -31.09 -34.40
C GLN R 116 -37.30 -31.33 -34.36
N LYS R 117 -36.66 -30.96 -33.28
CA LYS R 117 -35.21 -31.01 -33.23
C LYS R 117 -34.79 -32.47 -33.19
N SER R 118 -35.60 -33.29 -32.55
CA SER R 118 -35.29 -34.71 -32.44
C SER R 118 -35.43 -35.40 -33.81
N THR R 119 -35.99 -34.73 -34.84
CA THR R 119 -36.07 -35.27 -36.19
C THR R 119 -34.85 -34.85 -37.04
N GLN R 120 -33.97 -34.00 -36.48
CA GLN R 120 -32.85 -33.49 -37.25
C GLN R 120 -31.49 -33.66 -36.53
N SER R 121 -31.50 -34.02 -35.24
CA SER R 121 -30.29 -34.09 -34.43
C SER R 121 -29.67 -35.48 -34.54
N SER R 122 -28.57 -35.55 -35.31
CA SER R 122 -27.62 -36.66 -35.35
C SER R 122 -27.45 -37.26 -33.94
N GLY R 123 -27.37 -38.60 -33.89
CA GLY R 123 -27.17 -39.30 -32.63
C GLY R 123 -28.46 -39.85 -32.01
N SER R 124 -29.62 -39.35 -32.44
CA SER R 124 -30.87 -39.49 -31.72
C SER R 124 -31.99 -39.84 -32.69
N ARG R 125 -32.95 -40.63 -32.19
CA ARG R 125 -34.19 -40.90 -32.89
C ARG R 125 -35.24 -39.91 -32.43
N PRO R 126 -36.33 -39.69 -33.19
CA PRO R 126 -37.48 -38.90 -32.77
C PRO R 126 -38.26 -39.46 -31.59
N TYR R 127 -38.87 -38.61 -30.77
CA TYR R 127 -39.83 -39.09 -29.80
C TYR R 127 -40.98 -39.78 -30.50
N GLY R 128 -41.57 -40.76 -29.82
CA GLY R 128 -42.77 -41.41 -30.37
C GLY R 128 -44.03 -41.06 -29.60
N VAL R 129 -44.40 -39.80 -29.70
CA VAL R 129 -45.42 -39.26 -28.84
C VAL R 129 -46.22 -38.23 -29.60
N SER R 130 -47.54 -38.16 -29.37
CA SER R 130 -48.32 -36.99 -29.70
C SER R 130 -48.88 -36.45 -28.41
N THR R 131 -49.11 -35.14 -28.34
CA THR R 131 -49.63 -34.53 -27.12
C THR R 131 -50.91 -33.75 -27.42
N ILE R 132 -51.74 -33.64 -26.41
CA ILE R 132 -52.80 -32.69 -26.41
C ILE R 132 -52.61 -31.75 -25.22
N ILE R 133 -52.45 -30.46 -25.49
CA ILE R 133 -52.14 -29.52 -24.43
C ILE R 133 -53.23 -28.44 -24.41
N GLY R 134 -53.76 -28.21 -23.23
CA GLY R 134 -54.86 -27.28 -23.06
C GLY R 134 -54.58 -26.38 -21.88
N GLY R 135 -55.02 -25.12 -21.97
CA GLY R 135 -54.90 -24.23 -20.84
C GLY R 135 -55.52 -22.89 -21.14
N PHE R 136 -55.41 -21.98 -20.16
CA PHE R 136 -56.04 -20.67 -20.26
C PHE R 136 -54.98 -19.59 -20.40
N ASN R 137 -55.39 -18.46 -20.99
CA ASN R 137 -54.70 -17.18 -20.84
C ASN R 137 -54.96 -16.62 -19.43
N GLU R 138 -54.48 -15.40 -19.15
CA GLU R 138 -54.82 -14.70 -17.91
C GLU R 138 -56.05 -13.81 -18.15
N ASN R 139 -56.70 -13.99 -19.32
CA ASN R 139 -57.95 -13.32 -19.65
C ASN R 139 -59.09 -14.34 -19.80
N GLY R 140 -58.80 -15.62 -19.49
CA GLY R 140 -59.80 -16.60 -19.14
C GLY R 140 -60.38 -17.36 -20.33
N GLN R 141 -59.71 -17.32 -21.48
CA GLN R 141 -60.22 -17.91 -22.71
C GLN R 141 -59.48 -19.22 -23.04
N PRO R 142 -60.14 -20.39 -23.05
CA PRO R 142 -59.45 -21.66 -23.32
C PRO R 142 -58.81 -21.94 -24.67
N HIS R 143 -57.72 -22.73 -24.64
CA HIS R 143 -57.04 -23.15 -25.84
C HIS R 143 -56.67 -24.64 -25.80
N LEU R 144 -56.82 -25.34 -26.93
CA LEU R 144 -56.48 -26.74 -27.01
C LEU R 144 -55.57 -27.00 -28.19
N TRP R 145 -54.38 -27.55 -27.92
CA TRP R 145 -53.42 -27.78 -28.99
C TRP R 145 -53.05 -29.25 -29.11
N LYS R 146 -52.73 -29.69 -30.31
CA LYS R 146 -52.19 -31.01 -30.50
C LYS R 146 -50.79 -30.90 -31.14
N THR R 147 -49.84 -31.77 -30.75
CA THR R 147 -48.52 -31.80 -31.35
C THR R 147 -48.22 -33.21 -31.82
N ASP R 148 -47.50 -33.35 -32.92
CA ASP R 148 -47.26 -34.67 -33.46
C ASP R 148 -45.76 -34.86 -33.56
N PRO R 149 -45.25 -36.08 -33.85
CA PRO R 149 -43.80 -36.36 -33.85
C PRO R 149 -42.89 -35.56 -34.79
N SER R 150 -43.46 -35.06 -35.89
CA SER R 150 -42.75 -34.22 -36.85
C SER R 150 -42.37 -32.89 -36.21
N GLY R 151 -43.22 -32.44 -35.28
CA GLY R 151 -43.03 -31.19 -34.55
C GLY R 151 -44.10 -30.16 -34.90
N MET R 152 -45.05 -30.56 -35.72
CA MET R 152 -46.12 -29.71 -36.18
C MET R 152 -47.17 -29.56 -35.08
N SER R 153 -47.54 -28.32 -34.73
CA SER R 153 -48.60 -28.07 -33.76
C SER R 153 -49.77 -27.38 -34.43
N SER R 154 -50.94 -27.34 -33.76
CA SER R 154 -52.18 -26.80 -34.33
C SER R 154 -53.29 -26.79 -33.30
N ALA R 155 -54.23 -25.86 -33.41
CA ALA R 155 -55.20 -25.67 -32.34
C ALA R 155 -56.50 -26.30 -32.79
N TRP R 156 -57.30 -26.79 -31.83
CA TRP R 156 -58.54 -27.51 -32.13
C TRP R 156 -59.65 -27.17 -31.19
N ARG R 157 -60.88 -27.43 -31.64
CA ARG R 157 -62.06 -27.36 -30.80
C ARG R 157 -62.35 -28.72 -30.17
N ALA R 158 -61.95 -29.79 -30.85
CA ALA R 158 -61.82 -31.04 -30.16
C ALA R 158 -60.92 -31.96 -30.96
N VAL R 159 -60.36 -33.00 -30.34
CA VAL R 159 -59.31 -33.75 -31.01
C VAL R 159 -59.11 -35.10 -30.35
N ALA R 160 -58.76 -36.09 -31.17
CA ALA R 160 -58.45 -37.41 -30.68
C ALA R 160 -57.09 -37.84 -31.19
N ILE R 161 -56.37 -38.61 -30.39
CA ILE R 161 -55.12 -39.18 -30.90
C ILE R 161 -55.06 -40.63 -30.47
N GLY R 162 -54.08 -41.32 -31.04
CA GLY R 162 -53.81 -42.70 -30.70
C GLY R 162 -54.67 -43.67 -31.52
N ARG R 163 -55.08 -44.77 -30.88
CA ARG R 163 -55.72 -45.84 -31.61
C ARG R 163 -57.18 -45.46 -31.83
N ASN R 164 -57.61 -45.68 -33.09
CA ASN R 164 -58.95 -45.38 -33.55
C ASN R 164 -59.15 -43.87 -33.51
N ASP R 165 -58.09 -43.16 -33.92
CA ASP R 165 -58.03 -41.71 -33.96
C ASP R 165 -59.06 -41.23 -34.97
N LYS R 166 -59.02 -41.82 -36.17
CA LYS R 166 -59.79 -41.38 -37.31
C LYS R 166 -61.30 -41.57 -37.09
N THR R 167 -61.67 -42.70 -36.44
CA THR R 167 -63.05 -43.03 -36.12
C THR R 167 -63.66 -42.07 -35.10
N VAL R 168 -62.92 -41.79 -34.03
CA VAL R 168 -63.40 -40.91 -32.96
C VAL R 168 -63.55 -39.51 -33.54
N LEU R 169 -62.56 -39.13 -34.35
CA LEU R 169 -62.47 -37.81 -34.94
C LEU R 169 -63.68 -37.57 -35.87
N GLU R 170 -64.09 -38.60 -36.63
CA GLU R 170 -65.28 -38.57 -37.47
C GLU R 170 -66.55 -38.41 -36.64
N PHE R 171 -66.70 -39.22 -35.59
CA PHE R 171 -67.83 -39.04 -34.70
C PHE R 171 -67.90 -37.60 -34.19
N MET R 172 -66.73 -36.99 -33.92
CA MET R 172 -66.69 -35.71 -33.23
C MET R 172 -66.95 -34.56 -34.20
N GLU R 173 -66.72 -34.79 -35.52
CA GLU R 173 -66.96 -33.78 -36.55
C GLU R 173 -68.45 -33.50 -36.70
N LYS R 174 -69.29 -34.53 -36.50
CA LYS R 174 -70.74 -34.39 -36.57
C LYS R 174 -71.28 -33.70 -35.33
N SER R 175 -70.83 -34.18 -34.18
CA SER R 175 -71.60 -34.06 -32.96
C SER R 175 -71.14 -32.86 -32.12
N TYR R 176 -70.07 -32.17 -32.56
CA TYR R 176 -69.44 -31.13 -31.75
C TYR R 176 -70.34 -29.89 -31.75
N GLN R 177 -70.31 -29.13 -30.66
CA GLN R 177 -71.19 -27.99 -30.51
C GLN R 177 -70.47 -26.87 -29.76
N GLU R 178 -70.65 -25.64 -30.23
CA GLU R 178 -69.99 -24.49 -29.66
C GLU R 178 -70.63 -24.22 -28.29
N ASN R 179 -69.80 -23.79 -27.33
CA ASN R 179 -70.24 -23.25 -26.04
C ASN R 179 -71.00 -24.31 -25.24
N MET R 180 -70.43 -25.52 -25.19
CA MET R 180 -70.90 -26.60 -24.33
C MET R 180 -70.55 -26.24 -22.88
N THR R 181 -71.41 -26.66 -21.94
CA THR R 181 -71.18 -26.50 -20.52
C THR R 181 -70.11 -27.49 -20.08
N ARG R 182 -69.71 -27.38 -18.81
CA ARG R 182 -68.82 -28.30 -18.11
C ARG R 182 -69.35 -29.74 -18.20
N ASP R 183 -70.65 -29.94 -17.94
CA ASP R 183 -71.24 -31.28 -17.83
C ASP R 183 -71.45 -31.88 -19.22
N GLN R 184 -71.86 -31.03 -20.16
CA GLN R 184 -72.01 -31.40 -21.55
C GLN R 184 -70.67 -31.85 -22.12
N CYS R 185 -69.60 -31.15 -21.75
CA CYS R 185 -68.26 -31.42 -22.28
C CYS R 185 -67.79 -32.78 -21.84
N VAL R 186 -68.03 -33.12 -20.56
CA VAL R 186 -67.69 -34.45 -20.02
C VAL R 186 -68.51 -35.50 -20.76
N HIS R 187 -69.81 -35.28 -20.86
CA HIS R 187 -70.70 -36.20 -21.52
C HIS R 187 -70.13 -36.54 -22.90
N PHE R 188 -69.82 -35.48 -23.65
CA PHE R 188 -69.48 -35.57 -25.06
C PHE R 188 -68.12 -36.27 -25.22
N ALA R 189 -67.21 -36.01 -24.26
CA ALA R 189 -65.89 -36.60 -24.26
C ALA R 189 -65.95 -38.10 -23.99
N ILE R 190 -66.78 -38.52 -23.02
CA ILE R 190 -66.90 -39.93 -22.68
C ILE R 190 -67.46 -40.63 -23.91
N LYS R 191 -68.57 -40.07 -24.42
CA LYS R 191 -69.24 -40.63 -25.57
C LYS R 191 -68.21 -40.91 -26.65
N ALA R 192 -67.47 -39.86 -27.03
CA ALA R 192 -66.46 -39.92 -28.07
C ALA R 192 -65.49 -41.08 -27.86
N LEU R 193 -65.13 -41.37 -26.60
CA LEU R 193 -64.13 -42.38 -26.29
C LEU R 193 -64.65 -43.79 -26.55
N LEU R 194 -65.91 -44.05 -26.19
CA LEU R 194 -66.50 -45.38 -26.25
C LEU R 194 -66.81 -45.82 -27.68
N GLU R 195 -66.33 -45.08 -28.68
CA GLU R 195 -66.37 -45.50 -30.08
C GLU R 195 -65.15 -46.38 -30.38
N ALA R 196 -64.09 -46.24 -29.57
CA ALA R 196 -62.87 -47.02 -29.69
C ALA R 196 -62.76 -48.08 -28.60
N VAL R 197 -63.29 -47.79 -27.40
CA VAL R 197 -63.01 -48.56 -26.20
C VAL R 197 -64.18 -49.51 -25.91
N GLU R 198 -63.85 -50.60 -25.19
CA GLU R 198 -64.77 -51.70 -24.94
C GLU R 198 -65.83 -51.31 -23.91
N SER R 199 -65.43 -51.18 -22.63
CA SER R 199 -66.32 -50.81 -21.55
C SER R 199 -65.90 -49.45 -20.97
N GLY R 200 -66.67 -48.92 -20.02
CA GLY R 200 -66.40 -47.60 -19.47
C GLY R 200 -66.38 -47.58 -17.94
N SER R 201 -66.04 -48.71 -17.32
CA SER R 201 -66.06 -48.84 -15.87
C SER R 201 -64.90 -48.06 -15.25
N LYS R 202 -63.68 -48.66 -15.29
CA LYS R 202 -62.48 -48.02 -14.78
C LYS R 202 -61.36 -48.12 -15.81
N ASN R 203 -61.66 -47.79 -17.08
CA ASN R 203 -60.61 -47.69 -18.08
C ASN R 203 -60.69 -46.30 -18.74
N ILE R 204 -61.01 -45.29 -17.92
CA ILE R 204 -61.08 -43.90 -18.34
C ILE R 204 -60.65 -43.03 -17.18
N GLU R 205 -59.63 -42.19 -17.41
CA GLU R 205 -59.37 -41.09 -16.49
C GLU R 205 -59.71 -39.77 -17.18
N LEU R 206 -59.96 -38.76 -16.38
CA LEU R 206 -60.66 -37.58 -16.86
C LEU R 206 -60.31 -36.35 -16.03
N VAL R 207 -59.83 -35.30 -16.71
CA VAL R 207 -59.54 -34.05 -16.03
C VAL R 207 -60.50 -32.99 -16.53
N VAL R 208 -61.01 -32.23 -15.58
CA VAL R 208 -61.78 -31.06 -15.92
C VAL R 208 -60.98 -29.84 -15.54
N LEU R 209 -60.47 -29.14 -16.55
CA LEU R 209 -59.59 -28.01 -16.33
C LEU R 209 -60.39 -26.75 -16.55
N GLU R 210 -60.67 -26.07 -15.44
CA GLU R 210 -61.44 -24.84 -15.45
C GLU R 210 -60.44 -23.71 -15.23
N ASN R 211 -60.89 -22.46 -15.39
CA ASN R 211 -60.07 -21.32 -15.01
C ASN R 211 -60.04 -21.26 -13.49
N LYS R 212 -58.86 -21.52 -12.90
CA LYS R 212 -58.62 -21.33 -11.47
C LYS R 212 -58.96 -22.60 -10.69
N LYS R 213 -59.05 -23.75 -11.38
CA LYS R 213 -59.29 -25.04 -10.75
C LYS R 213 -58.90 -26.16 -11.70
N ALA R 214 -58.70 -27.34 -11.13
CA ALA R 214 -58.53 -28.57 -11.89
C ALA R 214 -59.00 -29.73 -11.02
N LEU R 215 -59.44 -30.81 -11.66
CA LEU R 215 -60.01 -31.94 -10.95
C LEU R 215 -59.59 -33.21 -11.69
N TYR R 216 -58.94 -34.13 -11.00
CA TYR R 216 -58.86 -35.50 -11.48
C TYR R 216 -60.07 -36.26 -10.95
N MET R 217 -61.10 -36.36 -11.78
CA MET R 217 -62.40 -36.84 -11.34
C MET R 217 -62.23 -38.17 -10.60
N GLY R 218 -63.06 -38.37 -9.57
CA GLY R 218 -63.09 -39.62 -8.83
C GLY R 218 -63.80 -40.73 -9.59
N ASP R 219 -64.03 -41.86 -8.91
CA ASP R 219 -64.67 -43.02 -9.52
C ASP R 219 -66.18 -43.00 -9.24
N ASP R 220 -66.64 -42.20 -8.28
CA ASP R 220 -68.07 -42.04 -8.02
C ASP R 220 -68.70 -41.16 -9.10
N GLU R 221 -68.05 -40.03 -9.40
CA GLU R 221 -68.59 -39.08 -10.37
C GLU R 221 -68.41 -39.58 -11.81
N LEU R 222 -67.43 -40.47 -12.07
CA LEU R 222 -67.14 -40.96 -13.42
C LEU R 222 -68.03 -42.14 -13.79
N ARG R 223 -68.48 -42.91 -12.79
CA ARG R 223 -69.44 -43.98 -12.98
C ARG R 223 -70.82 -43.39 -13.33
N LYS R 224 -71.16 -42.28 -12.65
CA LYS R 224 -72.43 -41.58 -12.84
C LYS R 224 -72.61 -41.19 -14.30
N PHE R 225 -71.52 -40.70 -14.93
CA PHE R 225 -71.53 -40.18 -16.29
C PHE R 225 -71.48 -41.29 -17.34
N VAL R 226 -70.80 -42.41 -17.05
CA VAL R 226 -70.70 -43.53 -17.98
C VAL R 226 -72.04 -44.25 -18.12
N VAL R 227 -72.88 -44.21 -17.07
CA VAL R 227 -74.19 -44.86 -17.07
C VAL R 227 -75.24 -43.91 -17.68
N GLU R 228 -75.02 -42.59 -17.58
CA GLU R 228 -75.85 -41.62 -18.29
C GLU R 228 -75.62 -41.75 -19.80
N VAL R 229 -74.43 -42.26 -20.18
CA VAL R 229 -73.98 -42.34 -21.57
C VAL R 229 -74.15 -43.75 -22.14
N GLU R 230 -74.14 -44.79 -21.29
CA GLU R 230 -74.40 -46.15 -21.73
C GLU R 230 -75.91 -46.33 -21.97
N LYS R 231 -76.71 -45.45 -21.35
CA LYS R 231 -78.16 -45.43 -21.46
C LYS R 231 -78.58 -44.75 -22.76
N GLU R 232 -77.74 -43.82 -23.25
CA GLU R 232 -78.02 -43.04 -24.44
C GLU R 232 -77.55 -43.77 -25.71
N ARG R 233 -76.65 -44.75 -25.56
CA ARG R 233 -76.08 -45.48 -26.68
C ARG R 233 -76.98 -46.64 -27.12
N GLU R 234 -78.14 -46.81 -26.46
CA GLU R 234 -79.07 -47.88 -26.77
C GLU R 234 -80.30 -47.32 -27.50
N GLU R 235 -80.14 -46.15 -28.13
CA GLU R 235 -81.28 -45.41 -28.67
C GLU R 235 -81.02 -45.11 -30.15
N GLU S 7 -31.51 -47.06 -47.68
CA GLU S 7 -31.76 -45.83 -46.89
C GLU S 7 -30.52 -45.48 -46.07
N TYR S 8 -29.95 -46.50 -45.40
CA TYR S 8 -28.70 -46.37 -44.69
C TYR S 8 -27.54 -46.96 -45.51
N ASP S 9 -27.87 -47.57 -46.67
CA ASP S 9 -26.91 -48.20 -47.58
C ASP S 9 -25.89 -47.16 -48.09
N ARG S 10 -26.37 -45.91 -48.29
CA ARG S 10 -25.55 -44.79 -48.73
C ARG S 10 -25.78 -43.59 -47.81
N GLY S 11 -24.71 -42.83 -47.61
CA GLY S 11 -24.65 -41.83 -46.58
C GLY S 11 -25.28 -40.50 -47.00
N VAL S 12 -25.24 -39.58 -46.03
CA VAL S 12 -25.91 -38.31 -46.09
C VAL S 12 -25.24 -37.37 -47.09
N ASN S 13 -23.96 -37.62 -47.36
CA ASN S 13 -23.08 -36.85 -48.21
C ASN S 13 -23.00 -37.41 -49.64
N THR S 14 -23.18 -38.70 -49.85
CA THR S 14 -23.08 -39.28 -51.17
C THR S 14 -23.65 -38.45 -52.33
N PHE S 15 -22.86 -38.40 -53.41
CA PHE S 15 -23.18 -37.87 -54.72
C PHE S 15 -23.69 -39.00 -55.59
N SER S 16 -24.67 -38.66 -56.47
CA SER S 16 -25.19 -39.52 -57.54
C SER S 16 -24.20 -39.55 -58.67
N PRO S 17 -24.29 -40.50 -59.61
CA PRO S 17 -23.48 -40.43 -60.82
C PRO S 17 -23.65 -39.26 -61.80
N GLU S 18 -24.57 -38.33 -61.54
CA GLU S 18 -24.70 -37.14 -62.34
C GLU S 18 -24.66 -35.94 -61.41
N GLY S 19 -24.01 -36.14 -60.28
CA GLY S 19 -23.46 -35.02 -59.54
C GLY S 19 -24.52 -34.35 -58.68
N ARG S 20 -25.68 -35.02 -58.50
CA ARG S 20 -26.59 -34.55 -57.46
C ARG S 20 -26.35 -35.26 -56.13
N ILE S 21 -26.57 -34.54 -55.05
CA ILE S 21 -26.55 -35.09 -53.70
C ILE S 21 -27.93 -35.67 -53.39
N PHE S 22 -27.98 -36.97 -53.03
CA PHE S 22 -29.25 -37.66 -52.90
C PHE S 22 -30.12 -36.99 -51.86
N GLN S 23 -29.57 -36.72 -50.68
CA GLN S 23 -30.38 -36.11 -49.64
C GLN S 23 -31.13 -34.90 -50.18
N ILE S 24 -30.50 -34.09 -51.07
CA ILE S 24 -31.12 -32.85 -51.55
C ILE S 24 -32.19 -33.11 -52.62
N GLU S 25 -31.95 -34.07 -53.51
CA GLU S 25 -33.00 -34.42 -54.43
C GLU S 25 -34.26 -34.84 -53.67
N TYR S 26 -34.09 -35.74 -52.70
CA TYR S 26 -35.26 -36.29 -52.02
C TYR S 26 -35.96 -35.19 -51.25
N ALA S 27 -35.22 -34.22 -50.69
CA ALA S 27 -35.85 -33.14 -49.92
C ALA S 27 -36.74 -32.27 -50.81
N ILE S 28 -36.31 -32.00 -52.04
CA ILE S 28 -37.06 -31.25 -53.05
C ILE S 28 -38.33 -32.00 -53.41
N GLU S 29 -38.29 -33.35 -53.52
CA GLU S 29 -39.49 -34.14 -53.76
C GLU S 29 -40.51 -33.90 -52.63
N ALA S 30 -40.01 -33.79 -51.42
CA ALA S 30 -40.83 -33.55 -50.25
C ALA S 30 -41.64 -32.28 -50.39
N ILE S 31 -41.03 -31.23 -50.95
CA ILE S 31 -41.69 -29.92 -51.09
C ILE S 31 -42.88 -29.98 -52.06
N LYS S 32 -42.74 -30.79 -53.12
CA LYS S 32 -43.80 -31.08 -54.07
C LYS S 32 -45.09 -31.62 -53.42
N LEU S 33 -44.99 -32.49 -52.41
CA LEU S 33 -46.18 -32.99 -51.71
C LEU S 33 -46.71 -31.94 -50.75
N GLY S 34 -46.32 -30.69 -50.91
CA GLY S 34 -46.81 -29.67 -50.00
C GLY S 34 -48.10 -29.02 -50.47
N SER S 35 -48.69 -28.20 -49.59
CA SER S 35 -49.69 -27.23 -50.02
C SER S 35 -49.12 -26.44 -51.20
N THR S 36 -49.98 -25.66 -51.89
CA THR S 36 -49.51 -24.74 -52.92
C THR S 36 -49.40 -23.34 -52.34
N SER S 37 -48.37 -22.62 -52.78
CA SER S 37 -48.17 -21.23 -52.38
C SER S 37 -47.45 -20.50 -53.49
N LEU S 38 -47.68 -19.19 -53.52
CA LEU S 38 -47.19 -18.39 -54.61
C LEU S 38 -47.08 -16.91 -54.24
N GLY S 39 -46.27 -16.23 -55.03
CA GLY S 39 -46.07 -14.79 -54.97
C GLY S 39 -45.99 -14.22 -56.38
N ILE S 40 -46.52 -12.99 -56.50
CA ILE S 40 -46.55 -12.24 -57.75
C ILE S 40 -46.04 -10.81 -57.48
N GLN S 41 -45.11 -10.38 -58.35
CA GLN S 41 -44.58 -9.03 -58.32
C GLN S 41 -45.17 -8.17 -59.43
N THR S 42 -45.94 -7.15 -59.02
CA THR S 42 -46.26 -6.00 -59.85
C THR S 42 -45.10 -5.00 -59.77
N PRO S 43 -45.21 -3.79 -60.36
CA PRO S 43 -44.39 -2.64 -59.98
C PRO S 43 -44.75 -1.90 -58.69
N ASP S 44 -46.05 -1.81 -58.39
CA ASP S 44 -46.52 -1.16 -57.18
C ASP S 44 -46.25 -2.03 -55.95
N ALA S 45 -46.49 -3.34 -56.06
CA ALA S 45 -46.57 -4.20 -54.90
C ALA S 45 -46.11 -5.61 -55.23
N VAL S 46 -46.02 -6.42 -54.17
CA VAL S 46 -45.69 -7.83 -54.27
C VAL S 46 -46.70 -8.56 -53.41
N VAL S 47 -47.24 -9.64 -53.98
CA VAL S 47 -48.41 -10.30 -53.40
C VAL S 47 -48.04 -11.76 -53.14
N ILE S 48 -48.44 -12.26 -51.96
CA ILE S 48 -48.25 -13.66 -51.68
C ILE S 48 -49.56 -14.29 -51.22
N ALA S 49 -49.70 -15.60 -51.53
CA ALA S 49 -50.89 -16.36 -51.13
C ALA S 49 -50.65 -17.86 -50.96
N ALA S 50 -51.48 -18.47 -50.11
CA ALA S 50 -51.46 -19.92 -49.98
C ALA S 50 -52.84 -20.52 -49.74
N GLU S 51 -52.97 -21.75 -50.25
CA GLU S 51 -53.84 -22.81 -49.77
C GLU S 51 -53.54 -23.13 -48.30
N LYS S 52 -54.59 -23.24 -47.48
CA LYS S 52 -54.40 -23.60 -46.08
C LYS S 52 -54.33 -25.11 -45.93
N ARG S 53 -55.43 -25.80 -46.25
CA ARG S 53 -55.50 -27.26 -46.17
C ARG S 53 -55.46 -27.70 -44.71
N VAL S 54 -56.57 -27.44 -44.02
CA VAL S 54 -56.86 -28.02 -42.70
C VAL S 54 -57.23 -29.51 -42.86
N PRO S 55 -56.84 -30.37 -41.88
CA PRO S 55 -57.35 -31.76 -41.82
C PRO S 55 -58.66 -32.02 -41.08
N SER S 56 -59.45 -30.97 -40.80
CA SER S 56 -60.86 -31.12 -40.44
C SER S 56 -61.46 -29.77 -40.00
N VAL S 57 -62.75 -29.78 -39.70
CA VAL S 57 -63.52 -28.59 -39.37
C VAL S 57 -63.53 -28.35 -37.86
N LEU S 58 -62.77 -29.19 -37.11
CA LEU S 58 -62.53 -29.00 -35.68
C LEU S 58 -61.24 -28.21 -35.43
N VAL S 59 -60.35 -28.11 -36.43
CA VAL S 59 -59.20 -27.23 -36.36
C VAL S 59 -59.62 -25.76 -36.38
N ASP S 60 -59.09 -24.94 -35.45
CA ASP S 60 -59.17 -23.48 -35.54
C ASP S 60 -58.22 -23.00 -36.64
N PRO S 61 -58.67 -22.31 -37.72
CA PRO S 61 -57.84 -22.16 -38.92
C PRO S 61 -56.71 -21.14 -38.75
N SER S 62 -56.93 -20.11 -37.90
CA SER S 62 -55.91 -19.15 -37.46
C SER S 62 -54.52 -19.81 -37.32
N SER S 63 -54.48 -20.95 -36.62
CA SER S 63 -53.27 -21.54 -36.06
C SER S 63 -52.39 -22.21 -37.10
N MET S 64 -52.90 -22.35 -38.33
CA MET S 64 -52.26 -23.09 -39.40
C MET S 64 -51.76 -22.15 -40.51
N ASN S 65 -51.15 -21.03 -40.13
CA ASN S 65 -50.71 -20.01 -41.08
C ASN S 65 -49.51 -20.50 -41.88
N LYS S 66 -49.57 -20.23 -43.19
CA LYS S 66 -48.40 -20.46 -44.04
C LYS S 66 -47.74 -19.13 -44.43
N ILE S 67 -48.34 -17.98 -44.04
CA ILE S 67 -47.77 -16.66 -44.14
C ILE S 67 -47.30 -16.14 -42.78
N LEU S 68 -45.98 -15.84 -42.68
CA LEU S 68 -45.39 -15.32 -41.45
C LEU S 68 -44.64 -14.02 -41.70
N GLU S 69 -44.84 -13.01 -40.83
CA GLU S 69 -44.04 -11.80 -40.83
C GLU S 69 -42.64 -12.11 -40.28
N ILE S 70 -41.63 -11.84 -41.14
CA ILE S 70 -40.23 -11.72 -40.76
C ILE S 70 -39.92 -10.37 -40.14
N ASP S 71 -40.39 -9.29 -40.75
CA ASP S 71 -40.24 -7.97 -40.15
C ASP S 71 -41.28 -7.09 -40.80
N TYR S 72 -41.42 -5.85 -40.36
CA TYR S 72 -42.48 -4.99 -40.83
C TYR S 72 -42.61 -4.87 -42.32
N HIS S 73 -41.49 -4.98 -43.07
CA HIS S 73 -41.45 -4.82 -44.51
C HIS S 73 -41.25 -6.14 -45.25
N MET S 74 -41.31 -7.29 -44.57
CA MET S 74 -41.23 -8.54 -45.33
C MET S 74 -41.89 -9.72 -44.65
N GLY S 75 -42.43 -10.57 -45.49
CA GLY S 75 -43.19 -11.73 -45.09
C GLY S 75 -42.89 -12.92 -45.96
N THR S 76 -43.18 -14.09 -45.40
CA THR S 76 -42.88 -15.33 -46.08
C THR S 76 -44.13 -16.18 -46.16
N VAL S 77 -44.06 -16.97 -47.21
CA VAL S 77 -44.92 -18.08 -47.37
C VAL S 77 -44.12 -19.34 -47.63
N LEU S 78 -44.46 -20.36 -46.86
CA LEU S 78 -43.62 -21.55 -46.83
C LEU S 78 -44.35 -22.69 -47.54
N SER S 79 -43.60 -23.68 -47.97
CA SER S 79 -44.22 -24.89 -48.48
C SER S 79 -43.30 -26.08 -48.21
N GLY S 80 -43.92 -27.22 -47.91
CA GLY S 80 -43.19 -28.39 -47.45
C GLY S 80 -43.40 -28.58 -45.96
N MET S 81 -42.37 -29.03 -45.29
CA MET S 81 -42.56 -29.42 -43.90
C MET S 81 -42.66 -28.18 -43.01
N VAL S 82 -43.87 -27.92 -42.51
CA VAL S 82 -44.13 -26.73 -41.73
C VAL S 82 -43.20 -26.60 -40.52
N ALA S 83 -42.94 -27.68 -39.80
CA ALA S 83 -42.16 -27.59 -38.58
C ALA S 83 -40.71 -27.19 -38.85
N ASP S 84 -40.15 -27.64 -39.98
CA ASP S 84 -38.81 -27.26 -40.42
C ASP S 84 -38.79 -25.76 -40.79
N ALA S 85 -39.86 -25.27 -41.41
CA ALA S 85 -39.98 -23.88 -41.80
C ALA S 85 -39.97 -22.97 -40.57
N ARG S 86 -40.64 -23.38 -39.51
CA ARG S 86 -40.55 -22.67 -38.24
C ARG S 86 -39.10 -22.40 -37.86
N ILE S 87 -38.19 -23.32 -38.09
CA ILE S 87 -36.80 -23.09 -37.70
C ILE S 87 -36.13 -22.01 -38.57
N LEU S 88 -36.29 -22.08 -39.91
CA LEU S 88 -35.79 -21.05 -40.82
C LEU S 88 -36.38 -19.67 -40.53
N VAL S 89 -37.69 -19.61 -40.24
CA VAL S 89 -38.37 -18.34 -40.12
C VAL S 89 -37.91 -17.69 -38.82
N GLU S 90 -37.52 -18.49 -37.83
CA GLU S 90 -36.92 -17.99 -36.62
C GLU S 90 -35.49 -17.50 -36.89
N HIS S 91 -34.67 -18.16 -37.71
CA HIS S 91 -33.33 -17.63 -37.89
C HIS S 91 -33.49 -16.30 -38.59
N ALA S 92 -34.46 -16.19 -39.52
CA ALA S 92 -34.61 -14.99 -40.31
C ALA S 92 -35.12 -13.78 -39.48
N ARG S 93 -36.09 -13.97 -38.64
CA ARG S 93 -36.46 -12.99 -37.67
C ARG S 93 -35.26 -12.53 -36.84
N VAL S 94 -34.36 -13.44 -36.46
CA VAL S 94 -33.25 -13.02 -35.60
C VAL S 94 -32.23 -12.23 -36.43
N GLU S 95 -31.91 -12.68 -37.62
CA GLU S 95 -31.00 -11.91 -38.46
C GLU S 95 -31.55 -10.51 -38.81
N ALA S 96 -32.87 -10.37 -38.91
CA ALA S 96 -33.37 -9.15 -39.42
C ALA S 96 -33.27 -8.11 -38.32
N GLN S 97 -33.33 -8.60 -37.09
CA GLN S 97 -33.27 -7.77 -35.93
C GLN S 97 -31.81 -7.55 -35.57
N ASN S 98 -30.90 -8.45 -35.87
CA ASN S 98 -29.49 -8.14 -35.63
C ASN S 98 -29.03 -7.01 -36.54
N HIS S 99 -29.36 -7.10 -37.81
CA HIS S 99 -29.12 -6.00 -38.68
C HIS S 99 -29.59 -4.67 -38.11
N ARG S 100 -30.85 -4.56 -37.68
CA ARG S 100 -31.31 -3.28 -37.21
C ARG S 100 -30.58 -2.84 -35.97
N PHE S 101 -30.25 -3.81 -35.12
CA PHE S 101 -29.45 -3.51 -33.96
C PHE S 101 -28.15 -2.90 -34.44
N THR S 102 -27.39 -3.56 -35.31
CA THR S 102 -26.03 -3.17 -35.62
C THR S 102 -26.01 -1.93 -36.50
N TYR S 103 -26.87 -1.77 -37.47
CA TYR S 103 -26.73 -0.64 -38.36
C TYR S 103 -27.97 0.22 -38.52
N ASP S 104 -28.95 0.05 -37.65
CA ASP S 104 -30.07 0.98 -37.47
C ASP S 104 -30.92 1.19 -38.72
N GLU S 105 -31.06 0.15 -39.52
CA GLU S 105 -31.88 0.25 -40.71
C GLU S 105 -32.41 -1.14 -41.08
N PRO S 106 -33.42 -1.24 -41.97
CA PRO S 106 -33.97 -2.54 -42.32
C PRO S 106 -33.04 -3.38 -43.18
N MET S 107 -33.09 -4.67 -42.92
CA MET S 107 -32.38 -5.63 -43.72
C MET S 107 -32.98 -5.60 -45.12
N ARG S 108 -32.11 -5.65 -46.12
CA ARG S 108 -32.55 -5.87 -47.49
C ARG S 108 -33.14 -7.28 -47.54
N VAL S 109 -34.07 -7.45 -48.46
CA VAL S 109 -34.74 -8.71 -48.72
C VAL S 109 -33.77 -9.74 -49.28
N GLU S 110 -32.90 -9.33 -50.18
CA GLU S 110 -31.92 -10.26 -50.68
C GLU S 110 -31.02 -10.73 -49.56
N SER S 111 -30.62 -9.88 -48.64
CA SER S 111 -29.67 -10.33 -47.63
C SER S 111 -30.30 -11.42 -46.75
N CYS S 112 -31.61 -11.24 -46.51
CA CYS S 112 -32.42 -12.12 -45.70
C CYS S 112 -32.54 -13.49 -46.37
N ALA S 113 -32.79 -13.52 -47.67
CA ALA S 113 -32.78 -14.77 -48.40
C ALA S 113 -31.41 -15.42 -48.40
N LEU S 114 -30.36 -14.63 -48.52
CA LEU S 114 -29.01 -15.15 -48.44
C LEU S 114 -28.76 -15.78 -47.08
N ALA S 115 -29.23 -15.14 -46.01
CA ALA S 115 -28.91 -15.58 -44.66
C ALA S 115 -29.63 -16.91 -44.36
N THR S 116 -30.82 -17.09 -44.95
CA THR S 116 -31.66 -18.24 -44.67
C THR S 116 -31.13 -19.45 -45.41
N CYS S 117 -30.44 -19.20 -46.51
CA CYS S 117 -29.81 -20.23 -47.31
C CYS S 117 -28.49 -20.73 -46.76
N ASP S 118 -27.78 -19.88 -46.03
CA ASP S 118 -26.54 -20.34 -45.48
C ASP S 118 -26.88 -21.55 -44.60
N LEU S 119 -27.88 -21.37 -43.72
CA LEU S 119 -28.29 -22.33 -42.69
C LEU S 119 -28.91 -23.62 -43.29
N SER S 120 -29.48 -23.54 -44.50
CA SER S 120 -30.05 -24.69 -45.19
C SER S 120 -29.03 -25.82 -45.36
N VAL S 121 -27.76 -25.49 -45.58
CA VAL S 121 -26.81 -26.47 -46.10
C VAL S 121 -25.84 -26.92 -45.01
N ARG S 122 -26.09 -26.49 -43.78
CA ARG S 122 -25.35 -26.98 -42.64
C ARG S 122 -25.79 -28.40 -42.24
N PHE S 123 -25.46 -29.43 -43.03
CA PHE S 123 -25.81 -30.81 -42.66
C PHE S 123 -24.69 -31.76 -43.06
N GLY S 124 -24.55 -32.90 -42.33
CA GLY S 124 -23.54 -33.92 -42.58
C GLY S 124 -23.60 -35.04 -41.55
N LEU S 132 -23.90 -30.39 -35.94
CA LEU S 132 -24.39 -30.51 -37.35
C LEU S 132 -25.74 -31.27 -37.37
N MET S 133 -26.49 -31.11 -38.48
CA MET S 133 -27.83 -31.67 -38.62
C MET S 133 -27.82 -32.88 -39.55
N SER S 134 -28.68 -33.84 -39.29
CA SER S 134 -28.64 -35.13 -40.00
C SER S 134 -29.07 -35.05 -41.46
N ARG S 135 -29.75 -33.96 -41.85
CA ARG S 135 -30.46 -33.93 -43.11
C ARG S 135 -30.74 -32.49 -43.47
N PRO S 136 -31.04 -32.23 -44.75
CA PRO S 136 -31.50 -30.93 -45.18
C PRO S 136 -32.80 -30.48 -44.55
N PHE S 137 -33.18 -29.22 -44.77
CA PHE S 137 -34.55 -28.85 -44.50
C PHE S 137 -35.42 -29.19 -45.73
N GLY S 138 -36.56 -29.84 -45.49
CA GLY S 138 -37.52 -30.14 -46.53
C GLY S 138 -38.51 -29.01 -46.75
N VAL S 139 -38.02 -27.84 -47.16
CA VAL S 139 -38.78 -26.62 -47.06
C VAL S 139 -38.37 -25.69 -48.18
N SER S 140 -39.33 -25.01 -48.79
CA SER S 140 -38.92 -23.84 -49.55
C SER S 140 -39.73 -22.62 -49.15
N LEU S 141 -39.10 -21.48 -49.32
CA LEU S 141 -39.63 -20.24 -48.84
C LEU S 141 -39.70 -19.30 -50.01
N LEU S 142 -40.82 -18.59 -50.12
CA LEU S 142 -40.88 -17.34 -50.83
C LEU S 142 -40.82 -16.21 -49.82
N ILE S 143 -39.80 -15.35 -49.95
CA ILE S 143 -39.73 -14.13 -49.17
C ILE S 143 -40.10 -12.98 -50.08
N ALA S 144 -40.89 -12.08 -49.53
CA ALA S 144 -41.47 -10.97 -50.24
C ALA S 144 -41.27 -9.72 -49.41
N GLY S 145 -40.71 -8.66 -50.01
CA GLY S 145 -40.79 -7.38 -49.33
C GLY S 145 -40.31 -6.25 -50.21
N VAL S 146 -40.43 -5.06 -49.60
CA VAL S 146 -39.97 -3.80 -50.15
C VAL S 146 -38.76 -3.33 -49.38
N ASP S 147 -37.66 -3.07 -50.09
CA ASP S 147 -36.60 -2.18 -49.59
C ASP S 147 -36.45 -0.99 -50.56
N GLU S 148 -35.21 -0.61 -50.92
CA GLU S 148 -34.96 0.51 -51.82
C GLU S 148 -35.12 0.10 -53.30
N ASN S 149 -35.00 -1.20 -53.60
CA ASN S 149 -35.10 -1.72 -54.96
C ASN S 149 -36.54 -2.08 -55.33
N GLY S 150 -37.50 -1.58 -54.54
CA GLY S 150 -38.91 -1.79 -54.83
C GLY S 150 -39.37 -3.16 -54.36
N PRO S 151 -40.54 -3.64 -54.83
CA PRO S 151 -41.10 -4.88 -54.35
C PRO S 151 -40.28 -6.03 -54.90
N GLN S 152 -40.01 -7.02 -54.05
CA GLN S 152 -39.13 -8.07 -54.48
C GLN S 152 -39.74 -9.41 -54.08
N LEU S 153 -39.41 -10.44 -54.83
CA LEU S 153 -39.84 -11.73 -54.36
C LEU S 153 -38.76 -12.74 -54.59
N TRP S 154 -38.26 -13.33 -53.50
CA TRP S 154 -37.22 -14.32 -53.59
C TRP S 154 -37.66 -15.68 -53.11
N GLN S 155 -36.99 -16.70 -53.63
CA GLN S 155 -37.29 -18.08 -53.34
C GLN S 155 -36.00 -18.82 -53.02
N THR S 156 -36.06 -19.53 -51.90
CA THR S 156 -34.98 -20.37 -51.43
C THR S 156 -35.48 -21.80 -51.49
N ASP S 157 -34.54 -22.75 -51.65
CA ASP S 157 -34.85 -24.17 -51.71
C ASP S 157 -33.83 -25.01 -50.94
N PRO S 158 -34.06 -26.32 -50.69
CA PRO S 158 -33.12 -27.10 -49.86
C PRO S 158 -31.67 -27.18 -50.33
N SER S 159 -31.40 -26.98 -51.63
CA SER S 159 -30.02 -26.92 -52.13
C SER S 159 -29.29 -25.73 -51.54
N GLY S 160 -30.02 -24.74 -51.05
CA GLY S 160 -29.41 -23.49 -50.61
C GLY S 160 -29.26 -22.53 -51.79
N THR S 161 -29.71 -22.90 -53.00
CA THR S 161 -29.87 -21.84 -53.98
C THR S 161 -30.98 -20.91 -53.56
N TYR S 162 -30.79 -19.61 -53.82
CA TYR S 162 -31.85 -18.65 -53.72
C TYR S 162 -31.88 -17.84 -54.99
N THR S 163 -33.05 -17.27 -55.31
CA THR S 163 -33.29 -16.76 -56.63
C THR S 163 -34.47 -15.80 -56.65
N ARG S 164 -34.36 -14.75 -57.47
CA ARG S 164 -35.40 -13.74 -57.58
C ARG S 164 -36.29 -14.05 -58.74
N TYR S 165 -37.58 -13.80 -58.54
CA TYR S 165 -38.66 -14.23 -59.40
C TYR S 165 -39.64 -13.07 -59.52
N ASP S 166 -40.25 -12.94 -60.71
CA ASP S 166 -41.29 -11.95 -61.00
C ASP S 166 -42.63 -12.51 -60.55
N ALA S 167 -42.71 -13.85 -60.60
CA ALA S 167 -43.82 -14.59 -60.02
C ALA S 167 -43.49 -16.08 -60.01
N GLN S 168 -43.74 -16.75 -58.87
CA GLN S 168 -43.48 -18.18 -58.77
C GLN S 168 -44.58 -18.87 -57.97
N ALA S 169 -44.64 -20.20 -58.11
CA ALA S 169 -45.36 -21.02 -57.17
C ALA S 169 -44.54 -22.24 -56.73
N ILE S 170 -44.88 -22.74 -55.55
CA ILE S 170 -44.23 -23.92 -55.01
C ILE S 170 -45.31 -24.86 -54.51
N GLY S 171 -45.05 -26.16 -54.57
CA GLY S 171 -45.97 -27.14 -54.00
C GLY S 171 -46.55 -28.14 -55.00
N ALA S 172 -47.74 -28.66 -54.67
CA ALA S 172 -48.37 -29.72 -55.45
C ALA S 172 -48.90 -29.14 -56.76
N GLY S 173 -49.53 -27.94 -56.68
CA GLY S 173 -50.03 -27.21 -57.83
C GLY S 173 -48.99 -26.35 -58.56
N ALA S 174 -47.69 -26.65 -58.43
CA ALA S 174 -46.65 -25.80 -59.00
C ALA S 174 -46.71 -25.81 -60.53
N GLU S 175 -46.58 -27.01 -61.12
CA GLU S 175 -46.36 -27.18 -62.54
C GLU S 175 -47.57 -26.70 -63.36
N ALA S 176 -48.77 -26.75 -62.77
CA ALA S 176 -49.99 -26.23 -63.37
C ALA S 176 -50.08 -24.71 -63.24
N ALA S 177 -49.57 -24.14 -62.14
CA ALA S 177 -49.53 -22.69 -61.96
C ALA S 177 -48.48 -22.03 -62.86
N GLN S 178 -47.46 -22.79 -63.30
CA GLN S 178 -46.47 -22.29 -64.25
C GLN S 178 -46.90 -22.56 -65.71
N THR S 179 -48.21 -22.74 -65.96
CA THR S 179 -48.76 -22.61 -67.30
C THR S 179 -49.92 -21.63 -67.30
N VAL S 180 -50.40 -21.22 -66.12
CA VAL S 180 -51.21 -20.00 -66.01
C VAL S 180 -50.29 -18.78 -65.91
N PHE S 181 -48.98 -18.98 -65.78
CA PHE S 181 -48.06 -17.86 -65.69
C PHE S 181 -47.54 -17.53 -67.09
N ASN S 182 -47.06 -18.55 -67.83
CA ASN S 182 -46.51 -18.35 -69.16
C ASN S 182 -47.60 -17.91 -70.13
N GLU S 183 -48.85 -17.84 -69.66
CA GLU S 183 -49.95 -17.22 -70.39
C GLU S 183 -50.23 -15.81 -69.86
N ILE S 184 -50.90 -15.71 -68.69
CA ILE S 184 -51.54 -14.47 -68.24
C ILE S 184 -50.52 -13.49 -67.62
N TYR S 185 -49.34 -13.98 -67.21
CA TYR S 185 -48.41 -13.11 -66.49
C TYR S 185 -47.66 -12.24 -67.50
N HIS S 186 -47.92 -10.92 -67.42
CA HIS S 186 -47.07 -9.89 -68.00
C HIS S 186 -46.52 -9.03 -66.85
N ARG S 187 -45.42 -8.31 -67.12
CA ARG S 187 -44.62 -7.64 -66.09
C ARG S 187 -45.33 -6.42 -65.52
N ASN S 188 -46.42 -6.01 -66.17
CA ASN S 188 -46.83 -4.62 -66.15
C ASN S 188 -48.24 -4.50 -65.56
N MET S 189 -48.62 -5.46 -64.71
CA MET S 189 -50.00 -5.58 -64.24
C MET S 189 -50.22 -4.65 -63.05
N THR S 190 -51.47 -4.58 -62.59
CA THR S 190 -51.84 -3.72 -61.47
C THR S 190 -51.94 -4.59 -60.20
N VAL S 191 -52.13 -3.94 -59.04
CA VAL S 191 -52.43 -4.68 -57.81
C VAL S 191 -53.54 -5.67 -58.15
N GLU S 192 -54.69 -5.12 -58.58
CA GLU S 192 -55.95 -5.84 -58.77
C GLU S 192 -55.75 -7.10 -59.59
N GLU S 193 -55.06 -7.01 -60.73
CA GLU S 193 -54.97 -8.14 -61.65
C GLU S 193 -54.14 -9.29 -61.07
N ALA S 194 -53.22 -8.98 -60.14
CA ALA S 194 -52.41 -9.99 -59.48
C ALA S 194 -53.19 -10.63 -58.33
N GLU S 195 -53.92 -9.82 -57.56
CA GLU S 195 -54.77 -10.31 -56.47
C GLU S 195 -55.83 -11.27 -57.00
N THR S 196 -56.21 -11.11 -58.28
CA THR S 196 -57.22 -11.93 -58.94
C THR S 196 -56.58 -13.14 -59.60
N LEU S 197 -55.42 -12.93 -60.26
CA LEU S 197 -54.65 -14.00 -60.88
C LEU S 197 -54.21 -15.02 -59.83
N ALA S 198 -54.01 -14.52 -58.60
CA ALA S 198 -53.63 -15.34 -57.45
C ALA S 198 -54.73 -16.37 -57.19
N VAL S 199 -55.93 -15.83 -56.98
CA VAL S 199 -57.07 -16.65 -56.62
C VAL S 199 -57.50 -17.51 -57.81
N ARG S 200 -57.25 -17.06 -59.05
CA ARG S 200 -57.57 -17.89 -60.20
C ARG S 200 -56.79 -19.21 -60.11
N ILE S 201 -55.52 -19.14 -59.69
CA ILE S 201 -54.64 -20.30 -59.72
C ILE S 201 -54.95 -21.19 -58.51
N LEU S 202 -55.36 -20.57 -57.40
CA LEU S 202 -55.70 -21.35 -56.21
C LEU S 202 -56.94 -22.19 -56.49
N LYS S 203 -57.96 -21.59 -57.13
CA LYS S 203 -59.16 -22.31 -57.53
C LYS S 203 -58.77 -23.49 -58.41
N GLN S 204 -57.96 -23.23 -59.44
CA GLN S 204 -57.58 -24.30 -60.36
C GLN S 204 -57.06 -25.52 -59.62
N VAL S 205 -55.90 -25.40 -58.94
CA VAL S 205 -55.10 -26.55 -58.53
C VAL S 205 -55.46 -27.05 -57.13
N MET S 206 -56.38 -26.35 -56.45
CA MET S 206 -56.94 -26.91 -55.23
C MET S 206 -57.78 -28.15 -55.54
N GLU S 207 -58.01 -28.95 -54.49
CA GLU S 207 -58.87 -30.12 -54.55
C GLU S 207 -60.26 -29.74 -54.01
N GLU S 208 -60.29 -28.86 -53.00
CA GLU S 208 -61.51 -28.42 -52.35
C GLU S 208 -62.22 -27.37 -53.20
N GLU S 209 -63.45 -27.02 -52.79
CA GLU S 209 -64.06 -25.77 -53.20
C GLU S 209 -63.38 -24.65 -52.42
N LEU S 210 -63.31 -23.47 -53.06
CA LEU S 210 -62.51 -22.37 -52.56
C LEU S 210 -63.40 -21.40 -51.78
N THR S 211 -62.90 -20.99 -50.61
CA THR S 211 -63.65 -20.20 -49.65
C THR S 211 -62.70 -19.21 -48.98
N LYS S 212 -63.27 -18.21 -48.31
CA LYS S 212 -62.52 -17.11 -47.71
C LYS S 212 -61.68 -17.60 -46.52
N SER S 213 -62.08 -18.72 -45.90
CA SER S 213 -61.39 -19.27 -44.75
C SER S 213 -60.23 -20.17 -45.19
N ASN S 214 -60.29 -20.61 -46.46
CA ASN S 214 -59.50 -21.69 -47.00
C ASN S 214 -58.19 -21.20 -47.65
N ILE S 215 -58.02 -19.88 -47.76
CA ILE S 215 -56.83 -19.29 -48.34
C ILE S 215 -56.44 -18.03 -47.56
N GLU S 216 -55.16 -17.65 -47.77
CA GLU S 216 -54.47 -16.57 -47.09
C GLU S 216 -53.87 -15.65 -48.16
N ILE S 217 -53.96 -14.33 -47.98
CA ILE S 217 -53.32 -13.43 -48.92
C ILE S 217 -52.62 -12.26 -48.19
N ALA S 218 -51.41 -11.93 -48.67
CA ALA S 218 -50.70 -10.79 -48.14
C ALA S 218 -50.05 -9.96 -49.25
N ILE S 219 -49.95 -8.66 -48.96
CA ILE S 219 -49.30 -7.73 -49.86
C ILE S 219 -48.20 -6.91 -49.15
N VAL S 220 -47.15 -6.59 -49.90
CA VAL S 220 -46.27 -5.49 -49.53
C VAL S 220 -46.22 -4.50 -50.68
N PRO S 221 -46.97 -3.39 -50.52
CA PRO S 221 -47.01 -2.35 -51.54
C PRO S 221 -45.82 -1.41 -51.39
N ALA S 222 -45.23 -0.99 -52.53
CA ALA S 222 -44.22 0.07 -52.59
C ALA S 222 -44.72 1.41 -52.04
N SER S 223 -46.04 1.64 -51.98
CA SER S 223 -46.59 2.88 -51.46
C SER S 223 -46.12 3.12 -50.02
N THR S 224 -46.25 2.12 -49.12
CA THR S 224 -46.00 2.32 -47.69
C THR S 224 -44.87 1.45 -47.14
N GLY S 225 -44.51 0.36 -47.85
CA GLY S 225 -43.44 -0.55 -47.45
C GLY S 225 -43.78 -1.44 -46.26
N LYS S 226 -45.09 -1.65 -45.99
CA LYS S 226 -45.52 -2.52 -44.90
C LYS S 226 -46.25 -3.72 -45.48
N LEU S 227 -45.91 -4.92 -44.99
CA LEU S 227 -46.74 -6.09 -45.14
C LEU S 227 -48.07 -5.85 -44.43
N GLU S 228 -49.15 -6.23 -45.14
CA GLU S 228 -50.50 -6.27 -44.60
C GLU S 228 -51.06 -7.68 -44.86
N VAL S 229 -51.77 -8.23 -43.86
CA VAL S 229 -52.42 -9.52 -44.00
C VAL S 229 -53.93 -9.28 -44.13
N TYR S 230 -54.50 -9.85 -45.20
CA TYR S 230 -55.88 -9.60 -45.62
C TYR S 230 -56.86 -10.31 -44.70
N ASP S 231 -57.94 -9.61 -44.32
CA ASP S 231 -59.03 -10.16 -43.53
C ASP S 231 -59.78 -11.17 -44.40
N GLN S 232 -60.77 -11.86 -43.83
CA GLN S 232 -61.66 -12.71 -44.61
C GLN S 232 -62.71 -11.84 -45.32
N THR S 233 -62.98 -10.64 -44.77
CA THR S 233 -63.86 -9.66 -45.36
C THR S 233 -63.33 -9.24 -46.74
N LYS S 234 -62.01 -9.06 -46.82
CA LYS S 234 -61.35 -8.53 -48.01
C LYS S 234 -61.00 -9.64 -49.02
N ILE S 235 -61.05 -10.92 -48.60
CA ILE S 235 -60.87 -12.04 -49.52
C ILE S 235 -62.21 -12.39 -50.17
N GLN S 236 -63.34 -12.04 -49.51
CA GLN S 236 -64.63 -12.20 -50.14
C GLN S 236 -64.65 -11.37 -51.43
N ARG S 237 -64.17 -10.12 -51.36
CA ARG S 237 -64.20 -9.15 -52.45
C ARG S 237 -63.45 -9.64 -53.69
N ILE S 238 -62.60 -10.67 -53.58
CA ILE S 238 -61.76 -11.11 -54.69
C ILE S 238 -62.38 -12.33 -55.37
N ILE S 239 -62.98 -13.23 -54.59
CA ILE S 239 -63.74 -14.35 -55.13
C ILE S 239 -64.97 -13.79 -55.88
N ASP S 240 -65.52 -12.69 -55.34
CA ASP S 240 -66.62 -11.95 -55.97
C ASP S 240 -66.23 -11.51 -57.38
N ARG S 241 -65.02 -10.97 -57.51
CA ARG S 241 -64.54 -10.38 -58.76
C ARG S 241 -64.08 -11.49 -59.72
N LEU S 242 -64.93 -12.52 -59.93
CA LEU S 242 -64.54 -13.71 -60.67
C LEU S 242 -65.77 -14.45 -61.19
N ASN T 4 -22.26 -51.46 -58.13
CA ASN T 4 -20.83 -51.05 -57.92
C ASN T 4 -20.58 -50.87 -56.41
N GLN T 5 -19.65 -51.68 -55.86
CA GLN T 5 -19.37 -51.74 -54.43
C GLN T 5 -18.53 -50.55 -54.00
N TYR T 6 -17.86 -49.91 -54.98
CA TYR T 6 -16.75 -49.02 -54.70
C TYR T 6 -17.08 -47.54 -54.88
N ASP T 7 -18.35 -47.14 -54.83
CA ASP T 7 -18.68 -45.79 -55.28
C ASP T 7 -19.61 -45.06 -54.32
N THR T 8 -19.61 -45.45 -53.05
CA THR T 8 -20.46 -44.78 -52.08
C THR T 8 -19.73 -43.62 -51.38
N ASN T 9 -18.57 -43.94 -50.76
CA ASN T 9 -17.75 -43.02 -49.98
C ASN T 9 -16.54 -42.55 -50.77
N THR T 10 -15.97 -41.45 -50.25
CA THR T 10 -14.74 -40.88 -50.75
C THR T 10 -13.53 -41.65 -50.27
N THR T 11 -13.68 -42.40 -49.18
CA THR T 11 -12.55 -43.07 -48.58
C THR T 11 -12.46 -44.51 -49.10
N THR T 12 -12.93 -44.77 -50.31
CA THR T 12 -12.72 -46.12 -50.80
C THR T 12 -12.08 -46.09 -52.16
N TRP T 13 -10.85 -46.52 -52.31
CA TRP T 13 -10.28 -46.76 -53.62
C TRP T 13 -11.03 -47.88 -54.28
N SER T 14 -10.93 -47.98 -55.59
CA SER T 14 -11.49 -49.07 -56.36
C SER T 14 -10.35 -49.91 -56.87
N PRO T 15 -10.56 -51.17 -57.26
CA PRO T 15 -9.42 -52.02 -57.63
C PRO T 15 -8.55 -51.61 -58.82
N THR T 16 -8.91 -50.54 -59.51
CA THR T 16 -8.16 -50.03 -60.66
C THR T 16 -7.65 -48.63 -60.29
N GLY T 17 -7.79 -48.28 -59.03
CA GLY T 17 -7.11 -47.14 -58.50
C GLY T 17 -7.84 -45.87 -58.87
N ARG T 18 -9.17 -45.96 -58.79
CA ARG T 18 -10.01 -44.83 -59.09
C ARG T 18 -10.76 -44.41 -57.84
N LEU T 19 -11.00 -43.11 -57.71
CA LEU T 19 -11.95 -42.63 -56.74
C LEU T 19 -13.27 -42.16 -57.36
N PHE T 20 -14.28 -43.00 -57.25
CA PHE T 20 -15.55 -42.88 -57.95
C PHE T 20 -16.39 -41.72 -57.44
N GLN T 21 -16.54 -41.59 -56.12
CA GLN T 21 -17.33 -40.52 -55.60
C GLN T 21 -16.74 -39.19 -56.03
N VAL T 22 -15.46 -39.18 -56.39
CA VAL T 22 -14.80 -37.92 -56.70
C VAL T 22 -15.10 -37.53 -58.14
N GLU T 23 -15.22 -38.51 -59.01
CA GLU T 23 -15.59 -38.29 -60.38
C GLU T 23 -17.04 -37.80 -60.48
N TYR T 24 -17.91 -38.34 -59.63
CA TYR T 24 -19.29 -37.90 -59.59
C TYR T 24 -19.41 -36.47 -59.11
N ALA T 25 -18.68 -36.07 -58.06
CA ALA T 25 -18.68 -34.65 -57.70
C ALA T 25 -18.28 -33.81 -58.89
N ASN T 26 -17.35 -34.34 -59.70
CA ASN T 26 -16.85 -33.69 -60.89
C ASN T 26 -17.93 -33.53 -61.95
N GLU T 27 -18.82 -34.50 -62.12
CA GLU T 27 -20.04 -34.25 -62.91
C GLU T 27 -20.87 -33.05 -62.43
N ALA T 28 -20.90 -32.71 -61.15
CA ALA T 28 -21.72 -31.57 -60.78
C ALA T 28 -21.31 -30.32 -61.56
N VAL T 29 -20.03 -30.25 -61.88
CA VAL T 29 -19.44 -29.15 -62.63
C VAL T 29 -19.79 -29.24 -64.12
N ASN T 30 -19.82 -30.44 -64.67
CA ASN T 30 -19.99 -30.55 -66.10
C ASN T 30 -21.41 -30.23 -66.49
N ASN T 31 -22.27 -29.94 -65.50
CA ASN T 31 -23.71 -29.84 -65.67
C ASN T 31 -24.24 -28.51 -65.13
N GLY T 32 -23.33 -27.64 -64.67
CA GLY T 32 -23.65 -26.24 -64.43
C GLY T 32 -23.54 -25.46 -65.73
N SER T 33 -24.01 -24.20 -65.70
CA SER T 33 -23.95 -23.27 -66.82
C SER T 33 -22.50 -22.88 -67.17
N ALA T 34 -22.27 -22.67 -68.45
CA ALA T 34 -20.92 -22.55 -68.96
C ALA T 34 -20.35 -21.25 -68.43
N ALA T 35 -19.04 -21.28 -68.19
CA ALA T 35 -18.34 -20.04 -68.02
C ALA T 35 -17.02 -20.17 -68.73
N VAL T 36 -16.47 -19.00 -69.07
CA VAL T 36 -15.30 -18.89 -69.90
C VAL T 36 -14.38 -17.87 -69.24
N GLY T 37 -13.08 -18.10 -69.44
CA GLY T 37 -12.08 -17.12 -69.04
C GLY T 37 -11.04 -17.02 -70.12
N THR T 38 -10.37 -15.88 -70.22
CA THR T 38 -9.25 -15.67 -71.14
C THR T 38 -8.35 -14.56 -70.61
N LYS T 39 -7.11 -14.51 -71.14
CA LYS T 39 -6.21 -13.47 -70.66
C LYS T 39 -5.23 -13.05 -71.71
N ASN T 40 -4.95 -11.75 -71.71
CA ASN T 40 -3.88 -11.17 -72.55
C ASN T 40 -2.67 -10.81 -71.66
N LYS T 41 -1.87 -9.80 -72.02
CA LYS T 41 -0.71 -9.45 -71.21
C LYS T 41 -1.09 -8.79 -69.89
N ASP T 42 -2.20 -8.05 -69.82
CA ASP T 42 -2.47 -7.27 -68.62
C ASP T 42 -3.91 -7.34 -68.12
N PHE T 43 -4.78 -8.17 -68.70
CA PHE T 43 -6.10 -8.36 -68.12
C PHE T 43 -6.54 -9.81 -68.18
N VAL T 44 -7.51 -10.12 -67.33
CA VAL T 44 -8.23 -11.38 -67.44
C VAL T 44 -9.70 -11.04 -67.63
N VAL T 45 -10.40 -11.75 -68.53
CA VAL T 45 -11.85 -11.61 -68.65
C VAL T 45 -12.61 -12.91 -68.32
N LEU T 46 -13.56 -12.84 -67.38
CA LEU T 46 -14.53 -13.92 -67.17
C LEU T 46 -15.84 -13.60 -67.88
N THR T 47 -16.39 -14.54 -68.66
CA THR T 47 -17.82 -14.45 -68.96
C THR T 47 -18.62 -15.67 -68.56
N ALA T 48 -19.86 -15.44 -68.22
CA ALA T 48 -20.70 -16.52 -67.73
C ALA T 48 -22.13 -16.31 -68.20
N LEU T 49 -22.68 -17.44 -68.64
CA LEU T 49 -24.04 -17.59 -69.12
C LEU T 49 -24.96 -17.92 -67.94
N LYS T 50 -25.57 -16.90 -67.36
CA LYS T 50 -26.54 -17.07 -66.30
C LYS T 50 -27.75 -17.90 -66.79
N ARG T 51 -28.10 -18.97 -66.05
CA ARG T 51 -29.20 -19.86 -66.39
C ARG T 51 -30.32 -19.74 -65.34
N TYR T 60 -32.22 -14.52 -62.53
CA TYR T 60 -30.99 -13.87 -61.95
C TYR T 60 -30.29 -14.80 -60.95
N GLN T 61 -29.20 -15.46 -61.38
CA GLN T 61 -28.35 -16.30 -60.53
C GLN T 61 -26.92 -15.76 -60.45
N GLU T 62 -26.52 -15.34 -59.24
CA GLU T 62 -25.12 -15.09 -58.90
C GLU T 62 -24.25 -16.24 -59.39
N LYS T 63 -23.36 -15.93 -60.33
CA LYS T 63 -22.39 -16.87 -60.82
C LYS T 63 -20.96 -16.31 -60.81
N VAL T 64 -20.78 -15.03 -60.48
CA VAL T 64 -19.50 -14.35 -60.48
C VAL T 64 -19.38 -13.61 -59.14
N PHE T 65 -18.29 -13.83 -58.40
CA PHE T 65 -18.09 -13.21 -57.11
C PHE T 65 -16.74 -12.49 -57.08
N LYS T 66 -16.68 -11.39 -56.34
CA LYS T 66 -15.46 -10.67 -56.16
C LYS T 66 -14.86 -11.17 -54.84
N LEU T 67 -13.53 -11.40 -54.84
CA LEU T 67 -12.95 -11.97 -53.64
C LEU T 67 -12.10 -10.97 -52.91
N ASP T 68 -11.48 -10.01 -53.62
CA ASP T 68 -10.82 -8.86 -53.02
C ASP T 68 -10.67 -7.83 -54.14
N ASP T 69 -9.94 -6.75 -53.88
CA ASP T 69 -9.79 -5.67 -54.85
C ASP T 69 -9.25 -6.22 -56.16
N HIS T 70 -8.42 -7.28 -56.10
CA HIS T 70 -7.66 -7.73 -57.24
C HIS T 70 -7.97 -9.15 -57.72
N VAL T 71 -9.13 -9.70 -57.36
CA VAL T 71 -9.36 -11.10 -57.71
C VAL T 71 -10.86 -11.40 -57.48
N GLY T 72 -11.38 -12.18 -58.45
CA GLY T 72 -12.72 -12.74 -58.38
C GLY T 72 -12.83 -14.05 -59.16
N MET T 73 -14.00 -14.70 -59.08
CA MET T 73 -14.17 -15.99 -59.70
C MET T 73 -15.57 -16.17 -60.30
N ALA T 74 -15.67 -17.01 -61.33
CA ALA T 74 -16.89 -17.64 -61.78
C ALA T 74 -17.00 -19.05 -61.22
N ILE T 75 -18.24 -19.48 -60.87
CA ILE T 75 -18.53 -20.85 -60.49
C ILE T 75 -19.32 -21.62 -61.55
N ALA T 76 -19.22 -22.95 -61.43
CA ALA T 76 -20.10 -23.92 -62.04
C ALA T 76 -20.37 -25.10 -61.08
N GLY T 77 -21.67 -25.40 -60.90
CA GLY T 77 -22.17 -26.52 -60.12
C GLY T 77 -22.94 -26.02 -58.92
N LEU T 78 -22.71 -26.63 -57.76
CA LEU T 78 -23.52 -26.37 -56.58
C LEU T 78 -23.09 -25.05 -55.99
N VAL T 79 -24.07 -24.16 -55.96
CA VAL T 79 -23.85 -22.79 -55.60
C VAL T 79 -23.57 -22.68 -54.12
N ALA T 80 -24.14 -23.56 -53.31
CA ALA T 80 -23.94 -23.39 -51.88
C ALA T 80 -22.50 -23.71 -51.57
N ASP T 81 -21.91 -24.57 -52.40
CA ASP T 81 -20.48 -24.81 -52.31
C ASP T 81 -19.65 -23.60 -52.76
N GLY T 82 -19.98 -23.01 -53.92
CA GLY T 82 -19.39 -21.76 -54.34
C GLY T 82 -19.40 -20.71 -53.22
N ARG T 83 -20.49 -20.59 -52.49
CA ARG T 83 -20.56 -19.50 -51.54
C ARG T 83 -19.63 -19.76 -50.37
N MET T 84 -19.33 -21.02 -50.13
CA MET T 84 -18.51 -21.37 -48.98
C MET T 84 -17.05 -21.04 -49.29
N LEU T 85 -16.63 -21.51 -50.45
CA LEU T 85 -15.33 -21.24 -51.02
C LEU T 85 -15.07 -19.74 -51.15
N ALA T 86 -16.09 -18.94 -51.46
CA ALA T 86 -15.98 -17.50 -51.40
C ALA T 86 -15.82 -16.95 -49.99
N ARG T 87 -16.58 -17.39 -49.02
CA ARG T 87 -16.35 -16.84 -47.68
C ARG T 87 -14.91 -17.15 -47.31
N PHE T 88 -14.45 -18.30 -47.79
CA PHE T 88 -13.13 -18.72 -47.39
C PHE T 88 -12.02 -17.88 -48.02
N VAL T 89 -12.06 -17.64 -49.33
CA VAL T 89 -11.01 -16.88 -49.96
C VAL T 89 -11.04 -15.41 -49.49
N ARG T 90 -12.21 -14.88 -49.17
CA ARG T 90 -12.38 -13.49 -48.90
C ARG T 90 -11.71 -13.22 -47.58
N THR T 91 -11.83 -14.20 -46.72
CA THR T 91 -11.32 -14.10 -45.37
C THR T 91 -9.82 -14.32 -45.41
N GLU T 92 -9.33 -15.08 -46.37
CA GLU T 92 -7.88 -15.20 -46.53
C GLU T 92 -7.25 -13.94 -47.09
N CYS T 93 -7.89 -13.26 -48.04
CA CYS T 93 -7.31 -12.08 -48.62
C CYS T 93 -7.32 -10.91 -47.67
N MET T 94 -8.38 -10.79 -46.92
CA MET T 94 -8.46 -9.75 -45.96
C MET T 94 -7.36 -9.96 -44.94
N ASN T 95 -7.22 -11.18 -44.45
CA ASN T 95 -6.21 -11.43 -43.46
C ASN T 95 -4.88 -10.98 -44.02
N TYR T 96 -4.59 -11.45 -45.22
CA TYR T 96 -3.34 -11.13 -45.80
C TYR T 96 -3.12 -9.62 -45.83
N ARG T 97 -4.16 -8.84 -46.18
CA ARG T 97 -3.92 -7.43 -46.42
C ARG T 97 -3.82 -6.72 -45.08
N TYR T 98 -4.43 -7.29 -44.08
CA TYR T 98 -4.26 -6.76 -42.74
C TYR T 98 -2.80 -7.01 -42.33
N MET T 99 -2.22 -8.15 -42.70
CA MET T 99 -0.91 -8.41 -42.13
C MET T 99 0.13 -7.64 -42.92
N HIS T 100 -0.10 -7.40 -44.21
CA HIS T 100 0.99 -7.04 -45.12
C HIS T 100 0.74 -5.68 -45.73
N ASP T 101 -0.50 -5.22 -45.81
CA ASP T 101 -0.85 -4.00 -46.54
C ASP T 101 -0.61 -4.16 -48.04
N SER T 102 -0.73 -5.36 -48.57
CA SER T 102 -0.61 -5.51 -50.00
C SER T 102 -1.53 -6.63 -50.38
N ASP T 103 -1.53 -7.06 -51.65
CA ASP T 103 -2.50 -7.99 -52.13
C ASP T 103 -2.06 -9.43 -51.89
N ASN T 104 -2.97 -10.27 -51.39
CA ASN T 104 -2.74 -11.72 -51.44
C ASN T 104 -2.27 -12.14 -52.83
N PRO T 105 -1.02 -12.61 -52.97
CA PRO T 105 -0.53 -13.12 -54.26
C PRO T 105 -1.38 -14.25 -54.81
N LEU T 106 -1.51 -14.34 -56.12
CA LEU T 106 -2.52 -15.25 -56.64
C LEU T 106 -2.05 -16.69 -56.55
N PRO T 107 -0.82 -17.09 -56.90
CA PRO T 107 -0.41 -18.46 -56.67
C PRO T 107 -0.79 -18.97 -55.26
N LEU T 108 -0.65 -18.16 -54.20
CA LEU T 108 -0.99 -18.59 -52.86
C LEU T 108 -2.51 -18.78 -52.67
N ILE T 109 -3.35 -18.02 -53.36
CA ILE T 109 -4.78 -18.26 -53.30
C ILE T 109 -5.08 -19.64 -53.88
N ALA T 110 -4.61 -19.92 -55.08
CA ALA T 110 -4.75 -21.22 -55.69
C ALA T 110 -4.26 -22.39 -54.81
N GLU T 111 -3.04 -22.40 -54.34
CA GLU T 111 -2.63 -23.41 -53.38
C GLU T 111 -3.70 -23.65 -52.31
N ILE T 112 -4.18 -22.63 -51.60
CA ILE T 112 -4.95 -22.94 -50.42
C ILE T 112 -6.36 -23.42 -50.74
N VAL T 113 -6.87 -23.00 -51.88
CA VAL T 113 -8.15 -23.51 -52.37
C VAL T 113 -8.00 -24.99 -52.70
N GLY T 114 -6.97 -25.32 -53.48
CA GLY T 114 -6.62 -26.69 -53.82
C GLY T 114 -6.59 -27.59 -52.57
N GLU T 115 -6.03 -27.13 -51.48
CA GLU T 115 -5.78 -27.96 -50.32
C GLU T 115 -7.08 -28.14 -49.55
N LYS T 116 -7.89 -27.10 -49.44
CA LYS T 116 -9.22 -27.19 -48.88
C LYS T 116 -10.08 -28.20 -49.64
N TYR T 117 -10.08 -28.13 -50.97
CA TYR T 117 -10.76 -29.15 -51.70
C TYR T 117 -10.23 -30.55 -51.35
N GLN T 118 -8.91 -30.73 -51.34
CA GLN T 118 -8.34 -32.07 -51.19
C GLN T 118 -8.79 -32.69 -49.86
N ARG T 119 -8.89 -31.90 -48.80
CA ARG T 119 -9.21 -32.46 -47.51
C ARG T 119 -10.62 -33.04 -47.52
N HIS T 120 -11.49 -32.50 -48.38
CA HIS T 120 -12.87 -32.96 -48.45
C HIS T 120 -12.92 -34.18 -49.35
N ILE T 121 -11.81 -34.72 -49.81
CA ILE T 121 -11.92 -35.94 -50.61
C ILE T 121 -11.16 -37.05 -49.93
N GLN T 122 -10.75 -36.87 -48.67
CA GLN T 122 -9.99 -37.91 -48.02
C GLN T 122 -10.51 -38.35 -46.66
N PHE T 123 -11.53 -37.75 -46.08
CA PHE T 123 -12.02 -38.12 -44.78
C PHE T 123 -13.48 -38.48 -44.91
N ALA T 124 -14.05 -39.27 -43.97
CA ALA T 124 -15.45 -39.70 -44.01
C ALA T 124 -16.38 -38.59 -43.48
N GLY T 125 -15.87 -37.67 -42.67
CA GLY T 125 -16.74 -36.63 -42.14
C GLY T 125 -16.82 -35.35 -42.99
N LYS T 126 -16.34 -35.45 -44.24
CA LYS T 126 -16.31 -34.35 -45.19
C LYS T 126 -16.84 -34.86 -46.52
N ARG T 127 -17.61 -34.00 -47.19
CA ARG T 127 -18.21 -34.28 -48.50
C ARG T 127 -17.30 -33.58 -49.54
N PRO T 128 -17.16 -34.08 -50.78
CA PRO T 128 -16.54 -33.29 -51.81
C PRO T 128 -17.27 -31.99 -52.01
N PHE T 129 -16.59 -31.03 -52.63
CA PHE T 129 -17.20 -29.80 -53.14
C PHE T 129 -17.62 -30.04 -54.58
N GLY T 130 -18.88 -29.76 -54.92
CA GLY T 130 -19.36 -30.09 -56.24
C GLY T 130 -19.37 -28.88 -57.15
N VAL T 131 -18.33 -28.08 -57.11
CA VAL T 131 -18.30 -26.77 -57.74
C VAL T 131 -16.91 -26.52 -58.30
N GLY T 132 -16.85 -26.04 -59.51
CA GLY T 132 -15.62 -25.67 -60.16
C GLY T 132 -15.46 -24.16 -60.09
N LEU T 133 -14.22 -23.66 -60.10
CA LEU T 133 -14.01 -22.24 -60.11
C LEU T 133 -13.10 -21.90 -61.24
N LEU T 134 -13.34 -20.74 -61.82
CA LEU T 134 -12.37 -19.97 -62.61
C LEU T 134 -12.01 -18.75 -61.79
N ILE T 135 -10.76 -18.70 -61.34
CA ILE T 135 -10.27 -17.64 -60.49
C ILE T 135 -9.50 -16.74 -61.41
N ALA T 136 -9.79 -15.45 -61.36
CA ALA T 136 -9.09 -14.52 -62.24
C ALA T 136 -8.59 -13.38 -61.37
N GLY T 137 -7.29 -13.13 -61.50
CA GLY T 137 -6.76 -12.00 -60.79
C GLY T 137 -5.52 -11.40 -61.42
N TYR T 138 -4.96 -10.47 -60.65
CA TYR T 138 -3.94 -9.55 -61.12
C TYR T 138 -3.11 -9.12 -59.92
N ASP T 139 -1.80 -9.35 -59.95
CA ASP T 139 -0.92 -8.96 -58.84
C ASP T 139 0.42 -8.51 -59.44
N SER T 140 1.48 -8.53 -58.62
CA SER T 140 2.78 -7.97 -59.00
C SER T 140 3.46 -8.79 -60.11
N THR T 141 2.97 -10.00 -60.38
CA THR T 141 3.52 -10.84 -61.44
C THR T 141 2.56 -10.99 -62.62
N GLY T 142 1.56 -10.09 -62.73
CA GLY T 142 0.75 -10.03 -63.95
C GLY T 142 -0.63 -10.63 -63.74
N PRO T 143 -1.34 -10.94 -64.81
CA PRO T 143 -2.63 -11.61 -64.71
C PRO T 143 -2.53 -13.16 -64.69
N HIS T 144 -3.57 -13.75 -64.13
CA HIS T 144 -3.59 -15.13 -63.73
C HIS T 144 -5.04 -15.63 -63.78
N LEU T 145 -5.18 -16.82 -64.35
CA LEU T 145 -6.44 -17.49 -64.53
C LEU T 145 -6.28 -18.95 -64.12
N TYR T 146 -6.87 -19.31 -62.99
CA TYR T 146 -6.80 -20.64 -62.44
C TYR T 146 -8.16 -21.31 -62.54
N HIS T 147 -8.09 -22.60 -62.81
CA HIS T 147 -9.25 -23.46 -62.78
C HIS T 147 -9.15 -24.40 -61.58
N THR T 148 -10.10 -24.39 -60.65
CA THR T 148 -10.16 -25.42 -59.62
C THR T 148 -11.36 -26.37 -59.79
N VAL T 149 -11.09 -27.69 -59.80
CA VAL T 149 -12.06 -28.79 -59.82
C VAL T 149 -12.10 -29.61 -58.53
N PRO T 150 -13.21 -30.33 -58.25
CA PRO T 150 -13.43 -31.04 -56.98
C PRO T 150 -12.46 -32.11 -56.48
N SER T 151 -11.69 -32.67 -57.42
CA SER T 151 -10.53 -33.50 -57.09
C SER T 151 -9.38 -32.74 -56.44
N GLY T 152 -9.38 -31.41 -56.41
CA GLY T 152 -8.36 -30.61 -55.74
C GLY T 152 -7.30 -30.15 -56.75
N ASP T 153 -7.51 -30.50 -58.04
CA ASP T 153 -6.57 -30.10 -59.09
C ASP T 153 -6.72 -28.60 -59.35
N VAL T 154 -5.63 -27.95 -59.73
CA VAL T 154 -5.58 -26.52 -59.93
C VAL T 154 -4.72 -26.27 -61.15
N PHE T 155 -5.36 -25.97 -62.24
CA PHE T 155 -4.69 -25.61 -63.48
C PHE T 155 -4.53 -24.10 -63.62
N ASP T 156 -3.41 -23.72 -64.23
CA ASP T 156 -3.08 -22.35 -64.62
C ASP T 156 -3.24 -22.31 -66.13
N PHE T 157 -4.20 -21.54 -66.64
CA PHE T 157 -4.53 -21.51 -68.05
C PHE T 157 -4.26 -20.15 -68.68
N LYS T 158 -4.06 -20.13 -70.00
CA LYS T 158 -4.18 -18.95 -70.82
C LYS T 158 -5.61 -18.78 -71.35
N ALA T 159 -6.47 -19.79 -71.21
CA ALA T 159 -7.86 -19.66 -71.62
C ALA T 159 -8.63 -20.94 -71.31
N THR T 160 -9.85 -20.91 -70.80
CA THR T 160 -10.56 -22.17 -70.80
C THR T 160 -12.02 -21.94 -70.50
N ALA T 161 -12.74 -23.05 -70.34
CA ALA T 161 -14.18 -23.04 -70.21
C ALA T 161 -14.63 -24.17 -69.30
N MET T 162 -15.70 -23.96 -68.58
CA MET T 162 -16.17 -25.06 -67.81
C MET T 162 -17.68 -25.05 -67.84
N GLY T 163 -18.25 -26.22 -67.54
CA GLY T 163 -19.70 -26.34 -67.43
C GLY T 163 -20.27 -26.94 -68.72
N LEU T 164 -21.57 -26.71 -68.95
CA LEU T 164 -22.36 -27.54 -69.87
C LEU T 164 -22.08 -27.10 -71.30
N ARG T 165 -21.80 -28.09 -72.17
CA ARG T 165 -21.53 -27.85 -73.58
C ARG T 165 -20.22 -27.07 -73.74
N SER T 166 -19.53 -26.89 -72.62
CA SER T 166 -18.36 -26.05 -72.54
C SER T 166 -17.22 -26.63 -73.37
N GLN T 167 -17.35 -27.84 -73.88
CA GLN T 167 -16.38 -28.36 -74.83
C GLN T 167 -16.29 -27.43 -76.05
N ALA T 168 -17.44 -26.87 -76.46
CA ALA T 168 -17.51 -26.13 -77.71
C ALA T 168 -16.76 -24.81 -77.57
N ALA T 169 -17.06 -24.11 -76.47
CA ALA T 169 -16.26 -22.99 -76.00
C ALA T 169 -14.77 -23.33 -76.03
N ARG T 170 -14.44 -24.56 -75.61
CA ARG T 170 -13.05 -24.97 -75.51
C ARG T 170 -12.47 -25.10 -76.89
N THR T 171 -13.25 -25.63 -77.85
CA THR T 171 -12.77 -25.80 -79.23
C THR T 171 -12.48 -24.46 -79.92
N TYR T 172 -13.38 -23.51 -79.73
CA TYR T 172 -13.23 -22.21 -80.35
C TYR T 172 -11.92 -21.58 -79.85
N LEU T 173 -11.83 -21.41 -78.51
CA LEU T 173 -10.65 -20.89 -77.85
C LEU T 173 -9.38 -21.53 -78.40
N GLU T 174 -9.39 -22.85 -78.67
CA GLU T 174 -8.19 -23.56 -79.11
C GLU T 174 -7.63 -23.01 -80.43
N LYS T 175 -8.48 -22.42 -81.27
CA LYS T 175 -8.09 -21.84 -82.56
C LYS T 175 -7.54 -20.42 -82.43
N HIS T 176 -7.85 -19.72 -81.33
CA HIS T 176 -7.64 -18.29 -81.24
C HIS T 176 -6.65 -17.84 -80.15
N PHE T 177 -6.50 -18.62 -79.06
CA PHE T 177 -5.76 -18.19 -77.87
C PHE T 177 -4.35 -17.73 -78.23
N GLU T 178 -3.72 -18.29 -79.26
CA GLU T 178 -2.35 -17.89 -79.54
C GLU T 178 -2.26 -16.39 -79.85
N SER T 179 -3.37 -15.81 -80.35
CA SER T 179 -3.41 -14.41 -80.69
C SER T 179 -3.68 -13.54 -79.47
N PHE T 180 -4.17 -14.11 -78.36
CA PHE T 180 -4.63 -13.33 -77.21
C PHE T 180 -3.53 -12.53 -76.52
N PRO T 181 -2.23 -12.93 -76.54
CA PRO T 181 -1.18 -12.08 -75.92
C PRO T 181 -1.17 -10.65 -76.45
N ASP T 182 -1.49 -10.48 -77.74
CA ASP T 182 -1.34 -9.21 -78.44
C ASP T 182 -2.62 -8.38 -78.41
N CYS T 183 -3.79 -9.02 -78.20
CA CYS T 183 -5.08 -8.36 -78.27
C CYS T 183 -5.16 -7.20 -77.28
N GLY T 184 -6.09 -6.28 -77.55
CA GLY T 184 -6.47 -5.29 -76.57
C GLY T 184 -7.67 -5.75 -75.76
N LEU T 185 -8.04 -4.96 -74.75
CA LEU T 185 -9.07 -5.39 -73.83
C LEU T 185 -10.43 -5.53 -74.52
N ASP T 186 -10.60 -5.00 -75.72
CA ASP T 186 -11.91 -5.06 -76.33
C ASP T 186 -12.00 -6.33 -77.16
N GLU T 187 -10.97 -6.67 -77.93
CA GLU T 187 -11.06 -7.90 -78.68
C GLU T 187 -11.09 -9.09 -77.73
N LEU T 188 -10.40 -8.98 -76.59
CA LEU T 188 -10.27 -10.08 -75.66
C LEU T 188 -11.64 -10.42 -75.09
N ILE T 189 -12.36 -9.38 -74.64
CA ILE T 189 -13.77 -9.49 -74.26
C ILE T 189 -14.62 -10.11 -75.36
N MET T 190 -14.34 -9.86 -76.64
CA MET T 190 -15.22 -10.37 -77.68
C MET T 190 -14.95 -11.84 -77.87
N HIS T 191 -13.68 -12.22 -77.72
CA HIS T 191 -13.27 -13.60 -77.88
C HIS T 191 -13.91 -14.42 -76.77
N ALA T 192 -14.03 -13.78 -75.64
CA ALA T 192 -14.59 -14.47 -74.50
C ALA T 192 -16.08 -14.67 -74.72
N LEU T 193 -16.69 -13.91 -75.64
CA LEU T 193 -18.12 -13.95 -75.86
C LEU T 193 -18.43 -14.91 -77.00
N LYS T 194 -17.62 -14.87 -78.06
CA LYS T 194 -17.82 -15.80 -79.16
C LYS T 194 -17.67 -17.24 -78.64
N ALA T 195 -16.75 -17.44 -77.68
CA ALA T 195 -16.53 -18.69 -76.98
C ALA T 195 -17.77 -19.13 -76.18
N LEU T 196 -18.30 -18.19 -75.37
CA LEU T 196 -19.42 -18.48 -74.50
C LEU T 196 -20.68 -18.66 -75.31
N ALA T 197 -20.65 -18.11 -76.52
CA ALA T 197 -21.77 -18.20 -77.44
C ALA T 197 -21.76 -19.61 -77.98
N ALA T 198 -20.57 -20.06 -78.35
CA ALA T 198 -20.35 -21.40 -78.88
C ALA T 198 -20.89 -22.49 -77.94
N ALA T 199 -21.30 -22.12 -76.72
CA ALA T 199 -21.78 -23.05 -75.71
C ALA T 199 -23.29 -22.91 -75.52
N THR T 200 -24.02 -22.73 -76.64
CA THR T 200 -25.43 -22.38 -76.58
C THR T 200 -26.12 -22.72 -77.92
N ALA T 204 -31.33 -19.58 -77.69
CA ALA T 204 -31.22 -18.27 -77.03
C ALA T 204 -29.81 -17.71 -77.23
N GLU T 205 -29.69 -16.38 -77.29
CA GLU T 205 -28.44 -15.70 -77.57
C GLU T 205 -28.10 -14.75 -76.43
N LEU T 206 -26.87 -14.19 -76.46
CA LEU T 206 -26.35 -13.43 -75.35
C LEU T 206 -26.90 -12.00 -75.35
N ASN T 207 -27.12 -11.43 -74.15
CA ASN T 207 -27.53 -10.05 -74.01
C ASN T 207 -27.36 -9.64 -72.55
N ILE T 208 -27.77 -8.41 -72.21
CA ILE T 208 -27.44 -7.80 -70.93
C ILE T 208 -28.32 -8.29 -69.78
N LYS T 209 -29.14 -9.34 -70.00
CA LYS T 209 -29.98 -9.83 -68.91
C LYS T 209 -29.67 -11.30 -68.63
N ASN T 210 -28.69 -11.88 -69.33
CA ASN T 210 -28.42 -13.29 -69.12
C ASN T 210 -26.93 -13.65 -69.29
N THR T 211 -26.07 -12.63 -69.50
CA THR T 211 -24.65 -12.85 -69.71
C THR T 211 -23.88 -11.87 -68.83
N THR T 212 -22.86 -12.39 -68.14
CA THR T 212 -22.09 -11.55 -67.25
C THR T 212 -20.72 -11.41 -67.91
N ILE T 213 -20.09 -10.27 -67.63
CA ILE T 213 -18.72 -9.98 -68.02
C ILE T 213 -18.03 -9.39 -66.80
N ALA T 214 -16.84 -9.93 -66.48
CA ALA T 214 -16.03 -9.31 -65.45
C ALA T 214 -14.59 -9.26 -65.93
N ILE T 215 -13.87 -8.28 -65.36
CA ILE T 215 -12.54 -7.93 -65.82
C ILE T 215 -11.66 -7.61 -64.63
N VAL T 216 -10.37 -7.87 -64.80
CA VAL T 216 -9.44 -7.45 -63.78
C VAL T 216 -8.15 -7.30 -64.51
N GLY T 217 -7.35 -6.33 -64.09
CA GLY T 217 -5.97 -6.25 -64.58
C GLY T 217 -5.30 -4.96 -64.13
N LYS T 218 -4.24 -4.62 -64.86
CA LYS T 218 -3.41 -3.45 -64.58
C LYS T 218 -4.27 -2.22 -64.61
N GLY T 219 -4.30 -1.54 -63.46
CA GLY T 219 -5.04 -0.30 -63.30
C GLY T 219 -6.48 -0.57 -62.86
N THR T 220 -6.88 -1.85 -62.90
CA THR T 220 -8.27 -2.26 -62.97
C THR T 220 -8.62 -3.24 -61.86
N PRO T 221 -9.06 -2.73 -60.70
CA PRO T 221 -9.68 -3.56 -59.69
C PRO T 221 -10.84 -4.38 -60.26
N PHE T 222 -11.06 -5.59 -59.72
CA PHE T 222 -11.94 -6.59 -60.32
C PHE T 222 -13.35 -6.06 -60.32
N MET T 223 -14.06 -6.30 -61.42
CA MET T 223 -15.32 -5.60 -61.59
C MET T 223 -16.17 -6.35 -62.59
N VAL T 224 -17.44 -6.45 -62.22
CA VAL T 224 -18.48 -6.87 -63.13
C VAL T 224 -18.95 -5.63 -63.88
N LEU T 225 -18.93 -5.68 -65.24
CA LEU T 225 -19.55 -4.64 -66.06
C LEU T 225 -21.06 -4.58 -65.76
N THR T 226 -21.56 -3.34 -65.56
CA THR T 226 -22.98 -3.02 -65.50
C THR T 226 -23.61 -3.24 -66.88
N GLU T 227 -24.96 -3.21 -66.92
CA GLU T 227 -25.70 -3.45 -68.16
C GLU T 227 -25.39 -2.34 -69.17
N GLU T 228 -25.14 -1.11 -68.69
CA GLU T 228 -24.73 0.01 -69.54
C GLU T 228 -23.42 -0.28 -70.28
N ALA T 229 -22.33 -0.54 -69.54
CA ALA T 229 -21.02 -0.73 -70.12
C ALA T 229 -21.01 -1.99 -71.00
N ALA T 230 -21.85 -2.96 -70.65
CA ALA T 230 -21.90 -4.24 -71.34
C ALA T 230 -22.67 -4.15 -72.66
N ARG T 231 -23.43 -3.05 -72.82
CA ARG T 231 -24.25 -2.84 -73.99
C ARG T 231 -23.35 -2.74 -75.21
N LYS T 232 -22.26 -1.98 -75.02
CA LYS T 232 -21.22 -1.79 -76.02
C LYS T 232 -20.80 -3.14 -76.63
N TYR T 233 -20.54 -4.14 -75.78
CA TYR T 233 -19.98 -5.42 -76.22
C TYR T 233 -21.07 -6.35 -76.73
N LEU T 234 -22.29 -6.23 -76.18
CA LEU T 234 -23.38 -7.16 -76.47
C LEU T 234 -24.38 -6.54 -77.46
N THR U 4 -15.99 -60.99 -50.28
CA THR U 4 -15.15 -59.87 -50.82
C THR U 4 -15.60 -58.54 -50.22
N GLU U 5 -15.97 -58.54 -48.94
CA GLU U 5 -16.23 -57.33 -48.17
C GLU U 5 -14.94 -56.82 -47.55
N HIS U 6 -13.84 -57.53 -47.78
CA HIS U 6 -12.60 -57.31 -47.04
C HIS U 6 -11.77 -56.20 -47.67
N ASP U 7 -12.34 -55.45 -48.65
CA ASP U 7 -11.51 -54.56 -49.41
C ASP U 7 -12.08 -53.17 -49.51
N GLN U 8 -12.78 -52.76 -48.47
CA GLN U 8 -13.59 -51.56 -48.52
C GLN U 8 -13.07 -50.50 -47.56
N SER U 9 -12.32 -50.94 -46.55
CA SER U 9 -11.73 -50.06 -45.56
C SER U 9 -10.28 -50.47 -45.44
N THR U 10 -9.41 -49.57 -45.06
CA THR U 10 -8.02 -49.96 -44.90
C THR U 10 -7.77 -50.33 -43.45
N ASP U 11 -8.81 -50.38 -42.61
CA ASP U 11 -8.61 -50.77 -41.22
C ASP U 11 -8.68 -52.28 -41.03
N ILE U 12 -8.52 -53.10 -42.08
CA ILE U 12 -8.94 -54.50 -42.09
C ILE U 12 -7.89 -55.37 -42.76
N PHE U 13 -7.36 -56.42 -42.12
CA PHE U 13 -6.61 -57.32 -42.97
C PHE U 13 -7.58 -58.20 -43.72
N SER U 14 -7.11 -58.62 -44.88
CA SER U 14 -7.66 -59.74 -45.61
C SER U 14 -7.19 -61.03 -44.97
N ALA U 15 -7.67 -62.19 -45.44
CA ALA U 15 -7.32 -63.43 -44.73
C ALA U 15 -5.87 -63.87 -45.01
N ASP U 16 -5.22 -63.23 -45.97
CA ASP U 16 -3.88 -63.63 -46.39
C ASP U 16 -2.84 -62.71 -45.77
N GLY U 17 -3.33 -61.73 -45.01
CA GLY U 17 -2.50 -60.72 -44.39
C GLY U 17 -2.21 -59.52 -45.28
N ARG U 18 -3.05 -59.23 -46.26
CA ARG U 18 -2.86 -58.12 -47.16
C ARG U 18 -3.75 -56.98 -46.75
N VAL U 19 -3.45 -55.76 -47.17
CA VAL U 19 -4.33 -54.63 -46.93
C VAL U 19 -4.69 -54.06 -48.28
N PHE U 20 -5.84 -54.42 -48.85
CA PHE U 20 -6.12 -54.18 -50.25
C PHE U 20 -6.36 -52.69 -50.57
N GLN U 21 -6.98 -51.95 -49.65
CA GLN U 21 -7.07 -50.53 -49.88
C GLN U 21 -5.70 -49.91 -50.19
N VAL U 22 -4.66 -50.37 -49.54
CA VAL U 22 -3.32 -49.90 -49.83
C VAL U 22 -2.83 -50.44 -51.18
N GLU U 23 -3.08 -51.69 -51.53
CA GLU U 23 -2.73 -52.08 -52.88
C GLU U 23 -3.37 -51.22 -53.97
N TYR U 24 -4.61 -50.81 -53.80
CA TYR U 24 -5.32 -50.15 -54.88
C TYR U 24 -4.74 -48.74 -55.08
N ALA U 25 -4.46 -48.08 -53.95
CA ALA U 25 -3.87 -46.77 -54.00
C ALA U 25 -2.50 -46.82 -54.71
N CYS U 26 -1.77 -47.93 -54.53
CA CYS U 26 -0.51 -48.10 -55.22
C CYS U 26 -0.76 -48.23 -56.71
N LYS U 27 -1.99 -48.58 -57.10
CA LYS U 27 -2.25 -48.78 -58.51
C LYS U 27 -2.42 -47.42 -59.17
N ALA U 28 -2.94 -46.43 -58.43
CA ALA U 28 -2.98 -45.07 -58.94
C ALA U 28 -1.60 -44.66 -59.40
N VAL U 29 -0.63 -44.69 -58.48
CA VAL U 29 0.78 -44.39 -58.78
C VAL U 29 1.27 -45.11 -60.01
N ASP U 30 1.05 -46.41 -60.11
CA ASP U 30 1.59 -47.19 -61.21
C ASP U 30 0.96 -46.84 -62.58
N ASN U 31 -0.15 -46.09 -62.60
CA ASN U 31 -0.76 -45.68 -63.86
C ASN U 31 -0.59 -44.18 -64.10
N GLY U 32 0.03 -43.46 -63.16
CA GLY U 32 0.39 -42.07 -63.34
C GLY U 32 1.62 -41.93 -64.24
N SER U 33 2.15 -40.71 -64.32
CA SER U 33 3.20 -40.38 -65.27
C SER U 33 4.54 -40.84 -64.71
N THR U 34 5.54 -41.04 -65.58
CA THR U 34 6.85 -41.57 -65.21
C THR U 34 7.82 -40.48 -64.71
N ALA U 35 8.42 -40.68 -63.51
CA ALA U 35 9.50 -39.86 -62.95
C ALA U 35 10.78 -40.67 -62.73
N VAL U 36 11.95 -40.10 -63.06
CA VAL U 36 13.24 -40.69 -62.72
C VAL U 36 14.12 -39.79 -61.87
N ALA U 37 14.96 -40.39 -61.02
CA ALA U 37 15.90 -39.66 -60.19
C ALA U 37 17.23 -40.41 -60.02
N ALA U 38 18.28 -39.65 -59.68
CA ALA U 38 19.65 -40.13 -59.60
C ALA U 38 20.41 -39.41 -58.51
N CYS U 39 21.06 -40.18 -57.63
CA CYS U 39 21.87 -39.61 -56.54
C CYS U 39 23.33 -39.65 -56.95
N CYS U 40 23.94 -38.47 -57.07
CA CYS U 40 25.21 -38.31 -57.75
C CYS U 40 26.26 -37.95 -56.72
N THR U 41 27.44 -37.59 -57.20
CA THR U 41 28.59 -37.32 -56.33
C THR U 41 28.41 -35.97 -55.67
N ASP U 42 27.81 -35.05 -56.41
CA ASP U 42 27.70 -33.64 -56.07
C ASP U 42 26.26 -33.23 -55.78
N GLY U 43 25.30 -34.15 -55.81
CA GLY U 43 23.93 -33.74 -55.54
C GLY U 43 22.92 -34.76 -56.02
N VAL U 44 21.67 -34.35 -56.08
CA VAL U 44 20.60 -35.19 -56.57
C VAL U 44 19.88 -34.49 -57.69
N VAL U 45 19.49 -35.26 -58.72
CA VAL U 45 18.65 -34.77 -59.80
C VAL U 45 17.32 -35.52 -59.93
N VAL U 46 16.19 -34.83 -60.09
CA VAL U 46 14.92 -35.47 -60.38
C VAL U 46 14.36 -34.99 -61.70
N ALA U 47 13.69 -35.87 -62.44
CA ALA U 47 13.01 -35.46 -63.67
C ALA U 47 11.65 -36.11 -63.73
N VAL U 48 10.64 -35.31 -64.03
CA VAL U 48 9.34 -35.89 -64.21
C VAL U 48 8.79 -35.46 -65.57
N GLU U 49 7.83 -36.26 -66.02
CA GLU U 49 7.13 -36.03 -67.27
C GLU U 49 5.72 -35.59 -66.90
N LYS U 50 5.36 -34.36 -67.26
CA LYS U 50 4.01 -33.87 -67.09
C LYS U 50 3.20 -34.18 -68.35
N ILE U 51 2.17 -35.03 -68.22
CA ILE U 51 1.17 -35.18 -69.27
C ILE U 51 0.25 -33.97 -69.18
N LEU U 52 0.20 -33.22 -70.30
CA LEU U 52 -0.60 -32.02 -70.47
C LEU U 52 -2.00 -32.39 -70.94
N THR U 53 -2.99 -31.84 -70.24
CA THR U 53 -4.39 -32.11 -70.52
C THR U 53 -5.00 -31.10 -71.51
N SER U 54 -4.19 -30.25 -72.18
CA SER U 54 -4.65 -29.02 -72.84
C SER U 54 -3.48 -28.18 -73.34
N ARG U 55 -3.54 -27.72 -74.59
CA ARG U 55 -2.47 -26.89 -75.12
C ARG U 55 -2.52 -25.46 -74.59
N MET U 56 -3.52 -25.13 -73.79
CA MET U 56 -3.71 -23.75 -73.37
C MET U 56 -3.35 -23.53 -71.89
N LEU U 57 -2.51 -24.43 -71.34
CA LEU U 57 -2.00 -24.25 -70.00
C LEU U 57 -0.81 -23.33 -70.04
N GLU U 58 -0.73 -22.44 -69.06
CA GLU U 58 0.46 -21.63 -68.82
C GLU U 58 1.56 -22.60 -68.39
N GLU U 59 2.83 -22.24 -68.60
CA GLU U 59 3.93 -23.09 -68.19
C GLU U 59 4.16 -22.90 -66.70
N GLY U 60 4.35 -24.01 -66.00
CA GLY U 60 4.41 -24.04 -64.55
C GLY U 60 3.11 -24.55 -63.94
N SER U 61 2.19 -25.02 -64.79
CA SER U 61 0.94 -25.55 -64.30
C SER U 61 1.18 -27.01 -63.89
N ASN U 62 0.52 -27.38 -62.78
CA ASN U 62 0.49 -28.76 -62.29
C ASN U 62 1.93 -29.26 -62.14
N ASP U 63 2.78 -28.42 -61.53
CA ASP U 63 4.14 -28.78 -61.17
C ASP U 63 4.13 -29.94 -60.16
N ARG U 64 4.92 -30.96 -60.48
CA ARG U 64 5.06 -32.08 -59.58
C ARG U 64 6.25 -31.92 -58.61
N ILE U 65 7.15 -30.99 -58.82
CA ILE U 65 8.30 -30.85 -57.96
C ILE U 65 8.16 -29.63 -57.08
N HIS U 66 8.26 -29.80 -55.78
CA HIS U 66 8.14 -28.67 -54.91
C HIS U 66 9.30 -28.62 -53.92
N ALA U 67 9.73 -27.43 -53.55
CA ALA U 67 10.74 -27.25 -52.53
C ALA U 67 10.14 -27.45 -51.16
N VAL U 68 10.83 -28.16 -50.26
CA VAL U 68 10.28 -28.27 -48.92
C VAL U 68 11.07 -27.48 -47.92
N ASP U 69 12.30 -27.14 -48.30
CA ASP U 69 13.24 -26.43 -47.44
C ASP U 69 14.33 -25.91 -48.37
N ARG U 70 15.21 -25.11 -47.83
CA ARG U 70 16.21 -24.49 -48.70
C ARG U 70 16.94 -25.57 -49.45
N GLN U 71 17.15 -26.73 -48.80
CA GLN U 71 18.03 -27.79 -49.27
C GLN U 71 17.31 -29.07 -49.65
N ALA U 72 15.98 -29.06 -49.75
CA ALA U 72 15.27 -30.32 -49.96
C ALA U 72 14.03 -30.15 -50.81
N GLY U 73 13.70 -31.14 -51.59
CA GLY U 73 12.50 -31.04 -52.42
C GLY U 73 11.83 -32.40 -52.64
N VAL U 74 10.60 -32.39 -53.13
CA VAL U 74 9.87 -33.61 -53.42
C VAL U 74 9.29 -33.59 -54.81
N CYS U 75 9.28 -34.74 -55.45
CA CYS U 75 8.59 -34.98 -56.68
C CYS U 75 7.46 -35.97 -56.44
N ILE U 76 6.23 -35.47 -56.57
CA ILE U 76 4.98 -36.22 -56.46
C ILE U 76 4.66 -36.96 -57.74
N CYS U 77 4.46 -38.27 -57.61
CA CYS U 77 4.12 -39.19 -58.66
C CYS U 77 2.84 -39.88 -58.21
N GLY U 78 1.84 -39.94 -59.10
CA GLY U 78 0.53 -40.36 -58.68
C GLY U 78 -0.46 -39.22 -58.72
N MET U 79 -1.50 -39.33 -57.94
CA MET U 79 -2.44 -38.22 -57.86
C MET U 79 -1.82 -36.93 -57.33
N LEU U 80 -1.84 -35.85 -58.11
CA LEU U 80 -1.27 -34.60 -57.67
C LEU U 80 -1.85 -33.93 -56.42
N PRO U 81 -3.15 -33.75 -56.18
CA PRO U 81 -3.55 -33.09 -54.93
C PRO U 81 -3.29 -33.83 -53.63
N ASP U 82 -3.20 -35.16 -53.73
CA ASP U 82 -2.85 -35.99 -52.56
C ASP U 82 -1.42 -35.68 -52.22
N GLY U 83 -0.64 -35.53 -53.29
CA GLY U 83 0.78 -35.33 -53.18
C GLY U 83 1.06 -34.03 -52.48
N ARG U 84 0.12 -33.11 -52.64
CA ARG U 84 0.28 -31.74 -52.25
C ARG U 84 0.13 -31.65 -50.74
N ALA U 85 -0.74 -32.51 -50.17
CA ALA U 85 -0.96 -32.54 -48.73
C ALA U 85 0.27 -33.09 -48.01
N VAL U 86 0.98 -33.93 -48.71
CA VAL U 86 2.23 -34.49 -48.30
C VAL U 86 3.33 -33.42 -48.32
N VAL U 87 3.40 -32.58 -49.36
CA VAL U 87 4.25 -31.39 -49.39
C VAL U 87 3.99 -30.44 -48.23
N SER U 88 2.78 -30.22 -47.79
CA SER U 88 2.65 -29.26 -46.71
C SER U 88 3.17 -29.82 -45.38
N ARG U 89 3.03 -31.12 -45.21
CA ARG U 89 3.51 -31.74 -43.98
C ARG U 89 5.04 -31.75 -44.00
N ALA U 90 5.61 -32.11 -45.14
CA ALA U 90 7.03 -32.07 -45.26
C ALA U 90 7.62 -30.70 -44.96
N ARG U 91 6.92 -29.61 -45.30
CA ARG U 91 7.44 -28.29 -45.00
C ARG U 91 7.32 -28.00 -43.51
N ALA U 92 6.23 -28.41 -42.89
CA ALA U 92 6.07 -28.22 -41.46
C ALA U 92 7.18 -28.94 -40.68
N GLU U 93 7.53 -30.13 -41.15
CA GLU U 93 8.58 -30.89 -40.54
C GLU U 93 9.88 -30.13 -40.72
N ALA U 94 10.15 -29.70 -41.94
CA ALA U 94 11.41 -29.01 -42.20
C ALA U 94 11.49 -27.75 -41.35
N GLU U 95 10.36 -27.10 -41.09
CA GLU U 95 10.33 -25.83 -40.38
C GLU U 95 10.55 -26.05 -38.89
N ASN U 96 9.83 -27.07 -38.41
CA ASN U 96 10.00 -27.64 -37.10
C ASN U 96 11.48 -27.87 -36.79
N SER U 97 12.17 -28.58 -37.64
CA SER U 97 13.57 -28.82 -37.33
C SER U 97 14.35 -27.57 -37.20
N ARG U 98 14.13 -26.52 -38.00
CA ARG U 98 14.87 -25.26 -37.83
C ARG U 98 14.38 -24.53 -36.59
N ASP U 99 13.08 -24.51 -36.35
CA ASP U 99 12.56 -23.79 -35.20
C ASP U 99 13.00 -24.43 -33.89
N VAL U 100 12.79 -25.72 -33.77
CA VAL U 100 12.93 -26.34 -32.47
C VAL U 100 14.35 -26.81 -32.25
N PHE U 101 15.00 -27.38 -33.26
CA PHE U 101 16.32 -27.96 -33.09
C PHE U 101 17.45 -27.20 -33.78
N ALA U 102 17.18 -26.05 -34.41
CA ALA U 102 18.25 -25.25 -35.01
C ALA U 102 19.05 -25.98 -36.09
N THR U 103 18.47 -26.88 -36.84
CA THR U 103 19.29 -27.61 -37.77
C THR U 103 18.46 -27.71 -39.04
N PRO U 104 19.02 -27.66 -40.25
CA PRO U 104 18.28 -28.11 -41.41
C PRO U 104 17.96 -29.57 -41.17
N ILE U 105 16.75 -30.00 -41.52
CA ILE U 105 16.39 -31.40 -41.36
C ILE U 105 17.33 -32.27 -42.17
N PRO U 106 17.93 -33.30 -41.57
CA PRO U 106 18.55 -34.37 -42.36
C PRO U 106 17.63 -35.11 -43.35
N GLY U 107 18.17 -35.58 -44.45
CA GLY U 107 17.34 -36.12 -45.49
C GLY U 107 16.70 -37.42 -45.01
N SER U 108 17.43 -38.22 -44.21
CA SER U 108 16.92 -39.51 -43.76
C SER U 108 15.75 -39.28 -42.80
N VAL U 109 15.83 -38.21 -42.04
CA VAL U 109 14.85 -37.92 -41.04
C VAL U 109 13.59 -37.38 -41.68
N LEU U 110 13.73 -36.43 -42.59
CA LEU U 110 12.59 -35.96 -43.38
C LEU U 110 11.85 -37.11 -44.09
N ALA U 111 12.57 -38.05 -44.72
CA ALA U 111 11.90 -39.18 -45.33
C ALA U 111 11.19 -40.07 -44.31
N SER U 112 11.78 -40.27 -43.13
CA SER U 112 11.17 -41.03 -42.07
C SER U 112 9.83 -40.42 -41.69
N ARG U 113 9.75 -39.10 -41.63
CA ARG U 113 8.61 -38.42 -41.08
C ARG U 113 7.45 -38.39 -42.07
N ILE U 114 7.80 -38.40 -43.35
CA ILE U 114 6.88 -38.47 -44.46
C ILE U 114 6.28 -39.84 -44.51
N GLY U 115 7.08 -40.89 -44.58
CA GLY U 115 6.59 -42.26 -44.31
C GLY U 115 5.64 -42.34 -43.11
N GLU U 116 6.02 -41.80 -41.95
CA GLU U 116 5.18 -42.05 -40.80
C GLU U 116 3.80 -41.50 -41.11
N PHE U 117 3.77 -40.39 -41.86
CA PHE U 117 2.60 -39.61 -42.14
C PHE U 117 1.71 -40.36 -43.14
N MET U 118 2.27 -40.85 -44.18
CA MET U 118 1.55 -41.68 -45.10
C MET U 118 1.09 -42.98 -44.45
N HIS U 119 1.72 -43.42 -43.37
CA HIS U 119 1.41 -44.72 -42.83
C HIS U 119 0.11 -44.61 -42.09
N VAL U 120 -0.11 -43.46 -41.49
CA VAL U 120 -1.20 -43.34 -40.55
C VAL U 120 -2.55 -43.37 -41.26
N TYR U 121 -2.62 -42.84 -42.46
CA TYR U 121 -3.81 -42.97 -43.30
C TYR U 121 -3.92 -44.39 -43.82
N THR U 122 -3.12 -45.35 -43.30
CA THR U 122 -3.35 -46.75 -43.66
C THR U 122 -3.97 -47.53 -42.51
N THR U 123 -4.38 -46.87 -41.45
CA THR U 123 -4.79 -47.62 -40.29
C THR U 123 -6.15 -47.24 -39.70
N HIS U 124 -6.84 -46.22 -40.22
CA HIS U 124 -8.04 -45.74 -39.56
C HIS U 124 -9.19 -45.91 -40.55
N TYR U 125 -10.34 -46.39 -40.06
CA TYR U 125 -11.45 -46.70 -40.93
C TYR U 125 -11.88 -45.43 -41.69
N ALA U 126 -11.80 -44.26 -41.01
CA ALA U 126 -12.29 -42.98 -41.52
C ALA U 126 -11.46 -42.32 -42.65
N TYR U 127 -10.24 -42.80 -42.99
CA TYR U 127 -9.43 -42.12 -43.98
C TYR U 127 -9.05 -43.13 -45.03
N ARG U 128 -8.46 -42.67 -46.12
CA ARG U 128 -7.95 -43.60 -47.08
C ARG U 128 -6.48 -43.34 -47.33
N PRO U 129 -5.75 -44.34 -47.79
CA PRO U 129 -4.36 -44.13 -48.17
C PRO U 129 -4.25 -43.02 -49.23
N PHE U 130 -3.07 -42.43 -49.31
CA PHE U 130 -2.70 -41.44 -50.30
C PHE U 130 -2.50 -42.19 -51.59
N GLY U 131 -2.66 -41.47 -52.68
CA GLY U 131 -2.58 -42.09 -53.99
C GLY U 131 -1.41 -41.55 -54.77
N CYS U 132 -0.33 -41.28 -54.04
CA CYS U 132 0.89 -40.80 -54.64
C CYS U 132 2.04 -41.51 -53.99
N SER U 133 3.18 -41.61 -54.68
CA SER U 133 4.49 -41.79 -54.06
C SER U 133 5.23 -40.46 -54.07
N VAL U 134 6.08 -40.26 -53.07
CA VAL U 134 6.88 -39.07 -52.97
C VAL U 134 8.37 -39.36 -52.99
N ILE U 135 9.07 -38.94 -54.06
CA ILE U 135 10.53 -38.88 -54.15
C ILE U 135 11.06 -37.73 -53.30
N ILE U 136 12.02 -38.00 -52.41
CA ILE U 136 12.60 -36.98 -51.56
C ILE U 136 14.06 -36.86 -51.96
N ALA U 137 14.48 -35.63 -52.26
CA ALA U 137 15.82 -35.33 -52.68
C ALA U 137 16.38 -34.30 -51.74
N SER U 138 17.52 -34.59 -51.13
CA SER U 138 17.99 -33.68 -50.10
C SER U 138 19.49 -33.50 -50.22
N TYR U 139 20.02 -32.47 -49.61
CA TYR U 139 21.46 -32.37 -49.52
C TYR U 139 21.85 -31.51 -48.35
N ALA U 140 21.63 -32.02 -47.14
CA ALA U 140 21.86 -31.35 -45.87
C ALA U 140 23.21 -31.81 -45.32
N ASP U 141 23.44 -31.74 -44.02
CA ASP U 141 24.74 -32.15 -43.45
C ASP U 141 25.06 -33.64 -43.61
N ASP U 142 24.06 -34.46 -43.91
CA ASP U 142 24.27 -35.88 -44.22
C ASP U 142 24.62 -36.15 -45.70
N GLY U 143 24.86 -35.12 -46.54
CA GLY U 143 25.24 -35.40 -47.93
C GLY U 143 24.02 -35.64 -48.87
N PRO U 144 24.25 -35.93 -50.16
CA PRO U 144 23.17 -36.25 -51.12
C PRO U 144 22.33 -37.44 -50.75
N GLN U 145 21.02 -37.27 -50.66
CA GLN U 145 20.18 -38.41 -50.38
C GLN U 145 18.95 -38.40 -51.27
N LEU U 146 18.54 -39.57 -51.70
CA LEU U 146 17.34 -39.80 -52.46
C LEU U 146 16.51 -40.90 -51.83
N PHE U 147 15.31 -40.56 -51.33
CA PHE U 147 14.41 -41.54 -50.75
C PHE U 147 13.10 -41.58 -51.54
N VAL U 148 12.39 -42.70 -51.56
CA VAL U 148 10.98 -42.78 -51.97
C VAL U 148 10.09 -43.17 -50.80
N SER U 149 9.00 -42.46 -50.53
CA SER U 149 7.94 -42.99 -49.69
C SER U 149 6.79 -43.44 -50.57
N ASP U 150 6.03 -44.46 -50.20
CA ASP U 150 4.91 -44.88 -51.04
C ASP U 150 3.62 -44.90 -50.21
N PRO U 151 2.46 -45.22 -50.79
CA PRO U 151 1.19 -45.11 -50.08
C PRO U 151 1.11 -45.97 -48.80
N SER U 152 1.86 -47.08 -48.77
CA SER U 152 1.97 -47.90 -47.58
C SER U 152 2.72 -47.18 -46.47
N GLY U 153 3.67 -46.31 -46.83
CA GLY U 153 4.44 -45.61 -45.81
C GLY U 153 5.85 -46.20 -45.65
N THR U 154 6.15 -47.10 -46.57
CA THR U 154 7.46 -47.66 -46.67
C THR U 154 8.39 -46.63 -47.26
N VAL U 155 9.61 -46.56 -46.74
CA VAL U 155 10.57 -45.56 -47.10
C VAL U 155 11.84 -46.29 -47.40
N ALA U 156 12.47 -45.99 -48.51
CA ALA U 156 13.70 -46.69 -48.87
C ALA U 156 14.61 -45.70 -49.59
N GLY U 157 15.90 -45.82 -49.34
CA GLY U 157 16.89 -44.99 -50.01
C GLY U 157 17.44 -45.67 -51.26
N TYR U 158 17.83 -44.83 -52.19
CA TYR U 158 18.16 -45.28 -53.52
C TYR U 158 19.36 -44.56 -54.09
N TYR U 159 20.05 -45.20 -55.01
CA TYR U 159 20.99 -44.48 -55.85
C TYR U 159 20.30 -43.86 -57.04
N GLY U 160 19.37 -44.59 -57.64
CA GLY U 160 18.62 -44.14 -58.78
C GLY U 160 17.24 -44.78 -58.71
N ILE U 161 16.22 -44.20 -59.34
CA ILE U 161 14.89 -44.80 -59.26
C ILE U 161 14.01 -44.33 -60.41
N ALA U 162 12.89 -45.01 -60.59
CA ALA U 162 11.88 -44.65 -61.59
C ALA U 162 10.53 -45.07 -61.08
N LEU U 163 9.53 -44.18 -61.12
CA LEU U 163 8.15 -44.54 -60.82
C LEU U 163 7.26 -44.33 -62.02
N GLY U 164 6.04 -44.87 -61.93
CA GLY U 164 4.95 -44.66 -62.87
C GLY U 164 4.95 -45.68 -64.01
N LYS U 165 4.20 -45.36 -65.08
CA LYS U 165 3.90 -46.32 -66.11
C LYS U 165 5.14 -46.73 -66.87
N GLY U 166 6.07 -45.81 -67.12
CA GLY U 166 7.25 -46.21 -67.86
C GLY U 166 8.27 -47.00 -67.03
N LYS U 167 7.97 -47.27 -65.75
CA LYS U 167 9.03 -47.52 -64.78
C LYS U 167 9.82 -48.79 -65.05
N THR U 168 9.30 -49.79 -65.78
CA THR U 168 10.09 -51.00 -65.94
C THR U 168 11.17 -50.83 -66.98
N VAL U 169 10.89 -50.11 -68.08
CA VAL U 169 11.98 -49.78 -68.99
C VAL U 169 12.94 -48.78 -68.33
N ALA U 170 12.45 -47.65 -67.80
CA ALA U 170 13.34 -46.64 -67.25
C ALA U 170 14.37 -47.26 -66.30
N LYS U 171 13.93 -48.24 -65.49
CA LYS U 171 14.75 -48.98 -64.54
C LYS U 171 15.88 -49.72 -65.25
N THR U 172 15.59 -50.33 -66.40
CA THR U 172 16.60 -50.98 -67.20
C THR U 172 17.68 -50.01 -67.70
N GLU U 173 17.34 -48.73 -67.95
CA GLU U 173 18.32 -47.78 -68.48
C GLU U 173 19.12 -47.14 -67.35
N LEU U 174 18.45 -46.83 -66.24
CA LEU U 174 19.10 -46.40 -65.00
C LEU U 174 20.09 -47.44 -64.49
N GLU U 175 20.03 -48.70 -64.97
CA GLU U 175 20.96 -49.71 -64.48
C GLU U 175 22.31 -49.60 -65.22
N LYS U 176 22.29 -49.05 -66.44
CA LYS U 176 23.50 -48.85 -67.22
C LYS U 176 24.33 -47.62 -66.79
N LEU U 177 23.79 -46.72 -65.96
CA LEU U 177 24.61 -45.62 -65.42
C LEU U 177 25.69 -46.13 -64.46
N ASN U 178 26.55 -45.20 -64.02
CA ASN U 178 27.58 -45.49 -63.04
C ASN U 178 27.53 -44.45 -61.93
N PHE U 179 27.17 -44.89 -60.72
CA PHE U 179 26.67 -44.00 -59.69
C PHE U 179 27.80 -43.50 -58.81
N LYS U 180 29.02 -44.02 -59.03
CA LYS U 180 30.20 -43.56 -58.30
C LYS U 180 30.85 -42.36 -58.98
N SER U 181 30.64 -42.20 -60.30
CA SER U 181 31.29 -41.15 -61.08
C SER U 181 30.35 -39.99 -61.38
N ILE U 182 29.12 -40.34 -61.77
CA ILE U 182 28.22 -39.47 -62.52
C ILE U 182 27.96 -38.19 -61.73
N THR U 183 27.98 -37.05 -62.45
CA THR U 183 27.70 -35.76 -61.85
C THR U 183 26.26 -35.31 -62.11
N CYS U 184 25.93 -34.15 -61.55
CA CYS U 184 24.61 -33.56 -61.69
C CYS U 184 24.42 -33.06 -63.12
N ASP U 185 25.50 -32.56 -63.73
CA ASP U 185 25.46 -32.07 -65.11
C ASP U 185 25.21 -33.22 -66.09
N GLU U 186 25.86 -34.38 -65.91
CA GLU U 186 25.72 -35.48 -66.85
C GLU U 186 24.32 -36.08 -66.72
N ALA U 187 23.85 -36.19 -65.46
CA ALA U 187 22.58 -36.83 -65.12
C ALA U 187 21.41 -36.08 -65.74
N VAL U 188 21.44 -34.74 -65.71
CA VAL U 188 20.36 -33.95 -66.31
C VAL U 188 20.18 -34.32 -67.76
N VAL U 189 21.29 -34.62 -68.43
CA VAL U 189 21.23 -35.07 -69.82
C VAL U 189 20.64 -36.48 -69.89
N LYS U 190 21.13 -37.43 -69.07
CA LYS U 190 20.82 -38.83 -69.28
C LYS U 190 19.38 -39.18 -68.87
N LEU U 191 18.92 -38.56 -67.79
CA LEU U 191 17.58 -38.78 -67.30
C LEU U 191 16.57 -38.20 -68.27
N THR U 192 16.95 -37.11 -68.95
CA THR U 192 16.01 -36.48 -69.88
C THR U 192 15.89 -37.39 -71.10
N LYS U 193 16.99 -38.04 -71.49
CA LYS U 193 16.95 -38.97 -72.60
C LYS U 193 16.06 -40.18 -72.28
N ILE U 194 16.02 -40.61 -71.02
CA ILE U 194 15.28 -41.81 -70.66
C ILE U 194 13.78 -41.49 -70.62
N LEU U 195 13.41 -40.31 -70.14
CA LEU U 195 12.02 -39.92 -70.18
C LEU U 195 11.53 -39.74 -71.61
N HIS U 196 12.39 -39.33 -72.56
CA HIS U 196 11.96 -39.12 -73.93
C HIS U 196 11.77 -40.45 -74.67
N ASP U 197 12.40 -41.53 -74.20
CA ASP U 197 12.37 -42.82 -74.86
C ASP U 197 11.25 -43.70 -74.34
N VAL U 198 10.92 -43.59 -73.04
CA VAL U 198 9.86 -44.40 -72.45
C VAL U 198 8.52 -43.74 -72.68
N HIS U 199 8.53 -42.57 -73.34
CA HIS U 199 7.29 -41.82 -73.57
C HIS U 199 6.47 -42.53 -74.65
N ASP U 200 5.16 -42.68 -74.38
CA ASP U 200 4.22 -43.32 -75.30
C ASP U 200 3.49 -42.24 -76.08
N LYS U 201 3.55 -42.32 -77.41
CA LYS U 201 3.21 -41.22 -78.31
C LYS U 201 1.78 -41.39 -78.83
N SER U 202 1.29 -42.63 -78.79
CA SER U 202 -0.07 -42.99 -79.16
C SER U 202 -1.09 -42.40 -78.18
N LYS U 203 -0.73 -42.38 -76.89
CA LYS U 203 -1.68 -42.21 -75.80
C LYS U 203 -1.63 -40.80 -75.22
N ASP U 204 -0.42 -40.23 -75.06
CA ASP U 204 -0.22 -38.92 -74.42
C ASP U 204 0.55 -37.98 -75.36
N LYS U 205 -0.17 -37.17 -76.14
CA LYS U 205 0.43 -36.45 -77.26
C LYS U 205 1.14 -35.19 -76.77
N LEU U 206 0.58 -34.60 -75.71
CA LEU U 206 1.08 -33.36 -75.12
C LEU U 206 1.77 -33.66 -73.79
N TYR U 207 3.08 -33.39 -73.73
CA TYR U 207 3.80 -33.45 -72.47
C TYR U 207 4.93 -32.43 -72.44
N GLU U 208 5.34 -32.04 -71.22
CA GLU U 208 6.63 -31.41 -71.02
C GLU U 208 7.37 -32.11 -69.88
N LEU U 209 8.69 -31.89 -69.84
CA LEU U 209 9.53 -32.40 -68.78
C LEU U 209 9.78 -31.33 -67.73
N GLU U 210 9.72 -31.75 -66.48
CA GLU U 210 10.12 -30.90 -65.37
C GLU U 210 11.43 -31.50 -64.83
N VAL U 211 12.38 -30.69 -64.36
CA VAL U 211 13.63 -31.25 -63.86
C VAL U 211 14.20 -30.35 -62.76
N ALA U 212 14.56 -30.90 -61.61
CA ALA U 212 15.12 -30.09 -60.55
C ALA U 212 16.36 -30.71 -60.01
N TRP U 213 17.00 -29.99 -59.07
CA TRP U 213 18.25 -30.45 -58.53
C TRP U 213 18.67 -29.72 -57.26
N VAL U 214 19.51 -30.40 -56.50
CA VAL U 214 20.19 -29.84 -55.38
C VAL U 214 21.58 -30.39 -55.46
N CYS U 215 22.52 -29.49 -55.78
CA CYS U 215 23.91 -29.81 -56.10
C CYS U 215 24.84 -28.77 -55.47
N ASN U 216 26.17 -28.91 -55.67
CA ASN U 216 27.15 -27.95 -55.14
C ASN U 216 27.21 -26.68 -56.00
N LYS U 217 26.95 -26.85 -57.31
CA LYS U 217 26.66 -25.74 -58.22
C LYS U 217 25.61 -24.77 -57.65
N SER U 218 24.42 -25.27 -57.33
CA SER U 218 23.31 -24.43 -56.89
C SER U 218 23.49 -23.97 -55.46
N ASN U 219 24.69 -24.19 -54.88
CA ASN U 219 25.01 -23.74 -53.53
C ASN U 219 24.08 -24.47 -52.55
N CYS U 220 23.85 -25.76 -52.85
CA CYS U 220 23.01 -26.71 -52.13
C CYS U 220 21.59 -26.22 -51.95
N VAL U 221 21.05 -25.44 -52.90
CA VAL U 221 19.67 -25.00 -52.86
C VAL U 221 18.80 -25.84 -53.80
N PHE U 222 17.70 -26.38 -53.31
CA PHE U 222 16.85 -27.14 -54.22
C PHE U 222 16.16 -26.18 -55.17
N GLN U 223 16.13 -26.48 -56.45
CA GLN U 223 15.61 -25.54 -57.42
C GLN U 223 15.41 -26.21 -58.78
N HIS U 224 14.43 -25.71 -59.54
CA HIS U 224 14.19 -26.17 -60.91
C HIS U 224 15.45 -25.85 -61.68
N VAL U 225 15.88 -26.70 -62.60
CA VAL U 225 17.10 -26.42 -63.35
C VAL U 225 16.75 -25.31 -64.34
N PRO U 226 17.67 -24.36 -64.63
CA PRO U 226 17.46 -23.36 -65.68
C PRO U 226 17.12 -23.95 -67.06
N ASN U 227 16.05 -23.44 -67.69
CA ASN U 227 15.36 -24.09 -68.80
C ASN U 227 16.21 -24.24 -70.06
N ASP U 228 17.48 -23.82 -70.03
CA ASP U 228 18.34 -23.79 -71.21
C ASP U 228 19.30 -24.98 -71.20
N MET U 229 18.86 -26.14 -70.69
CA MET U 229 19.76 -27.26 -70.42
C MET U 229 19.07 -28.60 -70.67
N ILE U 230 18.29 -28.69 -71.76
CA ILE U 230 17.48 -29.86 -72.05
C ILE U 230 17.66 -30.24 -73.52
N THR V 55 26.69 -17.97 -6.57
CA THR V 55 27.25 -18.94 -7.54
C THR V 55 28.29 -18.19 -8.38
N THR V 56 29.28 -18.92 -8.86
CA THR V 56 30.16 -18.44 -9.88
C THR V 56 30.31 -19.55 -10.89
N ILE V 57 29.84 -19.36 -12.13
CA ILE V 57 29.95 -20.29 -13.24
C ILE V 57 30.64 -19.61 -14.39
N MET V 58 31.23 -20.41 -15.25
CA MET V 58 31.89 -19.87 -16.41
C MET V 58 32.22 -20.98 -17.41
N ALA V 59 32.37 -20.63 -18.66
CA ALA V 59 32.86 -21.55 -19.66
C ALA V 59 33.80 -20.84 -20.60
N VAL V 60 34.78 -21.55 -21.08
CA VAL V 60 35.79 -20.93 -21.90
C VAL V 60 36.08 -21.85 -23.08
N ALA V 61 36.20 -21.24 -24.25
CA ALA V 61 36.59 -22.01 -25.41
C ALA V 61 38.11 -22.07 -25.53
N PHE V 62 38.58 -23.23 -25.98
CA PHE V 62 39.96 -23.39 -26.40
C PHE V 62 39.95 -24.13 -27.72
N LYS V 63 41.12 -24.33 -28.31
CA LYS V 63 41.10 -24.86 -29.66
C LYS V 63 40.84 -26.36 -29.57
N GLY V 64 39.67 -26.75 -30.01
CA GLY V 64 39.33 -28.14 -29.93
C GLY V 64 38.24 -28.45 -28.89
N GLY V 65 37.88 -27.51 -28.01
CA GLY V 65 37.01 -27.86 -26.92
C GLY V 65 36.60 -26.69 -26.04
N VAL V 66 35.98 -27.04 -24.93
CA VAL V 66 35.62 -26.06 -23.94
C VAL V 66 36.06 -26.55 -22.59
N VAL V 67 36.14 -25.62 -21.64
CA VAL V 67 36.15 -25.94 -20.23
C VAL V 67 34.98 -25.29 -19.53
N LEU V 68 34.29 -26.05 -18.68
CA LEU V 68 33.32 -25.47 -17.79
C LEU V 68 33.82 -25.56 -16.35
N ALA V 69 33.55 -24.50 -15.55
CA ALA V 69 33.98 -24.38 -14.17
C ALA V 69 32.88 -23.84 -13.27
N ALA V 70 32.89 -24.27 -12.01
CA ALA V 70 31.92 -23.75 -11.06
C ALA V 70 32.38 -23.91 -9.62
N ASP V 71 31.83 -23.08 -8.74
CA ASP V 71 32.03 -23.21 -7.29
C ASP V 71 31.02 -24.29 -6.84
N SER V 72 30.93 -24.56 -5.56
CA SER V 72 30.12 -25.67 -5.10
C SER V 72 29.14 -25.23 -4.01
N ARG V 73 28.67 -24.00 -3.99
CA ARG V 73 27.89 -23.64 -2.84
C ARG V 73 26.43 -23.38 -3.18
N THR V 74 25.55 -23.86 -2.32
CA THR V 74 24.17 -23.52 -2.45
C THR V 74 23.78 -22.86 -1.17
N SER V 75 23.12 -21.73 -1.27
CA SER V 75 22.87 -20.93 -0.11
C SER V 75 21.43 -20.37 -0.06
N THR V 76 20.93 -20.14 1.16
CA THR V 76 19.67 -19.45 1.41
C THR V 76 19.82 -17.94 1.56
N GLY V 77 20.99 -17.40 1.24
CA GLY V 77 21.24 -16.00 1.48
C GLY V 77 22.39 -15.86 2.47
N THR V 78 22.21 -16.42 3.65
CA THR V 78 23.18 -16.19 4.71
C THR V 78 23.78 -17.51 5.17
N TYR V 79 23.06 -18.59 4.94
CA TYR V 79 23.43 -19.85 5.49
C TYR V 79 23.60 -20.83 4.37
N VAL V 80 24.65 -21.64 4.43
CA VAL V 80 24.93 -22.56 3.35
C VAL V 80 24.14 -23.87 3.50
N VAL V 81 23.20 -24.20 2.64
CA VAL V 81 22.49 -25.45 2.84
C VAL V 81 23.21 -26.60 2.19
N ASN V 82 23.97 -26.38 1.14
CA ASN V 82 24.80 -27.44 0.60
C ASN V 82 26.17 -26.90 0.23
N ARG V 83 27.20 -27.53 0.71
CA ARG V 83 28.52 -27.01 0.44
C ARG V 83 29.22 -27.79 -0.66
N ALA V 84 28.53 -28.70 -1.32
CA ALA V 84 29.17 -29.54 -2.30
C ALA V 84 28.27 -29.82 -3.48
N SER V 85 27.50 -28.81 -3.93
CA SER V 85 26.65 -28.97 -5.09
C SER V 85 27.48 -29.21 -6.32
N ASN V 86 26.73 -29.71 -7.30
CA ASN V 86 27.26 -29.93 -8.62
C ASN V 86 26.42 -29.23 -9.70
N LYS V 87 27.00 -28.07 -10.09
CA LYS V 87 26.40 -27.07 -10.95
C LYS V 87 26.79 -27.32 -12.40
N LEU V 88 27.68 -28.27 -12.64
CA LEU V 88 27.95 -28.72 -13.97
C LEU V 88 27.11 -29.94 -14.31
N THR V 89 26.05 -29.74 -15.09
CA THR V 89 25.07 -30.76 -15.34
C THR V 89 25.25 -31.28 -16.73
N LYS V 90 25.17 -32.58 -16.89
CA LYS V 90 25.30 -33.23 -18.20
C LYS V 90 24.00 -33.17 -19.00
N LEU V 91 24.06 -32.79 -20.30
CA LEU V 91 22.91 -32.74 -21.19
C LEU V 91 23.02 -33.78 -22.31
N ALA V 92 24.24 -34.11 -22.72
CA ALA V 92 24.54 -35.21 -23.63
C ALA V 92 26.03 -35.57 -23.46
N GLU V 93 26.48 -36.58 -24.15
CA GLU V 93 27.81 -37.08 -23.88
C GLU V 93 28.78 -35.90 -23.82
N LYS V 94 28.70 -34.91 -24.75
CA LYS V 94 29.72 -33.85 -24.77
C LYS V 94 29.16 -32.44 -24.66
N ILE V 95 27.96 -32.36 -24.15
CA ILE V 95 27.33 -31.10 -23.89
C ILE V 95 26.94 -31.08 -22.44
N TYR V 96 27.38 -29.99 -21.77
CA TYR V 96 27.02 -29.71 -20.37
C TYR V 96 26.45 -28.33 -20.19
N CYS V 97 25.77 -28.10 -19.10
CA CYS V 97 25.47 -26.75 -18.78
C CYS V 97 25.94 -26.35 -17.38
N CYS V 98 26.16 -25.08 -17.15
CA CYS V 98 26.43 -24.56 -15.84
C CYS V 98 25.22 -23.81 -15.39
N ARG V 99 24.66 -24.18 -14.25
CA ARG V 99 23.44 -23.70 -13.68
C ARG V 99 23.69 -22.60 -12.68
N SER V 100 22.96 -21.49 -12.77
CA SER V 100 22.92 -20.50 -11.73
C SER V 100 21.48 -20.07 -11.54
N GLY V 101 21.20 -19.56 -10.35
CA GLY V 101 19.88 -19.10 -9.98
C GLY V 101 19.20 -20.17 -9.13
N SER V 102 17.88 -20.13 -9.08
CA SER V 102 17.09 -21.12 -8.41
C SER V 102 17.58 -22.49 -8.76
N ALA V 103 17.90 -23.33 -7.78
CA ALA V 103 18.30 -24.68 -8.12
C ALA V 103 17.11 -25.51 -8.60
N ALA V 104 15.95 -25.35 -7.98
CA ALA V 104 14.74 -26.04 -8.41
C ALA V 104 14.42 -25.84 -9.87
N ASP V 105 14.37 -24.58 -10.34
CA ASP V 105 14.20 -24.25 -11.76
C ASP V 105 15.29 -24.84 -12.67
N THR V 106 16.55 -24.65 -12.37
CA THR V 106 17.57 -25.06 -13.34
C THR V 106 17.79 -26.55 -13.39
N GLN V 107 17.48 -27.26 -12.30
CA GLN V 107 17.44 -28.73 -12.32
C GLN V 107 16.30 -29.19 -13.22
N ALA V 108 15.11 -28.60 -13.12
CA ALA V 108 13.97 -29.00 -13.93
C ALA V 108 14.20 -28.68 -15.40
N LEU V 109 14.75 -27.51 -15.74
CA LEU V 109 15.00 -27.21 -17.15
C LEU V 109 16.16 -28.04 -17.69
N ALA V 110 17.14 -28.45 -16.90
CA ALA V 110 18.23 -29.19 -17.50
C ALA V 110 17.78 -30.61 -17.82
N GLU V 111 16.91 -31.11 -16.92
CA GLU V 111 16.44 -32.47 -16.99
C GLU V 111 15.60 -32.58 -18.26
N GLN V 112 14.74 -31.59 -18.43
CA GLN V 112 13.91 -31.47 -19.60
C GLN V 112 14.71 -31.29 -20.88
N THR V 113 15.68 -30.44 -20.88
CA THR V 113 16.51 -30.34 -22.05
C THR V 113 17.22 -31.62 -22.39
N ALA V 114 17.56 -32.44 -21.41
CA ALA V 114 18.34 -33.65 -21.64
C ALA V 114 17.50 -34.77 -22.19
N ASN V 115 16.25 -34.76 -21.75
CA ASN V 115 15.24 -35.69 -22.18
C ASN V 115 15.00 -35.50 -23.68
N TYR V 116 14.83 -34.25 -24.12
CA TYR V 116 14.63 -33.92 -25.53
C TYR V 116 15.82 -34.29 -26.39
N LEU V 117 17.04 -34.07 -25.92
CA LEU V 117 18.19 -34.30 -26.75
C LEU V 117 18.44 -35.77 -26.91
N GLU V 118 18.11 -36.59 -25.93
CA GLU V 118 18.35 -38.04 -26.04
C GLU V 118 17.42 -38.68 -27.08
N SER V 119 16.14 -38.28 -27.06
CA SER V 119 15.16 -38.56 -28.10
C SER V 119 15.62 -38.15 -29.47
N TYR V 120 16.09 -36.94 -29.62
CA TYR V 120 16.56 -36.45 -30.92
C TYR V 120 17.74 -37.24 -31.39
N GLU V 121 18.71 -37.55 -30.53
CA GLU V 121 19.83 -38.38 -30.97
C GLU V 121 19.45 -39.81 -31.39
N ILE V 122 18.38 -40.39 -30.83
CA ILE V 122 17.99 -41.72 -31.27
C ILE V 122 17.36 -41.69 -32.66
N ASP V 123 16.50 -40.71 -32.90
CA ASP V 123 15.89 -40.47 -34.18
C ASP V 123 16.97 -40.27 -35.23
N THR V 124 17.66 -39.15 -35.13
CA THR V 124 18.73 -38.86 -36.07
C THR V 124 19.82 -39.94 -36.16
N SER V 125 20.08 -40.69 -35.08
CA SER V 125 21.18 -41.64 -34.97
C SER V 125 22.54 -40.95 -34.99
N LYS V 126 22.62 -39.67 -34.60
CA LYS V 126 23.86 -38.92 -34.68
C LYS V 126 24.12 -38.19 -33.36
N PRO V 127 25.37 -37.87 -33.03
CA PRO V 127 25.62 -37.01 -31.87
C PRO V 127 25.08 -35.61 -32.13
N VAL V 128 24.72 -34.92 -31.06
CA VAL V 128 23.97 -33.71 -31.26
C VAL V 128 24.90 -32.55 -31.14
N ASN V 129 24.58 -31.51 -31.90
CA ASN V 129 25.41 -30.33 -31.94
C ASN V 129 25.05 -29.41 -30.81
N VAL V 130 25.99 -28.57 -30.46
CA VAL V 130 25.83 -27.74 -29.30
C VAL V 130 24.68 -26.77 -29.50
N THR V 131 24.56 -26.28 -30.73
CA THR V 131 23.58 -25.25 -31.05
C THR V 131 22.16 -25.72 -30.81
N THR V 132 21.95 -27.00 -31.02
CA THR V 132 20.66 -27.65 -30.75
C THR V 132 20.36 -27.63 -29.26
N ALA V 133 21.36 -27.97 -28.43
CA ALA V 133 21.17 -27.97 -26.98
C ALA V 133 20.82 -26.57 -26.56
N ALA V 134 21.58 -25.62 -27.08
CA ALA V 134 21.44 -24.26 -26.69
C ALA V 134 20.07 -23.75 -27.07
N ASN V 135 19.60 -24.02 -28.28
CA ASN V 135 18.26 -23.58 -28.70
C ASN V 135 17.11 -24.22 -27.94
N ILE V 136 17.20 -25.50 -27.64
CA ILE V 136 16.14 -26.10 -26.89
C ILE V 136 16.02 -25.41 -25.54
N PHE V 137 17.15 -25.23 -24.84
CA PHE V 137 17.20 -24.70 -23.51
C PHE V 137 16.64 -23.29 -23.58
N LYS V 138 17.28 -22.44 -24.40
CA LYS V 138 16.87 -21.06 -24.64
C LYS V 138 15.38 -20.87 -24.72
N LYS V 139 14.70 -21.74 -25.45
CA LYS V 139 13.27 -21.66 -25.66
C LYS V 139 12.54 -21.92 -24.36
N LEU V 140 12.94 -22.95 -23.63
CA LEU V 140 12.42 -23.18 -22.28
C LEU V 140 12.65 -22.01 -21.36
N CYS V 141 13.77 -21.33 -21.47
CA CYS V 141 14.12 -20.21 -20.62
C CYS V 141 13.34 -18.95 -20.99
N TYR V 142 13.01 -18.83 -22.27
CA TYR V 142 12.20 -17.73 -22.81
C TYR V 142 10.72 -17.91 -22.55
N MET V 143 10.17 -19.09 -22.80
CA MET V 143 8.77 -19.33 -22.50
C MET V 143 8.46 -19.16 -21.02
N ASN V 144 9.36 -19.50 -20.13
CA ASN V 144 9.04 -19.39 -18.72
C ASN V 144 9.67 -18.17 -18.04
N LYS V 145 10.00 -17.12 -18.79
CA LYS V 145 10.91 -16.15 -18.19
C LYS V 145 10.32 -15.52 -16.95
N TRP V 146 8.98 -15.36 -16.86
CA TRP V 146 8.40 -14.63 -15.74
C TRP V 146 8.27 -15.50 -14.48
N ASN V 147 8.35 -16.81 -14.65
CA ASN V 147 8.11 -17.78 -13.58
C ASN V 147 9.39 -18.33 -12.97
N ILE V 148 10.58 -18.04 -13.53
CA ILE V 148 11.81 -18.65 -13.03
C ILE V 148 12.87 -17.59 -12.69
N SER V 149 13.90 -18.03 -11.96
CA SER V 149 15.15 -17.32 -11.84
C SER V 149 16.28 -18.25 -12.32
N ALA V 150 16.76 -18.03 -13.55
CA ALA V 150 17.76 -18.91 -14.15
C ALA V 150 18.75 -18.13 -14.99
N GLY V 151 20.04 -18.40 -14.82
CA GLY V 151 21.07 -18.00 -15.75
C GLY V 151 21.93 -19.20 -16.17
N ILE V 152 22.01 -19.52 -17.45
CA ILE V 152 22.52 -20.80 -17.92
C ILE V 152 23.69 -20.55 -18.86
N ILE V 153 24.62 -21.46 -18.90
CA ILE V 153 25.65 -21.53 -19.89
C ILE V 153 25.64 -22.93 -20.45
N VAL V 154 25.49 -23.04 -21.76
CA VAL V 154 25.55 -24.33 -22.43
C VAL V 154 26.84 -24.36 -23.17
N ALA V 155 27.63 -25.41 -23.00
CA ALA V 155 28.84 -25.54 -23.76
C ALA V 155 29.11 -26.99 -24.01
N GLY V 156 29.94 -27.18 -24.98
CA GLY V 156 29.98 -28.50 -25.54
C GLY V 156 31.00 -28.63 -26.64
N TYR V 157 31.18 -29.84 -27.09
CA TYR V 157 32.00 -30.14 -28.25
C TYR V 157 31.15 -30.93 -29.20
N ASP V 158 31.27 -30.62 -30.46
CA ASP V 158 30.69 -31.41 -31.52
C ASP V 158 31.59 -31.27 -32.74
N PRO V 159 31.65 -32.32 -33.58
CA PRO V 159 32.57 -32.37 -34.73
C PRO V 159 32.40 -31.33 -35.83
N LEU V 160 31.21 -30.74 -35.95
CA LEU V 160 30.88 -29.82 -37.02
C LEU V 160 31.41 -28.43 -36.70
N ASN V 161 31.17 -27.96 -35.48
CA ASN V 161 31.59 -26.63 -35.06
C ASN V 161 32.60 -26.58 -33.93
N GLY V 162 33.21 -27.72 -33.53
CA GLY V 162 34.21 -27.71 -32.46
C GLY V 162 33.62 -27.38 -31.08
N GLY V 163 34.35 -26.60 -30.28
CA GLY V 163 33.90 -26.21 -28.96
C GLY V 163 33.01 -24.97 -29.01
N SER V 164 31.86 -24.92 -28.36
CA SER V 164 31.10 -23.69 -28.40
C SER V 164 30.47 -23.39 -27.09
N VAL V 165 30.21 -22.14 -26.90
CA VAL V 165 29.76 -21.63 -25.63
C VAL V 165 28.57 -20.73 -25.94
N TYR V 166 27.45 -20.95 -25.29
CA TYR V 166 26.34 -20.05 -25.34
C TYR V 166 26.02 -19.57 -23.94
N SER V 167 25.84 -18.27 -23.77
CA SER V 167 25.24 -17.68 -22.60
C SER V 167 23.72 -17.58 -22.78
N ILE V 168 22.98 -17.98 -21.78
CA ILE V 168 21.56 -17.76 -21.82
C ILE V 168 21.20 -17.13 -20.49
N PRO V 169 21.31 -15.81 -20.37
CA PRO V 169 20.89 -15.12 -19.16
C PRO V 169 19.39 -14.96 -18.92
N SER V 170 19.08 -14.34 -17.79
CA SER V 170 17.70 -14.13 -17.38
C SER V 170 17.00 -13.35 -18.47
N GLY V 171 15.75 -13.70 -18.74
CA GLY V 171 15.06 -13.11 -19.88
C GLY V 171 15.13 -13.98 -21.14
N GLY V 172 16.09 -14.91 -21.22
CA GLY V 172 16.02 -15.92 -22.27
C GLY V 172 16.65 -15.52 -23.60
N SER V 173 17.59 -14.60 -23.60
CA SER V 173 18.34 -14.36 -24.81
C SER V 173 19.34 -15.48 -25.03
N CYS V 174 20.02 -15.53 -26.17
CA CYS V 174 21.04 -16.54 -26.36
C CYS V 174 22.15 -16.04 -27.24
N VAL V 175 23.32 -15.97 -26.65
CA VAL V 175 24.49 -15.35 -27.23
C VAL V 175 25.66 -16.30 -27.31
N LYS V 176 26.32 -16.30 -28.45
CA LYS V 176 27.36 -17.26 -28.76
C LYS V 176 28.71 -16.58 -28.65
N LEU V 177 29.52 -17.08 -27.73
CA LEU V 177 30.71 -16.36 -27.30
C LEU V 177 31.92 -17.26 -27.26
N ASP V 178 33.04 -16.64 -26.93
CA ASP V 178 34.32 -17.28 -26.69
C ASP V 178 34.49 -17.55 -25.18
N TYR V 179 33.84 -16.78 -24.31
CA TYR V 179 33.71 -17.17 -22.94
C TYR V 179 32.46 -16.56 -22.33
N ALA V 180 32.01 -17.14 -21.25
CA ALA V 180 30.80 -16.67 -20.66
C ALA V 180 31.00 -16.73 -19.16
N LEU V 181 30.47 -15.76 -18.45
CA LEU V 181 30.45 -15.73 -17.01
C LEU V 181 29.04 -15.67 -16.50
N GLY V 182 28.77 -16.16 -15.32
CA GLY V 182 27.40 -16.15 -14.83
C GLY V 182 27.40 -16.28 -13.33
N GLY V 183 26.19 -16.11 -12.75
CA GLY V 183 26.01 -16.14 -11.31
C GLY V 183 26.49 -14.81 -10.70
N SER V 184 26.10 -14.67 -9.44
CA SER V 184 26.43 -13.56 -8.56
C SER V 184 27.93 -13.31 -8.59
N GLY V 185 28.74 -14.36 -8.65
CA GLY V 185 30.16 -14.11 -8.56
C GLY V 185 30.74 -13.61 -9.86
N SER V 186 29.95 -13.56 -10.94
CA SER V 186 30.46 -13.16 -12.24
C SER V 186 30.98 -11.75 -12.28
N ILE V 187 30.34 -10.83 -11.57
CA ILE V 187 30.62 -9.40 -11.60
C ILE V 187 32.02 -9.10 -11.05
N PHE V 188 32.65 -10.03 -10.33
CA PHE V 188 34.05 -9.89 -9.95
C PHE V 188 35.03 -10.37 -11.00
N LEU V 189 34.62 -11.01 -12.08
CA LEU V 189 35.55 -11.62 -13.03
C LEU V 189 35.69 -10.92 -14.37
N TYR V 190 34.80 -9.98 -14.74
CA TYR V 190 34.84 -9.24 -16.00
C TYR V 190 36.22 -8.66 -16.21
N SER V 191 36.68 -7.87 -15.25
CA SER V 191 37.97 -7.22 -15.20
C SER V 191 39.13 -8.21 -15.14
N PHE V 192 38.93 -9.31 -14.47
CA PHE V 192 39.91 -10.37 -14.40
C PHE V 192 40.19 -10.83 -15.80
N PHE V 193 39.15 -11.25 -16.49
CA PHE V 193 39.23 -11.73 -17.86
C PHE V 193 39.71 -10.69 -18.85
N ASP V 194 39.22 -9.47 -18.76
CA ASP V 194 39.72 -8.37 -19.57
C ASP V 194 41.25 -8.16 -19.46
N ALA V 195 41.75 -8.29 -18.25
CA ALA V 195 43.14 -8.08 -17.87
C ALA V 195 44.05 -9.29 -18.11
N ASN V 196 43.54 -10.51 -18.00
CA ASN V 196 44.38 -11.70 -17.81
C ASN V 196 44.06 -12.81 -18.79
N TYR V 197 42.90 -12.80 -19.42
CA TYR V 197 42.51 -13.86 -20.33
C TYR V 197 43.07 -13.59 -21.71
N LYS V 198 43.35 -14.68 -22.42
CA LYS V 198 43.93 -14.61 -23.75
C LYS V 198 43.24 -15.64 -24.61
N THR V 199 43.24 -15.42 -25.91
CA THR V 199 42.83 -16.46 -26.82
C THR V 199 44.05 -17.32 -27.06
N GLY V 200 43.81 -18.54 -27.60
CA GLY V 200 44.87 -19.46 -28.01
C GLY V 200 45.29 -20.45 -26.92
N MET V 201 44.65 -20.40 -25.76
CA MET V 201 45.06 -21.21 -24.61
C MET V 201 44.80 -22.67 -24.95
N SER V 202 45.69 -23.56 -24.49
CA SER V 202 45.52 -25.01 -24.57
C SER V 202 44.50 -25.47 -23.55
N LYS V 203 44.13 -26.74 -23.64
CA LYS V 203 43.27 -27.30 -22.62
C LYS V 203 43.84 -27.06 -21.21
N GLU V 204 45.12 -27.35 -21.00
CA GLU V 204 45.69 -27.31 -19.66
C GLU V 204 45.76 -25.88 -19.16
N GLU V 205 46.08 -24.94 -20.05
CA GLU V 205 46.09 -23.54 -19.63
C GLU V 205 44.67 -23.10 -19.23
N CYS V 206 43.69 -23.56 -19.97
CA CYS V 206 42.33 -23.13 -19.78
C CYS V 206 41.73 -23.73 -18.50
N VAL V 207 42.02 -24.98 -18.17
CA VAL V 207 41.54 -25.55 -16.89
C VAL V 207 42.12 -24.71 -15.74
N CYS V 208 43.42 -24.56 -15.79
CA CYS V 208 44.09 -23.83 -14.74
C CYS V 208 43.57 -22.40 -14.60
N PHE V 209 43.43 -21.70 -15.71
CA PHE V 209 42.89 -20.35 -15.70
C PHE V 209 41.45 -20.33 -15.09
N CYS V 210 40.56 -21.22 -15.52
CA CYS V 210 39.25 -21.30 -14.91
C CYS V 210 39.30 -21.54 -13.39
N GLN V 211 40.22 -22.38 -12.93
CA GLN V 211 40.26 -22.69 -11.50
C GLN V 211 40.64 -21.45 -10.75
N ARG V 212 41.53 -20.68 -11.33
CA ARG V 212 42.01 -19.46 -10.70
C ARG V 212 41.00 -18.31 -10.73
N ALA V 213 40.20 -18.21 -11.78
CA ALA V 213 39.09 -17.29 -11.86
C ALA V 213 38.03 -17.64 -10.83
N VAL V 214 37.59 -18.90 -10.77
CA VAL V 214 36.58 -19.23 -9.81
C VAL V 214 37.02 -18.84 -8.40
N ALA V 215 38.32 -19.03 -8.11
CA ALA V 215 38.80 -18.88 -6.75
C ALA V 215 38.84 -17.40 -6.39
N HIS V 216 39.19 -16.56 -7.37
CA HIS V 216 39.13 -15.12 -7.20
C HIS V 216 37.70 -14.66 -6.94
N ALA V 217 36.78 -15.13 -7.72
CA ALA V 217 35.38 -14.83 -7.48
C ALA V 217 34.92 -15.25 -6.11
N TYR V 218 35.12 -16.52 -5.77
CA TYR V 218 34.50 -16.97 -4.55
C TYR V 218 35.21 -16.41 -3.32
N SER V 219 36.42 -15.89 -3.39
CA SER V 219 37.01 -15.26 -2.21
C SER V 219 36.36 -13.93 -1.85
N ARG V 220 35.63 -13.31 -2.77
CA ARG V 220 35.06 -12.01 -2.46
C ARG V 220 33.54 -12.09 -2.44
N ASP V 221 32.98 -13.12 -3.06
CA ASP V 221 31.53 -13.26 -3.11
C ASP V 221 31.11 -14.11 -1.94
N GLY V 222 30.35 -13.53 -0.99
CA GLY V 222 29.72 -14.24 0.11
C GLY V 222 28.85 -15.42 -0.37
N SER V 223 28.25 -15.28 -1.55
CA SER V 223 27.34 -16.32 -2.04
C SER V 223 28.02 -17.38 -2.87
N SER V 224 29.35 -17.48 -2.90
CA SER V 224 30.03 -18.57 -3.63
C SER V 224 31.06 -19.16 -2.69
N GLY V 225 31.55 -20.32 -2.96
CA GLY V 225 32.54 -20.90 -2.07
C GLY V 225 32.61 -22.41 -2.20
N GLY V 226 33.48 -23.04 -1.43
CA GLY V 226 33.55 -24.49 -1.38
C GLY V 226 34.54 -25.10 -2.35
N LEU V 227 34.09 -26.10 -3.09
CA LEU V 227 34.95 -26.78 -4.03
C LEU V 227 35.05 -25.97 -5.29
N ILE V 228 36.05 -26.23 -6.11
CA ILE V 228 36.00 -25.82 -7.51
C ILE V 228 35.89 -27.00 -8.44
N ARG V 229 34.76 -27.21 -9.11
CA ARG V 229 34.65 -28.31 -10.10
C ARG V 229 34.90 -27.82 -11.50
N THR V 230 35.63 -28.56 -12.29
CA THR V 230 35.72 -28.30 -13.71
C THR V 230 35.43 -29.52 -14.59
N ILE V 231 35.10 -29.26 -15.85
CA ILE V 231 35.07 -30.33 -16.82
C ILE V 231 35.48 -29.80 -18.19
N ALA V 232 36.29 -30.61 -18.89
CA ALA V 232 36.87 -30.34 -20.18
C ALA V 232 36.33 -31.31 -21.23
N LEU V 233 35.79 -30.72 -22.29
CA LEU V 233 35.04 -31.42 -23.29
C LEU V 233 35.69 -31.16 -24.65
N HIS V 234 36.00 -32.22 -25.41
CA HIS V 234 36.80 -32.10 -26.62
C HIS V 234 36.60 -33.41 -27.37
N GLN V 235 37.41 -33.74 -28.39
CA GLN V 235 37.06 -34.92 -29.18
C GLN V 235 37.26 -36.22 -28.39
N GLY V 236 38.22 -36.19 -27.44
CA GLY V 236 38.47 -37.28 -26.50
C GLY V 236 37.45 -37.39 -25.37
N GLU V 237 37.80 -38.14 -24.30
CA GLU V 237 36.91 -38.47 -23.20
C GLU V 237 36.74 -37.27 -22.26
N PRO V 238 35.53 -37.04 -21.68
CA PRO V 238 35.33 -35.97 -20.71
C PRO V 238 36.23 -36.08 -19.49
N GLU V 239 36.85 -34.97 -19.12
CA GLU V 239 37.74 -34.90 -17.97
C GLU V 239 37.17 -33.96 -16.91
N ASP V 240 36.86 -34.51 -15.73
CA ASP V 240 36.34 -33.75 -14.62
C ASP V 240 37.39 -33.68 -13.53
N MET V 241 37.32 -32.61 -12.76
CA MET V 241 38.27 -32.33 -11.73
C MET V 241 37.53 -31.59 -10.62
N THR V 242 37.89 -31.87 -9.37
CA THR V 242 37.34 -31.19 -8.24
C THR V 242 38.51 -30.80 -7.36
N ILE V 243 38.63 -29.50 -7.02
CA ILE V 243 39.70 -28.97 -6.18
C ILE V 243 39.09 -28.60 -4.83
N PRO V 244 39.63 -29.12 -3.71
CA PRO V 244 39.09 -28.80 -2.36
C PRO V 244 39.57 -27.43 -1.95
N TRP V 245 38.82 -26.82 -1.03
CA TRP V 245 39.09 -25.44 -0.63
C TRP V 245 40.50 -25.33 -0.06
N THR V 246 41.01 -26.38 0.58
CA THR V 246 42.35 -26.41 1.13
C THR V 246 43.50 -26.45 0.10
N LYS V 247 43.18 -26.65 -1.19
CA LYS V 247 44.16 -26.52 -2.24
C LYS V 247 43.79 -25.43 -3.24
N THR V 248 42.87 -24.53 -2.90
CA THR V 248 42.49 -23.46 -3.79
C THR V 248 43.68 -22.62 -4.18
N PRO V 249 43.78 -22.24 -5.47
CA PRO V 249 44.89 -21.45 -5.92
C PRO V 249 44.86 -19.99 -5.46
N TYR V 250 43.75 -19.53 -4.89
CA TYR V 250 43.78 -18.18 -4.34
C TYR V 250 42.80 -18.16 -3.19
N CYS V 251 43.21 -17.62 -2.06
CA CYS V 251 42.29 -17.03 -1.11
C CYS V 251 42.92 -15.89 -0.35
N MET V 252 42.07 -14.99 0.13
CA MET V 252 42.54 -13.85 0.88
C MET V 252 43.19 -14.25 2.21
N GLU V 253 42.78 -15.40 2.78
CA GLU V 253 43.34 -15.93 4.02
C GLU V 253 44.82 -16.24 3.86
N LYS V 254 45.28 -16.58 2.65
CA LYS V 254 46.66 -17.01 2.46
C LYS V 254 47.47 -16.00 1.68
N ASP V 255 46.83 -14.94 1.22
CA ASP V 255 47.48 -13.89 0.44
C ASP V 255 48.24 -12.98 1.37
N PRO V 256 49.58 -12.87 1.21
CA PRO V 256 50.42 -12.09 2.14
C PRO V 256 50.13 -10.60 2.30
N LYS V 257 49.54 -9.94 1.31
CA LYS V 257 49.13 -8.57 1.54
C LYS V 257 47.94 -8.42 2.47
N TYR V 258 47.28 -9.49 2.89
CA TYR V 258 46.25 -9.32 3.91
C TYR V 258 46.63 -9.95 5.24
N ARG V 259 47.90 -10.27 5.45
CA ARG V 259 48.29 -10.96 6.65
C ARG V 259 48.23 -10.01 7.85
N ASP V 260 48.88 -8.83 7.76
CA ASP V 260 48.96 -7.89 8.86
C ASP V 260 47.65 -7.11 8.98
N LEU V 261 47.20 -6.92 10.23
CA LEU V 261 45.85 -6.44 10.46
C LEU V 261 45.83 -4.92 10.43
N ALA V 262 44.70 -4.36 9.99
CA ALA V 262 44.50 -2.93 9.98
C ALA V 262 44.57 -2.41 11.38
N VAL V 263 45.08 -1.20 11.53
CA VAL V 263 45.26 -0.60 12.82
C VAL V 263 44.03 0.21 13.19
N GLN V 264 42.99 -0.53 13.59
CA GLN V 264 41.73 0.02 14.05
C GLN V 264 41.69 0.24 15.54
N ASN V 265 42.62 -0.36 16.30
CA ASN V 265 42.48 -0.43 17.75
C ASN V 265 43.77 -0.02 18.41
N PRO V 266 44.30 1.17 18.14
CA PRO V 266 45.54 1.61 18.78
C PRO V 266 45.34 1.89 20.25
N PRO V 267 46.38 1.71 21.08
CA PRO V 267 46.30 1.99 22.50
C PRO V 267 46.18 3.47 22.79
N PHE V 268 45.54 3.75 23.91
CA PHE V 268 45.51 5.07 24.49
C PHE V 268 46.93 5.58 24.70
N SER V 269 47.28 6.68 24.04
CA SER V 269 48.66 7.14 23.96
C SER V 269 48.75 8.64 24.08
N SER V 270 49.96 9.07 24.35
CA SER V 270 50.29 10.47 24.49
C SER V 270 50.81 11.07 23.16
N SER V 271 50.59 10.39 22.01
CA SER V 271 51.06 10.81 20.69
C SER V 271 49.99 10.50 19.67
N ALA V 272 49.93 11.29 18.60
CA ALA V 272 48.98 10.98 17.54
C ALA V 272 49.54 9.91 16.61
N LYS V 273 50.81 9.55 16.79
CA LYS V 273 51.40 8.49 16.00
C LYS V 273 50.70 7.14 16.18
N ILE V 274 50.45 6.49 15.04
CA ILE V 274 49.78 5.20 14.96
C ILE V 274 50.79 4.14 14.56
N THR V 275 50.74 2.99 15.24
CA THR V 275 51.80 2.00 15.16
C THR V 275 51.20 0.60 15.03
N VAL V 276 50.61 0.11 16.12
CA VAL V 276 50.11 -1.25 16.23
C VAL V 276 48.76 -1.25 16.96
N ASN V 277 48.00 -2.32 16.73
CA ASN V 277 46.82 -2.62 17.49
C ASN V 277 47.24 -2.99 18.92
N GLN V 278 46.47 -2.50 19.91
CA GLN V 278 46.61 -2.96 21.28
C GLN V 278 46.23 -4.44 21.38
N SER V 279 47.12 -5.26 21.95
CA SER V 279 46.94 -6.72 22.04
C SER V 279 46.68 -7.19 23.48
N ARG V 280 47.06 -6.42 24.51
CA ARG V 280 46.92 -6.80 25.90
C ARG V 280 46.43 -5.61 26.74
N SER V 281 45.58 -5.89 27.69
CA SER V 281 45.15 -4.89 28.65
C SER V 281 46.33 -4.15 29.25
N GLU V 282 46.09 -2.88 29.57
CA GLU V 282 47.00 -2.07 30.38
C GLU V 282 46.74 -2.32 31.87
N THR W 67 10.84 -28.92 14.24
CA THR W 67 11.25 -30.25 13.75
C THR W 67 12.76 -30.26 13.50
N THR W 68 13.33 -31.40 13.79
CA THR W 68 14.70 -31.70 13.49
C THR W 68 14.70 -33.11 12.88
N ILE W 69 14.96 -33.23 11.57
CA ILE W 69 15.25 -34.50 10.95
C ILE W 69 16.64 -34.52 10.40
N VAL W 70 17.28 -35.68 10.51
CA VAL W 70 18.67 -35.87 10.16
C VAL W 70 18.85 -37.16 9.39
N GLY W 71 19.83 -37.25 8.48
CA GLY W 71 20.21 -38.54 7.92
C GLY W 71 21.71 -38.67 7.78
N VAL W 72 22.28 -39.86 7.90
CA VAL W 72 23.63 -40.13 7.48
C VAL W 72 23.77 -41.47 6.76
N VAL W 73 24.76 -41.51 5.88
CA VAL W 73 25.23 -42.72 5.24
C VAL W 73 26.36 -43.28 6.05
N TYR W 74 26.37 -44.60 6.20
CA TYR W 74 27.48 -45.30 6.84
C TYR W 74 27.84 -46.49 5.97
N LYS W 75 28.85 -47.24 6.39
CA LYS W 75 29.51 -48.23 5.52
C LYS W 75 28.46 -49.13 4.90
N GLU W 76 27.46 -49.59 5.63
CA GLU W 76 26.54 -50.56 5.02
C GLU W 76 25.08 -50.08 4.91
N GLY W 77 24.84 -48.77 4.90
CA GLY W 77 23.46 -48.33 4.90
C GLY W 77 23.20 -46.91 5.35
N VAL W 78 21.95 -46.65 5.69
CA VAL W 78 21.55 -45.31 6.10
C VAL W 78 20.93 -45.24 7.51
N VAL W 79 21.26 -44.21 8.25
CA VAL W 79 20.50 -43.94 9.49
C VAL W 79 19.73 -42.65 9.37
N LEU W 80 18.42 -42.68 9.55
CA LEU W 80 17.60 -41.50 9.66
C LEU W 80 17.28 -41.26 11.12
N GLY W 81 17.06 -40.01 11.51
CA GLY W 81 16.72 -39.65 12.91
C GLY W 81 15.66 -38.54 12.95
N ALA W 82 14.90 -38.45 14.05
CA ALA W 82 13.90 -37.42 14.20
C ALA W 82 13.57 -37.25 15.66
N ASP W 83 13.10 -36.06 15.91
CA ASP W 83 12.54 -35.75 17.19
C ASP W 83 11.04 -35.99 17.10
N THR W 84 10.31 -35.83 18.21
CA THR W 84 8.93 -36.25 18.24
C THR W 84 7.91 -35.24 18.64
N ARG W 85 8.21 -33.96 18.73
CA ARG W 85 7.17 -33.04 19.15
C ARG W 85 6.49 -32.46 17.94
N ALA W 86 5.15 -32.50 17.89
CA ALA W 86 4.34 -31.69 17.02
C ALA W 86 3.66 -30.57 17.78
N THR W 87 3.63 -29.39 17.19
CA THR W 87 3.10 -28.21 17.87
C THR W 87 1.99 -27.58 17.05
N GLU W 88 0.99 -26.98 17.73
CA GLU W 88 0.11 -25.97 17.11
C GLU W 88 0.32 -24.60 17.76
N GLY W 89 0.88 -23.69 17.00
CA GLY W 89 1.26 -22.42 17.57
C GLY W 89 2.51 -22.56 18.43
N SER W 90 2.31 -22.44 19.73
CA SER W 90 3.39 -22.39 20.69
C SER W 90 3.06 -23.39 21.79
N ILE W 91 2.13 -24.30 21.44
CA ILE W 91 1.67 -25.34 22.35
C ILE W 91 2.00 -26.70 21.77
N VAL W 92 2.46 -27.59 22.60
CA VAL W 92 2.65 -28.97 22.22
C VAL W 92 1.31 -29.72 22.15
N ALA W 93 0.96 -30.13 20.96
CA ALA W 93 -0.25 -30.89 20.67
C ALA W 93 -0.03 -32.37 20.89
N ASP W 94 1.16 -32.81 20.52
CA ASP W 94 1.52 -34.22 20.66
C ASP W 94 3.02 -34.32 20.90
N LYS W 95 3.35 -34.97 21.98
CA LYS W 95 4.69 -35.12 22.44
C LYS W 95 5.40 -36.25 21.71
N ARG W 96 4.65 -37.27 21.27
CA ARG W 96 5.21 -38.51 20.76
C ARG W 96 4.73 -38.79 19.36
N CYS W 97 4.75 -37.76 18.55
CA CYS W 97 4.37 -37.95 17.17
C CYS W 97 5.48 -38.62 16.36
N LYS W 98 5.11 -39.35 15.30
CA LYS W 98 6.06 -40.16 14.52
C LYS W 98 6.42 -39.46 13.21
N LYS W 99 7.69 -39.09 13.03
CA LYS W 99 8.03 -38.29 11.87
C LYS W 99 8.82 -39.10 10.85
N ILE W 100 9.02 -40.39 11.12
CA ILE W 100 9.69 -41.20 10.14
C ILE W 100 8.68 -42.09 9.44
N HIS W 101 8.46 -41.88 8.13
CA HIS W 101 7.40 -42.51 7.32
C HIS W 101 7.96 -43.52 6.34
N TYR W 102 7.23 -44.62 6.26
CA TYR W 102 7.39 -45.65 5.25
C TYR W 102 7.21 -45.12 3.82
N MET W 103 8.19 -45.43 2.93
CA MET W 103 7.99 -45.30 1.50
C MET W 103 7.91 -46.66 0.79
N ALA W 104 8.86 -47.55 1.07
CA ALA W 104 8.93 -48.89 0.51
C ALA W 104 9.72 -49.82 1.43
N PRO W 105 9.75 -51.13 1.15
CA PRO W 105 10.50 -52.04 2.00
C PRO W 105 11.92 -51.57 2.32
N ASN W 106 12.55 -50.89 1.36
CA ASN W 106 13.91 -50.42 1.49
C ASN W 106 14.08 -48.89 1.39
N ILE W 107 13.08 -48.08 1.68
CA ILE W 107 13.17 -46.63 1.57
C ILE W 107 12.23 -46.03 2.58
N MET W 108 12.73 -45.11 3.43
CA MET W 108 11.94 -44.38 4.38
C MET W 108 12.18 -42.91 4.13
N CYS W 109 11.42 -42.06 4.78
CA CYS W 109 11.40 -40.62 4.55
C CYS W 109 11.19 -39.92 5.89
N CYS W 110 11.94 -38.88 6.26
CA CYS W 110 11.51 -38.10 7.39
C CYS W 110 10.99 -36.79 6.84
N GLY W 111 10.05 -36.15 7.53
CA GLY W 111 9.31 -35.06 6.95
C GLY W 111 9.33 -33.83 7.83
N ALA W 112 9.46 -32.67 7.23
CA ALA W 112 9.34 -31.42 7.95
C ALA W 112 8.49 -30.52 7.07
N GLY W 113 8.32 -29.27 7.36
CA GLY W 113 7.43 -28.47 6.52
C GLY W 113 6.01 -28.59 7.07
N THR W 114 5.00 -28.36 6.21
CA THR W 114 3.60 -28.43 6.58
C THR W 114 3.22 -29.90 6.67
N ALA W 115 2.74 -30.35 7.82
CA ALA W 115 2.50 -31.77 8.00
C ALA W 115 1.53 -32.29 6.94
N ALA W 116 0.46 -31.58 6.62
CA ALA W 116 -0.52 -32.16 5.70
C ALA W 116 0.12 -32.44 4.37
N ASP W 117 0.87 -31.48 3.85
CA ASP W 117 1.57 -31.61 2.60
C ASP W 117 2.63 -32.71 2.61
N THR W 118 3.38 -32.81 3.69
CA THR W 118 4.40 -33.83 3.79
C THR W 118 3.76 -35.22 3.78
N GLU W 119 2.69 -35.40 4.52
CA GLU W 119 1.88 -36.63 4.53
C GLU W 119 1.27 -36.92 3.15
N ALA W 120 0.63 -35.95 2.52
CA ALA W 120 0.00 -36.29 1.26
C ALA W 120 1.03 -36.74 0.20
N VAL W 121 2.13 -36.02 0.03
CA VAL W 121 3.07 -36.38 -1.00
C VAL W 121 3.78 -37.70 -0.69
N THR W 122 4.20 -37.95 0.53
CA THR W 122 4.81 -39.21 0.80
C THR W 122 3.87 -40.38 0.53
N ASN W 123 2.62 -40.26 0.98
CA ASN W 123 1.63 -41.31 0.72
C ASN W 123 1.46 -41.56 -0.76
N MET W 124 1.30 -40.51 -1.49
CA MET W 124 1.10 -40.63 -2.90
C MET W 124 2.28 -41.32 -3.59
N VAL W 125 3.47 -40.89 -3.28
CA VAL W 125 4.59 -41.54 -3.89
C VAL W 125 4.79 -42.93 -3.34
N SER W 126 4.45 -43.20 -2.13
CA SER W 126 4.54 -44.58 -1.68
C SER W 126 3.52 -45.49 -2.40
N ALA W 127 2.30 -45.00 -2.66
CA ALA W 127 1.37 -45.77 -3.42
C ALA W 127 1.86 -45.98 -4.84
N ASN W 128 2.45 -44.96 -5.46
CA ASN W 128 2.88 -45.12 -6.84
C ASN W 128 4.12 -46.00 -6.96
N LEU W 129 4.92 -46.05 -5.92
CA LEU W 129 6.05 -46.96 -5.94
C LEU W 129 5.61 -48.38 -5.84
N ALA W 130 4.55 -48.64 -5.04
CA ALA W 130 3.97 -49.99 -4.89
C ALA W 130 3.39 -50.54 -6.18
N LEU W 131 2.66 -49.77 -6.98
CA LEU W 131 2.23 -50.24 -8.30
C LEU W 131 3.41 -50.54 -9.16
N HIS W 132 4.37 -49.64 -9.19
CA HIS W 132 5.57 -49.89 -9.94
C HIS W 132 6.30 -51.17 -9.55
N ARG W 133 6.41 -51.53 -8.26
CA ARG W 133 6.97 -52.82 -7.95
C ARG W 133 6.07 -53.98 -8.42
N LEU W 134 4.74 -53.90 -8.28
CA LEU W 134 3.94 -55.01 -8.79
C LEU W 134 4.12 -55.17 -10.29
N ASP W 135 4.20 -54.07 -10.99
CA ASP W 135 4.31 -54.04 -12.44
C ASP W 135 5.64 -54.60 -12.91
N THR W 136 6.73 -53.97 -12.52
CA THR W 136 8.06 -54.44 -12.89
C THR W 136 8.42 -55.79 -12.26
N GLY W 137 7.89 -56.14 -11.08
CA GLY W 137 8.51 -57.13 -10.23
C GLY W 137 9.96 -56.82 -9.83
N LYS W 138 10.32 -55.56 -9.60
CA LYS W 138 11.66 -55.25 -9.09
C LYS W 138 11.63 -54.40 -7.84
N GLN W 139 12.75 -54.31 -7.16
CA GLN W 139 12.85 -53.48 -5.96
C GLN W 139 12.89 -52.00 -6.30
N SER W 140 12.22 -51.19 -5.49
CA SER W 140 12.18 -49.78 -5.78
C SER W 140 13.56 -49.20 -5.70
N ARG W 141 13.90 -48.28 -6.60
CA ARG W 141 15.17 -47.56 -6.50
C ARG W 141 14.97 -46.23 -5.79
N VAL W 142 15.90 -45.87 -4.93
CA VAL W 142 15.81 -44.61 -4.19
C VAL W 142 15.71 -43.41 -5.15
N HIS W 143 16.46 -43.46 -6.23
CA HIS W 143 16.40 -42.42 -7.26
C HIS W 143 15.01 -42.20 -7.87
N GLU W 144 14.22 -43.27 -8.01
CA GLU W 144 12.87 -43.26 -8.55
C GLU W 144 11.95 -42.49 -7.60
N ALA W 145 12.08 -42.76 -6.31
CA ALA W 145 11.34 -42.01 -5.31
C ALA W 145 11.70 -40.54 -5.36
N LEU W 146 13.00 -40.25 -5.33
CA LEU W 146 13.48 -38.89 -5.31
C LEU W 146 12.87 -38.12 -6.48
N THR W 147 12.89 -38.75 -7.63
CA THR W 147 12.41 -38.17 -8.86
C THR W 147 10.88 -38.00 -8.88
N MET W 148 10.10 -38.95 -8.43
CA MET W 148 8.65 -38.72 -8.37
C MET W 148 8.32 -37.61 -7.37
N LEU W 149 9.11 -37.56 -6.29
CA LEU W 149 8.91 -36.53 -5.31
C LEU W 149 9.15 -35.15 -5.94
N LYS W 150 10.31 -34.96 -6.55
CA LYS W 150 10.67 -33.66 -7.11
C LYS W 150 9.72 -33.23 -8.23
N ARG W 151 9.30 -34.12 -9.14
CA ARG W 151 8.38 -33.69 -10.16
C ARG W 151 7.11 -33.08 -9.53
N HIS W 152 6.57 -33.74 -8.52
CA HIS W 152 5.35 -33.32 -7.87
C HIS W 152 5.55 -31.98 -7.20
N LEU W 153 6.63 -31.81 -6.43
CA LEU W 153 6.80 -30.52 -5.77
C LEU W 153 7.07 -29.40 -6.78
N TYR W 154 7.75 -29.70 -7.92
CA TYR W 154 8.07 -28.69 -8.92
C TYR W 154 6.77 -28.12 -9.50
N ARG W 155 5.87 -28.99 -9.95
CA ARG W 155 4.57 -28.62 -10.48
C ARG W 155 3.82 -27.63 -9.62
N TYR W 156 3.96 -27.69 -8.31
CA TYR W 156 3.08 -26.90 -7.46
C TYR W 156 3.77 -25.65 -6.93
N GLN W 157 5.04 -25.45 -7.33
CA GLN W 157 5.72 -24.18 -7.18
C GLN W 157 5.85 -23.85 -5.72
N GLY W 158 6.10 -24.88 -4.92
CA GLY W 158 6.26 -24.68 -3.49
C GLY W 158 4.97 -24.36 -2.73
N HIS W 159 3.80 -24.48 -3.37
CA HIS W 159 2.56 -24.29 -2.64
C HIS W 159 2.38 -25.51 -1.75
N VAL W 160 2.75 -26.69 -2.27
CA VAL W 160 2.80 -27.93 -1.51
C VAL W 160 4.12 -27.91 -0.77
N SER W 161 4.09 -27.55 0.50
CA SER W 161 5.34 -27.16 1.14
C SER W 161 5.81 -28.28 2.05
N ALA W 162 6.24 -29.34 1.38
CA ALA W 162 6.89 -30.51 1.96
C ALA W 162 8.41 -30.38 1.89
N ALA W 163 9.09 -30.77 2.95
CA ALA W 163 10.54 -30.83 2.95
C ALA W 163 10.96 -32.18 3.50
N LEU W 164 11.85 -32.90 2.82
CA LEU W 164 12.00 -34.29 3.16
C LEU W 164 13.44 -34.77 3.19
N VAL W 165 13.75 -35.63 4.11
CA VAL W 165 14.96 -36.36 4.00
C VAL W 165 14.58 -37.73 3.50
N LEU W 166 15.20 -38.22 2.45
CA LEU W 166 14.84 -39.53 1.96
C LEU W 166 16.05 -40.44 2.02
N GLY W 167 15.86 -41.63 2.51
CA GLY W 167 16.98 -42.50 2.63
C GLY W 167 16.58 -43.89 2.26
N GLY W 168 17.46 -44.62 1.60
CA GLY W 168 17.18 -46.01 1.33
C GLY W 168 18.42 -46.76 0.92
N VAL W 169 18.25 -48.03 0.53
CA VAL W 169 19.33 -48.84 0.01
C VAL W 169 18.78 -49.70 -1.09
N ASP W 170 19.41 -49.71 -2.24
CA ASP W 170 18.99 -50.48 -3.38
C ASP W 170 20.24 -51.10 -4.01
N VAL W 171 20.13 -51.72 -5.18
CA VAL W 171 21.24 -52.45 -5.76
C VAL W 171 22.47 -51.57 -5.95
N GLU W 172 22.33 -50.25 -6.07
CA GLU W 172 23.49 -49.38 -6.26
C GLU W 172 24.09 -48.89 -4.93
N GLY W 173 23.62 -49.44 -3.81
CA GLY W 173 24.13 -49.08 -2.51
C GLY W 173 23.24 -48.09 -1.77
N PRO W 174 23.75 -47.51 -0.68
CA PRO W 174 23.02 -46.49 0.10
C PRO W 174 22.73 -45.21 -0.65
N PHE W 175 21.62 -44.57 -0.35
CA PHE W 175 21.29 -43.31 -0.98
C PHE W 175 20.55 -42.45 -0.04
N LEU W 176 21.00 -41.21 0.05
CA LEU W 176 20.42 -40.25 0.97
C LEU W 176 20.29 -38.90 0.33
N ALA W 177 19.09 -38.35 0.34
CA ALA W 177 18.92 -37.07 -0.29
C ALA W 177 17.94 -36.17 0.44
N THR W 178 18.09 -34.84 0.26
CA THR W 178 17.05 -33.91 0.67
C THR W 178 16.20 -33.44 -0.49
N VAL W 179 14.91 -33.21 -0.25
CA VAL W 179 14.02 -32.56 -1.19
C VAL W 179 13.34 -31.37 -0.54
N ALA W 180 13.68 -30.18 -1.01
CA ALA W 180 13.06 -28.92 -0.61
C ALA W 180 11.68 -28.72 -1.26
N PRO W 181 10.84 -27.82 -0.73
CA PRO W 181 9.51 -27.61 -1.24
C PRO W 181 9.31 -27.07 -2.63
N HIS W 182 10.30 -26.29 -3.13
CA HIS W 182 10.22 -25.84 -4.52
C HIS W 182 10.61 -26.91 -5.51
N GLY W 183 11.12 -28.04 -5.06
CA GLY W 183 11.38 -29.19 -5.94
C GLY W 183 12.85 -29.42 -6.24
N SER W 184 13.74 -28.89 -5.42
CA SER W 184 15.14 -29.13 -5.66
C SER W 184 15.64 -30.26 -4.79
N THR W 185 16.52 -31.07 -5.37
CA THR W 185 17.08 -32.20 -4.69
C THR W 185 18.57 -32.07 -4.56
N ASP W 186 19.13 -32.76 -3.56
CA ASP W 186 20.56 -32.81 -3.26
C ASP W 186 20.92 -34.14 -2.59
N ARG W 187 21.69 -34.93 -3.25
CA ARG W 187 22.20 -36.13 -2.69
C ARG W 187 23.50 -35.84 -1.98
N LEU W 188 23.60 -36.24 -0.72
CA LEU W 188 24.73 -35.87 0.14
C LEU W 188 24.99 -36.94 1.18
N PRO W 189 26.18 -37.08 1.74
CA PRO W 189 26.44 -38.12 2.77
C PRO W 189 25.84 -37.86 4.16
N PHE W 190 25.51 -36.62 4.47
CA PHE W 190 24.82 -36.29 5.69
C PHE W 190 23.95 -35.07 5.44
N VAL W 191 22.73 -35.08 5.99
CA VAL W 191 21.81 -33.98 5.89
C VAL W 191 21.01 -33.76 7.14
N SER W 192 20.51 -32.54 7.26
CA SER W 192 19.50 -32.12 8.21
C SER W 192 18.46 -31.26 7.56
N MET W 193 17.27 -31.19 8.13
CA MET W 193 16.27 -30.25 7.73
C MET W 193 15.38 -29.95 8.90
N GLY W 194 14.58 -28.89 8.75
CA GLY W 194 13.56 -28.49 9.71
C GLY W 194 14.10 -27.33 10.53
N SER W 195 13.35 -26.83 11.49
CA SER W 195 13.72 -25.65 12.26
C SER W 195 14.97 -25.87 13.08
N GLY W 196 15.22 -27.08 13.56
CA GLY W 196 16.47 -27.36 14.25
C GLY W 196 17.57 -27.87 13.34
N SER W 197 17.49 -27.55 12.04
CA SER W 197 18.47 -28.05 11.12
C SER W 197 19.85 -27.49 11.40
N ILE W 198 19.95 -26.22 11.76
CA ILE W 198 21.24 -25.61 12.03
C ILE W 198 22.00 -26.20 13.20
N ALA W 199 21.36 -26.27 14.32
CA ALA W 199 21.95 -26.90 15.49
C ALA W 199 22.41 -28.29 15.18
N ALA W 200 21.51 -29.10 14.60
CA ALA W 200 21.80 -30.48 14.27
C ALA W 200 23.04 -30.59 13.39
N MET W 201 23.11 -29.72 12.40
CA MET W 201 24.14 -29.72 11.36
C MET W 201 25.52 -29.40 11.91
N SER W 202 25.52 -28.79 13.10
CA SER W 202 26.79 -28.50 13.74
C SER W 202 27.33 -29.73 14.46
N ALA W 203 26.49 -30.65 14.86
CA ALA W 203 26.97 -31.91 15.38
C ALA W 203 27.50 -32.77 14.24
N LEU W 204 26.75 -32.82 13.14
CA LEU W 204 27.18 -33.58 11.98
C LEU W 204 28.53 -33.11 11.39
N GLU W 205 28.81 -31.84 11.22
CA GLU W 205 30.10 -31.46 10.68
C GLU W 205 31.25 -31.70 11.65
N THR W 206 31.00 -31.76 12.95
CA THR W 206 32.13 -32.03 13.82
C THR W 206 32.36 -33.52 13.97
N GLY W 207 31.37 -34.35 13.62
CA GLY W 207 31.40 -35.74 13.99
C GLY W 207 31.32 -36.74 12.84
N TYR W 208 30.95 -36.34 11.63
CA TYR W 208 30.90 -37.29 10.54
C TYR W 208 32.30 -37.64 10.14
N LYS W 209 32.47 -38.87 9.76
CA LYS W 209 33.63 -39.33 9.03
C LYS W 209 33.15 -40.41 8.08
N GLU W 210 34.10 -40.82 7.24
CA GLU W 210 33.85 -41.83 6.24
C GLU W 210 33.90 -43.22 6.87
N ASN W 211 33.03 -44.09 6.33
CA ASN W 211 32.95 -45.51 6.65
C ASN W 211 32.85 -45.76 8.16
N MET W 212 32.11 -44.86 8.83
CA MET W 212 31.48 -45.07 10.11
C MET W 212 30.86 -46.46 10.16
N THR W 213 30.92 -47.09 11.33
CA THR W 213 30.19 -48.30 11.64
C THR W 213 28.74 -47.98 12.03
N LEU W 214 27.92 -49.00 12.16
CA LEU W 214 26.53 -48.76 12.52
C LEU W 214 26.45 -48.01 13.82
N GLU W 215 27.24 -48.38 14.83
CA GLU W 215 27.15 -47.82 16.18
C GLU W 215 27.52 -46.34 16.19
N GLU W 216 28.66 -46.01 15.60
CA GLU W 216 29.05 -44.62 15.43
C GLU W 216 28.00 -43.77 14.70
N ALA W 217 27.36 -44.32 13.65
CA ALA W 217 26.33 -43.62 12.93
C ALA W 217 25.11 -43.33 13.82
N LYS W 218 24.67 -44.38 14.54
CA LYS W 218 23.57 -44.18 15.46
C LYS W 218 23.96 -43.17 16.52
N GLU W 219 25.17 -43.20 17.04
CA GLU W 219 25.49 -42.23 18.09
C GLU W 219 25.51 -40.82 17.53
N LEU W 220 25.86 -40.64 16.24
CA LEU W 220 25.98 -39.33 15.62
C LEU W 220 24.62 -38.77 15.29
N VAL W 221 23.73 -39.59 14.83
CA VAL W 221 22.41 -39.14 14.51
C VAL W 221 21.70 -38.72 15.80
N ALA W 222 21.83 -39.51 16.87
CA ALA W 222 21.13 -39.23 18.10
C ALA W 222 21.66 -37.94 18.70
N SER W 223 22.94 -37.73 18.60
CA SER W 223 23.51 -36.54 19.20
C SER W 223 23.07 -35.33 18.40
N ALA W 224 22.94 -35.50 17.07
CA ALA W 224 22.50 -34.40 16.25
C ALA W 224 21.04 -34.01 16.53
N ILE W 225 20.15 -34.99 16.70
CA ILE W 225 18.78 -34.74 17.10
C ILE W 225 18.75 -34.08 18.47
N ARG W 226 19.51 -34.55 19.43
CA ARG W 226 19.49 -33.95 20.77
C ARG W 226 19.90 -32.47 20.75
N LYS W 227 20.68 -32.06 19.75
CA LYS W 227 20.99 -30.64 19.66
C LYS W 227 19.75 -29.84 19.30
N GLY W 228 19.03 -30.32 18.35
CA GLY W 228 17.72 -29.73 18.12
C GLY W 228 16.80 -29.67 19.34
N ILE W 229 16.58 -30.82 20.00
CA ILE W 229 15.68 -30.99 21.12
C ILE W 229 15.98 -29.91 22.16
N PHE W 230 17.23 -29.69 22.52
CA PHE W 230 17.56 -28.80 23.62
C PHE W 230 17.80 -27.36 23.22
N ASN W 231 17.79 -26.99 21.95
CA ASN W 231 18.20 -25.66 21.61
C ASN W 231 17.18 -24.97 20.70
N ASP W 232 16.44 -25.74 19.90
CA ASP W 232 15.29 -25.28 19.13
C ASP W 232 13.99 -25.52 19.88
N PRO W 233 13.16 -24.49 20.04
CA PRO W 233 11.90 -24.62 20.76
C PRO W 233 10.81 -25.37 20.04
N TYR W 234 10.89 -25.43 18.73
CA TYR W 234 9.93 -26.22 17.98
C TYR W 234 10.35 -27.68 17.88
N SER W 235 11.33 -28.17 18.61
CA SER W 235 11.65 -29.57 18.52
C SER W 235 11.75 -30.09 19.93
N GLY W 236 11.41 -31.33 20.17
CA GLY W 236 11.49 -31.77 21.54
C GLY W 236 11.20 -33.25 21.71
N THR W 237 11.34 -33.67 22.97
CA THR W 237 10.86 -34.90 23.56
C THR W 237 11.85 -36.05 23.48
N GLN W 238 11.95 -36.76 22.37
CA GLN W 238 12.88 -37.89 22.27
C GLN W 238 13.39 -38.06 20.84
N VAL W 239 14.38 -38.95 20.66
CA VAL W 239 14.93 -39.38 19.39
C VAL W 239 14.25 -40.66 18.92
N ASP W 240 13.75 -40.65 17.70
CA ASP W 240 13.50 -41.85 16.93
C ASP W 240 14.58 -42.01 15.85
N LEU W 241 15.14 -43.23 15.71
CA LEU W 241 16.01 -43.56 14.61
C LEU W 241 15.30 -44.55 13.70
N CYS W 242 15.71 -44.60 12.43
CA CYS W 242 15.44 -45.70 11.53
C CYS W 242 16.73 -46.11 10.88
N VAL W 243 16.99 -47.41 10.79
CA VAL W 243 18.19 -47.97 10.18
C VAL W 243 17.86 -48.75 8.94
N ILE W 244 18.52 -48.49 7.82
CA ILE W 244 18.16 -49.17 6.58
C ILE W 244 19.41 -49.80 6.03
N THR W 245 19.33 -51.07 5.66
CA THR W 245 20.46 -51.85 5.20
C THR W 245 20.06 -52.62 3.97
N LYS W 246 20.98 -53.30 3.29
CA LYS W 246 20.59 -54.02 2.09
C LYS W 246 19.35 -54.87 2.39
N THR W 247 19.30 -55.48 3.59
CA THR W 247 18.36 -56.58 3.82
C THR W 247 17.17 -56.18 4.70
N LYS W 248 17.36 -55.30 5.68
CA LYS W 248 16.22 -54.88 6.45
C LYS W 248 16.20 -53.39 6.78
N THR W 249 15.00 -52.98 7.19
CA THR W 249 14.68 -51.68 7.71
C THR W 249 14.24 -51.89 9.16
N GLU W 250 14.81 -51.12 10.09
CA GLU W 250 14.58 -51.28 11.52
C GLU W 250 14.25 -49.93 12.12
N LEU W 251 12.99 -49.71 12.50
CA LEU W 251 12.58 -48.54 13.24
C LEU W 251 12.96 -48.70 14.71
N LEU W 252 13.27 -47.61 15.37
CA LEU W 252 13.76 -47.59 16.74
C LEU W 252 13.12 -46.36 17.38
N ILE W 253 11.85 -46.47 17.76
CA ILE W 253 11.14 -45.43 18.45
C ILE W 253 11.68 -45.31 19.87
N GLY W 254 11.82 -44.07 20.36
CA GLY W 254 12.47 -43.83 21.64
C GLY W 254 13.80 -44.56 21.71
N TYR W 255 14.69 -44.35 20.73
CA TYR W 255 16.09 -44.72 20.98
C TYR W 255 16.72 -43.91 22.13
N ASP W 256 16.44 -42.63 22.23
CA ASP W 256 17.01 -41.85 23.32
C ASP W 256 15.88 -41.02 23.94
N LYS W 257 15.72 -41.15 25.27
CA LYS W 257 14.74 -40.41 26.04
C LYS W 257 15.43 -39.55 27.08
N PRO W 258 16.01 -38.41 26.65
CA PRO W 258 16.72 -37.52 27.55
C PRO W 258 15.85 -36.63 28.44
N ASN W 259 14.52 -36.70 28.31
CA ASN W 259 13.61 -35.91 29.12
C ASN W 259 12.54 -36.78 29.78
N GLU W 260 12.93 -37.54 30.81
CA GLU W 260 11.95 -38.22 31.65
C GLU W 260 11.54 -37.33 32.83
N ARG W 261 10.49 -37.77 33.55
CA ARG W 261 9.90 -37.04 34.65
C ARG W 261 10.83 -37.03 35.86
N LYS W 262 10.63 -36.02 36.73
CA LYS W 262 11.46 -35.74 37.89
C LYS W 262 10.58 -35.70 39.15
N TYR W 263 9.69 -34.69 39.20
CA TYR W 263 8.62 -34.57 40.19
C TYR W 263 7.46 -35.45 39.70
N PRO W 264 7.16 -36.62 40.31
CA PRO W 264 6.06 -37.45 39.81
C PRO W 264 4.78 -36.66 40.01
N LYS W 265 3.90 -36.69 39.00
CA LYS W 265 2.73 -35.83 38.94
C LYS W 265 1.93 -35.95 40.23
N GLN W 266 1.43 -34.81 40.73
CA GLN W 266 0.42 -34.82 41.77
C GLN W 266 -0.86 -35.35 41.13
N GLU W 267 -1.45 -36.35 41.78
CA GLU W 267 -2.72 -36.89 41.31
C GLU W 267 -3.81 -36.03 41.93
N ILE W 268 -4.64 -35.46 41.07
CA ILE W 268 -5.80 -34.67 41.46
C ILE W 268 -7.03 -35.49 41.13
N ARG W 269 -7.92 -35.64 42.12
CA ARG W 269 -9.06 -36.56 42.04
C ARG W 269 -10.36 -35.76 42.05
N PHE W 270 -11.30 -36.20 41.21
CA PHE W 270 -12.68 -35.80 41.36
C PHE W 270 -13.50 -37.05 41.68
N PRO W 271 -14.06 -37.16 42.91
CA PRO W 271 -15.10 -38.16 43.22
C PRO W 271 -16.29 -38.06 42.28
N PRO W 272 -16.64 -39.11 41.49
CA PRO W 272 -17.85 -39.12 40.65
C PRO W 272 -19.13 -38.54 41.27
N GLY W 273 -19.76 -37.57 40.56
CA GLY W 273 -20.80 -36.72 41.14
C GLY W 273 -20.29 -35.34 41.60
N THR W 274 -19.13 -34.91 41.06
CA THR W 274 -18.49 -33.63 41.34
C THR W 274 -19.13 -32.55 40.43
N THR W 275 -19.47 -32.95 39.19
CA THR W 275 -20.05 -32.08 38.17
C THR W 275 -21.58 -32.20 38.18
N PRO W 276 -22.36 -31.10 38.38
CA PRO W 276 -23.82 -31.09 38.21
C PRO W 276 -24.38 -31.33 36.82
N VAL W 277 -25.11 -32.44 36.67
CA VAL W 277 -25.73 -32.81 35.41
C VAL W 277 -27.21 -32.42 35.48
N LEU W 278 -27.69 -31.80 34.39
CA LEU W 278 -29.11 -31.44 34.30
C LEU W 278 -29.86 -32.65 33.80
N ARG W 279 -29.25 -33.43 32.91
CA ARG W 279 -30.00 -34.41 32.13
C ARG W 279 -29.07 -35.50 31.58
N GLU W 280 -29.60 -36.72 31.53
CA GLU W 280 -28.82 -37.91 31.20
C GLU W 280 -29.64 -38.79 30.26
N GLU W 281 -29.01 -39.40 29.27
CA GLU W 281 -29.63 -40.49 28.54
C GLU W 281 -28.64 -41.63 28.36
N ILE W 282 -29.16 -42.86 28.23
CA ILE W 282 -28.35 -44.07 28.10
C ILE W 282 -28.80 -44.84 26.86
N ARG W 283 -27.88 -45.64 26.32
CA ARG W 283 -28.11 -46.35 25.08
C ARG W 283 -27.26 -47.62 25.16
N ARG W 284 -27.90 -48.79 25.15
CA ARG W 284 -27.21 -50.08 25.23
C ARG W 284 -26.73 -50.52 23.84
N LEU W 285 -25.44 -50.94 23.76
CA LEU W 285 -24.83 -51.33 22.50
C LEU W 285 -24.62 -52.87 22.46
N SER X 2 -10.79 -13.28 12.81
CA SER X 2 -10.57 -14.61 12.20
C SER X 2 -11.90 -15.32 11.92
N ILE X 3 -11.83 -16.30 11.04
CA ILE X 3 -13.00 -16.88 10.43
C ILE X 3 -13.37 -18.17 11.17
N LEU X 4 -12.34 -18.92 11.57
CA LEU X 4 -12.45 -20.07 12.46
C LEU X 4 -12.99 -19.73 13.84
N THR X 5 -12.96 -18.47 14.26
CA THR X 5 -13.56 -18.03 15.51
C THR X 5 -14.88 -17.26 15.37
N TYR X 6 -15.37 -16.98 14.15
CA TYR X 6 -16.64 -16.30 13.90
C TYR X 6 -17.81 -16.90 14.63
N SER X 7 -17.92 -18.20 14.66
CA SER X 7 -19.17 -18.85 15.07
C SER X 7 -19.09 -19.29 16.53
N GLY X 8 -17.91 -19.36 17.08
CA GLY X 8 -17.76 -19.81 18.46
C GLY X 8 -17.67 -21.33 18.54
N GLY X 9 -17.29 -21.83 19.72
CA GLY X 9 -17.48 -23.24 20.04
C GLY X 9 -16.12 -23.91 20.33
N SER X 10 -16.15 -25.03 21.07
CA SER X 10 -14.98 -25.79 21.47
C SER X 10 -15.32 -27.25 21.62
N CYS X 11 -14.37 -28.12 21.36
CA CYS X 11 -14.64 -29.52 21.55
C CYS X 11 -13.45 -30.21 22.17
N LEU X 12 -13.71 -31.23 22.96
CA LEU X 12 -12.64 -31.94 23.64
C LEU X 12 -12.96 -33.41 23.72
N ALA X 13 -11.94 -34.24 23.47
CA ALA X 13 -12.06 -35.69 23.64
C ALA X 13 -10.88 -36.27 24.40
N MET X 14 -11.16 -37.15 25.35
CA MET X 14 -10.16 -37.81 26.21
C MET X 14 -10.39 -39.33 26.15
N ALA X 15 -9.30 -40.10 26.33
CA ALA X 15 -9.36 -41.57 26.39
C ALA X 15 -9.17 -42.10 27.81
N GLY X 16 -9.81 -43.19 28.09
CA GLY X 16 -9.55 -43.95 29.28
C GLY X 16 -9.29 -45.41 28.91
N ASP X 17 -9.86 -46.32 29.69
CA ASP X 17 -9.57 -47.74 29.56
C ASP X 17 -10.84 -48.40 29.03
N GLY X 18 -10.82 -48.73 27.73
CA GLY X 18 -12.04 -49.13 27.03
C GLY X 18 -13.22 -48.16 27.19
N CYS X 19 -12.91 -46.85 27.15
CA CYS X 19 -13.90 -45.79 27.10
C CYS X 19 -13.29 -44.52 26.53
N PHE X 20 -14.17 -43.68 25.98
CA PHE X 20 -13.87 -42.27 25.90
C PHE X 20 -15.08 -41.43 26.26
N VAL X 21 -14.75 -40.15 26.35
CA VAL X 21 -15.68 -39.06 26.56
C VAL X 21 -15.38 -38.00 25.52
N ILE X 22 -16.42 -37.46 24.95
CA ILE X 22 -16.22 -36.28 24.14
C ILE X 22 -17.24 -35.23 24.56
N VAL X 23 -16.77 -33.99 24.62
CA VAL X 23 -17.61 -32.91 25.11
C VAL X 23 -17.63 -31.78 24.12
N SER X 24 -18.73 -31.07 24.02
CA SER X 24 -18.72 -29.80 23.35
C SER X 24 -19.54 -28.79 24.13
N ASP X 25 -19.26 -27.51 23.91
CA ASP X 25 -20.03 -26.38 24.46
C ASP X 25 -21.32 -26.26 23.68
N ASN X 26 -22.19 -25.30 23.92
CA ASN X 26 -23.51 -25.25 23.26
C ASN X 26 -23.79 -23.93 22.55
N ARG X 27 -22.83 -23.03 22.57
CA ARG X 27 -23.02 -21.73 22.02
C ARG X 27 -22.91 -21.61 20.50
N LEU X 28 -23.85 -20.95 19.84
CA LEU X 28 -23.63 -20.41 18.51
C LEU X 28 -23.75 -18.91 18.41
N GLY X 29 -22.79 -18.33 17.70
CA GLY X 29 -22.64 -16.90 17.69
C GLY X 29 -22.29 -16.33 16.35
N GLU X 30 -22.35 -14.98 16.31
CA GLU X 30 -21.75 -14.16 15.26
C GLU X 30 -20.80 -13.16 15.93
N GLN X 31 -19.53 -13.51 15.95
CA GLN X 31 -18.59 -12.82 16.82
C GLN X 31 -19.16 -12.69 18.22
N LEU X 32 -19.41 -11.50 18.77
CA LEU X 32 -19.90 -11.41 20.15
C LEU X 32 -21.41 -11.52 20.32
N LYS X 33 -22.20 -11.55 19.25
CA LYS X 33 -23.63 -11.59 19.41
C LYS X 33 -24.05 -13.04 19.48
N THR X 34 -24.81 -13.41 20.51
CA THR X 34 -25.16 -14.79 20.67
C THR X 34 -26.52 -15.12 20.03
N ILE X 35 -26.54 -15.99 18.98
CA ILE X 35 -27.75 -16.45 18.30
C ILE X 35 -28.50 -17.59 19.02
N SER X 36 -27.82 -18.64 19.48
CA SER X 36 -28.49 -19.74 20.15
C SER X 36 -27.64 -20.26 21.29
N MET X 37 -28.27 -20.88 22.29
CA MET X 37 -27.51 -21.47 23.37
C MET X 37 -27.71 -22.97 23.46
N GLU X 38 -28.11 -23.62 22.35
CA GLU X 38 -28.57 -25.01 22.28
C GLU X 38 -28.07 -25.71 21.02
N VAL X 39 -26.85 -25.41 20.64
CA VAL X 39 -26.21 -25.96 19.48
C VAL X 39 -24.97 -26.69 19.96
N PRO X 40 -25.11 -27.97 20.33
CA PRO X 40 -23.96 -28.84 20.51
C PRO X 40 -23.37 -29.30 19.18
N LYS X 41 -22.06 -29.55 19.22
CA LYS X 41 -21.30 -29.71 18.02
C LYS X 41 -20.91 -31.18 17.79
N LEU X 42 -21.63 -32.14 18.39
CA LEU X 42 -21.23 -33.53 18.31
C LEU X 42 -22.14 -34.25 17.33
N HIS X 43 -21.61 -35.19 16.57
CA HIS X 43 -22.37 -35.98 15.60
C HIS X 43 -22.02 -37.44 15.74
N VAL X 44 -23.02 -38.27 15.97
CA VAL X 44 -22.78 -39.69 16.13
C VAL X 44 -22.80 -40.40 14.76
N ILE X 45 -21.68 -40.99 14.40
CA ILE X 45 -21.51 -41.65 13.13
C ILE X 45 -22.04 -43.09 13.14
N ASN X 46 -21.64 -43.85 14.14
CA ASN X 46 -22.19 -45.16 14.41
C ASN X 46 -21.96 -45.51 15.88
N GLU X 47 -22.08 -46.76 16.26
CA GLU X 47 -22.09 -47.07 17.68
C GLU X 47 -20.75 -46.78 18.33
N SER X 48 -19.71 -46.72 17.49
CA SER X 48 -18.30 -46.69 17.89
C SER X 48 -17.66 -45.34 17.66
N ILE X 49 -18.22 -44.48 16.79
CA ILE X 49 -17.49 -43.28 16.39
C ILE X 49 -18.29 -42.02 16.71
N VAL X 50 -17.66 -41.06 17.42
CA VAL X 50 -18.26 -39.75 17.54
C VAL X 50 -17.42 -38.71 16.79
N LEU X 51 -18.07 -37.76 16.09
CA LEU X 51 -17.38 -36.66 15.39
C LEU X 51 -17.63 -35.32 16.12
N GLY X 52 -16.62 -34.52 16.42
CA GLY X 52 -16.85 -33.16 16.89
C GLY X 52 -16.45 -32.20 15.77
N LEU X 53 -17.20 -31.14 15.52
CA LEU X 53 -16.71 -30.19 14.55
C LEU X 53 -16.79 -28.81 15.11
N THR X 54 -15.75 -28.03 14.91
CA THR X 54 -15.76 -26.63 15.25
C THR X 54 -15.28 -25.83 14.06
N GLY X 55 -15.12 -24.53 14.21
CA GLY X 55 -14.86 -23.68 13.06
C GLY X 55 -16.12 -22.97 12.63
N LEU X 56 -16.16 -22.49 11.39
CA LEU X 56 -17.32 -21.76 10.89
C LEU X 56 -18.56 -22.63 10.70
N ARG X 57 -19.70 -22.21 11.22
CA ARG X 57 -20.84 -23.07 11.27
C ARG X 57 -21.36 -23.42 9.87
N THR X 58 -21.38 -22.51 8.90
CA THR X 58 -21.82 -22.99 7.60
C THR X 58 -20.98 -24.17 7.13
N ASP X 59 -19.66 -24.15 7.39
CA ASP X 59 -18.80 -25.25 6.91
C ASP X 59 -18.90 -26.48 7.81
N GLN X 60 -19.09 -26.32 9.10
CA GLN X 60 -19.50 -27.49 9.88
C GLN X 60 -20.78 -28.20 9.40
N GLN X 61 -21.80 -27.41 9.08
CA GLN X 61 -23.02 -27.95 8.55
C GLN X 61 -22.77 -28.63 7.21
N THR X 62 -22.07 -28.00 6.30
CA THR X 62 -21.85 -28.59 4.99
C THR X 62 -20.91 -29.77 5.05
N PHE X 63 -19.87 -29.75 5.87
CA PHE X 63 -18.92 -30.84 5.86
C PHE X 63 -19.44 -32.05 6.60
N SER X 64 -20.24 -31.86 7.61
CA SER X 64 -20.86 -33.03 8.19
C SER X 64 -21.90 -33.68 7.29
N GLU X 65 -22.56 -32.94 6.41
CA GLU X 65 -23.48 -33.55 5.47
C GLU X 65 -22.70 -34.36 4.43
N LYS X 66 -21.53 -33.91 4.02
CA LYS X 66 -20.71 -34.73 3.13
C LYS X 66 -20.20 -36.00 3.76
N VAL X 67 -19.85 -35.95 5.02
CA VAL X 67 -19.42 -37.11 5.77
C VAL X 67 -20.57 -38.09 5.87
N ARG X 68 -21.77 -37.62 6.19
CA ARG X 68 -22.95 -38.47 6.30
C ARG X 68 -23.25 -39.10 4.95
N PHE X 69 -23.25 -38.34 3.87
CA PHE X 69 -23.48 -38.90 2.57
C PHE X 69 -22.49 -40.00 2.26
N ARG X 70 -21.18 -39.79 2.40
CA ARG X 70 -20.19 -40.82 2.07
C ARG X 70 -20.29 -42.05 2.96
N ASN X 71 -20.73 -41.85 4.16
CA ASN X 71 -20.82 -42.95 5.08
C ASN X 71 -21.96 -43.89 4.69
N GLU X 72 -23.15 -43.33 4.40
CA GLU X 72 -24.26 -44.06 3.84
C GLU X 72 -23.89 -44.87 2.61
N LEU X 73 -23.19 -44.29 1.65
CA LEU X 73 -22.79 -45.07 0.50
C LEU X 73 -21.80 -46.13 0.89
N TYR X 74 -20.94 -45.88 1.88
CA TYR X 74 -19.93 -46.87 2.29
C TYR X 74 -20.63 -48.12 2.82
N LYS X 75 -21.60 -47.87 3.72
CA LYS X 75 -22.38 -48.91 4.36
C LYS X 75 -23.16 -49.79 3.38
N LEU X 76 -23.55 -49.28 2.21
CA LEU X 76 -24.29 -50.08 1.25
C LEU X 76 -23.34 -50.88 0.38
N ARG X 77 -22.32 -50.25 -0.22
CA ARG X 77 -21.25 -50.96 -0.87
C ARG X 77 -20.60 -52.04 0.01
N GLU X 78 -20.21 -51.68 1.23
CA GLU X 78 -19.30 -52.52 2.03
C GLU X 78 -20.06 -53.45 2.97
N GLU X 79 -21.33 -53.12 3.24
CA GLU X 79 -22.16 -53.90 4.12
C GLU X 79 -21.49 -54.04 5.48
N ARG X 80 -20.98 -52.92 6.00
CA ARG X 80 -20.43 -52.89 7.36
C ARG X 80 -20.22 -51.45 7.76
N GLU X 81 -19.93 -51.29 9.06
CA GLU X 81 -19.68 -49.99 9.65
C GLU X 81 -18.21 -49.67 9.50
N ILE X 82 -17.95 -48.40 9.32
CA ILE X 82 -16.61 -48.01 9.10
C ILE X 82 -15.94 -47.98 10.48
N GLY X 83 -14.64 -48.37 10.56
CA GLY X 83 -13.88 -48.25 11.81
C GLY X 83 -13.27 -46.86 11.96
N GLY X 84 -12.93 -46.49 13.23
CA GLY X 84 -12.51 -45.17 13.65
C GLY X 84 -11.35 -44.70 12.81
N LYS X 85 -10.42 -45.61 12.50
CA LYS X 85 -9.23 -45.24 11.77
C LYS X 85 -9.50 -45.03 10.30
N ALA X 86 -10.36 -45.79 9.70
CA ALA X 86 -10.61 -45.53 8.31
C ALA X 86 -11.42 -44.27 8.13
N PHE X 87 -12.29 -43.98 9.12
CA PHE X 87 -13.15 -42.82 9.03
C PHE X 87 -12.32 -41.58 9.12
N ALA X 88 -11.30 -41.62 9.96
CA ALA X 88 -10.38 -40.52 10.06
C ALA X 88 -9.51 -40.34 8.84
N ALA X 89 -9.00 -41.43 8.29
CA ALA X 89 -8.26 -41.29 7.06
C ALA X 89 -9.18 -40.71 5.99
N LEU X 90 -10.48 -41.04 6.04
CA LEU X 90 -11.37 -40.58 4.98
C LEU X 90 -11.58 -39.08 5.12
N VAL X 91 -11.89 -38.64 6.36
CA VAL X 91 -12.06 -37.24 6.70
C VAL X 91 -10.88 -36.40 6.25
N SER X 92 -9.68 -36.86 6.55
CA SER X 92 -8.41 -36.26 6.10
C SER X 92 -8.32 -36.07 4.62
N SER X 93 -8.66 -37.12 3.86
CA SER X 93 -8.68 -37.07 2.43
C SER X 93 -9.59 -35.97 1.93
N MET X 94 -10.82 -35.87 2.45
CA MET X 94 -11.75 -34.83 2.07
C MET X 94 -11.21 -33.43 2.45
N LEU X 95 -10.69 -33.22 3.65
CA LEU X 95 -10.13 -31.91 3.90
C LEU X 95 -9.06 -31.57 2.89
N TYR X 96 -8.22 -32.52 2.51
CA TYR X 96 -7.05 -32.14 1.69
C TYR X 96 -7.52 -32.04 0.24
N GLU X 97 -8.64 -32.65 -0.14
CA GLU X 97 -9.17 -32.39 -1.48
C GLU X 97 -9.32 -30.89 -1.67
N ALA X 98 -9.51 -30.18 -0.57
CA ALA X 98 -9.86 -28.77 -0.64
C ALA X 98 -8.73 -27.91 -0.17
N ARG X 99 -7.51 -28.35 -0.43
CA ARG X 99 -6.25 -27.79 0.08
C ARG X 99 -6.00 -26.31 -0.28
N PHE X 100 -6.39 -25.90 -1.48
CA PHE X 100 -6.16 -24.51 -1.85
C PHE X 100 -7.40 -23.65 -1.67
N GLY X 101 -8.46 -24.17 -1.02
CA GLY X 101 -9.71 -23.44 -0.75
C GLY X 101 -10.51 -24.20 0.29
N PRO X 102 -10.07 -24.09 1.55
CA PRO X 102 -10.45 -25.03 2.59
C PRO X 102 -11.82 -24.86 3.20
N TRP X 103 -12.29 -25.98 3.73
CA TRP X 103 -13.34 -26.00 4.70
C TRP X 103 -12.73 -25.43 5.96
N PHE X 104 -13.37 -24.42 6.53
CA PHE X 104 -12.92 -23.89 7.80
C PHE X 104 -13.54 -24.70 8.93
N VAL X 105 -13.15 -25.97 9.06
CA VAL X 105 -13.57 -26.75 10.19
C VAL X 105 -12.37 -27.32 10.86
N GLU X 106 -12.43 -27.62 12.16
CA GLU X 106 -11.38 -28.46 12.71
C GLU X 106 -12.00 -29.64 13.43
N PRO X 107 -11.95 -30.84 12.88
CA PRO X 107 -12.60 -31.95 13.52
C PRO X 107 -11.84 -32.59 14.66
N VAL X 108 -12.61 -33.15 15.61
CA VAL X 108 -12.15 -33.99 16.66
C VAL X 108 -12.88 -35.31 16.52
N ILE X 109 -12.20 -36.38 16.14
CA ILE X 109 -12.76 -37.71 16.06
C ILE X 109 -12.37 -38.56 17.25
N ALA X 110 -13.36 -39.22 17.88
CA ALA X 110 -13.06 -40.14 18.95
C ALA X 110 -13.73 -41.48 18.66
N SER X 111 -13.01 -42.60 18.82
CA SER X 111 -13.54 -43.92 18.47
C SER X 111 -13.02 -45.02 19.38
N ILE X 112 -13.67 -46.18 19.26
CA ILE X 112 -13.29 -47.40 19.95
C ILE X 112 -13.52 -48.62 19.04
N ASP X 113 -12.44 -49.39 18.86
CA ASP X 113 -12.47 -50.69 18.17
C ASP X 113 -13.38 -51.62 18.98
N LYS X 114 -14.52 -52.06 18.43
CA LYS X 114 -15.50 -52.85 19.17
C LYS X 114 -14.91 -54.18 19.72
N ARG X 115 -14.01 -54.82 18.93
CA ARG X 115 -13.33 -56.05 19.29
C ARG X 115 -12.30 -55.81 20.41
N THR X 116 -11.22 -55.11 20.09
CA THR X 116 -10.03 -55.05 20.93
C THR X 116 -10.20 -54.02 22.06
N GLY X 117 -11.22 -53.14 21.97
CA GLY X 117 -11.48 -52.15 23.01
C GLY X 117 -10.45 -51.01 23.05
N GLU X 118 -9.65 -50.90 21.99
CA GLU X 118 -8.66 -49.87 21.82
C GLU X 118 -9.30 -48.62 21.22
N VAL X 119 -8.85 -47.50 21.79
CA VAL X 119 -9.44 -46.19 21.66
C VAL X 119 -8.65 -45.38 20.65
N TYR X 120 -9.32 -44.84 19.63
CA TYR X 120 -8.55 -44.02 18.74
C TYR X 120 -9.06 -42.59 18.77
N LEU X 121 -8.15 -41.65 18.99
CA LEU X 121 -8.44 -40.23 18.94
C LEU X 121 -7.71 -39.60 17.79
N CYS X 122 -8.34 -38.66 17.12
CA CYS X 122 -7.66 -37.84 16.14
C CYS X 122 -8.14 -36.38 16.21
N ALA X 123 -7.28 -35.39 16.07
CA ALA X 123 -7.77 -34.08 15.71
C ALA X 123 -7.17 -33.64 14.38
N MET X 124 -7.85 -32.80 13.60
CA MET X 124 -7.27 -32.37 12.35
C MET X 124 -7.22 -30.85 12.25
N ASP X 125 -6.18 -30.35 11.58
CA ASP X 125 -6.19 -28.99 11.13
C ASP X 125 -7.15 -28.91 9.97
N LEU X 126 -7.28 -27.75 9.40
CA LEU X 126 -8.29 -27.51 8.43
C LEU X 126 -7.88 -28.03 7.06
N ILE X 127 -6.63 -28.48 6.87
CA ILE X 127 -6.31 -29.24 5.66
C ILE X 127 -5.89 -30.65 5.99
N GLY X 128 -6.29 -31.14 7.16
CA GLY X 128 -6.40 -32.58 7.35
C GLY X 128 -5.17 -33.27 7.93
N ALA X 129 -4.25 -32.51 8.52
CA ALA X 129 -3.07 -33.08 9.14
C ALA X 129 -3.49 -33.69 10.44
N PRO X 130 -3.26 -34.98 10.70
CA PRO X 130 -3.79 -35.63 11.89
C PRO X 130 -2.80 -35.46 13.03
N CYS X 131 -3.33 -35.46 14.23
CA CYS X 131 -2.58 -35.38 15.46
C CYS X 131 -3.13 -36.45 16.39
N GLU X 132 -2.52 -37.65 16.44
CA GLU X 132 -3.21 -38.78 17.08
C GLU X 132 -2.47 -39.21 18.33
N PRO X 133 -2.58 -38.46 19.44
CA PRO X 133 -1.98 -38.85 20.71
C PRO X 133 -2.89 -39.84 21.43
N GLU X 134 -2.45 -40.23 22.64
CA GLU X 134 -3.11 -41.25 23.45
C GLU X 134 -3.89 -40.65 24.62
N ASP X 135 -3.71 -39.37 24.93
CA ASP X 135 -4.39 -38.81 26.08
C ASP X 135 -5.69 -38.07 25.67
N TYR X 136 -5.52 -36.94 24.99
CA TYR X 136 -6.65 -36.16 24.58
C TYR X 136 -6.40 -35.27 23.37
N VAL X 137 -7.47 -34.71 22.88
CA VAL X 137 -7.41 -33.79 21.75
C VAL X 137 -8.44 -32.75 22.01
N CYS X 138 -8.22 -31.56 21.44
CA CYS X 138 -9.24 -30.55 21.54
C CYS X 138 -9.15 -29.53 20.44
N ALA X 139 -10.22 -28.78 20.25
CA ALA X 139 -10.22 -27.78 19.21
C ALA X 139 -11.23 -26.69 19.50
N GLY X 140 -11.04 -25.57 18.84
CA GLY X 140 -11.97 -24.46 18.85
C GLY X 140 -11.41 -23.30 19.67
N THR X 141 -12.27 -22.40 20.07
CA THR X 141 -11.83 -21.09 20.46
C THR X 141 -11.15 -21.11 21.82
N CYS X 142 -11.43 -22.12 22.65
CA CYS X 142 -10.65 -22.19 23.86
C CYS X 142 -9.79 -23.45 23.90
N ALA X 143 -9.14 -23.75 22.78
CA ALA X 143 -8.20 -24.86 22.81
C ALA X 143 -6.96 -24.53 23.65
N GLU X 144 -6.39 -23.30 23.64
CA GLU X 144 -5.21 -23.05 24.48
C GLU X 144 -5.45 -23.41 25.95
N SER X 145 -6.63 -23.03 26.48
CA SER X 145 -6.96 -23.16 27.87
C SER X 145 -7.40 -24.58 28.23
N LEU X 146 -7.35 -25.49 27.26
CA LEU X 146 -7.89 -26.83 27.41
C LEU X 146 -6.75 -27.84 27.58
N HIS X 147 -5.79 -27.80 26.66
CA HIS X 147 -4.41 -28.22 26.88
C HIS X 147 -4.05 -28.26 28.37
N GLY X 148 -3.79 -27.13 29.02
CA GLY X 148 -3.34 -27.18 30.42
C GLY X 148 -4.35 -27.75 31.43
N MET X 149 -5.64 -27.71 31.14
CA MET X 149 -6.56 -28.32 32.09
C MET X 149 -6.39 -29.85 32.08
N CYS X 150 -6.35 -30.38 30.87
CA CYS X 150 -6.16 -31.80 30.63
C CYS X 150 -4.78 -32.31 31.03
N GLU X 151 -3.70 -31.56 30.80
CA GLU X 151 -2.36 -32.00 31.22
C GLU X 151 -2.35 -32.19 32.74
N ALA X 152 -3.09 -31.35 33.46
CA ALA X 152 -3.12 -31.45 34.92
C ALA X 152 -4.19 -32.34 35.51
N LEU X 153 -5.22 -32.71 34.76
CA LEU X 153 -6.26 -33.55 35.35
C LEU X 153 -6.23 -34.97 34.79
N TRP X 154 -5.73 -35.12 33.57
CA TRP X 154 -5.87 -36.40 32.92
C TRP X 154 -4.83 -37.35 33.44
N ARG X 155 -5.18 -38.61 33.57
CA ARG X 155 -4.14 -39.58 33.90
C ARG X 155 -4.52 -40.86 33.21
N PRO X 156 -3.55 -41.74 32.91
CA PRO X 156 -3.85 -43.01 32.24
C PRO X 156 -4.76 -43.82 33.12
N GLY X 157 -5.55 -44.68 32.48
CA GLY X 157 -6.19 -45.76 33.19
C GLY X 157 -7.64 -45.53 33.54
N LEU X 158 -8.14 -44.30 33.44
CA LEU X 158 -9.38 -43.93 34.13
C LEU X 158 -10.55 -44.67 33.53
N GLY X 159 -11.58 -44.93 34.34
CA GLY X 159 -12.80 -45.55 33.85
C GLY X 159 -13.85 -44.49 33.57
N PRO X 160 -14.98 -44.86 32.94
CA PRO X 160 -15.99 -43.91 32.46
C PRO X 160 -16.43 -42.77 33.40
N GLU X 161 -16.67 -43.05 34.67
CA GLU X 161 -17.17 -42.02 35.57
C GLU X 161 -16.10 -41.01 36.01
N GLU X 162 -14.85 -41.42 36.14
CA GLU X 162 -13.81 -40.49 36.53
C GLU X 162 -13.32 -39.73 35.30
N LEU X 163 -13.43 -40.37 34.12
CA LEU X 163 -13.04 -39.68 32.91
C LEU X 163 -14.07 -38.61 32.55
N PHE X 164 -15.34 -38.88 32.88
CA PHE X 164 -16.35 -37.89 32.66
C PHE X 164 -16.14 -36.64 33.52
N GLU X 165 -15.70 -36.76 34.79
CA GLU X 165 -15.51 -35.56 35.63
C GLU X 165 -14.33 -34.77 35.10
N VAL X 166 -13.20 -35.46 34.87
CA VAL X 166 -12.07 -34.76 34.35
C VAL X 166 -12.54 -33.88 33.19
N ALA X 167 -13.28 -34.51 32.24
CA ALA X 167 -13.57 -33.92 30.95
C ALA X 167 -14.65 -32.82 31.03
N ALA X 168 -15.52 -32.88 32.03
CA ALA X 168 -16.48 -31.81 32.27
C ALA X 168 -15.86 -30.63 33.05
N GLN X 169 -15.03 -30.90 34.07
CA GLN X 169 -14.34 -29.79 34.71
C GLN X 169 -13.47 -29.07 33.71
N ALA X 170 -12.85 -29.79 32.79
CA ALA X 170 -11.99 -29.14 31.81
C ALA X 170 -12.79 -28.16 30.96
N MET X 171 -13.84 -28.68 30.33
CA MET X 171 -14.61 -27.89 29.40
C MET X 171 -15.17 -26.69 30.15
N LEU X 172 -15.77 -26.88 31.33
CA LEU X 172 -16.30 -25.70 32.02
C LEU X 172 -15.25 -24.62 32.39
N SER X 173 -14.22 -24.98 33.10
CA SER X 173 -13.19 -24.03 33.45
C SER X 173 -12.62 -23.39 32.19
N ALA X 174 -12.53 -24.11 31.07
CA ALA X 174 -11.96 -23.42 29.92
C ALA X 174 -12.99 -22.52 29.23
N CYS X 175 -14.22 -22.97 29.15
CA CYS X 175 -15.18 -22.09 28.52
C CYS X 175 -15.34 -20.82 29.32
N ASP X 176 -15.11 -20.84 30.63
CA ASP X 176 -15.35 -19.66 31.46
C ASP X 176 -14.31 -18.57 31.30
N ARG X 177 -13.19 -18.84 30.66
CA ARG X 177 -12.25 -17.79 30.34
C ARG X 177 -12.33 -17.46 28.85
N ASP X 178 -13.36 -17.98 28.16
CA ASP X 178 -13.53 -17.76 26.74
C ASP X 178 -14.87 -17.08 26.43
N SER X 179 -14.82 -15.97 25.72
CA SER X 179 -16.06 -15.29 25.44
C SER X 179 -16.85 -15.93 24.33
N LEU X 180 -16.34 -16.87 23.58
CA LEU X 180 -17.07 -17.34 22.40
C LEU X 180 -17.42 -18.81 22.56
N SER X 181 -17.34 -19.37 23.76
CA SER X 181 -17.76 -20.75 23.94
C SER X 181 -18.35 -20.85 25.34
N GLY X 182 -19.35 -21.66 25.52
CA GLY X 182 -20.02 -21.58 26.79
C GLY X 182 -21.43 -22.08 26.70
N TYR X 183 -22.25 -21.67 27.67
CA TYR X 183 -23.62 -22.10 27.85
C TYR X 183 -23.71 -23.61 28.12
N GLY X 184 -22.76 -24.09 28.93
CA GLY X 184 -22.79 -25.46 29.42
C GLY X 184 -22.40 -26.43 28.33
N ALA X 185 -22.67 -27.73 28.47
CA ALA X 185 -22.06 -28.67 27.57
C ALA X 185 -22.83 -29.95 27.45
N VAL X 186 -22.51 -30.65 26.41
CA VAL X 186 -23.03 -31.98 26.15
C VAL X 186 -21.82 -32.94 26.05
N ALA X 187 -21.98 -34.12 26.60
CA ALA X 187 -20.91 -35.10 26.66
C ALA X 187 -21.47 -36.43 26.27
N ALA X 188 -20.71 -37.14 25.46
CA ALA X 188 -21.01 -38.51 25.14
C ALA X 188 -19.95 -39.33 25.84
N ILE X 189 -20.35 -40.41 26.51
CA ILE X 189 -19.40 -41.35 27.12
C ILE X 189 -19.60 -42.70 26.49
N VAL X 190 -18.52 -43.28 25.96
CA VAL X 190 -18.68 -44.45 25.12
C VAL X 190 -17.76 -45.52 25.69
N THR X 191 -18.35 -46.71 25.79
CA THR X 191 -17.66 -47.97 26.06
C THR X 191 -18.04 -48.94 24.95
N ARG X 192 -17.53 -50.18 25.03
CA ARG X 192 -17.85 -51.18 24.01
C ARG X 192 -19.32 -51.51 24.13
N ASP X 193 -19.86 -51.33 25.34
CA ASP X 193 -21.18 -51.84 25.72
C ASP X 193 -22.24 -50.75 25.75
N LYS X 194 -21.92 -49.49 26.14
CA LYS X 194 -22.97 -48.48 26.19
C LYS X 194 -22.48 -47.09 25.82
N MET X 195 -23.44 -46.23 25.49
CA MET X 195 -23.22 -44.83 25.11
C MET X 195 -24.17 -43.96 25.92
N THR X 196 -23.59 -43.20 26.80
CA THR X 196 -24.31 -42.34 27.73
C THR X 196 -24.07 -40.89 27.29
N THR X 197 -25.13 -40.05 27.42
CA THR X 197 -25.03 -38.67 27.04
C THR X 197 -25.40 -37.82 28.21
N ARG X 198 -24.78 -36.70 28.39
CA ARG X 198 -25.15 -35.91 29.55
C ARG X 198 -25.11 -34.44 29.22
N LEU X 199 -26.11 -33.73 29.64
CA LEU X 199 -26.09 -32.29 29.48
C LEU X 199 -25.62 -31.71 30.80
N ILE X 200 -24.52 -30.97 30.79
CA ILE X 200 -23.88 -30.43 31.97
C ILE X 200 -24.28 -28.98 32.15
N ASN X 201 -24.57 -28.54 33.37
CA ASN X 201 -24.89 -27.13 33.59
C ASN X 201 -23.65 -26.24 33.47
N GLY X 202 -23.81 -25.01 32.98
CA GLY X 202 -22.76 -24.01 33.12
C GLY X 202 -23.26 -22.58 33.25
N ARG X 203 -22.34 -21.66 33.15
CA ARG X 203 -22.67 -20.27 33.28
C ARG X 203 -23.57 -19.81 32.12
N LYS X 204 -24.31 -18.73 32.37
CA LYS X 204 -25.29 -18.16 31.45
C LYS X 204 -24.80 -16.87 30.83
N ASP X 205 -23.49 -16.78 30.72
CA ASP X 205 -22.79 -15.72 30.00
C ASP X 205 -21.67 -16.45 29.18
N MET Y 1 -27.72 -3.94 7.26
CA MET Y 1 -28.57 -4.12 8.47
C MET Y 1 -29.56 -2.95 8.59
N SER Y 2 -29.86 -2.34 7.43
CA SER Y 2 -30.72 -1.16 7.31
C SER Y 2 -32.20 -1.56 7.36
N GLU Y 3 -32.44 -2.85 7.13
CA GLU Y 3 -33.75 -3.44 7.13
C GLU Y 3 -33.83 -4.45 8.26
N THR Y 4 -34.63 -4.17 9.29
CA THR Y 4 -34.84 -5.09 10.40
C THR Y 4 -35.87 -6.10 10.01
N THR Y 5 -35.62 -7.39 10.28
CA THR Y 5 -36.70 -8.37 10.29
C THR Y 5 -36.88 -9.07 11.61
N ILE Y 6 -38.09 -9.52 11.87
CA ILE Y 6 -38.39 -10.14 13.14
C ILE Y 6 -39.29 -11.36 12.95
N ALA Y 7 -39.10 -12.36 13.80
CA ALA Y 7 -40.00 -13.51 13.82
C ALA Y 7 -39.94 -14.24 15.14
N PHE Y 8 -41.08 -14.75 15.57
CA PHE Y 8 -41.13 -15.72 16.64
C PHE Y 8 -42.28 -16.68 16.50
N ARG Y 9 -42.06 -17.86 17.07
CA ARG Y 9 -42.96 -18.97 16.97
C ARG Y 9 -43.63 -19.09 18.32
N CYS Y 10 -44.95 -19.30 18.33
CA CYS Y 10 -45.75 -19.57 19.53
C CYS Y 10 -46.42 -20.91 19.31
N ASN Y 11 -47.21 -21.41 20.27
CA ASN Y 11 -47.73 -22.78 20.17
C ASN Y 11 -48.41 -23.05 18.82
N GLY Y 12 -49.25 -22.14 18.33
CA GLY Y 12 -49.98 -22.48 17.11
C GLY Y 12 -49.83 -21.46 15.97
N PHE Y 13 -48.65 -20.82 15.87
CA PHE Y 13 -48.40 -19.89 14.79
C PHE Y 13 -46.96 -19.39 14.80
N VAL Y 14 -46.59 -18.73 13.72
CA VAL Y 14 -45.42 -17.89 13.62
C VAL Y 14 -45.85 -16.50 13.17
N LEU Y 15 -45.36 -15.45 13.81
CA LEU Y 15 -45.47 -14.11 13.30
C LEU Y 15 -44.18 -13.72 12.65
N VAL Y 16 -44.25 -13.04 11.51
CA VAL Y 16 -43.02 -12.60 10.87
C VAL Y 16 -43.21 -11.12 10.55
N ALA Y 17 -42.15 -10.30 10.61
CA ALA Y 17 -42.36 -8.93 10.20
C ALA Y 17 -41.11 -8.34 9.61
N ALA Y 18 -41.27 -7.44 8.67
CA ALA Y 18 -40.11 -6.83 8.05
C ALA Y 18 -40.40 -5.41 7.68
N ALA Y 19 -39.35 -4.63 7.70
CA ALA Y 19 -39.47 -3.19 7.55
C ALA Y 19 -39.60 -2.92 6.06
N GLY Y 20 -40.48 -1.98 5.72
CA GLY Y 20 -40.82 -1.64 4.35
C GLY Y 20 -39.73 -0.92 3.54
N LEU Y 21 -38.76 -0.30 4.20
CA LEU Y 21 -37.84 0.64 3.60
C LEU Y 21 -37.01 0.13 2.42
N ASN Y 22 -36.98 0.92 1.35
CA ASN Y 22 -36.01 0.78 0.27
C ASN Y 22 -35.34 2.15 0.04
N ALA Y 23 -34.02 2.13 0.04
CA ALA Y 23 -33.22 3.34 0.16
C ALA Y 23 -32.17 3.35 -0.94
N PHE Y 24 -31.78 4.54 -1.39
CA PHE Y 24 -30.62 4.71 -2.26
C PHE Y 24 -29.69 5.66 -1.49
N TYR Y 25 -28.63 5.10 -0.94
CA TYR Y 25 -27.76 5.81 -0.03
C TYR Y 25 -28.64 6.42 1.07
N TYR Y 26 -28.57 7.74 1.25
CA TYR Y 26 -29.36 8.31 2.32
C TYR Y 26 -30.79 8.60 1.87
N ILE Y 27 -31.13 8.42 0.62
CA ILE Y 27 -32.45 8.84 0.19
C ILE Y 27 -33.43 7.69 0.40
N LYS Y 28 -34.60 7.95 0.97
CA LYS Y 28 -35.68 6.97 0.96
C LYS Y 28 -36.42 6.90 -0.37
N ILE Y 29 -36.26 5.79 -1.11
CA ILE Y 29 -37.01 5.65 -2.33
C ILE Y 29 -38.45 5.31 -1.98
N MET Y 30 -38.68 4.27 -1.19
CA MET Y 30 -40.03 4.02 -0.73
C MET Y 30 -39.96 3.31 0.60
N ASP Y 31 -41.06 3.32 1.36
CA ASP Y 31 -41.12 2.65 2.67
C ASP Y 31 -42.24 1.60 2.73
N THR Y 32 -42.57 0.93 1.62
CA THR Y 32 -43.68 -0.01 1.62
C THR Y 32 -43.37 -1.27 0.84
N GLU Y 33 -42.08 -1.55 0.62
CA GLU Y 33 -41.72 -2.78 -0.02
C GLU Y 33 -42.05 -3.93 0.95
N ASP Y 34 -42.88 -4.88 0.46
CA ASP Y 34 -43.16 -6.12 1.17
C ASP Y 34 -41.96 -7.05 0.93
N LYS Y 35 -41.35 -7.43 2.03
CA LYS Y 35 -40.19 -8.27 2.01
C LYS Y 35 -40.50 -9.64 2.63
N VAL Y 36 -41.75 -9.89 2.94
CA VAL Y 36 -42.14 -11.13 3.57
C VAL Y 36 -42.78 -11.97 2.51
N THR Y 37 -41.99 -12.78 1.86
CA THR Y 37 -42.41 -13.41 0.62
C THR Y 37 -43.01 -14.77 0.90
N GLN Y 38 -44.19 -15.02 0.37
CA GLN Y 38 -44.80 -16.29 0.57
C GLN Y 38 -44.22 -17.34 -0.39
N LEU Y 39 -43.81 -18.50 0.13
CA LEU Y 39 -43.15 -19.48 -0.71
C LEU Y 39 -44.13 -20.57 -1.15
N ASP Y 40 -45.17 -20.79 -0.32
CA ASP Y 40 -46.15 -21.81 -0.56
C ASP Y 40 -47.32 -21.52 0.35
N SER Y 41 -48.27 -22.42 0.48
CA SER Y 41 -49.49 -22.04 1.20
C SER Y 41 -49.26 -21.91 2.71
N HIS Y 42 -48.22 -22.53 3.24
CA HIS Y 42 -48.00 -22.46 4.69
C HIS Y 42 -46.57 -22.07 4.97
N LYS Y 43 -45.90 -21.37 4.03
CA LYS Y 43 -44.56 -20.88 4.26
C LYS Y 43 -44.38 -19.42 3.89
N VAL Y 44 -43.55 -18.70 4.66
CA VAL Y 44 -43.08 -17.39 4.24
C VAL Y 44 -41.60 -17.33 4.52
N VAL Y 45 -40.94 -16.40 3.83
CA VAL Y 45 -39.57 -16.06 4.14
C VAL Y 45 -39.43 -14.54 4.22
N ALA Y 46 -38.87 -14.00 5.30
CA ALA Y 46 -38.51 -12.59 5.38
C ALA Y 46 -37.06 -12.49 5.03
N CYS Y 47 -36.71 -11.83 3.94
CA CYS Y 47 -35.33 -11.58 3.60
C CYS Y 47 -34.93 -10.12 3.83
N ALA Y 48 -33.68 -9.96 4.20
CA ALA Y 48 -33.04 -8.67 4.47
C ALA Y 48 -31.91 -8.57 3.46
N GLY Y 49 -31.73 -7.39 2.89
CA GLY Y 49 -30.58 -7.10 2.07
C GLY Y 49 -31.06 -6.48 0.77
N GLU Y 50 -30.12 -6.33 -0.16
CA GLU Y 50 -30.42 -5.54 -1.34
C GLU Y 50 -31.52 -6.19 -2.16
N ASN Y 51 -32.25 -5.35 -2.85
CA ASN Y 51 -33.23 -5.80 -3.78
C ASN Y 51 -32.78 -6.90 -4.72
N GLY Y 52 -31.62 -6.79 -5.29
CA GLY Y 52 -31.27 -7.66 -6.33
C GLY Y 52 -30.94 -9.02 -5.82
N PRO Y 53 -30.09 -9.18 -4.81
CA PRO Y 53 -29.75 -10.53 -4.34
C PRO Y 53 -31.04 -11.13 -3.78
N ARG Y 54 -31.82 -10.27 -3.12
CA ARG Y 54 -32.97 -10.73 -2.40
C ARG Y 54 -34.04 -11.28 -3.30
N VAL Y 55 -34.43 -10.53 -4.34
CA VAL Y 55 -35.32 -11.05 -5.35
C VAL Y 55 -34.79 -12.24 -6.10
N ASN Y 56 -33.57 -12.21 -6.53
CA ASN Y 56 -33.14 -13.34 -7.34
C ASN Y 56 -33.17 -14.59 -6.51
N PHE Y 57 -32.74 -14.47 -5.26
CA PHE Y 57 -32.69 -15.60 -4.36
C PHE Y 57 -34.08 -16.17 -4.11
N VAL Y 58 -35.03 -15.38 -3.69
CA VAL Y 58 -36.29 -15.98 -3.33
C VAL Y 58 -37.06 -16.45 -4.56
N GLU Y 59 -36.79 -15.93 -5.74
CA GLU Y 59 -37.43 -16.43 -6.96
C GLU Y 59 -36.90 -17.81 -7.32
N TYR Y 60 -35.61 -18.00 -7.23
CA TYR Y 60 -35.00 -19.30 -7.32
C TYR Y 60 -35.53 -20.31 -6.29
N ILE Y 61 -35.67 -20.00 -5.03
CA ILE Y 61 -36.36 -20.90 -4.14
C ILE Y 61 -37.77 -21.19 -4.65
N LYS Y 62 -38.56 -20.18 -4.99
CA LYS Y 62 -39.95 -20.44 -5.32
C LYS Y 62 -40.08 -21.40 -6.49
N CYS Y 63 -39.29 -21.22 -7.52
CA CYS Y 63 -39.45 -21.96 -8.73
C CYS Y 63 -39.03 -23.40 -8.49
N ASN Y 64 -37.89 -23.66 -7.85
CA ASN Y 64 -37.49 -25.02 -7.48
C ASN Y 64 -38.48 -25.73 -6.55
N MET Y 65 -39.19 -25.03 -5.68
CA MET Y 65 -40.17 -25.71 -4.87
C MET Y 65 -41.38 -26.05 -5.71
N ALA Y 66 -41.73 -25.15 -6.62
CA ALA Y 66 -42.88 -25.34 -7.46
C ALA Y 66 -42.65 -26.54 -8.37
N LEU Y 67 -41.42 -26.71 -8.79
CA LEU Y 67 -41.06 -27.80 -9.66
C LEU Y 67 -41.04 -29.09 -8.86
N LYS Y 68 -40.79 -29.03 -7.55
CA LYS Y 68 -40.80 -30.24 -6.72
C LYS Y 68 -42.24 -30.66 -6.43
N ARG Y 69 -43.19 -29.77 -6.59
CA ARG Y 69 -44.54 -30.10 -6.18
C ARG Y 69 -45.29 -30.72 -7.34
N MET Y 70 -44.97 -30.40 -8.59
CA MET Y 70 -45.59 -31.12 -9.70
C MET Y 70 -44.89 -32.45 -9.94
N ARG Y 71 -43.60 -32.52 -9.74
CA ARG Y 71 -42.95 -33.81 -9.80
C ARG Y 71 -43.23 -34.56 -8.50
N GLU Y 72 -44.50 -34.55 -8.06
CA GLU Y 72 -44.86 -35.15 -6.77
C GLU Y 72 -46.34 -34.88 -6.42
N HIS Y 73 -47.16 -34.59 -7.43
CA HIS Y 73 -48.61 -34.53 -7.35
C HIS Y 73 -49.09 -33.51 -6.31
N GLY Y 74 -48.33 -32.42 -6.17
CA GLY Y 74 -48.78 -31.29 -5.36
C GLY Y 74 -48.60 -31.52 -3.87
N ARG Y 75 -47.74 -32.48 -3.52
CA ARG Y 75 -47.50 -32.78 -2.13
C ARG Y 75 -46.64 -31.67 -1.53
N VAL Y 76 -47.09 -31.11 -0.40
CA VAL Y 76 -46.42 -30.04 0.29
C VAL Y 76 -45.14 -30.56 0.96
N ILE Y 77 -44.08 -29.79 0.77
CA ILE Y 77 -42.81 -30.10 1.34
C ILE Y 77 -42.74 -29.58 2.76
N ARG Y 78 -42.04 -30.33 3.60
CA ARG Y 78 -41.90 -29.93 5.00
C ARG Y 78 -41.04 -28.70 5.13
N THR Y 79 -41.31 -27.97 6.19
CA THR Y 79 -40.52 -26.77 6.46
C THR Y 79 -39.05 -27.09 6.62
N SER Y 80 -38.73 -28.23 7.24
CA SER Y 80 -37.31 -28.52 7.46
C SER Y 80 -36.60 -28.89 6.17
N ALA Y 81 -37.32 -29.30 5.15
CA ALA Y 81 -36.71 -29.57 3.86
C ALA Y 81 -36.54 -28.31 3.06
N ALA Y 82 -37.47 -27.39 3.17
CA ALA Y 82 -37.34 -26.12 2.47
C ALA Y 82 -36.14 -25.39 3.04
N ALA Y 83 -35.92 -25.51 4.33
CA ALA Y 83 -34.79 -24.83 4.98
C ALA Y 83 -33.48 -25.48 4.57
N SER Y 84 -33.49 -26.79 4.46
CA SER Y 84 -32.31 -27.50 4.08
C SER Y 84 -31.95 -27.16 2.66
N PHE Y 85 -32.95 -27.00 1.80
CA PHE Y 85 -32.73 -26.60 0.42
C PHE Y 85 -32.18 -25.18 0.34
N MET Y 86 -32.69 -24.27 1.16
CA MET Y 86 -32.24 -22.89 1.15
C MET Y 86 -30.82 -22.78 1.61
N ARG Y 87 -30.51 -23.57 2.60
CA ARG Y 87 -29.19 -23.59 3.17
C ARG Y 87 -28.19 -24.11 2.18
N ASN Y 88 -28.49 -25.16 1.44
CA ASN Y 88 -27.53 -25.68 0.50
C ASN Y 88 -27.24 -24.67 -0.59
N ALA Y 89 -28.20 -23.85 -0.97
CA ALA Y 89 -27.97 -22.88 -2.01
C ALA Y 89 -27.18 -21.65 -1.53
N LEU Y 90 -27.43 -21.20 -0.30
CA LEU Y 90 -26.62 -20.13 0.25
C LEU Y 90 -25.14 -20.56 0.35
N ALA Y 91 -24.93 -21.79 0.80
CA ALA Y 91 -23.62 -22.35 1.02
C ALA Y 91 -22.88 -22.58 -0.26
N GLY Y 92 -23.59 -23.08 -1.27
CA GLY Y 92 -23.07 -23.29 -2.61
C GLY Y 92 -22.62 -22.00 -3.26
N ALA Y 93 -23.50 -21.02 -3.26
CA ALA Y 93 -23.16 -19.72 -3.82
C ALA Y 93 -21.94 -19.15 -3.14
N LEU Y 94 -21.76 -19.39 -1.86
CA LEU Y 94 -20.63 -18.81 -1.13
C LEU Y 94 -19.27 -19.30 -1.65
N ARG Y 95 -19.21 -20.50 -2.23
CA ARG Y 95 -17.94 -20.98 -2.79
C ARG Y 95 -17.93 -20.91 -4.33
N SER Y 96 -18.95 -20.29 -4.94
CA SER Y 96 -19.07 -20.16 -6.39
C SER Y 96 -18.29 -18.94 -6.92
N ARG Y 97 -18.17 -18.86 -8.25
CA ARG Y 97 -17.52 -17.76 -8.94
C ARG Y 97 -18.20 -16.42 -8.65
N ASP Y 98 -19.52 -16.37 -8.88
CA ASP Y 98 -20.32 -15.16 -8.73
C ASP Y 98 -20.43 -14.74 -7.27
N GLY Y 99 -20.08 -15.64 -6.32
CA GLY Y 99 -19.99 -15.33 -4.90
C GLY Y 99 -21.35 -15.43 -4.21
N ALA Y 100 -21.38 -15.03 -2.94
CA ALA Y 100 -22.53 -15.27 -2.07
C ALA Y 100 -23.76 -14.41 -2.41
N TYR Y 101 -24.96 -14.91 -2.13
CA TYR Y 101 -26.12 -14.05 -1.98
C TYR Y 101 -25.99 -13.28 -0.68
N LEU Y 102 -25.94 -11.95 -0.70
CA LEU Y 102 -25.91 -11.16 0.54
C LEU Y 102 -27.33 -10.93 0.99
N VAL Y 103 -27.98 -12.00 1.42
CA VAL Y 103 -29.31 -11.93 1.99
C VAL Y 103 -29.26 -12.67 3.33
N ASN Y 104 -30.00 -12.18 4.31
CA ASN Y 104 -30.24 -12.85 5.56
C ASN Y 104 -31.73 -13.18 5.68
N CYS Y 105 -32.07 -14.42 6.07
CA CYS Y 105 -33.41 -14.92 5.93
C CYS Y 105 -33.97 -15.41 7.25
N LEU Y 106 -35.29 -15.47 7.37
CA LEU Y 106 -35.99 -16.15 8.44
C LEU Y 106 -37.04 -16.97 7.70
N LEU Y 107 -37.00 -18.27 7.82
CA LEU Y 107 -37.99 -19.08 7.21
C LEU Y 107 -38.98 -19.61 8.22
N ALA Y 108 -40.27 -19.40 7.97
CA ALA Y 108 -41.35 -19.81 8.87
C ALA Y 108 -42.36 -20.67 8.14
N GLY Y 109 -42.68 -21.79 8.74
CA GLY Y 109 -43.61 -22.75 8.10
C GLY Y 109 -44.51 -23.32 9.16
N TYR Y 110 -45.61 -23.87 8.77
CA TYR Y 110 -46.44 -24.68 9.62
C TYR Y 110 -46.65 -25.96 8.86
N ASP Y 111 -46.29 -27.08 9.45
CA ASP Y 111 -46.30 -28.37 8.76
C ASP Y 111 -47.60 -29.08 9.05
N VAL Y 112 -48.17 -29.65 8.01
CA VAL Y 112 -49.53 -30.18 8.09
C VAL Y 112 -49.55 -31.53 7.38
N ALA Y 113 -50.21 -32.56 7.96
CA ALA Y 113 -50.13 -33.94 7.45
C ALA Y 113 -50.55 -34.07 5.98
N ALA Y 114 -49.63 -34.60 5.15
CA ALA Y 114 -49.89 -34.89 3.74
C ALA Y 114 -51.12 -35.80 3.58
N SER Y 115 -51.02 -37.02 4.12
CA SER Y 115 -52.06 -38.03 4.03
C SER Y 115 -52.39 -38.56 5.43
N SER Y 116 -53.04 -39.74 5.48
CA SER Y 116 -53.33 -40.42 6.74
C SER Y 116 -52.14 -41.28 7.19
N ASP Y 117 -51.40 -41.82 6.20
CA ASP Y 117 -50.17 -42.59 6.40
C ASP Y 117 -49.11 -41.76 7.13
N ASP Y 118 -49.19 -40.44 6.96
CA ASP Y 118 -48.24 -39.45 7.44
C ASP Y 118 -48.27 -39.29 8.97
N ASP Y 119 -47.09 -39.50 9.58
CA ASP Y 119 -46.86 -39.57 11.02
C ASP Y 119 -46.27 -38.25 11.55
N ILE Y 120 -46.06 -37.29 10.63
CA ILE Y 120 -45.34 -36.05 10.88
C ILE Y 120 -45.91 -35.33 12.10
N ALA Y 121 -45.03 -34.87 12.99
CA ALA Y 121 -45.41 -33.86 13.96
C ALA Y 121 -45.83 -32.60 13.23
N THR Y 122 -47.09 -32.24 13.48
CA THR Y 122 -47.78 -31.10 12.88
C THR Y 122 -47.64 -29.86 13.78
N GLY Y 123 -46.95 -28.82 13.26
CA GLY Y 123 -46.93 -27.51 13.92
C GLY Y 123 -45.97 -26.49 13.28
N PRO Y 124 -45.80 -25.37 13.95
CA PRO Y 124 -44.96 -24.27 13.46
C PRO Y 124 -43.46 -24.43 13.64
N HIS Y 125 -42.68 -24.08 12.64
CA HIS Y 125 -41.27 -24.11 12.80
C HIS Y 125 -40.65 -22.86 12.24
N LEU Y 126 -39.69 -22.28 12.98
CA LEU Y 126 -38.94 -21.13 12.51
C LEU Y 126 -37.47 -21.47 12.31
N TYR Y 127 -36.87 -21.03 11.22
CA TYR Y 127 -35.46 -21.21 11.01
C TYR Y 127 -34.73 -19.89 10.74
N TYR Y 128 -33.72 -19.61 11.51
CA TYR Y 128 -32.79 -18.55 11.22
C TYR Y 128 -31.76 -18.93 10.14
N MET Y 129 -31.45 -18.09 9.17
CA MET Y 129 -30.37 -18.40 8.26
C MET Y 129 -29.50 -17.21 8.04
N ASP Y 130 -28.26 -17.42 7.59
CA ASP Y 130 -27.48 -16.26 7.23
C ASP Y 130 -26.93 -16.38 5.83
N TYR Y 131 -26.36 -15.31 5.35
CA TYR Y 131 -25.94 -15.31 3.98
C TYR Y 131 -24.82 -16.33 3.75
N LEU Y 132 -24.14 -16.78 4.80
CA LEU Y 132 -23.11 -17.81 4.65
C LEU Y 132 -23.66 -19.23 4.52
N GLY Y 133 -24.90 -19.44 4.99
CA GLY Y 133 -25.46 -20.76 5.02
C GLY Y 133 -25.56 -21.32 6.41
N THR Y 134 -25.34 -20.51 7.41
CA THR Y 134 -25.66 -20.94 8.76
C THR Y 134 -27.17 -21.12 8.81
N MET Y 135 -27.63 -22.10 9.55
CA MET Y 135 -29.04 -22.37 9.68
C MET Y 135 -29.29 -23.01 11.03
N GLN Y 136 -30.35 -22.61 11.71
CA GLN Y 136 -30.62 -23.04 13.05
C GLN Y 136 -32.09 -22.83 13.35
N GLU Y 137 -32.76 -23.84 13.82
CA GLU Y 137 -34.08 -23.71 14.37
C GLU Y 137 -34.09 -22.87 15.65
N VAL Y 138 -35.13 -22.06 15.83
CA VAL Y 138 -35.11 -21.12 16.91
C VAL Y 138 -36.55 -20.82 17.30
N PRO Y 139 -36.82 -20.38 18.53
CA PRO Y 139 -38.17 -19.94 18.93
C PRO Y 139 -38.45 -18.49 18.60
N TYR Y 140 -37.38 -17.71 18.39
CA TYR Y 140 -37.47 -16.41 17.78
C TYR Y 140 -36.13 -15.96 17.25
N GLY Y 141 -36.14 -14.99 16.35
CA GLY Y 141 -34.90 -14.61 15.70
C GLY Y 141 -35.09 -13.33 14.91
N CYS Y 142 -34.00 -12.62 14.57
CA CYS Y 142 -34.04 -11.35 13.88
C CYS Y 142 -32.82 -11.04 13.05
N HIS Y 143 -32.95 -10.12 12.13
CA HIS Y 143 -31.76 -9.66 11.45
C HIS Y 143 -31.82 -8.15 11.31
N GLY Y 144 -30.70 -7.54 11.02
CA GLY Y 144 -30.57 -6.09 10.84
C GLY Y 144 -30.22 -5.39 12.13
N TYR Y 145 -30.01 -4.06 12.07
CA TYR Y 145 -29.53 -3.27 13.18
C TYR Y 145 -30.56 -3.26 14.30
N GLY Y 146 -31.83 -3.42 14.01
CA GLY Y 146 -32.79 -3.47 15.08
C GLY Y 146 -32.77 -4.79 15.83
N ALA Y 147 -31.97 -5.77 15.38
CA ALA Y 147 -32.05 -7.14 15.91
C ALA Y 147 -31.75 -7.28 17.43
N SER Y 148 -30.71 -6.62 17.88
CA SER Y 148 -30.29 -6.78 19.28
C SER Y 148 -31.36 -6.29 20.24
N PHE Y 149 -31.92 -5.10 20.00
CA PHE Y 149 -32.99 -4.56 20.85
C PHE Y 149 -34.16 -5.49 21.00
N VAL Y 150 -34.58 -6.03 19.87
CA VAL Y 150 -35.76 -6.89 19.83
C VAL Y 150 -35.48 -8.25 20.48
N ILE Y 151 -34.27 -8.79 20.26
CA ILE Y 151 -33.91 -10.09 20.79
C ILE Y 151 -33.97 -10.06 22.31
N ALA Y 152 -33.50 -8.93 22.85
CA ALA Y 152 -33.53 -8.82 24.30
C ALA Y 152 -34.98 -8.63 24.73
N MET Y 153 -35.80 -7.83 24.05
CA MET Y 153 -37.15 -7.72 24.56
C MET Y 153 -37.76 -9.12 24.55
N LEU Y 154 -37.51 -9.88 23.48
CA LEU Y 154 -38.22 -11.14 23.39
C LEU Y 154 -37.70 -12.14 24.44
N ASP Y 155 -36.39 -12.17 24.70
CA ASP Y 155 -35.86 -12.93 25.86
C ASP Y 155 -36.60 -12.57 27.13
N ARG Y 156 -37.01 -11.32 27.24
CA ARG Y 156 -37.70 -10.82 28.42
C ARG Y 156 -39.18 -11.14 28.44
N LEU Y 157 -39.87 -11.11 27.29
CA LEU Y 157 -41.34 -11.14 27.26
C LEU Y 157 -41.92 -12.34 26.51
N TRP Y 158 -41.16 -12.98 25.64
CA TRP Y 158 -41.75 -14.04 24.83
C TRP Y 158 -42.07 -15.23 25.70
N ARG Y 159 -43.27 -15.81 25.58
CA ARG Y 159 -43.53 -17.15 26.08
C ARG Y 159 -44.09 -18.00 24.95
N PRO Y 160 -44.01 -19.34 25.01
CA PRO Y 160 -44.71 -20.21 24.05
C PRO Y 160 -46.24 -20.18 23.98
N ASP Y 161 -46.90 -19.88 25.07
CA ASP Y 161 -48.36 -19.96 25.11
C ASP Y 161 -49.04 -18.59 24.93
N LEU Y 162 -48.41 -17.63 24.24
CA LEU Y 162 -49.09 -16.38 23.94
C LEU Y 162 -50.28 -16.65 23.03
N THR Y 163 -51.40 -15.98 23.29
CA THR Y 163 -52.54 -16.02 22.38
C THR Y 163 -52.25 -15.15 21.15
N ALA Y 164 -53.05 -15.29 20.10
CA ALA Y 164 -52.78 -14.62 18.85
C ALA Y 164 -52.78 -13.10 19.07
N GLN Y 165 -53.62 -12.65 20.01
CA GLN Y 165 -53.78 -11.25 20.32
C GLN Y 165 -52.59 -10.71 21.13
N GLU Y 166 -52.10 -11.49 22.07
CA GLU Y 166 -50.95 -11.08 22.82
C GLU Y 166 -49.71 -11.03 21.95
N ALA Y 167 -49.59 -11.99 21.02
CA ALA Y 167 -48.44 -12.02 20.14
C ALA Y 167 -48.47 -10.91 19.09
N VAL Y 168 -49.63 -10.37 18.77
CA VAL Y 168 -49.62 -9.19 17.93
C VAL Y 168 -49.17 -7.97 18.73
N ASP Y 169 -49.62 -7.84 19.98
CA ASP Y 169 -49.17 -6.78 20.83
C ASP Y 169 -47.65 -6.82 20.96
N LEU Y 170 -47.11 -7.99 21.35
CA LEU Y 170 -45.67 -8.12 21.39
C LEU Y 170 -44.99 -7.80 20.05
N MET Y 171 -45.52 -8.22 18.90
CA MET Y 171 -44.87 -7.86 17.64
C MET Y 171 -44.87 -6.36 17.43
N GLN Y 172 -45.96 -5.69 17.77
CA GLN Y 172 -46.11 -4.24 17.68
C GLN Y 172 -45.07 -3.50 18.52
N LYS Y 173 -44.97 -3.80 19.81
CA LYS Y 173 -43.91 -3.28 20.67
C LYS Y 173 -42.48 -3.51 20.14
N CYS Y 174 -42.21 -4.64 19.49
CA CYS Y 174 -40.86 -4.84 18.98
C CYS Y 174 -40.58 -3.89 17.82
N CYS Y 175 -41.61 -3.58 17.03
CA CYS Y 175 -41.47 -2.68 15.90
C CYS Y 175 -41.31 -1.26 16.44
N ASP Y 176 -42.05 -0.89 17.47
CA ASP Y 176 -41.87 0.44 18.06
C ASP Y 176 -40.46 0.65 18.62
N GLU Y 177 -39.83 -0.41 19.14
CA GLU Y 177 -38.56 -0.25 19.78
C GLU Y 177 -37.49 -0.01 18.72
N VAL Y 178 -37.64 -0.69 17.60
CA VAL Y 178 -36.78 -0.46 16.46
C VAL Y 178 -36.86 0.97 15.95
N LYS Y 179 -38.07 1.52 15.87
CA LYS Y 179 -38.27 2.91 15.44
C LYS Y 179 -37.65 3.87 16.44
N LYS Y 180 -37.82 3.61 17.70
CA LYS Y 180 -37.34 4.50 18.72
C LYS Y 180 -35.81 4.54 18.75
N ARG Y 181 -35.12 3.45 18.49
CA ARG Y 181 -33.70 3.45 18.82
C ARG Y 181 -32.76 3.25 17.64
N VAL Y 182 -33.28 2.92 16.46
CA VAL Y 182 -32.41 2.78 15.31
C VAL Y 182 -32.50 4.03 14.47
N VAL Y 183 -31.32 4.50 14.08
CA VAL Y 183 -31.15 5.79 13.44
C VAL Y 183 -31.61 5.69 11.98
N ILE Y 184 -31.19 4.69 11.25
CA ILE Y 184 -31.88 4.31 10.03
C ILE Y 184 -33.35 4.23 10.35
N SER Y 185 -34.19 4.78 9.48
CA SER Y 185 -35.63 4.83 9.71
C SER Y 185 -36.27 3.57 9.14
N ASN Y 186 -36.82 2.74 10.04
CA ASN Y 186 -37.64 1.63 9.64
C ASN Y 186 -39.08 1.98 9.96
N ASP Y 187 -39.70 2.92 9.25
CA ASP Y 187 -40.93 3.53 9.74
C ASP Y 187 -42.19 2.65 9.59
N LYS Y 188 -42.24 1.72 8.65
CA LYS Y 188 -43.47 0.97 8.43
C LYS Y 188 -43.16 -0.51 8.37
N PHE Y 189 -43.89 -1.36 9.09
CA PHE Y 189 -43.60 -2.80 9.06
C PHE Y 189 -44.74 -3.52 8.37
N ILE Y 190 -44.42 -4.50 7.55
CA ILE Y 190 -45.48 -5.43 7.16
C ILE Y 190 -45.27 -6.72 7.93
N CYS Y 191 -46.37 -7.21 8.50
CA CYS Y 191 -46.37 -8.38 9.36
C CYS Y 191 -47.37 -9.43 8.90
N LYS Y 192 -46.88 -10.69 8.66
CA LYS Y 192 -47.73 -11.82 8.31
C LYS Y 192 -47.67 -12.95 9.31
N ALA Y 193 -48.72 -13.75 9.37
CA ALA Y 193 -48.84 -14.83 10.34
C ALA Y 193 -48.98 -16.16 9.58
N VAL Y 194 -48.36 -17.20 10.06
CA VAL Y 194 -48.42 -18.51 9.43
C VAL Y 194 -49.10 -19.45 10.45
N THR Y 195 -50.23 -20.06 10.05
CA THR Y 195 -51.11 -20.84 10.92
C THR Y 195 -51.45 -22.16 10.23
N GLU Y 196 -52.26 -23.01 10.89
CA GLU Y 196 -52.72 -24.25 10.27
C GLU Y 196 -53.51 -23.98 8.97
N ASN Y 197 -54.23 -22.82 8.92
CA ASN Y 197 -55.06 -22.45 7.78
C ASN Y 197 -54.32 -21.60 6.75
N GLY Y 198 -53.06 -21.23 7.00
CA GLY Y 198 -52.19 -20.66 5.97
C GLY Y 198 -51.60 -19.29 6.32
N VAL Y 199 -51.15 -18.60 5.29
CA VAL Y 199 -50.52 -17.30 5.44
C VAL Y 199 -51.56 -16.21 5.40
N GLU Y 200 -51.47 -15.26 6.31
CA GLU Y 200 -52.43 -14.17 6.37
C GLU Y 200 -51.76 -12.89 6.89
N ILE Y 201 -52.10 -11.76 6.29
CA ILE Y 201 -51.48 -10.51 6.67
C ILE Y 201 -52.11 -9.99 7.97
N VAL Y 202 -51.29 -9.33 8.76
CA VAL Y 202 -51.74 -8.77 10.03
C VAL Y 202 -51.77 -7.25 9.88
N ASN Y 203 -52.97 -6.69 9.90
CA ASN Y 203 -53.16 -5.31 9.45
C ASN Y 203 -52.90 -4.32 10.58
N THR Y 204 -53.16 -4.72 11.82
CA THR Y 204 -53.04 -3.80 12.94
C THR Y 204 -51.57 -3.57 13.32
N VAL Y 205 -50.63 -4.22 12.63
CA VAL Y 205 -49.22 -4.10 12.95
C VAL Y 205 -48.49 -3.35 11.86
N SER Y 206 -48.04 -2.15 12.22
CA SER Y 206 -47.57 -1.17 11.27
C SER Y 206 -46.21 -0.63 11.76
N THR Z 111 -26.97 14.65 -14.06
CA THR Z 111 -28.23 14.14 -14.69
C THR Z 111 -29.39 14.30 -13.73
N THR Z 112 -30.55 14.60 -14.27
CA THR Z 112 -31.78 14.43 -13.51
C THR Z 112 -32.79 13.76 -14.41
N THR Z 113 -33.53 12.81 -13.87
CA THR Z 113 -34.70 12.24 -14.48
C THR Z 113 -35.75 12.02 -13.42
N LEU Z 114 -37.00 12.30 -13.71
CA LEU Z 114 -38.07 11.81 -12.87
C LEU Z 114 -39.22 11.21 -13.66
N GLY Z 115 -39.98 10.42 -12.92
CA GLY Z 115 -41.22 9.84 -13.41
C GLY Z 115 -42.24 9.74 -12.30
N PHE Z 116 -43.48 9.89 -12.64
CA PHE Z 116 -44.51 9.43 -11.75
C PHE Z 116 -45.80 9.13 -12.43
N HIS Z 117 -46.57 8.34 -11.71
CA HIS Z 117 -47.84 7.80 -12.11
C HIS Z 117 -48.91 8.62 -11.48
N PHE Z 118 -49.91 8.97 -12.26
CA PHE Z 118 -51.09 9.67 -11.82
C PHE Z 118 -52.28 9.10 -12.60
N ASP Z 119 -53.46 9.71 -12.41
CA ASP Z 119 -54.73 9.22 -12.92
C ASP Z 119 -54.76 9.13 -14.45
N GLY Z 120 -54.14 10.12 -15.13
CA GLY Z 120 -54.08 10.13 -16.59
C GLY Z 120 -52.89 9.39 -17.20
N GLY Z 121 -52.08 8.69 -16.38
CA GLY Z 121 -50.96 7.99 -16.96
C GLY Z 121 -49.65 8.18 -16.23
N ILE Z 122 -48.61 8.43 -16.99
CA ILE Z 122 -47.27 8.61 -16.46
C ILE Z 122 -46.58 9.83 -17.07
N ILE Z 123 -45.83 10.58 -16.29
CA ILE Z 123 -44.95 11.62 -16.86
C ILE Z 123 -43.51 11.22 -16.72
N LEU Z 124 -42.72 11.33 -17.75
CA LEU Z 124 -41.29 11.29 -17.59
C LEU Z 124 -40.69 12.65 -17.94
N ALA Z 125 -39.68 13.06 -17.22
CA ALA Z 125 -39.01 14.29 -17.60
C ALA Z 125 -37.54 14.10 -17.35
N VAL Z 126 -36.74 14.74 -18.16
CA VAL Z 126 -35.29 14.69 -18.07
C VAL Z 126 -34.67 16.07 -18.32
N ASP Z 127 -33.37 16.14 -18.17
CA ASP Z 127 -32.52 17.24 -18.63
C ASP Z 127 -31.69 16.70 -19.81
N SER Z 128 -30.69 17.42 -20.33
CA SER Z 128 -29.88 16.95 -21.46
C SER Z 128 -28.37 17.21 -21.33
N ARG Z 129 -27.88 17.37 -20.13
CA ARG Z 129 -26.48 17.58 -19.98
C ARG Z 129 -25.71 16.29 -19.69
N ALA Z 130 -24.49 16.24 -20.22
CA ALA Z 130 -23.52 15.15 -20.06
C ALA Z 130 -22.23 15.77 -19.56
N SER Z 131 -21.86 15.50 -18.31
CA SER Z 131 -20.75 16.19 -17.66
C SER Z 131 -19.80 15.17 -17.07
N SER Z 132 -18.59 15.08 -17.65
CA SER Z 132 -17.48 14.32 -17.05
C SER Z 132 -17.46 14.53 -15.52
N GLY Z 133 -17.60 15.79 -15.10
CA GLY Z 133 -17.54 16.20 -13.70
C GLY Z 133 -17.08 17.66 -13.60
N GLN Z 134 -16.38 18.10 -14.65
CA GLN Z 134 -16.02 19.50 -14.80
C GLN Z 134 -16.41 20.01 -16.18
N TYR Z 135 -15.89 19.35 -17.21
CA TYR Z 135 -16.13 19.83 -18.54
C TYR Z 135 -17.46 19.29 -19.03
N ILE Z 136 -18.20 20.09 -19.78
CA ILE Z 136 -19.51 19.69 -20.23
C ILE Z 136 -19.37 19.31 -21.68
N SER Z 137 -19.54 18.04 -21.94
CA SER Z 137 -19.41 17.49 -23.27
C SER Z 137 -20.60 17.78 -24.17
N SER Z 138 -21.85 17.74 -23.66
CA SER Z 138 -23.07 17.99 -24.47
C SER Z 138 -24.16 18.70 -23.69
N GLN Z 139 -25.15 19.34 -24.37
CA GLN Z 139 -26.33 19.89 -23.74
C GLN Z 139 -27.53 19.36 -24.52
N THR Z 140 -27.36 18.28 -25.25
CA THR Z 140 -28.36 17.87 -26.22
C THR Z 140 -28.56 16.35 -26.23
N VAL Z 141 -28.07 15.66 -25.21
CA VAL Z 141 -28.41 14.26 -25.02
C VAL Z 141 -29.94 14.04 -24.90
N MET Z 142 -30.38 12.99 -25.59
CA MET Z 142 -31.74 12.49 -25.47
C MET Z 142 -31.75 11.33 -24.46
N LYS Z 143 -32.13 11.70 -23.25
CA LYS Z 143 -32.07 10.85 -22.09
C LYS Z 143 -33.36 10.03 -21.91
N VAL Z 144 -34.37 10.24 -22.75
CA VAL Z 144 -35.50 9.34 -22.82
C VAL Z 144 -35.32 8.50 -24.06
N LEU Z 145 -35.47 7.18 -23.92
CA LEU Z 145 -35.23 6.26 -25.02
C LEU Z 145 -36.53 5.60 -25.42
N GLU Z 146 -36.93 5.96 -26.63
CA GLU Z 146 -38.10 5.44 -27.26
C GLU Z 146 -37.79 4.00 -27.65
N ILE Z 147 -38.17 3.05 -26.79
CA ILE Z 147 -37.70 1.69 -26.93
C ILE Z 147 -38.45 1.13 -28.13
N ASN Z 148 -39.76 1.37 -28.03
CA ASN Z 148 -40.70 1.23 -29.13
C ASN Z 148 -41.85 2.22 -28.87
N GLU Z 149 -43.07 1.91 -29.28
CA GLU Z 149 -44.13 2.91 -29.30
C GLU Z 149 -45.16 2.66 -28.22
N TYR Z 150 -44.81 1.86 -27.19
CA TYR Z 150 -45.64 1.76 -25.98
C TYR Z 150 -44.82 1.75 -24.68
N LEU Z 151 -43.50 1.66 -24.79
CA LEU Z 151 -42.55 1.63 -23.69
C LEU Z 151 -41.47 2.71 -23.82
N LEU Z 152 -41.17 3.34 -22.71
CA LEU Z 152 -40.10 4.31 -22.62
C LEU Z 152 -39.06 3.84 -21.62
N GLY Z 153 -37.77 4.02 -21.93
CA GLY Z 153 -36.77 4.06 -20.85
C GLY Z 153 -36.31 5.48 -20.53
N THR Z 154 -35.63 5.66 -19.40
CA THR Z 154 -34.84 6.86 -19.19
C THR Z 154 -33.40 6.48 -18.91
N MET Z 155 -32.48 7.41 -18.96
CA MET Z 155 -31.10 7.01 -18.85
C MET Z 155 -30.41 7.91 -17.86
N ALA Z 156 -29.75 7.33 -16.87
CA ALA Z 156 -28.97 8.06 -15.90
C ALA Z 156 -27.77 7.20 -15.51
N GLY Z 157 -26.71 7.84 -15.07
CA GLY Z 157 -25.46 7.12 -14.98
C GLY Z 157 -24.74 7.09 -16.32
N GLY Z 158 -24.16 5.93 -16.64
CA GLY Z 158 -23.29 5.81 -17.80
C GLY Z 158 -24.09 5.85 -19.09
N ALA Z 159 -23.79 6.81 -19.97
CA ALA Z 159 -24.53 6.90 -21.23
C ALA Z 159 -24.36 5.68 -22.11
N ALA Z 160 -23.15 5.19 -22.36
CA ALA Z 160 -22.99 4.06 -23.28
C ALA Z 160 -23.75 2.83 -22.76
N ASP Z 161 -23.71 2.62 -21.45
CA ASP Z 161 -24.30 1.45 -20.87
C ASP Z 161 -25.80 1.51 -21.10
N CYS Z 162 -26.43 2.62 -20.75
CA CYS Z 162 -27.88 2.74 -20.86
C CYS Z 162 -28.32 2.60 -22.30
N GLN Z 163 -27.60 3.17 -23.25
CA GLN Z 163 -28.05 3.06 -24.62
C GLN Z 163 -27.81 1.68 -25.23
N TYR Z 164 -26.73 1.04 -24.91
CA TYR Z 164 -26.60 -0.26 -25.46
C TYR Z 164 -27.65 -1.22 -24.90
N TRP Z 165 -27.88 -1.20 -23.58
CA TRP Z 165 -28.74 -2.21 -22.99
C TRP Z 165 -30.22 -1.89 -23.23
N GLU Z 166 -30.61 -0.67 -23.51
CA GLU Z 166 -32.00 -0.41 -23.80
C GLU Z 166 -32.22 -0.69 -25.28
N ARG Z 167 -31.23 -0.57 -26.09
CA ARG Z 167 -31.37 -1.00 -27.45
C ARG Z 167 -31.53 -2.54 -27.49
N VAL Z 168 -30.75 -3.27 -26.72
CA VAL Z 168 -30.92 -4.69 -26.59
C VAL Z 168 -32.30 -5.02 -26.06
N LEU Z 169 -32.71 -4.39 -24.98
CA LEU Z 169 -34.08 -4.56 -24.51
C LEU Z 169 -35.05 -4.38 -25.66
N GLY Z 170 -34.83 -3.43 -26.55
CA GLY Z 170 -35.85 -3.12 -27.54
C GLY Z 170 -35.86 -4.18 -28.62
N MET Z 171 -34.72 -4.78 -28.85
CA MET Z 171 -34.63 -5.91 -29.76
C MET Z 171 -35.36 -7.15 -29.22
N GLU Z 172 -35.32 -7.43 -27.91
CA GLU Z 172 -36.11 -8.49 -27.29
C GLU Z 172 -37.62 -8.13 -27.25
N CYS Z 173 -38.01 -6.92 -26.99
CA CYS Z 173 -39.43 -6.63 -27.05
C CYS Z 173 -40.02 -6.86 -28.43
N ARG Z 174 -39.20 -6.83 -29.47
CA ARG Z 174 -39.69 -6.92 -30.83
C ARG Z 174 -39.78 -8.39 -31.23
N LEU Z 175 -38.75 -9.17 -30.92
CA LEU Z 175 -38.78 -10.59 -31.13
C LEU Z 175 -39.97 -11.15 -30.35
N TRP Z 176 -40.16 -10.77 -29.08
CA TRP Z 176 -41.29 -11.32 -28.36
C TRP Z 176 -42.58 -11.20 -29.17
N GLU Z 177 -42.75 -10.08 -29.83
CA GLU Z 177 -43.98 -9.67 -30.47
C GLU Z 177 -44.10 -10.30 -31.86
N LEU Z 178 -42.99 -10.69 -32.46
CA LEU Z 178 -43.00 -11.52 -33.67
C LEU Z 178 -43.40 -12.97 -33.34
N ARG Z 179 -42.82 -13.53 -32.27
CA ARG Z 179 -43.02 -14.90 -31.86
C ARG Z 179 -44.43 -15.15 -31.36
N ASN Z 180 -44.97 -14.20 -30.61
CA ASN Z 180 -46.18 -14.42 -29.82
C ASN Z 180 -47.37 -13.67 -30.40
N ASN Z 181 -47.18 -12.92 -31.47
CA ASN Z 181 -48.23 -12.04 -31.94
C ASN Z 181 -48.88 -11.21 -30.82
N CYS Z 182 -48.11 -10.65 -29.90
CA CYS Z 182 -48.72 -9.68 -29.00
C CYS Z 182 -47.63 -8.90 -28.26
N ARG Z 183 -47.99 -7.76 -27.68
CA ARG Z 183 -47.04 -6.89 -27.00
C ARG Z 183 -46.71 -7.37 -25.61
N ILE Z 184 -45.43 -7.35 -25.34
CA ILE Z 184 -44.90 -7.65 -24.02
C ILE Z 184 -45.36 -6.64 -23.02
N SER Z 185 -45.59 -7.15 -21.81
CA SER Z 185 -45.97 -6.33 -20.65
C SER Z 185 -44.81 -5.50 -20.10
N VAL Z 186 -45.18 -4.52 -19.29
CA VAL Z 186 -44.18 -3.71 -18.62
C VAL Z 186 -43.50 -4.49 -17.50
N ALA Z 187 -44.24 -5.36 -16.79
CA ALA Z 187 -43.54 -6.26 -15.91
C ALA Z 187 -42.43 -7.03 -16.57
N ALA Z 188 -42.69 -7.66 -17.72
CA ALA Z 188 -41.69 -8.51 -18.30
C ALA Z 188 -40.56 -7.69 -18.91
N ALA Z 189 -40.90 -6.51 -19.46
CA ALA Z 189 -39.84 -5.70 -20.06
C ALA Z 189 -38.84 -5.35 -18.99
N SER Z 190 -39.33 -4.89 -17.85
CA SER Z 190 -38.42 -4.50 -16.76
C SER Z 190 -37.61 -5.68 -16.27
N LYS Z 191 -38.25 -6.86 -16.29
CA LYS Z 191 -37.54 -8.07 -15.92
C LYS Z 191 -36.40 -8.45 -16.85
N ILE Z 192 -36.59 -8.33 -18.14
CA ILE Z 192 -35.53 -8.67 -19.08
C ILE Z 192 -34.33 -7.80 -18.81
N LEU Z 193 -34.63 -6.55 -18.51
CA LEU Z 193 -33.58 -5.60 -18.22
C LEU Z 193 -33.02 -5.78 -16.82
N ALA Z 194 -33.84 -6.04 -15.79
CA ALA Z 194 -33.26 -6.36 -14.50
C ALA Z 194 -32.40 -7.63 -14.56
N ASN Z 195 -32.68 -8.61 -15.44
CA ASN Z 195 -31.89 -9.81 -15.38
C ASN Z 195 -30.55 -9.64 -16.06
N ILE Z 196 -30.44 -8.63 -16.95
CA ILE Z 196 -29.20 -8.41 -17.66
C ILE Z 196 -28.30 -7.69 -16.68
N THR Z 197 -28.82 -6.63 -16.07
CA THR Z 197 -28.08 -5.93 -15.03
C THR Z 197 -27.69 -6.88 -13.91
N TYR Z 198 -28.63 -7.72 -13.39
CA TYR Z 198 -28.22 -8.64 -12.37
C TYR Z 198 -27.01 -9.50 -12.82
N SER Z 199 -27.06 -10.08 -14.02
CA SER Z 199 -25.96 -10.95 -14.47
C SER Z 199 -24.64 -10.21 -14.65
N TYR Z 200 -24.72 -8.89 -14.89
CA TYR Z 200 -23.52 -8.09 -15.02
C TYR Z 200 -23.18 -7.43 -13.69
N ARG Z 201 -23.71 -7.92 -12.56
CA ARG Z 201 -23.56 -7.16 -11.34
C ARG Z 201 -22.08 -6.92 -11.04
N ASN Z 202 -21.20 -7.87 -11.35
CA ASN Z 202 -19.83 -7.76 -10.89
C ASN Z 202 -18.90 -7.06 -11.89
N TYR Z 203 -19.47 -6.53 -13.00
CA TYR Z 203 -18.72 -6.08 -14.16
C TYR Z 203 -18.69 -4.56 -14.31
N GLY Z 204 -19.10 -3.81 -13.28
CA GLY Z 204 -18.88 -2.37 -13.25
C GLY Z 204 -19.81 -1.50 -14.11
N LEU Z 205 -20.95 -2.01 -14.63
CA LEU Z 205 -21.96 -1.17 -15.27
C LEU Z 205 -22.39 -0.02 -14.36
N SER Z 206 -22.92 1.04 -14.95
CA SER Z 206 -23.46 2.17 -14.24
C SER Z 206 -24.78 2.57 -14.88
N MET Z 207 -25.92 2.32 -14.22
CA MET Z 207 -27.23 2.53 -14.81
C MET Z 207 -28.23 2.81 -13.72
N GLY Z 208 -29.16 3.65 -14.07
CA GLY Z 208 -30.29 3.98 -13.23
C GLY Z 208 -31.39 4.39 -14.21
N THR Z 209 -32.27 3.45 -14.47
CA THR Z 209 -33.20 3.51 -15.56
C THR Z 209 -34.59 3.61 -14.93
N MET Z 210 -35.54 4.21 -15.63
CA MET Z 210 -36.93 3.95 -15.39
C MET Z 210 -37.47 3.23 -16.61
N VAL Z 211 -38.46 2.36 -16.44
CA VAL Z 211 -39.16 1.79 -17.56
C VAL Z 211 -40.63 2.08 -17.31
N ALA Z 212 -41.32 2.56 -18.34
CA ALA Z 212 -42.69 2.96 -18.19
C ALA Z 212 -43.49 2.55 -19.42
N GLY Z 213 -44.71 2.13 -19.14
CA GLY Z 213 -45.57 1.60 -20.15
C GLY Z 213 -47.00 1.59 -19.65
N TRP Z 214 -47.87 1.32 -20.57
CA TRP Z 214 -49.26 1.17 -20.26
C TRP Z 214 -49.69 -0.09 -21.00
N ASP Z 215 -49.71 -1.24 -20.30
CA ASP Z 215 -50.18 -2.54 -20.81
C ASP Z 215 -51.61 -2.81 -20.27
N GLN Z 216 -52.01 -4.09 -20.21
CA GLN Z 216 -53.40 -4.44 -19.94
C GLN Z 216 -53.81 -4.17 -18.49
N PHE Z 217 -52.86 -4.23 -17.56
CA PHE Z 217 -53.12 -3.94 -16.17
C PHE Z 217 -52.91 -2.44 -15.87
N GLY Z 218 -52.77 -1.61 -16.90
CA GLY Z 218 -52.67 -0.17 -16.68
C GLY Z 218 -51.24 0.41 -16.67
N PRO Z 219 -51.08 1.61 -16.12
CA PRO Z 219 -49.76 2.25 -16.10
C PRO Z 219 -48.84 1.55 -15.13
N SER Z 220 -47.59 1.37 -15.52
CA SER Z 220 -46.65 0.77 -14.64
C SER Z 220 -45.37 1.55 -14.79
N LEU Z 221 -44.73 1.87 -13.65
CA LEU Z 221 -43.43 2.50 -13.70
C LEU Z 221 -42.38 1.70 -12.92
N TYR Z 222 -41.32 1.30 -13.55
CA TYR Z 222 -40.30 0.65 -12.77
C TYR Z 222 -39.00 1.43 -12.77
N TYR Z 223 -38.24 1.33 -11.66
CA TYR Z 223 -36.83 1.64 -11.57
C TYR Z 223 -36.01 0.36 -11.65
N VAL Z 224 -34.90 0.35 -12.35
CA VAL Z 224 -34.03 -0.78 -12.48
C VAL Z 224 -32.62 -0.24 -12.52
N ASP Z 225 -31.64 -0.89 -11.90
CA ASP Z 225 -30.32 -0.27 -11.66
C ASP Z 225 -29.21 -1.25 -12.05
N ASP Z 226 -27.97 -0.85 -11.86
CA ASP Z 226 -26.84 -1.61 -12.40
C ASP Z 226 -26.57 -2.93 -11.67
N LYS Z 227 -27.13 -3.09 -10.47
CA LYS Z 227 -26.97 -4.30 -9.66
C LYS Z 227 -28.11 -5.32 -9.86
N GLY Z 228 -29.25 -4.90 -10.38
CA GLY Z 228 -30.34 -5.84 -10.62
C GLY Z 228 -31.57 -5.51 -9.78
N THR Z 229 -31.48 -4.42 -9.06
CA THR Z 229 -32.68 -3.92 -8.45
C THR Z 229 -33.72 -3.74 -9.52
N ARG Z 230 -34.97 -3.84 -9.07
CA ARG Z 230 -36.15 -3.67 -9.87
C ARG Z 230 -37.29 -3.45 -8.93
N VAL Z 231 -37.79 -2.27 -8.97
CA VAL Z 231 -38.78 -1.83 -8.02
C VAL Z 231 -39.88 -1.12 -8.78
N LYS Z 232 -41.08 -1.40 -8.37
CA LYS Z 232 -42.24 -0.81 -8.97
C LYS Z 232 -42.76 0.15 -7.97
N HIS Z 233 -43.14 1.34 -8.41
CA HIS Z 233 -43.64 2.36 -7.49
C HIS Z 233 -44.20 3.53 -8.29
N GLU Z 234 -44.85 4.46 -7.64
CA GLU Z 234 -45.60 5.51 -8.31
C GLU Z 234 -44.85 6.82 -8.57
N LEU Z 235 -43.61 6.98 -8.08
CA LEU Z 235 -42.88 8.24 -8.16
C LEU Z 235 -41.41 7.95 -7.98
N PHE Z 236 -40.55 8.38 -8.89
CA PHE Z 236 -39.14 8.13 -8.80
C PHE Z 236 -38.39 9.32 -9.36
N SER Z 237 -37.17 9.54 -8.86
CA SER Z 237 -36.25 10.45 -9.49
C SER Z 237 -34.83 9.91 -9.41
N VAL Z 238 -34.05 10.04 -10.48
CA VAL Z 238 -32.78 9.35 -10.55
C VAL Z 238 -31.78 10.36 -11.02
N GLY Z 239 -30.56 10.24 -10.49
CA GLY Z 239 -29.41 11.00 -10.94
C GLY Z 239 -28.97 11.97 -9.86
N SER Z 240 -27.81 12.55 -10.14
CA SER Z 240 -27.22 13.58 -9.33
C SER Z 240 -28.20 14.66 -8.89
N GLY Z 241 -29.09 15.18 -9.72
CA GLY Z 241 -30.03 16.17 -9.26
C GLY Z 241 -31.31 15.62 -8.64
N SER Z 242 -31.41 14.32 -8.50
CA SER Z 242 -32.60 13.75 -7.87
C SER Z 242 -32.88 14.35 -6.50
N ILE Z 243 -31.84 14.51 -5.71
CA ILE Z 243 -31.91 15.13 -4.38
C ILE Z 243 -32.46 16.55 -4.36
N TYR Z 244 -32.64 17.28 -5.49
CA TYR Z 244 -33.40 18.53 -5.54
C TYR Z 244 -34.75 18.31 -6.18
N ALA Z 245 -34.86 17.37 -7.12
CA ALA Z 245 -36.15 17.18 -7.77
C ALA Z 245 -37.18 16.69 -6.77
N TYR Z 246 -36.79 15.81 -5.87
CA TYR Z 246 -37.78 15.24 -4.99
C TYR Z 246 -38.35 16.33 -4.10
N GLY Z 247 -37.53 17.34 -3.81
CA GLY Z 247 -38.03 18.39 -2.97
C GLY Z 247 -39.25 19.01 -3.61
N VAL Z 248 -39.19 19.34 -4.88
CA VAL Z 248 -40.29 20.06 -5.50
C VAL Z 248 -41.43 19.10 -5.80
N LEU Z 249 -41.05 17.92 -6.27
CA LEU Z 249 -42.01 16.90 -6.63
C LEU Z 249 -42.86 16.40 -5.45
N ASP Z 250 -42.30 16.28 -4.23
CA ASP Z 250 -43.11 15.87 -3.08
C ASP Z 250 -44.11 16.95 -2.62
N GLN Z 251 -43.82 18.22 -2.84
CA GLN Z 251 -44.81 19.22 -2.50
C GLN Z 251 -46.02 19.18 -3.41
N GLY Z 252 -45.83 18.93 -4.69
CA GLY Z 252 -46.90 19.19 -5.64
C GLY Z 252 -47.65 17.96 -6.06
N TYR Z 253 -47.06 16.79 -5.89
CA TYR Z 253 -47.62 15.57 -6.43
C TYR Z 253 -48.89 15.12 -5.71
N ARG Z 254 -49.88 14.69 -6.50
CA ARG Z 254 -51.04 13.93 -6.08
C ARG Z 254 -51.63 13.16 -7.24
N LYS Z 255 -52.58 12.27 -6.96
CA LYS Z 255 -53.01 11.26 -7.91
C LYS Z 255 -53.90 11.89 -8.99
N ASN Z 256 -54.69 12.89 -8.61
CA ASN Z 256 -55.74 13.46 -9.42
C ASN Z 256 -55.27 14.73 -10.19
N LEU Z 257 -53.98 14.87 -10.42
CA LEU Z 257 -53.50 15.98 -11.23
C LEU Z 257 -54.11 15.81 -12.60
N THR Z 258 -54.41 16.92 -13.26
CA THR Z 258 -54.68 16.88 -14.68
C THR Z 258 -53.38 16.63 -15.42
N VAL Z 259 -53.47 16.43 -16.73
CA VAL Z 259 -52.28 16.19 -17.54
C VAL Z 259 -51.47 17.46 -17.65
N GLU Z 260 -52.15 18.62 -17.74
CA GLU Z 260 -51.48 19.90 -17.88
C GLU Z 260 -50.82 20.27 -16.56
N GLU Z 261 -51.46 19.94 -15.45
CA GLU Z 261 -50.91 20.30 -14.16
C GLU Z 261 -49.70 19.43 -13.83
N ALA Z 262 -49.64 18.26 -14.46
CA ALA Z 262 -48.71 17.25 -14.08
C ALA Z 262 -47.47 17.42 -14.92
N CYS Z 263 -47.67 17.85 -16.13
CA CYS Z 263 -46.57 18.28 -16.95
C CYS Z 263 -45.96 19.54 -16.38
N GLU Z 264 -46.74 20.42 -15.80
CA GLU Z 264 -46.11 21.59 -15.21
C GLU Z 264 -45.31 21.19 -13.97
N LEU Z 265 -45.85 20.29 -13.16
CA LEU Z 265 -45.14 19.88 -11.98
C LEU Z 265 -43.81 19.23 -12.33
N ALA Z 266 -43.79 18.41 -13.37
CA ALA Z 266 -42.56 17.75 -13.70
C ALA Z 266 -41.58 18.73 -14.30
N ARG Z 267 -42.07 19.68 -15.05
CA ARG Z 267 -41.17 20.59 -15.68
C ARG Z 267 -40.54 21.44 -14.60
N ARG Z 268 -41.34 21.90 -13.65
CA ARG Z 268 -40.82 22.78 -12.62
C ARG Z 268 -39.81 22.04 -11.73
N SER Z 269 -39.99 20.75 -11.59
CA SER Z 269 -39.12 19.95 -10.77
C SER Z 269 -37.78 19.77 -11.43
N ILE Z 270 -37.75 19.47 -12.71
CA ILE Z 270 -36.45 19.30 -13.35
C ILE Z 270 -35.82 20.68 -13.39
N PHE Z 271 -36.63 21.67 -13.65
CA PHE Z 271 -36.02 22.97 -13.72
C PHE Z 271 -35.27 23.30 -12.43
N HIS Z 272 -35.86 23.10 -11.27
CA HIS Z 272 -35.25 23.44 -9.99
C HIS Z 272 -34.02 22.62 -9.71
N ALA Z 273 -33.89 21.45 -10.31
CA ALA Z 273 -32.68 20.69 -10.19
C ALA Z 273 -31.59 21.26 -11.03
N THR Z 274 -31.89 21.60 -12.28
CA THR Z 274 -30.91 22.24 -13.12
C THR Z 274 -30.44 23.54 -12.50
N TYR Z 275 -31.30 24.28 -11.91
CA TYR Z 275 -30.81 25.50 -11.31
C TYR Z 275 -29.77 25.28 -10.20
N ARG Z 276 -29.75 24.20 -9.45
CA ARG Z 276 -28.91 24.06 -8.28
C ARG Z 276 -27.86 22.97 -8.43
N ASP Z 277 -28.00 22.03 -9.38
CA ASP Z 277 -27.05 20.93 -9.49
C ASP Z 277 -26.07 21.25 -10.61
N GLY Z 278 -24.80 21.09 -10.32
CA GLY Z 278 -23.78 21.38 -11.31
C GLY Z 278 -23.84 20.51 -12.55
N ALA Z 279 -24.19 19.24 -12.42
CA ALA Z 279 -24.20 18.35 -13.57
C ALA Z 279 -25.57 18.14 -14.21
N SER Z 280 -26.54 18.98 -13.89
CA SER Z 280 -27.81 18.96 -14.59
C SER Z 280 -28.01 20.28 -15.28
N GLY Z 281 -28.64 20.26 -16.43
CA GLY Z 281 -28.79 21.51 -17.16
C GLY Z 281 -29.41 21.22 -18.50
N GLY Z 282 -29.47 22.26 -19.31
CA GLY Z 282 -29.76 22.11 -20.72
C GLY Z 282 -31.24 22.31 -20.94
N ILE Z 283 -31.81 21.44 -21.77
CA ILE Z 283 -33.19 21.42 -22.15
C ILE Z 283 -33.92 20.40 -21.31
N VAL Z 284 -35.14 20.75 -20.97
CA VAL Z 284 -36.02 19.94 -20.16
C VAL Z 284 -37.05 19.35 -21.09
N THR Z 285 -37.17 18.04 -21.08
CA THR Z 285 -38.11 17.38 -21.97
C THR Z 285 -39.12 16.60 -21.15
N VAL Z 286 -40.40 16.75 -21.46
CA VAL Z 286 -41.45 16.01 -20.83
C VAL Z 286 -42.21 15.09 -21.78
N TYR Z 287 -42.32 13.76 -21.44
CA TYR Z 287 -43.15 12.77 -22.15
C TYR Z 287 -44.33 12.30 -21.32
N HIS Z 288 -45.44 11.99 -21.98
CA HIS Z 288 -46.64 11.48 -21.31
C HIS Z 288 -46.90 10.08 -21.85
N VAL Z 289 -47.00 9.07 -20.99
CA VAL Z 289 -47.40 7.71 -21.37
C VAL Z 289 -48.88 7.58 -21.06
N HIS Z 290 -49.68 7.33 -22.11
CA HIS Z 290 -51.14 7.27 -22.06
C HIS Z 290 -51.53 5.89 -22.59
N GLN Z 291 -52.82 5.59 -22.71
CA GLN Z 291 -53.25 4.26 -23.15
C GLN Z 291 -52.79 3.97 -24.58
N GLY Z 292 -52.91 4.99 -25.44
CA GLY Z 292 -52.56 4.87 -26.85
C GLY Z 292 -51.06 4.74 -27.15
N GLY Z 293 -50.17 4.73 -26.13
CA GLY Z 293 -48.72 4.76 -26.36
C GLY Z 293 -47.99 5.89 -25.62
N TRP Z 294 -47.22 6.70 -26.33
CA TRP Z 294 -46.69 7.88 -25.67
C TRP Z 294 -46.50 9.04 -26.61
N THR Z 295 -46.31 10.20 -25.99
CA THR Z 295 -46.35 11.48 -26.66
C THR Z 295 -45.32 12.41 -26.02
N GLN Z 296 -44.39 12.92 -26.81
CA GLN Z 296 -43.48 13.95 -26.38
C GLN Z 296 -44.28 15.22 -26.28
N ILE Z 297 -44.29 15.82 -25.08
CA ILE Z 297 -45.15 16.94 -24.75
C ILE Z 297 -44.43 18.26 -24.96
N SER Z 298 -43.15 18.36 -24.59
CA SER Z 298 -42.50 19.64 -24.65
C SER Z 298 -41.00 19.47 -24.58
N ARG Z 299 -40.27 20.45 -25.16
CA ARG Z 299 -38.88 20.72 -24.84
C ARG Z 299 -38.64 22.19 -24.60
N ASP Z 300 -38.09 22.56 -23.45
CA ASP Z 300 -37.86 23.96 -23.13
C ASP Z 300 -36.49 24.08 -22.50
N ASP Z 301 -35.68 24.99 -23.05
CA ASP Z 301 -34.38 25.32 -22.49
C ASP Z 301 -34.53 25.84 -21.06
N GLN Z 302 -33.67 25.43 -20.13
CA GLN Z 302 -33.96 25.73 -18.73
C GLN Z 302 -33.76 27.22 -18.44
N THR Z 303 -33.00 27.91 -19.26
CA THR Z 303 -32.75 29.33 -19.07
C THR Z 303 -33.99 30.12 -19.47
N LYS Z 304 -34.64 29.72 -20.55
CA LYS Z 304 -35.91 30.34 -20.89
C LYS Z 304 -37.00 30.09 -19.80
N LEU Z 305 -37.01 28.90 -19.18
CA LEU Z 305 -37.89 28.59 -18.06
C LEU Z 305 -37.57 29.47 -16.85
N TYR Z 306 -36.31 29.73 -16.56
CA TYR Z 306 -36.00 30.68 -15.51
C TYR Z 306 -36.84 31.96 -15.59
N ASP Z 307 -36.98 32.57 -16.75
CA ASP Z 307 -37.71 33.83 -16.91
C ASP Z 307 -39.24 33.62 -16.74
N ARG Z 308 -39.76 32.43 -17.03
CA ARG Z 308 -41.17 32.12 -16.85
C ARG Z 308 -41.57 32.03 -15.37
N TYR Z 309 -40.64 31.57 -14.53
CA TYR Z 309 -40.90 31.20 -13.15
C TYR Z 309 -40.40 32.23 -12.13
N VAL Z 310 -39.87 33.37 -12.58
CA VAL Z 310 -39.31 34.35 -11.66
C VAL Z 310 -40.31 35.48 -11.38
N TRP AA 33 5.28 -0.13 -17.58
CA TRP AA 33 4.72 -0.34 -18.94
C TRP AA 33 3.21 -0.33 -18.86
N SER AA 34 2.59 0.68 -19.50
CA SER AA 34 1.15 0.72 -19.71
C SER AA 34 0.83 0.25 -21.12
N PRO AA 35 -0.34 -0.31 -21.35
CA PRO AA 35 -0.76 -0.58 -22.73
C PRO AA 35 -1.24 0.66 -23.47
N TYR AA 36 -1.10 1.82 -22.85
CA TYR AA 36 -1.77 3.02 -23.30
C TYR AA 36 -0.75 4.11 -23.54
N ALA AA 37 -0.82 4.78 -24.67
CA ALA AA 37 -0.03 5.98 -24.95
C ALA AA 37 -0.97 7.02 -25.53
N ASP AA 38 -0.78 8.28 -25.24
CA ASP AA 38 -1.55 9.33 -25.87
C ASP AA 38 -0.62 10.08 -26.80
N ASN AA 39 -0.84 9.97 -28.10
CA ASN AA 39 0.03 10.57 -29.06
C ASN AA 39 -0.34 12.02 -29.39
N GLY AA 40 -1.44 12.52 -28.81
CA GLY AA 40 -1.77 13.95 -28.91
C GLY AA 40 -2.49 14.38 -30.20
N GLY AA 41 -2.67 15.72 -30.27
CA GLY AA 41 -3.19 16.40 -31.44
C GLY AA 41 -4.70 16.53 -31.45
N THR AA 42 -5.26 16.99 -32.57
CA THR AA 42 -6.60 17.57 -32.54
C THR AA 42 -7.33 17.27 -33.84
N ILE AA 43 -8.63 17.03 -33.78
CA ILE AA 43 -9.45 17.06 -34.97
C ILE AA 43 -10.69 17.91 -34.72
N ALA AA 44 -11.34 18.31 -35.80
CA ALA AA 44 -12.45 19.23 -35.77
C ALA AA 44 -13.24 19.12 -37.07
N ALA AA 45 -14.56 19.21 -36.96
CA ALA AA 45 -15.35 19.13 -38.15
C ALA AA 45 -16.51 20.09 -38.05
N ILE AA 46 -16.98 20.60 -39.20
CA ILE AA 46 -18.15 21.42 -39.29
C ILE AA 46 -18.98 21.01 -40.50
N ALA AA 47 -20.30 20.95 -40.28
CA ALA AA 47 -21.24 20.58 -41.33
C ALA AA 47 -22.00 21.82 -41.76
N GLY AA 48 -22.51 21.76 -42.99
CA GLY AA 48 -23.51 22.68 -43.52
C GLY AA 48 -24.41 21.97 -44.49
N LYS AA 49 -25.31 22.69 -45.15
CA LYS AA 49 -26.48 22.09 -45.80
C LYS AA 49 -26.15 21.03 -46.86
N ASN AA 50 -24.96 21.03 -47.48
CA ASN AA 50 -24.61 19.97 -48.40
C ASN AA 50 -23.10 19.67 -48.39
N TYR AA 51 -22.42 19.85 -47.26
CA TYR AA 51 -21.00 19.59 -47.22
C TYR AA 51 -20.59 19.36 -45.78
N VAL AA 52 -19.53 18.63 -45.58
CA VAL AA 52 -18.92 18.68 -44.28
C VAL AA 52 -17.45 18.91 -44.45
N ILE AA 53 -16.86 19.64 -43.51
CA ILE AA 53 -15.43 19.89 -43.52
C ILE AA 53 -14.77 19.31 -42.30
N LEU AA 54 -13.64 18.59 -42.53
CA LEU AA 54 -12.97 17.78 -41.53
C LEU AA 54 -11.48 18.10 -41.54
N GLY AA 55 -10.95 18.36 -40.35
CA GLY AA 55 -9.57 18.71 -40.12
C GLY AA 55 -8.89 17.89 -39.02
N GLY AA 56 -7.64 17.50 -39.28
CA GLY AA 56 -6.81 16.90 -38.26
C GLY AA 56 -5.35 17.32 -38.36
N ASP AA 57 -4.71 17.64 -37.21
CA ASP AA 57 -3.28 17.95 -37.26
C ASP AA 57 -2.37 16.73 -37.49
N THR AA 58 -1.14 16.98 -37.96
CA THR AA 58 -0.22 15.95 -38.43
C THR AA 58 1.00 15.69 -37.51
N ARG AA 59 0.95 16.14 -36.30
CA ARG AA 59 2.03 15.80 -35.41
C ARG AA 59 1.76 14.47 -34.75
N LEU AA 60 2.79 13.65 -34.60
CA LEU AA 60 2.67 12.47 -33.75
C LEU AA 60 3.66 12.57 -32.63
N ASN AA 61 3.15 12.64 -31.43
CA ASN AA 61 3.95 12.93 -30.28
C ASN AA 61 4.30 11.62 -29.58
N GLY AA 62 5.52 11.61 -29.02
CA GLY AA 62 5.94 10.62 -28.02
C GLY AA 62 5.99 11.20 -26.62
N ASP AA 63 6.84 10.63 -25.76
CA ASP AA 63 7.10 11.14 -24.43
C ASP AA 63 8.17 12.22 -24.49
N PHE AA 64 7.77 13.47 -24.31
CA PHE AA 64 8.71 14.57 -24.33
C PHE AA 64 9.49 14.53 -25.64
N CYS AA 65 8.81 14.30 -26.75
CA CYS AA 65 9.50 14.26 -28.01
C CYS AA 65 8.46 14.22 -29.10
N ILE AA 66 8.92 14.22 -30.34
CA ILE AA 66 8.05 14.17 -31.48
C ILE AA 66 8.55 13.10 -32.43
N HIS AA 67 7.72 12.14 -32.72
CA HIS AA 67 8.11 11.11 -33.62
C HIS AA 67 8.14 11.73 -34.98
N THR AA 68 7.02 12.36 -35.36
CA THR AA 68 7.05 12.97 -36.69
C THR AA 68 6.06 14.11 -36.81
N ARG AA 69 6.32 14.97 -37.77
CA ARG AA 69 5.47 16.08 -38.11
C ARG AA 69 4.57 15.82 -39.32
N ASP AA 70 4.41 14.58 -39.76
CA ASP AA 70 3.68 14.31 -40.98
C ASP AA 70 2.88 13.01 -40.93
N ASP AA 71 2.30 12.66 -39.77
CA ASP AA 71 1.38 11.54 -39.67
C ASP AA 71 0.01 11.93 -40.22
N ARG AA 72 -0.57 11.06 -41.05
CA ARG AA 72 -1.88 11.27 -41.64
C ARG AA 72 -2.85 10.16 -41.25
N THR AA 73 -2.71 9.61 -40.04
CA THR AA 73 -3.51 8.46 -39.65
C THR AA 73 -4.75 8.95 -38.93
N LYS AA 74 -4.80 10.22 -38.57
CA LYS AA 74 -5.91 10.65 -37.76
C LYS AA 74 -7.21 10.57 -38.56
N LEU AA 75 -7.14 10.86 -39.85
CA LEU AA 75 -8.32 10.84 -40.70
C LEU AA 75 -8.24 9.62 -41.59
N PHE AA 76 -9.33 8.88 -41.69
CA PHE AA 76 -9.39 7.70 -42.52
C PHE AA 76 -10.72 7.62 -43.23
N GLN AA 77 -10.64 7.58 -44.56
CA GLN AA 77 -11.81 7.43 -45.41
C GLN AA 77 -12.36 6.01 -45.41
N LEU AA 78 -13.69 5.83 -45.26
CA LEU AA 78 -14.41 4.55 -45.24
C LEU AA 78 -15.31 4.28 -46.47
N THR AA 79 -15.99 5.27 -46.95
CA THR AA 79 -16.65 5.25 -48.24
C THR AA 79 -16.41 6.60 -48.88
N GLU AA 80 -17.10 6.94 -49.95
CA GLU AA 80 -16.81 8.23 -50.59
C GLU AA 80 -17.57 9.36 -49.88
N HIS AA 81 -18.47 9.03 -48.98
CA HIS AA 81 -19.15 10.02 -48.19
C HIS AA 81 -18.85 9.89 -46.70
N THR AA 82 -17.97 9.02 -46.25
CA THR AA 82 -17.91 8.84 -44.82
C THR AA 82 -16.46 8.79 -44.34
N PHE AA 83 -16.11 9.59 -43.32
CA PHE AA 83 -14.75 9.51 -42.77
C PHE AA 83 -14.77 9.11 -41.34
N LEU AA 84 -13.70 8.47 -40.87
CA LEU AA 84 -13.46 8.35 -39.44
C LEU AA 84 -12.33 9.28 -39.05
N ALA AA 85 -12.40 9.88 -37.89
CA ALA AA 85 -11.38 10.85 -37.44
C ALA AA 85 -11.07 10.54 -36.00
N SER AA 86 -9.83 10.45 -35.61
CA SER AA 86 -9.60 9.91 -34.28
C SER AA 86 -8.48 10.61 -33.56
N THR AA 87 -8.51 10.72 -32.25
CA THR AA 87 -7.32 11.11 -31.50
C THR AA 87 -7.12 10.21 -30.31
N GLY AA 88 -6.10 10.44 -29.53
CA GLY AA 88 -5.72 9.47 -28.53
C GLY AA 88 -4.47 8.67 -28.93
N MET AA 89 -4.58 7.38 -28.72
CA MET AA 89 -3.48 6.52 -28.97
C MET AA 89 -3.50 6.08 -30.42
N GLN AA 90 -2.41 6.26 -31.11
CA GLN AA 90 -2.42 6.04 -32.52
C GLN AA 90 -2.51 4.56 -32.84
N ALA AA 91 -1.94 3.68 -32.02
CA ALA AA 91 -1.96 2.29 -32.44
C ALA AA 91 -3.40 1.75 -32.39
N ASP AA 92 -4.18 2.31 -31.47
CA ASP AA 92 -5.57 1.95 -31.33
C ASP AA 92 -6.37 2.47 -32.50
N ARG AA 93 -6.25 3.73 -32.85
CA ARG AA 93 -6.96 4.19 -34.03
C ARG AA 93 -6.58 3.37 -35.25
N LEU AA 94 -5.35 2.92 -35.45
CA LEU AA 94 -5.08 2.05 -36.57
C LEU AA 94 -5.79 0.69 -36.46
N GLN AA 95 -5.86 0.08 -35.30
CA GLN AA 95 -6.67 -1.11 -35.24
C GLN AA 95 -8.13 -0.78 -35.58
N LEU AA 96 -8.78 0.18 -34.92
CA LEU AA 96 -10.20 0.43 -35.15
C LEU AA 96 -10.48 0.71 -36.64
N GLN AA 97 -9.63 1.47 -37.29
CA GLN AA 97 -9.80 1.73 -38.68
C GLN AA 97 -9.78 0.43 -39.46
N GLN AA 98 -8.95 -0.51 -39.13
CA GLN AA 98 -9.01 -1.77 -39.88
C GLN AA 98 -10.25 -2.61 -39.54
N MET AA 99 -10.63 -2.77 -38.32
CA MET AA 99 -11.84 -3.47 -38.03
C MET AA 99 -13.05 -2.88 -38.71
N LEU AA 100 -13.16 -1.56 -38.78
CA LEU AA 100 -14.21 -0.92 -39.57
C LEU AA 100 -14.09 -1.19 -41.07
N LYS AA 101 -12.92 -1.04 -41.60
CA LYS AA 101 -12.73 -1.33 -43.00
C LYS AA 101 -13.14 -2.74 -43.43
N TYR AA 102 -13.11 -3.74 -42.57
CA TYR AA 102 -13.51 -5.10 -42.94
C TYR AA 102 -14.96 -5.40 -42.60
N ARG AA 103 -15.51 -4.87 -41.52
CA ARG AA 103 -16.93 -4.93 -41.37
C ARG AA 103 -17.63 -4.27 -42.56
N ILE AA 104 -17.01 -3.25 -43.14
CA ILE AA 104 -17.65 -2.54 -44.22
C ILE AA 104 -17.51 -3.33 -45.48
N GLN AA 105 -16.41 -4.01 -45.66
CA GLN AA 105 -16.28 -4.89 -46.82
C GLN AA 105 -17.27 -6.08 -46.72
N TRP AA 106 -17.48 -6.57 -45.51
CA TRP AA 106 -18.42 -7.64 -45.34
C TRP AA 106 -19.84 -7.16 -45.60
N TYR AA 107 -20.20 -5.99 -45.17
CA TYR AA 107 -21.54 -5.51 -45.47
C TYR AA 107 -21.79 -5.56 -46.97
N GLN AA 108 -20.79 -5.15 -47.78
CA GLN AA 108 -20.98 -5.00 -49.18
C GLN AA 108 -21.23 -6.36 -49.82
N TYR AA 109 -20.45 -7.34 -49.37
CA TYR AA 109 -20.55 -8.68 -49.90
C TYR AA 109 -21.90 -9.24 -49.53
N ASN AA 110 -22.44 -8.93 -48.35
CA ASN AA 110 -23.72 -9.49 -47.90
C ASN AA 110 -24.94 -8.65 -48.34
N ASN AA 111 -24.69 -7.55 -49.05
CA ASN AA 111 -25.71 -6.57 -49.35
C ASN AA 111 -25.68 -6.18 -50.81
N GLY AA 112 -25.27 -7.09 -51.66
CA GLY AA 112 -25.47 -6.80 -53.06
C GLY AA 112 -24.55 -5.71 -53.58
N GLY AA 113 -23.43 -5.46 -52.89
CA GLY AA 113 -22.44 -4.56 -53.44
C GLY AA 113 -22.63 -3.14 -52.95
N LYS AA 114 -23.66 -2.88 -52.15
CA LYS AA 114 -23.94 -1.54 -51.68
C LYS AA 114 -23.07 -1.19 -50.49
N LEU AA 115 -22.86 0.10 -50.27
CA LEU AA 115 -22.15 0.62 -49.12
C LEU AA 115 -23.12 1.08 -48.07
N PRO AA 116 -22.79 0.92 -46.80
CA PRO AA 116 -23.64 1.43 -45.75
C PRO AA 116 -23.50 2.95 -45.78
N SER AA 117 -24.60 3.63 -45.50
CA SER AA 117 -24.72 5.06 -45.30
C SER AA 117 -23.97 5.51 -44.06
N THR AA 118 -23.88 6.81 -43.90
CA THR AA 118 -23.14 7.39 -42.80
C THR AA 118 -23.79 7.08 -41.45
N LYS AA 119 -25.11 7.25 -41.38
CA LYS AA 119 -25.91 6.83 -40.25
C LYS AA 119 -25.68 5.37 -39.85
N ALA AA 120 -25.64 4.44 -40.78
CA ALA AA 120 -25.33 3.06 -40.44
C ALA AA 120 -23.91 2.85 -39.92
N ILE AA 121 -22.90 3.41 -40.54
CA ILE AA 121 -21.53 3.27 -40.05
C ILE AA 121 -21.38 3.83 -38.65
N ALA AA 122 -22.11 4.89 -38.37
CA ALA AA 122 -22.02 5.52 -37.06
C ALA AA 122 -22.61 4.59 -36.01
N LYS AA 123 -23.65 3.88 -36.43
CA LYS AA 123 -24.27 2.96 -35.49
C LYS AA 123 -23.42 1.71 -35.33
N LEU AA 124 -22.81 1.29 -36.42
CA LEU AA 124 -21.86 0.20 -36.38
C LEU AA 124 -20.70 0.44 -35.45
N THR AA 125 -20.21 1.66 -35.41
CA THR AA 125 -18.99 2.05 -34.70
C THR AA 125 -19.19 2.11 -33.18
N SER AA 126 -20.30 2.72 -32.77
CA SER AA 126 -20.80 2.70 -31.41
C SER AA 126 -20.91 1.27 -30.88
N THR AA 127 -21.56 0.41 -31.67
CA THR AA 127 -21.73 -0.99 -31.35
C THR AA 127 -20.38 -1.65 -31.08
N MET AA 128 -19.43 -1.46 -31.98
CA MET AA 128 -18.12 -2.01 -31.83
C MET AA 128 -17.32 -1.45 -30.68
N LEU AA 129 -17.40 -0.15 -30.42
CA LEU AA 129 -16.64 0.38 -29.29
C LEU AA 129 -17.18 -0.19 -28.00
N TYR AA 130 -18.51 -0.25 -27.84
CA TYR AA 130 -19.11 -0.77 -26.63
C TYR AA 130 -18.58 -2.15 -26.32
N GLN AA 131 -18.53 -3.00 -27.31
CA GLN AA 131 -18.04 -4.37 -27.23
C GLN AA 131 -16.64 -4.53 -26.65
N ARG AA 132 -15.84 -3.50 -26.55
CA ARG AA 132 -14.60 -3.55 -25.80
C ARG AA 132 -14.71 -2.74 -24.51
N ARG AA 133 -15.94 -2.49 -24.09
CA ARG AA 133 -16.24 -2.11 -22.73
C ARG AA 133 -15.08 -2.48 -21.81
N PHE AA 134 -14.51 -3.71 -21.89
CA PHE AA 134 -13.79 -4.29 -20.77
C PHE AA 134 -12.27 -4.11 -20.87
N PHE AA 135 -11.81 -3.88 -22.09
CA PHE AA 135 -10.48 -3.37 -22.36
C PHE AA 135 -10.56 -2.38 -23.53
N PRO AA 136 -10.89 -1.12 -23.30
CA PRO AA 136 -11.30 -0.22 -24.37
C PRO AA 136 -10.25 0.41 -25.29
N TYR AA 137 -10.66 0.71 -26.53
CA TYR AA 137 -9.85 1.52 -27.41
C TYR AA 137 -9.58 2.87 -26.76
N TYR AA 138 -8.33 3.32 -26.71
CA TYR AA 138 -8.06 4.64 -26.17
C TYR AA 138 -8.15 5.64 -27.31
N THR AA 139 -9.39 5.99 -27.67
CA THR AA 139 -9.63 6.76 -28.86
C THR AA 139 -10.80 7.69 -28.62
N PHE AA 140 -10.72 8.89 -29.17
CA PHE AA 140 -11.85 9.80 -29.18
C PHE AA 140 -12.14 9.95 -30.63
N ASN AA 141 -13.28 9.46 -31.06
CA ASN AA 141 -13.53 9.36 -32.47
C ASN AA 141 -14.71 10.20 -32.93
N MET AA 142 -14.72 10.45 -34.24
CA MET AA 142 -15.79 11.09 -34.94
C MET AA 142 -16.08 10.32 -36.21
N VAL AA 143 -17.34 10.09 -36.53
CA VAL AA 143 -17.70 9.67 -37.87
C VAL AA 143 -18.37 10.86 -38.50
N VAL AA 144 -17.94 11.18 -39.68
CA VAL AA 144 -18.31 12.43 -40.29
C VAL AA 144 -18.65 12.14 -41.72
N GLY AA 145 -19.73 12.72 -42.22
CA GLY AA 145 -20.15 12.32 -43.56
C GLY AA 145 -21.38 13.05 -44.02
N LEU AA 146 -21.85 12.73 -45.21
CA LEU AA 146 -23.15 13.24 -45.63
C LEU AA 146 -24.28 12.32 -45.17
N ASP AA 147 -25.44 12.87 -44.81
CA ASP AA 147 -26.62 12.04 -44.54
C ASP AA 147 -27.29 11.64 -45.86
N GLU AA 148 -28.50 11.08 -45.78
CA GLU AA 148 -29.20 10.55 -46.96
C GLU AA 148 -29.88 11.67 -47.75
N LYS AA 149 -30.20 12.79 -47.07
CA LYS AA 149 -30.73 13.99 -47.71
C LYS AA 149 -29.64 14.87 -48.35
N GLY AA 150 -28.36 14.50 -48.24
CA GLY AA 150 -27.25 15.25 -48.84
C GLY AA 150 -26.55 16.22 -47.87
N ALA AA 151 -27.02 16.31 -46.62
CA ALA AA 151 -26.49 17.24 -45.66
C ALA AA 151 -25.40 16.65 -44.76
N GLY AA 152 -24.52 17.54 -44.31
CA GLY AA 152 -23.50 17.07 -43.41
C GLY AA 152 -24.02 16.61 -42.06
N VAL AA 153 -23.21 15.75 -41.45
CA VAL AA 153 -23.39 15.43 -40.05
C VAL AA 153 -22.07 14.99 -39.41
N CYS AA 154 -21.97 15.09 -38.10
CA CYS AA 154 -20.84 14.66 -37.35
C CYS AA 154 -21.33 13.89 -36.11
N TYR AA 155 -20.84 12.67 -35.90
CA TYR AA 155 -21.03 11.89 -34.68
C TYR AA 155 -19.75 11.89 -33.84
N SER AA 156 -19.75 12.49 -32.66
CA SER AA 156 -18.65 12.45 -31.72
C SER AA 156 -18.89 11.26 -30.82
N TYR AA 157 -17.89 10.45 -30.55
CA TYR AA 157 -18.06 9.36 -29.60
C TYR AA 157 -17.22 9.52 -28.35
N ASP AA 158 -17.69 8.91 -27.25
CA ASP AA 158 -16.81 8.62 -26.12
C ASP AA 158 -16.11 7.31 -26.33
N PRO AA 159 -15.19 6.88 -25.47
CA PRO AA 159 -14.40 5.70 -25.79
C PRO AA 159 -15.15 4.37 -25.84
N VAL AA 160 -16.32 4.33 -25.19
CA VAL AA 160 -17.19 3.17 -25.26
C VAL AA 160 -18.46 3.39 -26.07
N GLY AA 161 -18.62 4.51 -26.75
CA GLY AA 161 -19.47 4.53 -27.92
C GLY AA 161 -20.75 5.35 -27.79
N SER AA 162 -20.94 6.13 -26.70
CA SER AA 162 -22.12 7.01 -26.71
C SER AA 162 -21.82 8.28 -27.51
N THR AA 163 -22.79 8.63 -28.36
CA THR AA 163 -22.71 9.64 -29.41
C THR AA 163 -24.05 10.32 -29.64
N GLU AA 164 -24.04 11.39 -30.46
CA GLU AA 164 -25.25 11.92 -31.10
C GLU AA 164 -24.84 12.59 -32.41
N PRO AA 165 -25.77 12.86 -33.31
CA PRO AA 165 -25.46 13.60 -34.52
C PRO AA 165 -25.48 15.07 -34.29
N PHE AA 166 -24.46 15.82 -34.74
CA PHE AA 166 -24.37 17.22 -34.35
C PHE AA 166 -23.88 18.02 -35.54
N ARG AA 167 -23.98 19.34 -35.48
CA ARG AA 167 -23.53 20.11 -36.62
C ARG AA 167 -22.01 20.33 -36.62
N TYR AA 168 -21.36 20.33 -35.46
CA TYR AA 168 -19.92 20.43 -35.35
C TYR AA 168 -19.37 19.53 -34.27
N GLY AA 169 -18.04 19.30 -34.21
CA GLY AA 169 -17.44 18.43 -33.21
C GLY AA 169 -15.92 18.62 -33.15
N THR AA 170 -15.29 18.33 -32.02
CA THR AA 170 -13.84 18.36 -31.94
C THR AA 170 -13.32 17.43 -30.87
N SER AA 171 -12.12 16.95 -30.99
CA SER AA 171 -11.63 16.14 -29.90
C SER AA 171 -10.13 16.21 -29.91
N GLY AA 172 -9.56 15.89 -28.76
CA GLY AA 172 -8.13 15.76 -28.61
C GLY AA 172 -7.58 16.88 -27.76
N SER AA 173 -6.27 17.16 -27.94
CA SER AA 173 -5.49 17.90 -26.96
C SER AA 173 -6.03 19.33 -26.82
N ALA AA 174 -6.48 19.93 -27.91
CA ALA AA 174 -6.83 21.34 -27.93
C ALA AA 174 -8.31 21.53 -27.95
N SER AA 175 -9.08 20.53 -27.58
CA SER AA 175 -10.48 20.52 -27.94
C SER AA 175 -11.29 21.32 -26.95
N SER AA 176 -10.76 21.46 -25.74
CA SER AA 176 -11.39 22.22 -24.68
C SER AA 176 -11.19 23.70 -24.89
N PHE AA 177 -10.40 24.15 -25.86
CA PHE AA 177 -10.56 25.52 -26.27
C PHE AA 177 -11.14 25.71 -27.66
N VAL AA 178 -10.96 24.77 -28.57
CA VAL AA 178 -11.57 24.94 -29.89
C VAL AA 178 -13.09 24.89 -29.75
N GLU AA 179 -13.64 24.17 -28.76
CA GLU AA 179 -15.08 23.87 -28.77
C GLU AA 179 -15.93 25.04 -28.31
N PRO AA 180 -15.61 25.78 -27.23
CA PRO AA 180 -16.34 27.01 -26.92
C PRO AA 180 -16.26 28.05 -28.03
N LEU AA 181 -15.21 27.99 -28.86
CA LEU AA 181 -15.07 29.02 -29.87
C LEU AA 181 -16.07 28.69 -30.95
N MET AA 182 -16.26 27.42 -31.23
CA MET AA 182 -17.20 27.07 -32.27
C MET AA 182 -18.62 27.25 -31.73
N ASP AA 183 -18.82 26.94 -30.45
CA ASP AA 183 -20.11 27.20 -29.84
C ASP AA 183 -20.43 28.67 -30.10
N CYS AA 184 -19.56 29.56 -29.65
CA CYS AA 184 -19.68 31.00 -29.88
C CYS AA 184 -19.99 31.36 -31.35
N LEU AA 185 -19.17 31.02 -32.30
CA LEU AA 185 -19.29 31.64 -33.63
C LEU AA 185 -20.47 31.05 -34.41
N LEU AA 186 -20.80 29.76 -34.21
CA LEU AA 186 -21.88 29.10 -34.93
C LEU AA 186 -23.22 29.21 -34.24
N THR AA 187 -23.32 29.21 -32.91
CA THR AA 187 -24.67 29.24 -32.34
C THR AA 187 -25.08 30.63 -31.87
N ARG AA 188 -24.10 31.44 -31.40
CA ARG AA 188 -24.26 32.85 -31.01
C ARG AA 188 -25.34 33.04 -29.93
N GLN AA 189 -25.23 32.31 -28.81
CA GLN AA 189 -26.33 32.24 -27.87
C GLN AA 189 -26.30 33.49 -26.99
N HIS AA 190 -25.13 34.11 -26.80
CA HIS AA 190 -25.01 35.30 -25.95
C HIS AA 190 -24.85 36.56 -26.78
N MET AA 191 -25.57 36.63 -27.93
CA MET AA 191 -25.58 37.80 -28.82
C MET AA 191 -27.01 38.22 -29.13
N VAL AA 192 -27.15 39.34 -29.85
CA VAL AA 192 -28.46 39.92 -30.16
C VAL AA 192 -28.81 39.71 -31.66
N GLU AA 198 -26.40 30.70 -42.00
CA GLU AA 198 -25.85 29.86 -43.10
C GLU AA 198 -24.47 30.41 -43.53
N LEU AA 199 -23.49 29.50 -43.69
CA LEU AA 199 -22.13 29.83 -44.13
C LEU AA 199 -21.82 29.12 -45.44
N SER AA 200 -20.92 29.70 -46.21
CA SER AA 200 -20.39 29.00 -47.37
C SER AA 200 -19.33 27.95 -46.97
N MET AA 201 -19.01 27.09 -47.93
CA MET AA 201 -17.87 26.22 -47.79
C MET AA 201 -16.67 27.07 -47.43
N THR AA 202 -16.52 28.21 -48.08
CA THR AA 202 -15.31 29.00 -47.93
C THR AA 202 -15.24 29.63 -46.54
N GLU AA 203 -16.34 30.21 -46.07
CA GLU AA 203 -16.32 30.86 -44.78
C GLU AA 203 -16.05 29.85 -43.66
N THR AA 204 -16.53 28.62 -43.87
CA THR AA 204 -16.44 27.56 -42.90
C THR AA 204 -15.03 27.00 -42.85
N LEU AA 205 -14.40 26.84 -44.00
CA LEU AA 205 -13.02 26.44 -44.09
C LEU AA 205 -12.12 27.52 -43.47
N GLU AA 206 -12.48 28.79 -43.54
CA GLU AA 206 -11.67 29.83 -42.92
C GLU AA 206 -11.80 29.81 -41.40
N MET AA 207 -13.01 29.57 -40.88
CA MET AA 207 -13.23 29.46 -39.44
C MET AA 207 -12.41 28.30 -38.87
N LEU AA 208 -12.38 27.19 -39.55
CA LEU AA 208 -11.63 26.07 -39.03
C LEU AA 208 -10.15 26.36 -39.10
N LYS AA 209 -9.69 26.99 -40.17
CA LYS AA 209 -8.30 27.34 -40.30
C LYS AA 209 -7.89 28.26 -39.19
N ASN AA 210 -8.79 29.12 -38.80
CA ASN AA 210 -8.47 30.03 -37.74
C ASN AA 210 -8.40 29.31 -36.40
N ALA AA 211 -9.27 28.32 -36.22
CA ALA AA 211 -9.40 27.60 -34.97
C ALA AA 211 -8.18 26.69 -34.75
N PHE AA 212 -7.66 26.06 -35.79
CA PHE AA 212 -6.43 25.28 -35.69
C PHE AA 212 -5.21 26.16 -35.50
N THR AA 213 -5.14 27.29 -36.19
CA THR AA 213 -4.05 28.21 -35.96
C THR AA 213 -3.95 28.61 -34.49
N GLY AA 214 -5.06 29.00 -33.83
CA GLY AA 214 -5.08 29.33 -32.40
C GLY AA 214 -4.76 28.14 -31.52
N ALA AA 215 -5.24 26.94 -31.87
CA ALA AA 215 -4.90 25.73 -31.12
C ALA AA 215 -3.40 25.45 -31.13
N ALA AA 216 -2.74 25.74 -32.25
CA ALA AA 216 -1.33 25.42 -32.34
C ALA AA 216 -0.56 26.43 -31.52
N GLU AA 217 -0.91 27.70 -31.55
CA GLU AA 217 -0.27 28.70 -30.70
C GLU AA 217 -0.24 28.33 -29.21
N ARG AA 218 -1.30 27.77 -28.68
CA ARG AA 218 -1.44 27.55 -27.26
C ARG AA 218 -1.33 26.10 -26.83
N ASP AA 219 -1.68 25.11 -27.66
CA ASP AA 219 -1.61 23.75 -27.16
C ASP AA 219 -0.26 23.16 -27.60
N ILE AA 220 0.59 22.77 -26.64
CA ILE AA 220 1.92 22.39 -27.04
C ILE AA 220 1.94 21.06 -27.80
N PHE AA 221 0.87 20.28 -27.81
CA PHE AA 221 0.88 18.98 -28.46
C PHE AA 221 0.23 19.03 -29.80
N THR AA 222 -0.10 20.18 -30.32
CA THR AA 222 -0.84 20.31 -31.56
C THR AA 222 -0.04 21.23 -32.45
N GLY AA 223 0.17 20.85 -33.70
CA GLY AA 223 1.02 21.66 -34.54
C GLY AA 223 1.31 21.06 -35.91
N ASP AA 224 2.18 21.76 -36.67
CA ASP AA 224 2.82 21.32 -37.93
C ASP AA 224 1.98 21.57 -39.18
N ALA AA 225 0.92 20.79 -39.38
CA ALA AA 225 0.05 21.10 -40.49
C ALA AA 225 -1.36 20.67 -40.12
N VAL AA 226 -2.32 21.00 -40.98
CA VAL AA 226 -3.59 20.37 -40.89
C VAL AA 226 -3.99 19.80 -42.25
N CYS AA 227 -4.47 18.58 -42.24
CA CYS AA 227 -5.07 18.03 -43.43
C CYS AA 227 -6.59 18.26 -43.37
N PHE AA 228 -7.16 18.90 -44.39
CA PHE AA 228 -8.57 19.23 -44.46
C PHE AA 228 -9.18 18.47 -45.60
N HIS AA 229 -10.31 17.79 -45.35
CA HIS AA 229 -11.08 17.19 -46.40
C HIS AA 229 -12.46 17.86 -46.40
N ILE AA 230 -12.92 18.31 -47.57
CA ILE AA 230 -14.24 18.86 -47.76
C ILE AA 230 -15.10 17.81 -48.45
N ILE AA 231 -16.20 17.41 -47.84
CA ILE AA 231 -17.01 16.36 -48.42
C ILE AA 231 -18.31 16.95 -48.97
N THR AA 232 -18.47 16.73 -50.29
CA THR AA 232 -19.64 17.06 -51.06
C THR AA 232 -20.05 15.79 -51.80
N ALA AA 233 -21.17 15.84 -52.52
CA ALA AA 233 -21.72 14.70 -53.24
C ALA AA 233 -20.83 14.40 -54.45
N ASP AA 234 -20.38 15.47 -55.13
CA ASP AA 234 -19.39 15.42 -56.21
C ASP AA 234 -18.22 14.52 -55.80
N GLY AA 235 -17.59 14.86 -54.68
CA GLY AA 235 -16.47 14.09 -54.16
C GLY AA 235 -15.77 14.79 -53.01
N ILE AA 236 -14.46 14.65 -53.00
CA ILE AA 236 -13.64 15.03 -51.88
C ILE AA 236 -12.44 15.83 -52.34
N ARG AA 237 -12.35 17.02 -51.80
CA ARG AA 237 -11.29 17.91 -52.11
C ARG AA 237 -10.40 17.86 -50.87
N SER AA 238 -9.07 17.93 -51.05
CA SER AA 238 -8.20 17.95 -49.90
C SER AA 238 -7.20 19.08 -50.00
N GLU AA 239 -6.76 19.53 -48.84
CA GLU AA 239 -5.93 20.71 -48.78
C GLU AA 239 -5.13 20.66 -47.48
N LEU AA 240 -3.80 20.58 -47.63
CA LEU AA 240 -2.90 20.83 -46.51
C LEU AA 240 -2.83 22.32 -46.16
N PHE AA 241 -2.39 22.63 -44.95
CA PHE AA 241 -2.43 23.98 -44.40
C PHE AA 241 -1.41 24.05 -43.28
N GLU AA 242 -0.41 24.90 -43.40
CA GLU AA 242 0.67 24.96 -42.43
C GLU AA 242 0.27 25.59 -41.08
N LEU AA 243 0.99 25.16 -40.02
CA LEU AA 243 0.79 25.66 -38.69
C LEU AA 243 2.16 25.80 -38.04
N ARG AA 244 2.22 26.51 -36.92
CA ARG AA 244 3.45 26.58 -36.16
C ARG AA 244 4.18 25.23 -36.03
N ASN AA 245 5.50 25.29 -36.25
CA ASN AA 245 6.45 24.18 -36.12
C ASN AA 245 7.03 23.98 -34.72
N ASP AA 246 6.90 24.92 -33.77
CA ASP AA 246 7.59 24.80 -32.48
C ASP AA 246 6.74 23.99 -31.47
N MET BA 1 18.70 -9.98 -18.77
CA MET BA 1 18.03 -8.85 -19.47
C MET BA 1 19.11 -7.99 -20.12
N ALA BA 2 20.05 -8.66 -20.82
CA ALA BA 2 20.71 -8.16 -22.00
C ALA BA 2 19.83 -7.21 -22.80
N SER BA 3 20.30 -5.96 -22.90
CA SER BA 3 19.54 -4.89 -23.52
C SER BA 3 20.41 -3.98 -24.38
N GLY BA 4 19.89 -3.61 -25.58
CA GLY BA 4 20.58 -2.72 -26.53
C GLY BA 4 20.28 -1.24 -26.35
N GLY BA 5 21.24 -0.35 -26.54
CA GLY BA 5 20.98 1.09 -26.49
C GLY BA 5 20.46 1.70 -27.81
N SER BA 6 20.92 2.92 -28.12
CA SER BA 6 20.33 3.75 -29.17
C SER BA 6 20.54 3.16 -30.54
N VAL BA 7 19.60 3.45 -31.48
CA VAL BA 7 19.71 3.11 -32.93
C VAL BA 7 19.37 4.40 -33.66
N ILE BA 8 19.96 4.62 -34.81
CA ILE BA 8 19.55 5.81 -35.53
C ILE BA 8 19.54 5.51 -37.00
N GLY BA 9 18.78 6.30 -37.72
CA GLY BA 9 18.71 6.14 -39.17
C GLY BA 9 18.38 7.41 -39.92
N VAL BA 10 18.86 7.52 -41.16
CA VAL BA 10 18.57 8.70 -41.95
C VAL BA 10 18.50 8.36 -43.40
N LYS BA 11 17.56 8.99 -44.10
CA LYS BA 11 17.44 8.87 -45.55
C LYS BA 11 18.30 9.87 -46.27
N TYR BA 12 18.96 9.44 -47.32
CA TYR BA 12 19.66 10.38 -48.17
C TYR BA 12 19.26 10.13 -49.64
N ASN BA 13 19.76 10.92 -50.57
CA ASN BA 13 19.43 10.74 -51.99
C ASN BA 13 19.99 9.44 -52.52
N GLY BA 14 19.11 8.44 -52.67
CA GLY BA 14 19.51 7.15 -53.22
C GLY BA 14 19.45 6.00 -52.21
N GLY BA 15 19.12 6.30 -50.93
CA GLY BA 15 19.11 5.21 -49.97
C GLY BA 15 19.02 5.63 -48.52
N VAL BA 16 19.37 4.74 -47.61
CA VAL BA 16 19.16 5.10 -46.20
C VAL BA 16 20.24 4.41 -45.40
N LEU BA 17 20.62 5.06 -44.33
CA LEU BA 17 21.61 4.57 -43.41
C LEU BA 17 20.97 4.19 -42.10
N LEU BA 18 21.37 3.07 -41.52
CA LEU BA 18 20.99 2.75 -40.14
C LEU BA 18 22.28 2.57 -39.34
N ALA BA 19 22.32 3.02 -38.13
CA ALA BA 19 23.53 2.84 -37.36
C ALA BA 19 23.17 2.43 -35.93
N CYS BA 20 23.99 1.56 -35.34
CA CYS BA 20 24.14 1.41 -33.90
C CYS BA 20 25.49 0.91 -33.38
N ASP BA 21 25.56 0.81 -32.07
CA ASP BA 21 26.75 0.29 -31.43
C ASP BA 21 26.57 -1.20 -31.22
N THR BA 22 27.67 -1.84 -30.79
CA THR BA 22 27.75 -3.29 -30.74
C THR BA 22 27.70 -3.78 -29.31
N LEU BA 23 26.94 -3.15 -28.45
CA LEU BA 23 26.97 -3.46 -27.06
C LEU BA 23 25.64 -3.94 -26.56
N LEU BA 24 25.66 -5.00 -25.78
CA LEU BA 24 24.55 -5.35 -24.93
C LEU BA 24 24.94 -5.13 -23.48
N SER BA 25 24.02 -4.52 -22.78
CA SER BA 25 24.21 -4.21 -21.39
C SER BA 25 23.33 -5.12 -20.54
N TYR BA 26 23.62 -5.14 -19.25
CA TYR BA 26 22.70 -5.64 -18.23
C TYR BA 26 22.70 -4.69 -17.06
N GLY BA 27 21.60 -3.97 -16.94
CA GLY BA 27 21.57 -2.74 -16.18
C GLY BA 27 22.75 -1.88 -16.63
N SER BA 28 23.58 -1.48 -15.67
CA SER BA 28 24.75 -0.63 -15.85
C SER BA 28 25.96 -1.39 -16.35
N LEU BA 29 25.99 -2.73 -16.24
CA LEU BA 29 27.12 -3.51 -16.70
C LEU BA 29 27.20 -3.58 -18.22
N ALA BA 30 28.35 -3.25 -18.76
CA ALA BA 30 28.61 -3.45 -20.18
C ALA BA 30 29.07 -4.84 -20.37
N LYS BA 31 28.20 -5.71 -20.81
CA LYS BA 31 28.46 -7.13 -20.73
C LYS BA 31 29.04 -7.68 -21.99
N TRP BA 32 28.46 -7.36 -23.16
CA TRP BA 32 29.06 -7.84 -24.37
C TRP BA 32 29.38 -6.74 -25.33
N PRO BA 33 30.67 -6.40 -25.57
CA PRO BA 33 30.97 -5.25 -26.44
C PRO BA 33 31.10 -5.60 -27.89
N ASN BA 34 30.87 -6.85 -28.27
CA ASN BA 34 31.04 -7.28 -29.64
C ASN BA 34 29.85 -8.02 -30.24
N ILE BA 35 28.64 -7.50 -30.09
CA ILE BA 35 27.43 -8.07 -30.61
C ILE BA 35 26.95 -7.32 -31.83
N PRO BA 36 26.71 -7.95 -32.97
CA PRO BA 36 26.10 -7.26 -34.13
C PRO BA 36 24.58 -7.20 -34.01
N ARG BA 37 24.03 -6.00 -33.82
CA ARG BA 37 22.68 -5.84 -33.39
C ARG BA 37 21.70 -5.74 -34.57
N MET BA 38 22.20 -5.48 -35.76
CA MET BA 38 21.41 -5.27 -36.95
C MET BA 38 21.13 -6.60 -37.57
N LYS BA 39 19.95 -6.86 -38.12
CA LYS BA 39 19.58 -8.13 -38.73
C LYS BA 39 18.97 -7.93 -40.11
N LEU BA 40 19.50 -8.61 -41.12
CA LEU BA 40 18.98 -8.56 -42.47
C LEU BA 40 17.74 -9.43 -42.58
N VAL BA 41 16.70 -8.91 -43.18
CA VAL BA 41 15.44 -9.60 -43.19
C VAL BA 41 15.06 -9.56 -44.62
N GLY BA 42 15.33 -10.66 -45.33
CA GLY BA 42 14.89 -10.77 -46.70
C GLY BA 42 15.88 -10.10 -47.63
N ALA BA 43 15.43 -9.72 -48.81
CA ALA BA 43 16.36 -9.17 -49.77
C ALA BA 43 16.64 -7.67 -49.57
N TYR BA 44 15.67 -6.93 -49.04
CA TYR BA 44 15.74 -5.49 -49.14
C TYR BA 44 15.77 -4.80 -47.80
N THR BA 45 15.76 -5.52 -46.69
CA THR BA 45 15.32 -4.90 -45.48
C THR BA 45 16.27 -5.24 -44.34
N VAL BA 46 16.39 -4.32 -43.41
CA VAL BA 46 17.28 -4.47 -42.26
C VAL BA 46 16.61 -3.91 -41.00
N MET BA 47 16.71 -4.62 -39.88
CA MET BA 47 16.11 -4.10 -38.68
C MET BA 47 17.05 -4.03 -37.48
N CYS BA 48 16.70 -3.14 -36.56
CA CYS BA 48 17.40 -3.05 -35.30
C CYS BA 48 16.48 -2.59 -34.17
N ALA BA 49 16.82 -2.78 -32.91
CA ALA BA 49 15.95 -2.28 -31.86
C ALA BA 49 16.64 -1.87 -30.58
N THR BA 50 16.03 -0.96 -29.88
CA THR BA 50 16.48 -0.62 -28.57
C THR BA 50 15.65 -1.43 -27.60
N GLY BA 51 16.19 -1.81 -26.45
CA GLY BA 51 15.39 -2.54 -25.48
C GLY BA 51 15.89 -3.95 -25.24
N ASP BA 52 14.96 -4.85 -24.98
CA ASP BA 52 15.22 -6.20 -24.54
C ASP BA 52 15.65 -7.10 -25.69
N TYR BA 53 16.91 -7.52 -25.63
CA TYR BA 53 17.49 -8.24 -26.71
C TYR BA 53 16.81 -9.57 -26.93
N ALA BA 54 16.29 -10.21 -25.90
CA ALA BA 54 15.61 -11.48 -26.07
C ALA BA 54 14.37 -11.25 -26.89
N ASP BA 55 13.58 -10.21 -26.62
CA ASP BA 55 12.37 -9.89 -27.38
C ASP BA 55 12.67 -9.51 -28.83
N PHE BA 56 13.80 -8.84 -29.09
CA PHE BA 56 14.23 -8.63 -30.47
C PHE BA 56 14.58 -9.91 -31.20
N GLN BA 57 15.26 -10.86 -30.54
CA GLN BA 57 15.66 -12.10 -31.19
C GLN BA 57 14.47 -12.93 -31.62
N GLU BA 58 13.49 -13.01 -30.73
CA GLU BA 58 12.27 -13.75 -30.93
C GLU BA 58 11.42 -13.16 -32.05
N MET BA 59 11.31 -11.86 -32.11
CA MET BA 59 10.52 -11.19 -33.10
C MET BA 59 11.21 -11.18 -34.45
N THR BA 60 12.50 -11.04 -34.51
CA THR BA 60 13.11 -11.13 -35.80
C THR BA 60 13.18 -12.56 -36.32
N THR BA 61 13.14 -13.51 -35.42
CA THR BA 61 13.19 -14.87 -35.90
C THR BA 61 11.89 -15.20 -36.63
N MET BA 62 10.81 -14.98 -35.93
CA MET BA 62 9.48 -15.10 -36.45
C MET BA 62 9.32 -14.37 -37.79
N ILE BA 63 9.78 -13.14 -37.89
CA ILE BA 63 9.70 -12.42 -39.14
C ILE BA 63 10.57 -13.00 -40.22
N GLU BA 64 11.84 -13.27 -39.94
CA GLU BA 64 12.74 -13.78 -40.96
C GLU BA 64 12.18 -15.09 -41.47
N ASN BA 65 11.59 -15.89 -40.60
CA ASN BA 65 11.04 -17.13 -41.09
C ASN BA 65 9.84 -16.95 -42.04
N HIS BA 66 8.87 -16.12 -41.73
CA HIS BA 66 7.77 -15.78 -42.64
C HIS BA 66 8.34 -15.30 -43.95
N VAL BA 67 9.23 -14.35 -43.93
CA VAL BA 67 9.82 -13.84 -45.16
C VAL BA 67 10.55 -14.91 -45.97
N ASN BA 68 11.40 -15.74 -45.38
CA ASN BA 68 12.07 -16.77 -46.15
C ASN BA 68 11.13 -17.87 -46.64
N ARG BA 69 10.11 -18.20 -45.84
CA ARG BA 69 9.25 -19.29 -46.24
C ARG BA 69 8.35 -18.85 -47.38
N GLN BA 70 7.83 -17.63 -47.28
CA GLN BA 70 6.98 -17.09 -48.31
C GLN BA 70 7.68 -17.08 -49.65
N GLN BA 71 8.93 -16.75 -49.69
CA GLN BA 71 9.73 -16.68 -50.90
C GLN BA 71 10.00 -18.07 -51.51
N MET BA 72 10.19 -19.07 -50.68
CA MET BA 72 10.61 -20.43 -51.04
C MET BA 72 9.41 -21.25 -51.54
N TYR BA 73 8.21 -20.91 -51.01
CA TYR BA 73 6.96 -21.55 -51.40
C TYR BA 73 6.14 -20.73 -52.42
N GLY BA 74 6.80 -19.93 -53.27
CA GLY BA 74 6.14 -19.37 -54.44
C GLY BA 74 5.43 -18.03 -54.26
N GLY BA 75 5.45 -17.44 -53.07
CA GLY BA 75 4.79 -16.17 -52.81
C GLY BA 75 5.68 -14.92 -52.89
N GLY BA 76 6.85 -15.00 -53.54
CA GLY BA 76 7.65 -13.83 -53.84
C GLY BA 76 8.36 -13.26 -52.61
N ALA BA 77 9.09 -12.16 -52.78
CA ALA BA 77 10.00 -11.61 -51.79
C ALA BA 77 9.34 -10.41 -51.18
N LEU BA 78 9.05 -10.48 -49.89
CA LEU BA 78 8.44 -9.37 -49.24
C LEU BA 78 9.36 -8.14 -49.22
N THR BA 79 8.70 -6.97 -49.37
CA THR BA 79 9.27 -5.66 -49.41
C THR BA 79 9.37 -5.02 -48.03
N PRO BA 80 10.13 -3.94 -47.87
CA PRO BA 80 10.25 -3.28 -46.60
C PRO BA 80 8.91 -2.89 -46.06
N ASN BA 81 8.05 -2.40 -46.89
CA ASN BA 81 6.77 -1.87 -46.46
C ASN BA 81 5.91 -3.00 -45.88
N GLU BA 82 5.99 -4.17 -46.51
CA GLU BA 82 5.22 -5.32 -46.08
C GLU BA 82 5.77 -5.87 -44.79
N VAL BA 83 7.09 -5.95 -44.66
CA VAL BA 83 7.77 -6.43 -43.47
C VAL BA 83 7.41 -5.56 -42.31
N PHE BA 84 7.40 -4.28 -42.57
CA PHE BA 84 7.09 -3.30 -41.57
C PHE BA 84 5.68 -3.43 -41.05
N CYS BA 85 4.74 -3.46 -41.94
CA CYS BA 85 3.37 -3.77 -41.60
C CYS BA 85 3.22 -5.05 -40.77
N TYR BA 86 3.83 -6.14 -41.11
CA TYR BA 86 3.70 -7.36 -40.35
C TYR BA 86 4.29 -7.26 -38.95
N LEU BA 87 5.46 -6.64 -38.83
CA LEU BA 87 6.02 -6.33 -37.55
C LEU BA 87 5.06 -5.59 -36.66
N GLN BA 88 4.46 -4.50 -37.14
CA GLN BA 88 3.61 -3.65 -36.31
C GLN BA 88 2.37 -4.39 -35.83
N ARG BA 89 1.81 -5.24 -36.67
CA ARG BA 89 0.71 -6.08 -36.24
C ARG BA 89 1.07 -7.02 -35.12
N HIS BA 90 2.26 -7.57 -35.11
CA HIS BA 90 2.65 -8.49 -34.06
C HIS BA 90 3.02 -7.81 -32.76
N VAL BA 91 3.72 -6.68 -32.86
CA VAL BA 91 3.91 -5.84 -31.72
C VAL BA 91 2.59 -5.48 -31.09
N TYR BA 92 1.59 -5.15 -31.89
CA TYR BA 92 0.32 -4.67 -31.38
C TYR BA 92 -0.45 -5.77 -30.68
N HIS BA 93 -0.47 -6.92 -31.31
CA HIS BA 93 -1.11 -8.08 -30.80
C HIS BA 93 -0.61 -8.44 -29.42
N LYS BA 94 0.68 -8.45 -29.26
CA LYS BA 94 1.27 -8.81 -27.99
C LYS BA 94 0.97 -7.82 -26.91
N ARG BA 95 0.99 -6.53 -27.25
CA ARG BA 95 0.54 -5.51 -26.34
C ARG BA 95 -0.89 -5.74 -25.90
N SER BA 96 -1.70 -6.24 -26.80
CA SER BA 96 -3.10 -6.44 -26.56
C SER BA 96 -3.36 -7.66 -25.67
N GLN BA 97 -2.39 -8.56 -25.59
CA GLN BA 97 -2.44 -9.64 -24.60
C GLN BA 97 -1.74 -9.27 -23.30
N PHE BA 98 -1.16 -8.08 -23.16
CA PHE BA 98 -0.37 -7.75 -21.96
C PHE BA 98 0.84 -8.65 -21.83
N GLU BA 99 1.50 -8.94 -22.94
CA GLU BA 99 2.77 -9.65 -22.98
C GLU BA 99 3.63 -8.94 -23.98
N PRO BA 100 3.95 -7.67 -23.74
CA PRO BA 100 4.58 -6.88 -24.79
C PRO BA 100 5.99 -7.29 -25.21
N CYS BA 101 6.30 -6.94 -26.44
CA CYS BA 101 7.65 -6.90 -26.94
C CYS BA 101 8.33 -5.65 -26.39
N LEU BA 102 9.16 -5.73 -25.36
CA LEU BA 102 9.69 -4.53 -24.75
C LEU BA 102 10.87 -4.00 -25.58
N CYS BA 103 10.60 -3.66 -26.84
CA CYS BA 103 11.61 -3.07 -27.73
C CYS BA 103 11.01 -1.95 -28.53
N ARG BA 104 11.88 -1.20 -29.15
CA ARG BA 104 11.47 -0.16 -30.04
C ARG BA 104 12.24 -0.34 -31.33
N PHE BA 105 11.58 -0.58 -32.44
CA PHE BA 105 12.28 -1.02 -33.62
C PHE BA 105 12.51 0.13 -34.60
N VAL BA 106 13.58 0.01 -35.35
CA VAL BA 106 13.82 0.84 -36.51
C VAL BA 106 14.04 -0.07 -37.65
N VAL BA 107 13.40 0.20 -38.77
CA VAL BA 107 13.43 -0.70 -39.94
C VAL BA 107 13.80 0.17 -41.14
N ALA BA 108 14.59 -0.40 -42.07
CA ALA BA 108 15.15 0.33 -43.17
C ALA BA 108 15.26 -0.56 -44.36
N GLY BA 109 15.26 0.01 -45.51
CA GLY BA 109 15.40 -0.85 -46.64
C GLY BA 109 15.28 -0.03 -47.90
N CYS BA 110 15.32 -0.73 -49.02
CA CYS BA 110 15.34 -0.13 -50.34
C CYS BA 110 14.75 -1.10 -51.34
N HIS BA 111 13.66 -0.71 -51.99
CA HIS BA 111 13.06 -1.49 -53.06
C HIS BA 111 12.45 -0.52 -54.09
N GLY BA 112 12.65 -0.82 -55.37
CA GLY BA 112 12.26 0.07 -56.45
C GLY BA 112 12.90 1.46 -56.37
N GLY BA 113 14.18 1.51 -55.97
CA GLY BA 113 14.92 2.74 -55.80
C GLY BA 113 14.29 3.70 -54.79
N GLU BA 114 13.25 3.22 -54.09
CA GLU BA 114 12.61 3.97 -53.02
C GLU BA 114 13.07 3.44 -51.66
N PRO BA 115 13.90 4.19 -50.93
CA PRO BA 115 14.21 3.88 -49.53
C PRO BA 115 13.15 4.16 -48.48
N PHE BA 116 13.03 3.14 -47.63
CA PHE BA 116 12.15 3.05 -46.48
C PHE BA 116 12.89 3.32 -45.20
N LEU BA 117 12.22 3.96 -44.27
CA LEU BA 117 12.68 4.02 -42.90
C LEU BA 117 11.47 4.30 -42.03
N GLY BA 118 11.28 3.52 -40.95
CA GLY BA 118 10.15 3.69 -40.04
C GLY BA 118 10.43 3.12 -38.65
N GLY BA 119 9.52 3.42 -37.73
CA GLY BA 119 9.72 3.04 -36.36
C GLY BA 119 8.47 2.42 -35.84
N VAL BA 120 8.65 1.52 -34.88
CA VAL BA 120 7.54 0.90 -34.21
C VAL BA 120 7.86 0.86 -32.75
N ASP BA 121 6.99 1.42 -31.89
CA ASP BA 121 7.24 1.29 -30.48
C ASP BA 121 6.47 0.17 -29.79
N ASP BA 122 6.68 -0.03 -28.49
CA ASP BA 122 6.27 -1.28 -27.85
C ASP BA 122 4.75 -1.32 -27.58
N VAL BA 123 4.04 -0.23 -27.80
CA VAL BA 123 2.61 -0.44 -27.78
C VAL BA 123 2.08 -0.49 -29.20
N GLY BA 124 2.91 -0.53 -30.26
CA GLY BA 124 2.40 -0.62 -31.62
C GLY BA 124 2.34 0.70 -32.42
N THR BA 125 2.66 1.88 -31.84
CA THR BA 125 2.82 3.11 -32.59
C THR BA 125 3.80 3.01 -33.76
N ARG BA 126 3.39 3.41 -34.97
CA ARG BA 126 4.28 3.36 -36.13
C ARG BA 126 4.29 4.65 -36.90
N TRP BA 127 5.44 4.94 -37.48
CA TRP BA 127 5.61 6.12 -38.28
C TRP BA 127 6.81 5.94 -39.20
N THR BA 128 6.75 6.58 -40.35
CA THR BA 128 7.85 6.61 -41.29
C THR BA 128 8.37 8.04 -41.32
N ASP BA 129 9.57 8.27 -41.83
CA ASP BA 129 10.02 9.64 -41.86
C ASP BA 129 11.44 9.66 -42.38
N ASP BA 130 12.06 10.84 -42.41
CA ASP BA 130 13.33 10.99 -43.09
C ASP BA 130 14.44 10.66 -42.13
N CYS BA 131 14.10 10.73 -40.83
CA CYS BA 131 14.99 10.35 -39.79
C CYS BA 131 14.24 9.76 -38.61
N VAL BA 132 14.69 8.60 -38.13
CA VAL BA 132 14.03 7.88 -37.05
C VAL BA 132 15.11 7.48 -36.06
N ALA BA 133 14.75 7.14 -34.85
CA ALA BA 133 15.77 6.80 -33.89
C ALA BA 133 15.15 6.02 -32.80
N ALA BA 134 15.91 5.26 -32.03
CA ALA BA 134 15.32 4.77 -30.79
C ALA BA 134 16.25 4.96 -29.62
N GLY BA 135 15.74 4.99 -28.39
CA GLY BA 135 16.60 5.10 -27.23
C GLY BA 135 16.94 6.56 -26.99
N TYR BA 136 18.11 6.84 -26.40
CA TYR BA 136 18.64 8.19 -26.37
C TYR BA 136 18.93 8.76 -27.76
N GLY BA 137 18.84 7.96 -28.80
CA GLY BA 137 18.86 8.55 -30.14
C GLY BA 137 17.73 9.55 -30.33
N ALA BA 138 16.56 9.22 -29.82
CA ALA BA 138 15.45 10.10 -30.08
C ALA BA 138 15.64 11.50 -29.48
N TYR BA 139 16.44 11.62 -28.41
CA TYR BA 139 16.57 12.90 -27.73
C TYR BA 139 17.81 13.59 -28.22
N VAL BA 140 18.85 12.83 -28.59
CA VAL BA 140 20.20 13.34 -28.83
C VAL BA 140 20.46 13.47 -30.34
N ALA BA 141 20.03 12.50 -31.12
CA ALA BA 141 20.32 12.46 -32.54
C ALA BA 141 19.35 13.23 -33.39
N LEU BA 142 18.07 13.00 -33.18
CA LEU BA 142 17.06 13.57 -34.05
C LEU BA 142 17.18 15.09 -34.21
N PRO BA 143 17.45 15.88 -33.16
CA PRO BA 143 17.72 17.30 -33.36
C PRO BA 143 18.81 17.62 -34.36
N LEU BA 144 19.84 16.79 -34.46
CA LEU BA 144 20.85 17.00 -35.47
C LEU BA 144 20.49 16.53 -36.85
N LEU BA 145 19.90 15.37 -37.02
CA LEU BA 145 19.54 14.87 -38.36
C LEU BA 145 18.48 15.78 -38.90
N ARG BA 146 17.55 16.22 -38.03
CA ARG BA 146 16.49 17.09 -38.50
C ARG BA 146 17.05 18.41 -38.95
N GLN BA 147 18.01 18.97 -38.24
CA GLN BA 147 18.63 20.20 -38.70
C GLN BA 147 19.30 19.99 -40.05
N ALA BA 148 19.91 18.83 -40.24
CA ALA BA 148 20.71 18.54 -41.41
C ALA BA 148 19.84 18.46 -42.64
N LEU BA 149 18.65 17.87 -42.49
CA LEU BA 149 17.71 17.63 -43.57
C LEU BA 149 16.92 18.87 -43.96
N GLU BA 150 17.01 19.94 -43.15
CA GLU BA 150 16.41 21.23 -43.48
C GLU BA 150 16.93 21.73 -44.82
N LYS BA 151 18.18 21.44 -45.18
CA LYS BA 151 18.73 21.90 -46.45
C LYS BA 151 17.84 21.40 -47.60
N PRO BA 152 17.65 22.20 -48.67
CA PRO BA 152 16.71 21.84 -49.73
C PRO BA 152 17.39 20.93 -50.77
N GLY BA 153 16.65 19.90 -51.19
CA GLY BA 153 17.15 18.93 -52.17
C GLY BA 153 17.75 17.68 -51.51
N GLY BA 154 17.92 17.71 -50.18
CA GLY BA 154 18.28 16.51 -49.44
C GLY BA 154 19.79 16.33 -49.27
N LEU BA 155 20.16 15.14 -48.81
CA LEU BA 155 21.53 14.88 -48.38
C LEU BA 155 22.22 13.96 -49.37
N THR BA 156 23.47 14.21 -49.69
CA THR BA 156 24.31 13.22 -50.36
C THR BA 156 24.72 12.09 -49.40
N ARG BA 157 25.12 10.94 -49.92
CA ARG BA 157 25.65 9.87 -49.06
C ARG BA 157 26.71 10.38 -48.08
N GLU BA 158 27.65 11.20 -48.54
CA GLU BA 158 28.75 11.63 -47.69
C GLU BA 158 28.28 12.58 -46.58
N GLU BA 159 27.33 13.45 -46.86
CA GLU BA 159 26.85 14.37 -45.85
C GLU BA 159 25.97 13.63 -44.84
N ALA BA 160 25.40 12.52 -45.29
CA ALA BA 160 24.60 11.67 -44.40
C ALA BA 160 25.53 10.90 -43.46
N ILE BA 161 26.67 10.44 -43.95
CA ILE BA 161 27.66 9.85 -43.07
C ILE BA 161 28.23 10.85 -42.08
N ARG BA 162 28.51 12.06 -42.50
CA ARG BA 162 29.15 12.97 -41.57
C ARG BA 162 28.21 13.22 -40.39
N VAL BA 163 26.92 13.38 -40.66
CA VAL BA 163 26.01 13.80 -39.61
C VAL BA 163 25.66 12.59 -38.74
N ILE BA 164 25.62 11.39 -39.34
CA ILE BA 164 25.49 10.16 -38.55
C ILE BA 164 26.63 10.04 -37.53
N LYS BA 165 27.86 10.38 -37.95
CA LYS BA 165 28.97 10.26 -37.03
C LYS BA 165 28.95 11.29 -35.90
N ASP BA 166 28.55 12.54 -36.16
CA ASP BA 166 28.41 13.54 -35.12
C ASP BA 166 27.40 13.10 -34.06
N CYS BA 167 26.30 12.46 -34.50
CA CYS BA 167 25.32 11.93 -33.55
C CYS BA 167 25.95 10.81 -32.71
N LEU BA 168 26.66 9.89 -33.40
CA LEU BA 168 27.33 8.81 -32.68
C LEU BA 168 28.25 9.39 -31.60
N ARG BA 169 28.93 10.48 -31.92
CA ARG BA 169 29.89 11.05 -31.01
C ARG BA 169 29.23 11.64 -29.76
N VAL BA 170 28.10 12.28 -29.97
CA VAL BA 170 27.32 12.76 -28.87
C VAL BA 170 26.74 11.62 -28.07
N LEU BA 171 26.26 10.53 -28.66
CA LEU BA 171 25.77 9.42 -27.86
C LEU BA 171 26.89 8.88 -26.97
N PHE BA 172 28.04 8.64 -27.60
CA PHE BA 172 29.18 8.19 -26.87
C PHE BA 172 29.50 9.17 -25.75
N TYR BA 173 29.37 10.48 -25.94
CA TYR BA 173 29.68 11.38 -24.85
C TYR BA 173 28.61 11.41 -23.77
N ARG BA 174 27.33 11.25 -24.08
CA ARG BA 174 26.29 11.61 -23.12
C ARG BA 174 25.37 10.47 -22.73
N GLU BA 175 25.52 9.34 -23.41
CA GLU BA 175 24.74 8.18 -23.07
C GLU BA 175 25.61 7.27 -22.20
N CYS BA 176 25.19 7.03 -20.97
CA CYS BA 176 25.98 6.17 -20.10
C CYS BA 176 26.33 4.81 -20.66
N ARG BA 177 25.35 4.08 -21.13
CA ARG BA 177 25.50 2.67 -21.48
C ARG BA 177 25.77 2.48 -22.97
N ALA BA 178 26.97 2.84 -23.34
CA ALA BA 178 27.38 2.91 -24.72
C ALA BA 178 28.88 2.59 -24.81
N ILE BA 179 29.34 2.49 -26.02
CA ILE BA 179 30.74 2.32 -26.27
C ILE BA 179 31.07 2.93 -27.62
N ASN BA 180 32.36 3.15 -27.82
CA ASN BA 180 32.82 3.79 -29.03
C ASN BA 180 33.08 2.76 -30.08
N LYS BA 181 32.01 2.14 -30.59
CA LYS BA 181 32.17 1.07 -31.55
C LYS BA 181 30.86 0.78 -32.24
N PHE BA 182 30.80 1.02 -33.54
CA PHE BA 182 29.54 1.22 -34.21
C PHE BA 182 29.59 0.57 -35.56
N GLN BA 183 28.44 0.25 -36.08
CA GLN BA 183 28.28 -0.24 -37.43
C GLN BA 183 27.23 0.61 -38.10
N ILE BA 184 27.29 0.61 -39.43
CA ILE BA 184 26.38 1.35 -40.27
C ILE BA 184 25.90 0.41 -41.32
N ALA BA 185 24.60 0.32 -41.48
CA ALA BA 185 24.11 -0.35 -42.66
C ALA BA 185 23.58 0.67 -43.66
N ASP BA 186 23.67 0.30 -44.92
CA ASP BA 186 23.37 1.20 -46.00
C ASP BA 186 22.44 0.40 -46.91
N ALA BA 187 21.18 0.85 -47.00
CA ALA BA 187 20.25 0.31 -48.00
C ALA BA 187 20.31 1.19 -49.24
N THR BA 188 20.61 0.60 -50.41
CA THR BA 188 20.72 1.37 -51.64
C THR BA 188 20.89 0.39 -52.79
N SER BA 189 20.30 0.72 -53.94
CA SER BA 189 20.28 -0.13 -55.12
C SER BA 189 19.68 -1.48 -54.81
N ASP BA 190 18.61 -1.46 -54.00
CA ASP BA 190 17.74 -2.62 -53.82
C ASP BA 190 18.49 -3.74 -53.07
N MET BA 191 19.30 -3.33 -52.11
CA MET BA 191 20.03 -4.30 -51.32
C MET BA 191 20.65 -3.61 -50.11
N VAL BA 192 20.86 -4.37 -49.05
CA VAL BA 192 21.45 -3.80 -47.86
C VAL BA 192 22.84 -4.39 -47.65
N SER BA 193 23.73 -3.60 -47.07
CA SER BA 193 25.07 -4.06 -46.76
C SER BA 193 25.46 -3.52 -45.39
N ILE BA 194 26.10 -4.36 -44.57
CA ILE BA 194 26.50 -3.93 -43.24
C ILE BA 194 28.00 -3.77 -43.18
N GLY BA 195 28.44 -2.59 -42.72
CA GLY BA 195 29.86 -2.25 -42.68
C GLY BA 195 30.60 -2.90 -41.49
N GLU BA 196 31.93 -2.84 -41.50
CA GLU BA 196 32.68 -3.32 -40.34
C GLU BA 196 32.63 -2.27 -39.25
N PRO BA 197 32.81 -2.62 -37.98
CA PRO BA 197 32.76 -1.64 -36.92
C PRO BA 197 33.82 -0.56 -37.04
N PHE BA 198 33.54 0.57 -36.47
CA PHE BA 198 34.42 1.68 -36.59
C PHE BA 198 34.29 2.43 -35.28
N GLU BA 199 35.14 3.41 -35.11
CA GLU BA 199 35.13 4.30 -33.96
C GLU BA 199 35.11 5.76 -34.41
N VAL BA 200 34.60 6.67 -33.58
CA VAL BA 200 34.54 8.08 -33.92
C VAL BA 200 35.60 8.78 -33.11
N GLU BA 201 36.11 9.94 -33.58
CA GLU BA 201 37.10 10.75 -32.86
C GLU BA 201 36.40 11.63 -31.85
N THR BA 202 36.91 11.69 -30.65
CA THR BA 202 36.25 12.42 -29.61
C THR BA 202 37.20 13.49 -29.09
N ASN BA 203 36.68 14.43 -28.32
CA ASN BA 203 37.51 15.46 -27.70
C ASN BA 203 37.43 15.51 -26.20
N TRP BA 204 38.61 15.53 -25.58
CA TRP BA 204 38.72 15.49 -24.16
C TRP BA 204 39.66 16.52 -23.62
N GLU BA 205 40.14 17.48 -24.39
CA GLU BA 205 41.33 18.21 -23.93
C GLU BA 205 41.09 19.70 -23.74
N TYR BA 206 39.86 20.12 -23.71
CA TYR BA 206 39.57 21.52 -23.47
C TYR BA 206 40.25 22.01 -22.21
N ASP BA 207 40.70 23.26 -22.21
CA ASP BA 207 41.16 23.88 -20.99
C ASP BA 207 40.09 23.89 -19.89
N GLY BA 208 38.82 24.09 -20.19
CA GLY BA 208 37.82 24.08 -19.11
C GLY BA 208 37.62 22.70 -18.43
N PHE BA 209 38.20 21.63 -19.01
CA PHE BA 209 38.20 20.32 -18.42
C PHE BA 209 39.42 20.03 -17.56
N CYS BA 210 40.32 20.97 -17.42
CA CYS BA 210 41.49 20.70 -16.64
C CYS BA 210 41.19 20.65 -15.14
N PHE BA 211 42.13 20.05 -14.38
CA PHE BA 211 42.01 19.75 -12.98
C PHE BA 211 41.77 21.01 -12.15
N GLU BA 212 42.53 22.07 -12.35
CA GLU BA 212 42.37 23.25 -11.53
C GLU BA 212 41.00 23.91 -11.74
N LYS BA 213 40.51 24.05 -12.97
CA LYS BA 213 39.24 24.71 -13.16
C LYS BA 213 38.06 23.87 -12.66
N THR BA 214 38.15 22.55 -12.65
CA THR BA 214 37.01 21.75 -12.23
C THR BA 214 37.04 21.37 -10.74
N ALA BA 215 38.07 21.84 -10.04
CA ALA BA 215 38.25 21.59 -8.62
C ALA BA 215 37.14 22.28 -7.85
N ILE BA 216 36.49 21.56 -6.95
CA ILE BA 216 35.40 22.09 -6.16
C ILE BA 216 35.90 23.07 -5.08
N ILE BA 217 37.14 22.86 -4.56
CA ILE BA 217 37.72 23.65 -3.48
C ILE BA 217 39.12 24.09 -3.89
N ARG BA 218 39.39 25.40 -3.86
CA ARG BA 218 40.70 25.98 -4.16
C ARG BA 218 41.53 26.10 -2.88
#